data_5B5N
#
_entry.id   5B5N
#
_cell.length_a   163.830
_cell.length_b   148.560
_cell.length_c   210.000
_cell.angle_alpha   90.00
_cell.angle_beta   108.10
_cell.angle_gamma   90.00
#
_symmetry.space_group_name_H-M   'P 1 21 1'
#
loop_
_entity.id
_entity.type
_entity.pdbx_description
1 polymer 'Photosynthetic reaction center cytochrome c subunit'
2 polymer 'Photosynthetic reaction center L subunit'
3 polymer 'Photosynthetic reaction center M subunit'
4 polymer 'Photosynthetic reaction center H subunit'
5 polymer 'LH1 alpha polypeptide'
6 polymer 'LH1 beta polypeptide'
7 non-polymer 'PROTOPORPHYRIN IX CONTAINING FE'
8 non-polymer 'BARIUM ION'
9 non-polymer 'BACTERIOCHLOROPHYLL A'
10 non-polymer 'BACTERIOPHEOPHYTIN A'
11 non-polymer Ubiquinone-8
12 non-polymer DI-PALMITOYL-3-SN-PHOSPHATIDYLETHANOLAMINE
13 non-polymer 'FE (III) ION'
14 non-polymer 'MENAQUINONE 8'
15 non-polymer SPIRILLOXANTHIN
16 non-polymer 'PHOSPHATE ION'
17 non-polymer '(1R)-2-{[(S)-{[(2S)-2,3-dihydroxypropyl]oxy}(hydroxy)phosphoryl]oxy}-1-[(hexadecanoyloxy)methyl]ethyl (9Z)-octadec-9-enoate'
18 water water
#
loop_
_entity_poly.entity_id
_entity_poly.type
_entity_poly.pdbx_seq_one_letter_code
_entity_poly.pdbx_strand_id
1 'polypeptide(L)'
;MSPAQQLTLPAVIVVASVMLLGCEGPPPGTEQIGYRGVGMENYYNKRQRALSIQANQPVESLPAADSTGPKASEVYQNVQ
VLKDLSVGEFTRTMVAVTTWVSPKEGCNYCHVPGNWASDDIYTKVVSRRMFELVRAANSDWKAHVAETGVTCYTCHRGNP
VPKYAWVTDPGPKYPSGLKPTGQNYGSKTVAYASLPFDPLTPFLDQANEIRITGNAALAGSNPASLKQAEWTFGLMMNIS
DSLGVGCTFCHNTRAFNDWTQSTPKRTTAWYAIRHVRDINQNYIWPLNDVLPASRKGPYGDPLRVSCMTCHQAVNKPLYG
AQMAKDYPGLYKT
;
C,o
2 'polypeptide(L)'
;MAMLSFEKKYRVRGGTLIGGDLFDFWVGPFYVGFFGVVGFCFTLLGVLLIVWGATIGPTGPTSDLQTYNLWRISIAPPDL
SYGLRMAPLTEGGLWQIITICAAGAFISWALREVEICRKLGIGFHVPFAFSFAIGAYLVLVFVRPLLMGAWGHGFPYGIL
SHLDWVSNVGYQFLHFHYNPAHMLAISFFFTNCLALSMHGSLILSVTNPQKGEPVKTSEHENTFFRDIVGYSIGALAIHR
LGLFLALSAAFWSAVCILISGPFWTRGWPEWWNWWLELPLW
;
L,x
3 'polypeptide(L)'
;MPEYQNIFTAVQVRAPAYPGVPLPKGNLPRIGRPIFSYWLGKIGDAQIGPIYLGLTGTLSIFFGLVAISIIGFNMLASVH
WDVFQFLKHFFWLGLEPPPPQYGLRIPPLSEGGWWLMAGLFLTLSILLWWVRTYKRAEALGMSQHLSWAFAAAIFFYLVL
GFIRPVMMGSWAKAVPFGIFPHLDWTAAFSIRYGNLYYNPFHMLSIAFLYGSALLFAMHGATILSVSRFGGDREIDQITH
RGTAAERAALFWRWTMGFNVTMESIHRWAWWCAVLTVITAGIGILLSGTVVDNWYLWAVKHGMAPAYPEVVTAVNPYET
;
M,y
4 'polypeptide(L)'
;MSAGITHYIDAAQITIWAFWLFFFGLIIYLRREDKREGYPLDSDRTERSGGRVKVVGFPDLPDPKTFVLPHNGGTVVAPR
VEAPVAVNATPFSPAPGSPLVPNGDPMLSGFGPAASPDRPKHCDLTFEGLPKIVPMRVAKEFSIAEGDPDPRGMTVVGLD
GEVAGTVSDVWVDRSEPQIRYLEVEVAANKKKVLLPIGFSRFDKKARKVKVDAIKAAHFANVPTLSNPDQVTLYEEDKVC
AYYAGGKLYATAERAGPLL
;
H,t
5 'polypeptide(L)' MFTMNANLYKIWLILDPRRVLVSIVAFQIVLGLLIHMIVLSTDLNWLDDNIPVSYQALGKK A,D,F,I,K,O,Q,S,U,W,Y,1,3,5,7,9,m,p,r,u,w,AA,AC,AE,AG,AI,AK,d,f,h,j,l
6 'polypeptide(L)' MAEQKSLTGLTDDEAKEFHAIFMQSMYAWFGLVVIAHLLAWLYRPWL B,E,G,J,N,P,R,T,V,X,Z,2,4,6,8,0,n,q,s,v,z,AB,AD,AF,AH,AJ,AL,e,g,i,k,c
#
loop_
_chem_comp.id
_chem_comp.type
_chem_comp.name
_chem_comp.formula
BA non-polymer 'BARIUM ION' 'Ba 2'
BCL non-polymer 'BACTERIOCHLOROPHYLL A' 'C55 H74 Mg N4 O6'
BPH non-polymer 'BACTERIOPHEOPHYTIN A' 'C55 H76 N4 O6'
CRT non-polymer SPIRILLOXANTHIN 'C42 H60 O2'
FE non-polymer 'FE (III) ION' 'Fe 3'
HEM non-polymer 'PROTOPORPHYRIN IX CONTAINING FE' 'C34 H32 Fe N4 O4'
MQ8 non-polymer 'MENAQUINONE 8' 'C51 H72 O2'
PEF non-polymer DI-PALMITOYL-3-SN-PHOSPHATIDYLETHANOLAMINE 'C37 H74 N O8 P'
PGW non-polymer '(1R)-2-{[(S)-{[(2S)-2,3-dihydroxypropyl]oxy}(hydroxy)phosphoryl]oxy}-1-[(hexadecanoyloxy)methyl]ethyl (9Z)-octadec-9-enoate' 'C40 H77 O10 P'
PO4 non-polymer 'PHOSPHATE ION' 'O4 P -3'
UQ8 non-polymer Ubiquinone-8 'C49 H74 O4'
#
# COMPACT_ATOMS: atom_id res chain seq x y z
N SER A 17 14.67 -12.24 -52.11
CA SER A 17 13.69 -12.94 -52.94
C SER A 17 14.23 -14.32 -53.41
N VAL A 18 13.54 -15.45 -53.14
CA VAL A 18 12.13 -15.56 -52.69
C VAL A 18 11.28 -14.73 -53.66
N MET A 19 11.62 -14.90 -54.95
CA MET A 19 11.05 -14.12 -56.08
C MET A 19 9.52 -14.16 -56.03
N LEU A 20 8.87 -13.23 -56.73
CA LEU A 20 7.41 -13.04 -56.60
C LEU A 20 6.72 -12.51 -57.90
N LEU A 21 6.44 -13.35 -58.90
CA LEU A 21 6.67 -14.81 -58.93
C LEU A 21 6.14 -15.47 -60.15
N GLY A 22 4.84 -15.26 -60.35
CA GLY A 22 4.02 -15.93 -61.37
C GLY A 22 2.66 -15.30 -61.22
N CYS A 23 2.32 -14.43 -62.18
CA CYS A 23 1.17 -13.56 -62.06
C CYS A 23 0.64 -12.99 -63.37
N GLU A 24 -0.68 -12.83 -63.49
CA GLU A 24 -1.29 -12.24 -64.69
C GLU A 24 -1.91 -10.90 -64.27
N GLY A 25 -2.30 -10.06 -65.23
CA GLY A 25 -2.91 -8.76 -64.94
C GLY A 25 -4.43 -8.81 -65.01
N PRO A 26 -5.12 -7.75 -64.57
CA PRO A 26 -6.58 -7.75 -64.60
C PRO A 26 -6.98 -7.03 -65.87
N PRO A 27 -8.16 -7.30 -66.46
CA PRO A 27 -9.22 -8.20 -66.07
C PRO A 27 -9.15 -9.44 -66.88
N PRO A 28 -9.48 -10.55 -66.25
CA PRO A 28 -9.45 -11.80 -66.98
C PRO A 28 -10.74 -11.90 -67.80
N GLY A 29 -10.76 -12.80 -68.77
CA GLY A 29 -11.94 -13.02 -69.56
C GLY A 29 -12.68 -13.91 -68.60
N THR A 30 -14.01 -13.84 -68.63
CA THR A 30 -14.80 -14.63 -67.70
C THR A 30 -16.02 -15.14 -68.37
N GLU A 31 -16.45 -16.28 -67.88
CA GLU A 31 -17.60 -16.91 -68.42
C GLU A 31 -18.41 -17.47 -67.28
N GLN A 32 -19.71 -17.26 -67.35
CA GLN A 32 -20.62 -17.75 -66.34
C GLN A 32 -21.03 -19.12 -66.80
N ILE A 33 -20.92 -20.10 -65.91
CA ILE A 33 -21.27 -21.45 -66.27
C ILE A 33 -22.60 -21.87 -65.72
N GLY A 34 -22.74 -21.85 -64.42
CA GLY A 34 -23.96 -22.27 -63.79
C GLY A 34 -24.85 -21.08 -63.50
N TYR A 35 -25.78 -21.33 -62.59
CA TYR A 35 -26.74 -20.33 -62.14
C TYR A 35 -25.99 -19.26 -61.39
N ARG A 36 -26.48 -18.02 -61.43
CA ARG A 36 -25.81 -16.92 -60.69
C ARG A 36 -25.64 -17.16 -59.19
N GLY A 37 -24.46 -16.86 -58.66
CA GLY A 37 -24.25 -17.06 -57.25
C GLY A 37 -23.76 -18.42 -56.83
N VAL A 38 -23.89 -19.40 -57.69
CA VAL A 38 -23.47 -20.73 -57.32
C VAL A 38 -21.95 -20.88 -57.42
N GLY A 39 -21.27 -19.92 -58.03
CA GLY A 39 -19.82 -20.04 -58.10
C GLY A 39 -19.17 -20.83 -59.22
N MET A 40 -19.98 -21.31 -60.15
CA MET A 40 -19.52 -22.11 -61.27
C MET A 40 -19.11 -21.15 -62.34
N GLU A 41 -17.83 -20.80 -62.36
CA GLU A 41 -17.40 -19.85 -63.35
C GLU A 41 -16.01 -20.17 -63.82
N ASN A 42 -15.61 -19.50 -64.89
CA ASN A 42 -14.28 -19.72 -65.43
C ASN A 42 -13.58 -18.42 -65.80
N TYR A 43 -12.29 -18.40 -65.49
CA TYR A 43 -11.43 -17.25 -65.76
C TYR A 43 -10.30 -17.68 -66.75
N TYR A 44 -9.86 -16.72 -67.56
CA TYR A 44 -8.81 -16.95 -68.55
C TYR A 44 -8.11 -15.70 -69.00
N ASN A 45 -6.90 -15.95 -69.46
CA ASN A 45 -6.06 -14.91 -69.94
C ASN A 45 -6.37 -14.57 -71.38
N LYS A 46 -6.70 -13.32 -71.67
CA LYS A 46 -7.02 -12.96 -73.04
C LYS A 46 -5.80 -13.17 -73.96
N ARG A 47 -4.63 -12.67 -73.55
CA ARG A 47 -3.37 -12.84 -74.30
C ARG A 47 -3.20 -14.26 -74.76
N GLN A 48 -3.11 -15.13 -73.77
CA GLN A 48 -2.89 -16.53 -74.04
C GLN A 48 -4.06 -17.11 -74.82
N ARG A 49 -5.25 -16.52 -74.71
CA ARG A 49 -6.35 -17.04 -75.52
C ARG A 49 -6.14 -16.73 -76.98
N ALA A 50 -5.51 -15.59 -77.26
CA ALA A 50 -5.31 -15.26 -78.65
C ALA A 50 -4.12 -16.04 -79.21
N LEU A 51 -3.08 -16.22 -78.39
CA LEU A 51 -1.94 -16.98 -78.87
C LEU A 51 -2.33 -18.44 -79.10
N SER A 52 -3.10 -19.00 -78.17
CA SER A 52 -3.54 -20.39 -78.27
C SER A 52 -4.37 -20.51 -79.54
N ILE A 53 -5.27 -19.56 -79.74
CA ILE A 53 -6.05 -19.60 -80.98
C ILE A 53 -5.14 -19.59 -82.25
N GLN A 54 -4.07 -18.79 -82.22
CA GLN A 54 -3.21 -18.75 -83.38
C GLN A 54 -2.40 -20.01 -83.54
N ALA A 55 -2.14 -20.71 -82.46
CA ALA A 55 -1.37 -21.95 -82.55
C ALA A 55 -2.27 -23.08 -82.78
N ASN A 56 -3.57 -22.88 -82.67
CA ASN A 56 -4.43 -24.03 -82.91
C ASN A 56 -5.27 -23.71 -84.11
N GLN A 57 -4.54 -23.34 -85.15
CA GLN A 57 -5.09 -23.00 -86.43
C GLN A 57 -5.17 -24.26 -87.23
N PRO A 58 -6.23 -24.40 -88.02
CA PRO A 58 -6.46 -25.55 -88.90
C PRO A 58 -5.93 -25.37 -90.32
N VAL A 59 -5.54 -26.49 -90.98
CA VAL A 59 -5.08 -26.45 -92.37
C VAL A 59 -6.30 -26.38 -93.29
N GLU A 60 -6.29 -25.43 -94.21
CA GLU A 60 -7.42 -25.25 -95.09
C GLU A 60 -7.61 -26.49 -95.93
N SER A 61 -8.82 -26.73 -96.40
CA SER A 61 -9.07 -27.94 -97.18
C SER A 61 -8.46 -27.86 -98.61
N LEU A 62 -8.39 -28.99 -99.29
CA LEU A 62 -7.85 -29.07 -100.64
C LEU A 62 -9.14 -28.94 -101.41
N PRO A 63 -9.11 -28.39 -102.65
CA PRO A 63 -10.42 -28.30 -103.29
C PRO A 63 -11.07 -29.65 -103.29
N ALA A 64 -12.40 -29.70 -103.12
CA ALA A 64 -13.13 -30.96 -103.14
C ALA A 64 -12.74 -31.70 -104.40
N ALA A 65 -12.86 -33.01 -104.47
CA ALA A 65 -12.41 -33.50 -105.74
C ALA A 65 -13.64 -33.99 -106.42
N ASP A 66 -13.73 -33.67 -107.71
CA ASP A 66 -14.78 -34.16 -108.58
C ASP A 66 -14.79 -35.68 -108.56
N SER A 67 -15.30 -36.28 -109.61
CA SER A 67 -15.36 -37.74 -109.68
C SER A 67 -16.36 -38.35 -108.70
N THR A 68 -17.23 -39.24 -109.16
CA THR A 68 -17.46 -39.71 -110.55
C THR A 68 -16.25 -40.35 -111.29
N GLY A 69 -15.92 -41.57 -110.90
CA GLY A 69 -14.84 -42.29 -111.54
C GLY A 69 -14.83 -43.69 -110.95
N PRO A 70 -13.83 -44.51 -111.29
CA PRO A 70 -13.85 -45.85 -110.71
C PRO A 70 -13.46 -45.77 -109.24
N LYS A 71 -13.65 -46.85 -108.49
CA LYS A 71 -13.29 -46.85 -107.08
C LYS A 71 -11.81 -47.15 -106.97
N ALA A 72 -11.20 -46.56 -105.96
CA ALA A 72 -9.80 -46.73 -105.67
C ALA A 72 -9.38 -48.21 -105.76
N SER A 73 -10.18 -49.09 -105.16
CA SER A 73 -9.85 -50.52 -105.14
C SER A 73 -9.80 -51.17 -106.50
N GLU A 74 -10.19 -50.44 -107.53
CA GLU A 74 -10.15 -50.99 -108.87
C GLU A 74 -8.85 -50.61 -109.58
N VAL A 75 -8.25 -49.49 -109.20
CA VAL A 75 -7.05 -49.01 -109.88
C VAL A 75 -5.73 -49.21 -109.14
N TYR A 76 -5.82 -49.60 -107.89
CA TYR A 76 -4.61 -49.79 -107.09
C TYR A 76 -4.41 -51.26 -106.68
N GLN A 77 -3.26 -51.56 -106.13
CA GLN A 77 -2.90 -52.94 -105.87
C GLN A 77 -3.06 -53.44 -104.45
N ASN A 78 -2.84 -52.55 -103.50
CA ASN A 78 -2.95 -52.89 -102.10
C ASN A 78 -3.84 -51.93 -101.34
N VAL A 79 -5.08 -51.79 -101.75
CA VAL A 79 -5.98 -50.88 -101.07
C VAL A 79 -7.01 -51.58 -100.19
N GLN A 80 -6.67 -51.68 -98.89
CA GLN A 80 -7.50 -52.36 -97.90
C GLN A 80 -8.40 -51.47 -97.04
N VAL A 81 -8.31 -50.15 -97.18
CA VAL A 81 -9.14 -49.32 -96.33
C VAL A 81 -9.96 -48.32 -97.14
N LEU A 82 -9.26 -47.43 -97.84
CA LEU A 82 -9.85 -46.38 -98.69
C LEU A 82 -10.42 -46.85 -100.07
N LYS A 83 -11.02 -48.03 -100.07
CA LYS A 83 -11.62 -48.73 -101.21
C LYS A 83 -12.55 -47.86 -102.04
N ASP A 84 -13.78 -47.68 -101.56
CA ASP A 84 -14.83 -46.93 -102.27
C ASP A 84 -14.55 -45.50 -102.62
N LEU A 85 -13.30 -45.09 -102.63
CA LEU A 85 -13.06 -43.70 -102.97
C LEU A 85 -12.83 -43.66 -104.46
N SER A 86 -13.13 -42.51 -105.04
CA SER A 86 -12.94 -42.32 -106.45
C SER A 86 -11.44 -42.19 -106.59
N VAL A 87 -10.88 -42.33 -107.76
CA VAL A 87 -9.43 -42.19 -107.91
C VAL A 87 -9.03 -40.81 -107.44
N GLY A 88 -9.66 -39.81 -108.04
CA GLY A 88 -9.44 -38.41 -107.72
C GLY A 88 -9.45 -38.13 -106.22
N GLU A 89 -10.53 -38.56 -105.57
CA GLU A 89 -10.72 -38.36 -104.14
C GLU A 89 -9.61 -39.01 -103.32
N PHE A 90 -9.17 -40.19 -103.73
CA PHE A 90 -8.11 -40.98 -103.11
C PHE A 90 -6.82 -40.19 -103.21
N THR A 91 -6.58 -39.69 -104.39
CA THR A 91 -5.39 -38.90 -104.63
C THR A 91 -5.43 -37.72 -103.67
N ARG A 92 -6.58 -37.02 -103.61
CA ARG A 92 -6.77 -35.85 -102.71
C ARG A 92 -6.44 -36.20 -101.24
N THR A 93 -6.98 -37.35 -100.84
CA THR A 93 -6.80 -37.92 -99.52
C THR A 93 -5.34 -38.21 -99.26
N MET A 94 -4.61 -38.58 -100.28
CA MET A 94 -3.22 -38.87 -100.09
C MET A 94 -2.46 -37.57 -99.90
N VAL A 95 -2.84 -36.54 -100.63
CA VAL A 95 -2.15 -35.25 -100.49
C VAL A 95 -2.35 -34.65 -99.09
N ALA A 96 -3.54 -34.91 -98.55
CA ALA A 96 -3.87 -34.38 -97.25
C ALA A 96 -3.15 -35.22 -96.23
N VAL A 97 -3.16 -36.52 -96.37
CA VAL A 97 -2.45 -37.32 -95.40
C VAL A 97 -0.95 -37.00 -95.45
N THR A 98 -0.46 -36.50 -96.58
CA THR A 98 0.97 -36.20 -96.65
C THR A 98 1.28 -34.94 -95.86
N THR A 99 0.60 -33.83 -96.18
CA THR A 99 0.87 -32.58 -95.44
C THR A 99 0.48 -32.71 -93.94
N TRP A 100 -0.51 -33.54 -93.68
CA TRP A 100 -0.99 -33.73 -92.32
C TRP A 100 -0.13 -34.58 -91.42
N VAL A 101 0.59 -35.53 -91.94
CA VAL A 101 1.35 -36.38 -91.04
C VAL A 101 2.82 -36.15 -91.29
N SER A 102 3.29 -36.07 -92.52
CA SER A 102 4.72 -35.85 -92.64
C SER A 102 5.14 -35.07 -93.86
N PRO A 103 4.79 -33.78 -93.89
CA PRO A 103 5.10 -32.81 -94.92
C PRO A 103 6.59 -32.50 -95.06
N LYS A 104 7.43 -32.65 -94.07
CA LYS A 104 8.83 -32.33 -94.35
C LYS A 104 9.45 -33.47 -95.10
N GLU A 105 8.85 -34.63 -94.97
CA GLU A 105 9.36 -35.82 -95.59
C GLU A 105 8.64 -36.23 -96.91
N GLY A 106 7.39 -35.81 -97.05
CA GLY A 106 6.64 -36.10 -98.25
C GLY A 106 6.32 -37.58 -98.44
N CYS A 107 5.67 -37.86 -99.56
CA CYS A 107 5.23 -39.19 -99.99
C CYS A 107 6.09 -40.35 -99.56
N ASN A 108 7.40 -40.17 -99.70
CA ASN A 108 8.33 -41.23 -99.37
C ASN A 108 8.35 -41.63 -97.92
N TYR A 109 7.68 -40.89 -97.06
CA TYR A 109 7.73 -41.24 -95.66
C TYR A 109 7.06 -42.58 -95.39
N CYS A 110 5.86 -42.75 -95.94
CA CYS A 110 5.10 -43.98 -95.73
C CYS A 110 5.04 -44.95 -96.89
N HIS A 111 5.88 -44.73 -97.89
CA HIS A 111 5.82 -45.58 -99.06
C HIS A 111 7.21 -46.03 -99.38
N VAL A 112 7.28 -47.14 -100.10
CA VAL A 112 8.53 -47.70 -100.57
C VAL A 112 8.61 -47.01 -101.91
N PRO A 113 9.69 -46.24 -102.15
CA PRO A 113 9.87 -45.51 -103.40
C PRO A 113 9.63 -46.36 -104.66
N GLY A 114 9.02 -45.76 -105.69
CA GLY A 114 8.75 -46.50 -106.91
C GLY A 114 7.63 -47.53 -106.81
N ASN A 115 7.24 -47.85 -105.58
CA ASN A 115 6.22 -48.85 -105.33
C ASN A 115 5.07 -48.48 -104.37
N TRP A 116 4.16 -47.62 -104.84
CA TRP A 116 3.01 -47.15 -104.06
C TRP A 116 2.24 -48.32 -103.47
N ALA A 117 2.21 -49.48 -104.08
CA ALA A 117 1.42 -50.52 -103.46
C ALA A 117 2.06 -51.28 -102.30
N SER A 118 3.38 -51.21 -102.15
CA SER A 118 4.03 -51.94 -101.05
C SER A 118 3.79 -51.51 -99.57
N ASP A 119 3.76 -52.50 -98.68
CA ASP A 119 3.63 -52.40 -97.21
C ASP A 119 4.97 -52.86 -96.62
N ASP A 120 6.05 -52.70 -97.37
CA ASP A 120 7.36 -53.19 -96.97
C ASP A 120 8.10 -52.20 -96.02
N ILE A 121 7.37 -51.17 -95.55
CA ILE A 121 7.92 -50.15 -94.63
C ILE A 121 6.80 -49.87 -93.60
N TYR A 122 7.10 -50.03 -92.30
CA TYR A 122 6.14 -49.94 -91.19
C TYR A 122 5.22 -48.74 -91.06
N THR A 123 5.69 -47.58 -91.48
CA THR A 123 4.91 -46.38 -91.33
C THR A 123 3.63 -46.41 -92.15
N LYS A 124 3.53 -47.42 -92.97
CA LYS A 124 2.36 -47.60 -93.81
C LYS A 124 1.40 -48.61 -93.16
N VAL A 125 1.93 -49.65 -92.52
CA VAL A 125 1.07 -50.63 -91.90
C VAL A 125 0.35 -49.90 -90.80
N VAL A 126 1.08 -48.90 -90.30
CA VAL A 126 0.61 -48.03 -89.23
C VAL A 126 -0.35 -47.01 -89.82
N SER A 127 0.02 -46.37 -90.92
CA SER A 127 -0.86 -45.40 -91.57
C SER A 127 -2.23 -46.06 -91.84
N ARG A 128 -2.20 -47.30 -92.32
CA ARG A 128 -3.40 -48.07 -92.60
C ARG A 128 -4.29 -48.20 -91.35
N ARG A 129 -3.61 -48.53 -90.26
CA ARG A 129 -4.35 -48.71 -89.04
C ARG A 129 -4.91 -47.41 -88.58
N MET A 130 -4.22 -46.32 -88.93
CA MET A 130 -4.71 -45.03 -88.49
C MET A 130 -5.78 -44.47 -89.39
N PHE A 131 -5.98 -45.11 -90.52
CA PHE A 131 -7.02 -44.63 -91.41
C PHE A 131 -8.27 -45.24 -90.84
N GLU A 132 -8.09 -46.41 -90.23
CA GLU A 132 -9.25 -47.06 -89.63
C GLU A 132 -9.51 -46.40 -88.26
N LEU A 133 -8.47 -45.78 -87.69
CA LEU A 133 -8.65 -45.15 -86.40
C LEU A 133 -9.41 -43.85 -86.52
N VAL A 134 -9.14 -43.11 -87.59
CA VAL A 134 -9.81 -41.83 -87.78
C VAL A 134 -11.24 -42.10 -88.24
N ARG A 135 -11.39 -42.99 -89.23
CA ARG A 135 -12.72 -43.35 -89.75
C ARG A 135 -13.66 -43.79 -88.59
N ALA A 136 -13.11 -44.65 -87.72
CA ALA A 136 -13.89 -45.14 -86.61
C ALA A 136 -14.25 -43.94 -85.75
N ALA A 137 -13.26 -43.09 -85.49
CA ALA A 137 -13.54 -41.92 -84.69
C ALA A 137 -14.71 -41.06 -85.20
N ASN A 138 -14.65 -40.62 -86.45
CA ASN A 138 -15.67 -39.72 -87.01
C ASN A 138 -17.05 -40.27 -87.18
N SER A 139 -17.14 -41.60 -87.30
CA SER A 139 -18.43 -42.23 -87.56
C SER A 139 -19.08 -42.92 -86.37
N ASP A 140 -18.28 -43.32 -85.38
CA ASP A 140 -18.85 -44.03 -84.26
C ASP A 140 -18.83 -43.28 -82.94
N TRP A 141 -18.08 -42.20 -82.84
CA TRP A 141 -18.04 -41.55 -81.55
C TRP A 141 -18.62 -40.13 -81.55
N LYS A 142 -19.71 -39.89 -82.26
CA LYS A 142 -20.25 -38.52 -82.28
C LYS A 142 -20.76 -37.97 -80.93
N ALA A 143 -21.18 -38.87 -80.03
CA ALA A 143 -21.66 -38.48 -78.70
C ALA A 143 -20.48 -37.80 -77.98
N HIS A 144 -19.33 -38.00 -78.60
CA HIS A 144 -18.06 -37.47 -78.19
C HIS A 144 -17.57 -36.43 -79.21
N VAL A 145 -17.33 -36.86 -80.46
CA VAL A 145 -16.81 -35.96 -81.51
C VAL A 145 -17.82 -35.06 -82.26
N ALA A 146 -19.12 -35.19 -82.02
CA ALA A 146 -20.12 -34.35 -82.69
C ALA A 146 -19.88 -34.21 -84.19
N GLU A 147 -20.21 -33.06 -84.75
CA GLU A 147 -19.98 -32.94 -86.17
C GLU A 147 -18.62 -32.35 -86.53
N THR A 148 -17.70 -32.25 -85.56
CA THR A 148 -16.35 -31.76 -85.89
C THR A 148 -15.44 -32.91 -86.36
N GLY A 149 -15.57 -34.08 -85.72
CA GLY A 149 -14.79 -35.23 -86.13
C GLY A 149 -13.30 -35.00 -86.01
N VAL A 150 -12.52 -36.00 -86.36
CA VAL A 150 -11.09 -35.84 -86.23
C VAL A 150 -10.38 -36.10 -87.52
N THR A 151 -9.12 -35.71 -87.55
CA THR A 151 -8.31 -35.90 -88.72
C THR A 151 -6.91 -36.19 -88.25
N CYS A 152 -6.10 -36.55 -89.23
CA CYS A 152 -4.72 -36.88 -88.99
C CYS A 152 -4.04 -35.77 -88.22
N TYR A 153 -4.38 -34.56 -88.65
CA TYR A 153 -3.80 -33.35 -88.11
C TYR A 153 -3.96 -33.15 -86.65
N THR A 154 -5.14 -33.58 -86.18
CA THR A 154 -5.50 -33.45 -84.81
C THR A 154 -4.33 -33.90 -84.01
N CYS A 155 -3.79 -35.06 -84.26
CA CYS A 155 -2.67 -35.47 -83.46
C CYS A 155 -1.33 -35.17 -84.07
N HIS A 156 -1.24 -35.28 -85.36
CA HIS A 156 0.06 -35.08 -85.93
C HIS A 156 0.58 -33.67 -86.01
N ARG A 157 -0.24 -32.71 -86.38
CA ARG A 157 0.26 -31.34 -86.46
C ARG A 157 1.56 -31.18 -87.26
N GLY A 158 1.59 -31.70 -88.49
CA GLY A 158 2.76 -31.62 -89.35
C GLY A 158 3.91 -32.48 -88.86
N ASN A 159 3.61 -33.30 -87.88
CA ASN A 159 4.58 -34.18 -87.28
C ASN A 159 4.26 -35.66 -87.38
N PRO A 160 5.28 -36.45 -87.66
CA PRO A 160 5.19 -37.89 -87.78
C PRO A 160 4.79 -38.55 -86.47
N VAL A 161 5.20 -37.91 -85.39
CA VAL A 161 4.95 -38.33 -84.02
C VAL A 161 4.11 -37.30 -83.25
N PRO A 162 2.87 -37.66 -82.88
CA PRO A 162 2.09 -36.68 -82.17
C PRO A 162 2.98 -36.12 -81.04
N LYS A 163 3.12 -34.80 -81.01
CA LYS A 163 3.94 -34.15 -80.02
C LYS A 163 3.50 -34.52 -78.61
N TYR A 164 2.19 -34.63 -78.43
CA TYR A 164 1.60 -34.90 -77.13
C TYR A 164 1.14 -36.34 -76.91
N ALA A 165 1.90 -37.28 -77.43
CA ALA A 165 1.62 -38.69 -77.21
C ALA A 165 2.29 -39.03 -75.92
N TRP A 166 1.85 -40.07 -75.24
CA TRP A 166 2.38 -40.47 -73.92
C TRP A 166 2.85 -41.89 -73.73
N VAL A 167 3.40 -42.19 -72.56
CA VAL A 167 3.95 -43.51 -72.26
C VAL A 167 3.84 -43.74 -70.80
N THR A 168 3.71 -44.99 -70.38
CA THR A 168 3.63 -45.21 -68.95
C THR A 168 5.00 -44.93 -68.38
N ASP A 169 4.99 -44.11 -67.32
CA ASP A 169 6.19 -43.66 -66.65
C ASP A 169 6.45 -44.36 -65.32
N PRO A 170 7.75 -44.56 -65.01
CA PRO A 170 8.28 -45.21 -63.81
C PRO A 170 8.56 -44.31 -62.60
N GLY A 171 8.54 -42.99 -62.80
CA GLY A 171 8.75 -41.96 -61.78
C GLY A 171 10.24 -41.73 -61.56
N PRO A 172 10.61 -41.00 -60.49
CA PRO A 172 12.05 -40.81 -60.32
C PRO A 172 12.70 -42.01 -59.65
N LYS A 173 14.02 -41.99 -59.43
CA LYS A 173 14.60 -43.18 -58.84
C LYS A 173 14.40 -43.32 -57.32
N TYR A 174 14.37 -44.60 -56.93
CA TYR A 174 14.19 -45.20 -55.59
C TYR A 174 15.24 -46.25 -55.41
N PRO A 175 15.88 -46.32 -54.23
CA PRO A 175 16.89 -47.39 -54.15
C PRO A 175 16.15 -48.75 -54.22
N SER A 176 16.86 -49.87 -54.13
CA SER A 176 16.17 -51.15 -54.21
C SER A 176 15.43 -51.44 -52.91
N GLY A 177 15.92 -50.87 -51.82
CA GLY A 177 15.33 -50.99 -50.50
C GLY A 177 13.89 -50.53 -50.35
N LEU A 178 13.46 -49.54 -51.13
CA LEU A 178 12.08 -49.08 -50.98
C LEU A 178 11.32 -48.96 -52.32
N LYS A 179 9.98 -49.09 -52.26
CA LYS A 179 9.15 -49.04 -53.45
C LYS A 179 8.62 -47.67 -53.68
N PRO A 180 8.42 -47.30 -54.96
CA PRO A 180 7.89 -45.97 -55.29
C PRO A 180 6.57 -45.51 -54.63
N THR A 181 6.49 -44.22 -54.28
CA THR A 181 5.36 -43.60 -53.60
C THR A 181 4.05 -43.68 -54.41
N GLY A 182 4.21 -43.92 -55.73
CA GLY A 182 3.13 -43.97 -56.72
C GLY A 182 2.47 -42.60 -56.90
N GLN A 183 2.75 -41.68 -55.95
CA GLN A 183 2.23 -40.31 -55.92
C GLN A 183 3.32 -39.54 -55.17
N ASN A 184 3.11 -38.24 -54.93
CA ASN A 184 4.13 -37.42 -54.24
C ASN A 184 5.34 -36.88 -55.00
N TYR A 185 5.14 -36.30 -56.18
CA TYR A 185 6.29 -35.78 -56.90
C TYR A 185 5.93 -34.59 -57.78
N GLY A 186 6.93 -33.89 -58.27
CA GLY A 186 6.67 -32.75 -59.10
C GLY A 186 6.33 -33.37 -60.41
N SER A 187 5.07 -33.31 -60.81
CA SER A 187 4.68 -33.88 -62.11
C SER A 187 3.80 -33.04 -63.01
N LYS A 188 4.26 -32.60 -64.20
CA LYS A 188 3.33 -31.80 -65.00
C LYS A 188 2.29 -32.70 -65.62
N THR A 189 2.12 -33.86 -65.05
CA THR A 189 1.21 -34.80 -65.65
C THR A 189 -0.09 -34.55 -64.99
N VAL A 190 0.02 -34.40 -63.68
CA VAL A 190 -1.11 -34.15 -62.82
C VAL A 190 -1.20 -32.73 -62.41
N ALA A 191 -1.04 -31.87 -63.39
CA ALA A 191 -1.09 -30.43 -63.17
C ALA A 191 -0.09 -29.89 -62.18
N TYR A 192 1.08 -30.51 -61.98
CA TYR A 192 2.02 -29.96 -60.98
C TYR A 192 1.62 -30.32 -59.52
N ALA A 193 0.40 -30.81 -59.34
CA ALA A 193 -0.05 -31.17 -58.03
C ALA A 193 0.73 -32.44 -57.63
N SER A 194 0.65 -32.88 -56.39
CA SER A 194 1.40 -34.06 -55.96
C SER A 194 0.71 -35.44 -56.04
N LEU A 195 -0.52 -35.51 -56.56
CA LEU A 195 -1.28 -36.76 -56.65
C LEU A 195 -0.51 -37.89 -57.39
N PRO A 196 -1.20 -38.96 -57.84
CA PRO A 196 -0.27 -39.88 -58.54
C PRO A 196 0.03 -39.45 -59.98
N PHE A 197 1.33 -39.38 -60.28
CA PHE A 197 1.93 -38.99 -61.57
C PHE A 197 1.70 -39.83 -62.87
N ASP A 198 0.81 -40.80 -62.83
CA ASP A 198 0.49 -41.55 -64.04
C ASP A 198 -0.91 -42.01 -63.82
N PRO A 199 -1.82 -41.07 -63.90
CA PRO A 199 -3.18 -41.48 -63.69
C PRO A 199 -3.74 -41.91 -64.99
N LEU A 200 -2.88 -42.11 -66.00
CA LEU A 200 -3.41 -42.42 -67.32
C LEU A 200 -3.50 -43.93 -67.53
N THR A 201 -2.39 -44.65 -67.39
CA THR A 201 -2.44 -46.10 -67.60
C THR A 201 -3.69 -46.77 -66.97
N PRO A 202 -4.00 -46.49 -65.67
CA PRO A 202 -5.19 -47.13 -65.08
C PRO A 202 -6.56 -46.59 -65.49
N PHE A 203 -6.59 -45.50 -66.24
CA PHE A 203 -7.85 -44.90 -66.66
C PHE A 203 -7.96 -44.61 -68.15
N LEU A 204 -6.85 -44.29 -68.79
CA LEU A 204 -6.89 -44.01 -70.20
C LEU A 204 -6.26 -45.11 -71.01
N ASP A 205 -5.91 -46.22 -70.38
CA ASP A 205 -5.31 -47.32 -71.12
C ASP A 205 -6.16 -48.46 -70.60
N GLN A 206 -5.98 -48.81 -69.32
CA GLN A 206 -6.88 -49.79 -68.72
C GLN A 206 -8.17 -49.06 -68.38
N ALA A 207 -9.09 -49.73 -67.70
CA ALA A 207 -10.40 -49.18 -67.41
C ALA A 207 -10.80 -49.35 -65.96
N ASN A 208 -9.91 -48.93 -65.06
CA ASN A 208 -10.15 -49.03 -63.63
C ASN A 208 -11.26 -48.09 -63.20
N GLU A 209 -11.80 -48.35 -62.00
CA GLU A 209 -12.90 -47.54 -61.47
C GLU A 209 -12.50 -46.12 -61.01
N ILE A 210 -13.21 -45.15 -61.58
CA ILE A 210 -13.05 -43.74 -61.31
C ILE A 210 -13.93 -43.31 -60.15
N ARG A 211 -15.10 -43.95 -60.07
CA ARG A 211 -16.06 -43.65 -59.04
C ARG A 211 -15.64 -44.05 -57.62
N ILE A 212 -15.84 -43.12 -56.66
CA ILE A 212 -15.52 -43.32 -55.24
C ILE A 212 -16.63 -42.76 -54.36
N THR A 213 -17.43 -41.86 -54.90
CA THR A 213 -18.51 -41.24 -54.15
C THR A 213 -19.61 -42.19 -53.82
N GLY A 214 -20.15 -42.14 -52.62
CA GLY A 214 -21.21 -43.06 -52.29
C GLY A 214 -22.51 -42.43 -52.76
N ASN A 215 -23.50 -43.28 -53.00
CA ASN A 215 -24.80 -42.82 -53.45
C ASN A 215 -25.79 -42.80 -52.28
N ALA A 216 -25.30 -43.19 -51.09
CA ALA A 216 -26.07 -43.22 -49.84
C ALA A 216 -25.35 -42.33 -48.88
N ALA A 217 -26.10 -41.63 -48.03
CA ALA A 217 -25.46 -40.74 -47.05
C ALA A 217 -24.70 -41.51 -45.97
N LEU A 218 -25.38 -42.46 -45.34
CA LEU A 218 -24.80 -43.28 -44.28
C LEU A 218 -23.86 -44.30 -44.92
N ALA A 219 -22.98 -44.93 -44.15
CA ALA A 219 -22.02 -45.86 -44.73
C ALA A 219 -22.38 -47.32 -44.54
N GLY A 220 -21.53 -48.17 -45.13
CA GLY A 220 -21.67 -49.63 -45.08
C GLY A 220 -21.96 -50.28 -46.44
N SER A 221 -21.88 -49.42 -47.51
CA SER A 221 -22.20 -49.92 -48.86
C SER A 221 -21.33 -49.23 -49.98
N ASN A 222 -20.21 -48.64 -49.54
CA ASN A 222 -19.26 -48.02 -50.43
C ASN A 222 -17.87 -48.33 -49.86
N PRO A 223 -17.14 -49.21 -50.53
CA PRO A 223 -15.80 -49.70 -50.21
C PRO A 223 -14.71 -48.82 -50.82
N ALA A 224 -15.07 -47.77 -51.54
CA ALA A 224 -14.07 -46.88 -52.14
C ALA A 224 -13.07 -46.46 -51.12
N SER A 225 -11.79 -46.48 -51.50
CA SER A 225 -10.74 -46.10 -50.56
C SER A 225 -10.41 -44.63 -50.73
N LEU A 226 -9.70 -44.07 -49.76
CA LEU A 226 -9.32 -42.67 -49.87
C LEU A 226 -8.32 -42.62 -51.02
N LYS A 227 -7.52 -43.69 -51.10
CA LYS A 227 -6.53 -43.78 -52.12
C LYS A 227 -7.19 -43.70 -53.46
N GLN A 228 -8.33 -44.37 -53.59
CA GLN A 228 -9.05 -44.36 -54.86
C GLN A 228 -9.53 -42.96 -55.13
N ALA A 229 -9.88 -42.26 -54.08
CA ALA A 229 -10.30 -40.90 -54.29
C ALA A 229 -9.12 -40.11 -54.89
N GLU A 230 -7.90 -40.23 -54.32
CA GLU A 230 -6.73 -39.46 -54.84
C GLU A 230 -6.43 -39.85 -56.30
N TRP A 231 -6.57 -41.13 -56.65
CA TRP A 231 -6.32 -41.51 -58.02
C TRP A 231 -7.36 -40.85 -58.92
N THR A 232 -8.61 -40.79 -58.47
CA THR A 232 -9.64 -40.18 -59.30
C THR A 232 -9.36 -38.70 -59.43
N PHE A 233 -8.81 -38.14 -58.36
CA PHE A 233 -8.50 -36.73 -58.31
C PHE A 233 -7.34 -36.42 -59.27
N GLY A 234 -6.31 -37.24 -59.26
CA GLY A 234 -5.18 -37.04 -60.14
C GLY A 234 -5.64 -37.08 -61.58
N LEU A 235 -6.30 -38.19 -61.94
CA LEU A 235 -6.81 -38.37 -63.29
C LEU A 235 -7.60 -37.13 -63.68
N MET A 236 -8.49 -36.69 -62.81
CA MET A 236 -9.31 -35.54 -63.11
C MET A 236 -8.50 -34.27 -63.36
N MET A 237 -7.39 -34.16 -62.66
CA MET A 237 -6.57 -33.00 -62.86
C MET A 237 -5.97 -33.05 -64.21
N ASN A 238 -5.67 -34.28 -64.65
CA ASN A 238 -5.07 -34.47 -65.97
C ASN A 238 -6.04 -34.04 -67.00
N ILE A 239 -7.24 -34.57 -66.89
CA ILE A 239 -8.31 -34.29 -67.82
C ILE A 239 -8.58 -32.80 -67.94
N SER A 240 -8.66 -32.16 -66.79
CA SER A 240 -8.94 -30.74 -66.72
C SER A 240 -7.90 -29.98 -67.46
N ASP A 241 -6.65 -30.28 -67.14
CA ASP A 241 -5.55 -29.65 -67.81
C ASP A 241 -5.49 -29.94 -69.32
N SER A 242 -5.76 -31.17 -69.76
CA SER A 242 -5.69 -31.47 -71.18
C SER A 242 -6.69 -30.73 -71.97
N LEU A 243 -7.87 -30.50 -71.43
CA LEU A 243 -8.83 -29.79 -72.26
C LEU A 243 -8.71 -28.32 -71.98
N GLY A 244 -7.89 -28.02 -70.98
CA GLY A 244 -7.64 -26.65 -70.53
C GLY A 244 -8.79 -25.91 -69.83
N VAL A 245 -9.48 -26.61 -68.93
CA VAL A 245 -10.61 -26.01 -68.23
C VAL A 245 -10.63 -26.39 -66.76
N GLY A 246 -11.65 -25.93 -66.02
CA GLY A 246 -11.78 -26.29 -64.62
C GLY A 246 -13.03 -27.10 -64.39
N CYS A 247 -13.17 -27.68 -63.22
CA CYS A 247 -14.28 -28.53 -62.86
C CYS A 247 -15.61 -27.93 -63.00
N THR A 248 -15.67 -26.63 -63.11
CA THR A 248 -16.98 -26.09 -63.23
C THR A 248 -17.40 -26.20 -64.68
N PHE A 249 -16.50 -26.74 -65.50
CA PHE A 249 -16.78 -26.97 -66.92
C PHE A 249 -17.70 -28.13 -67.13
N CYS A 250 -17.63 -29.05 -66.17
CA CYS A 250 -18.39 -30.29 -66.25
C CYS A 250 -19.21 -30.59 -65.00
N HIS A 251 -18.73 -30.09 -63.88
CA HIS A 251 -19.34 -30.35 -62.58
C HIS A 251 -20.01 -29.20 -61.85
N ASN A 252 -20.55 -29.55 -60.69
CA ASN A 252 -21.09 -28.60 -59.71
C ASN A 252 -20.44 -29.21 -58.49
N THR A 253 -19.29 -28.67 -58.12
CA THR A 253 -18.49 -29.23 -57.05
C THR A 253 -19.14 -29.53 -55.72
N ARG A 254 -20.40 -29.16 -55.53
CA ARG A 254 -21.02 -29.52 -54.28
C ARG A 254 -21.40 -30.98 -54.38
N ALA A 255 -21.45 -31.44 -55.61
CA ALA A 255 -21.78 -32.82 -55.85
C ALA A 255 -21.16 -33.26 -57.19
N PHE A 256 -19.95 -33.75 -57.10
CA PHE A 256 -19.20 -34.19 -58.26
C PHE A 256 -19.89 -35.38 -58.91
N ASN A 257 -20.49 -36.21 -58.08
CA ASN A 257 -21.14 -37.40 -58.54
C ASN A 257 -22.53 -37.14 -59.05
N ASP A 258 -23.10 -35.98 -58.72
CA ASP A 258 -24.50 -35.71 -59.11
C ASP A 258 -24.56 -35.34 -60.59
N TRP A 259 -25.10 -36.26 -61.37
CA TRP A 259 -25.15 -36.01 -62.78
C TRP A 259 -26.10 -34.90 -63.25
N THR A 260 -27.17 -34.64 -62.54
CA THR A 260 -28.14 -33.63 -62.98
C THR A 260 -27.65 -32.21 -62.82
N GLN A 261 -26.70 -32.06 -61.91
CA GLN A 261 -26.11 -30.79 -61.58
C GLN A 261 -24.82 -30.53 -62.34
N SER A 262 -24.44 -31.49 -63.20
CA SER A 262 -23.22 -31.38 -63.97
C SER A 262 -23.55 -30.69 -65.27
N THR A 263 -22.56 -30.46 -66.12
CA THR A 263 -22.82 -29.81 -67.40
C THR A 263 -22.78 -30.90 -68.53
N PRO A 264 -23.47 -30.67 -69.67
CA PRO A 264 -23.44 -31.70 -70.73
C PRO A 264 -22.04 -32.11 -71.24
N LYS A 265 -21.06 -31.42 -70.67
CA LYS A 265 -19.69 -31.68 -71.02
C LYS A 265 -19.28 -32.89 -70.19
N ARG A 266 -19.94 -33.13 -69.05
CA ARG A 266 -19.59 -34.32 -68.25
C ARG A 266 -20.00 -35.55 -69.04
N THR A 267 -21.15 -35.45 -69.69
CA THR A 267 -21.64 -36.54 -70.52
C THR A 267 -20.59 -36.80 -71.62
N THR A 268 -20.25 -35.72 -72.34
CA THR A 268 -19.26 -35.84 -73.42
C THR A 268 -17.94 -36.45 -72.98
N ALA A 269 -17.49 -36.06 -71.80
CA ALA A 269 -16.25 -36.57 -71.25
C ALA A 269 -16.35 -38.01 -70.87
N TRP A 270 -17.57 -38.40 -70.52
CA TRP A 270 -17.77 -39.76 -70.13
C TRP A 270 -17.49 -40.61 -71.36
N TYR A 271 -18.15 -40.25 -72.48
CA TYR A 271 -17.95 -41.03 -73.73
C TYR A 271 -16.55 -40.94 -74.31
N ALA A 272 -15.87 -39.86 -73.99
CA ALA A 272 -14.51 -39.64 -74.46
C ALA A 272 -13.51 -40.57 -73.78
N ILE A 273 -13.72 -40.82 -72.49
CA ILE A 273 -12.84 -41.69 -71.75
C ILE A 273 -12.84 -43.10 -72.36
N ARG A 274 -14.01 -43.50 -72.81
CA ARG A 274 -14.19 -44.81 -73.42
C ARG A 274 -13.51 -44.81 -74.78
N HIS A 275 -13.73 -43.73 -75.53
CA HIS A 275 -13.10 -43.59 -76.84
C HIS A 275 -11.57 -43.75 -76.78
N VAL A 276 -10.94 -43.15 -75.77
CA VAL A 276 -9.47 -43.22 -75.59
C VAL A 276 -9.10 -44.61 -75.11
N ARG A 277 -10.05 -45.30 -74.50
CA ARG A 277 -9.74 -46.65 -74.09
C ARG A 277 -9.69 -47.50 -75.37
N ASP A 278 -10.53 -47.15 -76.35
CA ASP A 278 -10.51 -47.90 -77.60
C ASP A 278 -9.33 -47.58 -78.50
N ILE A 279 -8.92 -46.31 -78.53
CA ILE A 279 -7.80 -45.92 -79.39
C ILE A 279 -6.55 -46.57 -78.84
N ASN A 280 -6.33 -46.38 -77.54
CA ASN A 280 -5.13 -46.95 -76.95
C ASN A 280 -5.16 -48.48 -76.99
N GLN A 281 -6.30 -49.10 -76.74
CA GLN A 281 -6.28 -50.58 -76.74
C GLN A 281 -6.32 -51.39 -78.07
N ASN A 282 -7.16 -51.02 -79.05
CA ASN A 282 -7.22 -51.83 -80.26
C ASN A 282 -6.62 -51.19 -81.48
N TYR A 283 -5.90 -50.10 -81.34
CA TYR A 283 -5.33 -49.47 -82.51
C TYR A 283 -3.86 -49.14 -82.32
N ILE A 284 -3.47 -48.76 -81.09
CA ILE A 284 -2.10 -48.36 -80.77
C ILE A 284 -1.28 -49.51 -80.16
N TRP A 285 -1.77 -50.17 -79.11
CA TRP A 285 -0.96 -51.28 -78.55
C TRP A 285 -0.57 -52.33 -79.59
N PRO A 286 -1.50 -52.71 -80.48
CA PRO A 286 -1.18 -53.73 -81.49
C PRO A 286 -0.05 -53.32 -82.41
N LEU A 287 0.14 -52.03 -82.65
CA LEU A 287 1.21 -51.62 -83.52
C LEU A 287 2.57 -51.66 -82.84
N ASN A 288 2.60 -52.09 -81.57
CA ASN A 288 3.86 -52.10 -80.86
C ASN A 288 4.97 -52.97 -81.41
N ASP A 289 4.64 -54.04 -82.14
CA ASP A 289 5.69 -54.92 -82.66
C ASP A 289 6.41 -54.44 -83.91
N VAL A 290 5.75 -53.64 -84.74
CA VAL A 290 6.40 -53.17 -85.97
C VAL A 290 6.98 -51.74 -85.82
N LEU A 291 6.94 -51.19 -84.59
CA LEU A 291 7.46 -49.85 -84.28
C LEU A 291 8.83 -50.00 -83.63
N PRO A 292 9.75 -49.08 -83.94
CA PRO A 292 11.13 -49.04 -83.45
C PRO A 292 11.29 -48.67 -81.99
N ALA A 293 12.47 -48.97 -81.42
CA ALA A 293 12.73 -48.64 -80.02
C ALA A 293 12.53 -47.16 -79.80
N SER A 294 12.88 -46.34 -80.80
CA SER A 294 12.75 -44.89 -80.69
C SER A 294 11.33 -44.48 -80.35
N ARG A 295 10.36 -45.32 -80.66
CA ARG A 295 8.99 -44.97 -80.32
C ARG A 295 8.52 -45.70 -79.05
N LYS A 296 9.45 -46.16 -78.21
CA LYS A 296 9.01 -46.87 -77.02
C LYS A 296 9.62 -46.43 -75.66
N GLY A 297 8.77 -46.48 -74.63
CA GLY A 297 9.16 -46.11 -73.28
C GLY A 297 9.93 -47.21 -72.60
N PRO A 298 10.49 -46.92 -71.42
CA PRO A 298 11.28 -47.85 -70.61
C PRO A 298 10.64 -49.20 -70.21
N TYR A 299 9.32 -49.37 -70.37
CA TYR A 299 8.68 -50.64 -70.04
C TYR A 299 8.33 -51.36 -71.32
N GLY A 300 8.72 -50.75 -72.43
CA GLY A 300 8.43 -51.36 -73.69
C GLY A 300 7.05 -50.88 -74.10
N ASP A 301 6.36 -50.08 -73.29
CA ASP A 301 5.05 -49.65 -73.75
C ASP A 301 5.35 -48.55 -74.75
N PRO A 302 4.50 -48.41 -75.78
CA PRO A 302 4.57 -47.44 -76.89
C PRO A 302 3.94 -46.07 -76.68
N LEU A 303 4.37 -45.04 -77.41
CA LEU A 303 3.70 -43.75 -77.24
C LEU A 303 2.25 -43.89 -77.68
N ARG A 304 1.31 -43.68 -76.77
CA ARG A 304 -0.11 -43.79 -77.07
C ARG A 304 -0.90 -42.50 -76.92
N VAL A 305 -2.22 -42.66 -76.87
CA VAL A 305 -3.10 -41.51 -76.82
C VAL A 305 -3.75 -41.07 -75.51
N SER A 306 -3.92 -39.76 -75.40
CA SER A 306 -4.61 -39.22 -74.26
C SER A 306 -5.44 -38.09 -74.78
N CYS A 307 -6.12 -37.41 -73.90
CA CYS A 307 -6.98 -36.30 -74.25
C CYS A 307 -6.16 -35.11 -74.74
N MET A 308 -5.01 -34.90 -74.10
CA MET A 308 -4.12 -33.81 -74.49
C MET A 308 -3.67 -33.87 -75.94
N THR A 309 -3.37 -35.10 -76.37
CA THR A 309 -2.87 -35.41 -77.70
C THR A 309 -3.67 -34.72 -78.78
N CYS A 310 -4.99 -34.83 -78.61
CA CYS A 310 -5.93 -34.25 -79.53
C CYS A 310 -6.36 -32.82 -79.14
N HIS A 311 -6.81 -32.61 -77.88
CA HIS A 311 -7.25 -31.27 -77.45
C HIS A 311 -6.15 -30.26 -77.36
N GLN A 312 -4.95 -30.72 -76.98
CA GLN A 312 -3.79 -29.84 -76.86
C GLN A 312 -4.08 -28.51 -76.15
N ALA A 313 -4.78 -28.65 -75.01
CA ALA A 313 -5.17 -27.59 -74.08
C ALA A 313 -6.39 -26.79 -74.50
N VAL A 314 -7.27 -27.33 -75.34
CA VAL A 314 -8.46 -26.57 -75.73
C VAL A 314 -9.71 -27.47 -75.65
N ASN A 315 -10.83 -26.93 -75.19
CA ASN A 315 -12.04 -27.73 -75.03
C ASN A 315 -12.51 -28.44 -76.29
N LYS A 316 -12.09 -27.93 -77.44
CA LYS A 316 -12.42 -28.53 -78.71
C LYS A 316 -11.13 -28.37 -79.50
N PRO A 317 -10.59 -29.45 -80.05
CA PRO A 317 -9.34 -29.40 -80.80
C PRO A 317 -9.45 -28.30 -81.83
N LEU A 318 -8.42 -27.48 -81.90
CA LEU A 318 -8.35 -26.35 -82.81
C LEU A 318 -9.58 -25.48 -82.64
N TYR A 319 -9.93 -25.18 -81.40
CA TYR A 319 -11.10 -24.35 -81.09
C TYR A 319 -12.37 -24.76 -81.85
N GLY A 320 -12.53 -26.07 -82.01
CA GLY A 320 -13.71 -26.65 -82.67
C GLY A 320 -13.87 -26.43 -84.15
N ALA A 321 -12.73 -26.23 -84.81
CA ALA A 321 -12.66 -26.07 -86.24
C ALA A 321 -13.15 -27.39 -86.77
N GLN A 322 -13.91 -27.37 -87.87
CA GLN A 322 -14.48 -28.57 -88.52
C GLN A 322 -13.67 -28.98 -89.74
N MET A 323 -12.67 -29.81 -89.55
CA MET A 323 -11.86 -30.22 -90.67
C MET A 323 -12.37 -31.46 -91.45
N ALA A 324 -12.62 -32.55 -90.74
CA ALA A 324 -13.08 -33.83 -91.30
C ALA A 324 -14.23 -33.81 -92.33
N LYS A 325 -15.22 -32.92 -92.19
CA LYS A 325 -16.35 -32.96 -93.13
C LYS A 325 -15.92 -32.78 -94.58
N ASP A 326 -14.69 -32.30 -94.84
CA ASP A 326 -14.26 -32.07 -96.23
C ASP A 326 -13.61 -33.29 -96.84
N TYR A 327 -13.34 -34.29 -96.01
CA TYR A 327 -12.74 -35.49 -96.51
C TYR A 327 -13.66 -36.65 -96.16
N PRO A 328 -14.48 -37.08 -97.15
CA PRO A 328 -15.44 -38.19 -97.03
C PRO A 328 -14.73 -39.50 -96.84
N GLY A 329 -13.44 -39.53 -97.21
CA GLY A 329 -12.64 -40.72 -97.08
C GLY A 329 -12.27 -41.12 -95.65
N LEU A 330 -12.68 -40.28 -94.70
CA LEU A 330 -12.41 -40.46 -93.27
C LEU A 330 -13.63 -40.90 -92.53
N TYR A 331 -14.59 -41.45 -93.24
CA TYR A 331 -15.82 -41.88 -92.61
C TYR A 331 -16.02 -43.31 -93.00
N LYS A 332 -16.67 -44.09 -92.14
CA LYS A 332 -16.93 -45.50 -92.45
C LYS A 332 -17.93 -45.79 -93.60
N THR A 333 -17.75 -46.98 -94.18
CA THR A 333 -18.34 -47.45 -95.45
C THR A 333 -18.08 -46.48 -96.60
N ALA B 2 -29.36 0.90 -18.95
CA ALA B 2 -28.75 0.40 -17.73
C ALA B 2 -27.21 0.43 -17.83
N MET B 3 -26.56 0.58 -16.69
CA MET B 3 -25.12 0.67 -16.66
C MET B 3 -24.44 -0.32 -15.76
N LEU B 4 -23.17 -0.59 -16.06
CA LEU B 4 -22.35 -1.44 -15.21
C LEU B 4 -22.25 -0.73 -13.87
N SER B 5 -21.83 -1.40 -12.80
CA SER B 5 -21.77 -0.74 -11.48
C SER B 5 -20.66 0.29 -11.37
N PHE B 6 -19.89 0.49 -12.42
CA PHE B 6 -18.81 1.45 -12.39
C PHE B 6 -18.82 2.28 -13.65
N GLU B 7 -19.98 2.34 -14.28
CA GLU B 7 -20.08 3.03 -15.57
C GLU B 7 -20.45 4.50 -15.63
N LYS B 8 -21.27 4.96 -14.71
CA LYS B 8 -21.71 6.35 -14.75
C LYS B 8 -20.53 7.34 -14.78
N LYS B 9 -19.50 7.07 -14.00
CA LYS B 9 -18.33 7.95 -13.94
C LYS B 9 -17.59 8.22 -15.26
N TYR B 10 -17.94 7.49 -16.33
CA TYR B 10 -17.30 7.63 -17.66
C TYR B 10 -18.17 8.13 -18.80
N ARG B 11 -19.49 8.10 -18.59
CA ARG B 11 -20.48 8.49 -19.58
C ARG B 11 -20.50 9.97 -19.92
N VAL B 12 -19.34 10.42 -20.35
CA VAL B 12 -19.11 11.79 -20.70
C VAL B 12 -19.84 12.14 -22.00
N ARG B 13 -19.97 13.44 -22.24
CA ARG B 13 -20.63 13.99 -23.41
C ARG B 13 -19.60 14.36 -24.50
N GLY B 14 -19.93 14.14 -25.78
CA GLY B 14 -18.98 14.47 -26.84
C GLY B 14 -18.03 13.36 -27.30
N GLY B 15 -17.30 13.64 -28.36
CA GLY B 15 -16.36 12.65 -28.86
C GLY B 15 -16.75 12.20 -30.24
N THR B 16 -17.89 12.71 -30.69
CA THR B 16 -18.35 12.32 -31.99
C THR B 16 -17.29 12.72 -33.03
N LEU B 17 -17.61 12.33 -34.26
CA LEU B 17 -16.89 12.56 -35.49
C LEU B 17 -17.87 13.39 -36.22
N ILE B 18 -19.13 12.97 -36.08
CA ILE B 18 -20.26 13.66 -36.68
C ILE B 18 -21.48 13.52 -35.78
N GLY B 19 -22.23 14.62 -35.74
CA GLY B 19 -23.47 14.74 -34.99
C GLY B 19 -23.50 15.64 -33.76
N GLY B 20 -22.46 15.58 -32.95
CA GLY B 20 -22.40 16.38 -31.73
C GLY B 20 -23.62 15.98 -30.92
N ASP B 21 -24.03 16.81 -29.97
CA ASP B 21 -25.20 16.53 -29.15
C ASP B 21 -26.46 15.98 -29.88
N LEU B 22 -26.55 16.05 -31.21
CA LEU B 22 -27.75 15.58 -31.93
C LEU B 22 -28.18 14.15 -31.59
N PHE B 23 -27.25 13.20 -31.67
CA PHE B 23 -27.56 11.82 -31.38
C PHE B 23 -26.66 11.32 -30.29
N ASP B 24 -26.01 12.26 -29.61
CA ASP B 24 -25.08 11.98 -28.52
C ASP B 24 -25.80 11.51 -27.24
N PHE B 25 -26.28 10.27 -27.25
CA PHE B 25 -26.96 9.66 -26.11
C PHE B 25 -26.89 8.15 -26.08
N TRP B 26 -27.31 7.53 -24.99
CA TRP B 26 -27.31 6.07 -24.88
C TRP B 26 -28.73 5.53 -24.93
N VAL B 27 -28.82 4.23 -25.25
CA VAL B 27 -30.08 3.48 -25.26
C VAL B 27 -29.79 2.11 -24.63
N GLY B 28 -30.22 1.88 -23.41
CA GLY B 28 -29.91 0.62 -22.78
C GLY B 28 -28.41 0.65 -22.63
N PRO B 29 -27.75 -0.45 -23.03
CA PRO B 29 -26.30 -0.49 -22.93
C PRO B 29 -25.56 -0.06 -24.21
N PHE B 30 -26.27 -0.01 -25.34
CA PHE B 30 -25.65 0.38 -26.62
C PHE B 30 -25.46 1.89 -26.69
N TYR B 31 -24.35 2.34 -27.27
CA TYR B 31 -24.18 3.76 -27.44
C TYR B 31 -24.80 4.08 -28.80
N VAL B 32 -25.49 5.21 -28.92
CA VAL B 32 -26.09 5.44 -30.23
C VAL B 32 -25.12 6.27 -31.04
N GLY B 33 -25.30 7.59 -31.08
CA GLY B 33 -24.37 8.38 -31.84
C GLY B 33 -24.92 8.44 -33.25
N PHE B 34 -24.45 9.37 -34.06
CA PHE B 34 -24.90 9.50 -35.44
C PHE B 34 -24.74 8.26 -36.38
N PHE B 35 -23.67 7.50 -36.18
CA PHE B 35 -23.37 6.35 -37.00
C PHE B 35 -24.14 5.12 -36.59
N GLY B 36 -24.76 5.19 -35.44
CA GLY B 36 -25.58 4.13 -34.92
C GLY B 36 -26.98 4.24 -35.48
N VAL B 37 -27.34 5.47 -35.79
CA VAL B 37 -28.64 5.76 -36.31
C VAL B 37 -28.55 5.40 -37.76
N VAL B 38 -27.44 5.80 -38.37
CA VAL B 38 -27.28 5.47 -39.78
C VAL B 38 -27.14 3.95 -39.89
N GLY B 39 -26.30 3.38 -39.03
CA GLY B 39 -26.07 1.95 -38.97
C GLY B 39 -27.37 1.18 -38.82
N PHE B 40 -28.17 1.57 -37.84
CA PHE B 40 -29.44 0.91 -37.60
C PHE B 40 -30.30 0.99 -38.86
N CYS B 41 -30.20 2.09 -39.60
CA CYS B 41 -30.98 2.21 -40.82
C CYS B 41 -30.54 1.27 -41.93
N PHE B 42 -29.22 1.19 -42.07
CA PHE B 42 -28.62 0.37 -43.09
C PHE B 42 -28.91 -1.08 -42.78
N THR B 43 -28.68 -1.43 -41.52
CA THR B 43 -28.90 -2.79 -41.02
C THR B 43 -30.34 -3.24 -41.14
N LEU B 44 -31.24 -2.46 -40.56
CA LEU B 44 -32.66 -2.80 -40.60
C LEU B 44 -33.17 -2.96 -42.00
N LEU B 45 -32.87 -2.00 -42.89
CA LEU B 45 -33.36 -2.16 -44.25
C LEU B 45 -32.73 -3.37 -44.92
N GLY B 46 -31.48 -3.64 -44.58
CA GLY B 46 -30.78 -4.78 -45.15
C GLY B 46 -31.44 -6.10 -44.80
N VAL B 47 -31.63 -6.30 -43.51
CA VAL B 47 -32.22 -7.51 -42.97
C VAL B 47 -33.64 -7.64 -43.47
N LEU B 48 -34.40 -6.57 -43.33
CA LEU B 48 -35.78 -6.57 -43.78
C LEU B 48 -35.91 -6.96 -45.28
N LEU B 49 -34.88 -6.64 -46.06
CA LEU B 49 -34.84 -6.97 -47.49
C LEU B 49 -34.45 -8.43 -47.69
N ILE B 50 -33.64 -8.95 -46.77
CA ILE B 50 -33.20 -10.34 -46.84
C ILE B 50 -34.43 -11.15 -46.52
N VAL B 51 -35.31 -10.53 -45.74
CA VAL B 51 -36.55 -11.13 -45.33
C VAL B 51 -37.43 -11.14 -46.59
N TRP B 52 -37.53 -10.03 -47.33
CA TRP B 52 -38.32 -10.07 -48.59
C TRP B 52 -37.79 -11.04 -49.64
N GLY B 53 -36.49 -11.25 -49.64
CA GLY B 53 -35.94 -12.17 -50.60
C GLY B 53 -36.34 -13.56 -50.19
N ALA B 54 -36.34 -13.84 -48.88
CA ALA B 54 -36.74 -15.17 -48.44
C ALA B 54 -38.19 -15.36 -48.73
N THR B 55 -38.93 -14.27 -48.64
CA THR B 55 -40.35 -14.29 -48.91
C THR B 55 -40.70 -14.61 -50.37
N ILE B 56 -39.98 -13.98 -51.31
CA ILE B 56 -40.25 -14.21 -52.75
C ILE B 56 -39.65 -15.47 -53.41
N GLY B 57 -38.45 -15.88 -52.99
CA GLY B 57 -37.77 -17.03 -53.53
C GLY B 57 -37.28 -16.75 -54.96
N PRO B 58 -36.37 -17.60 -55.47
CA PRO B 58 -35.81 -17.41 -56.82
C PRO B 58 -36.77 -17.47 -58.02
N THR B 59 -37.95 -18.07 -57.84
CA THR B 59 -38.94 -18.18 -58.92
C THR B 59 -40.33 -17.69 -58.52
N GLY B 60 -40.44 -16.98 -57.40
CA GLY B 60 -41.73 -16.47 -56.96
C GLY B 60 -42.20 -17.16 -55.68
N PRO B 61 -43.01 -16.46 -54.87
CA PRO B 61 -43.54 -16.99 -53.60
C PRO B 61 -44.32 -18.33 -53.64
N THR B 62 -44.75 -18.81 -54.80
CA THR B 62 -45.51 -20.06 -54.81
C THR B 62 -44.68 -21.26 -55.27
N SER B 63 -43.55 -20.95 -55.88
CA SER B 63 -42.61 -21.92 -56.41
C SER B 63 -42.01 -22.84 -55.33
N ASP B 64 -41.48 -24.00 -55.71
CA ASP B 64 -40.90 -24.94 -54.74
C ASP B 64 -39.52 -24.46 -54.31
N LEU B 65 -38.92 -23.55 -55.09
CA LEU B 65 -37.60 -23.05 -54.72
C LEU B 65 -37.68 -21.93 -53.71
N GLN B 66 -38.85 -21.32 -53.61
CA GLN B 66 -39.04 -20.26 -52.63
C GLN B 66 -38.92 -20.95 -51.28
N THR B 67 -38.45 -20.26 -50.24
CA THR B 67 -38.29 -20.92 -48.95
C THR B 67 -38.02 -20.01 -47.76
N TYR B 68 -38.38 -20.49 -46.59
CA TYR B 68 -38.12 -19.75 -45.37
C TYR B 68 -37.27 -20.67 -44.50
N ASN B 69 -36.76 -21.75 -45.06
CA ASN B 69 -35.95 -22.65 -44.27
C ASN B 69 -34.66 -21.95 -44.08
N LEU B 70 -34.26 -21.89 -42.82
CA LEU B 70 -33.08 -21.15 -42.48
C LEU B 70 -31.83 -21.63 -43.17
N TRP B 71 -31.72 -22.93 -43.43
CA TRP B 71 -30.49 -23.34 -44.08
C TRP B 71 -30.45 -22.97 -45.55
N ARG B 72 -31.60 -23.06 -46.23
CA ARG B 72 -31.62 -22.81 -47.66
C ARG B 72 -31.96 -21.43 -48.23
N ILE B 73 -32.46 -20.48 -47.45
CA ILE B 73 -32.77 -19.18 -48.08
C ILE B 73 -31.49 -18.56 -48.63
N SER B 74 -31.60 -18.00 -49.84
CA SER B 74 -30.43 -17.42 -50.46
C SER B 74 -30.72 -16.34 -51.48
N ILE B 75 -29.99 -15.24 -51.39
CA ILE B 75 -30.13 -14.16 -52.34
C ILE B 75 -28.79 -14.09 -53.05
N ALA B 76 -28.81 -14.36 -54.36
CA ALA B 76 -27.59 -14.39 -55.17
C ALA B 76 -27.56 -13.21 -56.12
N PRO B 77 -26.35 -12.78 -56.50
CA PRO B 77 -26.07 -11.67 -57.42
C PRO B 77 -26.62 -11.82 -58.85
N PRO B 78 -26.49 -10.77 -59.69
CA PRO B 78 -27.05 -11.03 -61.00
C PRO B 78 -26.04 -11.79 -61.79
N ASP B 79 -26.51 -12.24 -62.95
CA ASP B 79 -25.71 -12.96 -63.93
C ASP B 79 -24.52 -12.07 -64.35
N LEU B 80 -23.55 -12.57 -65.12
CA LEU B 80 -22.44 -11.67 -65.46
C LEU B 80 -22.80 -10.73 -66.55
N SER B 81 -23.82 -11.11 -67.31
CA SER B 81 -24.28 -10.29 -68.42
C SER B 81 -24.59 -8.85 -68.00
N TYR B 82 -24.83 -8.61 -66.72
CA TYR B 82 -25.13 -7.24 -66.27
C TYR B 82 -23.89 -6.40 -66.02
N GLY B 83 -22.72 -7.03 -66.00
CA GLY B 83 -21.48 -6.33 -65.74
C GLY B 83 -21.63 -5.50 -64.48
N LEU B 84 -21.09 -4.27 -64.51
CA LEU B 84 -21.15 -3.36 -63.35
C LEU B 84 -22.40 -2.48 -63.32
N ARG B 85 -23.47 -2.88 -63.99
CA ARG B 85 -24.65 -2.02 -64.02
C ARG B 85 -25.56 -2.44 -62.91
N MET B 86 -26.55 -1.62 -62.63
CA MET B 86 -27.46 -2.00 -61.58
C MET B 86 -28.37 -2.94 -62.33
N ALA B 87 -28.65 -4.08 -61.74
CA ALA B 87 -29.47 -5.08 -62.38
C ALA B 87 -30.84 -5.00 -61.78
N PRO B 88 -31.87 -5.46 -62.50
CA PRO B 88 -33.22 -5.41 -61.94
C PRO B 88 -33.30 -6.05 -60.57
N LEU B 89 -34.14 -5.44 -59.74
CA LEU B 89 -34.38 -5.86 -58.36
C LEU B 89 -34.53 -7.36 -58.27
N THR B 90 -35.50 -7.89 -59.00
CA THR B 90 -35.79 -9.31 -59.00
C THR B 90 -34.83 -10.18 -59.82
N GLU B 91 -33.68 -9.65 -60.20
CA GLU B 91 -32.68 -10.41 -60.94
C GLU B 91 -31.25 -10.23 -60.38
N GLY B 92 -31.15 -10.08 -59.06
CA GLY B 92 -29.86 -9.89 -58.42
C GLY B 92 -29.67 -8.46 -57.95
N GLY B 93 -30.67 -7.62 -58.22
CA GLY B 93 -30.63 -6.23 -57.82
C GLY B 93 -30.70 -6.18 -56.31
N LEU B 94 -31.68 -6.92 -55.79
CA LEU B 94 -31.93 -7.04 -54.37
C LEU B 94 -30.62 -7.31 -53.64
N TRP B 95 -29.86 -8.26 -54.14
CA TRP B 95 -28.57 -8.65 -53.55
C TRP B 95 -27.62 -7.47 -53.53
N GLN B 96 -27.66 -6.67 -54.58
CA GLN B 96 -26.79 -5.49 -54.68
C GLN B 96 -27.11 -4.46 -53.62
N ILE B 97 -28.40 -4.22 -53.44
CA ILE B 97 -28.84 -3.23 -52.46
C ILE B 97 -28.51 -3.75 -51.08
N ILE B 98 -28.88 -4.99 -50.80
CA ILE B 98 -28.57 -5.58 -49.51
C ILE B 98 -27.09 -5.44 -49.24
N THR B 99 -26.27 -5.59 -50.28
CA THR B 99 -24.82 -5.47 -50.11
C THR B 99 -24.47 -4.05 -49.73
N ILE B 100 -25.05 -3.08 -50.42
CA ILE B 100 -24.76 -1.71 -50.08
C ILE B 100 -25.11 -1.46 -48.63
N CYS B 101 -26.23 -2.03 -48.21
CA CYS B 101 -26.59 -1.84 -46.83
C CYS B 101 -25.61 -2.49 -45.87
N ALA B 102 -25.16 -3.70 -46.16
CA ALA B 102 -24.21 -4.40 -45.28
C ALA B 102 -22.86 -3.69 -45.15
N ALA B 103 -22.37 -3.17 -46.26
CA ALA B 103 -21.09 -2.48 -46.28
C ALA B 103 -21.23 -1.22 -45.51
N GLY B 104 -22.31 -0.51 -45.75
CA GLY B 104 -22.55 0.74 -45.04
C GLY B 104 -22.73 0.56 -43.55
N ALA B 105 -23.36 -0.55 -43.17
CA ALA B 105 -23.62 -0.87 -41.76
C ALA B 105 -22.31 -1.21 -41.08
N PHE B 106 -21.43 -1.92 -41.78
CA PHE B 106 -20.17 -2.30 -41.17
C PHE B 106 -19.28 -1.06 -41.03
N ILE B 107 -19.23 -0.24 -42.06
CA ILE B 107 -18.42 0.96 -41.99
C ILE B 107 -18.99 1.90 -40.91
N SER B 108 -20.31 1.88 -40.73
CA SER B 108 -20.94 2.73 -39.72
C SER B 108 -20.57 2.24 -38.34
N TRP B 109 -20.63 0.93 -38.19
CA TRP B 109 -20.33 0.23 -36.98
C TRP B 109 -18.90 0.54 -36.54
N ALA B 110 -18.01 0.52 -37.53
CA ALA B 110 -16.62 0.81 -37.22
C ALA B 110 -16.49 2.24 -36.73
N LEU B 111 -17.10 3.17 -37.46
CA LEU B 111 -17.05 4.57 -37.06
C LEU B 111 -17.69 4.84 -35.68
N ARG B 112 -18.62 3.98 -35.28
CA ARG B 112 -19.28 4.14 -34.01
C ARG B 112 -18.38 3.60 -32.94
N GLU B 113 -17.52 2.65 -33.31
CA GLU B 113 -16.62 2.16 -32.29
C GLU B 113 -15.59 3.24 -32.11
N VAL B 114 -15.39 4.00 -33.18
CA VAL B 114 -14.42 5.10 -33.19
C VAL B 114 -14.88 6.22 -32.26
N GLU B 115 -16.16 6.58 -32.36
CA GLU B 115 -16.69 7.63 -31.49
C GLU B 115 -16.57 7.08 -30.04
N ILE B 116 -16.83 5.78 -29.86
CA ILE B 116 -16.74 5.15 -28.55
C ILE B 116 -15.30 5.15 -28.01
N CYS B 117 -14.29 5.06 -28.88
CA CYS B 117 -12.92 5.08 -28.37
C CYS B 117 -12.63 6.49 -27.95
N ARG B 118 -13.10 7.43 -28.75
CA ARG B 118 -12.87 8.83 -28.44
C ARG B 118 -13.50 9.22 -27.09
N LYS B 119 -14.62 8.60 -26.78
CA LYS B 119 -15.33 8.88 -25.56
C LYS B 119 -14.46 8.29 -24.48
N LEU B 120 -14.36 6.96 -24.40
CA LEU B 120 -13.55 6.33 -23.36
C LEU B 120 -12.07 6.65 -23.24
N GLY B 121 -11.46 7.31 -24.21
CA GLY B 121 -10.06 7.65 -24.08
C GLY B 121 -9.13 6.45 -24.17
N ILE B 122 -9.52 5.48 -24.97
CA ILE B 122 -8.75 4.26 -25.17
C ILE B 122 -8.22 4.26 -26.58
N GLY B 123 -7.30 3.35 -26.88
CA GLY B 123 -6.74 3.29 -28.23
C GLY B 123 -7.70 2.91 -29.34
N PHE B 124 -7.34 3.19 -30.57
CA PHE B 124 -8.32 2.83 -31.56
C PHE B 124 -7.99 1.49 -32.24
N HIS B 125 -7.39 0.59 -31.48
CA HIS B 125 -7.01 -0.69 -32.02
C HIS B 125 -8.20 -1.51 -32.47
N VAL B 126 -9.26 -1.57 -31.67
CA VAL B 126 -10.40 -2.35 -32.15
C VAL B 126 -11.03 -1.97 -33.48
N PRO B 127 -11.45 -0.71 -33.66
CA PRO B 127 -12.05 -0.46 -34.97
C PRO B 127 -11.09 -0.55 -36.18
N PHE B 128 -9.80 -0.46 -35.92
CA PHE B 128 -8.80 -0.54 -36.96
C PHE B 128 -8.81 -2.00 -37.31
N ALA B 129 -8.69 -2.84 -36.29
CA ALA B 129 -8.69 -4.29 -36.51
C ALA B 129 -9.97 -4.74 -37.23
N PHE B 130 -11.10 -4.17 -36.86
CA PHE B 130 -12.40 -4.47 -37.44
C PHE B 130 -12.29 -4.16 -38.91
N SER B 131 -11.66 -3.04 -39.20
CA SER B 131 -11.54 -2.65 -40.58
C SER B 131 -10.84 -3.66 -41.45
N PHE B 132 -10.22 -4.69 -40.89
CA PHE B 132 -9.60 -5.69 -41.73
C PHE B 132 -10.68 -6.64 -42.19
N ALA B 133 -11.66 -6.90 -41.37
CA ALA B 133 -12.75 -7.77 -41.75
C ALA B 133 -13.60 -7.02 -42.74
N ILE B 134 -13.67 -5.72 -42.56
CA ILE B 134 -14.46 -4.95 -43.50
C ILE B 134 -13.79 -4.94 -44.83
N GLY B 135 -12.47 -5.00 -44.80
CA GLY B 135 -11.70 -5.01 -46.04
C GLY B 135 -11.90 -6.33 -46.75
N ALA B 136 -11.84 -7.39 -45.96
CA ALA B 136 -12.03 -8.71 -46.49
C ALA B 136 -13.39 -8.81 -47.12
N TYR B 137 -14.39 -8.28 -46.45
CA TYR B 137 -15.75 -8.31 -46.99
C TYR B 137 -15.77 -7.55 -48.27
N LEU B 138 -15.10 -6.40 -48.34
CA LEU B 138 -15.16 -5.65 -49.59
C LEU B 138 -14.49 -6.37 -50.77
N VAL B 139 -13.35 -7.04 -50.57
CA VAL B 139 -12.80 -7.71 -51.72
C VAL B 139 -13.83 -8.77 -52.12
N LEU B 140 -14.42 -9.45 -51.16
CA LEU B 140 -15.42 -10.45 -51.53
C LEU B 140 -16.73 -9.94 -52.11
N VAL B 141 -16.91 -8.65 -52.35
CA VAL B 141 -18.20 -8.14 -52.87
C VAL B 141 -17.98 -6.90 -53.72
N PHE B 142 -16.83 -6.26 -53.56
CA PHE B 142 -16.59 -5.03 -54.30
C PHE B 142 -15.36 -5.05 -55.18
N VAL B 143 -14.19 -5.20 -54.59
CA VAL B 143 -12.96 -5.18 -55.36
C VAL B 143 -12.85 -6.27 -56.40
N ARG B 144 -12.82 -7.52 -55.97
CA ARG B 144 -12.71 -8.64 -56.91
C ARG B 144 -13.75 -8.61 -58.06
N PRO B 145 -15.06 -8.56 -57.73
CA PRO B 145 -16.03 -8.51 -58.83
C PRO B 145 -15.86 -7.32 -59.75
N LEU B 146 -15.20 -6.30 -59.26
CA LEU B 146 -14.96 -5.10 -60.05
C LEU B 146 -13.82 -5.37 -61.00
N LEU B 147 -12.68 -5.79 -60.47
CA LEU B 147 -11.55 -6.08 -61.32
C LEU B 147 -12.01 -7.06 -62.43
N MET B 148 -13.00 -7.89 -62.11
CA MET B 148 -13.61 -8.89 -63.00
C MET B 148 -14.80 -8.40 -63.84
N GLY B 149 -14.87 -7.10 -64.11
CA GLY B 149 -15.92 -6.47 -64.90
C GLY B 149 -17.40 -6.72 -64.60
N ALA B 150 -17.71 -7.29 -63.44
CA ALA B 150 -19.13 -7.55 -63.10
C ALA B 150 -19.35 -7.84 -61.60
N TRP B 151 -20.47 -7.32 -61.04
CA TRP B 151 -20.74 -7.51 -59.62
C TRP B 151 -21.16 -8.96 -59.34
N GLY B 152 -21.61 -9.68 -60.37
CA GLY B 152 -22.05 -11.05 -60.22
C GLY B 152 -20.97 -11.99 -59.67
N HIS B 153 -19.71 -11.56 -59.68
CA HIS B 153 -18.61 -12.38 -59.16
C HIS B 153 -18.62 -12.44 -57.59
N GLY B 154 -19.53 -11.69 -56.98
CA GLY B 154 -19.63 -11.67 -55.55
C GLY B 154 -20.37 -12.91 -55.10
N PHE B 155 -20.16 -13.28 -53.85
CA PHE B 155 -20.77 -14.45 -53.25
C PHE B 155 -22.21 -14.12 -52.84
N PRO B 156 -23.10 -15.11 -52.87
CA PRO B 156 -24.51 -14.92 -52.48
C PRO B 156 -24.70 -14.81 -50.97
N TYR B 157 -25.81 -14.23 -50.51
CA TYR B 157 -26.02 -14.12 -49.06
C TYR B 157 -27.02 -15.19 -48.69
N GLY B 158 -26.50 -16.34 -48.26
CA GLY B 158 -27.29 -17.48 -47.84
C GLY B 158 -26.41 -18.41 -47.03
N ILE B 159 -26.95 -18.99 -45.96
CA ILE B 159 -26.14 -19.87 -45.11
C ILE B 159 -25.39 -21.00 -45.83
N LEU B 160 -26.01 -21.76 -46.71
CA LEU B 160 -25.20 -22.79 -47.34
C LEU B 160 -24.85 -22.41 -48.79
N SER B 161 -25.66 -21.59 -49.43
CA SER B 161 -25.35 -21.21 -50.80
C SER B 161 -24.00 -20.50 -50.93
N HIS B 162 -23.63 -19.72 -49.92
CA HIS B 162 -22.35 -19.04 -49.99
C HIS B 162 -21.28 -20.11 -49.80
N LEU B 163 -21.63 -21.23 -49.17
CA LEU B 163 -20.65 -22.29 -48.99
C LEU B 163 -20.37 -23.00 -50.27
N ASP B 164 -21.41 -23.03 -51.10
CA ASP B 164 -21.39 -23.64 -52.41
C ASP B 164 -20.60 -22.77 -53.35
N TRP B 165 -20.65 -21.48 -53.08
CA TRP B 165 -20.00 -20.46 -53.88
C TRP B 165 -18.53 -20.60 -53.67
N VAL B 166 -18.18 -20.60 -52.40
CA VAL B 166 -16.79 -20.78 -52.04
C VAL B 166 -16.31 -22.07 -52.68
N SER B 167 -17.11 -23.13 -52.57
CA SER B 167 -16.69 -24.41 -53.12
C SER B 167 -16.39 -24.41 -54.62
N ASN B 168 -17.33 -23.98 -55.47
CA ASN B 168 -17.07 -23.97 -56.91
C ASN B 168 -16.04 -22.93 -57.39
N VAL B 169 -15.88 -21.83 -56.67
CA VAL B 169 -14.93 -20.82 -57.11
C VAL B 169 -13.59 -21.35 -56.76
N GLY B 170 -13.56 -22.03 -55.64
CA GLY B 170 -12.30 -22.57 -55.25
C GLY B 170 -11.94 -23.64 -56.21
N TYR B 171 -12.83 -24.58 -56.49
CA TYR B 171 -12.49 -25.65 -57.44
C TYR B 171 -12.27 -25.28 -58.91
N GLN B 172 -12.51 -24.02 -59.28
CA GLN B 172 -12.27 -23.62 -60.66
C GLN B 172 -10.77 -23.62 -60.92
N PHE B 173 -10.02 -23.55 -59.83
CA PHE B 173 -8.57 -23.55 -59.87
C PHE B 173 -7.97 -24.92 -59.58
N LEU B 174 -8.81 -25.94 -59.66
CA LEU B 174 -8.43 -27.36 -59.48
C LEU B 174 -8.02 -27.84 -58.10
N HIS B 175 -7.04 -27.22 -57.50
CA HIS B 175 -6.55 -27.65 -56.20
C HIS B 175 -6.23 -26.37 -55.49
N PHE B 176 -7.21 -25.71 -54.87
CA PHE B 176 -6.93 -24.42 -54.23
C PHE B 176 -5.88 -24.42 -53.11
N HIS B 177 -5.79 -25.54 -52.38
CA HIS B 177 -4.83 -25.69 -51.30
C HIS B 177 -3.44 -25.26 -51.68
N TYR B 178 -3.15 -25.29 -52.98
CA TYR B 178 -1.84 -24.94 -53.46
C TYR B 178 -1.68 -23.44 -53.64
N ASN B 179 -2.72 -22.67 -53.33
CA ASN B 179 -2.59 -21.24 -53.50
C ASN B 179 -1.62 -20.80 -52.46
N PRO B 180 -0.51 -20.17 -52.86
CA PRO B 180 0.40 -19.83 -51.77
C PRO B 180 -0.11 -18.80 -50.73
N ALA B 181 -0.89 -17.80 -51.14
CA ALA B 181 -1.42 -16.82 -50.20
C ALA B 181 -2.40 -17.63 -49.36
N HIS B 182 -3.08 -18.57 -49.95
CA HIS B 182 -4.00 -19.43 -49.20
C HIS B 182 -3.25 -20.20 -48.16
N MET B 183 -2.11 -20.76 -48.54
CA MET B 183 -1.35 -21.50 -47.55
C MET B 183 -0.97 -20.54 -46.41
N LEU B 184 -0.63 -19.29 -46.71
CA LEU B 184 -0.24 -18.36 -45.67
C LEU B 184 -1.36 -18.07 -44.74
N ALA B 185 -2.45 -17.63 -45.32
CA ALA B 185 -3.64 -17.28 -44.56
C ALA B 185 -4.04 -18.45 -43.69
N ILE B 186 -4.02 -19.66 -44.22
CA ILE B 186 -4.40 -20.78 -43.39
C ILE B 186 -3.46 -20.90 -42.22
N SER B 187 -2.16 -20.70 -42.47
CA SER B 187 -1.23 -20.81 -41.36
C SER B 187 -1.48 -19.78 -40.31
N PHE B 188 -1.84 -18.57 -40.71
CA PHE B 188 -2.11 -17.56 -39.71
C PHE B 188 -3.38 -17.94 -38.99
N PHE B 189 -4.48 -18.29 -39.65
CA PHE B 189 -5.67 -18.69 -38.92
C PHE B 189 -5.31 -19.78 -37.92
N PHE B 190 -4.45 -20.72 -38.31
CA PHE B 190 -4.13 -21.78 -37.38
C PHE B 190 -3.30 -21.27 -36.21
N THR B 191 -2.23 -20.55 -36.48
CA THR B 191 -1.36 -20.00 -35.45
C THR B 191 -2.16 -19.12 -34.53
N ASN B 192 -3.07 -18.36 -35.08
CA ASN B 192 -3.90 -17.53 -34.26
C ASN B 192 -4.57 -18.43 -33.31
N CYS B 193 -5.17 -19.50 -33.82
CA CYS B 193 -5.86 -20.43 -32.95
C CYS B 193 -4.92 -21.02 -31.86
N LEU B 194 -3.62 -21.14 -32.15
CA LEU B 194 -2.70 -21.68 -31.13
C LEU B 194 -2.40 -20.65 -30.06
N ALA B 195 -2.04 -19.44 -30.45
CA ALA B 195 -1.75 -18.43 -29.47
C ALA B 195 -2.95 -18.21 -28.63
N LEU B 196 -4.12 -18.08 -29.23
CA LEU B 196 -5.30 -17.88 -28.43
C LEU B 196 -5.42 -19.01 -27.42
N SER B 197 -5.28 -20.25 -27.86
CA SER B 197 -5.42 -21.30 -26.86
C SER B 197 -4.35 -21.28 -25.77
N MET B 198 -3.16 -20.85 -26.11
CA MET B 198 -2.09 -20.79 -25.13
C MET B 198 -2.27 -19.64 -24.12
N HIS B 199 -2.66 -18.46 -24.58
CA HIS B 199 -2.88 -17.28 -23.73
C HIS B 199 -4.00 -17.58 -22.78
N GLY B 200 -5.11 -18.03 -23.35
CA GLY B 200 -6.29 -18.42 -22.56
C GLY B 200 -5.78 -19.30 -21.43
N SER B 201 -5.25 -20.46 -21.82
CA SER B 201 -4.71 -21.41 -20.84
C SER B 201 -3.84 -20.74 -19.78
N LEU B 202 -2.88 -19.90 -20.17
CA LEU B 202 -1.98 -19.27 -19.18
C LEU B 202 -2.65 -18.41 -18.18
N ILE B 203 -3.48 -17.51 -18.65
CA ILE B 203 -4.15 -16.63 -17.72
C ILE B 203 -5.00 -17.49 -16.81
N LEU B 204 -5.83 -18.35 -17.36
CA LEU B 204 -6.62 -19.16 -16.47
C LEU B 204 -5.81 -20.11 -15.57
N SER B 205 -4.59 -20.46 -15.96
CA SER B 205 -3.78 -21.36 -15.15
C SER B 205 -3.10 -20.62 -13.99
N VAL B 206 -2.92 -19.30 -14.13
CA VAL B 206 -2.29 -18.53 -13.06
C VAL B 206 -3.22 -17.79 -12.09
N THR B 207 -4.28 -17.19 -12.62
CA THR B 207 -5.21 -16.47 -11.79
C THR B 207 -6.04 -17.44 -10.99
N ASN B 208 -5.97 -18.73 -11.34
CA ASN B 208 -6.71 -19.77 -10.62
C ASN B 208 -5.80 -20.96 -10.57
N PRO B 209 -5.00 -21.07 -9.50
CA PRO B 209 -4.07 -22.18 -9.37
C PRO B 209 -4.57 -23.32 -8.52
N GLN B 210 -3.71 -24.26 -8.18
CA GLN B 210 -4.19 -25.34 -7.36
C GLN B 210 -4.67 -24.77 -6.02
N LYS B 211 -5.65 -25.42 -5.39
CA LYS B 211 -6.19 -24.92 -4.10
C LYS B 211 -4.97 -24.92 -3.24
N GLY B 212 -4.79 -23.95 -2.38
CA GLY B 212 -3.57 -24.06 -1.60
C GLY B 212 -2.44 -23.26 -2.16
N GLU B 213 -2.70 -22.56 -3.23
CA GLU B 213 -1.65 -21.77 -3.82
C GLU B 213 -2.26 -20.39 -3.98
N PRO B 214 -1.44 -19.37 -4.02
CA PRO B 214 -1.97 -18.02 -4.16
C PRO B 214 -1.99 -17.54 -5.61
N VAL B 215 -2.72 -16.47 -6.01
CA VAL B 215 -2.71 -16.02 -7.43
C VAL B 215 -1.26 -15.99 -7.91
N LYS B 216 -0.98 -16.55 -9.08
CA LYS B 216 0.40 -16.59 -9.52
C LYS B 216 0.91 -15.25 -10.04
N THR B 217 2.16 -15.24 -10.47
CA THR B 217 2.82 -14.00 -10.87
C THR B 217 3.40 -13.92 -12.24
N SER B 218 3.87 -12.73 -12.56
CA SER B 218 4.46 -12.50 -13.85
C SER B 218 5.64 -13.40 -13.98
N GLU B 219 6.30 -13.62 -12.87
CA GLU B 219 7.44 -14.49 -12.89
C GLU B 219 7.03 -15.92 -13.24
N HIS B 220 5.88 -16.38 -12.72
CA HIS B 220 5.35 -17.71 -13.04
C HIS B 220 5.06 -17.85 -14.53
N GLU B 221 4.26 -16.90 -15.01
CA GLU B 221 3.90 -16.79 -16.40
C GLU B 221 5.12 -17.03 -17.26
N ASN B 222 6.14 -16.15 -17.14
CA ASN B 222 7.33 -16.33 -17.97
C ASN B 222 8.13 -17.60 -17.76
N THR B 223 8.18 -18.04 -16.53
CA THR B 223 8.93 -19.25 -16.20
C THR B 223 8.29 -20.50 -16.80
N PHE B 224 6.99 -20.47 -17.04
CA PHE B 224 6.38 -21.68 -17.55
C PHE B 224 6.60 -21.95 -19.01
N PHE B 225 6.24 -21.02 -19.87
CA PHE B 225 6.44 -21.18 -21.32
C PHE B 225 7.96 -21.22 -21.63
N ARG B 226 8.79 -20.73 -20.69
CA ARG B 226 10.23 -20.75 -20.91
C ARG B 226 10.67 -22.13 -20.50
N ASP B 227 9.99 -22.70 -19.51
CA ASP B 227 10.33 -24.06 -19.09
C ASP B 227 10.04 -25.04 -20.21
N ILE B 228 8.81 -25.00 -20.73
CA ILE B 228 8.38 -25.89 -21.82
C ILE B 228 9.08 -25.72 -23.18
N VAL B 229 9.09 -24.49 -23.68
CA VAL B 229 9.66 -24.28 -25.00
C VAL B 229 10.80 -23.27 -25.11
N GLY B 230 11.45 -22.97 -24.00
CA GLY B 230 12.59 -22.07 -23.99
C GLY B 230 12.39 -20.65 -24.44
N TYR B 231 11.20 -20.14 -24.21
CA TYR B 231 10.98 -18.77 -24.62
C TYR B 231 9.62 -18.31 -24.12
N SER B 232 9.50 -17.03 -23.87
CA SER B 232 8.23 -16.56 -23.47
C SER B 232 8.30 -15.22 -24.10
N ILE B 233 7.31 -14.94 -24.93
CA ILE B 233 7.28 -13.69 -25.66
C ILE B 233 6.83 -12.58 -24.68
N GLY B 234 6.24 -12.98 -23.55
CA GLY B 234 5.76 -12.04 -22.54
C GLY B 234 4.34 -11.50 -22.77
N ALA B 235 3.66 -11.22 -21.64
CA ALA B 235 2.27 -10.71 -21.52
C ALA B 235 1.80 -9.69 -22.53
N LEU B 236 2.45 -8.54 -22.55
CA LEU B 236 2.11 -7.48 -23.49
C LEU B 236 2.07 -8.09 -24.90
N ALA B 237 3.28 -8.45 -25.35
CA ALA B 237 3.51 -8.98 -26.70
C ALA B 237 2.58 -10.08 -27.09
N ILE B 238 2.17 -10.98 -26.22
CA ILE B 238 1.25 -12.01 -26.69
C ILE B 238 -0.06 -11.36 -27.13
N HIS B 239 -0.37 -10.21 -26.56
CA HIS B 239 -1.57 -9.51 -26.96
C HIS B 239 -1.24 -8.85 -28.25
N ARG B 240 0.03 -8.54 -28.42
CA ARG B 240 0.44 -7.94 -29.68
C ARG B 240 0.44 -8.96 -30.88
N LEU B 241 0.95 -10.16 -30.61
CA LEU B 241 1.10 -11.25 -31.55
C LEU B 241 -0.22 -11.70 -31.95
N GLY B 242 -1.05 -12.07 -31.00
CA GLY B 242 -2.38 -12.49 -31.35
C GLY B 242 -3.05 -11.50 -32.29
N LEU B 243 -2.84 -10.21 -32.08
CA LEU B 243 -3.50 -9.25 -32.94
C LEU B 243 -2.83 -9.35 -34.31
N PHE B 244 -1.55 -9.69 -34.32
CA PHE B 244 -0.84 -9.78 -35.58
C PHE B 244 -1.38 -10.97 -36.31
N LEU B 245 -1.44 -12.12 -35.64
CA LEU B 245 -1.92 -13.32 -36.27
C LEU B 245 -3.31 -13.13 -36.84
N ALA B 246 -4.28 -12.72 -36.04
CA ALA B 246 -5.62 -12.55 -36.58
C ALA B 246 -5.75 -11.51 -37.69
N LEU B 247 -5.09 -10.37 -37.52
CA LEU B 247 -5.29 -9.43 -38.60
C LEU B 247 -4.60 -9.94 -39.86
N SER B 248 -3.44 -10.55 -39.70
CA SER B 248 -2.76 -11.08 -40.86
C SER B 248 -3.56 -12.21 -41.51
N ALA B 249 -4.18 -13.06 -40.71
CA ALA B 249 -4.97 -14.13 -41.28
C ALA B 249 -6.02 -13.49 -42.18
N ALA B 250 -6.66 -12.45 -41.72
CA ALA B 250 -7.66 -11.85 -42.59
C ALA B 250 -7.01 -11.27 -43.79
N PHE B 251 -5.84 -10.69 -43.61
CA PHE B 251 -5.18 -10.07 -44.73
C PHE B 251 -4.88 -11.06 -45.81
N TRP B 252 -4.14 -12.09 -45.47
CA TRP B 252 -3.80 -13.06 -46.46
C TRP B 252 -5.03 -13.74 -46.98
N SER B 253 -6.16 -13.72 -46.28
CA SER B 253 -7.29 -14.34 -46.95
C SER B 253 -7.72 -13.41 -48.05
N ALA B 254 -7.73 -12.13 -47.73
CA ALA B 254 -8.15 -11.16 -48.72
C ALA B 254 -7.23 -11.17 -49.95
N VAL B 255 -5.94 -11.32 -49.74
CA VAL B 255 -5.09 -11.32 -50.90
C VAL B 255 -5.18 -12.68 -51.57
N CYS B 256 -5.29 -13.76 -50.81
CA CYS B 256 -5.34 -15.08 -51.44
C CYS B 256 -6.54 -15.13 -52.41
N ILE B 257 -7.68 -14.55 -52.04
CA ILE B 257 -8.82 -14.56 -52.98
C ILE B 257 -8.65 -13.45 -54.01
N LEU B 258 -8.00 -12.33 -53.70
CA LEU B 258 -7.87 -11.27 -54.70
C LEU B 258 -7.09 -11.79 -55.91
N ILE B 259 -6.09 -12.63 -55.69
CA ILE B 259 -5.31 -13.15 -56.82
C ILE B 259 -6.00 -14.29 -57.57
N SER B 260 -7.08 -14.85 -57.04
CA SER B 260 -7.78 -15.95 -57.69
C SER B 260 -8.82 -15.39 -58.65
N GLY B 261 -8.31 -15.17 -59.87
CA GLY B 261 -8.97 -14.63 -61.05
C GLY B 261 -8.01 -13.54 -61.44
N PRO B 262 -8.47 -12.30 -61.43
CA PRO B 262 -7.72 -11.09 -61.77
C PRO B 262 -6.21 -11.23 -61.92
N PHE B 263 -5.52 -11.89 -61.02
CA PHE B 263 -4.08 -11.94 -61.23
C PHE B 263 -3.57 -13.35 -61.54
N TRP B 264 -4.45 -14.34 -61.52
CA TRP B 264 -4.08 -15.72 -61.86
C TRP B 264 -5.31 -16.45 -62.37
N THR B 265 -5.26 -17.00 -63.59
CA THR B 265 -6.39 -17.67 -64.22
C THR B 265 -6.17 -19.18 -64.40
N ARG B 266 -4.92 -19.58 -64.40
CA ARG B 266 -4.58 -20.97 -64.56
C ARG B 266 -4.91 -21.73 -63.27
N GLY B 267 -4.69 -23.04 -63.22
CA GLY B 267 -4.94 -23.80 -61.99
C GLY B 267 -3.91 -23.29 -60.97
N TRP B 268 -4.09 -23.51 -59.67
CA TRP B 268 -3.08 -23.00 -58.74
C TRP B 268 -1.83 -23.85 -58.55
N PRO B 269 -1.93 -25.17 -58.57
CA PRO B 269 -0.67 -25.90 -58.36
C PRO B 269 0.38 -25.54 -59.39
N GLU B 270 -0.08 -25.22 -60.58
CA GLU B 270 0.77 -24.86 -61.72
C GLU B 270 1.60 -23.64 -61.31
N TRP B 271 1.09 -22.77 -60.45
CA TRP B 271 1.87 -21.63 -60.06
C TRP B 271 3.22 -22.06 -59.58
N TRP B 272 3.24 -23.14 -58.82
CA TRP B 272 4.50 -23.57 -58.25
C TRP B 272 5.53 -23.99 -59.25
N ASN B 273 5.18 -23.88 -60.51
CA ASN B 273 6.10 -24.24 -61.57
C ASN B 273 7.32 -23.38 -61.44
N TRP B 274 7.16 -22.07 -61.15
CA TRP B 274 8.38 -21.25 -61.04
C TRP B 274 9.46 -21.91 -60.17
N TRP B 275 9.02 -22.81 -59.28
CA TRP B 275 9.97 -23.51 -58.44
C TRP B 275 10.54 -24.80 -59.04
N LEU B 276 9.83 -25.48 -59.93
CA LEU B 276 10.45 -26.67 -60.44
C LEU B 276 11.27 -26.36 -61.62
N GLU B 277 11.20 -25.11 -62.06
CA GLU B 277 11.92 -24.80 -63.28
C GLU B 277 13.11 -23.87 -63.09
N LEU B 278 13.44 -23.53 -61.86
CA LEU B 278 14.59 -22.67 -61.70
C LEU B 278 15.81 -23.37 -62.30
N PRO B 279 16.80 -22.59 -62.75
CA PRO B 279 18.00 -23.20 -63.31
C PRO B 279 18.97 -23.68 -62.22
N LEU B 280 18.44 -24.48 -61.31
CA LEU B 280 19.22 -25.07 -60.25
C LEU B 280 18.99 -26.54 -60.43
N TRP B 281 17.86 -26.80 -61.05
CA TRP B 281 17.43 -28.13 -61.40
C TRP B 281 16.72 -28.00 -62.75
N PRO C 2 -1.63 11.34 -33.30
CA PRO C 2 -0.48 10.48 -32.98
C PRO C 2 -0.47 10.00 -31.48
N GLU C 3 0.13 8.83 -31.25
CA GLU C 3 0.30 8.13 -29.96
C GLU C 3 0.82 6.77 -30.23
N TYR C 4 1.78 6.36 -29.41
CA TYR C 4 2.38 5.04 -29.46
C TYR C 4 1.27 4.00 -29.44
N GLN C 5 1.47 2.93 -30.21
CA GLN C 5 0.51 1.82 -30.40
C GLN C 5 0.81 0.53 -29.66
N ASN C 6 2.01 0.47 -29.08
CA ASN C 6 2.54 -0.67 -28.30
C ASN C 6 2.71 -1.90 -29.21
N ILE C 7 3.22 -1.62 -30.39
CA ILE C 7 3.50 -2.62 -31.40
C ILE C 7 4.98 -2.91 -31.28
N PHE C 8 5.77 -1.86 -31.22
CA PHE C 8 7.20 -2.07 -31.12
C PHE C 8 7.81 -1.36 -29.90
N THR C 9 8.36 -2.18 -28.99
CA THR C 9 9.05 -1.64 -27.85
C THR C 9 9.96 -0.67 -28.49
N ALA C 10 9.80 0.61 -28.23
CA ALA C 10 10.66 1.56 -28.89
C ALA C 10 12.01 1.75 -28.17
N VAL C 11 12.07 1.41 -26.88
CA VAL C 11 13.29 1.54 -26.10
C VAL C 11 13.27 0.38 -25.10
N GLN C 12 14.25 -0.52 -25.18
CA GLN C 12 14.27 -1.67 -24.26
C GLN C 12 15.18 -1.58 -23.04
N VAL C 13 15.09 -2.57 -22.14
CA VAL C 13 15.93 -2.58 -20.95
C VAL C 13 16.29 -4.01 -20.58
N ARG C 14 17.47 -4.12 -20.02
CA ARG C 14 18.04 -5.40 -19.63
C ARG C 14 18.30 -5.51 -18.16
N ALA C 15 18.37 -6.75 -17.72
CA ALA C 15 18.67 -7.05 -16.34
C ALA C 15 19.29 -8.40 -16.58
N PRO C 16 20.05 -8.90 -15.60
CA PRO C 16 20.67 -10.22 -15.77
C PRO C 16 19.56 -11.24 -16.11
N ALA C 17 19.78 -12.18 -17.03
CA ALA C 17 18.69 -13.11 -17.30
C ALA C 17 18.11 -13.71 -16.03
N TYR C 18 16.86 -14.13 -16.10
CA TYR C 18 16.16 -14.71 -14.98
C TYR C 18 15.96 -16.19 -15.20
N PRO C 19 16.60 -17.01 -14.39
CA PRO C 19 16.51 -18.46 -14.49
C PRO C 19 15.11 -18.86 -14.01
N GLY C 20 14.32 -17.92 -13.50
CA GLY C 20 12.99 -18.32 -13.11
C GLY C 20 12.62 -18.75 -11.72
N VAL C 21 11.32 -18.93 -11.50
CA VAL C 21 10.87 -19.33 -10.20
C VAL C 21 11.44 -20.70 -9.94
N PRO C 22 11.78 -21.00 -8.70
CA PRO C 22 12.33 -22.30 -8.30
C PRO C 22 11.32 -23.45 -8.18
N LEU C 23 11.74 -24.55 -8.76
CA LEU C 23 10.97 -25.77 -8.76
C LEU C 23 11.38 -26.55 -7.55
N PRO C 24 10.47 -27.41 -7.05
CA PRO C 24 10.78 -28.20 -5.86
C PRO C 24 11.75 -29.30 -6.15
N LYS C 25 12.03 -30.14 -5.17
CA LYS C 25 13.01 -31.17 -5.40
C LYS C 25 12.31 -32.09 -6.38
N GLY C 26 13.07 -32.80 -7.20
CA GLY C 26 12.55 -33.74 -8.21
C GLY C 26 12.55 -33.12 -9.62
N ASN C 27 12.19 -31.86 -9.73
CA ASN C 27 12.20 -31.19 -11.02
C ASN C 27 13.68 -30.86 -11.19
N LEU C 28 14.36 -31.61 -12.04
CA LEU C 28 15.79 -31.49 -12.31
C LEU C 28 16.28 -30.07 -12.58
N PRO C 29 17.61 -29.84 -12.49
CA PRO C 29 18.13 -28.50 -12.79
C PRO C 29 17.61 -28.00 -14.14
N ARG C 30 18.03 -26.82 -14.54
CA ARG C 30 17.58 -26.28 -15.81
C ARG C 30 18.89 -26.23 -16.59
N ILE C 31 18.83 -26.27 -17.91
CA ILE C 31 20.07 -26.25 -18.68
C ILE C 31 20.16 -25.08 -19.59
N GLY C 32 21.33 -24.94 -20.23
CA GLY C 32 21.50 -23.83 -21.14
C GLY C 32 21.59 -22.50 -20.43
N ARG C 33 22.30 -21.57 -21.01
CA ARG C 33 22.40 -20.27 -20.38
C ARG C 33 22.10 -19.23 -21.43
N PRO C 34 21.11 -18.39 -21.12
CA PRO C 34 20.45 -17.28 -21.83
C PRO C 34 21.27 -16.34 -22.66
N ILE C 35 20.49 -15.70 -23.53
CA ILE C 35 20.91 -14.74 -24.51
C ILE C 35 19.75 -13.79 -24.83
N PHE C 36 20.07 -12.64 -25.42
CA PHE C 36 19.02 -11.68 -25.72
C PHE C 36 19.03 -11.31 -27.17
N SER C 37 17.86 -11.31 -27.81
CA SER C 37 17.82 -10.93 -29.21
C SER C 37 17.19 -9.55 -29.36
N TYR C 38 18.04 -8.54 -29.53
CA TYR C 38 17.56 -7.18 -29.69
C TYR C 38 16.30 -7.08 -30.55
N TRP C 39 16.14 -8.01 -31.50
CA TRP C 39 14.98 -7.90 -32.39
C TRP C 39 13.77 -8.57 -31.76
N LEU C 40 13.90 -9.71 -31.11
CA LEU C 40 12.71 -10.27 -30.48
C LEU C 40 12.28 -9.19 -29.54
N GLY C 41 13.28 -8.62 -28.89
CA GLY C 41 13.11 -7.54 -27.95
C GLY C 41 12.33 -6.37 -28.54
N LYS C 42 12.43 -6.23 -29.87
CA LYS C 42 11.73 -5.16 -30.56
C LYS C 42 10.22 -5.37 -30.43
N ILE C 43 9.86 -6.65 -30.35
CA ILE C 43 8.44 -7.02 -30.22
C ILE C 43 8.04 -7.84 -28.99
N GLY C 44 9.01 -8.35 -28.22
CA GLY C 44 8.71 -9.18 -27.04
C GLY C 44 9.85 -9.48 -26.06
N ASP C 45 9.58 -10.29 -25.05
CA ASP C 45 10.67 -10.63 -24.11
C ASP C 45 11.87 -11.11 -24.89
N ALA C 46 12.98 -10.40 -24.74
CA ALA C 46 14.24 -10.63 -25.43
C ALA C 46 15.04 -11.80 -24.92
N GLN C 47 14.60 -12.29 -23.78
CA GLN C 47 15.30 -13.39 -23.16
C GLN C 47 15.11 -14.68 -23.95
N ILE C 48 16.19 -15.37 -24.27
CA ILE C 48 15.97 -16.63 -24.92
C ILE C 48 16.44 -17.72 -23.93
N GLY C 49 15.47 -18.52 -23.48
CA GLY C 49 15.62 -19.57 -22.46
C GLY C 49 15.87 -19.08 -21.05
N PRO C 50 16.61 -19.88 -20.24
CA PRO C 50 16.87 -21.32 -20.16
C PRO C 50 15.64 -22.21 -20.32
N ILE C 51 15.91 -23.46 -20.66
CA ILE C 51 14.91 -24.51 -20.84
C ILE C 51 15.06 -25.66 -19.87
N TYR C 52 13.93 -26.31 -19.60
CA TYR C 52 13.91 -27.48 -18.73
C TYR C 52 13.76 -28.74 -19.56
N LEU C 53 14.53 -29.74 -19.15
CA LEU C 53 14.55 -31.03 -19.83
C LEU C 53 14.63 -32.17 -18.89
N GLY C 54 13.52 -32.84 -18.66
CA GLY C 54 13.57 -33.97 -17.77
C GLY C 54 13.66 -35.29 -18.48
N LEU C 55 13.21 -36.35 -17.81
CA LEU C 55 13.21 -37.67 -18.42
C LEU C 55 12.20 -37.49 -19.50
N THR C 56 10.98 -37.09 -19.13
CA THR C 56 9.90 -36.86 -20.08
C THR C 56 10.39 -36.11 -21.31
N GLY C 57 10.74 -34.83 -21.10
CA GLY C 57 11.22 -33.97 -22.17
C GLY C 57 12.32 -34.52 -23.04
N THR C 58 13.28 -35.22 -22.44
CA THR C 58 14.37 -35.75 -23.24
C THR C 58 13.85 -36.93 -24.04
N LEU C 59 13.06 -37.79 -23.42
CA LEU C 59 12.48 -38.94 -24.11
C LEU C 59 11.50 -38.59 -25.24
N SER C 60 11.07 -37.35 -25.21
CA SER C 60 10.12 -36.85 -26.18
C SER C 60 10.88 -36.22 -27.30
N ILE C 61 11.97 -35.55 -26.96
CA ILE C 61 12.80 -34.91 -27.98
C ILE C 61 13.35 -36.07 -28.81
N PHE C 62 13.77 -37.09 -28.08
CA PHE C 62 14.28 -38.31 -28.66
C PHE C 62 13.22 -38.88 -29.66
N PHE C 63 12.08 -39.44 -29.18
CA PHE C 63 11.07 -39.94 -30.13
C PHE C 63 10.71 -39.04 -31.32
N GLY C 64 10.51 -37.76 -31.03
CA GLY C 64 10.16 -36.80 -32.06
C GLY C 64 11.16 -36.61 -33.20
N LEU C 65 12.43 -36.63 -32.83
CA LEU C 65 13.48 -36.46 -33.82
C LEU C 65 13.63 -37.76 -34.63
N VAL C 66 13.34 -38.91 -33.99
CA VAL C 66 13.39 -40.20 -34.68
C VAL C 66 12.36 -40.10 -35.80
N ALA C 67 11.13 -39.74 -35.41
CA ALA C 67 10.03 -39.62 -36.38
C ALA C 67 10.37 -38.64 -37.53
N ILE C 68 10.99 -37.51 -37.19
CA ILE C 68 11.36 -36.54 -38.22
C ILE C 68 12.41 -37.12 -39.17
N SER C 69 13.27 -37.99 -38.64
CA SER C 69 14.29 -38.60 -39.46
C SER C 69 13.66 -39.61 -40.41
N ILE C 70 12.78 -40.49 -39.94
CA ILE C 70 12.18 -41.43 -40.87
C ILE C 70 11.47 -40.71 -42.02
N ILE C 71 10.75 -39.65 -41.69
CA ILE C 71 10.05 -38.93 -42.75
C ILE C 71 11.05 -38.34 -43.75
N GLY C 72 12.07 -37.66 -43.23
CA GLY C 72 13.06 -37.03 -44.10
C GLY C 72 13.88 -37.94 -44.95
N PHE C 73 14.50 -38.93 -44.31
CA PHE C 73 15.32 -39.90 -45.00
C PHE C 73 14.54 -40.54 -46.13
N ASN C 74 13.28 -40.88 -45.81
CA ASN C 74 12.40 -41.46 -46.81
C ASN C 74 12.25 -40.47 -47.97
N MET C 75 12.06 -39.18 -47.68
CA MET C 75 11.93 -38.22 -48.79
C MET C 75 13.20 -38.11 -49.64
N LEU C 76 14.38 -38.27 -49.04
CA LEU C 76 15.60 -38.17 -49.84
C LEU C 76 15.70 -39.41 -50.68
N ALA C 77 15.24 -40.52 -50.11
CA ALA C 77 15.30 -41.80 -50.79
C ALA C 77 14.38 -41.78 -52.00
N SER C 78 13.25 -41.10 -51.86
CA SER C 78 12.32 -41.07 -52.94
C SER C 78 12.81 -40.29 -54.16
N VAL C 79 13.82 -39.42 -54.03
CA VAL C 79 14.34 -38.70 -55.21
C VAL C 79 15.71 -39.25 -55.52
N HIS C 80 16.01 -40.41 -54.96
CA HIS C 80 17.28 -41.11 -55.19
C HIS C 80 18.55 -40.64 -54.52
N TRP C 81 18.41 -39.89 -53.44
CA TRP C 81 19.53 -39.38 -52.65
C TRP C 81 20.13 -38.22 -53.43
N ASP C 82 19.37 -37.67 -54.38
CA ASP C 82 19.92 -36.54 -55.09
C ASP C 82 19.34 -35.40 -54.24
N VAL C 83 20.19 -34.81 -53.39
CA VAL C 83 19.74 -33.75 -52.47
C VAL C 83 19.31 -32.48 -53.14
N PHE C 84 19.63 -32.41 -54.42
CA PHE C 84 19.30 -31.27 -55.23
C PHE C 84 17.88 -31.47 -55.61
N GLN C 85 17.59 -32.68 -56.04
CA GLN C 85 16.25 -33.06 -56.45
C GLN C 85 15.33 -33.00 -55.23
N PHE C 86 15.87 -33.41 -54.08
CA PHE C 86 15.16 -33.41 -52.80
C PHE C 86 14.75 -31.97 -52.49
N LEU C 87 15.69 -31.06 -52.73
CA LEU C 87 15.45 -29.66 -52.50
C LEU C 87 14.39 -29.17 -53.51
N LYS C 88 14.51 -29.63 -54.76
CA LYS C 88 13.57 -29.24 -55.80
C LYS C 88 12.12 -29.65 -55.62
N HIS C 89 11.91 -30.88 -55.19
CA HIS C 89 10.55 -31.42 -55.05
C HIS C 89 10.05 -31.54 -53.61
N PHE C 90 10.89 -31.10 -52.66
CA PHE C 90 10.57 -31.16 -51.22
C PHE C 90 9.09 -30.91 -50.84
N PHE C 91 8.52 -29.88 -51.43
CA PHE C 91 7.15 -29.52 -51.13
C PHE C 91 6.24 -30.69 -51.54
N TRP C 92 6.65 -31.35 -52.65
CA TRP C 92 5.91 -32.47 -53.21
C TRP C 92 6.35 -33.85 -52.68
N LEU C 93 7.43 -33.88 -51.90
CA LEU C 93 7.96 -35.14 -51.38
C LEU C 93 7.05 -35.54 -50.24
N GLY C 94 7.14 -36.78 -49.79
CA GLY C 94 6.30 -37.25 -48.71
C GLY C 94 6.49 -38.71 -48.36
N LEU C 95 5.94 -39.20 -47.26
CA LEU C 95 6.05 -40.62 -46.90
C LEU C 95 4.62 -41.18 -46.88
N GLU C 96 4.24 -41.89 -47.93
CA GLU C 96 2.88 -42.39 -48.00
C GLU C 96 2.66 -43.52 -46.98
N PRO C 97 1.39 -43.77 -46.62
CA PRO C 97 1.02 -44.81 -45.65
C PRO C 97 0.94 -46.22 -46.21
N PRO C 98 0.95 -47.24 -45.33
CA PRO C 98 0.85 -48.64 -45.80
C PRO C 98 -0.25 -48.73 -46.84
N PRO C 99 -0.11 -49.59 -47.85
CA PRO C 99 -1.23 -49.62 -48.80
C PRO C 99 -2.38 -50.41 -48.20
N PRO C 100 -3.62 -50.22 -48.68
CA PRO C 100 -4.78 -50.95 -48.12
C PRO C 100 -4.66 -52.46 -48.14
N GLN C 101 -3.96 -53.02 -49.12
CA GLN C 101 -3.79 -54.47 -49.21
C GLN C 101 -3.35 -55.03 -47.81
N TYR C 102 -2.65 -54.20 -47.05
CA TYR C 102 -2.14 -54.58 -45.73
C TYR C 102 -3.09 -54.38 -44.52
N GLY C 103 -4.18 -53.63 -44.69
CA GLY C 103 -5.09 -53.38 -43.57
C GLY C 103 -4.44 -52.70 -42.39
N LEU C 104 -4.42 -53.33 -41.22
CA LEU C 104 -3.78 -52.71 -40.05
C LEU C 104 -2.52 -53.46 -39.54
N ARG C 105 -2.09 -54.43 -40.32
CA ARG C 105 -0.90 -55.26 -40.14
C ARG C 105 0.33 -54.37 -40.18
N ILE C 106 1.45 -54.83 -39.64
CA ILE C 106 2.67 -54.02 -39.66
C ILE C 106 3.28 -54.39 -40.98
N PRO C 107 3.38 -53.42 -41.93
CA PRO C 107 3.91 -53.70 -43.28
C PRO C 107 5.44 -53.65 -43.48
N PRO C 108 5.93 -54.21 -44.60
CA PRO C 108 7.37 -54.22 -44.89
C PRO C 108 7.95 -52.83 -44.97
N LEU C 109 9.25 -52.68 -44.65
CA LEU C 109 9.92 -51.39 -44.69
C LEU C 109 9.58 -50.60 -45.94
N SER C 110 9.83 -51.24 -47.08
CA SER C 110 9.61 -50.58 -48.36
C SER C 110 8.17 -50.28 -48.75
N GLU C 111 7.20 -50.75 -47.99
CA GLU C 111 5.81 -50.46 -48.30
C GLU C 111 5.01 -49.74 -47.21
N GLY C 112 5.57 -48.74 -46.52
CA GLY C 112 4.73 -48.13 -45.51
C GLY C 112 5.17 -48.37 -44.09
N GLY C 113 5.93 -49.43 -43.83
CA GLY C 113 6.37 -49.69 -42.47
C GLY C 113 7.09 -48.49 -41.83
N TRP C 114 7.74 -47.65 -42.64
CA TRP C 114 8.44 -46.46 -42.14
C TRP C 114 7.37 -45.47 -41.65
N TRP C 115 6.26 -45.37 -42.39
CA TRP C 115 5.17 -44.47 -41.97
C TRP C 115 4.64 -44.93 -40.62
N LEU C 116 4.35 -46.23 -40.47
CA LEU C 116 3.86 -46.72 -39.19
C LEU C 116 4.87 -46.47 -38.07
N MET C 117 6.15 -46.45 -38.38
CA MET C 117 7.13 -46.22 -37.33
C MET C 117 7.23 -44.76 -36.98
N ALA C 118 7.06 -43.92 -37.99
CA ALA C 118 7.10 -42.47 -37.79
C ALA C 118 5.83 -41.99 -37.11
N GLY C 119 4.74 -42.70 -37.38
CA GLY C 119 3.43 -42.40 -36.82
C GLY C 119 3.49 -42.82 -35.39
N LEU C 120 4.04 -44.01 -35.15
CA LEU C 120 4.15 -44.53 -33.81
C LEU C 120 4.94 -43.60 -32.87
N PHE C 121 6.15 -43.28 -33.33
CA PHE C 121 7.08 -42.46 -32.59
C PHE C 121 6.61 -41.01 -32.49
N LEU C 122 5.96 -40.49 -33.54
CA LEU C 122 5.45 -39.14 -33.48
C LEU C 122 4.41 -39.07 -32.40
N THR C 123 3.35 -39.88 -32.51
CA THR C 123 2.34 -39.84 -31.46
C THR C 123 2.89 -39.96 -30.02
N LEU C 124 3.77 -40.94 -29.80
CA LEU C 124 4.37 -41.13 -28.47
C LEU C 124 5.08 -39.85 -28.01
N SER C 125 5.80 -39.21 -28.93
CA SER C 125 6.54 -37.99 -28.63
C SER C 125 5.60 -36.82 -28.36
N ILE C 126 4.44 -36.84 -29.02
CA ILE C 126 3.50 -35.75 -28.81
C ILE C 126 2.90 -35.94 -27.39
N LEU C 127 2.30 -37.11 -27.13
CA LEU C 127 1.76 -37.41 -25.79
C LEU C 127 2.80 -37.31 -24.66
N LEU C 128 4.08 -37.29 -25.02
CA LEU C 128 5.10 -37.19 -23.98
C LEU C 128 5.28 -35.73 -23.79
N TRP C 129 5.12 -34.97 -24.87
CA TRP C 129 5.23 -33.53 -24.70
C TRP C 129 4.04 -33.09 -23.87
N TRP C 130 2.93 -33.82 -23.97
CA TRP C 130 1.75 -33.50 -23.17
C TRP C 130 2.13 -33.59 -21.68
N VAL C 131 2.49 -34.82 -21.28
CA VAL C 131 2.93 -35.07 -19.89
C VAL C 131 3.94 -34.00 -19.47
N ARG C 132 4.90 -33.70 -20.33
CA ARG C 132 5.89 -32.67 -20.06
C ARG C 132 5.15 -31.41 -19.65
N THR C 133 4.28 -30.89 -20.50
CA THR C 133 3.61 -29.65 -20.10
C THR C 133 2.75 -29.71 -18.84
N TYR C 134 2.45 -30.91 -18.35
CA TYR C 134 1.64 -31.01 -17.14
C TYR C 134 2.57 -30.95 -15.97
N LYS C 135 3.72 -31.59 -16.13
CA LYS C 135 4.74 -31.59 -15.09
C LYS C 135 5.13 -30.11 -14.99
N ARG C 136 5.67 -29.54 -16.05
CA ARG C 136 6.08 -28.14 -16.06
C ARG C 136 5.05 -27.19 -15.51
N ALA C 137 3.78 -27.62 -15.51
CA ALA C 137 2.65 -26.79 -15.04
C ALA C 137 2.31 -27.01 -13.60
N GLU C 138 2.82 -28.12 -13.05
CA GLU C 138 2.57 -28.48 -11.65
C GLU C 138 3.61 -27.93 -10.72
N ALA C 139 4.87 -27.98 -11.15
CA ALA C 139 6.00 -27.48 -10.39
C ALA C 139 5.75 -26.03 -10.04
N LEU C 140 4.83 -25.41 -10.76
CA LEU C 140 4.59 -24.03 -10.46
C LEU C 140 3.29 -23.82 -9.71
N GLY C 141 2.69 -24.91 -9.21
CA GLY C 141 1.46 -24.78 -8.44
C GLY C 141 0.21 -24.41 -9.21
N MET C 142 0.40 -24.02 -10.49
CA MET C 142 -0.65 -23.63 -11.47
C MET C 142 -1.69 -24.69 -11.82
N SER C 143 -2.58 -24.34 -12.73
CA SER C 143 -3.57 -25.33 -13.11
C SER C 143 -3.27 -25.91 -14.53
N GLN C 144 -3.99 -26.97 -14.86
CA GLN C 144 -3.84 -27.72 -16.10
C GLN C 144 -4.68 -27.30 -17.32
N HIS C 145 -4.86 -25.99 -17.49
CA HIS C 145 -5.66 -25.45 -18.59
C HIS C 145 -5.06 -25.68 -19.98
N LEU C 146 -3.72 -25.69 -19.99
CA LEU C 146 -2.98 -25.89 -21.20
C LEU C 146 -3.23 -27.34 -21.48
N SER C 147 -2.80 -28.17 -20.56
CA SER C 147 -2.95 -29.57 -20.71
C SER C 147 -4.36 -30.03 -21.08
N TRP C 148 -5.37 -29.24 -20.78
CA TRP C 148 -6.69 -29.72 -21.17
C TRP C 148 -6.88 -29.26 -22.63
N ALA C 149 -6.17 -28.22 -23.04
CA ALA C 149 -6.35 -27.83 -24.45
C ALA C 149 -5.52 -28.68 -25.34
N PHE C 150 -4.26 -28.86 -24.96
CA PHE C 150 -3.33 -29.69 -25.71
C PHE C 150 -4.05 -31.02 -25.82
N ALA C 151 -4.62 -31.51 -24.71
CA ALA C 151 -5.33 -32.77 -24.82
C ALA C 151 -6.44 -32.70 -25.87
N ALA C 152 -6.96 -31.51 -26.15
CA ALA C 152 -8.02 -31.45 -27.17
C ALA C 152 -7.41 -31.53 -28.60
N ALA C 153 -6.28 -30.85 -28.75
CA ALA C 153 -5.64 -30.85 -30.04
C ALA C 153 -5.04 -32.25 -30.34
N ILE C 154 -4.55 -32.92 -29.30
CA ILE C 154 -4.00 -34.27 -29.43
C ILE C 154 -5.21 -35.07 -29.85
N PHE C 155 -6.33 -34.88 -29.17
CA PHE C 155 -7.52 -35.60 -29.61
C PHE C 155 -7.83 -35.59 -31.08
N PHE C 156 -7.70 -34.42 -31.68
CA PHE C 156 -7.98 -34.29 -33.11
C PHE C 156 -6.93 -35.06 -33.87
N TYR C 157 -5.66 -34.87 -33.52
CA TYR C 157 -4.55 -35.56 -34.18
C TYR C 157 -4.80 -37.07 -34.17
N LEU C 158 -5.00 -37.60 -32.98
CA LEU C 158 -5.27 -39.01 -32.83
C LEU C 158 -6.48 -39.40 -33.69
N VAL C 159 -7.48 -38.51 -33.77
CA VAL C 159 -8.67 -38.84 -34.57
C VAL C 159 -8.30 -38.95 -36.05
N LEU C 160 -7.44 -38.06 -36.50
CA LEU C 160 -7.03 -38.05 -37.88
C LEU C 160 -6.20 -39.28 -38.32
N GLY C 161 -5.06 -39.45 -37.68
CA GLY C 161 -4.18 -40.52 -38.07
C GLY C 161 -4.24 -41.85 -37.35
N PHE C 162 -4.99 -41.95 -36.28
CA PHE C 162 -5.01 -43.22 -35.56
C PHE C 162 -6.36 -43.81 -35.25
N ILE C 163 -7.26 -42.99 -34.70
CA ILE C 163 -8.56 -43.52 -34.34
C ILE C 163 -9.39 -43.90 -35.56
N ARG C 164 -9.57 -42.98 -36.52
CA ARG C 164 -10.36 -43.28 -37.72
C ARG C 164 -9.79 -44.40 -38.56
N PRO C 165 -8.46 -44.40 -38.78
CA PRO C 165 -7.89 -45.50 -39.56
C PRO C 165 -8.22 -46.85 -38.93
N VAL C 166 -7.89 -47.02 -37.66
CA VAL C 166 -8.18 -48.26 -36.98
C VAL C 166 -9.68 -48.58 -37.10
N MET C 167 -10.57 -47.64 -36.80
CA MET C 167 -12.00 -47.93 -36.89
C MET C 167 -12.37 -48.38 -38.31
N MET C 168 -11.78 -47.72 -39.29
CA MET C 168 -12.03 -48.02 -40.71
C MET C 168 -11.21 -49.25 -41.21
N GLY C 169 -10.37 -49.80 -40.31
CA GLY C 169 -9.53 -50.96 -40.59
C GLY C 169 -8.52 -50.80 -41.70
N SER C 170 -7.83 -49.66 -41.71
CA SER C 170 -6.88 -49.39 -42.78
C SER C 170 -5.88 -48.27 -42.55
N TRP C 171 -4.61 -48.57 -42.23
CA TRP C 171 -3.65 -47.48 -42.06
C TRP C 171 -3.58 -46.53 -43.26
N ALA C 172 -4.02 -46.96 -44.44
CA ALA C 172 -3.97 -46.07 -45.59
C ALA C 172 -4.90 -44.86 -45.43
N LYS C 173 -5.77 -44.89 -44.42
CA LYS C 173 -6.71 -43.77 -44.22
C LYS C 173 -6.17 -42.66 -43.33
N ALA C 174 -5.02 -42.91 -42.73
CA ALA C 174 -4.38 -41.92 -41.90
C ALA C 174 -3.76 -40.91 -42.86
N VAL C 175 -3.31 -39.78 -42.38
CA VAL C 175 -2.72 -38.75 -43.23
C VAL C 175 -1.21 -38.98 -43.44
N PRO C 176 -0.75 -38.77 -44.66
CA PRO C 176 0.64 -38.91 -45.10
C PRO C 176 1.48 -37.68 -44.78
N PHE C 177 2.76 -37.89 -44.49
CA PHE C 177 3.64 -36.79 -44.17
C PHE C 177 4.29 -36.04 -45.32
N GLY C 178 3.71 -34.92 -45.71
CA GLY C 178 4.25 -34.12 -46.80
C GLY C 178 3.40 -32.87 -46.75
N ILE C 179 3.94 -31.78 -47.25
CA ILE C 179 3.23 -30.52 -47.23
C ILE C 179 2.05 -30.62 -48.24
N PHE C 180 2.42 -30.65 -49.52
CA PHE C 180 1.47 -30.77 -50.59
C PHE C 180 0.79 -32.13 -50.52
N PRO C 181 1.54 -33.20 -50.19
CA PRO C 181 0.81 -34.47 -50.08
C PRO C 181 -0.36 -34.44 -49.07
N HIS C 182 -0.11 -33.85 -47.90
CA HIS C 182 -1.11 -33.74 -46.84
C HIS C 182 -2.18 -32.72 -47.22
N LEU C 183 -1.91 -31.95 -48.29
CA LEU C 183 -2.92 -31.01 -48.72
C LEU C 183 -3.85 -31.86 -49.56
N ASP C 184 -3.24 -32.68 -50.38
CA ASP C 184 -4.01 -33.57 -51.20
C ASP C 184 -4.82 -34.52 -50.31
N TRP C 185 -4.28 -34.99 -49.19
CA TRP C 185 -5.05 -35.91 -48.36
C TRP C 185 -6.28 -35.19 -47.88
N THR C 186 -6.12 -33.91 -47.56
CA THR C 186 -7.30 -33.16 -47.09
C THR C 186 -8.41 -33.05 -48.17
N ALA C 187 -7.99 -32.69 -49.37
CA ALA C 187 -8.95 -32.52 -50.45
C ALA C 187 -9.61 -33.81 -50.85
N ALA C 188 -8.79 -34.83 -51.03
CA ALA C 188 -9.28 -36.15 -51.40
C ALA C 188 -10.25 -36.58 -50.34
N PHE C 189 -9.91 -36.27 -49.07
CA PHE C 189 -10.77 -36.65 -47.94
C PHE C 189 -12.16 -36.08 -48.08
N SER C 190 -12.22 -34.81 -48.44
CA SER C 190 -13.54 -34.20 -48.58
C SER C 190 -14.30 -34.79 -49.75
N ILE C 191 -13.59 -34.99 -50.87
CA ILE C 191 -14.21 -35.54 -52.08
C ILE C 191 -14.76 -36.93 -51.83
N ARG C 192 -13.95 -37.82 -51.27
CA ARG C 192 -14.37 -39.19 -50.97
C ARG C 192 -15.66 -39.31 -50.16
N TYR C 193 -15.85 -38.40 -49.21
CA TYR C 193 -17.02 -38.44 -48.33
C TYR C 193 -18.14 -37.44 -48.65
N GLY C 194 -18.30 -37.14 -49.93
CA GLY C 194 -19.37 -36.27 -50.37
C GLY C 194 -19.48 -34.80 -50.00
N ASN C 195 -18.36 -34.07 -50.05
CA ASN C 195 -18.26 -32.62 -49.79
C ASN C 195 -18.35 -32.43 -48.31
N LEU C 196 -17.23 -32.15 -47.67
CA LEU C 196 -17.23 -31.98 -46.23
C LEU C 196 -17.93 -30.72 -45.75
N TYR C 197 -18.31 -29.83 -46.66
CA TYR C 197 -19.02 -28.60 -46.26
C TYR C 197 -20.38 -28.85 -45.64
N TYR C 198 -21.04 -29.92 -46.03
CA TYR C 198 -22.36 -30.19 -45.48
C TYR C 198 -22.25 -31.08 -44.26
N ASN C 199 -21.05 -31.20 -43.75
CA ASN C 199 -20.83 -31.97 -42.55
C ASN C 199 -20.94 -30.92 -41.42
N PRO C 200 -21.99 -31.00 -40.58
CA PRO C 200 -22.21 -29.93 -39.58
C PRO C 200 -21.03 -29.70 -38.66
N PHE C 201 -20.38 -30.76 -38.24
CA PHE C 201 -19.28 -30.64 -37.30
C PHE C 201 -18.14 -29.86 -37.88
N HIS C 202 -17.93 -29.99 -39.17
CA HIS C 202 -16.88 -29.25 -39.78
C HIS C 202 -17.34 -27.81 -39.98
N MET C 203 -18.65 -27.56 -39.91
CA MET C 203 -19.05 -26.17 -40.04
C MET C 203 -18.80 -25.43 -38.76
N LEU C 204 -19.10 -26.11 -37.64
CA LEU C 204 -18.91 -25.57 -36.28
C LEU C 204 -17.45 -25.37 -36.01
N SER C 205 -16.63 -26.34 -36.40
CA SER C 205 -15.21 -26.22 -36.20
C SER C 205 -14.76 -25.00 -37.04
N ILE C 206 -15.36 -24.80 -38.21
CA ILE C 206 -14.97 -23.64 -39.01
C ILE C 206 -15.43 -22.34 -38.31
N ALA C 207 -16.53 -22.41 -37.56
CA ALA C 207 -17.09 -21.24 -36.82
C ALA C 207 -16.25 -20.87 -35.63
N PHE C 208 -15.61 -21.89 -35.08
CA PHE C 208 -14.71 -21.81 -33.96
C PHE C 208 -13.29 -21.39 -34.35
N LEU C 209 -12.93 -21.62 -35.61
CA LEU C 209 -11.61 -21.23 -36.08
C LEU C 209 -11.70 -19.75 -36.45
N TYR C 210 -12.84 -19.42 -37.04
CA TYR C 210 -13.07 -18.04 -37.40
C TYR C 210 -13.17 -17.37 -36.10
N GLY C 211 -13.84 -18.02 -35.17
CA GLY C 211 -13.99 -17.42 -33.85
C GLY C 211 -12.70 -17.26 -33.06
N SER C 212 -11.70 -18.11 -33.26
CA SER C 212 -10.46 -17.93 -32.53
C SER C 212 -9.81 -16.75 -33.10
N ALA C 213 -10.18 -16.45 -34.34
CA ALA C 213 -9.54 -15.30 -34.95
C ALA C 213 -10.27 -14.06 -34.55
N LEU C 214 -11.57 -14.18 -34.42
CA LEU C 214 -12.30 -13.03 -33.98
C LEU C 214 -11.97 -12.67 -32.53
N LEU C 215 -12.02 -13.65 -31.65
CA LEU C 215 -11.76 -13.38 -30.27
C LEU C 215 -10.35 -12.88 -30.09
N PHE C 216 -9.32 -13.59 -30.58
CA PHE C 216 -7.97 -13.04 -30.35
C PHE C 216 -7.82 -11.68 -31.00
N ALA C 217 -8.48 -11.45 -32.14
CA ALA C 217 -8.33 -10.12 -32.71
C ALA C 217 -8.93 -9.05 -31.85
N MET C 218 -10.14 -9.30 -31.36
CA MET C 218 -10.85 -8.35 -30.49
C MET C 218 -10.16 -8.09 -29.15
N HIS C 219 -9.90 -9.18 -28.44
CA HIS C 219 -9.27 -9.10 -27.15
C HIS C 219 -7.91 -8.46 -27.26
N GLY C 220 -7.12 -8.86 -28.24
CA GLY C 220 -5.79 -8.34 -28.43
C GLY C 220 -5.86 -6.87 -28.73
N ALA C 221 -6.79 -6.48 -29.58
CA ALA C 221 -6.93 -5.07 -29.93
C ALA C 221 -7.33 -4.26 -28.73
N THR C 222 -8.21 -4.84 -27.92
CA THR C 222 -8.70 -4.24 -26.69
C THR C 222 -7.51 -4.00 -25.73
N ILE C 223 -6.83 -5.08 -25.37
CA ILE C 223 -5.71 -5.01 -24.47
C ILE C 223 -4.63 -4.08 -24.94
N LEU C 224 -4.49 -3.90 -26.22
CA LEU C 224 -3.45 -2.98 -26.62
C LEU C 224 -4.06 -1.59 -26.39
N SER C 225 -5.36 -1.45 -26.66
CA SER C 225 -6.00 -0.15 -26.51
C SER C 225 -6.10 0.33 -25.09
N VAL C 226 -5.82 -0.58 -24.17
CA VAL C 226 -5.89 -0.23 -22.76
C VAL C 226 -4.49 -0.55 -22.23
N SER C 227 -3.52 -0.63 -23.14
CA SER C 227 -2.12 -0.92 -22.79
C SER C 227 -1.46 0.29 -22.17
N ARG C 228 -2.19 1.41 -22.24
CA ARG C 228 -1.79 2.70 -21.67
C ARG C 228 -2.17 2.70 -20.18
N PHE C 229 -2.96 1.72 -19.79
CA PHE C 229 -3.40 1.61 -18.41
C PHE C 229 -2.87 0.35 -17.83
N GLY C 230 -1.90 -0.22 -18.49
CA GLY C 230 -1.29 -1.43 -18.00
C GLY C 230 -2.30 -2.56 -18.02
N GLY C 231 -3.13 -2.56 -19.09
CA GLY C 231 -4.15 -3.57 -19.27
C GLY C 231 -3.57 -4.93 -19.66
N ASP C 232 -2.30 -4.91 -20.10
CA ASP C 232 -1.68 -6.15 -20.50
C ASP C 232 -1.39 -6.97 -19.28
N ARG C 233 -1.25 -6.25 -18.17
CA ARG C 233 -0.98 -6.83 -16.86
C ARG C 233 -2.25 -7.44 -16.38
N GLU C 234 -2.84 -8.26 -17.23
CA GLU C 234 -4.10 -8.91 -16.96
C GLU C 234 -4.23 -9.56 -15.59
N ILE C 235 -3.13 -9.92 -14.95
CA ILE C 235 -3.21 -10.61 -13.66
C ILE C 235 -3.74 -9.73 -12.56
N ASP C 236 -3.19 -8.51 -12.49
CA ASP C 236 -3.62 -7.65 -11.46
C ASP C 236 -4.85 -6.93 -11.89
N GLN C 237 -5.15 -6.88 -13.18
CA GLN C 237 -6.40 -6.25 -13.54
C GLN C 237 -7.48 -7.27 -13.18
N ILE C 238 -7.06 -8.53 -13.03
CA ILE C 238 -8.02 -9.53 -12.68
C ILE C 238 -8.27 -9.57 -11.20
N THR C 239 -7.24 -9.28 -10.40
CA THR C 239 -7.45 -9.30 -8.93
C THR C 239 -7.91 -7.96 -8.46
N HIS C 240 -7.31 -6.89 -8.98
CA HIS C 240 -7.66 -5.55 -8.56
C HIS C 240 -8.06 -4.69 -9.74
N ARG C 241 -9.28 -4.97 -10.21
CA ARG C 241 -9.86 -4.29 -11.34
C ARG C 241 -9.49 -2.82 -11.43
N GLY C 242 -8.98 -2.45 -12.60
CA GLY C 242 -8.57 -1.09 -12.86
C GLY C 242 -9.37 -0.44 -13.96
N THR C 243 -9.07 0.81 -14.22
CA THR C 243 -9.76 1.53 -15.25
C THR C 243 -9.36 0.88 -16.59
N ALA C 244 -8.37 -0.03 -16.58
CA ALA C 244 -8.04 -0.65 -17.87
C ALA C 244 -9.11 -1.68 -18.10
N ALA C 245 -9.34 -2.53 -17.12
CA ALA C 245 -10.36 -3.53 -17.27
C ALA C 245 -11.73 -2.84 -17.32
N GLU C 246 -11.85 -1.62 -16.80
CA GLU C 246 -13.16 -1.01 -16.86
C GLU C 246 -13.36 -0.43 -18.25
N ARG C 247 -12.44 0.38 -18.74
CA ARG C 247 -12.57 0.93 -20.10
C ARG C 247 -12.66 -0.19 -21.17
N ALA C 248 -12.01 -1.29 -20.85
CA ALA C 248 -11.99 -2.39 -21.73
C ALA C 248 -13.38 -2.95 -21.75
N ALA C 249 -13.90 -3.41 -20.63
CA ALA C 249 -15.26 -3.97 -20.66
C ALA C 249 -16.30 -3.00 -21.23
N LEU C 250 -16.09 -1.71 -21.03
CA LEU C 250 -17.05 -0.75 -21.50
C LEU C 250 -17.03 -0.43 -22.95
N PHE C 251 -15.89 -0.58 -23.59
CA PHE C 251 -15.86 -0.29 -25.01
C PHE C 251 -16.80 -1.20 -25.79
N TRP C 252 -16.79 -2.45 -25.34
CA TRP C 252 -17.57 -3.51 -25.94
C TRP C 252 -18.97 -3.31 -25.47
N ARG C 253 -19.15 -2.97 -24.18
CA ARG C 253 -20.51 -2.76 -23.75
C ARG C 253 -21.25 -1.72 -24.60
N TRP C 254 -20.62 -0.58 -24.87
CA TRP C 254 -21.30 0.44 -25.67
C TRP C 254 -21.44 0.06 -27.15
N THR C 255 -20.59 -0.85 -27.64
CA THR C 255 -20.69 -1.22 -29.06
C THR C 255 -21.73 -2.32 -29.32
N MET C 256 -21.62 -3.44 -28.62
CA MET C 256 -22.54 -4.55 -28.88
C MET C 256 -23.53 -4.92 -27.76
N GLY C 257 -23.65 -4.07 -26.75
CA GLY C 257 -24.60 -4.26 -25.66
C GLY C 257 -24.37 -5.12 -24.43
N PHE C 258 -23.26 -5.82 -24.39
CA PHE C 258 -22.95 -6.63 -23.22
C PHE C 258 -21.48 -6.80 -23.23
N ASN C 259 -20.96 -7.41 -22.18
CA ASN C 259 -19.54 -7.57 -22.10
C ASN C 259 -19.10 -8.62 -21.12
N VAL C 260 -17.81 -8.83 -21.10
CA VAL C 260 -17.30 -9.81 -20.20
C VAL C 260 -16.35 -9.04 -19.28
N THR C 261 -15.47 -9.79 -18.61
CA THR C 261 -14.52 -9.20 -17.73
C THR C 261 -13.13 -9.65 -18.09
N MET C 262 -12.13 -8.97 -17.56
CA MET C 262 -10.73 -9.28 -17.82
C MET C 262 -10.47 -10.74 -17.51
N GLU C 263 -11.12 -11.31 -16.50
CA GLU C 263 -10.82 -12.71 -16.32
C GLU C 263 -11.62 -13.53 -17.34
N SER C 264 -12.94 -13.36 -17.37
CA SER C 264 -13.82 -14.14 -18.26
C SER C 264 -13.54 -14.12 -19.80
N ILE C 265 -12.95 -13.05 -20.33
CA ILE C 265 -12.71 -13.04 -21.77
C ILE C 265 -11.74 -14.16 -22.06
N HIS C 266 -10.93 -14.54 -21.10
CA HIS C 266 -9.97 -15.58 -21.35
C HIS C 266 -10.58 -16.92 -21.27
N ARG C 267 -11.78 -16.96 -20.76
CA ARG C 267 -12.49 -18.20 -20.69
C ARG C 267 -13.23 -18.37 -22.00
N TRP C 268 -13.70 -17.25 -22.57
CA TRP C 268 -14.40 -17.29 -23.88
C TRP C 268 -13.38 -17.69 -24.94
N ALA C 269 -12.17 -17.18 -24.78
CA ALA C 269 -11.16 -17.44 -25.75
C ALA C 269 -10.76 -18.85 -25.59
N TRP C 270 -10.45 -19.26 -24.38
CA TRP C 270 -10.02 -20.63 -24.16
C TRP C 270 -11.01 -21.58 -24.75
N TRP C 271 -12.26 -21.49 -24.28
CA TRP C 271 -13.26 -22.42 -24.77
C TRP C 271 -13.41 -22.36 -26.31
N CYS C 272 -13.30 -21.19 -26.92
CA CYS C 272 -13.49 -21.17 -28.36
C CYS C 272 -12.37 -21.87 -29.13
N ALA C 273 -11.15 -21.87 -28.60
CA ALA C 273 -10.05 -22.53 -29.33
C ALA C 273 -10.23 -24.00 -29.12
N VAL C 274 -10.34 -24.41 -27.87
CA VAL C 274 -10.55 -25.81 -27.57
C VAL C 274 -11.71 -26.27 -28.43
N LEU C 275 -12.68 -25.41 -28.74
CA LEU C 275 -13.82 -25.90 -29.51
C LEU C 275 -13.50 -26.30 -30.99
N THR C 276 -12.66 -25.52 -31.69
CA THR C 276 -12.24 -25.85 -33.07
C THR C 276 -11.87 -27.34 -33.11
N VAL C 277 -10.72 -27.66 -32.55
CA VAL C 277 -10.22 -29.02 -32.42
C VAL C 277 -11.26 -29.97 -31.89
N ILE C 278 -12.16 -29.55 -31.01
CA ILE C 278 -13.07 -30.58 -30.54
C ILE C 278 -14.20 -30.80 -31.54
N THR C 279 -14.65 -29.79 -32.28
CA THR C 279 -15.69 -30.10 -33.27
C THR C 279 -15.02 -30.87 -34.45
N ALA C 280 -13.82 -30.38 -34.81
CA ALA C 280 -13.02 -30.93 -35.89
C ALA C 280 -12.82 -32.40 -35.75
N GLY C 281 -12.32 -32.85 -34.61
CA GLY C 281 -12.11 -34.28 -34.41
C GLY C 281 -13.41 -35.04 -34.51
N ILE C 282 -14.49 -34.48 -33.97
CA ILE C 282 -15.79 -35.13 -34.04
C ILE C 282 -16.16 -35.31 -35.49
N GLY C 283 -15.88 -34.26 -36.28
CA GLY C 283 -16.17 -34.23 -37.70
C GLY C 283 -15.51 -35.36 -38.46
N ILE C 284 -14.24 -35.62 -38.13
CA ILE C 284 -13.49 -36.69 -38.78
C ILE C 284 -13.94 -38.02 -38.21
N LEU C 285 -14.30 -38.03 -36.95
CA LEU C 285 -14.74 -39.27 -36.35
C LEU C 285 -15.89 -39.86 -37.12
N LEU C 286 -16.85 -39.02 -37.47
CA LEU C 286 -18.01 -39.50 -38.19
C LEU C 286 -17.81 -39.79 -39.67
N SER C 287 -16.72 -39.29 -40.27
CA SER C 287 -16.55 -39.52 -41.71
C SER C 287 -16.17 -40.97 -42.04
N GLY C 288 -17.05 -41.66 -42.75
CA GLY C 288 -16.86 -43.04 -43.13
C GLY C 288 -17.32 -44.04 -42.09
N THR C 289 -17.24 -43.66 -40.83
CA THR C 289 -17.67 -44.53 -39.74
C THR C 289 -19.17 -44.49 -39.61
N VAL C 290 -19.70 -43.28 -39.68
CA VAL C 290 -21.13 -43.03 -39.55
C VAL C 290 -21.85 -42.47 -40.78
N VAL C 291 -21.24 -41.48 -41.43
CA VAL C 291 -21.82 -40.86 -42.60
C VAL C 291 -20.80 -41.06 -43.68
N ASP C 292 -21.28 -41.34 -44.90
CA ASP C 292 -20.39 -41.56 -46.02
C ASP C 292 -20.54 -40.46 -47.03
N ASN C 293 -21.67 -39.78 -47.03
CA ASN C 293 -21.79 -38.70 -47.99
C ASN C 293 -22.58 -37.56 -47.41
N TRP C 294 -21.82 -36.66 -46.80
CA TRP C 294 -22.33 -35.48 -46.13
C TRP C 294 -23.29 -34.64 -47.01
N TYR C 295 -23.04 -34.52 -48.31
CA TYR C 295 -23.95 -33.71 -49.12
C TYR C 295 -25.34 -34.38 -48.99
N LEU C 296 -25.31 -35.70 -49.07
CA LEU C 296 -26.52 -36.50 -48.97
C LEU C 296 -27.15 -36.41 -47.61
N TRP C 297 -26.30 -36.44 -46.59
CA TRP C 297 -26.75 -36.35 -45.21
C TRP C 297 -27.54 -35.06 -45.05
N ALA C 298 -26.99 -33.98 -45.60
CA ALA C 298 -27.63 -32.67 -45.52
C ALA C 298 -28.93 -32.59 -46.30
N VAL C 299 -29.03 -33.41 -47.34
CA VAL C 299 -30.24 -33.43 -48.13
C VAL C 299 -31.32 -34.17 -47.33
N LYS C 300 -30.91 -35.24 -46.67
CA LYS C 300 -31.78 -36.05 -45.80
C LYS C 300 -32.33 -35.25 -44.63
N HIS C 301 -31.62 -34.18 -44.28
CA HIS C 301 -32.09 -33.36 -43.18
C HIS C 301 -32.57 -32.01 -43.71
N GLY C 302 -32.89 -32.01 -45.01
CA GLY C 302 -33.39 -30.85 -45.73
C GLY C 302 -32.61 -29.55 -45.62
N MET C 303 -31.30 -29.61 -45.52
CA MET C 303 -30.53 -28.38 -45.38
C MET C 303 -29.91 -27.93 -46.69
N ALA C 304 -29.89 -28.80 -47.69
CA ALA C 304 -29.25 -28.43 -48.92
C ALA C 304 -30.21 -27.73 -49.87
N PRO C 305 -29.82 -26.52 -50.31
CA PRO C 305 -30.51 -25.62 -51.23
C PRO C 305 -30.68 -26.16 -52.62
N ALA C 306 -31.72 -25.66 -53.27
CA ALA C 306 -32.05 -26.04 -54.63
C ALA C 306 -31.92 -24.73 -55.39
N TYR C 307 -31.43 -24.80 -56.62
CA TYR C 307 -31.23 -23.63 -57.43
C TYR C 307 -31.95 -23.93 -58.72
N PRO C 308 -32.38 -22.89 -59.48
CA PRO C 308 -33.03 -23.34 -60.72
C PRO C 308 -32.02 -24.17 -61.51
N GLU C 309 -32.43 -25.35 -61.94
CA GLU C 309 -31.52 -26.20 -62.67
C GLU C 309 -31.36 -25.62 -64.08
N VAL C 310 -30.38 -24.74 -64.24
CA VAL C 310 -30.10 -24.08 -65.52
C VAL C 310 -29.08 -24.82 -66.40
N VAL C 311 -28.38 -25.81 -65.87
CA VAL C 311 -27.40 -26.51 -66.67
C VAL C 311 -27.47 -27.96 -66.19
N THR C 312 -27.43 -28.92 -67.10
CA THR C 312 -27.50 -30.32 -66.66
C THR C 312 -26.91 -31.34 -67.63
N ALA C 313 -26.58 -32.52 -67.12
CA ALA C 313 -25.99 -33.54 -67.95
C ALA C 313 -26.61 -34.90 -67.75
N VAL C 314 -27.00 -35.53 -68.86
CA VAL C 314 -27.59 -36.86 -68.86
C VAL C 314 -26.55 -37.89 -68.46
N ASN C 315 -26.95 -38.82 -67.59
CA ASN C 315 -26.09 -39.86 -67.03
C ASN C 315 -25.86 -41.09 -67.89
N PRO C 316 -24.66 -41.13 -68.50
CA PRO C 316 -24.26 -42.23 -69.38
C PRO C 316 -24.41 -43.56 -68.68
N TYR C 317 -24.15 -43.68 -67.38
CA TYR C 317 -24.37 -44.96 -66.75
C TYR C 317 -25.80 -45.46 -66.94
N GLU C 318 -26.73 -44.56 -67.23
CA GLU C 318 -28.13 -44.95 -67.42
C GLU C 318 -28.62 -45.20 -68.87
N THR C 319 -27.77 -44.95 -69.89
CA THR C 319 -28.14 -45.16 -71.31
C THR C 319 -28.29 -46.64 -71.69
N SER D 2 -37.46 -57.76 -43.54
CA SER D 2 -37.08 -56.36 -43.74
C SER D 2 -35.69 -56.03 -43.17
N ALA D 3 -34.69 -55.99 -44.05
CA ALA D 3 -33.34 -55.67 -43.65
C ALA D 3 -32.96 -54.31 -44.23
N GLY D 4 -33.92 -53.40 -44.32
CA GLY D 4 -33.66 -52.08 -44.86
C GLY D 4 -34.36 -50.87 -44.29
N ILE D 5 -35.11 -51.03 -43.20
CA ILE D 5 -35.86 -49.92 -42.59
C ILE D 5 -34.91 -48.78 -42.24
N THR D 6 -34.71 -47.86 -43.18
CA THR D 6 -33.82 -46.72 -42.95
C THR D 6 -34.35 -45.95 -41.74
N HIS D 7 -33.49 -45.78 -40.75
CA HIS D 7 -33.82 -45.02 -39.56
C HIS D 7 -33.64 -43.56 -39.96
N TYR D 8 -34.52 -42.65 -39.54
CA TYR D 8 -34.32 -41.26 -39.96
C TYR D 8 -33.31 -40.56 -39.06
N ILE D 9 -33.05 -41.14 -37.90
CA ILE D 9 -32.09 -40.52 -37.01
C ILE D 9 -30.81 -41.34 -36.93
N ASP D 10 -29.72 -40.69 -37.30
CA ASP D 10 -28.41 -41.29 -37.43
C ASP D 10 -27.49 -40.65 -36.40
N ALA D 11 -26.30 -41.20 -36.21
CA ALA D 11 -25.48 -40.73 -35.10
C ALA D 11 -25.12 -39.25 -35.22
N ALA D 12 -25.02 -38.74 -36.45
CA ALA D 12 -24.69 -37.34 -36.64
C ALA D 12 -25.78 -36.38 -36.13
N GLN D 13 -27.05 -36.78 -36.24
CA GLN D 13 -28.12 -35.92 -35.76
C GLN D 13 -27.98 -35.80 -34.27
N ILE D 14 -28.14 -36.94 -33.61
CA ILE D 14 -28.07 -36.94 -32.17
C ILE D 14 -26.77 -36.40 -31.57
N THR D 15 -25.71 -36.34 -32.37
CA THR D 15 -24.46 -35.82 -31.83
C THR D 15 -24.48 -34.32 -32.01
N ILE D 16 -25.22 -33.83 -33.00
CA ILE D 16 -25.30 -32.38 -33.17
C ILE D 16 -26.27 -31.88 -32.08
N TRP D 17 -27.17 -32.74 -31.65
CA TRP D 17 -28.09 -32.37 -30.60
C TRP D 17 -27.29 -32.22 -29.30
N ALA D 18 -26.48 -33.24 -29.02
CA ALA D 18 -25.64 -33.25 -27.83
C ALA D 18 -24.82 -31.98 -27.81
N PHE D 19 -24.20 -31.68 -28.96
CA PHE D 19 -23.39 -30.48 -29.05
C PHE D 19 -24.23 -29.30 -28.61
N TRP D 20 -25.27 -28.93 -29.37
CA TRP D 20 -26.11 -27.80 -28.94
C TRP D 20 -26.50 -27.73 -27.45
N LEU D 21 -26.75 -28.87 -26.81
CA LEU D 21 -27.09 -28.79 -25.38
C LEU D 21 -25.91 -28.37 -24.50
N PHE D 22 -24.73 -28.90 -24.82
CA PHE D 22 -23.51 -28.59 -24.06
C PHE D 22 -23.17 -27.16 -24.36
N PHE D 23 -23.50 -26.75 -25.57
CA PHE D 23 -23.23 -25.40 -26.00
C PHE D 23 -24.04 -24.44 -25.12
N PHE D 24 -25.35 -24.59 -25.14
CA PHE D 24 -26.20 -23.73 -24.32
C PHE D 24 -25.71 -23.63 -22.88
N GLY D 25 -25.37 -24.76 -22.26
CA GLY D 25 -24.88 -24.71 -20.89
C GLY D 25 -23.57 -23.91 -20.83
N LEU D 26 -22.78 -24.02 -21.90
CA LEU D 26 -21.51 -23.31 -21.91
C LEU D 26 -21.81 -21.82 -21.97
N ILE D 27 -22.52 -21.38 -23.01
CA ILE D 27 -22.84 -19.95 -23.12
C ILE D 27 -23.34 -19.35 -21.81
N ILE D 28 -24.33 -19.99 -21.22
CA ILE D 28 -24.88 -19.52 -19.94
C ILE D 28 -23.74 -19.28 -18.91
N TYR D 29 -22.96 -20.34 -18.68
CA TYR D 29 -21.83 -20.28 -17.77
C TYR D 29 -20.83 -19.15 -18.03
N LEU D 30 -20.51 -18.92 -19.29
CA LEU D 30 -19.58 -17.84 -19.56
C LEU D 30 -20.27 -16.50 -19.23
N ARG D 31 -21.58 -16.42 -19.48
CA ARG D 31 -22.27 -15.18 -19.19
C ARG D 31 -22.39 -14.96 -17.70
N ARG D 32 -22.19 -16.03 -16.91
CA ARG D 32 -22.26 -15.89 -15.45
C ARG D 32 -20.91 -15.37 -14.99
N GLU D 33 -19.84 -15.80 -15.63
CA GLU D 33 -18.54 -15.31 -15.21
C GLU D 33 -18.46 -13.87 -15.63
N ASP D 34 -19.20 -13.51 -16.66
CA ASP D 34 -19.20 -12.11 -17.09
C ASP D 34 -19.77 -11.11 -16.07
N LYS D 35 -20.40 -11.58 -15.01
CA LYS D 35 -21.02 -10.67 -14.04
C LYS D 35 -20.32 -10.63 -12.66
N ARG D 36 -19.05 -10.97 -12.67
CA ARG D 36 -18.17 -11.01 -11.51
C ARG D 36 -17.61 -9.65 -11.29
N GLU D 37 -18.07 -8.68 -12.08
CA GLU D 37 -17.57 -7.31 -11.93
C GLU D 37 -18.77 -6.50 -12.38
N GLY D 38 -18.70 -5.17 -12.33
CA GLY D 38 -19.83 -4.34 -12.79
C GLY D 38 -21.28 -4.58 -12.52
N TYR D 39 -21.56 -5.63 -11.84
CA TYR D 39 -22.95 -6.02 -11.48
C TYR D 39 -23.28 -5.94 -9.92
N PRO D 40 -24.59 -5.81 -9.55
CA PRO D 40 -25.76 -5.68 -10.43
C PRO D 40 -25.84 -4.35 -11.16
N LEU D 41 -26.43 -4.23 -12.34
CA LEU D 41 -26.41 -2.90 -13.01
C LEU D 41 -27.11 -1.72 -12.34
N ASP D 42 -26.80 -0.57 -12.94
CA ASP D 42 -27.36 0.75 -12.59
C ASP D 42 -28.53 1.24 -13.49
N SER D 43 -29.76 1.25 -12.95
CA SER D 43 -30.87 1.78 -13.75
C SER D 43 -31.51 2.83 -12.89
N ASP D 44 -32.53 3.49 -13.41
CA ASP D 44 -33.33 4.29 -12.52
C ASP D 44 -34.50 3.40 -12.13
N ARG D 45 -34.40 2.12 -12.50
CA ARG D 45 -35.35 1.12 -12.04
C ARG D 45 -35.03 0.76 -10.61
N THR D 46 -33.76 0.56 -10.31
CA THR D 46 -33.30 0.32 -8.95
C THR D 46 -33.59 1.50 -7.98
N GLU D 47 -33.20 2.71 -8.39
CA GLU D 47 -33.39 3.91 -7.57
C GLU D 47 -34.85 4.30 -7.43
N ARG D 48 -35.63 4.13 -8.50
CA ARG D 48 -37.06 4.42 -8.41
C ARG D 48 -37.68 3.50 -7.35
N SER D 49 -37.34 2.21 -7.42
CA SER D 49 -37.90 1.22 -6.49
C SER D 49 -37.27 1.24 -5.13
N GLY D 50 -36.29 2.12 -4.95
CA GLY D 50 -35.63 2.24 -3.66
C GLY D 50 -34.64 1.11 -3.48
N GLY D 51 -34.58 0.23 -4.47
CA GLY D 51 -33.63 -0.85 -4.47
C GLY D 51 -34.23 -2.23 -4.60
N ARG D 52 -35.55 -2.37 -4.50
CA ARG D 52 -36.12 -3.72 -4.56
C ARG D 52 -35.98 -4.32 -5.95
N VAL D 53 -35.39 -3.54 -6.84
CA VAL D 53 -35.12 -4.03 -8.16
C VAL D 53 -33.63 -3.83 -8.38
N LYS D 54 -32.87 -4.81 -7.91
CA LYS D 54 -31.47 -4.95 -8.27
C LYS D 54 -31.42 -5.51 -9.70
N VAL D 55 -30.70 -4.86 -10.60
CA VAL D 55 -30.62 -5.31 -11.99
C VAL D 55 -29.52 -6.33 -12.23
N VAL D 56 -29.88 -7.56 -12.63
CA VAL D 56 -28.89 -8.59 -12.96
C VAL D 56 -29.07 -9.37 -14.30
N GLY D 57 -30.28 -9.39 -14.86
CA GLY D 57 -30.60 -10.07 -16.11
C GLY D 57 -30.53 -11.59 -16.09
N PHE D 58 -30.40 -12.19 -17.28
CA PHE D 58 -30.23 -13.64 -17.37
C PHE D 58 -28.81 -13.95 -17.90
N PRO D 59 -28.14 -15.00 -17.40
CA PRO D 59 -28.43 -15.88 -16.26
C PRO D 59 -28.32 -15.06 -14.99
N ASP D 60 -27.98 -15.68 -13.87
CA ASP D 60 -27.88 -14.85 -12.70
C ASP D 60 -26.41 -14.76 -12.28
N LEU D 61 -26.13 -14.13 -11.15
CA LEU D 61 -24.78 -13.98 -10.64
C LEU D 61 -24.34 -15.22 -9.94
N PRO D 62 -23.10 -15.60 -10.15
CA PRO D 62 -22.38 -16.75 -9.60
C PRO D 62 -21.86 -16.47 -8.17
N ASP D 63 -21.85 -17.49 -7.32
CA ASP D 63 -21.33 -17.34 -5.96
C ASP D 63 -19.97 -16.71 -5.95
N PRO D 64 -19.72 -15.86 -4.96
CA PRO D 64 -18.41 -15.23 -4.93
C PRO D 64 -17.28 -16.25 -5.03
N LYS D 65 -16.15 -15.81 -5.55
CA LYS D 65 -14.98 -16.61 -5.67
C LYS D 65 -13.94 -15.79 -4.98
N THR D 66 -13.02 -16.44 -4.29
CA THR D 66 -11.99 -15.72 -3.55
C THR D 66 -10.61 -15.86 -4.19
N PHE D 67 -9.90 -14.76 -4.40
CA PHE D 67 -8.56 -14.84 -4.93
C PHE D 67 -7.68 -14.57 -3.70
N VAL D 68 -6.71 -15.44 -3.47
CA VAL D 68 -5.85 -15.32 -2.30
C VAL D 68 -4.52 -14.71 -2.73
N LEU D 69 -4.40 -13.39 -2.66
CA LEU D 69 -3.16 -12.77 -3.10
C LEU D 69 -1.90 -13.30 -2.41
N PRO D 70 -0.80 -13.44 -3.15
CA PRO D 70 0.40 -13.96 -2.49
C PRO D 70 0.87 -12.88 -1.50
N HIS D 71 2.00 -13.08 -0.81
CA HIS D 71 2.53 -12.10 0.14
C HIS D 71 1.70 -11.24 1.15
N ASN D 72 0.89 -11.86 2.03
CA ASN D 72 0.15 -11.09 3.02
C ASN D 72 -0.72 -10.06 2.32
N GLY D 73 -0.98 -10.30 1.04
CA GLY D 73 -1.81 -9.38 0.29
C GLY D 73 -3.30 -9.25 0.51
N GLY D 74 -3.95 -10.33 0.92
CA GLY D 74 -5.36 -10.10 1.04
C GLY D 74 -6.10 -11.33 0.68
N THR D 75 -7.31 -11.03 0.25
CA THR D 75 -8.28 -11.98 -0.22
C THR D 75 -9.23 -11.09 -1.01
N VAL D 76 -9.47 -11.40 -2.29
CA VAL D 76 -10.38 -10.60 -3.10
C VAL D 76 -11.61 -11.43 -3.46
N VAL D 77 -12.76 -10.81 -3.56
CA VAL D 77 -13.89 -11.61 -3.95
C VAL D 77 -14.61 -11.10 -5.20
N ALA D 78 -15.36 -12.00 -5.85
CA ALA D 78 -16.13 -11.65 -7.05
C ALA D 78 -17.26 -12.67 -7.30
N PRO D 79 -18.49 -12.19 -7.43
CA PRO D 79 -18.82 -10.76 -7.36
C PRO D 79 -18.80 -10.23 -5.92
N ARG D 80 -18.52 -8.93 -5.81
CA ARG D 80 -18.46 -8.25 -4.53
C ARG D 80 -19.49 -7.13 -4.45
N VAL D 81 -19.56 -6.51 -3.28
CA VAL D 81 -20.44 -5.40 -3.04
C VAL D 81 -19.58 -4.15 -2.96
N GLU D 82 -19.74 -3.29 -3.96
CA GLU D 82 -18.94 -2.06 -4.00
C GLU D 82 -19.80 -0.86 -3.63
N ALA D 83 -19.23 -0.02 -2.75
CA ALA D 83 -19.87 1.20 -2.24
C ALA D 83 -20.12 2.19 -3.35
N PRO D 84 -21.36 2.70 -3.47
CA PRO D 84 -21.52 3.65 -4.57
C PRO D 84 -20.57 4.81 -4.45
N VAL D 85 -20.30 5.44 -5.60
CA VAL D 85 -19.43 6.59 -5.69
C VAL D 85 -20.01 7.72 -6.48
N ALA D 86 -20.08 8.90 -5.88
CA ALA D 86 -20.63 10.04 -6.58
C ALA D 86 -20.01 10.27 -7.96
N VAL D 87 -20.77 10.94 -8.80
CA VAL D 87 -20.33 11.24 -10.13
C VAL D 87 -19.91 12.70 -10.17
N ASN D 88 -18.70 12.95 -10.62
CA ASN D 88 -18.21 14.33 -10.69
C ASN D 88 -18.68 14.97 -11.99
N ALA D 89 -20.00 14.98 -12.14
CA ALA D 89 -20.63 15.53 -13.33
C ALA D 89 -22.13 15.74 -13.16
N THR D 90 -22.73 16.44 -14.11
CA THR D 90 -24.15 16.68 -14.00
C THR D 90 -24.80 16.26 -15.33
N PRO D 91 -25.99 15.63 -15.23
CA PRO D 91 -26.75 15.13 -16.38
C PRO D 91 -26.93 16.19 -17.48
N PHE D 92 -26.47 15.84 -18.69
CA PHE D 92 -26.59 16.74 -19.85
C PHE D 92 -28.11 16.94 -20.11
N SER D 93 -28.89 15.96 -19.64
CA SER D 93 -30.34 15.99 -19.73
C SER D 93 -30.84 15.16 -18.54
N PRO D 94 -32.03 15.47 -17.99
CA PRO D 94 -32.52 14.70 -16.85
C PRO D 94 -33.17 13.41 -17.35
N ALA D 95 -33.32 13.37 -18.68
CA ALA D 95 -33.89 12.26 -19.41
C ALA D 95 -32.91 11.12 -19.30
N PRO D 96 -33.41 9.88 -19.29
CA PRO D 96 -32.51 8.73 -19.18
C PRO D 96 -31.68 8.43 -20.45
N GLY D 97 -30.51 7.87 -20.20
CA GLY D 97 -29.60 7.53 -21.26
C GLY D 97 -28.78 8.74 -21.64
N SER D 98 -29.01 9.86 -20.97
CA SER D 98 -28.26 11.05 -21.27
C SER D 98 -26.87 11.00 -20.58
N PRO D 99 -25.85 11.58 -21.24
CA PRO D 99 -24.49 11.62 -20.68
C PRO D 99 -24.39 12.75 -19.69
N LEU D 100 -23.28 12.83 -18.98
CA LEU D 100 -23.13 13.90 -18.01
C LEU D 100 -21.94 14.76 -18.44
N VAL D 101 -21.98 16.03 -18.08
CA VAL D 101 -20.92 16.96 -18.42
C VAL D 101 -20.07 16.99 -17.19
N PRO D 102 -18.75 16.98 -17.37
CA PRO D 102 -17.90 16.99 -16.18
C PRO D 102 -17.97 18.30 -15.38
N ASN D 103 -17.85 18.17 -14.07
CA ASN D 103 -17.88 19.32 -13.21
C ASN D 103 -16.48 19.92 -13.14
N GLY D 104 -16.43 21.21 -13.40
CA GLY D 104 -15.21 22.00 -13.35
C GLY D 104 -14.23 21.94 -14.50
N ASP D 105 -12.93 21.99 -14.19
CA ASP D 105 -11.90 21.91 -15.21
C ASP D 105 -11.85 20.44 -15.55
N PRO D 106 -12.34 20.08 -16.75
CA PRO D 106 -12.39 18.73 -17.29
C PRO D 106 -11.23 17.86 -16.93
N MET D 107 -10.02 18.36 -16.89
CA MET D 107 -8.95 17.41 -16.62
C MET D 107 -8.83 17.04 -15.18
N LEU D 108 -9.38 17.92 -14.36
CA LEU D 108 -9.35 17.78 -12.91
C LEU D 108 -10.51 16.90 -12.48
N SER D 109 -11.58 16.99 -13.27
CA SER D 109 -12.86 16.32 -13.01
C SER D 109 -12.65 14.89 -12.57
N GLY D 110 -11.80 14.14 -13.27
CA GLY D 110 -11.65 12.77 -12.86
C GLY D 110 -12.93 12.06 -13.27
N PHE D 111 -13.51 12.54 -14.37
CA PHE D 111 -14.75 12.01 -14.98
C PHE D 111 -14.57 11.83 -16.49
N GLY D 112 -15.19 10.81 -17.08
CA GLY D 112 -15.01 10.64 -18.51
C GLY D 112 -13.67 9.98 -18.75
N PRO D 113 -13.01 10.36 -19.84
CA PRO D 113 -11.71 9.78 -20.12
C PRO D 113 -10.78 10.05 -19.01
N ALA D 114 -11.15 10.89 -18.06
CA ALA D 114 -10.28 11.16 -16.92
C ALA D 114 -10.63 10.35 -15.69
N ALA D 115 -11.69 9.55 -15.74
CA ALA D 115 -12.15 8.76 -14.59
C ALA D 115 -11.25 7.58 -14.33
N SER D 116 -11.43 6.95 -13.17
CA SER D 116 -10.65 5.79 -12.78
C SER D 116 -11.15 5.30 -11.42
N PRO D 117 -11.00 4.00 -11.13
CA PRO D 117 -11.45 3.46 -9.85
C PRO D 117 -10.39 3.58 -8.73
N ASP D 118 -10.70 3.11 -7.53
CA ASP D 118 -9.73 3.18 -6.45
C ASP D 118 -9.08 1.81 -6.21
N ARG D 119 -7.97 1.56 -6.91
CA ARG D 119 -7.23 0.31 -6.76
C ARG D 119 -6.47 0.40 -5.44
N PRO D 120 -5.98 -0.73 -4.92
CA PRO D 120 -5.26 -0.68 -3.64
C PRO D 120 -4.18 0.39 -3.53
N LYS D 121 -3.94 0.80 -2.27
CA LYS D 121 -2.94 1.80 -1.98
C LYS D 121 -1.75 1.04 -1.45
N HIS D 122 -1.43 -0.01 -2.19
CA HIS D 122 -0.28 -0.85 -1.92
C HIS D 122 0.46 -1.13 -3.26
N CYS D 123 1.62 -1.75 -3.24
CA CYS D 123 2.30 -1.98 -4.50
C CYS D 123 2.27 -3.37 -5.09
N ASP D 124 2.32 -3.45 -6.44
CA ASP D 124 2.36 -4.77 -7.06
C ASP D 124 3.73 -5.26 -6.74
N LEU D 125 3.87 -6.54 -6.56
CA LEU D 125 5.16 -7.05 -6.15
C LEU D 125 5.78 -8.07 -6.99
N THR D 126 7.11 -8.11 -6.93
CA THR D 126 7.83 -9.09 -7.66
C THR D 126 7.49 -10.42 -6.97
N PHE D 127 8.06 -11.50 -7.46
CA PHE D 127 7.82 -12.82 -6.90
C PHE D 127 8.35 -12.91 -5.53
N GLU D 128 9.47 -12.22 -5.38
CA GLU D 128 10.21 -12.12 -4.15
C GLU D 128 9.39 -11.32 -3.10
N GLY D 129 8.76 -10.24 -3.59
CA GLY D 129 7.88 -9.37 -2.84
C GLY D 129 8.39 -7.96 -2.73
N LEU D 130 9.22 -7.55 -3.68
CA LEU D 130 9.80 -6.22 -3.66
C LEU D 130 8.94 -5.47 -4.65
N PRO D 131 8.70 -4.18 -4.45
CA PRO D 131 7.91 -3.39 -5.39
C PRO D 131 8.22 -3.72 -6.88
N LYS D 132 7.24 -4.28 -7.61
CA LYS D 132 7.47 -4.65 -8.98
C LYS D 132 7.93 -3.42 -9.74
N ILE D 133 7.04 -2.47 -9.99
CA ILE D 133 7.41 -1.27 -10.72
C ILE D 133 8.25 -0.25 -9.92
N VAL D 134 9.54 -0.11 -10.24
CA VAL D 134 10.34 0.85 -9.49
C VAL D 134 11.25 1.59 -10.42
N PRO D 135 11.79 2.73 -10.03
CA PRO D 135 12.68 3.37 -11.00
C PRO D 135 14.07 2.75 -11.04
N MET D 136 14.76 2.88 -12.18
CA MET D 136 16.10 2.34 -12.44
C MET D 136 17.14 2.78 -11.43
N ARG D 137 16.73 3.76 -10.64
CA ARG D 137 17.53 4.37 -9.60
C ARG D 137 17.32 3.51 -8.38
N VAL D 138 16.17 2.86 -8.33
CA VAL D 138 15.84 1.97 -7.24
C VAL D 138 16.25 0.60 -7.79
N ALA D 139 16.10 0.41 -9.11
CA ALA D 139 16.52 -0.86 -9.66
C ALA D 139 17.92 -0.87 -10.29
N LYS D 140 18.90 -0.55 -9.45
CA LYS D 140 20.32 -0.55 -9.80
C LYS D 140 20.74 -1.37 -11.03
N GLU D 141 20.36 -2.65 -11.01
CA GLU D 141 20.71 -3.63 -12.05
C GLU D 141 20.24 -3.23 -13.48
N PHE D 142 18.95 -2.95 -13.72
CA PHE D 142 18.44 -2.57 -15.05
C PHE D 142 19.41 -1.73 -15.90
N SER D 143 19.19 -1.71 -17.21
CA SER D 143 20.09 -0.99 -18.15
C SER D 143 19.44 -0.94 -19.52
N ILE D 144 19.68 0.20 -20.18
CA ILE D 144 19.16 0.46 -21.52
C ILE D 144 19.68 -0.68 -22.41
N ALA D 145 19.09 -0.89 -23.59
CA ALA D 145 19.54 -1.99 -24.44
C ALA D 145 20.52 -1.40 -25.41
N GLU D 146 21.63 -2.09 -25.60
CA GLU D 146 22.64 -1.58 -26.53
C GLU D 146 22.01 -1.20 -27.84
N GLY D 147 22.25 0.06 -28.18
CA GLY D 147 21.73 0.70 -29.37
C GLY D 147 20.38 1.38 -29.23
N ASP D 148 19.96 1.72 -28.01
CA ASP D 148 18.68 2.39 -27.86
C ASP D 148 18.96 3.67 -27.19
N PRO D 149 18.52 4.79 -27.78
CA PRO D 149 18.74 6.08 -27.11
C PRO D 149 18.33 5.87 -25.64
N ASP D 150 19.06 6.45 -24.69
CA ASP D 150 18.75 6.36 -23.28
C ASP D 150 17.66 7.41 -23.11
N PRO D 151 16.48 7.00 -22.60
CA PRO D 151 15.47 8.06 -22.46
C PRO D 151 15.96 9.16 -21.52
N ARG D 152 16.64 8.75 -20.44
CA ARG D 152 17.21 9.66 -19.45
C ARG D 152 17.86 10.86 -20.15
N GLY D 153 17.27 12.03 -19.97
CA GLY D 153 17.78 13.25 -20.57
C GLY D 153 17.06 13.73 -21.81
N MET D 154 16.01 13.03 -22.24
CA MET D 154 15.29 13.55 -23.40
C MET D 154 14.33 14.59 -22.89
N THR D 155 13.76 15.39 -23.78
CA THR D 155 12.85 16.43 -23.35
C THR D 155 11.40 16.05 -23.48
N VAL D 156 10.62 16.15 -22.42
CA VAL D 156 9.25 15.78 -22.64
C VAL D 156 8.54 17.03 -23.08
N VAL D 157 7.82 16.86 -24.18
CA VAL D 157 7.04 17.90 -24.82
C VAL D 157 5.57 17.53 -25.06
N GLY D 158 4.67 18.36 -24.55
CA GLY D 158 3.24 18.18 -24.73
C GLY D 158 2.72 18.25 -26.17
N LEU D 159 1.40 18.17 -26.27
CA LEU D 159 0.68 18.22 -27.52
C LEU D 159 0.84 19.51 -28.34
N ASP D 160 1.11 20.65 -27.73
CA ASP D 160 1.18 21.84 -28.60
C ASP D 160 2.60 22.29 -28.91
N GLY D 161 3.54 21.36 -28.72
CA GLY D 161 4.94 21.63 -29.01
C GLY D 161 5.84 22.27 -27.98
N GLU D 162 5.28 22.68 -26.82
CA GLU D 162 6.00 23.31 -25.69
C GLU D 162 6.64 22.26 -24.85
N VAL D 163 7.83 22.59 -24.36
CA VAL D 163 8.53 21.67 -23.50
C VAL D 163 7.66 21.55 -22.23
N ALA D 164 7.75 20.42 -21.57
CA ALA D 164 7.00 20.14 -20.36
C ALA D 164 8.03 19.98 -19.29
N GLY D 165 9.05 19.23 -19.63
CA GLY D 165 10.08 18.98 -18.66
C GLY D 165 11.12 18.17 -19.36
N THR D 166 11.85 17.36 -18.62
CA THR D 166 12.85 16.53 -19.26
C THR D 166 12.81 15.22 -18.48
N VAL D 167 13.19 14.12 -19.12
CA VAL D 167 13.17 12.81 -18.47
C VAL D 167 14.21 12.73 -17.36
N SER D 168 13.77 12.64 -16.12
CA SER D 168 14.75 12.56 -15.05
C SER D 168 15.12 11.12 -14.66
N ASP D 169 14.27 10.17 -15.02
CA ASP D 169 14.60 8.78 -14.76
C ASP D 169 13.66 7.87 -15.56
N VAL D 170 13.76 6.57 -15.33
CA VAL D 170 12.99 5.56 -16.04
C VAL D 170 12.56 4.46 -15.11
N TRP D 171 11.26 4.21 -15.10
CA TRP D 171 10.70 3.18 -14.24
C TRP D 171 10.54 1.91 -15.00
N VAL D 172 10.83 0.83 -14.30
CA VAL D 172 10.86 -0.45 -14.92
C VAL D 172 10.20 -1.53 -14.14
N ASP D 173 9.89 -2.59 -14.86
CA ASP D 173 9.28 -3.78 -14.30
C ASP D 173 10.34 -4.72 -13.83
N ARG D 174 10.24 -5.15 -12.60
CA ARG D 174 11.24 -6.07 -12.09
C ARG D 174 10.81 -7.50 -12.38
N SER D 175 9.56 -7.65 -12.76
CA SER D 175 9.02 -8.95 -13.08
C SER D 175 9.19 -9.33 -14.58
N GLU D 176 8.85 -8.39 -15.48
CA GLU D 176 8.97 -8.52 -16.93
C GLU D 176 9.76 -7.30 -17.49
N PRO D 177 11.10 -7.30 -17.41
CA PRO D 177 12.03 -6.22 -17.79
C PRO D 177 11.58 -5.31 -18.89
N GLN D 178 11.07 -4.12 -18.63
CA GLN D 178 10.65 -3.27 -19.73
C GLN D 178 10.39 -1.86 -19.28
N ILE D 179 10.33 -0.90 -20.17
CA ILE D 179 10.03 0.45 -19.71
C ILE D 179 8.50 0.58 -19.56
N ARG D 180 8.07 0.78 -18.29
CA ARG D 180 6.66 0.96 -17.90
C ARG D 180 6.28 2.43 -17.79
N TYR D 181 7.18 3.18 -17.18
CA TYR D 181 7.04 4.62 -16.95
C TYR D 181 8.27 5.43 -17.23
N LEU D 182 7.95 6.62 -17.73
CA LEU D 182 8.89 7.68 -17.88
C LEU D 182 8.71 8.65 -16.72
N GLU D 183 9.83 9.15 -16.18
CA GLU D 183 9.78 10.12 -15.10
C GLU D 183 10.01 11.51 -15.70
N VAL D 184 9.27 12.46 -15.17
CA VAL D 184 9.37 13.79 -15.72
C VAL D 184 9.60 14.83 -14.68
N GLU D 185 10.77 15.43 -14.83
CA GLU D 185 11.17 16.49 -13.96
C GLU D 185 10.44 17.56 -14.70
N VAL D 186 9.40 18.10 -14.10
CA VAL D 186 8.64 19.12 -14.80
C VAL D 186 9.39 20.40 -14.81
N ALA D 187 9.30 21.11 -15.93
CA ALA D 187 9.99 22.36 -16.03
C ALA D 187 9.31 23.38 -15.07
N ALA D 188 8.07 23.74 -15.40
CA ALA D 188 7.24 24.69 -14.63
C ALA D 188 7.23 24.66 -13.08
N ASN D 189 7.68 23.59 -12.42
CA ASN D 189 7.70 23.57 -10.95
C ASN D 189 8.70 22.57 -10.40
N LYS D 190 9.51 22.00 -11.29
CA LYS D 190 10.52 20.99 -10.95
C LYS D 190 10.03 19.88 -10.02
N LYS D 191 8.74 19.54 -10.10
CA LYS D 191 8.17 18.45 -9.32
C LYS D 191 8.21 17.20 -10.17
N LYS D 192 8.28 16.03 -9.56
CA LYS D 192 8.34 14.79 -10.32
C LYS D 192 7.06 14.03 -10.55
N VAL D 193 6.81 13.75 -11.84
CA VAL D 193 5.61 13.02 -12.26
C VAL D 193 5.90 11.81 -13.14
N LEU D 194 4.97 10.87 -13.11
CA LEU D 194 5.09 9.69 -13.94
C LEU D 194 4.37 10.04 -15.23
N LEU D 195 4.75 9.38 -16.32
CA LEU D 195 4.23 9.51 -17.67
C LEU D 195 4.26 8.08 -18.11
N PRO D 196 3.09 7.51 -18.42
CA PRO D 196 2.97 6.09 -18.84
C PRO D 196 3.64 5.91 -20.18
N ILE D 197 4.29 4.77 -20.45
CA ILE D 197 4.94 4.59 -21.76
C ILE D 197 3.93 4.69 -22.90
N GLY D 198 2.73 4.19 -22.63
CA GLY D 198 1.64 4.15 -23.59
C GLY D 198 1.22 5.52 -24.14
N PHE D 199 1.62 6.56 -23.45
CA PHE D 199 1.30 7.92 -23.82
C PHE D 199 2.46 8.65 -24.42
N SER D 200 3.61 7.99 -24.38
CA SER D 200 4.85 8.60 -24.87
C SER D 200 5.40 8.10 -26.19
N ARG D 201 5.66 9.05 -27.09
CA ARG D 201 6.23 8.76 -28.40
C ARG D 201 7.64 9.28 -28.44
N PHE D 202 8.55 8.56 -29.08
CA PHE D 202 9.94 9.02 -29.13
C PHE D 202 10.29 9.70 -30.42
N ASP D 203 11.30 10.55 -30.34
CA ASP D 203 11.79 11.24 -31.51
C ASP D 203 13.30 11.11 -31.38
N LYS D 204 13.78 9.87 -31.43
CA LYS D 204 15.20 9.52 -31.26
C LYS D 204 16.29 10.43 -31.89
N LYS D 205 16.13 10.79 -33.14
CA LYS D 205 17.17 11.64 -33.71
C LYS D 205 17.18 12.97 -32.93
N ALA D 206 16.03 13.34 -32.35
CA ALA D 206 15.96 14.58 -31.60
C ALA D 206 16.09 14.44 -30.08
N ARG D 207 16.00 13.21 -29.58
CA ARG D 207 16.08 12.94 -28.14
C ARG D 207 14.96 13.64 -27.42
N LYS D 208 13.78 13.51 -28.00
CA LYS D 208 12.55 14.07 -27.48
C LYS D 208 11.57 12.98 -27.11
N VAL D 209 10.58 13.32 -26.29
CA VAL D 209 9.56 12.35 -25.96
C VAL D 209 8.17 12.99 -26.04
N LYS D 210 7.61 13.04 -27.22
CA LYS D 210 6.28 13.61 -27.46
C LYS D 210 5.13 12.98 -26.64
N VAL D 211 4.05 13.77 -26.51
CA VAL D 211 2.83 13.42 -25.79
C VAL D 211 1.66 14.16 -26.40
N ASP D 212 0.89 13.45 -27.20
CA ASP D 212 -0.25 14.10 -27.84
C ASP D 212 -1.36 14.30 -26.78
N ALA D 213 -1.35 13.41 -25.79
CA ALA D 213 -2.28 13.31 -24.65
C ALA D 213 -2.59 14.65 -23.95
N ILE D 214 -1.63 15.18 -23.21
CA ILE D 214 -1.86 16.45 -22.50
C ILE D 214 -1.00 17.58 -23.06
N LYS D 215 -1.28 18.80 -22.61
CA LYS D 215 -0.52 19.96 -23.04
C LYS D 215 0.64 20.08 -22.07
N ALA D 216 1.70 20.81 -22.46
CA ALA D 216 2.86 20.98 -21.59
C ALA D 216 2.46 21.39 -20.19
N ALA D 217 1.56 22.38 -20.10
CA ALA D 217 1.09 22.90 -18.81
C ALA D 217 0.44 21.84 -17.90
N HIS D 218 -0.39 21.00 -18.49
CA HIS D 218 -1.10 19.98 -17.76
C HIS D 218 -0.16 19.09 -16.97
N PHE D 219 1.10 18.99 -17.41
CA PHE D 219 2.11 18.17 -16.72
C PHE D 219 2.28 18.61 -15.25
N ALA D 220 1.81 19.83 -14.99
CA ALA D 220 1.86 20.46 -13.68
C ALA D 220 0.91 19.77 -12.69
N ASN D 221 -0.20 19.24 -13.20
CA ASN D 221 -1.25 18.56 -12.41
C ASN D 221 -1.23 17.05 -12.40
N VAL D 222 -0.15 16.46 -12.88
CA VAL D 222 -0.11 15.03 -12.86
C VAL D 222 -0.23 14.56 -11.43
N PRO D 223 -1.17 13.63 -11.20
CA PRO D 223 -1.42 13.03 -9.87
C PRO D 223 -0.09 12.62 -9.28
N THR D 224 0.08 12.75 -7.97
CA THR D 224 1.37 12.42 -7.40
C THR D 224 1.50 11.17 -6.51
N LEU D 225 2.75 10.75 -6.37
CA LEU D 225 3.13 9.57 -5.61
C LEU D 225 3.34 9.85 -4.13
N SER D 226 2.74 9.03 -3.29
CA SER D 226 2.91 9.22 -1.87
C SER D 226 4.26 8.61 -1.46
N ASN D 227 5.23 8.54 -2.37
CA ASN D 227 6.59 8.01 -2.10
C ASN D 227 7.34 7.97 -3.42
N PRO D 228 8.48 8.66 -3.53
CA PRO D 228 9.18 8.61 -4.83
C PRO D 228 9.99 7.36 -5.27
N ASP D 229 10.07 6.27 -4.50
CA ASP D 229 10.85 5.08 -4.91
C ASP D 229 9.99 3.87 -5.18
N GLN D 230 8.69 4.08 -5.31
CA GLN D 230 7.76 2.99 -5.61
C GLN D 230 6.44 3.66 -5.89
N VAL D 231 5.47 2.90 -6.41
CA VAL D 231 4.13 3.41 -6.75
C VAL D 231 3.04 2.43 -6.46
N THR D 232 1.86 2.88 -6.04
CA THR D 232 0.80 1.93 -5.73
C THR D 232 -0.17 1.78 -6.90
N LEU D 233 -0.93 0.68 -6.86
CA LEU D 233 -1.92 0.32 -7.88
C LEU D 233 -2.85 1.48 -8.08
N TYR D 234 -3.23 2.06 -6.94
CA TYR D 234 -4.10 3.23 -6.90
C TYR D 234 -3.51 4.36 -7.71
N GLU D 235 -2.23 4.55 -7.46
CA GLU D 235 -1.53 5.63 -8.11
C GLU D 235 -1.31 5.37 -9.58
N GLU D 236 -1.27 4.11 -9.99
CA GLU D 236 -1.04 3.88 -11.41
C GLU D 236 -2.29 4.34 -12.12
N ASP D 237 -3.45 3.93 -11.62
CA ASP D 237 -4.67 4.35 -12.30
C ASP D 237 -4.77 5.87 -12.30
N LYS D 238 -4.64 6.48 -11.13
CA LYS D 238 -4.70 7.94 -11.03
C LYS D 238 -3.76 8.66 -12.00
N VAL D 239 -2.58 8.09 -12.21
CA VAL D 239 -1.65 8.69 -13.13
C VAL D 239 -2.17 8.54 -14.58
N CYS D 240 -2.31 7.32 -15.08
CA CYS D 240 -2.78 7.15 -16.46
C CYS D 240 -4.08 7.89 -16.85
N ALA D 241 -5.12 7.75 -16.02
CA ALA D 241 -6.43 8.37 -16.31
C ALA D 241 -6.37 9.88 -16.54
N TYR D 242 -5.50 10.58 -15.82
CA TYR D 242 -5.34 12.03 -16.00
C TYR D 242 -4.92 12.23 -17.44
N TYR D 243 -3.83 11.59 -17.88
CA TYR D 243 -3.38 11.75 -19.26
C TYR D 243 -4.49 11.40 -20.27
N ALA D 244 -5.20 10.33 -19.97
CA ALA D 244 -6.27 9.87 -20.83
C ALA D 244 -7.26 11.01 -21.00
N GLY D 245 -7.59 11.70 -19.93
CA GLY D 245 -8.50 12.81 -20.03
C GLY D 245 -8.16 13.80 -21.14
N GLY D 246 -6.86 14.08 -21.31
CA GLY D 246 -6.48 15.03 -22.33
C GLY D 246 -6.91 14.61 -23.72
N LYS D 247 -7.18 13.33 -23.90
CA LYS D 247 -7.62 12.80 -25.18
C LYS D 247 -8.97 13.39 -25.61
N LEU D 248 -9.77 13.83 -24.63
CA LEU D 248 -11.10 14.40 -24.91
C LEU D 248 -11.18 15.79 -24.34
N TYR D 249 -10.33 16.07 -23.37
CA TYR D 249 -10.33 17.38 -22.73
C TYR D 249 -9.18 18.33 -23.08
N ALA D 250 -7.93 17.85 -23.15
CA ALA D 250 -6.77 18.73 -23.43
C ALA D 250 -6.88 19.83 -24.50
N THR D 251 -8.01 19.93 -25.20
CA THR D 251 -8.25 20.93 -26.25
C THR D 251 -9.76 21.07 -26.36
N ALA D 252 -10.19 22.23 -26.80
CA ALA D 252 -11.60 22.57 -26.88
C ALA D 252 -12.16 22.01 -28.17
N GLU D 253 -11.43 21.05 -28.73
CA GLU D 253 -11.81 20.44 -29.99
C GLU D 253 -11.86 18.95 -29.98
N ARG D 254 -11.12 18.28 -29.13
CA ARG D 254 -11.26 16.82 -29.13
C ARG D 254 -12.70 16.44 -28.75
N ALA D 255 -13.43 17.41 -28.20
CA ALA D 255 -14.83 17.23 -27.82
C ALA D 255 -15.72 16.67 -28.92
N GLY D 256 -15.24 16.85 -30.15
CA GLY D 256 -15.93 16.45 -31.35
C GLY D 256 -16.98 17.56 -31.43
N PRO D 257 -17.88 17.57 -32.42
CA PRO D 257 -18.05 16.95 -33.73
C PRO D 257 -16.90 17.34 -34.65
N LEU D 258 -17.11 17.19 -35.97
CA LEU D 258 -16.12 17.51 -36.98
C LEU D 258 -16.91 18.23 -38.04
N LEU D 259 -18.18 17.84 -38.10
CA LEU D 259 -19.19 18.43 -38.98
C LEU D 259 -20.57 18.07 -38.45
N PHE E 2 -63.87 -15.14 -19.70
CA PHE E 2 -64.48 -14.50 -18.53
C PHE E 2 -65.10 -13.14 -18.86
N THR E 3 -66.13 -12.77 -18.09
CA THR E 3 -66.78 -11.46 -18.21
C THR E 3 -66.02 -10.51 -17.31
N MET E 4 -64.80 -10.92 -16.99
CA MET E 4 -64.04 -10.36 -15.91
C MET E 4 -62.90 -9.50 -16.46
N ASN E 5 -63.17 -8.24 -16.79
CA ASN E 5 -62.10 -7.35 -17.26
C ASN E 5 -60.92 -7.22 -16.30
N ALA E 6 -61.05 -7.77 -15.09
CA ALA E 6 -59.88 -7.90 -14.22
C ALA E 6 -60.05 -8.80 -12.98
N ASN E 7 -59.14 -8.56 -12.05
CA ASN E 7 -59.00 -9.23 -10.76
C ASN E 7 -58.35 -8.20 -9.87
N LEU E 8 -57.08 -7.96 -10.14
CA LEU E 8 -56.31 -6.91 -9.49
C LEU E 8 -55.35 -6.27 -10.53
N TYR E 9 -55.29 -4.96 -10.46
CA TYR E 9 -54.52 -4.11 -11.35
C TYR E 9 -53.09 -3.94 -10.84
N LYS E 10 -52.87 -4.43 -9.63
CA LYS E 10 -51.59 -4.49 -8.91
C LYS E 10 -50.29 -4.78 -9.69
N ILE E 11 -50.43 -5.24 -10.93
CA ILE E 11 -49.32 -5.67 -11.78
C ILE E 11 -48.23 -4.62 -12.03
N TRP E 12 -48.58 -3.35 -11.90
CA TRP E 12 -47.65 -2.26 -12.17
C TRP E 12 -46.81 -1.91 -10.93
N LEU E 13 -47.01 -2.71 -9.89
CA LEU E 13 -46.17 -2.69 -8.72
C LEU E 13 -45.09 -3.76 -8.92
N ILE E 14 -45.27 -4.54 -9.99
CA ILE E 14 -44.38 -5.67 -10.33
C ILE E 14 -43.56 -5.50 -11.64
N LEU E 15 -44.17 -4.94 -12.68
CA LEU E 15 -43.50 -4.76 -13.98
C LEU E 15 -43.42 -3.29 -14.37
N ASP E 16 -42.21 -2.81 -14.68
CA ASP E 16 -41.99 -1.42 -15.05
C ASP E 16 -42.92 -1.07 -16.17
N PRO E 17 -43.75 -0.06 -15.92
CA PRO E 17 -44.69 0.42 -16.90
C PRO E 17 -43.97 0.73 -18.22
N ARG E 18 -42.83 1.38 -18.13
CA ARG E 18 -42.09 1.77 -19.33
C ARG E 18 -41.62 0.58 -20.19
N ARG E 19 -40.99 -0.41 -19.55
CA ARG E 19 -40.38 -1.56 -20.21
C ARG E 19 -41.42 -2.40 -20.95
N VAL E 20 -42.51 -2.73 -20.28
CA VAL E 20 -43.65 -3.39 -20.89
C VAL E 20 -44.19 -2.53 -22.01
N LEU E 21 -44.26 -1.21 -21.82
CA LEU E 21 -44.75 -0.39 -22.90
C LEU E 21 -43.91 -0.53 -24.19
N VAL E 22 -42.62 -0.22 -24.07
CA VAL E 22 -41.71 -0.24 -25.20
C VAL E 22 -41.62 -1.62 -25.82
N SER E 23 -41.56 -2.64 -24.97
CA SER E 23 -41.56 -4.03 -25.43
C SER E 23 -42.79 -4.37 -26.25
N ILE E 24 -43.95 -3.96 -25.77
CA ILE E 24 -45.13 -4.23 -26.55
C ILE E 24 -44.95 -3.54 -27.89
N VAL E 25 -44.53 -2.28 -27.90
CA VAL E 25 -44.35 -1.57 -29.17
C VAL E 25 -43.38 -2.22 -30.18
N ALA E 26 -42.17 -2.51 -29.74
CA ALA E 26 -41.19 -3.12 -30.63
C ALA E 26 -41.69 -4.47 -31.09
N PHE E 27 -42.02 -5.33 -30.13
CA PHE E 27 -42.49 -6.67 -30.45
C PHE E 27 -43.69 -6.66 -31.37
N GLN E 28 -44.62 -5.72 -31.20
CA GLN E 28 -45.80 -5.63 -32.06
C GLN E 28 -45.43 -5.22 -33.49
N ILE E 29 -44.52 -4.25 -33.62
CA ILE E 29 -44.13 -3.85 -34.97
C ILE E 29 -43.43 -5.03 -35.68
N VAL E 30 -42.57 -5.72 -34.95
CA VAL E 30 -41.89 -6.89 -35.49
C VAL E 30 -42.88 -7.99 -35.86
N LEU E 31 -43.76 -8.33 -34.93
CA LEU E 31 -44.75 -9.37 -35.15
C LEU E 31 -45.53 -9.04 -36.40
N GLY E 32 -45.83 -7.75 -36.56
CA GLY E 32 -46.50 -7.27 -37.75
C GLY E 32 -45.75 -7.48 -39.07
N LEU E 33 -44.51 -7.00 -39.13
CA LEU E 33 -43.73 -7.18 -40.36
C LEU E 33 -43.65 -8.67 -40.65
N LEU E 34 -43.36 -9.46 -39.61
CA LEU E 34 -43.21 -10.90 -39.74
C LEU E 34 -44.41 -11.54 -40.39
N ILE E 35 -45.57 -11.39 -39.77
CA ILE E 35 -46.75 -12.01 -40.32
C ILE E 35 -47.00 -11.49 -41.73
N HIS E 36 -46.79 -10.19 -41.95
CA HIS E 36 -46.92 -9.62 -43.30
C HIS E 36 -46.14 -10.40 -44.37
N MET E 37 -44.88 -10.67 -44.07
CA MET E 37 -44.00 -11.43 -44.98
C MET E 37 -44.53 -12.85 -45.14
N ILE E 38 -45.01 -13.41 -44.04
CA ILE E 38 -45.51 -14.79 -44.03
C ILE E 38 -46.62 -14.92 -45.04
N VAL E 39 -47.53 -13.95 -44.99
CA VAL E 39 -48.65 -13.91 -45.92
C VAL E 39 -48.22 -13.65 -47.37
N LEU E 40 -47.30 -12.72 -47.59
CA LEU E 40 -46.84 -12.43 -48.97
C LEU E 40 -46.12 -13.60 -49.69
N SER E 41 -45.67 -14.59 -48.93
CA SER E 41 -44.94 -15.74 -49.47
C SER E 41 -45.76 -16.98 -49.79
N THR E 42 -47.04 -16.91 -49.51
CA THR E 42 -47.91 -18.07 -49.67
C THR E 42 -48.93 -17.76 -50.70
N ASP E 43 -49.89 -18.67 -50.85
CA ASP E 43 -50.94 -18.49 -51.82
C ASP E 43 -51.71 -17.25 -51.44
N LEU E 44 -51.74 -17.00 -50.13
CA LEU E 44 -52.54 -15.90 -49.58
C LEU E 44 -51.93 -14.52 -49.87
N ASN E 45 -50.83 -14.51 -50.62
CA ASN E 45 -50.20 -13.27 -51.12
C ASN E 45 -51.21 -12.33 -51.79
N TRP E 46 -51.05 -11.01 -51.60
CA TRP E 46 -52.03 -10.06 -52.15
C TRP E 46 -51.48 -9.03 -53.13
N LEU E 47 -50.23 -9.15 -53.57
CA LEU E 47 -49.65 -8.13 -54.44
C LEU E 47 -49.47 -8.75 -55.80
N ASP E 48 -48.75 -9.86 -55.82
CA ASP E 48 -48.52 -10.61 -57.04
C ASP E 48 -49.68 -11.56 -57.30
N ASP E 49 -50.89 -11.02 -57.33
CA ASP E 49 -52.09 -11.81 -57.53
C ASP E 49 -52.75 -11.32 -58.80
N ASN E 50 -52.38 -10.10 -59.21
CA ASN E 50 -53.00 -9.37 -60.31
C ASN E 50 -54.39 -8.86 -59.88
N ILE E 51 -54.42 -8.03 -58.84
CA ILE E 51 -55.67 -7.55 -58.28
C ILE E 51 -55.98 -6.07 -58.58
N PRO E 52 -57.20 -5.76 -59.07
CA PRO E 52 -58.31 -6.66 -59.47
C PRO E 52 -58.21 -7.08 -60.95
N VAL E 53 -57.27 -6.48 -61.69
CA VAL E 53 -56.95 -6.87 -63.08
C VAL E 53 -55.43 -6.87 -63.25
N SER E 54 -54.93 -7.82 -64.03
CA SER E 54 -53.49 -7.98 -64.28
C SER E 54 -52.85 -6.71 -64.87
N TYR E 55 -51.78 -6.21 -64.24
CA TYR E 55 -51.18 -4.95 -64.69
C TYR E 55 -49.99 -5.07 -65.67
N GLN E 56 -49.15 -6.11 -65.56
CA GLN E 56 -48.04 -6.28 -66.51
C GLN E 56 -48.46 -6.79 -67.89
N ALA E 57 -49.75 -6.80 -68.18
CA ALA E 57 -50.20 -7.03 -69.54
C ALA E 57 -51.53 -6.33 -69.83
N LEU E 58 -51.77 -5.22 -69.12
CA LEU E 58 -52.80 -4.26 -69.53
C LEU E 58 -52.17 -3.16 -70.38
N GLY E 59 -50.87 -3.34 -70.65
CA GLY E 59 -50.09 -2.40 -71.44
C GLY E 59 -48.87 -3.03 -72.11
N LYS E 60 -48.67 -2.64 -73.38
CA LYS E 60 -47.59 -3.06 -74.29
C LYS E 60 -46.35 -3.78 -73.71
N LYS E 61 -45.87 -4.74 -74.49
CA LYS E 61 -45.06 -5.88 -74.03
C LYS E 61 -45.14 -7.03 -75.05
N THR F 8 -41.52 -0.72 -7.58
CA THR F 8 -41.43 -0.09 -8.90
C THR F 8 -41.54 1.43 -8.84
N GLY F 9 -41.16 1.97 -7.67
CA GLY F 9 -41.20 3.39 -7.37
C GLY F 9 -42.34 4.26 -7.88
N LEU F 10 -43.51 3.65 -8.06
CA LEU F 10 -44.76 4.36 -8.37
C LEU F 10 -45.74 4.19 -7.20
N THR F 11 -46.69 5.12 -7.06
CA THR F 11 -47.70 5.03 -5.99
C THR F 11 -48.89 4.13 -6.32
N ASP F 12 -49.65 3.80 -5.26
CA ASP F 12 -50.82 2.93 -5.34
C ASP F 12 -51.92 3.57 -6.17
N ASP F 13 -51.85 4.88 -6.34
CA ASP F 13 -52.83 5.62 -7.11
C ASP F 13 -52.56 5.66 -8.63
N GLU F 14 -51.27 5.61 -9.01
CA GLU F 14 -50.89 5.68 -10.42
C GLU F 14 -50.61 4.32 -11.03
N ALA F 15 -50.86 3.26 -10.28
CA ALA F 15 -50.81 1.91 -10.80
C ALA F 15 -52.25 1.52 -10.94
N LYS F 16 -53.09 2.43 -10.50
CA LYS F 16 -54.48 2.39 -10.79
C LYS F 16 -54.63 3.14 -12.11
N GLU F 17 -53.97 4.29 -12.16
CA GLU F 17 -54.05 5.20 -13.30
C GLU F 17 -53.44 4.63 -14.57
N PHE F 18 -52.17 4.21 -14.44
CA PHE F 18 -51.43 3.64 -15.55
C PHE F 18 -52.26 2.49 -16.11
N HIS F 19 -52.77 1.67 -15.20
CA HIS F 19 -53.59 0.53 -15.60
C HIS F 19 -54.80 0.97 -16.40
N ALA F 20 -55.42 2.05 -15.92
CA ALA F 20 -56.63 2.57 -16.54
C ALA F 20 -56.43 3.01 -17.98
N ILE F 21 -55.43 3.86 -18.20
CA ILE F 21 -55.22 4.38 -19.53
C ILE F 21 -54.68 3.28 -20.47
N PHE F 22 -53.78 2.44 -19.93
CA PHE F 22 -53.20 1.33 -20.70
C PHE F 22 -54.28 0.38 -21.21
N MET F 23 -55.18 -0.06 -20.35
CA MET F 23 -56.17 -1.06 -20.78
C MET F 23 -57.06 -0.60 -21.95
N GLN F 24 -57.60 0.60 -21.85
CA GLN F 24 -58.45 1.16 -22.88
C GLN F 24 -57.62 1.30 -24.15
N SER F 25 -56.35 1.61 -23.95
CA SER F 25 -55.40 1.76 -25.04
C SER F 25 -55.18 0.47 -25.87
N MET F 26 -54.95 -0.61 -25.11
CA MET F 26 -54.74 -1.96 -25.62
C MET F 26 -55.96 -2.39 -26.37
N TYR F 27 -57.11 -2.04 -25.83
CA TYR F 27 -58.38 -2.32 -26.44
C TYR F 27 -58.50 -1.55 -27.74
N ALA F 28 -57.94 -0.33 -27.80
CA ALA F 28 -57.94 0.43 -29.05
C ALA F 28 -57.18 -0.34 -30.12
N TRP F 29 -56.03 -0.85 -29.71
CA TRP F 29 -55.23 -1.67 -30.60
C TRP F 29 -56.03 -2.90 -31.04
N PHE F 30 -56.56 -3.67 -30.09
CA PHE F 30 -57.35 -4.87 -30.35
C PHE F 30 -58.56 -4.64 -31.25
N GLY F 31 -59.20 -3.49 -31.11
CA GLY F 31 -60.34 -3.14 -31.94
C GLY F 31 -59.91 -2.98 -33.38
N LEU F 32 -58.92 -2.11 -33.58
CA LEU F 32 -58.38 -1.91 -34.92
C LEU F 32 -57.96 -3.25 -35.52
N VAL F 33 -57.46 -4.13 -34.65
CA VAL F 33 -57.05 -5.47 -35.04
C VAL F 33 -58.20 -6.30 -35.58
N VAL F 34 -59.28 -6.38 -34.82
CA VAL F 34 -60.43 -7.17 -35.24
C VAL F 34 -61.04 -6.58 -36.51
N ILE F 35 -60.99 -5.26 -36.64
CA ILE F 35 -61.43 -4.58 -37.87
C ILE F 35 -60.68 -5.11 -39.10
N ALA F 36 -59.36 -5.00 -39.06
CA ALA F 36 -58.57 -5.45 -40.20
C ALA F 36 -58.79 -6.94 -40.48
N HIS F 37 -58.92 -7.75 -39.42
CA HIS F 37 -59.06 -9.20 -39.59
C HIS F 37 -60.39 -9.67 -40.16
N LEU F 38 -61.47 -9.02 -39.75
CA LEU F 38 -62.78 -9.34 -40.28
C LEU F 38 -62.86 -8.89 -41.71
N LEU F 39 -62.41 -7.66 -41.96
CA LEU F 39 -62.36 -7.15 -43.34
C LEU F 39 -61.56 -8.11 -44.27
N ALA F 40 -60.44 -8.62 -43.76
CA ALA F 40 -59.58 -9.57 -44.49
C ALA F 40 -60.24 -10.91 -44.74
N TRP F 41 -61.03 -11.40 -43.78
CA TRP F 41 -61.70 -12.67 -44.00
C TRP F 41 -62.75 -12.40 -45.05
N LEU F 42 -63.32 -11.20 -45.02
CA LEU F 42 -64.32 -10.82 -46.00
C LEU F 42 -63.77 -10.77 -47.43
N TYR F 43 -62.69 -10.03 -47.66
CA TYR F 43 -62.15 -9.91 -49.01
C TYR F 43 -61.51 -11.20 -49.46
N ARG F 44 -61.00 -11.99 -48.52
CA ARG F 44 -60.21 -13.15 -48.89
C ARG F 44 -60.04 -14.14 -47.72
N PRO F 45 -61.02 -15.03 -47.51
CA PRO F 45 -60.99 -16.06 -46.46
C PRO F 45 -59.82 -17.03 -46.61
N TRP F 46 -59.22 -17.43 -45.47
CA TRP F 46 -57.97 -18.19 -45.43
C TRP F 46 -58.01 -19.61 -44.83
N LEU F 47 -59.19 -20.07 -44.44
CA LEU F 47 -59.32 -21.37 -43.79
C LEU F 47 -60.64 -22.02 -44.22
N PHE G 2 -53.16 -38.08 -3.53
CA PHE G 2 -53.23 -36.72 -3.03
C PHE G 2 -53.01 -35.71 -4.13
N THR G 3 -51.73 -35.42 -4.37
CA THR G 3 -51.26 -34.48 -5.38
C THR G 3 -51.78 -33.05 -5.10
N MET G 4 -52.18 -32.80 -3.86
CA MET G 4 -53.12 -31.71 -3.55
C MET G 4 -52.43 -30.39 -3.19
N ASN G 5 -51.12 -30.42 -3.03
CA ASN G 5 -50.33 -29.21 -2.81
C ASN G 5 -50.70 -28.40 -1.58
N ALA G 6 -49.93 -28.59 -0.51
CA ALA G 6 -50.31 -28.08 0.81
C ALA G 6 -50.15 -26.57 0.98
N ASN G 7 -49.15 -26.00 0.29
CA ASN G 7 -48.88 -24.56 0.36
C ASN G 7 -48.18 -24.02 -0.88
N LEU G 8 -48.91 -23.74 -1.95
CA LEU G 8 -48.19 -23.25 -3.12
C LEU G 8 -48.10 -21.73 -3.12
N TYR G 9 -48.30 -21.11 -1.95
CA TYR G 9 -47.86 -19.74 -1.86
C TYR G 9 -46.46 -19.95 -1.27
N LYS G 10 -45.78 -18.87 -0.90
CA LYS G 10 -44.41 -18.93 -0.38
C LYS G 10 -43.47 -19.34 -1.54
N ILE G 11 -44.04 -19.85 -2.63
CA ILE G 11 -43.27 -20.12 -3.85
C ILE G 11 -42.74 -18.77 -4.35
N TRP G 12 -43.45 -17.70 -3.99
CA TRP G 12 -43.06 -16.35 -4.36
C TRP G 12 -42.19 -15.72 -3.28
N LEU G 13 -41.89 -16.48 -2.24
CA LEU G 13 -40.90 -16.08 -1.24
C LEU G 13 -39.51 -16.69 -1.54
N ILE G 14 -39.49 -17.63 -2.48
CA ILE G 14 -38.27 -18.36 -2.84
C ILE G 14 -37.80 -17.92 -4.21
N LEU G 15 -38.78 -17.71 -5.08
CA LEU G 15 -38.53 -17.35 -6.44
C LEU G 15 -39.14 -15.97 -6.70
N ASP G 16 -38.31 -14.98 -7.03
CA ASP G 16 -38.80 -13.61 -7.24
C ASP G 16 -39.88 -13.55 -8.34
N PRO G 17 -41.12 -13.14 -7.97
CA PRO G 17 -42.29 -13.02 -8.85
C PRO G 17 -42.06 -12.12 -10.08
N ARG G 18 -41.39 -11.01 -9.85
CA ARG G 18 -41.13 -9.99 -10.85
C ARG G 18 -40.43 -10.70 -12.01
N ARG G 19 -39.42 -11.50 -11.67
CA ARG G 19 -38.68 -12.33 -12.62
C ARG G 19 -39.53 -13.43 -13.22
N VAL G 20 -40.22 -14.18 -12.36
CA VAL G 20 -41.00 -15.33 -12.78
C VAL G 20 -42.07 -15.04 -13.86
N LEU G 21 -42.78 -13.92 -13.71
CA LEU G 21 -43.72 -13.49 -14.74
C LEU G 21 -43.01 -13.37 -16.08
N VAL G 22 -41.92 -12.61 -16.10
CA VAL G 22 -41.17 -12.33 -17.30
C VAL G 22 -40.71 -13.65 -17.90
N SER G 23 -40.32 -14.57 -17.02
CA SER G 23 -39.86 -15.90 -17.43
C SER G 23 -40.91 -16.56 -18.27
N ILE G 24 -42.11 -16.56 -17.72
CA ILE G 24 -43.25 -17.12 -18.41
C ILE G 24 -43.61 -16.36 -19.68
N VAL G 25 -43.61 -15.03 -19.62
CA VAL G 25 -43.94 -14.20 -20.78
C VAL G 25 -43.08 -14.51 -22.00
N ALA G 26 -41.77 -14.46 -21.79
CA ALA G 26 -40.81 -14.73 -22.85
C ALA G 26 -40.97 -16.15 -23.31
N PHE G 27 -40.91 -17.09 -22.37
CA PHE G 27 -41.02 -18.49 -22.75
C PHE G 27 -42.26 -18.79 -23.56
N GLN G 28 -43.38 -18.19 -23.18
CA GLN G 28 -44.63 -18.43 -23.90
C GLN G 28 -44.64 -17.81 -25.29
N ILE G 29 -44.14 -16.58 -25.45
CA ILE G 29 -44.13 -15.99 -26.79
C ILE G 29 -43.20 -16.80 -27.71
N VAL G 30 -42.07 -17.19 -27.14
CA VAL G 30 -41.09 -17.98 -27.85
C VAL G 30 -41.70 -19.32 -28.27
N LEU G 31 -42.23 -20.06 -27.32
CA LEU G 31 -42.87 -21.34 -27.62
C LEU G 31 -43.97 -21.14 -28.65
N GLY G 32 -44.67 -20.02 -28.57
CA GLY G 32 -45.71 -19.73 -29.53
C GLY G 32 -45.16 -19.70 -30.94
N LEU G 33 -44.12 -18.90 -31.15
CA LEU G 33 -43.46 -18.81 -32.44
C LEU G 33 -42.93 -20.17 -32.89
N LEU G 34 -42.28 -20.89 -31.96
CA LEU G 34 -41.70 -22.20 -32.24
C LEU G 34 -42.76 -23.14 -32.79
N ILE G 35 -43.81 -23.38 -32.01
CA ILE G 35 -44.85 -24.30 -32.41
C ILE G 35 -45.54 -23.84 -33.70
N HIS G 36 -45.84 -22.56 -33.80
CA HIS G 36 -46.40 -22.02 -35.04
C HIS G 36 -45.62 -22.44 -36.28
N MET G 37 -44.33 -22.20 -36.26
CA MET G 37 -43.53 -22.59 -37.41
C MET G 37 -43.49 -24.11 -37.58
N ILE G 38 -43.45 -24.83 -36.46
CA ILE G 38 -43.41 -26.29 -36.52
C ILE G 38 -44.61 -26.92 -37.23
N VAL G 39 -45.83 -26.49 -36.88
CA VAL G 39 -47.01 -26.97 -37.59
C VAL G 39 -46.95 -26.42 -39.01
N LEU G 40 -46.46 -25.19 -39.15
CA LEU G 40 -46.35 -24.59 -40.47
C LEU G 40 -45.49 -25.42 -41.42
N SER G 41 -44.62 -26.28 -40.88
CA SER G 41 -43.70 -27.08 -41.72
C SER G 41 -44.18 -28.47 -42.16
N THR G 42 -45.33 -28.89 -41.66
CA THR G 42 -45.86 -30.21 -41.97
C THR G 42 -47.21 -30.13 -42.66
N ASP G 43 -47.86 -31.29 -42.81
CA ASP G 43 -49.16 -31.38 -43.47
C ASP G 43 -50.17 -30.50 -42.79
N LEU G 44 -49.99 -30.30 -41.49
CA LEU G 44 -50.99 -29.58 -40.72
C LEU G 44 -50.93 -28.09 -41.05
N ASN G 45 -50.13 -27.77 -42.07
CA ASN G 45 -50.10 -26.46 -42.70
C ASN G 45 -51.53 -25.98 -42.91
N TRP G 46 -51.77 -24.70 -42.67
CA TRP G 46 -53.14 -24.16 -42.77
C TRP G 46 -53.28 -22.97 -43.72
N LEU G 47 -52.26 -22.73 -44.51
CA LEU G 47 -52.24 -21.54 -45.36
C LEU G 47 -52.29 -21.89 -46.85
N ASP G 48 -51.32 -22.69 -47.27
CA ASP G 48 -51.14 -23.04 -48.65
C ASP G 48 -52.05 -24.20 -49.05
N ASP G 49 -53.35 -23.99 -48.82
CA ASP G 49 -54.38 -25.00 -49.03
C ASP G 49 -55.25 -24.54 -50.21
N ASN G 50 -55.17 -23.24 -50.50
CA ASN G 50 -55.94 -22.58 -51.56
C ASN G 50 -57.42 -22.46 -51.20
N ILE G 51 -57.65 -21.82 -50.06
CA ILE G 51 -58.99 -21.68 -49.49
C ILE G 51 -59.58 -20.28 -49.66
N PRO G 52 -60.84 -20.18 -50.12
CA PRO G 52 -61.74 -21.26 -50.55
C PRO G 52 -61.62 -21.57 -52.03
N VAL G 53 -60.91 -20.72 -52.76
CA VAL G 53 -60.67 -20.89 -54.19
C VAL G 53 -59.20 -20.51 -54.42
N SER G 54 -58.56 -21.21 -55.36
CA SER G 54 -57.15 -20.95 -55.68
C SER G 54 -56.98 -19.47 -56.01
N TYR G 55 -56.04 -18.80 -55.35
CA TYR G 55 -55.94 -17.36 -55.53
C TYR G 55 -55.02 -17.05 -56.72
N GLN G 56 -54.02 -17.89 -56.93
CA GLN G 56 -53.19 -17.78 -58.13
C GLN G 56 -53.87 -18.39 -59.35
N ALA G 57 -53.94 -17.60 -60.40
CA ALA G 57 -54.35 -18.06 -61.73
C ALA G 57 -55.66 -18.85 -61.70
N LEU G 58 -56.42 -18.63 -60.62
CA LEU G 58 -57.80 -19.04 -60.52
C LEU G 58 -58.53 -17.94 -59.77
N GLY G 59 -57.77 -16.88 -59.44
CA GLY G 59 -58.29 -15.69 -58.76
C GLY G 59 -58.56 -14.53 -59.72
N LYS G 60 -59.71 -13.86 -59.53
CA LYS G 60 -60.17 -12.71 -60.34
C LYS G 60 -59.08 -11.74 -60.82
N LYS G 61 -58.77 -11.78 -62.12
CA LYS G 61 -57.46 -11.37 -62.68
C LYS G 61 -57.23 -11.91 -64.09
N THR H 8 -38.93 -12.99 -2.21
CA THR H 8 -37.93 -12.91 -1.17
C THR H 8 -38.06 -11.63 -0.39
N GLY H 9 -37.93 -10.51 -1.11
CA GLY H 9 -38.02 -9.19 -0.55
C GLY H 9 -39.47 -8.73 -0.58
N LEU H 10 -40.39 -9.68 -0.41
CA LEU H 10 -41.82 -9.43 -0.24
C LEU H 10 -42.33 -9.79 1.16
N THR H 11 -43.46 -9.21 1.55
CA THR H 11 -44.06 -9.61 2.80
C THR H 11 -44.84 -10.90 2.60
N ASP H 12 -45.15 -11.56 3.71
CA ASP H 12 -45.89 -12.81 3.67
C ASP H 12 -47.33 -12.54 3.24
N ASP H 13 -47.79 -11.30 3.39
CA ASP H 13 -49.14 -10.93 2.96
C ASP H 13 -49.24 -10.64 1.45
N GLU H 14 -48.14 -10.17 0.87
CA GLU H 14 -48.11 -9.77 -0.53
C GLU H 14 -47.57 -10.84 -1.50
N ALA H 15 -47.35 -12.05 -1.00
CA ALA H 15 -47.15 -13.22 -1.86
C ALA H 15 -48.36 -14.11 -1.74
N LYS H 16 -49.26 -13.69 -0.87
CA LYS H 16 -50.56 -14.30 -0.74
C LYS H 16 -51.42 -13.62 -1.80
N GLU H 17 -51.29 -12.30 -1.83
CA GLU H 17 -52.04 -11.42 -2.70
C GLU H 17 -51.56 -11.70 -4.13
N PHE H 18 -50.24 -11.67 -4.32
CA PHE H 18 -49.64 -11.99 -5.61
C PHE H 18 -50.12 -13.34 -6.11
N HIS H 19 -50.02 -14.34 -5.25
CA HIS H 19 -50.39 -15.68 -5.62
C HIS H 19 -51.85 -15.75 -6.05
N ALA H 20 -52.70 -15.04 -5.33
CA ALA H 20 -54.13 -15.02 -5.63
C ALA H 20 -54.39 -14.47 -7.03
N ILE H 21 -53.79 -13.33 -7.34
CA ILE H 21 -54.05 -12.67 -8.61
C ILE H 21 -53.45 -13.48 -9.75
N PHE H 22 -52.26 -14.01 -9.48
CA PHE H 22 -51.49 -14.80 -10.44
C PHE H 22 -52.25 -16.06 -10.83
N MET H 23 -52.76 -16.82 -9.87
CA MET H 23 -53.40 -18.10 -10.21
C MET H 23 -54.49 -17.99 -11.25
N GLN H 24 -55.47 -17.14 -11.00
CA GLN H 24 -56.56 -16.96 -11.95
C GLN H 24 -56.06 -16.26 -13.20
N SER H 25 -55.06 -15.38 -13.08
CA SER H 25 -54.56 -14.73 -14.31
C SER H 25 -54.00 -15.80 -15.25
N MET H 26 -53.27 -16.73 -14.65
CA MET H 26 -52.69 -17.88 -15.34
C MET H 26 -53.79 -18.68 -15.98
N TYR H 27 -54.85 -18.86 -15.19
CA TYR H 27 -56.06 -19.57 -15.60
C TYR H 27 -56.86 -18.88 -16.71
N ALA H 28 -56.86 -17.55 -16.71
CA ALA H 28 -57.46 -16.75 -17.78
C ALA H 28 -56.71 -17.09 -19.04
N TRP H 29 -55.40 -17.14 -18.91
CA TRP H 29 -54.61 -17.55 -20.04
C TRP H 29 -55.05 -18.95 -20.46
N PHE H 30 -55.09 -19.88 -19.51
CA PHE H 30 -55.43 -21.28 -19.80
C PHE H 30 -56.81 -21.40 -20.47
N GLY H 31 -57.70 -20.49 -20.09
CA GLY H 31 -59.04 -20.40 -20.64
C GLY H 31 -58.99 -20.03 -22.09
N LEU H 32 -58.37 -18.90 -22.41
CA LEU H 32 -58.24 -18.55 -23.81
C LEU H 32 -57.61 -19.71 -24.59
N VAL H 33 -56.69 -20.43 -23.93
CA VAL H 33 -56.00 -21.57 -24.55
C VAL H 33 -56.87 -22.77 -24.92
N VAL H 34 -57.60 -23.31 -23.95
CA VAL H 34 -58.45 -24.47 -24.20
C VAL H 34 -59.54 -24.02 -25.14
N ILE H 35 -59.95 -22.76 -25.04
CA ILE H 35 -60.89 -22.17 -25.99
C ILE H 35 -60.39 -22.22 -27.45
N ALA H 36 -59.21 -21.65 -27.68
CA ALA H 36 -58.59 -21.60 -29.01
C ALA H 36 -58.37 -23.00 -29.57
N HIS H 37 -58.02 -23.92 -28.67
CA HIS H 37 -57.76 -25.31 -29.02
C HIS H 37 -59.09 -26.00 -29.30
N LEU H 38 -60.15 -25.51 -28.69
CA LEU H 38 -61.49 -26.03 -28.96
C LEU H 38 -61.90 -25.62 -30.38
N LEU H 39 -61.72 -24.33 -30.68
CA LEU H 39 -61.97 -23.78 -32.01
C LEU H 39 -61.15 -24.53 -33.06
N ALA H 40 -59.89 -24.76 -32.72
CA ALA H 40 -58.95 -25.46 -33.57
C ALA H 40 -59.34 -26.90 -33.78
N TRP H 41 -59.83 -27.52 -32.71
CA TRP H 41 -60.20 -28.92 -32.76
C TRP H 41 -61.44 -29.06 -33.64
N LEU H 42 -62.35 -28.10 -33.51
CA LEU H 42 -63.58 -28.10 -34.30
C LEU H 42 -63.31 -27.89 -35.79
N TYR H 43 -62.64 -26.80 -36.14
CA TYR H 43 -62.42 -26.52 -37.57
C TYR H 43 -61.42 -27.47 -38.22
N ARG H 44 -60.57 -28.04 -37.39
CA ARG H 44 -59.39 -28.71 -37.88
C ARG H 44 -58.95 -29.78 -36.88
N PRO H 45 -59.64 -30.95 -36.94
CA PRO H 45 -59.35 -32.11 -36.09
C PRO H 45 -57.98 -32.71 -36.41
N TRP H 46 -57.22 -33.12 -35.40
CA TRP H 46 -55.86 -33.64 -35.61
C TRP H 46 -55.55 -35.01 -34.96
N LEU H 47 -56.30 -35.39 -33.92
CA LEU H 47 -56.06 -36.59 -33.09
C LEU H 47 -54.76 -36.56 -32.26
N PHE I 2 -34.41 -52.50 8.82
CA PHE I 2 -34.48 -51.31 9.68
C PHE I 2 -34.23 -50.07 8.83
N THR I 3 -33.43 -50.26 7.76
CA THR I 3 -33.03 -49.26 6.75
C THR I 3 -32.91 -47.78 7.15
N MET I 4 -32.70 -46.90 6.17
CA MET I 4 -32.09 -45.59 6.48
C MET I 4 -32.62 -44.37 5.71
N ASN I 5 -33.40 -44.59 4.64
CA ASN I 5 -34.00 -43.49 3.88
C ASN I 5 -34.93 -42.60 4.71
N ALA I 6 -34.43 -42.02 5.81
CA ALA I 6 -35.33 -41.46 6.81
C ALA I 6 -34.83 -40.12 7.32
N ASN I 7 -33.83 -39.59 6.62
CA ASN I 7 -33.20 -38.33 6.98
C ASN I 7 -32.81 -37.72 5.67
N LEU I 8 -33.66 -38.01 4.69
CA LEU I 8 -33.47 -37.63 3.29
C LEU I 8 -34.11 -36.28 2.97
N TYR I 9 -34.38 -35.52 4.03
CA TYR I 9 -34.83 -34.15 3.93
C TYR I 9 -33.61 -33.26 3.96
N LYS I 10 -32.68 -33.56 4.86
CA LYS I 10 -31.36 -32.89 4.99
C LYS I 10 -30.66 -32.53 3.66
N ILE I 11 -31.16 -33.07 2.56
CA ILE I 11 -30.65 -32.76 1.23
C ILE I 11 -30.79 -31.26 0.97
N TRP I 12 -31.73 -30.61 1.65
CA TRP I 12 -31.94 -29.18 1.43
C TRP I 12 -31.07 -28.36 2.38
N LEU I 13 -30.25 -29.05 3.16
CA LEU I 13 -29.18 -28.39 3.92
C LEU I 13 -27.87 -28.35 3.14
N ILE I 14 -27.79 -29.15 2.07
CA ILE I 14 -26.56 -29.28 1.28
C ILE I 14 -26.61 -28.75 -0.17
N LEU I 15 -27.76 -28.90 -0.81
CA LEU I 15 -27.90 -28.44 -2.19
C LEU I 15 -28.95 -27.33 -2.22
N ASP I 16 -28.58 -26.14 -2.69
CA ASP I 16 -29.49 -25.00 -2.68
C ASP I 16 -30.80 -25.29 -3.38
N PRO I 17 -31.91 -25.24 -2.63
CA PRO I 17 -33.30 -25.47 -3.04
C PRO I 17 -33.70 -24.56 -4.18
N ARG I 18 -33.30 -23.30 -4.10
CA ARG I 18 -33.63 -22.36 -5.16
C ARG I 18 -33.04 -22.94 -6.43
N ARG I 19 -31.77 -23.30 -6.35
CA ARG I 19 -31.06 -23.86 -7.50
C ARG I 19 -31.57 -25.20 -7.95
N VAL I 20 -31.78 -26.13 -7.03
CA VAL I 20 -32.29 -27.42 -7.41
C VAL I 20 -33.62 -27.24 -8.14
N LEU I 21 -34.48 -26.36 -7.62
CA LEU I 21 -35.76 -26.07 -8.28
C LEU I 21 -35.62 -25.52 -9.67
N VAL I 22 -34.93 -24.40 -9.77
CA VAL I 22 -34.77 -23.73 -11.05
C VAL I 22 -34.09 -24.67 -12.05
N SER I 23 -33.14 -25.45 -11.54
CA SER I 23 -32.42 -26.46 -12.31
C SER I 23 -33.40 -27.44 -12.91
N ILE I 24 -34.27 -27.96 -12.05
CA ILE I 24 -35.28 -28.92 -12.44
C ILE I 24 -36.29 -28.32 -13.43
N VAL I 25 -36.78 -27.12 -13.15
CA VAL I 25 -37.69 -26.42 -14.05
C VAL I 25 -37.11 -26.31 -15.45
N ALA I 26 -35.87 -25.81 -15.50
CA ALA I 26 -35.17 -25.65 -16.76
C ALA I 26 -34.96 -26.99 -17.47
N PHE I 27 -34.41 -27.95 -16.74
CA PHE I 27 -34.10 -29.28 -17.23
C PHE I 27 -35.32 -29.91 -17.87
N GLN I 28 -36.47 -29.74 -17.22
CA GLN I 28 -37.70 -30.28 -17.76
C GLN I 28 -38.15 -29.57 -19.01
N ILE I 29 -38.11 -28.25 -19.04
CA ILE I 29 -38.60 -27.58 -20.24
C ILE I 29 -37.76 -28.04 -21.44
N VAL I 30 -36.45 -28.11 -21.23
CA VAL I 30 -35.54 -28.58 -22.27
C VAL I 30 -35.84 -30.03 -22.64
N LEU I 31 -35.92 -30.92 -21.67
CA LEU I 31 -36.20 -32.33 -21.96
C LEU I 31 -37.49 -32.49 -22.75
N GLY I 32 -38.49 -31.68 -22.43
CA GLY I 32 -39.76 -31.68 -23.15
C GLY I 32 -39.59 -31.33 -24.62
N LEU I 33 -38.98 -30.19 -24.88
CA LEU I 33 -38.75 -29.79 -26.28
C LEU I 33 -37.97 -30.89 -27.00
N LEU I 34 -36.94 -31.40 -26.32
CA LEU I 34 -36.09 -32.46 -26.84
C LEU I 34 -36.86 -33.68 -27.28
N ILE I 35 -37.56 -34.31 -26.33
CA ILE I 35 -38.28 -35.53 -26.63
C ILE I 35 -39.31 -35.30 -27.71
N HIS I 36 -40.03 -34.18 -27.62
CA HIS I 36 -40.96 -33.83 -28.68
C HIS I 36 -40.33 -33.86 -30.07
N MET I 37 -39.17 -33.24 -30.20
CA MET I 37 -38.49 -33.27 -31.48
C MET I 37 -38.05 -34.70 -31.84
N ILE I 38 -37.58 -35.47 -30.86
CA ILE I 38 -37.10 -36.82 -31.15
C ILE I 38 -38.20 -37.69 -31.75
N VAL I 39 -39.38 -37.65 -31.14
CA VAL I 39 -40.51 -38.40 -31.65
C VAL I 39 -40.95 -37.83 -33.00
N LEU I 40 -40.91 -36.50 -33.12
CA LEU I 40 -41.29 -35.84 -34.36
C LEU I 40 -40.44 -36.25 -35.57
N SER I 41 -39.21 -36.73 -35.33
CA SER I 41 -38.36 -37.16 -36.46
C SER I 41 -38.52 -38.65 -36.75
N THR I 42 -39.35 -39.33 -35.96
CA THR I 42 -39.54 -40.76 -36.15
C THR I 42 -40.96 -41.11 -36.57
N ASP I 43 -41.24 -42.41 -36.68
CA ASP I 43 -42.49 -42.91 -37.24
C ASP I 43 -43.69 -42.45 -36.40
N LEU I 44 -43.49 -42.30 -35.11
CA LEU I 44 -44.61 -41.95 -34.23
C LEU I 44 -45.10 -40.52 -34.43
N ASN I 45 -44.53 -39.82 -35.41
CA ASN I 45 -44.97 -38.46 -35.72
C ASN I 45 -46.47 -38.28 -35.80
N TRP I 46 -46.91 -37.13 -35.31
CA TRP I 46 -48.32 -36.77 -35.19
C TRP I 46 -48.68 -35.50 -35.96
N LEU I 47 -47.80 -35.06 -36.85
CA LEU I 47 -48.09 -33.84 -37.59
C LEU I 47 -48.33 -34.22 -39.04
N ASP I 48 -47.33 -34.84 -39.66
CA ASP I 48 -47.39 -35.28 -41.06
C ASP I 48 -47.95 -36.69 -41.24
N ASP I 49 -49.14 -36.93 -40.72
CA ASP I 49 -49.72 -38.27 -40.65
C ASP I 49 -50.90 -38.38 -41.59
N ASN I 50 -51.43 -37.22 -41.96
CA ASN I 50 -52.62 -37.02 -42.80
C ASN I 50 -53.90 -37.39 -42.06
N ILE I 51 -53.91 -37.16 -40.75
CA ILE I 51 -55.05 -37.53 -39.90
C ILE I 51 -55.76 -36.34 -39.23
N PRO I 52 -57.13 -36.34 -39.20
CA PRO I 52 -58.20 -37.18 -39.78
C PRO I 52 -58.86 -36.67 -41.08
N VAL I 53 -58.56 -35.42 -41.47
CA VAL I 53 -59.07 -34.82 -42.71
C VAL I 53 -57.94 -34.04 -43.41
N SER I 54 -57.43 -34.62 -44.51
CA SER I 54 -56.30 -34.04 -45.22
C SER I 54 -56.59 -32.62 -45.72
N TYR I 55 -55.72 -31.67 -45.36
CA TYR I 55 -55.98 -30.26 -45.62
C TYR I 55 -55.47 -29.87 -47.00
N GLN I 56 -54.41 -30.54 -47.46
CA GLN I 56 -53.91 -30.37 -48.82
C GLN I 56 -54.84 -31.14 -49.78
N ALA I 57 -55.98 -31.60 -49.27
CA ALA I 57 -56.97 -32.30 -50.08
C ALA I 57 -58.30 -31.57 -50.12
N LEU I 58 -58.22 -30.23 -50.10
CA LEU I 58 -59.34 -29.38 -50.47
C LEU I 58 -59.63 -29.53 -51.98
N GLY I 59 -58.94 -30.46 -52.64
CA GLY I 59 -59.11 -30.74 -54.05
C GLY I 59 -58.77 -32.19 -54.38
N LYS I 60 -58.10 -32.45 -55.50
CA LYS I 60 -57.80 -33.83 -55.87
C LYS I 60 -56.38 -34.28 -55.47
N LYS I 61 -56.21 -34.65 -54.19
CA LYS I 61 -54.90 -34.87 -53.58
C LYS I 61 -54.94 -36.05 -52.61
N THR J 8 -28.86 -24.60 2.00
CA THR J 8 -28.01 -24.18 3.09
C THR J 8 -28.39 -22.78 3.60
N GLY J 9 -28.77 -22.74 4.88
CA GLY J 9 -29.23 -21.55 5.59
C GLY J 9 -30.74 -21.56 5.85
N LEU J 10 -31.28 -22.76 5.95
CA LEU J 10 -32.67 -23.00 6.35
C LEU J 10 -32.55 -23.70 7.70
N THR J 11 -33.55 -23.62 8.55
CA THR J 11 -33.49 -24.43 9.75
C THR J 11 -33.95 -25.83 9.33
N ASP J 12 -33.75 -26.80 10.21
CA ASP J 12 -34.05 -28.20 9.93
C ASP J 12 -35.55 -28.39 9.70
N ASP J 13 -36.32 -27.45 10.25
CA ASP J 13 -37.78 -27.50 10.16
C ASP J 13 -38.29 -27.04 8.80
N GLU J 14 -37.55 -26.16 8.14
CA GLU J 14 -37.97 -25.65 6.86
C GLU J 14 -37.39 -26.42 5.68
N ALA J 15 -36.55 -27.40 5.96
CA ALA J 15 -36.15 -28.34 4.92
C ALA J 15 -36.84 -29.65 5.15
N LYS J 16 -37.48 -29.79 6.31
CA LYS J 16 -38.39 -30.92 6.44
C LYS J 16 -39.66 -30.44 5.75
N GLU J 17 -40.00 -29.16 5.97
CA GLU J 17 -41.18 -28.59 5.33
C GLU J 17 -40.99 -28.53 3.84
N PHE J 18 -39.88 -27.92 3.43
CA PHE J 18 -39.59 -27.83 2.01
C PHE J 18 -39.57 -29.23 1.41
N HIS J 19 -38.93 -30.19 2.07
CA HIS J 19 -38.94 -31.54 1.51
C HIS J 19 -40.37 -32.06 1.38
N ALA J 20 -41.23 -31.80 2.37
CA ALA J 20 -42.63 -32.30 2.33
C ALA J 20 -43.39 -31.73 1.13
N ILE J 21 -43.35 -30.41 0.99
CA ILE J 21 -44.08 -29.70 -0.06
C ILE J 21 -43.51 -30.03 -1.45
N PHE J 22 -42.19 -30.11 -1.50
CA PHE J 22 -41.50 -30.46 -2.72
C PHE J 22 -41.97 -31.85 -3.11
N MET J 23 -41.90 -32.78 -2.18
CA MET J 23 -42.20 -34.18 -2.46
C MET J 23 -43.61 -34.34 -3.00
N GLN J 24 -44.59 -33.76 -2.34
CA GLN J 24 -45.95 -33.91 -2.86
C GLN J 24 -46.11 -33.21 -4.21
N SER J 25 -45.48 -32.05 -4.36
CA SER J 25 -45.61 -31.29 -5.61
C SER J 25 -45.03 -32.09 -6.81
N MET J 26 -43.85 -32.64 -6.60
CA MET J 26 -43.16 -33.47 -7.58
C MET J 26 -43.98 -34.69 -7.90
N TYR J 27 -44.56 -35.29 -6.86
CA TYR J 27 -45.39 -36.45 -7.08
C TYR J 27 -46.62 -36.09 -7.91
N ALA J 28 -47.13 -34.88 -7.73
CA ALA J 28 -48.23 -34.38 -8.57
C ALA J 28 -47.79 -34.32 -10.02
N TRP J 29 -46.59 -33.78 -10.25
CA TRP J 29 -46.08 -33.72 -11.63
C TRP J 29 -45.99 -35.15 -12.19
N PHE J 30 -45.43 -36.08 -11.41
CA PHE J 30 -45.35 -37.49 -11.79
C PHE J 30 -46.73 -38.01 -12.14
N GLY J 31 -47.73 -37.48 -11.44
CA GLY J 31 -49.10 -37.84 -11.71
C GLY J 31 -49.55 -37.40 -13.09
N LEU J 32 -49.45 -36.09 -13.36
CA LEU J 32 -49.82 -35.56 -14.67
C LEU J 32 -49.10 -36.27 -15.84
N VAL J 33 -47.83 -36.60 -15.61
CA VAL J 33 -47.04 -37.33 -16.60
C VAL J 33 -47.56 -38.73 -16.81
N VAL J 34 -47.83 -39.45 -15.73
CA VAL J 34 -48.35 -40.81 -15.86
C VAL J 34 -49.69 -40.78 -16.59
N ILE J 35 -50.46 -39.72 -16.34
CA ILE J 35 -51.71 -39.47 -17.04
C ILE J 35 -51.47 -39.43 -18.54
N ALA J 36 -50.57 -38.52 -18.93
CA ALA J 36 -50.24 -38.30 -20.34
C ALA J 36 -49.69 -39.57 -21.02
N HIS J 37 -48.91 -40.34 -20.27
CA HIS J 37 -48.29 -41.54 -20.82
C HIS J 37 -49.29 -42.64 -21.06
N LEU J 38 -50.29 -42.70 -20.19
CA LEU J 38 -51.35 -43.67 -20.39
C LEU J 38 -52.21 -43.28 -21.59
N LEU J 39 -52.64 -42.03 -21.68
CA LEU J 39 -53.37 -41.62 -22.89
C LEU J 39 -52.58 -41.94 -24.13
N ALA J 40 -51.28 -41.67 -24.06
CA ALA J 40 -50.38 -41.88 -25.19
C ALA J 40 -50.28 -43.35 -25.57
N TRP J 41 -50.31 -44.22 -24.56
CA TRP J 41 -50.22 -45.64 -24.80
C TRP J 41 -51.54 -46.10 -25.43
N LEU J 42 -52.63 -45.49 -24.99
CA LEU J 42 -53.96 -45.80 -25.50
C LEU J 42 -54.13 -45.40 -27.00
N TYR J 43 -53.87 -44.14 -27.33
CA TYR J 43 -54.08 -43.67 -28.71
C TYR J 43 -53.07 -44.25 -29.67
N ARG J 44 -51.91 -44.61 -29.13
CA ARG J 44 -50.77 -44.93 -29.95
C ARG J 44 -49.78 -45.82 -29.22
N PRO J 45 -50.04 -47.15 -29.27
CA PRO J 45 -49.10 -48.10 -28.66
C PRO J 45 -47.75 -48.00 -29.35
N TRP J 46 -46.68 -48.08 -28.56
CA TRP J 46 -45.33 -47.92 -29.09
C TRP J 46 -44.52 -49.19 -28.81
N LEU J 47 -45.16 -50.15 -28.14
CA LEU J 47 -44.51 -51.36 -27.64
C LEU J 47 -45.52 -52.52 -27.71
N PHE K 2 -25.04 -49.96 5.64
CA PHE K 2 -25.01 -50.45 4.26
C PHE K 2 -23.74 -50.04 3.50
N THR K 3 -22.56 -50.28 4.08
CA THR K 3 -21.30 -49.90 3.42
C THR K 3 -20.67 -50.92 2.44
N MET K 4 -20.66 -52.24 2.66
CA MET K 4 -21.27 -53.00 3.77
C MET K 4 -20.30 -53.32 4.95
N ASN K 5 -20.15 -52.37 5.89
CA ASN K 5 -19.33 -52.45 7.13
C ASN K 5 -17.83 -52.11 6.98
N ALA K 6 -17.43 -50.92 7.43
CA ALA K 6 -18.25 -50.05 8.26
C ALA K 6 -17.60 -48.68 8.32
N ASN K 7 -16.27 -48.67 8.34
CA ASN K 7 -15.58 -47.38 8.40
C ASN K 7 -15.33 -46.81 6.99
N LEU K 8 -16.18 -47.21 6.04
CA LEU K 8 -16.11 -46.69 4.68
C LEU K 8 -17.03 -45.50 4.58
N TYR K 9 -17.26 -44.88 5.73
CA TYR K 9 -17.95 -43.61 5.81
C TYR K 9 -16.83 -42.60 5.73
N LYS K 10 -15.76 -42.93 6.46
CA LYS K 10 -14.51 -42.17 6.43
C LYS K 10 -14.10 -41.76 4.99
N ILE K 11 -14.72 -42.39 3.98
CA ILE K 11 -14.51 -42.02 2.59
C ILE K 11 -14.99 -40.59 2.31
N TRP K 12 -15.95 -40.10 3.11
CA TRP K 12 -16.45 -38.72 2.99
C TRP K 12 -15.64 -37.82 3.90
N LEU K 13 -14.59 -38.38 4.47
CA LEU K 13 -13.61 -37.59 5.19
C LEU K 13 -12.49 -37.19 4.21
N ILE K 14 -12.53 -37.78 3.01
CA ILE K 14 -11.50 -37.59 1.98
C ILE K 14 -11.96 -36.85 0.72
N LEU K 15 -13.15 -37.20 0.26
CA LEU K 15 -13.73 -36.71 -0.98
C LEU K 15 -14.97 -35.91 -0.66
N ASP K 16 -15.01 -34.65 -1.09
CA ASP K 16 -16.11 -33.74 -0.78
C ASP K 16 -17.49 -34.30 -1.14
N PRO K 17 -18.37 -34.40 -0.14
CA PRO K 17 -19.75 -34.91 -0.31
C PRO K 17 -20.53 -34.18 -1.40
N ARG K 18 -20.42 -32.86 -1.41
CA ARG K 18 -21.08 -32.02 -2.39
C ARG K 18 -20.59 -32.39 -3.81
N ARG K 19 -19.25 -32.41 -3.93
CA ARG K 19 -18.56 -32.72 -5.19
C ARG K 19 -18.84 -34.13 -5.63
N VAL K 20 -18.71 -35.10 -4.72
CA VAL K 20 -18.99 -36.48 -5.06
C VAL K 20 -20.42 -36.65 -5.56
N LEU K 21 -21.37 -36.03 -4.85
CA LEU K 21 -22.77 -36.08 -5.25
C LEU K 21 -23.01 -35.53 -6.63
N VAL K 22 -22.63 -34.29 -6.83
CA VAL K 22 -22.86 -33.66 -8.10
C VAL K 22 -22.14 -34.46 -9.21
N SER K 23 -20.95 -34.98 -8.91
CA SER K 23 -20.18 -35.80 -9.86
C SER K 23 -20.97 -36.99 -10.32
N ILE K 24 -21.56 -37.71 -9.38
CA ILE K 24 -22.39 -38.85 -9.73
C ILE K 24 -23.59 -38.37 -10.55
N VAL K 25 -24.25 -37.29 -10.12
CA VAL K 25 -25.40 -36.75 -10.85
C VAL K 25 -25.07 -36.49 -12.32
N ALA K 26 -23.99 -35.76 -12.57
CA ALA K 26 -23.56 -35.45 -13.93
C ALA K 26 -23.24 -36.73 -14.68
N PHE K 27 -22.40 -37.56 -14.08
CA PHE K 27 -21.93 -38.77 -14.70
C PHE K 27 -23.08 -39.66 -15.17
N GLN K 28 -24.07 -39.84 -14.31
CA GLN K 28 -25.27 -40.64 -14.60
C GLN K 28 -26.23 -39.99 -15.60
N ILE K 29 -26.42 -38.69 -15.42
CA ILE K 29 -27.33 -37.90 -16.26
C ILE K 29 -26.80 -37.99 -17.71
N VAL K 30 -25.46 -37.95 -17.89
CA VAL K 30 -24.81 -38.16 -19.19
C VAL K 30 -24.90 -39.60 -19.74
N LEU K 31 -24.46 -40.56 -18.90
CA LEU K 31 -24.40 -41.97 -19.26
C LEU K 31 -25.73 -42.52 -19.74
N GLY K 32 -26.79 -42.07 -19.07
CA GLY K 32 -28.14 -42.45 -19.43
C GLY K 32 -28.41 -42.07 -20.86
N LEU K 33 -28.12 -40.82 -21.19
CA LEU K 33 -28.32 -40.36 -22.55
C LEU K 33 -27.50 -41.20 -23.52
N LEU K 34 -26.23 -41.46 -23.19
CA LEU K 34 -25.37 -42.24 -24.09
C LEU K 34 -25.98 -43.59 -24.44
N ILE K 35 -26.22 -44.42 -23.42
CA ILE K 35 -26.78 -45.73 -23.67
C ILE K 35 -28.15 -45.61 -24.34
N HIS K 36 -28.96 -44.62 -23.95
CA HIS K 36 -30.22 -44.38 -24.67
C HIS K 36 -29.97 -44.34 -26.18
N MET K 37 -28.93 -43.59 -26.53
CA MET K 37 -28.55 -43.42 -27.91
C MET K 37 -28.08 -44.74 -28.52
N ILE K 38 -27.32 -45.50 -27.74
CA ILE K 38 -26.74 -46.77 -28.17
C ILE K 38 -27.83 -47.72 -28.54
N VAL K 39 -28.84 -47.75 -27.69
CA VAL K 39 -30.04 -48.56 -27.85
C VAL K 39 -30.82 -48.11 -29.09
N LEU K 40 -30.86 -46.80 -29.31
CA LEU K 40 -31.53 -46.24 -30.48
C LEU K 40 -30.95 -46.71 -31.83
N SER K 41 -29.66 -47.05 -31.86
CA SER K 41 -29.04 -47.48 -33.11
C SER K 41 -28.98 -48.99 -33.31
N THR K 42 -29.45 -49.75 -32.33
CA THR K 42 -29.39 -51.20 -32.38
C THR K 42 -30.73 -51.90 -32.37
N ASP K 43 -30.64 -53.21 -32.18
CA ASP K 43 -31.77 -54.13 -32.24
C ASP K 43 -32.84 -53.73 -31.23
N LEU K 44 -32.41 -53.12 -30.13
CA LEU K 44 -33.34 -52.68 -29.11
C LEU K 44 -34.05 -51.36 -29.44
N ASN K 45 -33.75 -50.76 -30.59
CA ASN K 45 -34.46 -49.55 -31.04
C ASN K 45 -35.98 -49.87 -30.94
N TRP K 46 -36.76 -48.94 -30.40
CA TRP K 46 -38.18 -49.17 -30.12
C TRP K 46 -39.13 -48.16 -30.74
N LEU K 47 -38.59 -47.27 -31.58
CA LEU K 47 -39.35 -46.16 -32.11
C LEU K 47 -39.60 -46.23 -33.62
N ASP K 48 -38.52 -46.18 -34.41
CA ASP K 48 -38.63 -46.26 -35.86
C ASP K 48 -38.64 -47.74 -36.26
N ASP K 49 -39.52 -48.51 -35.63
CA ASP K 49 -39.56 -49.96 -35.78
C ASP K 49 -40.84 -50.42 -36.47
N ASN K 50 -41.82 -49.54 -36.47
CA ASN K 50 -43.17 -49.82 -36.92
C ASN K 50 -43.81 -50.73 -35.87
N ILE K 51 -43.52 -50.40 -34.60
CA ILE K 51 -44.00 -51.09 -33.41
C ILE K 51 -45.07 -50.36 -32.60
N PRO K 52 -46.25 -51.00 -32.41
CA PRO K 52 -46.63 -52.29 -33.02
C PRO K 52 -47.30 -52.10 -34.38
N VAL K 53 -47.64 -50.85 -34.73
CA VAL K 53 -48.19 -50.55 -36.05
C VAL K 53 -47.53 -49.30 -36.61
N SER K 54 -47.15 -49.36 -37.89
CA SER K 54 -46.48 -48.25 -38.59
C SER K 54 -47.37 -47.00 -38.69
N TYR K 55 -46.84 -45.86 -38.26
CA TYR K 55 -47.64 -44.65 -38.18
C TYR K 55 -47.52 -43.79 -39.44
N GLN K 56 -46.36 -43.79 -40.09
CA GLN K 56 -46.26 -43.11 -41.38
C GLN K 56 -46.98 -43.98 -42.40
N ALA K 57 -47.67 -45.00 -41.92
CA ALA K 57 -48.63 -45.76 -42.71
C ALA K 57 -50.01 -45.68 -42.03
N LEU K 58 -50.23 -44.58 -41.31
CA LEU K 58 -51.57 -44.20 -40.87
C LEU K 58 -52.24 -43.26 -41.89
N GLY K 59 -51.53 -43.01 -42.99
CA GLY K 59 -52.02 -42.18 -44.08
C GLY K 59 -51.30 -42.47 -45.38
N LYS K 60 -50.13 -41.88 -45.54
CA LYS K 60 -49.30 -42.09 -46.73
C LYS K 60 -47.81 -41.89 -46.44
N LYS K 61 -47.45 -40.72 -45.92
CA LYS K 61 -46.12 -40.13 -46.09
C LYS K 61 -45.04 -40.95 -45.40
N THR L 8 -12.40 -32.67 4.69
CA THR L 8 -13.55 -32.01 4.07
C THR L 8 -14.41 -31.24 5.06
N GLY L 9 -13.79 -30.74 6.14
CA GLY L 9 -14.51 -30.04 7.20
C GLY L 9 -15.76 -30.69 7.75
N LEU L 10 -15.73 -32.02 7.84
CA LEU L 10 -16.76 -32.82 8.50
C LEU L 10 -16.23 -33.41 9.80
N THR L 11 -17.10 -33.72 10.77
CA THR L 11 -16.63 -34.45 11.94
C THR L 11 -16.65 -35.94 11.58
N ASP L 12 -16.00 -36.77 12.40
CA ASP L 12 -15.94 -38.20 12.11
C ASP L 12 -17.33 -38.85 12.19
N ASP L 13 -18.23 -38.22 12.95
CA ASP L 13 -19.60 -38.73 13.12
C ASP L 13 -20.57 -38.38 11.99
N GLU L 14 -20.31 -37.24 11.34
CA GLU L 14 -21.21 -36.72 10.33
C GLU L 14 -20.83 -37.12 8.90
N ALA L 15 -19.89 -38.05 8.77
CA ALA L 15 -19.71 -38.76 7.50
C ALA L 15 -20.18 -40.20 7.65
N LYS L 16 -20.54 -40.59 8.87
CA LYS L 16 -21.18 -41.88 9.05
C LYS L 16 -22.56 -41.60 8.57
N GLU L 17 -23.00 -40.39 8.90
CA GLU L 17 -24.33 -39.92 8.61
C GLU L 17 -24.56 -39.78 7.12
N PHE L 18 -23.67 -39.00 6.49
CA PHE L 18 -23.73 -38.81 5.04
C PHE L 18 -23.63 -40.18 4.37
N HIS L 19 -22.67 -41.01 4.81
CA HIS L 19 -22.51 -42.35 4.24
C HIS L 19 -23.75 -43.20 4.37
N ALA L 20 -24.37 -43.14 5.54
CA ALA L 20 -25.55 -43.94 5.86
C ALA L 20 -26.70 -43.62 4.92
N ILE L 21 -26.99 -42.32 4.76
CA ILE L 21 -28.09 -41.90 3.91
C ILE L 21 -27.79 -42.14 2.42
N PHE L 22 -26.55 -41.83 2.07
CA PHE L 22 -26.05 -41.94 0.70
C PHE L 22 -26.18 -43.36 0.22
N MET L 23 -25.69 -44.29 1.02
CA MET L 23 -25.65 -45.70 0.64
C MET L 23 -27.03 -46.28 0.35
N GLN L 24 -28.00 -46.10 1.24
CA GLN L 24 -29.32 -46.67 0.94
C GLN L 24 -29.94 -45.94 -0.24
N SER L 25 -29.72 -44.63 -0.36
CA SER L 25 -30.30 -43.91 -1.51
C SER L 25 -29.74 -44.43 -2.84
N MET L 26 -28.42 -44.63 -2.87
CA MET L 26 -27.69 -45.16 -4.02
C MET L 26 -28.19 -46.54 -4.38
N TYR L 27 -28.38 -47.32 -3.33
CA TYR L 27 -28.87 -48.68 -3.47
C TYR L 27 -30.31 -48.69 -3.99
N ALA L 28 -31.09 -47.71 -3.55
CA ALA L 28 -32.48 -47.52 -3.98
C ALA L 28 -32.52 -47.27 -5.48
N TRP L 29 -31.60 -46.42 -5.90
CA TRP L 29 -31.44 -46.10 -7.31
C TRP L 29 -31.13 -47.39 -8.08
N PHE L 30 -30.16 -48.17 -7.58
CA PHE L 30 -29.80 -49.45 -8.16
C PHE L 30 -31.01 -50.36 -8.24
N GLY L 31 -31.90 -50.25 -7.26
CA GLY L 31 -33.12 -51.02 -7.24
C GLY L 31 -34.06 -50.66 -8.37
N LEU L 32 -34.37 -49.37 -8.45
CA LEU L 32 -35.24 -48.84 -9.49
C LEU L 32 -34.72 -49.29 -10.84
N VAL L 33 -33.39 -49.29 -10.96
CA VAL L 33 -32.67 -49.70 -12.15
C VAL L 33 -32.86 -51.16 -12.47
N VAL L 34 -32.67 -52.00 -11.46
CA VAL L 34 -32.80 -53.42 -11.67
C VAL L 34 -34.23 -53.73 -12.09
N ILE L 35 -35.19 -53.03 -11.49
CA ILE L 35 -36.61 -53.14 -11.86
C ILE L 35 -36.88 -52.79 -13.32
N ALA L 36 -36.52 -51.57 -13.71
CA ALA L 36 -36.73 -51.10 -15.06
C ALA L 36 -36.01 -52.01 -16.05
N HIS L 37 -34.88 -52.56 -15.63
CA HIS L 37 -34.08 -53.44 -16.48
C HIS L 37 -34.73 -54.79 -16.66
N LEU L 38 -35.42 -55.25 -15.63
CA LEU L 38 -36.16 -56.50 -15.69
C LEU L 38 -37.40 -56.32 -16.56
N LEU L 39 -38.08 -55.20 -16.35
CA LEU L 39 -39.23 -54.80 -17.16
C LEU L 39 -38.84 -54.74 -18.64
N ALA L 40 -37.68 -54.14 -18.89
CA ALA L 40 -37.11 -54.00 -20.23
C ALA L 40 -36.69 -55.36 -20.81
N TRP L 41 -36.17 -56.21 -19.94
CA TRP L 41 -35.69 -57.53 -20.34
C TRP L 41 -36.86 -58.45 -20.71
N LEU L 42 -37.94 -58.34 -19.96
CA LEU L 42 -39.18 -59.07 -20.22
C LEU L 42 -39.77 -58.57 -21.52
N TYR L 43 -39.95 -57.25 -21.61
CA TYR L 43 -40.57 -56.72 -22.82
C TYR L 43 -39.67 -56.85 -24.05
N ARG L 44 -38.35 -56.76 -23.85
CA ARG L 44 -37.44 -56.72 -24.98
C ARG L 44 -36.03 -57.14 -24.53
N PRO L 45 -35.76 -58.47 -24.49
CA PRO L 45 -34.43 -59.02 -24.24
C PRO L 45 -33.41 -58.63 -25.34
N TRP L 46 -32.17 -58.40 -24.91
CA TRP L 46 -31.12 -57.88 -25.78
C TRP L 46 -29.99 -58.90 -25.91
N LEU L 47 -30.15 -60.03 -25.23
CA LEU L 47 -29.14 -61.07 -25.18
C LEU L 47 -29.78 -62.44 -25.02
N PHE M 2 10.59 -63.98 -0.97
CA PHE M 2 9.45 -63.38 -0.26
C PHE M 2 8.45 -62.78 -1.25
N THR M 3 7.17 -63.17 -1.16
CA THR M 3 6.15 -62.51 -1.97
C THR M 3 5.54 -61.34 -1.15
N MET M 4 5.82 -61.33 0.15
CA MET M 4 5.02 -60.54 1.07
C MET M 4 5.64 -59.16 1.29
N ASN M 5 4.82 -58.12 1.06
CA ASN M 5 5.20 -56.70 1.23
C ASN M 5 5.65 -56.14 2.61
N ALA M 6 4.73 -56.10 3.57
CA ALA M 6 5.04 -55.96 5.00
C ALA M 6 5.32 -54.52 5.46
N ASN M 7 5.45 -53.59 4.52
CA ASN M 7 5.65 -52.18 4.89
C ASN M 7 5.10 -51.31 3.79
N LEU M 8 4.14 -51.90 3.09
CA LEU M 8 3.51 -51.25 1.95
C LEU M 8 2.25 -50.50 2.39
N TYR M 9 2.20 -50.15 3.66
CA TYR M 9 1.16 -49.26 4.08
C TYR M 9 1.80 -47.92 3.80
N LYS M 10 3.08 -47.82 4.18
CA LYS M 10 3.92 -46.64 3.96
C LYS M 10 3.79 -45.92 2.61
N ILE M 11 3.18 -46.56 1.61
CA ILE M 11 2.98 -45.92 0.33
C ILE M 11 2.11 -44.66 0.46
N TRP M 12 1.24 -44.60 1.46
CA TRP M 12 0.36 -43.45 1.61
C TRP M 12 1.06 -42.40 2.44
N LEU M 13 2.31 -42.70 2.75
CA LEU M 13 3.22 -41.74 3.35
C LEU M 13 3.92 -41.04 2.20
N ILE M 14 3.73 -41.62 1.02
CA ILE M 14 4.39 -41.16 -0.20
C ILE M 14 3.45 -40.58 -1.28
N LEU M 15 2.28 -41.18 -1.43
CA LEU M 15 1.34 -40.78 -2.49
C LEU M 15 0.03 -40.23 -1.91
N ASP M 16 -0.35 -39.00 -2.29
CA ASP M 16 -1.60 -38.42 -1.81
C ASP M 16 -2.75 -39.36 -2.11
N PRO M 17 -3.38 -39.88 -1.04
CA PRO M 17 -4.50 -40.82 -1.08
C PRO M 17 -5.70 -40.31 -1.86
N ARG M 18 -6.05 -39.04 -1.67
CA ARG M 18 -7.19 -38.46 -2.36
C ARG M 18 -6.98 -38.56 -3.88
N ARG M 19 -5.80 -38.10 -4.31
CA ARG M 19 -5.46 -38.05 -5.70
C ARG M 19 -5.34 -39.43 -6.31
N VAL M 20 -4.62 -40.32 -5.64
CA VAL M 20 -4.48 -41.69 -6.13
C VAL M 20 -5.86 -42.34 -6.27
N LEU M 21 -6.72 -42.11 -5.30
CA LEU M 21 -8.09 -42.65 -5.34
C LEU M 21 -8.83 -42.19 -6.59
N VAL M 22 -8.95 -40.88 -6.71
CA VAL M 22 -9.70 -40.30 -7.80
C VAL M 22 -9.08 -40.72 -9.13
N SER M 23 -7.74 -40.80 -9.14
CA SER M 23 -6.97 -41.24 -10.30
C SER M 23 -7.44 -42.60 -10.75
N ILE M 24 -7.56 -43.50 -9.79
CA ILE M 24 -8.05 -44.83 -10.07
C ILE M 24 -9.49 -44.74 -10.61
N VAL M 25 -10.34 -43.93 -10.00
CA VAL M 25 -11.73 -43.78 -10.49
C VAL M 25 -11.77 -43.44 -11.96
N ALA M 26 -11.00 -42.42 -12.31
CA ALA M 26 -10.93 -41.97 -13.69
C ALA M 26 -10.36 -43.06 -14.61
N PHE M 27 -9.19 -43.58 -14.28
CA PHE M 27 -8.54 -44.58 -15.13
C PHE M 27 -9.44 -45.78 -15.37
N GLN M 28 -10.13 -46.23 -14.33
CA GLN M 28 -11.03 -47.36 -14.47
C GLN M 28 -12.23 -47.03 -15.33
N ILE M 29 -12.89 -45.90 -15.07
CA ILE M 29 -14.08 -45.58 -15.86
C ILE M 29 -13.74 -45.39 -17.36
N VAL M 30 -12.64 -44.72 -17.65
CA VAL M 30 -12.19 -44.56 -19.03
C VAL M 30 -11.88 -45.91 -19.66
N LEU M 31 -11.04 -46.73 -19.00
CA LEU M 31 -10.68 -48.05 -19.52
C LEU M 31 -11.90 -48.93 -19.80
N GLY M 32 -12.89 -48.83 -18.93
CA GLY M 32 -14.15 -49.53 -19.07
C GLY M 32 -14.79 -49.10 -20.37
N LEU M 33 -14.89 -47.78 -20.55
CA LEU M 33 -15.48 -47.23 -21.77
C LEU M 33 -14.74 -47.73 -23.05
N LEU M 34 -13.41 -47.64 -23.01
CA LEU M 34 -12.53 -48.03 -24.10
C LEU M 34 -12.70 -49.47 -24.53
N ILE M 35 -12.40 -50.39 -23.62
CA ILE M 35 -12.46 -51.81 -23.94
C ILE M 35 -13.89 -52.21 -24.29
N HIS M 36 -14.88 -51.64 -23.60
CA HIS M 36 -16.28 -51.88 -24.00
C HIS M 36 -16.45 -51.65 -25.49
N MET M 37 -15.93 -50.52 -25.95
CA MET M 37 -16.01 -50.17 -27.36
C MET M 37 -15.21 -51.16 -28.19
N ILE M 38 -14.08 -51.62 -27.65
CA ILE M 38 -13.22 -52.59 -28.34
C ILE M 38 -13.98 -53.86 -28.62
N VAL M 39 -14.69 -54.33 -27.60
CA VAL M 39 -15.47 -55.56 -27.68
C VAL M 39 -16.62 -55.37 -28.65
N LEU M 40 -17.26 -54.19 -28.57
CA LEU M 40 -18.37 -53.86 -29.43
C LEU M 40 -18.00 -53.85 -30.92
N SER M 41 -16.71 -53.65 -31.23
CA SER M 41 -16.24 -53.58 -32.61
C SER M 41 -15.70 -54.89 -33.17
N THR M 42 -15.69 -55.93 -32.35
CA THR M 42 -15.13 -57.19 -32.80
C THR M 42 -16.15 -58.32 -32.87
N ASP M 43 -15.64 -59.53 -33.12
CA ASP M 43 -16.46 -60.71 -33.28
C ASP M 43 -17.31 -60.96 -32.05
N LEU M 44 -16.73 -60.63 -30.91
CA LEU M 44 -17.31 -60.93 -29.62
C LEU M 44 -18.46 -59.99 -29.23
N ASN M 45 -18.79 -59.08 -30.16
CA ASN M 45 -19.94 -58.17 -30.02
C ASN M 45 -21.21 -58.89 -29.57
N TRP M 46 -22.00 -58.24 -28.73
CA TRP M 46 -23.18 -58.85 -28.14
C TRP M 46 -24.52 -58.13 -28.37
N LEU M 47 -24.55 -57.12 -29.23
CA LEU M 47 -25.76 -56.30 -29.40
C LEU M 47 -26.41 -56.52 -30.76
N ASP M 48 -25.65 -56.28 -31.81
CA ASP M 48 -26.17 -56.50 -33.14
C ASP M 48 -25.99 -57.97 -33.57
N ASP M 49 -26.51 -58.91 -32.79
CA ASP M 49 -26.23 -60.31 -33.07
C ASP M 49 -27.46 -60.96 -33.67
N ASN M 50 -28.61 -60.40 -33.29
CA ASN M 50 -29.93 -60.90 -33.63
C ASN M 50 -30.21 -62.26 -32.96
N ILE M 51 -29.64 -62.44 -31.77
CA ILE M 51 -29.76 -63.68 -30.98
C ILE M 51 -30.60 -63.41 -29.72
N PRO M 52 -31.55 -64.31 -29.39
CA PRO M 52 -31.91 -65.52 -30.14
C PRO M 52 -32.95 -65.29 -31.22
N VAL M 53 -33.58 -64.13 -31.23
CA VAL M 53 -34.52 -63.78 -32.29
C VAL M 53 -34.33 -62.33 -32.74
N SER M 54 -34.26 -62.15 -34.05
CA SER M 54 -34.09 -60.84 -34.65
C SER M 54 -35.27 -59.88 -34.48
N TYR M 55 -34.98 -58.67 -34.06
CA TYR M 55 -36.01 -57.65 -33.90
C TYR M 55 -36.16 -56.78 -35.17
N GLN M 56 -35.07 -56.62 -35.94
CA GLN M 56 -35.14 -55.76 -37.13
C GLN M 56 -35.92 -56.38 -38.31
N ALA M 57 -36.04 -57.71 -38.33
CA ALA M 57 -36.92 -58.41 -39.26
C ALA M 57 -37.95 -59.21 -38.46
N LEU M 58 -38.35 -58.62 -37.33
CA LEU M 58 -39.41 -59.12 -36.45
C LEU M 58 -40.84 -58.70 -36.81
N GLY M 59 -41.05 -58.13 -37.99
CA GLY M 59 -42.40 -57.72 -38.38
C GLY M 59 -42.70 -57.69 -39.86
N LYS M 60 -43.90 -58.15 -40.22
CA LYS M 60 -44.33 -58.19 -41.61
C LYS M 60 -45.22 -57.00 -42.00
N LYS M 61 -44.60 -55.82 -42.10
CA LYS M 61 -45.29 -54.53 -41.94
C LYS M 61 -44.31 -53.42 -41.54
N THR N 8 2.89 -35.47 3.10
CA THR N 8 1.81 -35.97 2.26
C THR N 8 0.47 -35.86 2.98
N GLY N 9 0.40 -34.86 3.85
CA GLY N 9 -0.71 -34.55 4.74
C GLY N 9 -1.45 -35.69 5.45
N LEU N 10 -0.77 -36.82 5.61
CA LEU N 10 -1.28 -37.89 6.44
C LEU N 10 -0.29 -38.20 7.56
N THR N 11 -0.81 -38.72 8.67
CA THR N 11 0.02 -39.21 9.76
C THR N 11 0.39 -40.68 9.53
N ASP N 12 1.36 -41.18 10.28
CA ASP N 12 1.85 -42.55 10.12
C ASP N 12 0.79 -43.61 10.41
N ASP N 13 -0.19 -43.28 11.26
CA ASP N 13 -1.30 -44.20 11.60
C ASP N 13 -2.42 -44.17 10.57
N GLU N 14 -2.52 -43.05 9.86
CA GLU N 14 -3.57 -42.89 8.88
C GLU N 14 -3.08 -43.32 7.50
N ALA N 15 -1.89 -43.87 7.42
CA ALA N 15 -1.45 -44.54 6.20
C ALA N 15 -1.40 -46.04 6.42
N LYS N 16 -1.60 -46.46 7.66
CA LYS N 16 -1.84 -47.86 7.93
C LYS N 16 -3.34 -48.08 7.77
N GLU N 17 -4.09 -47.16 8.37
CA GLU N 17 -5.55 -47.20 8.41
C GLU N 17 -6.15 -47.09 7.00
N PHE N 18 -5.76 -46.02 6.30
CA PHE N 18 -6.19 -45.81 4.92
C PHE N 18 -5.88 -47.04 4.13
N HIS N 19 -4.64 -47.50 4.26
CA HIS N 19 -4.16 -48.68 3.56
C HIS N 19 -4.99 -49.91 3.88
N ALA N 20 -5.37 -50.02 5.15
CA ALA N 20 -6.20 -51.13 5.60
C ALA N 20 -7.49 -51.10 4.79
N ILE N 21 -8.07 -49.93 4.68
CA ILE N 21 -9.36 -49.78 3.98
C ILE N 21 -9.23 -50.01 2.44
N PHE N 22 -8.15 -49.50 1.86
CA PHE N 22 -7.83 -49.61 0.44
C PHE N 22 -7.67 -51.04 0.04
N MET N 23 -6.87 -51.78 0.78
CA MET N 23 -6.58 -53.16 0.42
C MET N 23 -7.88 -53.93 0.30
N GLN N 24 -8.74 -53.75 1.31
CA GLN N 24 -10.04 -54.41 1.36
C GLN N 24 -10.97 -53.97 0.24
N SER N 25 -11.00 -52.66 -0.04
CA SER N 25 -11.86 -52.16 -1.11
C SER N 25 -11.43 -52.71 -2.48
N MET N 26 -10.13 -52.66 -2.75
CA MET N 26 -9.58 -53.15 -4.02
C MET N 26 -9.80 -54.63 -4.24
N TYR N 27 -9.58 -55.41 -3.19
CA TYR N 27 -9.82 -56.85 -3.28
C TYR N 27 -11.30 -57.11 -3.48
N ALA N 28 -12.16 -56.27 -2.88
CA ALA N 28 -13.59 -56.38 -3.13
C ALA N 28 -13.94 -56.13 -4.59
N TRP N 29 -13.37 -55.06 -5.15
CA TRP N 29 -13.62 -54.69 -6.52
C TRP N 29 -13.16 -55.79 -7.46
N PHE N 30 -11.91 -56.24 -7.28
CA PHE N 30 -11.34 -57.34 -8.06
C PHE N 30 -12.22 -58.57 -7.94
N GLY N 31 -12.88 -58.69 -6.80
CA GLY N 31 -13.84 -59.76 -6.60
C GLY N 31 -14.97 -59.61 -7.60
N LEU N 32 -15.57 -58.41 -7.65
CA LEU N 32 -16.62 -58.15 -8.63
C LEU N 32 -16.18 -58.47 -10.07
N VAL N 33 -14.92 -58.15 -10.33
CA VAL N 33 -14.30 -58.34 -11.64
C VAL N 33 -14.14 -59.81 -12.08
N VAL N 34 -13.51 -60.61 -11.21
CA VAL N 34 -13.30 -62.01 -11.48
C VAL N 34 -14.66 -62.69 -11.57
N ILE N 35 -15.60 -62.23 -10.75
CA ILE N 35 -16.97 -62.72 -10.89
C ILE N 35 -17.57 -62.49 -12.33
N ALA N 36 -17.60 -61.23 -12.76
CA ALA N 36 -18.17 -60.88 -14.07
C ALA N 36 -17.46 -61.60 -15.20
N HIS N 37 -16.15 -61.76 -15.06
CA HIS N 37 -15.36 -62.39 -16.12
C HIS N 37 -15.57 -63.89 -16.20
N LEU N 38 -15.81 -64.50 -15.06
CA LEU N 38 -16.13 -65.91 -15.11
C LEU N 38 -17.49 -66.08 -15.75
N LEU N 39 -18.46 -65.25 -15.37
CA LEU N 39 -19.77 -65.29 -16.03
C LEU N 39 -19.64 -65.14 -17.57
N ALA N 40 -18.80 -64.19 -17.97
CA ALA N 40 -18.56 -63.92 -19.39
C ALA N 40 -17.91 -65.12 -20.07
N TRP N 41 -17.04 -65.82 -19.35
CA TRP N 41 -16.35 -66.99 -19.89
C TRP N 41 -17.36 -68.10 -20.06
N LEU N 42 -18.34 -68.13 -19.17
CA LEU N 42 -19.41 -69.11 -19.23
C LEU N 42 -20.26 -68.90 -20.49
N TYR N 43 -20.73 -67.67 -20.70
CA TYR N 43 -21.65 -67.39 -21.83
C TYR N 43 -20.97 -67.42 -23.21
N ARG N 44 -19.70 -67.05 -23.24
CA ARG N 44 -18.96 -66.85 -24.48
C ARG N 44 -17.47 -66.83 -24.17
N PRO N 45 -16.85 -68.02 -24.07
CA PRO N 45 -15.41 -68.03 -23.80
C PRO N 45 -14.62 -67.35 -24.93
N TRP N 46 -13.56 -66.62 -24.55
CA TRP N 46 -12.84 -65.76 -25.49
C TRP N 46 -11.41 -66.21 -25.73
N LEU N 47 -11.05 -67.35 -25.14
CA LEU N 47 -9.70 -67.89 -25.23
C LEU N 47 -9.80 -69.40 -25.38
N PHE O 2 31.52 -59.03 -2.34
CA PHE O 2 30.23 -59.12 -3.01
C PHE O 2 30.32 -58.34 -4.33
N THR O 3 30.47 -59.07 -5.44
CA THR O 3 30.61 -58.52 -6.81
C THR O 3 29.32 -58.26 -7.62
N MET O 4 28.73 -57.09 -7.39
CA MET O 4 27.33 -56.75 -7.67
C MET O 4 27.11 -55.35 -7.07
N ASN O 5 26.14 -54.61 -7.59
CA ASN O 5 25.84 -53.25 -7.08
C ASN O 5 25.59 -53.18 -5.57
N ALA O 6 26.63 -53.50 -4.79
CA ALA O 6 26.63 -53.43 -3.32
C ALA O 6 26.35 -52.07 -2.63
N ASN O 7 25.80 -51.11 -3.37
CA ASN O 7 25.46 -49.77 -2.89
C ASN O 7 24.34 -49.18 -3.72
N LEU O 8 23.46 -50.03 -4.23
CA LEU O 8 22.46 -49.59 -5.20
C LEU O 8 21.14 -49.12 -4.57
N TYR O 9 21.24 -48.68 -3.33
CA TYR O 9 20.18 -47.96 -2.65
C TYR O 9 20.41 -46.49 -2.95
N LYS O 10 21.68 -46.11 -2.91
CA LYS O 10 22.16 -44.78 -3.25
C LYS O 10 21.51 -44.12 -4.48
N ILE O 11 20.90 -44.91 -5.36
CA ILE O 11 20.22 -44.32 -6.49
C ILE O 11 19.04 -43.44 -6.01
N TRP O 12 18.47 -43.80 -4.87
CA TRP O 12 17.31 -43.06 -4.33
C TRP O 12 17.82 -41.92 -3.46
N LEU O 13 19.14 -41.73 -3.44
CA LEU O 13 19.72 -40.54 -2.83
C LEU O 13 19.91 -39.45 -3.87
N ILE O 14 19.81 -39.85 -5.14
CA ILE O 14 20.07 -38.96 -6.30
C ILE O 14 18.80 -38.69 -7.15
N LEU O 15 17.94 -39.72 -7.26
CA LEU O 15 16.73 -39.65 -8.08
C LEU O 15 15.46 -39.71 -7.21
N ASP O 16 14.59 -38.70 -7.32
CA ASP O 16 13.40 -38.63 -6.46
C ASP O 16 12.52 -39.86 -6.54
N PRO O 17 12.38 -40.56 -5.42
CA PRO O 17 11.57 -41.76 -5.31
C PRO O 17 10.13 -41.58 -5.75
N ARG O 18 9.47 -40.49 -5.35
CA ARG O 18 8.07 -40.30 -5.75
C ARG O 18 7.93 -40.25 -7.28
N ARG O 19 8.76 -39.40 -7.90
CA ARG O 19 8.63 -39.20 -9.34
C ARG O 19 8.90 -40.52 -10.01
N VAL O 20 10.02 -41.12 -9.66
CA VAL O 20 10.42 -42.36 -10.25
C VAL O 20 9.35 -43.43 -10.13
N LEU O 21 8.73 -43.54 -8.96
CA LEU O 21 7.65 -44.52 -8.83
C LEU O 21 6.48 -44.20 -9.77
N VAL O 22 5.90 -43.01 -9.63
CA VAL O 22 4.71 -42.74 -10.43
C VAL O 22 5.01 -42.84 -11.95
N SER O 23 6.17 -42.34 -12.34
CA SER O 23 6.69 -42.43 -13.69
C SER O 23 6.72 -43.89 -14.12
N ILE O 24 7.21 -44.75 -13.23
CA ILE O 24 7.28 -46.18 -13.51
C ILE O 24 5.88 -46.74 -13.81
N VAL O 25 4.93 -46.42 -12.94
CA VAL O 25 3.55 -46.86 -13.16
C VAL O 25 3.01 -46.45 -14.54
N ALA O 26 3.16 -45.16 -14.86
CA ALA O 26 2.69 -44.64 -16.15
C ALA O 26 3.33 -45.43 -17.28
N PHE O 27 4.65 -45.54 -17.23
CA PHE O 27 5.45 -46.22 -18.25
C PHE O 27 4.95 -47.62 -18.55
N GLN O 28 4.65 -48.38 -17.50
CA GLN O 28 4.15 -49.74 -17.68
C GLN O 28 2.74 -49.74 -18.23
N ILE O 29 1.90 -48.83 -17.75
CA ILE O 29 0.52 -48.80 -18.25
C ILE O 29 0.52 -48.49 -19.76
N VAL O 30 1.33 -47.53 -20.18
CA VAL O 30 1.41 -47.21 -21.60
C VAL O 30 1.98 -48.41 -22.34
N LEU O 31 3.12 -48.97 -21.91
CA LEU O 31 3.71 -50.13 -22.61
C LEU O 31 2.75 -51.31 -22.77
N GLY O 32 1.93 -51.54 -21.75
CA GLY O 32 0.89 -52.55 -21.78
C GLY O 32 -0.07 -52.22 -22.89
N LEU O 33 -0.55 -50.98 -22.88
CA LEU O 33 -1.50 -50.51 -23.88
C LEU O 33 -0.91 -50.71 -25.28
N LEU O 34 0.35 -50.30 -25.40
CA LEU O 34 1.15 -50.32 -26.62
C LEU O 34 1.27 -51.73 -27.20
N ILE O 35 1.86 -52.63 -26.41
CA ILE O 35 2.09 -54.00 -26.83
C ILE O 35 0.79 -54.72 -27.13
N HIS O 36 -0.21 -54.51 -26.29
CA HIS O 36 -1.55 -55.04 -26.57
C HIS O 36 -1.97 -54.64 -28.00
N MET O 37 -1.79 -53.36 -28.31
CA MET O 37 -2.15 -52.82 -29.62
C MET O 37 -1.30 -53.50 -30.69
N ILE O 38 -0.04 -53.78 -30.35
CA ILE O 38 0.89 -54.46 -31.27
C ILE O 38 0.46 -55.87 -31.62
N VAL O 39 0.06 -56.61 -30.61
CA VAL O 39 -0.42 -57.97 -30.78
C VAL O 39 -1.70 -57.96 -31.61
N LEU O 40 -2.56 -56.99 -31.32
CA LEU O 40 -3.83 -56.85 -32.02
C LEU O 40 -3.68 -56.61 -33.53
N SER O 41 -2.51 -56.12 -33.93
CA SER O 41 -2.23 -55.82 -35.33
C SER O 41 -1.55 -56.98 -36.08
N THR O 42 -1.28 -58.08 -35.38
CA THR O 42 -0.62 -59.21 -36.03
C THR O 42 -1.48 -60.47 -36.11
N ASP O 43 -0.85 -61.55 -36.56
CA ASP O 43 -1.49 -62.84 -36.75
C ASP O 43 -2.00 -63.30 -35.38
N LEU O 44 -1.30 -62.86 -34.34
CA LEU O 44 -1.59 -63.31 -32.97
C LEU O 44 -2.84 -62.68 -32.36
N ASN O 45 -3.53 -61.84 -33.14
CA ASN O 45 -4.81 -61.23 -32.74
C ASN O 45 -5.79 -62.22 -32.14
N TRP O 46 -6.56 -61.77 -31.14
CA TRP O 46 -7.47 -62.67 -30.44
C TRP O 46 -8.96 -62.25 -30.48
N LEU O 47 -9.31 -61.23 -31.27
CA LEU O 47 -10.69 -60.70 -31.23
C LEU O 47 -11.49 -60.89 -32.53
N ASP O 48 -10.99 -60.38 -33.64
CA ASP O 48 -11.70 -60.50 -34.91
C ASP O 48 -11.39 -61.90 -35.46
N ASP O 49 -11.59 -62.92 -34.62
CA ASP O 49 -11.15 -64.27 -34.96
C ASP O 49 -12.23 -65.33 -35.15
N ASN O 50 -13.42 -65.08 -34.60
CA ASN O 50 -14.51 -66.05 -34.59
C ASN O 50 -14.23 -67.18 -33.62
N ILE O 51 -13.67 -66.82 -32.46
CA ILE O 51 -13.35 -67.81 -31.44
C ILE O 51 -14.35 -67.72 -30.28
N PRO O 52 -14.95 -68.86 -29.90
CA PRO O 52 -14.73 -70.15 -30.58
C PRO O 52 -15.67 -70.42 -31.78
N VAL O 53 -16.70 -69.59 -31.95
CA VAL O 53 -17.62 -69.68 -33.09
C VAL O 53 -17.98 -68.29 -33.63
N SER O 54 -18.07 -68.15 -34.95
CA SER O 54 -18.42 -66.85 -35.55
C SER O 54 -19.80 -66.38 -35.05
N TYR O 55 -19.86 -65.18 -34.51
CA TYR O 55 -21.09 -64.68 -33.89
C TYR O 55 -21.83 -63.89 -34.96
N GLN O 56 -21.07 -63.35 -35.89
CA GLN O 56 -21.65 -62.65 -37.02
C GLN O 56 -22.24 -63.68 -38.01
N ALA O 57 -22.37 -64.94 -37.59
CA ALA O 57 -23.09 -65.97 -38.35
C ALA O 57 -23.70 -67.10 -37.50
N LEU O 58 -24.09 -66.80 -36.25
CA LEU O 58 -24.95 -67.71 -35.49
C LEU O 58 -26.44 -67.37 -35.68
N GLY O 59 -27.04 -66.78 -34.63
CA GLY O 59 -28.41 -66.28 -34.57
C GLY O 59 -29.62 -66.82 -35.32
N LYS O 60 -30.76 -66.95 -34.62
CA LYS O 60 -32.02 -67.31 -35.29
C LYS O 60 -33.01 -66.13 -35.34
N LYS O 61 -32.82 -65.17 -36.24
CA LYS O 61 -31.64 -65.10 -37.10
C LYS O 61 -30.89 -63.79 -36.89
N THR P 8 17.60 -34.90 -2.56
CA THR P 8 16.33 -35.62 -2.74
C THR P 8 15.60 -35.85 -1.43
N GLY P 9 15.92 -35.04 -0.44
CA GLY P 9 15.40 -35.15 0.92
C GLY P 9 15.19 -36.52 1.57
N LEU P 10 16.00 -37.52 1.22
CA LEU P 10 15.92 -38.78 1.96
C LEU P 10 17.21 -39.04 2.74
N THR P 11 17.10 -39.72 3.88
CA THR P 11 18.28 -40.19 4.61
C THR P 11 18.65 -41.58 4.10
N ASP P 12 19.84 -42.06 4.46
CA ASP P 12 20.32 -43.34 3.97
C ASP P 12 19.42 -44.50 4.44
N ASP P 13 18.70 -44.30 5.53
CA ASP P 13 17.83 -45.34 6.05
C ASP P 13 16.50 -45.39 5.30
N GLU P 14 16.09 -44.25 4.76
CA GLU P 14 14.84 -44.21 4.02
C GLU P 14 15.13 -44.44 2.52
N ALA P 15 16.38 -44.77 2.18
CA ALA P 15 16.65 -45.23 0.84
C ALA P 15 16.98 -46.71 0.80
N LYS P 16 17.28 -47.27 1.97
CA LYS P 16 17.43 -48.71 2.10
C LYS P 16 16.04 -49.27 2.29
N GLU P 17 15.25 -48.55 3.10
CA GLU P 17 13.89 -48.95 3.42
C GLU P 17 13.13 -48.97 2.11
N PHE P 18 13.18 -47.84 1.42
CA PHE P 18 12.60 -47.74 0.10
C PHE P 18 13.14 -48.77 -0.88
N HIS P 19 14.47 -48.92 -0.97
CA HIS P 19 15.01 -49.86 -1.96
C HIS P 19 14.51 -51.29 -1.74
N ALA P 20 14.47 -51.70 -0.47
CA ALA P 20 14.01 -53.04 -0.12
C ALA P 20 12.56 -53.25 -0.49
N ILE P 21 11.70 -52.32 -0.06
CA ILE P 21 10.27 -52.49 -0.27
C ILE P 21 9.98 -52.46 -1.77
N PHE P 22 10.70 -51.59 -2.45
CA PHE P 22 10.59 -51.44 -3.88
C PHE P 22 10.95 -52.77 -4.52
N MET P 23 12.08 -53.33 -4.13
CA MET P 23 12.56 -54.55 -4.76
C MET P 23 11.50 -55.62 -4.64
N GLN P 24 10.93 -55.76 -3.45
CA GLN P 24 9.90 -56.77 -3.25
C GLN P 24 8.66 -56.50 -4.10
N SER P 25 8.24 -55.23 -4.18
CA SER P 25 7.06 -54.91 -4.95
C SER P 25 7.25 -55.22 -6.45
N MET P 26 8.40 -54.80 -6.95
CA MET P 26 8.79 -54.95 -8.34
C MET P 26 8.85 -56.44 -8.73
N TYR P 27 9.41 -57.23 -7.81
CA TYR P 27 9.47 -58.68 -7.98
C TYR P 27 8.11 -59.34 -7.94
N ALA P 28 7.21 -58.85 -7.09
CA ALA P 28 5.85 -59.36 -7.07
C ALA P 28 5.18 -59.11 -8.43
N TRP P 29 5.31 -57.88 -8.93
CA TRP P 29 4.73 -57.54 -10.20
C TRP P 29 5.29 -58.45 -11.30
N PHE P 30 6.61 -58.56 -11.34
CA PHE P 30 7.31 -59.42 -12.30
C PHE P 30 6.84 -60.88 -12.16
N GLY P 31 6.49 -61.26 -10.94
CA GLY P 31 5.97 -62.58 -10.65
C GLY P 31 4.68 -62.76 -11.40
N LEU P 32 3.77 -61.80 -11.22
CA LEU P 32 2.52 -61.79 -11.97
C LEU P 32 2.80 -61.88 -13.48
N VAL P 33 3.91 -61.29 -13.89
CA VAL P 33 4.27 -61.28 -15.30
C VAL P 33 4.57 -62.69 -15.84
N VAL P 34 5.46 -63.40 -15.17
CA VAL P 34 5.80 -64.75 -15.59
C VAL P 34 4.57 -65.62 -15.45
N ILE P 35 3.72 -65.31 -14.48
CA ILE P 35 2.45 -66.02 -14.35
C ILE P 35 1.67 -65.92 -15.65
N ALA P 36 1.44 -64.68 -16.08
CA ALA P 36 0.70 -64.42 -17.30
C ALA P 36 1.36 -65.07 -18.51
N HIS P 37 2.69 -65.11 -18.51
CA HIS P 37 3.48 -65.63 -19.63
C HIS P 37 3.40 -67.16 -19.71
N LEU P 38 3.25 -67.80 -18.56
CA LEU P 38 3.05 -69.23 -18.53
C LEU P 38 1.64 -69.56 -19.00
N LEU P 39 0.62 -68.89 -18.48
CA LEU P 39 -0.72 -69.14 -19.02
C LEU P 39 -0.75 -68.91 -20.50
N ALA P 40 -0.11 -67.83 -20.94
CA ALA P 40 -0.08 -67.50 -22.35
C ALA P 40 0.64 -68.55 -23.17
N TRP P 41 1.72 -69.09 -22.61
CA TRP P 41 2.53 -70.06 -23.32
C TRP P 41 1.90 -71.44 -23.41
N LEU P 42 1.20 -71.89 -22.37
CA LEU P 42 0.60 -73.22 -22.45
C LEU P 42 -0.49 -73.32 -23.52
N TYR P 43 -1.53 -72.47 -23.44
CA TYR P 43 -2.63 -72.60 -24.39
C TYR P 43 -2.21 -72.12 -25.76
N ARG P 44 -1.23 -71.24 -25.80
CA ARG P 44 -0.90 -70.50 -27.00
C ARG P 44 0.59 -70.13 -27.07
N PRO P 45 1.41 -71.12 -27.48
CA PRO P 45 2.86 -70.96 -27.69
C PRO P 45 3.12 -69.95 -28.80
N TRP P 46 4.14 -69.12 -28.60
CA TRP P 46 4.46 -68.03 -29.52
C TRP P 46 5.86 -68.08 -30.11
N LEU P 47 6.62 -69.11 -29.75
CA LEU P 47 8.02 -69.19 -30.16
C LEU P 47 8.41 -70.61 -30.46
N PHE Q 2 37.68 -52.54 -16.89
CA PHE Q 2 38.10 -53.30 -15.72
C PHE Q 2 39.55 -53.77 -15.85
N THR Q 3 40.38 -52.99 -16.54
CA THR Q 3 41.80 -53.32 -16.71
C THR Q 3 42.74 -52.12 -16.51
N MET Q 4 42.25 -51.06 -15.84
CA MET Q 4 42.82 -49.68 -15.86
C MET Q 4 42.67 -48.97 -17.23
N ASN Q 5 42.45 -47.65 -17.24
CA ASN Q 5 42.42 -46.92 -18.52
C ASN Q 5 43.09 -45.53 -18.44
N ALA Q 6 42.75 -44.73 -17.43
CA ALA Q 6 43.60 -43.59 -17.10
C ALA Q 6 43.23 -42.94 -15.78
N ASN Q 7 42.33 -41.99 -15.91
CA ASN Q 7 41.79 -41.16 -14.84
C ASN Q 7 40.43 -40.82 -15.38
N LEU Q 8 39.92 -41.78 -16.15
CA LEU Q 8 38.64 -41.69 -16.83
C LEU Q 8 37.45 -41.77 -15.87
N TYR Q 9 37.70 -41.48 -14.59
CA TYR Q 9 36.64 -41.32 -13.60
C TYR Q 9 36.31 -39.85 -13.59
N LYS Q 10 37.36 -39.03 -13.67
CA LYS Q 10 37.26 -37.58 -13.80
C LYS Q 10 36.15 -37.05 -14.73
N ILE Q 11 35.55 -37.93 -15.52
CA ILE Q 11 34.46 -37.60 -16.43
C ILE Q 11 33.30 -36.99 -15.64
N TRP Q 12 33.19 -37.39 -14.39
CA TRP Q 12 32.10 -36.96 -13.52
C TRP Q 12 32.41 -35.64 -12.78
N LEU Q 13 33.61 -35.11 -13.05
CA LEU Q 13 33.98 -33.78 -12.64
C LEU Q 13 33.61 -32.88 -13.81
N ILE Q 14 33.34 -33.53 -14.94
CA ILE Q 14 33.05 -32.87 -16.22
C ILE Q 14 31.61 -33.07 -16.65
N LEU Q 15 31.11 -34.30 -16.49
CA LEU Q 15 29.73 -34.58 -16.89
C LEU Q 15 28.84 -35.01 -15.73
N ASP Q 16 27.78 -34.22 -15.51
CA ASP Q 16 26.79 -34.42 -14.45
C ASP Q 16 26.10 -35.78 -14.53
N PRO Q 17 26.28 -36.61 -13.49
CA PRO Q 17 25.75 -37.96 -13.32
C PRO Q 17 24.23 -38.12 -13.43
N ARG Q 18 23.45 -37.23 -12.84
CA ARG Q 18 21.99 -37.33 -12.92
C ARG Q 18 21.57 -37.28 -14.38
N ARG Q 19 22.11 -36.29 -15.09
CA ARG Q 19 21.80 -36.05 -16.51
C ARG Q 19 22.26 -37.16 -17.47
N VAL Q 20 23.49 -37.66 -17.34
CA VAL Q 20 23.92 -38.82 -18.14
C VAL Q 20 23.02 -40.02 -17.89
N LEU Q 21 22.64 -40.21 -16.62
CA LEU Q 21 21.69 -41.27 -16.28
C LEU Q 21 20.43 -41.09 -17.15
N VAL Q 22 19.84 -39.89 -17.06
CA VAL Q 22 18.59 -39.60 -17.80
C VAL Q 22 18.77 -39.79 -19.31
N SER Q 23 19.93 -39.35 -19.82
CA SER Q 23 20.30 -39.48 -21.23
C SER Q 23 20.31 -40.93 -21.68
N ILE Q 24 20.99 -41.77 -20.91
CA ILE Q 24 21.08 -43.19 -21.21
C ILE Q 24 19.72 -43.88 -21.11
N VAL Q 25 18.99 -43.65 -20.03
CA VAL Q 25 17.67 -44.25 -19.86
C VAL Q 25 16.79 -43.95 -21.09
N ALA Q 26 16.72 -42.66 -21.46
CA ALA Q 26 15.90 -42.19 -22.58
C ALA Q 26 16.35 -42.74 -23.92
N PHE Q 27 17.63 -42.55 -24.22
CA PHE Q 27 18.20 -43.01 -25.48
C PHE Q 27 18.00 -44.50 -25.70
N GLN Q 28 18.27 -45.28 -24.66
CA GLN Q 28 18.14 -46.73 -24.72
C GLN Q 28 16.69 -47.15 -24.91
N ILE Q 29 15.78 -46.47 -24.21
CA ILE Q 29 14.35 -46.76 -24.36
C ILE Q 29 13.90 -46.55 -25.80
N VAL Q 30 14.37 -45.45 -26.39
CA VAL Q 30 14.05 -45.11 -27.78
C VAL Q 30 14.55 -46.18 -28.77
N LEU Q 31 15.83 -46.49 -28.64
CA LEU Q 31 16.50 -47.49 -29.45
C LEU Q 31 15.85 -48.86 -29.36
N GLY Q 32 15.43 -49.23 -28.15
CA GLY Q 32 14.76 -50.49 -27.93
C GLY Q 32 13.48 -50.60 -28.71
N LEU Q 33 12.58 -49.64 -28.51
CA LEU Q 33 11.35 -49.64 -29.30
C LEU Q 33 11.60 -49.57 -30.84
N LEU Q 34 12.56 -48.73 -31.24
CA LEU Q 34 12.92 -48.54 -32.65
C LEU Q 34 13.31 -49.81 -33.34
N ILE Q 35 14.35 -50.47 -32.84
CA ILE Q 35 14.80 -51.72 -33.45
C ILE Q 35 13.73 -52.79 -33.36
N HIS Q 36 13.07 -52.91 -32.20
CA HIS Q 36 11.97 -53.87 -32.07
C HIS Q 36 10.95 -53.74 -33.19
N MET Q 37 10.49 -52.52 -33.41
CA MET Q 37 9.57 -52.24 -34.52
C MET Q 37 10.20 -52.43 -35.89
N ILE Q 38 11.48 -52.08 -36.06
CA ILE Q 38 12.11 -52.29 -37.38
C ILE Q 38 12.08 -53.75 -37.73
N VAL Q 39 12.46 -54.58 -36.77
CA VAL Q 39 12.45 -56.02 -36.95
C VAL Q 39 11.01 -56.51 -37.16
N LEU Q 40 10.08 -55.93 -36.40
CA LEU Q 40 8.66 -56.25 -36.55
C LEU Q 40 8.18 -55.87 -37.95
N SER Q 41 8.88 -54.91 -38.56
CA SER Q 41 8.60 -54.38 -39.90
C SER Q 41 9.45 -55.05 -40.97
N THR Q 42 10.29 -56.00 -40.59
CA THR Q 42 11.10 -56.69 -41.59
C THR Q 42 10.71 -58.14 -41.68
N ASP Q 43 11.46 -58.87 -42.48
CA ASP Q 43 11.18 -60.25 -42.71
C ASP Q 43 11.38 -61.03 -41.41
N LEU Q 44 12.31 -60.58 -40.55
CA LEU Q 44 12.61 -61.34 -39.32
C LEU Q 44 11.48 -61.31 -38.30
N ASN Q 45 10.33 -60.78 -38.72
CA ASN Q 45 9.12 -60.82 -37.90
C ASN Q 45 8.98 -62.18 -37.24
N TRP Q 46 8.59 -62.17 -35.97
CA TRP Q 46 8.48 -63.39 -35.19
C TRP Q 46 7.08 -63.55 -34.63
N LEU Q 47 6.15 -62.70 -35.08
CA LEU Q 47 4.82 -62.71 -34.50
C LEU Q 47 3.81 -63.18 -35.53
N ASP Q 48 3.79 -62.48 -36.65
CA ASP Q 48 2.89 -62.72 -37.78
C ASP Q 48 3.45 -63.76 -38.77
N ASP Q 49 3.85 -64.89 -38.23
CA ASP Q 49 4.57 -65.92 -38.96
C ASP Q 49 3.79 -67.23 -39.03
N ASN Q 50 2.77 -67.34 -38.16
CA ASN Q 50 2.00 -68.55 -37.87
C ASN Q 50 2.82 -69.51 -37.00
N ILE Q 51 3.52 -68.93 -36.00
CA ILE Q 51 4.41 -69.70 -35.11
C ILE Q 51 3.94 -69.92 -33.66
N PRO Q 52 3.98 -71.20 -33.17
CA PRO Q 52 4.29 -72.46 -33.86
C PRO Q 52 2.99 -73.12 -34.37
N VAL Q 53 1.86 -72.55 -33.96
CA VAL Q 53 0.55 -73.03 -34.41
C VAL Q 53 -0.25 -71.83 -34.89
N SER Q 54 -0.86 -72.00 -36.07
CA SER Q 54 -1.60 -70.94 -36.75
C SER Q 54 -2.80 -70.41 -35.97
N TYR Q 55 -2.87 -69.09 -35.78
CA TYR Q 55 -3.96 -68.56 -34.98
C TYR Q 55 -5.13 -67.98 -35.82
N GLN Q 56 -4.86 -67.41 -36.99
CA GLN Q 56 -5.96 -66.91 -37.84
C GLN Q 56 -6.77 -67.94 -38.62
N ALA Q 57 -6.23 -69.14 -38.80
CA ALA Q 57 -7.01 -70.22 -39.38
C ALA Q 57 -7.13 -71.40 -38.41
N LEU Q 58 -7.10 -71.09 -37.12
CA LEU Q 58 -7.52 -71.98 -36.01
C LEU Q 58 -8.81 -71.54 -35.33
N GLY Q 59 -9.48 -70.54 -35.89
CA GLY Q 59 -10.71 -70.04 -35.30
C GLY Q 59 -11.65 -69.41 -36.30
N LYS Q 60 -11.15 -69.14 -37.51
CA LYS Q 60 -12.03 -68.64 -38.56
C LYS Q 60 -12.37 -69.89 -39.36
N LYS Q 61 -13.22 -70.74 -38.76
CA LYS Q 61 -13.24 -72.16 -39.02
C LYS Q 61 -14.57 -72.81 -38.64
N THR R 8 30.52 -29.88 -12.55
CA THR R 8 29.45 -30.79 -12.15
C THR R 8 29.37 -31.06 -10.65
N GLY R 9 29.84 -30.10 -9.85
CA GLY R 9 29.84 -30.18 -8.40
C GLY R 9 30.19 -31.45 -7.66
N LEU R 10 31.11 -32.25 -8.19
CA LEU R 10 31.56 -33.42 -7.46
C LEU R 10 32.99 -33.25 -6.94
N THR R 11 33.28 -33.87 -5.80
CA THR R 11 34.65 -33.99 -5.28
C THR R 11 35.30 -35.20 -5.92
N ASP R 12 36.61 -35.33 -5.81
CA ASP R 12 37.30 -36.42 -6.50
C ASP R 12 36.90 -37.83 -6.07
N ASP R 13 36.40 -37.96 -4.84
CA ASP R 13 35.98 -39.27 -4.31
C ASP R 13 34.59 -39.74 -4.70
N GLU R 14 33.68 -38.81 -5.02
CA GLU R 14 32.35 -39.23 -5.43
C GLU R 14 32.35 -39.36 -6.95
N ALA R 15 33.54 -39.26 -7.52
CA ALA R 15 33.69 -39.58 -8.90
C ALA R 15 34.44 -40.90 -9.01
N LYS R 16 34.90 -41.40 -7.87
CA LYS R 16 35.40 -42.77 -7.85
C LYS R 16 34.23 -43.71 -7.55
N GLU R 17 33.40 -43.31 -6.60
CA GLU R 17 32.26 -44.13 -6.20
C GLU R 17 31.20 -44.21 -7.29
N PHE R 18 30.75 -43.06 -7.78
CA PHE R 18 29.76 -43.06 -8.86
C PHE R 18 30.31 -43.83 -10.07
N HIS R 19 31.56 -43.56 -10.47
CA HIS R 19 32.14 -44.24 -11.63
C HIS R 19 32.14 -45.73 -11.35
N ALA R 20 32.48 -46.15 -10.12
CA ALA R 20 32.51 -47.59 -9.78
C ALA R 20 31.15 -48.27 -9.95
N ILE R 21 30.12 -47.70 -9.32
CA ILE R 21 28.78 -48.30 -9.32
C ILE R 21 28.19 -48.27 -10.73
N PHE R 22 28.47 -47.17 -11.43
CA PHE R 22 28.07 -46.96 -12.81
C PHE R 22 28.65 -48.08 -13.67
N MET R 23 29.98 -48.26 -13.56
CA MET R 23 30.72 -49.22 -14.36
C MET R 23 30.18 -50.61 -14.18
N GLN R 24 30.01 -51.01 -12.93
CA GLN R 24 29.56 -52.37 -12.68
C GLN R 24 28.13 -52.58 -13.19
N SER R 25 27.27 -51.58 -12.99
CA SER R 25 25.91 -51.72 -13.46
C SER R 25 25.84 -51.83 -14.99
N MET R 26 26.59 -50.99 -15.69
CA MET R 26 26.64 -51.02 -17.15
C MET R 26 27.18 -52.35 -17.64
N TYR R 27 28.20 -52.88 -16.97
CA TYR R 27 28.73 -54.18 -17.35
C TYR R 27 27.72 -55.31 -17.14
N ALA R 28 26.93 -55.22 -16.07
CA ALA R 28 25.86 -56.18 -15.84
C ALA R 28 24.84 -56.12 -16.98
N TRP R 29 24.49 -54.91 -17.38
CA TRP R 29 23.54 -54.65 -18.46
C TRP R 29 24.05 -55.20 -19.80
N PHE R 30 25.31 -54.89 -20.12
CA PHE R 30 25.98 -55.44 -21.30
C PHE R 30 25.93 -56.97 -21.25
N GLY R 31 26.01 -57.50 -20.04
CA GLY R 31 25.89 -58.92 -19.83
C GLY R 31 24.53 -59.40 -20.25
N LEU R 32 23.50 -58.76 -19.73
CA LEU R 32 22.12 -59.09 -20.10
C LEU R 32 21.91 -59.07 -21.60
N VAL R 33 22.51 -58.08 -22.25
CA VAL R 33 22.42 -57.89 -23.71
C VAL R 33 23.07 -59.02 -24.47
N VAL R 34 24.29 -59.36 -24.05
CA VAL R 34 25.04 -60.44 -24.68
C VAL R 34 24.23 -61.72 -24.49
N ILE R 35 23.58 -61.85 -23.34
CA ILE R 35 22.68 -62.97 -23.10
C ILE R 35 21.55 -63.04 -24.11
N ALA R 36 20.82 -61.93 -24.24
CA ALA R 36 19.69 -61.87 -25.17
C ALA R 36 20.12 -62.15 -26.62
N HIS R 37 21.31 -61.67 -26.96
CA HIS R 37 21.86 -61.84 -28.30
C HIS R 37 22.28 -63.28 -28.55
N LEU R 38 22.76 -63.96 -27.50
CA LEU R 38 23.14 -65.36 -27.59
C LEU R 38 21.92 -66.27 -27.71
N LEU R 39 20.91 -66.04 -26.88
CA LEU R 39 19.64 -66.78 -27.01
C LEU R 39 19.08 -66.58 -28.42
N ALA R 40 19.14 -65.33 -28.88
CA ALA R 40 18.64 -64.97 -30.20
C ALA R 40 19.42 -65.64 -31.32
N TRP R 41 20.72 -65.73 -31.14
CA TRP R 41 21.63 -66.30 -32.14
C TRP R 41 21.49 -67.80 -32.24
N LEU R 42 21.24 -68.43 -31.11
CA LEU R 42 21.01 -69.86 -31.10
C LEU R 42 19.70 -70.20 -31.79
N TYR R 43 18.60 -69.56 -31.36
CA TYR R 43 17.29 -70.00 -31.84
C TYR R 43 17.00 -69.67 -33.33
N ARG R 44 17.62 -68.61 -33.86
CA ARG R 44 17.26 -68.04 -35.16
C ARG R 44 18.40 -67.19 -35.72
N PRO R 45 19.40 -67.83 -36.34
CA PRO R 45 20.55 -67.11 -36.89
C PRO R 45 20.22 -66.07 -37.98
N TRP R 46 20.90 -64.92 -37.98
CA TRP R 46 20.61 -63.89 -38.96
C TRP R 46 21.84 -63.62 -39.82
N LEU R 47 22.95 -64.27 -39.47
CA LEU R 47 24.24 -64.01 -40.10
C LEU R 47 24.54 -65.06 -41.16
N PHE S 2 51.16 -35.43 -40.79
CA PHE S 2 51.37 -34.86 -39.45
C PHE S 2 50.33 -35.44 -38.47
N THR S 3 50.80 -35.95 -37.33
CA THR S 3 49.88 -36.56 -36.37
C THR S 3 49.21 -35.48 -35.52
N MET S 4 49.95 -34.89 -34.59
CA MET S 4 49.35 -34.18 -33.49
C MET S 4 50.29 -33.05 -33.10
N ASN S 5 49.75 -31.90 -32.71
CA ASN S 5 50.58 -30.79 -32.25
C ASN S 5 51.42 -31.17 -31.04
N ALA S 6 52.51 -30.45 -30.84
CA ALA S 6 53.20 -30.43 -29.55
C ALA S 6 52.39 -29.68 -28.51
N ASN S 7 51.22 -29.22 -28.91
CA ASN S 7 50.37 -28.44 -28.04
C ASN S 7 48.89 -28.54 -28.39
N LEU S 8 48.44 -29.69 -28.91
CA LEU S 8 47.01 -29.81 -29.29
C LEU S 8 46.17 -30.32 -28.12
N TYR S 9 46.62 -30.00 -26.92
CA TYR S 9 45.82 -30.17 -25.74
C TYR S 9 45.07 -28.86 -25.66
N LYS S 10 45.82 -27.79 -25.89
CA LYS S 10 45.32 -26.40 -25.91
C LYS S 10 43.96 -26.17 -26.56
N ILE S 11 43.47 -27.13 -27.33
CA ILE S 11 42.13 -27.04 -27.89
C ILE S 11 41.05 -27.00 -26.78
N TRP S 12 41.35 -27.61 -25.63
CA TRP S 12 40.40 -27.71 -24.51
C TRP S 12 40.52 -26.53 -23.56
N LEU S 13 41.41 -25.60 -23.91
CA LEU S 13 41.50 -24.31 -23.23
C LEU S 13 40.58 -23.39 -24.00
N ILE S 14 40.19 -23.85 -25.20
CA ILE S 14 39.39 -23.08 -26.16
C ILE S 14 37.98 -23.65 -26.31
N LEU S 15 37.87 -24.97 -26.22
CA LEU S 15 36.59 -25.67 -26.36
C LEU S 15 36.15 -26.42 -25.09
N ASP S 16 34.92 -26.16 -24.64
CA ASP S 16 34.34 -26.87 -23.51
C ASP S 16 34.36 -28.38 -23.66
N PRO S 17 35.05 -29.08 -22.73
CA PRO S 17 35.04 -30.54 -22.74
C PRO S 17 33.61 -31.13 -22.67
N ARG S 18 32.71 -30.58 -21.86
CA ARG S 18 31.34 -31.13 -21.81
C ARG S 18 30.68 -31.03 -23.19
N ARG S 19 30.71 -29.86 -23.81
CA ARG S 19 30.04 -29.66 -25.11
C ARG S 19 30.68 -30.48 -26.21
N VAL S 20 32.00 -30.48 -26.30
CA VAL S 20 32.64 -31.29 -27.30
C VAL S 20 32.25 -32.77 -27.12
N LEU S 21 32.29 -33.27 -25.88
CA LEU S 21 31.94 -34.65 -25.57
C LEU S 21 30.49 -35.00 -25.97
N VAL S 22 29.54 -34.19 -25.49
CA VAL S 22 28.13 -34.40 -25.79
C VAL S 22 27.85 -34.33 -27.29
N SER S 23 28.51 -33.37 -27.95
CA SER S 23 28.43 -33.21 -29.40
C SER S 23 28.86 -34.47 -30.10
N ILE S 24 29.99 -35.00 -29.68
CA ILE S 24 30.51 -36.21 -30.27
C ILE S 24 29.50 -37.32 -30.07
N VAL S 25 28.99 -37.47 -28.85
CA VAL S 25 28.01 -38.51 -28.60
C VAL S 25 26.83 -38.43 -29.56
N ALA S 26 26.26 -37.24 -29.68
CA ALA S 26 25.11 -37.02 -30.56
C ALA S 26 25.41 -37.30 -32.03
N PHE S 27 26.47 -36.68 -32.55
CA PHE S 27 26.85 -36.86 -33.95
C PHE S 27 27.09 -38.31 -34.28
N GLN S 28 27.76 -39.01 -33.37
CA GLN S 28 28.08 -40.41 -33.60
C GLN S 28 26.83 -41.27 -33.58
N ILE S 29 25.96 -41.06 -32.61
CA ILE S 29 24.75 -41.87 -32.55
C ILE S 29 23.92 -41.65 -33.81
N VAL S 30 23.86 -40.38 -34.21
CA VAL S 30 23.14 -39.96 -35.38
C VAL S 30 23.69 -40.64 -36.62
N LEU S 31 24.99 -40.52 -36.84
CA LEU S 31 25.65 -41.11 -37.97
C LEU S 31 25.40 -42.61 -38.03
N GLY S 32 25.47 -43.26 -36.87
CA GLY S 32 25.24 -44.69 -36.80
C GLY S 32 23.85 -45.05 -37.28
N LEU S 33 22.86 -44.35 -36.74
CA LEU S 33 21.48 -44.56 -37.13
C LEU S 33 21.25 -44.32 -38.63
N LEU S 34 21.78 -43.20 -39.13
CA LEU S 34 21.64 -42.79 -40.55
C LEU S 34 22.18 -43.85 -41.45
N ILE S 35 23.47 -44.16 -41.28
CA ILE S 35 24.13 -45.14 -42.12
C ILE S 35 23.42 -46.48 -42.03
N HIS S 36 23.02 -46.89 -40.81
CA HIS S 36 22.20 -48.09 -40.69
C HIS S 36 20.95 -48.05 -41.57
N MET S 37 20.26 -46.92 -41.57
CA MET S 37 19.09 -46.74 -42.43
C MET S 37 19.37 -46.82 -43.93
N ILE S 38 20.45 -46.15 -44.32
CA ILE S 38 20.87 -46.09 -45.71
C ILE S 38 21.18 -47.49 -46.19
N VAL S 39 21.93 -48.23 -45.38
CA VAL S 39 22.28 -49.60 -45.69
C VAL S 39 21.03 -50.46 -45.71
N LEU S 40 20.12 -50.21 -44.80
CA LEU S 40 18.85 -50.93 -44.77
C LEU S 40 18.01 -50.69 -46.04
N SER S 41 18.27 -49.59 -46.74
N SER S 41 18.29 -49.59 -46.74
CA SER S 41 17.55 -49.25 -47.97
CA SER S 41 17.55 -49.27 -47.96
C SER S 41 18.26 -49.65 -49.29
C SER S 41 18.30 -49.58 -49.28
N THR S 42 19.45 -50.23 -49.20
CA THR S 42 20.21 -50.61 -50.42
C THR S 42 20.41 -52.11 -50.47
N ASP S 43 21.29 -52.57 -51.34
CA ASP S 43 21.54 -54.00 -51.46
C ASP S 43 22.03 -54.59 -50.16
N LEU S 44 22.82 -53.83 -49.42
CA LEU S 44 23.47 -54.44 -48.28
C LEU S 44 22.50 -54.72 -47.13
N ASN S 45 21.20 -54.58 -47.37
CA ASN S 45 20.19 -55.03 -46.43
C ASN S 45 20.62 -56.43 -46.00
N TRP S 46 20.50 -56.73 -44.71
CA TRP S 46 21.00 -57.99 -44.20
C TRP S 46 19.86 -58.74 -43.57
N LEU S 47 18.64 -58.27 -43.82
CA LEU S 47 17.51 -58.85 -43.14
C LEU S 47 16.60 -59.62 -44.10
N ASP S 48 16.05 -58.92 -45.08
CA ASP S 48 15.10 -59.57 -45.99
C ASP S 48 15.79 -60.32 -47.14
N ASP S 49 16.69 -61.24 -46.76
CA ASP S 49 17.59 -61.94 -47.66
C ASP S 49 17.05 -63.31 -48.02
N ASN S 50 16.15 -63.79 -47.15
CA ASN S 50 15.57 -65.13 -47.16
C ASN S 50 16.52 -66.25 -46.64
N ILE S 51 17.74 -65.88 -46.25
CA ILE S 51 18.72 -66.81 -45.66
C ILE S 51 18.89 -66.38 -44.17
N PRO S 52 19.44 -67.26 -43.28
CA PRO S 52 19.96 -68.61 -43.50
C PRO S 52 18.98 -69.80 -43.45
N VAL S 53 17.78 -69.64 -42.91
CA VAL S 53 16.75 -70.69 -42.98
C VAL S 53 15.40 -70.00 -43.15
N SER S 54 14.53 -70.53 -44.02
CA SER S 54 13.25 -69.89 -44.28
C SER S 54 12.36 -69.77 -43.04
N TYR S 55 11.97 -68.53 -42.69
CA TYR S 55 11.19 -68.30 -41.49
C TYR S 55 9.69 -68.17 -41.79
N GLN S 56 9.35 -67.60 -42.96
CA GLN S 56 7.99 -67.69 -43.48
C GLN S 56 7.81 -69.03 -44.24
N ALA S 57 7.44 -70.10 -43.54
CA ALA S 57 7.08 -71.37 -44.18
C ALA S 57 5.93 -71.24 -45.20
N LEU S 58 6.20 -71.72 -46.42
CA LEU S 58 5.23 -72.03 -47.49
C LEU S 58 4.91 -70.84 -48.41
N GLY S 59 4.11 -69.89 -47.94
CA GLY S 59 3.76 -68.73 -48.74
C GLY S 59 3.36 -67.48 -47.98
N LYS S 60 2.08 -67.16 -47.99
CA LYS S 60 1.53 -65.95 -47.34
C LYS S 60 1.89 -65.70 -45.83
N LYS S 61 1.76 -64.43 -45.43
CA LYS S 61 2.45 -63.80 -44.30
C LYS S 61 2.48 -62.27 -44.44
N THR T 8 37.23 -21.45 -20.95
CA THR T 8 36.62 -22.74 -20.65
C THR T 8 36.70 -23.20 -19.18
N GLY T 9 36.83 -22.23 -18.26
CA GLY T 9 36.98 -22.51 -16.84
C GLY T 9 37.89 -23.68 -16.48
N LEU T 10 38.91 -23.92 -17.28
CA LEU T 10 39.88 -24.93 -16.94
C LEU T 10 41.27 -24.33 -16.74
N THR T 11 42.14 -25.05 -16.04
CA THR T 11 43.55 -24.70 -15.97
C THR T 11 44.34 -25.24 -17.16
N ASP T 12 45.57 -24.77 -17.33
CA ASP T 12 46.42 -25.19 -18.43
C ASP T 12 46.88 -26.66 -18.31
N ASP T 13 46.95 -27.18 -17.08
CA ASP T 13 47.31 -28.59 -16.86
C ASP T 13 46.09 -29.49 -17.01
N GLU T 14 44.91 -28.93 -16.77
CA GLU T 14 43.66 -29.68 -16.86
C GLU T 14 43.04 -29.60 -18.25
N ALA T 15 43.80 -29.10 -19.23
CA ALA T 15 43.47 -29.35 -20.62
C ALA T 15 44.51 -30.29 -21.18
N LYS T 16 45.52 -30.55 -20.36
CA LYS T 16 46.52 -31.56 -20.70
C LYS T 16 46.01 -32.92 -20.30
N GLU T 17 45.48 -33.00 -19.08
CA GLU T 17 44.98 -34.25 -18.55
C GLU T 17 43.77 -34.68 -19.36
N PHE T 18 42.82 -33.75 -19.53
CA PHE T 18 41.66 -34.04 -20.34
C PHE T 18 42.14 -34.53 -21.67
N HIS T 19 43.07 -33.82 -22.29
CA HIS T 19 43.50 -34.25 -23.61
C HIS T 19 44.08 -35.65 -23.60
N ALA T 20 44.84 -36.00 -22.56
CA ALA T 20 45.45 -37.33 -22.50
C ALA T 20 44.38 -38.42 -22.50
N ILE T 21 43.43 -38.21 -21.60
CA ILE T 21 42.37 -39.18 -21.36
C ILE T 21 41.46 -39.28 -22.59
N PHE T 22 41.21 -38.12 -23.20
CA PHE T 22 40.43 -38.00 -24.42
C PHE T 22 41.07 -38.77 -25.56
N MET T 23 42.37 -38.54 -25.75
CA MET T 23 43.12 -39.17 -26.81
C MET T 23 43.11 -40.68 -26.73
N GLN T 24 43.39 -41.24 -25.55
CA GLN T 24 43.39 -42.71 -25.46
C GLN T 24 41.97 -43.25 -25.65
N SER T 25 40.99 -42.55 -25.09
CA SER T 25 39.60 -42.98 -25.21
C SER T 25 39.15 -42.98 -26.66
N MET T 26 39.54 -41.93 -27.38
CA MET T 26 39.26 -41.77 -28.81
C MET T 26 39.96 -42.78 -29.72
N TYR T 27 41.24 -43.07 -29.46
CA TYR T 27 41.96 -44.06 -30.24
C TYR T 27 41.26 -45.40 -30.01
N ALA T 28 40.77 -45.58 -28.79
CA ALA T 28 40.00 -46.77 -28.45
C ALA T 28 38.72 -46.88 -29.29
N TRP T 29 37.97 -45.79 -29.41
CA TRP T 29 36.77 -45.81 -30.26
C TRP T 29 37.08 -46.03 -31.76
N PHE T 30 38.01 -45.26 -32.33
CA PHE T 30 38.40 -45.42 -33.75
C PHE T 30 38.91 -46.85 -34.03
N GLY T 31 39.59 -47.43 -33.05
CA GLY T 31 40.09 -48.80 -33.09
C GLY T 31 38.99 -49.85 -33.11
N LEU T 32 38.07 -49.75 -32.15
CA LEU T 32 36.88 -50.63 -32.08
C LEU T 32 36.20 -50.58 -33.44
N VAL T 33 36.19 -49.37 -33.99
CA VAL T 33 35.61 -49.09 -35.30
C VAL T 33 36.35 -49.80 -36.44
N VAL T 34 37.69 -49.73 -36.46
CA VAL T 34 38.48 -50.40 -37.51
C VAL T 34 38.24 -51.91 -37.44
N ILE T 35 38.14 -52.41 -36.21
CA ILE T 35 37.82 -53.80 -35.95
C ILE T 35 36.49 -54.18 -36.57
N ALA T 36 35.44 -53.44 -36.20
CA ALA T 36 34.09 -53.70 -36.72
C ALA T 36 34.08 -53.61 -38.24
N HIS T 37 34.92 -52.74 -38.78
CA HIS T 37 35.01 -52.53 -40.23
C HIS T 37 35.68 -53.69 -40.99
N LEU T 38 36.67 -54.31 -40.34
CA LEU T 38 37.31 -55.50 -40.90
C LEU T 38 36.35 -56.68 -40.80
N LEU T 39 35.70 -56.79 -39.63
CA LEU T 39 34.68 -57.80 -39.37
C LEU T 39 33.66 -57.74 -40.50
N ALA T 40 33.28 -56.51 -40.82
CA ALA T 40 32.33 -56.28 -41.87
C ALA T 40 32.90 -56.61 -43.25
N TRP T 41 34.16 -56.26 -43.50
CA TRP T 41 34.71 -56.43 -44.85
C TRP T 41 35.00 -57.87 -45.26
N LEU T 42 35.46 -58.72 -44.34
CA LEU T 42 35.71 -60.12 -44.71
C LEU T 42 34.40 -60.83 -45.11
N TYR T 43 33.42 -60.76 -44.23
CA TYR T 43 32.14 -61.44 -44.38
C TYR T 43 31.25 -60.87 -45.50
N ARG T 44 31.50 -59.62 -45.89
CA ARG T 44 30.63 -58.93 -46.84
C ARG T 44 31.36 -57.78 -47.54
N PRO T 45 32.16 -58.13 -48.56
CA PRO T 45 32.87 -57.12 -49.36
C PRO T 45 31.92 -56.19 -50.12
N TRP T 46 32.27 -54.91 -50.14
CA TRP T 46 31.46 -53.88 -50.74
C TRP T 46 32.23 -53.14 -51.82
N LEU T 47 33.48 -53.55 -52.02
CA LEU T 47 34.37 -52.87 -52.96
C LEU T 47 35.28 -53.87 -53.64
N PHE U 2 55.28 -22.88 -48.56
CA PHE U 2 54.16 -22.05 -48.11
C PHE U 2 54.12 -20.78 -48.96
N THR U 3 52.94 -20.46 -49.49
CA THR U 3 52.79 -19.24 -50.29
C THR U 3 52.39 -17.97 -49.50
N MET U 4 52.04 -18.11 -48.22
CA MET U 4 51.15 -17.13 -47.58
C MET U 4 51.79 -15.95 -46.84
N ASN U 5 50.91 -15.09 -46.32
CA ASN U 5 51.25 -13.93 -45.49
C ASN U 5 52.06 -14.27 -44.23
N ALA U 6 52.68 -13.27 -43.63
CA ALA U 6 53.16 -13.38 -42.25
C ALA U 6 52.24 -12.70 -41.25
N ASN U 7 51.57 -11.62 -41.66
CA ASN U 7 50.62 -10.91 -40.79
C ASN U 7 49.27 -11.64 -40.85
N LEU U 8 49.33 -12.96 -41.11
CA LEU U 8 48.17 -13.81 -41.34
C LEU U 8 47.62 -14.48 -40.08
N TYR U 9 48.28 -14.24 -38.96
CA TYR U 9 47.80 -14.70 -37.68
C TYR U 9 46.87 -13.63 -37.14
N LYS U 10 47.25 -12.38 -37.33
CA LYS U 10 46.41 -11.22 -36.99
C LYS U 10 44.93 -11.37 -37.34
N ILE U 11 44.60 -12.30 -38.25
CA ILE U 11 43.19 -12.52 -38.59
C ILE U 11 42.38 -12.97 -37.39
N TRP U 12 43.04 -13.58 -36.41
CA TRP U 12 42.34 -14.07 -35.24
C TRP U 12 42.17 -12.95 -34.21
N LEU U 13 42.59 -11.72 -34.54
CA LEU U 13 42.25 -10.54 -33.74
C LEU U 13 40.98 -9.85 -34.23
N ILE U 14 40.48 -10.29 -35.38
CA ILE U 14 39.30 -9.66 -35.99
C ILE U 14 38.12 -10.62 -35.92
N LEU U 15 38.42 -11.90 -36.06
CA LEU U 15 37.42 -12.96 -36.06
C LEU U 15 37.59 -13.86 -34.84
N ASP U 16 36.52 -14.03 -34.11
CA ASP U 16 36.50 -14.95 -32.98
C ASP U 16 36.86 -16.39 -33.39
N PRO U 17 38.01 -16.91 -32.93
CA PRO U 17 38.57 -18.25 -33.20
C PRO U 17 37.66 -19.44 -32.87
N ARG U 18 36.93 -19.32 -31.79
CA ARG U 18 36.02 -20.37 -31.33
C ARG U 18 35.01 -20.69 -32.42
N ARG U 19 34.39 -19.61 -32.91
CA ARG U 19 33.31 -19.66 -33.89
C ARG U 19 33.81 -20.21 -35.20
N VAL U 20 34.95 -19.68 -35.65
CA VAL U 20 35.59 -20.14 -36.86
C VAL U 20 35.83 -21.65 -36.75
N LEU U 21 36.37 -22.09 -35.61
CA LEU U 21 36.60 -23.52 -35.36
C LEU U 21 35.35 -24.39 -35.42
N VAL U 22 34.36 -24.12 -34.58
CA VAL U 22 33.18 -24.97 -34.56
C VAL U 22 32.45 -24.96 -35.90
N SER U 23 32.41 -23.78 -36.49
CA SER U 23 31.81 -23.55 -37.80
C SER U 23 32.43 -24.41 -38.92
N ILE U 24 33.76 -24.50 -38.95
CA ILE U 24 34.43 -25.31 -39.96
C ILE U 24 33.92 -26.73 -39.88
N VAL U 25 33.95 -27.34 -38.72
CA VAL U 25 33.38 -28.67 -38.54
C VAL U 25 31.92 -28.74 -38.95
N ALA U 26 31.14 -27.72 -38.63
CA ALA U 26 29.73 -27.73 -39.00
C ALA U 26 29.53 -27.84 -40.52
N PHE U 27 30.17 -26.90 -41.22
CA PHE U 27 30.18 -26.82 -42.69
C PHE U 27 30.74 -28.07 -43.38
N GLN U 28 31.80 -28.61 -42.82
CA GLN U 28 32.47 -29.79 -43.34
C GLN U 28 31.57 -31.01 -43.18
N ILE U 29 30.90 -31.13 -42.03
CA ILE U 29 30.00 -32.25 -41.81
C ILE U 29 28.90 -32.16 -42.86
N VAL U 30 28.42 -30.94 -43.11
CA VAL U 30 27.38 -30.77 -44.10
C VAL U 30 27.87 -31.20 -45.46
N LEU U 31 28.96 -30.59 -45.92
CA LEU U 31 29.50 -30.89 -47.23
C LEU U 31 29.76 -32.37 -47.37
N GLY U 32 30.27 -32.98 -46.32
CA GLY U 32 30.55 -34.40 -46.35
C GLY U 32 29.31 -35.21 -46.61
N LEU U 33 28.28 -34.99 -45.80
CA LEU U 33 27.04 -35.71 -46.01
C LEU U 33 26.44 -35.47 -47.40
N LEU U 34 26.44 -34.20 -47.82
CA LEU U 34 25.89 -33.78 -49.12
C LEU U 34 26.52 -34.49 -50.28
N ILE U 35 27.83 -34.32 -50.40
CA ILE U 35 28.57 -34.91 -51.48
C ILE U 35 28.38 -36.41 -51.48
N HIS U 36 28.51 -37.03 -50.30
CA HIS U 36 28.23 -38.47 -50.22
C HIS U 36 26.89 -38.82 -50.83
N MET U 37 25.88 -38.03 -50.50
CA MET U 37 24.55 -38.27 -51.04
C MET U 37 24.51 -38.07 -52.56
N ILE U 38 25.24 -37.07 -53.07
CA ILE U 38 25.30 -36.82 -54.50
C ILE U 38 25.86 -38.02 -55.26
N VAL U 39 26.98 -38.53 -54.77
CA VAL U 39 27.63 -39.67 -55.36
C VAL U 39 26.73 -40.89 -55.28
N LEU U 40 26.10 -41.04 -54.12
CA LEU U 40 25.19 -42.13 -53.84
C LEU U 40 24.01 -42.10 -54.82
N SER U 41 23.76 -40.92 -55.37
CA SER U 41 22.63 -40.76 -56.29
C SER U 41 22.99 -40.95 -57.77
N THR U 42 24.28 -41.16 -58.03
CA THR U 42 24.78 -41.29 -59.39
C THR U 42 25.42 -42.64 -59.70
N ASP U 43 26.10 -42.66 -60.82
CA ASP U 43 26.73 -43.84 -61.34
C ASP U 43 27.79 -44.39 -60.36
N LEU U 44 28.42 -43.52 -59.57
CA LEU U 44 29.47 -43.95 -58.64
C LEU U 44 28.99 -44.69 -57.39
N ASN U 45 27.69 -44.84 -57.24
CA ASN U 45 27.10 -45.62 -56.15
C ASN U 45 27.77 -46.99 -55.96
N TRP U 46 27.92 -47.41 -54.71
CA TRP U 46 28.61 -48.65 -54.36
C TRP U 46 27.71 -49.62 -53.63
N LEU U 47 26.43 -49.27 -53.57
CA LEU U 47 25.45 -50.00 -52.77
C LEU U 47 24.36 -50.66 -53.63
N ASP U 48 23.74 -49.91 -54.52
CA ASP U 48 22.63 -50.45 -55.28
C ASP U 48 22.97 -51.27 -56.55
N ASP U 49 23.36 -52.54 -56.34
CA ASP U 49 23.79 -53.49 -57.40
C ASP U 49 23.66 -54.99 -57.04
N ASN U 50 23.66 -55.32 -55.72
CA ASN U 50 23.64 -56.72 -55.18
C ASN U 50 24.91 -57.58 -55.35
N ILE U 51 26.07 -57.01 -55.04
CA ILE U 51 27.39 -57.64 -55.28
C ILE U 51 28.33 -57.69 -54.03
N PRO U 52 29.18 -58.75 -53.87
CA PRO U 52 29.48 -59.96 -54.68
C PRO U 52 28.60 -61.17 -54.41
N VAL U 53 27.81 -61.12 -53.34
CA VAL U 53 26.82 -62.16 -53.09
C VAL U 53 25.47 -61.44 -53.20
N SER U 54 24.67 -61.94 -54.14
CA SER U 54 23.37 -61.36 -54.51
C SER U 54 22.45 -61.36 -53.30
N TYR U 55 22.78 -60.51 -52.34
CA TYR U 55 22.11 -60.49 -51.06
C TYR U 55 20.57 -60.55 -51.14
N GLN U 56 19.98 -59.63 -51.89
CA GLN U 56 18.54 -59.68 -52.13
C GLN U 56 18.12 -60.67 -53.23
N ALA U 57 19.03 -61.54 -53.70
CA ALA U 57 18.62 -62.67 -54.55
C ALA U 57 19.56 -63.90 -54.47
N LEU U 58 20.24 -64.07 -53.33
CA LEU U 58 20.91 -65.32 -52.91
C LEU U 58 20.06 -66.21 -51.99
N GLY U 59 18.82 -65.78 -51.77
CA GLY U 59 17.85 -66.49 -50.95
C GLY U 59 16.46 -66.07 -51.39
N LYS U 60 16.37 -64.84 -51.88
CA LYS U 60 15.11 -64.32 -52.37
C LYS U 60 15.09 -64.61 -53.87
N LYS U 61 14.68 -63.64 -54.69
CA LYS U 61 14.50 -63.86 -56.14
C LYS U 61 13.54 -65.01 -56.43
N THR V 8 39.21 -9.47 -30.86
CA THR V 8 38.71 -10.70 -30.27
C THR V 8 39.16 -10.86 -28.83
N GLY V 9 39.43 -9.74 -28.17
CA GLY V 9 40.03 -9.76 -26.83
C GLY V 9 41.17 -10.75 -26.73
N LEU V 10 41.89 -10.90 -27.82
CA LEU V 10 43.09 -11.72 -27.81
C LEU V 10 44.29 -10.80 -27.95
N THR V 11 45.43 -11.24 -27.45
CA THR V 11 46.69 -10.55 -27.65
C THR V 11 47.39 -10.91 -28.98
N ASP V 12 48.41 -10.14 -29.30
CA ASP V 12 49.15 -10.28 -30.55
C ASP V 12 49.83 -11.64 -30.63
N ASP V 13 50.22 -12.19 -29.48
CA ASP V 13 50.88 -13.50 -29.42
C ASP V 13 49.99 -14.74 -29.33
N GLU V 14 48.75 -14.61 -28.86
CA GLU V 14 47.91 -15.79 -28.77
C GLU V 14 47.09 -15.96 -30.03
N ALA V 15 47.40 -15.17 -31.05
CA ALA V 15 46.90 -15.49 -32.38
C ALA V 15 48.02 -15.92 -33.30
N LYS V 16 49.26 -15.84 -32.85
CA LYS V 16 50.33 -16.35 -33.66
C LYS V 16 50.37 -17.84 -33.39
N GLU V 17 50.21 -18.16 -32.11
CA GLU V 17 50.20 -19.53 -31.61
C GLU V 17 49.04 -20.27 -32.24
N PHE V 18 47.86 -19.71 -32.06
CA PHE V 18 46.65 -20.28 -32.63
C PHE V 18 46.77 -20.41 -34.14
N HIS V 19 47.20 -19.37 -34.83
CA HIS V 19 47.26 -19.45 -36.29
C HIS V 19 48.17 -20.58 -36.73
N ALA V 20 49.29 -20.74 -36.04
CA ALA V 20 50.22 -21.81 -36.37
C ALA V 20 49.56 -23.18 -36.23
N ILE V 21 48.91 -23.39 -35.08
CA ILE V 21 48.31 -24.69 -34.80
C ILE V 21 47.15 -24.99 -35.76
N PHE V 22 46.37 -23.95 -36.04
CA PHE V 22 45.24 -24.03 -36.94
C PHE V 22 45.73 -24.44 -38.31
N MET V 23 46.77 -23.74 -38.80
CA MET V 23 47.36 -23.99 -40.12
C MET V 23 47.84 -25.44 -40.24
N GLN V 24 48.56 -25.92 -39.22
CA GLN V 24 49.04 -27.31 -39.26
C GLN V 24 47.92 -28.32 -39.31
N SER V 25 46.91 -28.12 -38.44
CA SER V 25 45.79 -29.05 -38.37
C SER V 25 45.03 -29.05 -39.66
N MET V 26 44.81 -27.86 -40.22
CA MET V 26 44.11 -27.68 -41.52
C MET V 26 44.85 -28.29 -42.73
N TYR V 27 46.17 -28.08 -42.83
CA TYR V 27 46.91 -28.69 -43.91
C TYR V 27 46.95 -30.19 -43.74
N ALA V 28 47.04 -30.65 -42.49
CA ALA V 28 47.00 -32.06 -42.18
C ALA V 28 45.68 -32.64 -42.68
N TRP V 29 44.64 -31.86 -42.47
CA TRP V 29 43.32 -32.24 -42.95
C TRP V 29 43.33 -32.37 -44.46
N PHE V 30 43.83 -31.34 -45.15
CA PHE V 30 43.90 -31.34 -46.61
C PHE V 30 44.72 -32.54 -47.10
N GLY V 31 45.72 -32.94 -46.32
CA GLY V 31 46.57 -34.09 -46.58
C GLY V 31 45.79 -35.39 -46.54
N LEU V 32 45.09 -35.62 -45.44
CA LEU V 32 44.20 -36.78 -45.34
C LEU V 32 43.24 -36.76 -46.52
N VAL V 33 42.84 -35.56 -46.90
CA VAL V 33 41.93 -35.38 -48.01
C VAL V 33 42.54 -35.87 -49.32
N VAL V 34 43.75 -35.43 -49.64
CA VAL V 34 44.39 -35.84 -50.88
C VAL V 34 44.60 -37.35 -50.85
N ILE V 35 44.88 -37.89 -49.66
CA ILE V 35 44.98 -39.34 -49.50
C ILE V 35 43.69 -40.05 -49.92
N ALA V 36 42.56 -39.64 -49.32
CA ALA V 36 41.28 -40.26 -49.65
C ALA V 36 40.89 -40.10 -51.11
N HIS V 37 41.23 -38.94 -51.69
CA HIS V 37 40.90 -38.69 -53.10
C HIS V 37 41.73 -39.54 -54.05
N LEU V 38 42.99 -39.78 -53.69
CA LEU V 38 43.83 -40.63 -54.51
C LEU V 38 43.39 -42.08 -54.41
N LEU V 39 43.07 -42.56 -53.21
CA LEU V 39 42.51 -43.91 -53.10
C LEU V 39 41.26 -44.03 -53.99
N ALA V 40 40.44 -42.98 -53.97
CA ALA V 40 39.24 -42.96 -54.78
C ALA V 40 39.52 -43.00 -56.30
N TRP V 41 40.57 -42.31 -56.73
CA TRP V 41 40.94 -42.25 -58.14
C TRP V 41 41.55 -43.58 -58.58
N LEU V 42 42.27 -44.22 -57.66
CA LEU V 42 42.89 -45.52 -57.89
C LEU V 42 41.84 -46.59 -58.10
N TYR V 43 40.89 -46.71 -57.16
CA TYR V 43 39.92 -47.79 -57.25
C TYR V 43 38.94 -47.57 -58.40
N ARG V 44 38.70 -46.31 -58.71
CA ARG V 44 37.62 -45.96 -59.63
C ARG V 44 37.84 -44.53 -60.14
N PRO V 45 38.62 -44.36 -61.22
CA PRO V 45 38.92 -43.05 -61.83
C PRO V 45 37.66 -42.36 -62.37
N TRP V 46 37.51 -41.05 -62.17
CA TRP V 46 36.24 -40.39 -62.48
C TRP V 46 36.30 -39.29 -63.58
N LEU V 47 37.51 -38.99 -64.08
CA LEU V 47 37.67 -37.94 -65.09
C LEU V 47 37.92 -38.48 -66.49
N PHE W 2 47.56 -2.92 -53.83
CA PHE W 2 46.56 -2.35 -54.74
C PHE W 2 45.41 -1.76 -53.94
N THR W 3 44.45 -1.19 -54.69
CA THR W 3 43.18 -0.62 -54.20
C THR W 3 42.19 -0.57 -55.40
N MET W 4 41.13 0.24 -55.29
CA MET W 4 40.27 0.56 -56.44
C MET W 4 41.01 1.71 -57.13
N ASN W 5 41.59 2.57 -56.27
CA ASN W 5 42.43 3.74 -56.55
C ASN W 5 42.42 4.65 -55.31
N ALA W 6 43.17 5.74 -55.37
CA ALA W 6 43.01 6.85 -54.44
C ALA W 6 43.17 6.39 -52.98
N ASN W 7 42.06 6.13 -52.31
CA ASN W 7 42.09 5.82 -50.87
C ASN W 7 41.00 4.81 -50.44
N LEU W 8 41.14 3.55 -50.88
CA LEU W 8 40.15 2.52 -50.60
C LEU W 8 40.45 1.81 -49.28
N TYR W 9 41.18 2.50 -48.40
CA TYR W 9 41.39 2.03 -47.04
C TYR W 9 40.32 2.65 -46.15
N LYS W 10 40.08 3.95 -46.35
CA LYS W 10 38.97 4.64 -45.70
C LYS W 10 37.60 3.95 -45.85
N ILE W 11 37.48 3.00 -46.77
CA ILE W 11 36.25 2.23 -46.94
C ILE W 11 35.94 1.51 -45.63
N TRP W 12 36.97 1.23 -44.84
CA TRP W 12 36.81 0.52 -43.57
C TRP W 12 36.57 1.48 -42.40
N LEU W 13 36.42 2.76 -42.74
CA LEU W 13 35.93 3.75 -41.81
C LEU W 13 34.40 3.79 -41.95
N ILE W 14 33.90 3.10 -42.98
CA ILE W 14 32.47 3.03 -43.29
C ILE W 14 31.83 1.63 -43.16
N LEU W 15 32.58 0.59 -43.49
CA LEU W 15 32.05 -0.76 -43.43
C LEU W 15 32.82 -1.61 -42.41
N ASP W 16 32.10 -2.22 -41.47
CA ASP W 16 32.74 -3.06 -40.45
C ASP W 16 33.49 -4.26 -41.03
N PRO W 17 34.81 -4.32 -40.82
CA PRO W 17 35.62 -5.45 -41.29
C PRO W 17 35.14 -6.84 -40.86
N ARG W 18 34.75 -7.04 -39.60
CA ARG W 18 34.29 -8.37 -39.22
C ARG W 18 33.11 -8.76 -40.10
N ARG W 19 32.16 -7.83 -40.25
CA ARG W 19 30.97 -8.11 -41.03
C ARG W 19 31.19 -8.32 -42.52
N VAL W 20 31.99 -7.45 -43.14
CA VAL W 20 32.33 -7.60 -44.56
C VAL W 20 32.98 -8.96 -44.82
N LEU W 21 33.89 -9.33 -43.92
CA LEU W 21 34.53 -10.64 -44.01
C LEU W 21 33.52 -11.78 -43.93
N VAL W 22 32.77 -11.83 -42.83
CA VAL W 22 31.82 -12.91 -42.60
C VAL W 22 30.82 -13.01 -43.74
N SER W 23 30.38 -11.83 -44.18
CA SER W 23 29.45 -11.71 -45.30
C SER W 23 30.02 -12.32 -46.58
N ILE W 24 31.27 -11.97 -46.91
CA ILE W 24 31.88 -12.55 -48.10
C ILE W 24 32.01 -14.07 -48.00
N VAL W 25 32.56 -14.59 -46.89
CA VAL W 25 32.69 -16.05 -46.76
C VAL W 25 31.37 -16.75 -46.96
N ALA W 26 30.36 -16.22 -46.30
CA ALA W 26 29.04 -16.81 -46.43
C ALA W 26 28.61 -16.81 -47.87
N PHE W 27 28.67 -15.64 -48.48
CA PHE W 27 28.23 -15.46 -49.87
C PHE W 27 28.92 -16.31 -50.91
N GLN W 28 30.23 -16.47 -50.75
CA GLN W 28 31.07 -17.23 -51.66
C GLN W 28 30.65 -18.68 -51.52
N ILE W 29 30.46 -19.13 -50.28
CA ILE W 29 30.05 -20.52 -50.06
C ILE W 29 28.70 -20.77 -50.71
N VAL W 30 27.81 -19.80 -50.55
CA VAL W 30 26.50 -19.88 -51.16
C VAL W 30 26.61 -19.90 -52.68
N LEU W 31 27.32 -18.94 -53.25
CA LEU W 31 27.49 -18.81 -54.70
C LEU W 31 28.07 -20.07 -55.33
N GLY W 32 29.07 -20.64 -54.66
CA GLY W 32 29.70 -21.89 -55.08
C GLY W 32 28.71 -23.04 -55.13
N LEU W 33 28.03 -23.27 -54.01
CA LEU W 33 27.04 -24.34 -54.00
C LEU W 33 26.01 -24.10 -55.09
N LEU W 34 25.62 -22.84 -55.22
CA LEU W 34 24.64 -22.44 -56.20
C LEU W 34 25.08 -22.86 -57.60
N ILE W 35 26.23 -22.40 -58.08
CA ILE W 35 26.66 -22.75 -59.43
C ILE W 35 26.86 -24.24 -59.61
N HIS W 36 27.56 -24.89 -58.67
CA HIS W 36 27.77 -26.35 -58.73
C HIS W 36 26.46 -27.05 -59.02
N MET W 37 25.44 -26.59 -58.31
CA MET W 37 24.10 -27.04 -58.53
C MET W 37 23.56 -26.66 -59.90
N ILE W 38 23.90 -25.48 -60.42
CA ILE W 38 23.47 -25.04 -61.77
C ILE W 38 24.07 -25.86 -62.94
N VAL W 39 25.37 -26.07 -62.90
CA VAL W 39 26.08 -26.85 -63.88
C VAL W 39 25.66 -28.30 -63.86
N LEU W 40 25.54 -28.92 -62.69
CA LEU W 40 25.06 -30.31 -62.71
C LEU W 40 23.65 -30.43 -63.28
N SER W 41 22.92 -29.32 -63.27
CA SER W 41 21.50 -29.31 -63.66
C SER W 41 21.26 -29.01 -65.12
N THR W 42 22.35 -28.70 -65.80
CA THR W 42 22.33 -28.40 -67.22
C THR W 42 23.19 -29.43 -67.89
N ASP W 43 23.43 -29.23 -69.17
CA ASP W 43 24.16 -30.19 -69.96
C ASP W 43 25.58 -30.44 -69.44
N LEU W 44 26.16 -29.45 -68.76
CA LEU W 44 27.57 -29.55 -68.37
C LEU W 44 27.86 -30.50 -67.22
N ASN W 45 26.85 -31.25 -66.80
CA ASN W 45 27.00 -32.28 -65.76
C ASN W 45 28.24 -33.11 -65.99
N TRP W 46 28.95 -33.45 -64.92
CA TRP W 46 30.21 -34.18 -64.99
C TRP W 46 30.16 -35.47 -64.19
N LEU W 47 28.97 -35.85 -63.72
CA LEU W 47 28.82 -37.00 -62.82
C LEU W 47 27.96 -38.13 -63.42
N ASP W 48 26.71 -37.82 -63.76
CA ASP W 48 25.79 -38.79 -64.38
C ASP W 48 25.88 -38.81 -65.92
N ASP W 49 27.10 -39.06 -66.40
CA ASP W 49 27.49 -39.02 -67.82
C ASP W 49 27.95 -40.34 -68.39
N ASN W 50 28.31 -41.27 -67.49
CA ASN W 50 28.93 -42.57 -67.80
C ASN W 50 30.41 -42.48 -68.23
N ILE W 51 30.94 -41.26 -68.10
CA ILE W 51 32.30 -40.92 -68.49
C ILE W 51 33.21 -41.12 -67.25
N PRO W 52 34.41 -41.69 -67.45
CA PRO W 52 35.03 -42.17 -68.70
C PRO W 52 34.73 -43.62 -69.11
N VAL W 53 34.19 -44.41 -68.17
CA VAL W 53 33.77 -45.79 -68.41
C VAL W 53 32.48 -46.06 -67.60
N SER W 54 31.60 -46.91 -68.16
CA SER W 54 30.32 -47.28 -67.54
C SER W 54 30.46 -47.90 -66.11
N TYR W 55 29.82 -47.30 -65.08
CA TYR W 55 29.94 -47.78 -63.67
C TYR W 55 28.87 -48.75 -63.14
N GLN W 56 27.60 -48.35 -63.23
CA GLN W 56 26.51 -49.19 -62.74
C GLN W 56 26.50 -50.43 -63.57
N ALA W 57 26.71 -50.26 -64.88
CA ALA W 57 26.99 -51.40 -65.74
C ALA W 57 28.47 -51.83 -65.72
N LEU W 58 29.17 -51.49 -64.63
CA LEU W 58 30.42 -52.16 -64.20
C LEU W 58 30.03 -53.08 -63.05
N GLY W 59 28.72 -53.06 -62.76
CA GLY W 59 28.11 -53.91 -61.78
C GLY W 59 27.10 -54.78 -62.52
N LYS W 60 27.06 -54.62 -63.84
CA LYS W 60 26.18 -55.38 -64.74
C LYS W 60 26.93 -56.53 -65.39
N LYS W 61 27.96 -56.22 -66.17
CA LYS W 61 28.46 -57.09 -67.25
C LYS W 61 27.31 -57.57 -68.14
N THR X 8 32.88 3.46 -37.16
CA THR X 8 32.94 2.04 -37.50
C THR X 8 34.10 1.33 -36.80
N GLY X 9 34.39 1.82 -35.61
CA GLY X 9 35.43 1.30 -34.73
C GLY X 9 36.79 0.85 -35.22
N LEU X 10 37.28 1.45 -36.29
CA LEU X 10 38.69 1.25 -36.60
C LEU X 10 39.31 2.64 -36.63
N THR X 11 40.60 2.72 -36.32
CA THR X 11 41.30 3.98 -36.43
C THR X 11 41.77 4.11 -37.87
N ASP X 12 42.26 5.28 -38.26
CA ASP X 12 42.64 5.48 -39.66
C ASP X 12 43.88 4.68 -40.13
N ASP X 13 44.79 4.32 -39.21
CA ASP X 13 45.93 3.48 -39.61
C ASP X 13 45.61 2.00 -39.47
N GLU X 14 44.78 1.68 -38.49
CA GLU X 14 44.23 0.35 -38.36
C GLU X 14 42.75 0.63 -38.46
N ALA X 15 42.20 0.59 -39.68
CA ALA X 15 42.84 0.07 -40.90
C ALA X 15 43.25 0.99 -42.07
N LYS X 16 44.56 1.18 -42.24
CA LYS X 16 45.16 1.24 -43.57
C LYS X 16 45.44 -0.23 -43.88
N GLU X 17 45.87 -0.88 -42.80
CA GLU X 17 46.36 -2.26 -42.67
C GLU X 17 45.39 -3.36 -43.11
N PHE X 18 44.16 -3.33 -42.58
CA PHE X 18 43.15 -4.29 -42.97
C PHE X 18 43.03 -4.28 -44.47
N HIS X 19 42.99 -3.11 -45.09
CA HIS X 19 42.84 -3.05 -46.53
C HIS X 19 43.96 -3.83 -47.19
N ALA X 20 45.16 -3.69 -46.66
CA ALA X 20 46.31 -4.40 -47.22
C ALA X 20 46.20 -5.92 -47.10
N ILE X 21 45.95 -6.43 -45.91
CA ILE X 21 45.96 -7.88 -45.74
C ILE X 21 44.76 -8.46 -46.50
N PHE X 22 43.69 -7.68 -46.51
CA PHE X 22 42.44 -7.98 -47.21
C PHE X 22 42.70 -8.19 -48.68
N MET X 23 43.35 -7.20 -49.29
CA MET X 23 43.65 -7.26 -50.70
C MET X 23 44.54 -8.46 -50.98
N GLN X 24 45.59 -8.65 -50.20
CA GLN X 24 46.52 -9.76 -50.49
C GLN X 24 45.86 -11.14 -50.39
N SER X 25 45.07 -11.37 -49.34
CA SER X 25 44.40 -12.65 -49.18
C SER X 25 43.37 -12.88 -50.29
N MET X 26 42.61 -11.83 -50.58
CA MET X 26 41.58 -11.85 -51.62
C MET X 26 42.14 -12.16 -53.00
N TYR X 27 43.27 -11.54 -53.31
CA TYR X 27 43.94 -11.80 -54.55
C TYR X 27 44.40 -13.23 -54.54
N ALA X 28 44.87 -13.74 -53.42
CA ALA X 28 45.24 -15.15 -53.37
C ALA X 28 44.04 -16.01 -53.75
N TRP X 29 42.88 -15.64 -53.22
CA TRP X 29 41.67 -16.35 -53.58
C TRP X 29 41.41 -16.28 -55.07
N PHE X 30 41.40 -15.07 -55.65
CA PHE X 30 41.13 -14.89 -57.09
C PHE X 30 42.12 -15.63 -57.98
N GLY X 31 43.35 -15.73 -57.50
CA GLY X 31 44.41 -16.47 -58.17
C GLY X 31 44.00 -17.93 -58.23
N LEU X 32 43.70 -18.53 -57.08
CA LEU X 32 43.19 -19.91 -57.07
C LEU X 32 41.98 -20.06 -57.99
N VAL X 33 41.17 -19.01 -58.08
CA VAL X 33 39.99 -19.02 -58.95
C VAL X 33 40.37 -19.15 -60.42
N VAL X 34 41.34 -18.34 -60.83
CA VAL X 34 41.83 -18.38 -62.20
C VAL X 34 42.49 -19.72 -62.48
N ILE X 35 43.23 -20.26 -61.51
CA ILE X 35 43.81 -21.59 -61.63
C ILE X 35 42.76 -22.67 -61.90
N ALA X 36 41.75 -22.76 -61.03
CA ALA X 36 40.69 -23.74 -61.22
C ALA X 36 39.96 -23.55 -62.55
N HIS X 37 39.78 -22.29 -62.96
CA HIS X 37 39.07 -22.00 -64.20
C HIS X 37 39.90 -22.36 -65.46
N LEU X 38 41.21 -22.22 -65.36
CA LEU X 38 42.13 -22.59 -66.44
C LEU X 38 42.13 -24.10 -66.59
N LEU X 39 42.28 -24.80 -65.46
CA LEU X 39 42.25 -26.26 -65.44
C LEU X 39 40.96 -26.72 -66.09
N ALA X 40 39.88 -26.04 -65.70
CA ALA X 40 38.54 -26.32 -66.21
C ALA X 40 38.43 -26.06 -67.71
N TRP X 41 39.10 -25.05 -68.21
CA TRP X 41 39.01 -24.71 -69.63
C TRP X 41 39.78 -25.72 -70.47
N LEU X 42 40.91 -26.17 -69.92
CA LEU X 42 41.76 -27.18 -70.58
C LEU X 42 41.04 -28.51 -70.66
N TYR X 43 40.48 -29.00 -69.55
CA TYR X 43 39.87 -30.33 -69.60
C TYR X 43 38.59 -30.33 -70.41
N ARG X 44 37.88 -29.22 -70.43
CA ARG X 44 36.56 -29.20 -71.06
C ARG X 44 36.17 -27.73 -71.29
N PRO X 45 36.66 -27.12 -72.37
CA PRO X 45 36.34 -25.72 -72.66
C PRO X 45 34.84 -25.46 -72.81
N TRP X 46 34.43 -24.31 -72.30
CA TRP X 46 33.02 -24.00 -72.10
C TRP X 46 32.45 -22.85 -72.93
N LEU X 47 33.27 -22.18 -73.73
CA LEU X 47 32.81 -20.99 -74.45
C LEU X 47 33.48 -20.83 -75.79
N PHE Y 2 24.09 28.96 -66.85
CA PHE Y 2 24.06 28.40 -65.49
C PHE Y 2 24.71 27.01 -65.30
N THR Y 3 25.59 26.95 -64.30
CA THR Y 3 26.30 25.74 -63.82
C THR Y 3 25.63 24.99 -62.66
N MET Y 4 26.22 25.11 -61.48
CA MET Y 4 26.08 24.17 -60.34
C MET Y 4 26.25 22.72 -60.74
N ASN Y 5 26.96 22.49 -61.84
CA ASN Y 5 27.26 21.16 -62.34
C ASN Y 5 27.97 20.29 -61.30
N ALA Y 6 29.26 20.63 -61.13
CA ALA Y 6 30.17 19.95 -60.21
C ALA Y 6 29.95 20.30 -58.76
N ASN Y 7 28.93 19.71 -58.17
CA ASN Y 7 28.63 19.95 -56.79
C ASN Y 7 27.88 18.72 -56.30
N LEU Y 8 28.17 17.56 -56.89
CA LEU Y 8 27.40 16.37 -56.53
C LEU Y 8 28.02 15.57 -55.37
N TYR Y 9 28.82 16.26 -54.55
CA TYR Y 9 29.38 15.70 -53.33
C TYR Y 9 28.40 15.91 -52.21
N LYS Y 10 27.81 17.09 -52.16
CA LYS Y 10 26.75 17.36 -51.21
C LYS Y 10 25.64 16.28 -51.06
N ILE Y 11 25.51 15.38 -52.03
CA ILE Y 11 24.53 14.30 -51.91
C ILE Y 11 24.84 13.37 -50.75
N TRP Y 12 26.11 13.37 -50.37
CA TRP Y 12 26.57 12.58 -49.23
C TRP Y 12 26.47 13.33 -47.89
N LEU Y 13 25.91 14.55 -47.93
CA LEU Y 13 25.54 15.21 -46.71
C LEU Y 13 24.07 14.86 -46.42
N ILE Y 14 23.39 14.27 -47.41
CA ILE Y 14 21.95 13.94 -47.35
C ILE Y 14 21.62 12.43 -47.34
N LEU Y 15 22.43 11.62 -48.01
CA LEU Y 15 22.21 10.16 -48.05
C LEU Y 15 23.33 9.37 -47.38
N ASP Y 16 22.97 8.53 -46.40
CA ASP Y 16 23.91 7.73 -45.60
C ASP Y 16 24.84 6.83 -46.43
N PRO Y 17 26.16 7.12 -46.40
CA PRO Y 17 27.13 6.34 -47.18
C PRO Y 17 27.14 4.84 -46.90
N ARG Y 18 27.11 4.41 -45.65
CA ARG Y 18 27.09 2.98 -45.40
C ARG Y 18 25.82 2.44 -46.04
N ARG Y 19 24.71 3.13 -45.79
CA ARG Y 19 23.40 2.63 -46.21
C ARG Y 19 23.33 2.53 -47.74
N VAL Y 20 23.69 3.60 -48.45
CA VAL Y 20 23.69 3.58 -49.91
C VAL Y 20 24.60 2.51 -50.46
N LEU Y 21 25.81 2.43 -49.89
CA LEU Y 21 26.79 1.44 -50.34
C LEU Y 21 26.27 0.02 -50.21
N VAL Y 22 25.92 -0.38 -49.00
CA VAL Y 22 25.45 -1.74 -48.77
C VAL Y 22 24.21 -2.02 -49.60
N SER Y 23 23.35 -1.01 -49.73
CA SER Y 23 22.15 -1.10 -50.57
C SER Y 23 22.53 -1.53 -51.98
N ILE Y 24 23.56 -0.85 -52.50
CA ILE Y 24 24.09 -1.16 -53.80
C ILE Y 24 24.66 -2.56 -53.87
N VAL Y 25 25.51 -2.96 -52.95
CA VAL Y 25 26.04 -4.33 -53.01
C VAL Y 25 24.94 -5.38 -53.06
N ALA Y 26 23.97 -5.27 -52.15
CA ALA Y 26 22.87 -6.22 -52.16
C ALA Y 26 22.10 -6.15 -53.49
N PHE Y 27 21.66 -4.97 -53.88
CA PHE Y 27 20.86 -4.82 -55.08
C PHE Y 27 21.51 -5.36 -56.33
N GLN Y 28 22.81 -5.10 -56.47
CA GLN Y 28 23.55 -5.55 -57.64
C GLN Y 28 23.66 -7.05 -57.57
N ILE Y 29 23.99 -7.61 -56.41
CA ILE Y 29 24.09 -9.07 -56.37
C ILE Y 29 22.76 -9.73 -56.69
N VAL Y 30 21.66 -9.22 -56.16
CA VAL Y 30 20.36 -9.79 -56.49
C VAL Y 30 20.10 -9.64 -57.97
N LEU Y 31 20.17 -8.42 -58.47
CA LEU Y 31 19.91 -8.17 -59.88
C LEU Y 31 20.77 -9.08 -60.80
N GLY Y 32 22.00 -9.33 -60.39
CA GLY Y 32 22.91 -10.25 -61.05
C GLY Y 32 22.31 -11.63 -61.04
N LEU Y 33 21.94 -12.14 -59.88
CA LEU Y 33 21.33 -13.47 -59.83
C LEU Y 33 20.06 -13.58 -60.69
N LEU Y 34 19.22 -12.55 -60.60
CA LEU Y 34 17.98 -12.50 -61.35
C LEU Y 34 18.24 -12.56 -62.86
N ILE Y 35 19.00 -11.61 -63.38
CA ILE Y 35 19.23 -11.59 -64.80
C ILE Y 35 19.88 -12.88 -65.25
N HIS Y 36 20.91 -13.32 -64.54
CA HIS Y 36 21.57 -14.57 -64.88
C HIS Y 36 20.61 -15.75 -65.02
N MET Y 37 19.70 -15.90 -64.07
CA MET Y 37 18.71 -16.96 -64.23
C MET Y 37 17.68 -16.72 -65.35
N ILE Y 38 17.35 -15.45 -65.57
CA ILE Y 38 16.44 -15.09 -66.64
C ILE Y 38 17.01 -15.55 -67.98
N VAL Y 39 18.29 -15.26 -68.21
CA VAL Y 39 18.92 -15.72 -69.43
C VAL Y 39 19.01 -17.25 -69.45
N LEU Y 40 19.39 -17.87 -68.33
CA LEU Y 40 19.40 -19.34 -68.33
C LEU Y 40 18.06 -19.96 -68.62
N SER Y 41 16.99 -19.20 -68.46
CA SER Y 41 15.68 -19.77 -68.73
C SER Y 41 15.17 -19.46 -70.16
N THR Y 42 15.95 -18.71 -70.94
CA THR Y 42 15.50 -18.37 -72.30
C THR Y 42 16.41 -18.95 -73.41
N ASP Y 43 16.18 -18.54 -74.66
CA ASP Y 43 16.97 -19.10 -75.75
C ASP Y 43 18.45 -18.82 -75.61
N LEU Y 44 18.78 -17.70 -74.99
CA LEU Y 44 20.16 -17.28 -74.93
C LEU Y 44 20.98 -18.20 -74.03
N ASN Y 45 20.33 -19.29 -73.60
CA ASN Y 45 20.92 -20.35 -72.80
C ASN Y 45 22.30 -20.67 -73.31
N TRP Y 46 23.22 -20.95 -72.40
CA TRP Y 46 24.56 -21.21 -72.83
C TRP Y 46 24.98 -22.61 -72.39
N LEU Y 47 24.02 -23.36 -71.88
CA LEU Y 47 24.35 -24.66 -71.31
C LEU Y 47 23.64 -25.86 -71.92
N ASP Y 48 22.30 -25.84 -71.95
CA ASP Y 48 21.50 -26.99 -72.40
C ASP Y 48 21.27 -27.20 -73.90
N ASP Y 49 22.37 -27.34 -74.61
CA ASP Y 49 22.29 -27.47 -76.05
C ASP Y 49 22.78 -28.84 -76.44
N ASN Y 50 23.63 -29.39 -75.56
CA ASN Y 50 24.46 -30.55 -75.86
C ASN Y 50 25.50 -30.01 -76.85
N ILE Y 51 26.00 -28.80 -76.53
CA ILE Y 51 26.94 -28.01 -77.35
C ILE Y 51 27.94 -27.26 -76.44
N PRO Y 52 29.24 -27.27 -76.81
CA PRO Y 52 29.78 -27.42 -78.18
C PRO Y 52 29.88 -28.82 -78.76
N VAL Y 53 29.69 -29.85 -77.94
CA VAL Y 53 29.56 -31.22 -78.42
C VAL Y 53 28.53 -31.85 -77.50
N SER Y 54 27.69 -32.75 -78.01
CA SER Y 54 26.66 -33.35 -77.15
C SER Y 54 27.31 -34.02 -75.94
N TYR Y 55 27.13 -33.45 -74.77
CA TYR Y 55 27.86 -33.97 -73.63
C TYR Y 55 27.05 -35.04 -72.92
N GLN Y 56 25.73 -34.83 -72.85
CA GLN Y 56 24.88 -35.85 -72.24
C GLN Y 56 24.56 -36.98 -73.23
N ALA Y 57 25.25 -36.96 -74.36
CA ALA Y 57 25.35 -38.11 -75.25
C ALA Y 57 26.83 -38.39 -75.48
N LEU Y 58 27.64 -38.08 -74.47
CA LEU Y 58 29.06 -38.47 -74.42
C LEU Y 58 29.28 -39.80 -73.71
N GLY Y 59 28.19 -40.47 -73.35
CA GLY Y 59 28.26 -41.82 -72.80
C GLY Y 59 27.00 -42.67 -72.90
N LYS Y 60 26.05 -42.29 -72.03
CA LYS Y 60 24.76 -42.93 -71.85
C LYS Y 60 24.00 -43.32 -73.14
N LYS Y 61 23.11 -42.44 -73.61
CA LYS Y 61 21.95 -42.83 -74.41
C LYS Y 61 22.36 -43.64 -75.65
N THR Z 8 23.52 14.16 -42.59
CA THR Z 8 24.02 12.80 -42.32
C THR Z 8 25.24 12.81 -41.44
N GLY Z 9 25.39 13.87 -40.65
CA GLY Z 9 26.56 14.06 -39.85
C GLY Z 9 27.92 13.78 -40.50
N LEU Z 10 28.03 14.00 -41.80
CA LEU Z 10 29.35 14.02 -42.43
C LEU Z 10 29.54 15.48 -42.79
N THR Z 11 30.77 15.97 -42.81
CA THR Z 11 31.02 17.34 -43.21
C THR Z 11 31.13 17.48 -44.73
N ASP Z 12 31.12 18.72 -45.20
CA ASP Z 12 31.15 19.00 -46.61
C ASP Z 12 32.43 18.50 -47.25
N ASP Z 13 33.49 18.41 -46.45
CA ASP Z 13 34.78 17.89 -46.93
C ASP Z 13 34.89 16.36 -46.83
N GLU Z 14 34.20 15.76 -45.87
CA GLU Z 14 34.35 14.34 -45.70
C GLU Z 14 33.34 13.65 -46.59
N ALA Z 15 32.65 14.42 -47.42
CA ALA Z 15 31.86 13.85 -48.51
C ALA Z 15 32.43 14.18 -49.85
N LYS Z 16 33.51 14.94 -49.85
CA LYS Z 16 34.20 15.25 -51.09
C LYS Z 16 35.06 14.04 -51.43
N GLU Z 17 35.78 13.54 -50.43
CA GLU Z 17 36.63 12.36 -50.61
C GLU Z 17 35.72 11.19 -50.90
N PHE Z 18 34.70 11.00 -50.07
CA PHE Z 18 33.76 9.94 -50.34
C PHE Z 18 33.17 10.07 -51.74
N HIS Z 19 32.71 11.25 -52.14
CA HIS Z 19 32.12 11.37 -53.47
C HIS Z 19 33.06 10.96 -54.60
N ALA Z 20 34.32 11.38 -54.49
CA ALA Z 20 35.31 11.02 -55.51
C ALA Z 20 35.49 9.51 -55.53
N ILE Z 21 35.71 8.91 -54.36
CA ILE Z 21 35.97 7.48 -54.33
C ILE Z 21 34.74 6.66 -54.76
N PHE Z 22 33.56 7.12 -54.38
CA PHE Z 22 32.33 6.45 -54.76
C PHE Z 22 32.14 6.46 -56.26
N MET Z 23 32.21 7.66 -56.86
CA MET Z 23 32.02 7.78 -58.32
C MET Z 23 33.04 6.96 -59.08
N GLN Z 24 34.30 7.10 -58.73
CA GLN Z 24 35.35 6.40 -59.45
C GLN Z 24 35.22 4.89 -59.29
N SER Z 25 34.86 4.44 -58.10
CA SER Z 25 34.70 3.01 -57.89
C SER Z 25 33.62 2.52 -58.82
N MET Z 26 32.52 3.27 -58.84
CA MET Z 26 31.35 2.93 -59.66
C MET Z 26 31.66 2.91 -61.19
N TYR Z 27 32.44 3.87 -61.66
CA TYR Z 27 32.85 3.87 -63.07
C TYR Z 27 33.76 2.69 -63.41
N ALA Z 28 34.62 2.30 -62.47
CA ALA Z 28 35.43 1.11 -62.67
C ALA Z 28 34.48 -0.07 -62.87
N TRP Z 29 33.46 -0.10 -62.02
CA TRP Z 29 32.44 -1.14 -62.10
C TRP Z 29 31.77 -1.19 -63.48
N PHE Z 30 31.30 -0.03 -63.95
CA PHE Z 30 30.68 0.05 -65.28
C PHE Z 30 31.66 -0.44 -66.32
N GLY Z 31 32.95 -0.21 -66.08
CA GLY Z 31 33.97 -0.69 -66.99
C GLY Z 31 33.95 -2.22 -67.09
N LEU Z 32 34.07 -2.88 -65.94
CA LEU Z 32 34.02 -4.34 -65.91
C LEU Z 32 32.78 -4.83 -66.64
N VAL Z 33 31.71 -4.08 -66.47
CA VAL Z 33 30.45 -4.40 -67.11
C VAL Z 33 30.54 -4.32 -68.64
N VAL Z 34 31.05 -3.21 -69.14
CA VAL Z 34 31.14 -3.00 -70.59
C VAL Z 34 32.06 -4.01 -71.27
N ILE Z 35 33.19 -4.32 -70.64
CA ILE Z 35 34.07 -5.37 -71.17
C ILE Z 35 33.32 -6.69 -71.25
N ALA Z 36 32.73 -7.14 -70.13
CA ALA Z 36 32.02 -8.40 -70.18
C ALA Z 36 30.89 -8.40 -71.23
N HIS Z 37 30.20 -7.28 -71.39
CA HIS Z 37 29.10 -7.20 -72.36
C HIS Z 37 29.55 -7.20 -73.81
N LEU Z 38 30.70 -6.60 -74.11
CA LEU Z 38 31.21 -6.72 -75.45
C LEU Z 38 31.67 -8.15 -75.68
N LEU Z 39 32.31 -8.77 -74.70
CA LEU Z 39 32.65 -10.19 -74.88
C LEU Z 39 31.39 -11.01 -75.20
N ALA Z 40 30.31 -10.74 -74.47
CA ALA Z 40 29.06 -11.44 -74.67
C ALA Z 40 28.48 -11.15 -76.05
N TRP Z 41 28.63 -9.92 -76.54
CA TRP Z 41 28.10 -9.56 -77.85
C TRP Z 41 28.90 -10.20 -78.98
N LEU Z 42 30.21 -10.25 -78.79
CA LEU Z 42 31.09 -10.85 -79.79
C LEU Z 42 30.87 -12.35 -79.91
N TYR Z 43 30.96 -13.10 -78.82
CA TYR Z 43 30.82 -14.55 -78.94
C TYR Z 43 29.39 -14.95 -79.28
N ARG Z 44 28.42 -14.11 -78.94
CA ARG Z 44 27.03 -14.48 -79.10
C ARG Z 44 26.11 -13.23 -79.11
N PRO Z 45 26.02 -12.54 -80.26
CA PRO Z 45 25.11 -11.40 -80.40
C PRO Z 45 23.63 -11.80 -80.27
N TRP Z 46 22.86 -10.94 -79.62
CA TRP Z 46 21.46 -11.21 -79.24
C TRP Z 46 20.47 -10.21 -79.88
N LEU Z 47 20.99 -9.25 -80.65
CA LEU Z 47 20.13 -8.24 -81.23
C LEU Z 47 20.04 -8.44 -82.72
N PHE AA 2 6.04 25.71 -70.12
CA PHE AA 2 7.44 25.62 -70.50
C PHE AA 2 8.45 25.95 -69.39
N THR AA 3 8.61 27.23 -69.13
CA THR AA 3 9.62 27.69 -68.19
C THR AA 3 9.24 27.75 -66.71
N MET AA 4 10.30 27.86 -65.90
CA MET AA 4 10.32 27.50 -64.49
C MET AA 4 10.01 28.72 -63.64
N ASN AA 5 9.50 28.50 -62.42
CA ASN AA 5 9.25 29.60 -61.48
C ASN AA 5 10.51 30.38 -61.16
N ALA AA 6 10.34 31.62 -60.71
CA ALA AA 6 11.42 32.36 -60.08
C ALA AA 6 11.70 31.92 -58.65
N ASN AA 7 10.93 30.97 -58.14
CA ASN AA 7 11.11 30.52 -56.76
C ASN AA 7 10.71 29.08 -56.56
N LEU AA 8 10.94 28.24 -57.54
CA LEU AA 8 10.53 26.85 -57.37
C LEU AA 8 11.68 26.08 -56.72
N TYR AA 9 12.53 26.79 -55.99
CA TYR AA 9 13.53 26.13 -55.18
C TYR AA 9 12.89 25.88 -53.84
N LYS AA 10 12.20 26.91 -53.35
CA LYS AA 10 11.44 26.91 -52.09
C LYS AA 10 10.65 25.61 -51.74
N ILE AA 11 10.48 24.71 -52.71
CA ILE AA 11 9.80 23.41 -52.49
C ILE AA 11 10.49 22.54 -51.46
N TRP AA 12 11.78 22.78 -51.25
CA TRP AA 12 12.56 22.02 -50.29
C TRP AA 12 12.46 22.67 -48.93
N LEU AA 13 11.66 23.72 -48.84
CA LEU AA 13 11.32 24.27 -47.54
C LEU AA 13 10.02 23.55 -47.09
N ILE AA 14 9.38 22.85 -48.02
CA ILE AA 14 8.09 22.19 -47.77
C ILE AA 14 8.14 20.66 -47.77
N LEU AA 15 8.91 20.12 -48.70
CA LEU AA 15 8.96 18.67 -48.92
C LEU AA 15 10.32 18.09 -48.61
N ASP AA 16 10.28 17.13 -47.69
CA ASP AA 16 11.43 16.46 -47.12
C ASP AA 16 12.39 15.83 -48.13
N PRO AA 17 13.59 16.43 -48.30
CA PRO AA 17 14.62 16.00 -49.26
C PRO AA 17 15.16 14.57 -49.11
N ARG AA 18 15.50 14.10 -47.90
CA ARG AA 18 16.01 12.73 -47.82
C ARG AA 18 14.96 11.73 -48.26
N ARG AA 19 13.78 11.85 -47.67
CA ARG AA 19 12.73 10.90 -47.96
C ARG AA 19 12.25 11.02 -49.41
N VAL AA 20 12.02 12.22 -49.94
CA VAL AA 20 11.62 12.31 -51.34
C VAL AA 20 12.68 11.68 -52.27
N LEU AA 21 13.96 11.94 -52.00
CA LEU AA 21 15.03 11.35 -52.81
C LEU AA 21 14.95 9.83 -52.81
N VAL AA 22 14.98 9.26 -51.61
CA VAL AA 22 14.96 7.81 -51.47
C VAL AA 22 13.68 7.28 -52.11
N SER AA 23 12.60 8.03 -51.95
CA SER AA 23 11.30 7.70 -52.54
C SER AA 23 11.42 7.52 -54.04
N ILE AA 24 12.13 8.46 -54.66
CA ILE AA 24 12.34 8.40 -56.07
C ILE AA 24 13.06 7.12 -56.34
N VAL AA 25 14.11 6.84 -55.57
CA VAL AA 25 14.88 5.62 -55.78
C VAL AA 25 14.02 4.36 -55.79
N ALA AA 26 13.21 4.18 -54.75
CA ALA AA 26 12.38 3.01 -54.68
C ALA AA 26 11.45 2.99 -55.87
N PHE AA 27 10.76 4.10 -56.09
CA PHE AA 27 9.78 4.25 -57.17
C PHE AA 27 10.32 3.92 -58.57
N GLN AA 28 11.51 4.41 -58.87
CA GLN AA 28 12.14 4.19 -60.17
C GLN AA 28 12.57 2.73 -60.30
N ILE AA 29 13.18 2.19 -59.25
CA ILE AA 29 13.64 0.81 -59.30
C ILE AA 29 12.44 -0.10 -59.53
N VAL AA 30 11.38 0.18 -58.79
CA VAL AA 30 10.13 -0.55 -58.87
C VAL AA 30 9.48 -0.45 -60.25
N LEU AA 31 9.29 0.77 -60.72
CA LEU AA 31 8.68 1.04 -62.02
C LEU AA 31 9.44 0.38 -63.16
N GLY AA 32 10.77 0.42 -63.06
CA GLY AA 32 11.63 -0.23 -64.01
C GLY AA 32 11.31 -1.70 -63.99
N LEU AA 33 11.32 -2.29 -62.81
CA LEU AA 33 11.02 -3.71 -62.74
C LEU AA 33 9.65 -4.02 -63.35
N LEU AA 34 8.65 -3.25 -62.97
CA LEU AA 34 7.28 -3.47 -63.41
C LEU AA 34 7.24 -3.46 -64.92
N ILE AA 35 7.69 -2.36 -65.53
CA ILE AA 35 7.67 -2.24 -66.99
C ILE AA 35 8.48 -3.29 -67.74
N HIS AA 36 9.72 -3.51 -67.34
CA HIS AA 36 10.54 -4.57 -67.92
C HIS AA 36 9.79 -5.90 -67.93
N MET AA 37 9.17 -6.21 -66.80
CA MET AA 37 8.40 -7.43 -66.65
C MET AA 37 7.20 -7.42 -67.60
N ILE AA 38 6.56 -6.27 -67.73
CA ILE AA 38 5.41 -6.14 -68.61
C ILE AA 38 5.75 -6.39 -70.07
N VAL AA 39 6.82 -5.77 -70.56
CA VAL AA 39 7.27 -5.99 -71.93
C VAL AA 39 7.74 -7.41 -72.10
N LEU AA 40 8.48 -7.95 -71.13
CA LEU AA 40 8.90 -9.33 -71.22
C LEU AA 40 7.70 -10.26 -71.30
N SER AA 41 6.56 -9.82 -70.78
CA SER AA 41 5.37 -10.66 -70.80
C SER AA 41 4.48 -10.38 -71.98
N THR AA 42 4.79 -9.37 -72.79
CA THR AA 42 3.92 -9.09 -73.92
C THR AA 42 4.72 -9.43 -75.15
N ASP AA 43 4.14 -9.13 -76.31
CA ASP AA 43 4.73 -9.55 -77.56
C ASP AA 43 6.13 -8.94 -77.77
N LEU AA 44 6.40 -7.79 -77.14
CA LEU AA 44 7.66 -7.09 -77.34
C LEU AA 44 8.86 -7.81 -76.71
N ASN AA 45 8.59 -9.02 -76.21
CA ASN AA 45 9.61 -9.94 -75.67
C ASN AA 45 10.85 -9.95 -76.53
N TRP AA 46 12.02 -10.01 -75.90
CA TRP AA 46 13.27 -9.98 -76.66
C TRP AA 46 14.23 -11.14 -76.32
N LEU AA 47 13.74 -12.17 -75.64
CA LEU AA 47 14.62 -13.26 -75.16
C LEU AA 47 14.44 -14.66 -75.79
N ASP AA 48 13.22 -15.18 -75.74
CA ASP AA 48 12.85 -16.51 -76.25
C ASP AA 48 12.44 -16.60 -77.76
N ASP AA 49 13.32 -16.11 -78.63
CA ASP AA 49 13.08 -15.93 -80.08
C ASP AA 49 13.91 -16.83 -80.98
N ASN AA 50 14.97 -17.42 -80.41
CA ASN AA 50 16.05 -18.13 -81.15
C ASN AA 50 16.98 -17.09 -81.77
N ILE AA 51 16.42 -16.38 -82.76
CA ILE AA 51 17.08 -15.32 -83.55
C ILE AA 51 17.86 -14.32 -82.60
N PRO AA 52 18.81 -13.51 -83.14
CA PRO AA 52 19.29 -13.24 -84.52
C PRO AA 52 19.90 -14.39 -85.37
N VAL AA 53 20.28 -15.48 -84.72
CA VAL AA 53 20.64 -16.71 -85.41
C VAL AA 53 20.13 -17.79 -84.48
N SER AA 54 20.26 -19.06 -84.86
CA SER AA 54 19.85 -20.15 -83.99
C SER AA 54 20.72 -20.02 -82.77
N TYR AA 55 20.50 -20.85 -81.78
CA TYR AA 55 21.29 -20.62 -80.59
C TYR AA 55 21.40 -21.83 -79.68
N GLN AA 56 20.34 -22.63 -79.61
CA GLN AA 56 20.37 -23.87 -78.86
C GLN AA 56 21.33 -24.79 -79.64
N ALA AA 57 21.00 -25.25 -80.84
CA ALA AA 57 19.90 -24.87 -81.73
C ALA AA 57 18.95 -26.06 -82.03
N LEU AA 58 19.33 -27.15 -82.76
CA LEU AA 58 20.69 -27.68 -83.10
C LEU AA 58 21.83 -27.26 -82.15
N GLY AA 59 22.82 -26.57 -82.69
CA GLY AA 59 23.91 -25.99 -81.92
C GLY AA 59 24.52 -24.94 -82.84
N LYS AA 60 23.75 -24.62 -83.88
CA LYS AA 60 24.31 -24.16 -85.16
C LYS AA 60 24.34 -22.63 -85.34
N LYS AA 61 25.42 -22.00 -84.85
CA LYS AA 61 25.44 -20.59 -84.51
C LYS AA 61 24.16 -20.16 -83.81
N THR BA 8 11.26 21.74 -42.37
CA THR BA 8 12.23 21.30 -43.37
C THR BA 8 13.64 21.16 -42.78
N GLY BA 9 14.02 22.15 -41.97
CA GLY BA 9 15.32 22.23 -41.34
C GLY BA 9 16.39 22.68 -42.30
N LEU BA 10 15.98 23.47 -43.28
CA LEU BA 10 16.92 24.09 -44.18
C LEU BA 10 16.95 25.61 -44.12
N THR BA 11 18.09 26.15 -44.49
CA THR BA 11 18.18 27.58 -44.72
C THR BA 11 17.70 27.82 -46.15
N ASP BA 12 17.32 29.06 -46.45
CA ASP BA 12 16.78 29.38 -47.76
C ASP BA 12 17.82 29.28 -48.86
N ASP BA 13 19.09 29.43 -48.49
CA ASP BA 13 20.17 29.40 -49.47
C ASP BA 13 20.61 27.98 -49.87
N GLU BA 14 20.43 27.00 -48.99
CA GLU BA 14 20.74 25.63 -49.37
C GLU BA 14 19.52 24.87 -49.89
N ALA BA 15 18.43 25.57 -50.15
CA ALA BA 15 17.37 24.97 -50.95
C ALA BA 15 17.42 25.64 -52.31
N LYS BA 16 18.33 26.59 -52.42
CA LYS BA 16 18.64 27.16 -53.71
C LYS BA 16 19.61 26.16 -54.32
N GLU BA 17 20.58 25.79 -53.49
CA GLU BA 17 21.66 24.90 -53.88
C GLU BA 17 21.13 23.50 -54.12
N PHE BA 18 20.39 22.95 -53.17
CA PHE BA 18 19.80 21.62 -53.38
C PHE BA 18 18.93 21.54 -54.64
N HIS BA 19 18.03 22.51 -54.81
CA HIS BA 19 17.16 22.54 -55.98
C HIS BA 19 17.95 22.58 -57.27
N ALA BA 20 19.00 23.40 -57.24
CA ALA BA 20 19.88 23.58 -58.37
C ALA BA 20 20.49 22.24 -58.73
N ILE BA 21 20.95 21.50 -57.72
CA ILE BA 21 21.58 20.20 -58.01
C ILE BA 21 20.56 19.10 -58.44
N PHE BA 22 19.40 19.06 -57.78
CA PHE BA 22 18.39 18.07 -58.13
C PHE BA 22 17.92 18.19 -59.56
N MET BA 23 17.52 19.40 -59.97
CA MET BA 23 16.95 19.60 -61.30
C MET BA 23 17.92 19.15 -62.41
N GLN BA 24 19.17 19.54 -62.27
CA GLN BA 24 20.21 19.21 -63.23
C GLN BA 24 20.46 17.70 -63.29
N SER BA 25 20.56 17.08 -62.13
CA SER BA 25 20.83 15.66 -62.10
C SER BA 25 19.67 14.93 -62.75
N MET BA 26 18.46 15.38 -62.42
CA MET BA 26 17.23 14.82 -62.95
C MET BA 26 17.23 14.96 -64.48
N TYR BA 27 17.77 16.08 -64.96
CA TYR BA 27 17.93 16.25 -66.39
C TYR BA 27 18.90 15.22 -66.98
N ALA BA 28 19.95 14.88 -66.24
CA ALA BA 28 20.87 13.81 -66.66
C ALA BA 28 20.19 12.44 -66.74
N TRP BA 29 19.40 12.09 -65.71
CA TRP BA 29 18.68 10.80 -65.76
C TRP BA 29 17.76 10.82 -66.97
N PHE BA 30 17.02 11.92 -67.13
CA PHE BA 30 16.14 12.12 -68.28
C PHE BA 30 16.84 11.99 -69.62
N GLY BA 31 18.09 12.46 -69.66
CA GLY BA 31 18.92 12.36 -70.85
C GLY BA 31 19.20 10.91 -71.16
N LEU BA 32 19.72 10.20 -70.16
CA LEU BA 32 20.00 8.78 -70.32
C LEU BA 32 18.77 8.02 -70.80
N VAL BA 33 17.62 8.43 -70.28
CA VAL BA 33 16.35 7.83 -70.64
C VAL BA 33 15.98 8.08 -72.10
N VAL BA 34 16.08 9.34 -72.53
CA VAL BA 34 15.71 9.70 -73.89
C VAL BA 34 16.63 8.99 -74.88
N ILE BA 35 17.91 8.92 -74.55
CA ILE BA 35 18.89 8.17 -75.36
C ILE BA 35 18.51 6.71 -75.49
N ALA BA 36 18.29 6.07 -74.33
CA ALA BA 36 17.93 4.66 -74.32
C ALA BA 36 16.68 4.44 -75.16
N HIS BA 37 15.75 5.39 -75.08
CA HIS BA 37 14.51 5.28 -75.83
C HIS BA 37 14.68 5.49 -77.33
N LEU BA 38 15.63 6.34 -77.71
CA LEU BA 38 15.90 6.60 -79.12
C LEU BA 38 16.57 5.39 -79.78
N LEU BA 39 17.60 4.85 -79.15
CA LEU BA 39 18.21 3.61 -79.63
C LEU BA 39 17.16 2.51 -79.69
N ALA BA 40 16.35 2.46 -78.64
CA ALA BA 40 15.30 1.47 -78.50
C ALA BA 40 14.27 1.60 -79.60
N TRP BA 41 14.03 2.83 -80.02
CA TRP BA 41 13.09 3.13 -81.09
C TRP BA 41 13.64 2.74 -82.45
N LEU BA 42 14.94 2.96 -82.62
CA LEU BA 42 15.59 2.59 -83.85
C LEU BA 42 15.60 1.09 -84.03
N TYR BA 43 16.13 0.35 -83.06
CA TYR BA 43 16.37 -1.08 -83.26
C TYR BA 43 15.16 -2.00 -83.40
N ARG BA 44 14.01 -1.63 -82.85
CA ARG BA 44 12.87 -2.53 -82.85
C ARG BA 44 11.67 -1.61 -82.53
N PRO BA 45 11.12 -0.92 -83.55
CA PRO BA 45 10.03 0.08 -83.43
C PRO BA 45 8.70 -0.43 -82.85
N TRP BA 46 8.02 0.35 -81.99
CA TRP BA 46 6.80 -0.15 -81.33
C TRP BA 46 5.51 0.66 -81.65
N LEU BA 47 5.63 1.76 -82.39
CA LEU BA 47 4.49 2.66 -82.67
C LEU BA 47 4.52 3.39 -84.03
N PHE CA 2 -15.08 32.34 -63.76
CA PHE CA 2 -13.98 32.10 -64.69
C PHE CA 2 -12.88 33.15 -64.61
N THR CA 3 -12.75 33.77 -63.43
CA THR CA 3 -11.70 34.75 -63.15
C THR CA 3 -11.19 34.58 -61.70
N MET CA 4 -9.97 35.04 -61.44
CA MET CA 4 -9.18 34.62 -60.28
C MET CA 4 -9.38 35.58 -59.08
N ASN CA 5 -10.21 35.15 -58.13
CA ASN CA 5 -10.56 35.91 -56.93
C ASN CA 5 -9.39 36.43 -56.06
N ALA CA 6 -8.17 36.38 -56.59
CA ALA CA 6 -7.02 37.16 -56.09
C ALA CA 6 -6.97 37.34 -54.56
N ASN CA 7 -7.57 36.39 -53.87
CA ASN CA 7 -7.62 36.30 -52.41
C ASN CA 7 -7.74 34.79 -52.25
N LEU CA 8 -7.27 34.10 -53.28
CA LEU CA 8 -7.29 32.66 -53.34
C LEU CA 8 -5.92 32.19 -52.86
N TYR CA 9 -5.18 33.11 -52.28
CA TYR CA 9 -3.93 32.77 -51.70
C TYR CA 9 -4.31 32.32 -50.30
N LYS CA 10 -5.22 33.06 -49.67
CA LYS CA 10 -5.78 32.69 -48.36
C LYS CA 10 -6.19 31.21 -48.24
N ILE CA 11 -6.33 30.50 -49.37
CA ILE CA 11 -6.67 29.08 -49.31
C ILE CA 11 -5.57 28.34 -48.53
N TRP CA 12 -4.35 28.87 -48.61
CA TRP CA 12 -3.19 28.28 -47.96
C TRP CA 12 -3.03 28.79 -46.54
N LEU CA 13 -4.01 29.56 -46.09
CA LEU CA 13 -4.10 29.88 -44.68
C LEU CA 13 -5.01 28.85 -44.01
N ILE CA 14 -5.72 28.06 -44.82
CA ILE CA 14 -6.69 27.12 -44.27
C ILE CA 14 -6.26 25.65 -44.45
N LEU CA 15 -5.60 25.35 -45.58
CA LEU CA 15 -5.17 23.98 -45.96
C LEU CA 15 -3.65 23.82 -45.96
N ASP CA 16 -3.17 22.88 -45.17
CA ASP CA 16 -1.74 22.61 -44.99
C ASP CA 16 -1.04 22.31 -46.32
N PRO CA 17 -0.03 23.12 -46.67
CA PRO CA 17 0.72 22.97 -47.93
C PRO CA 17 1.36 21.60 -48.21
N ARG CA 18 2.06 21.02 -47.23
CA ARG CA 18 2.68 19.71 -47.47
C ARG CA 18 1.59 18.66 -47.73
N ARG CA 19 0.52 18.65 -46.94
CA ARG CA 19 -0.55 17.66 -47.10
C ARG CA 19 -1.27 17.81 -48.43
N VAL CA 20 -1.66 19.04 -48.80
CA VAL CA 20 -2.28 19.21 -50.10
C VAL CA 20 -1.34 18.73 -51.21
N LEU CA 21 -0.06 19.11 -51.14
CA LEU CA 21 0.91 18.67 -52.15
C LEU CA 21 1.08 17.15 -52.27
N VAL CA 22 1.47 16.47 -51.19
CA VAL CA 22 1.67 15.04 -51.28
C VAL CA 22 0.35 14.38 -51.69
N SER CA 23 -0.77 14.92 -51.21
CA SER CA 23 -2.09 14.41 -51.60
C SER CA 23 -2.24 14.40 -53.10
N ILE CA 24 -1.85 15.50 -53.71
CA ILE CA 24 -1.92 15.61 -55.15
C ILE CA 24 -1.01 14.57 -55.80
N VAL CA 25 0.24 14.46 -55.37
CA VAL CA 25 1.15 13.44 -55.92
C VAL CA 25 0.59 12.00 -55.83
N ALA CA 26 0.11 11.62 -54.66
CA ALA CA 26 -0.44 10.29 -54.50
C ALA CA 26 -1.65 10.09 -55.40
N PHE CA 27 -2.62 11.02 -55.32
CA PHE CA 27 -3.85 10.91 -56.10
C PHE CA 27 -3.53 10.76 -57.60
N GLN CA 28 -2.56 11.53 -58.05
CA GLN CA 28 -2.16 11.57 -59.45
C GLN CA 28 -1.44 10.31 -59.90
N ILE CA 29 -0.48 9.83 -59.11
CA ILE CA 29 0.28 8.64 -59.46
C ILE CA 29 -0.69 7.45 -59.51
N VAL CA 30 -1.63 7.44 -58.57
CA VAL CA 30 -2.65 6.42 -58.51
C VAL CA 30 -3.50 6.47 -59.78
N LEU CA 31 -4.06 7.63 -60.08
CA LEU CA 31 -4.90 7.74 -61.25
C LEU CA 31 -4.13 7.28 -62.44
N GLY CA 32 -2.86 7.63 -62.49
CA GLY CA 32 -2.01 7.26 -63.62
C GLY CA 32 -1.83 5.77 -63.84
N LEU CA 33 -1.38 5.08 -62.81
CA LEU CA 33 -1.20 3.64 -62.89
C LEU CA 33 -2.54 3.00 -63.25
N LEU CA 34 -3.56 3.52 -62.59
CA LEU CA 34 -4.92 3.10 -62.80
C LEU CA 34 -5.33 3.15 -64.26
N ILE CA 35 -5.29 4.34 -64.86
CA ILE CA 35 -5.70 4.57 -66.23
C ILE CA 35 -4.92 3.71 -67.19
N HIS CA 36 -3.60 3.68 -67.01
CA HIS CA 36 -2.75 2.88 -67.88
C HIS CA 36 -3.32 1.48 -67.96
N MET CA 37 -3.63 0.88 -66.82
CA MET CA 37 -4.30 -0.43 -66.91
C MET CA 37 -5.70 -0.33 -67.51
N ILE CA 38 -6.44 0.75 -67.25
CA ILE CA 38 -7.80 0.89 -67.77
C ILE CA 38 -7.83 0.80 -69.29
N VAL CA 39 -6.93 1.53 -69.94
CA VAL CA 39 -6.78 1.51 -71.39
C VAL CA 39 -6.24 0.18 -71.86
N LEU CA 40 -5.22 -0.34 -71.18
CA LEU CA 40 -4.67 -1.62 -71.58
C LEU CA 40 -5.72 -2.72 -71.50
N SER CA 41 -6.80 -2.47 -70.78
CA SER CA 41 -7.86 -3.46 -70.65
C SER CA 41 -8.92 -3.29 -71.72
N THR CA 42 -8.77 -2.28 -72.56
CA THR CA 42 -9.80 -2.10 -73.57
C THR CA 42 -9.22 -2.35 -74.96
N ASP CA 43 -10.05 -2.13 -75.97
CA ASP CA 43 -9.72 -2.46 -77.35
C ASP CA 43 -8.47 -1.73 -77.86
N LEU CA 44 -8.23 -0.55 -77.30
CA LEU CA 44 -7.14 0.35 -77.67
C LEU CA 44 -5.75 -0.12 -77.22
N ASN CA 45 -5.63 -1.38 -76.78
CA ASN CA 45 -4.34 -1.91 -76.38
C ASN CA 45 -3.18 -1.50 -77.25
N TRP CA 46 -2.04 -1.18 -76.64
CA TRP CA 46 -0.91 -0.66 -77.41
C TRP CA 46 0.33 -1.53 -77.26
N LEU CA 47 0.18 -2.68 -76.63
CA LEU CA 47 1.31 -3.54 -76.31
C LEU CA 47 1.25 -4.82 -77.13
N ASP CA 48 0.10 -5.47 -77.03
CA ASP CA 48 -0.19 -6.75 -77.65
C ASP CA 48 -0.67 -6.65 -79.11
N ASP CA 49 0.07 -5.95 -79.97
CA ASP CA 49 -0.41 -5.70 -81.34
C ASP CA 49 0.45 -6.37 -82.42
N ASN CA 50 1.72 -6.64 -82.07
CA ASN CA 50 2.76 -7.18 -82.96
C ASN CA 50 3.18 -6.18 -84.03
N ILE CA 51 3.81 -5.06 -83.64
CA ILE CA 51 4.17 -4.03 -84.61
C ILE CA 51 5.68 -3.98 -84.91
N PRO CA 52 6.06 -3.97 -86.20
CA PRO CA 52 5.26 -4.14 -87.42
C PRO CA 52 5.17 -5.64 -87.78
N VAL CA 53 5.93 -6.46 -87.04
CA VAL CA 53 5.99 -7.91 -87.24
C VAL CA 53 5.95 -8.69 -85.92
N SER CA 54 5.27 -9.84 -85.98
CA SER CA 54 5.11 -10.74 -84.83
C SER CA 54 6.49 -11.03 -84.33
N TYR CA 55 6.69 -10.81 -83.04
CA TYR CA 55 8.00 -10.84 -82.45
C TYR CA 55 8.54 -12.21 -82.04
N GLN CA 56 7.66 -13.10 -81.59
CA GLN CA 56 8.11 -14.41 -81.13
C GLN CA 56 8.57 -15.31 -82.25
N ALA CA 57 7.60 -15.96 -82.88
CA ALA CA 57 7.83 -16.67 -84.12
C ALA CA 57 6.48 -17.00 -84.74
N LEU CA 58 6.39 -18.17 -85.36
CA LEU CA 58 5.11 -18.77 -85.73
C LEU CA 58 4.66 -19.59 -84.53
N GLY CA 59 5.65 -20.17 -83.86
CA GLY CA 59 5.47 -20.94 -82.64
C GLY CA 59 6.80 -20.94 -81.91
N LYS CA 60 7.36 -22.13 -81.73
CA LYS CA 60 8.65 -22.30 -81.05
C LYS CA 60 9.83 -22.44 -82.00
N LYS CA 61 10.09 -21.42 -82.82
CA LYS CA 61 10.77 -21.57 -84.13
C LYS CA 61 10.54 -20.37 -85.06
N THR DA 8 -2.11 27.69 -40.62
CA THR DA 8 -1.29 26.66 -41.27
C THR DA 8 0.20 27.00 -41.18
N GLY DA 9 0.56 27.75 -40.14
CA GLY DA 9 1.90 28.29 -39.97
C GLY DA 9 2.54 29.02 -41.15
N LEU DA 10 1.70 29.67 -41.96
CA LEU DA 10 2.19 30.55 -43.01
C LEU DA 10 1.78 31.95 -42.66
N THR DA 11 2.54 32.92 -43.14
CA THR DA 11 2.10 34.31 -43.04
C THR DA 11 1.21 34.65 -44.24
N ASP DA 12 0.51 35.77 -44.12
CA ASP DA 12 -0.32 36.29 -45.19
C ASP DA 12 0.59 36.74 -46.34
N ASP DA 13 1.85 37.00 -46.01
CA ASP DA 13 2.83 37.48 -46.96
C ASP DA 13 3.35 36.31 -47.80
N GLU DA 14 3.38 35.12 -47.21
CA GLU DA 14 3.84 33.90 -47.86
C GLU DA 14 2.76 32.97 -48.40
N ALA DA 15 1.50 33.40 -48.50
CA ALA DA 15 0.54 32.54 -49.21
C ALA DA 15 0.14 33.09 -50.58
N LYS DA 16 0.60 34.30 -50.83
CA LYS DA 16 0.41 34.93 -52.11
C LYS DA 16 1.52 34.34 -52.93
N GLU DA 17 2.68 34.25 -52.30
CA GLU DA 17 3.89 33.73 -52.92
C GLU DA 17 3.65 32.25 -53.24
N PHE DA 18 3.23 31.48 -52.21
CA PHE DA 18 2.93 30.08 -52.44
C PHE DA 18 1.88 29.89 -53.51
N HIS DA 19 0.75 30.58 -53.41
CA HIS DA 19 -0.31 30.43 -54.41
C HIS DA 19 0.21 30.70 -55.80
N ALA DA 20 1.09 31.69 -55.94
CA ALA DA 20 1.67 32.02 -57.22
C ALA DA 20 2.41 30.80 -57.77
N ILE DA 21 3.27 30.25 -56.92
CA ILE DA 21 4.11 29.14 -57.36
C ILE DA 21 3.30 27.90 -57.68
N PHE DA 22 2.28 27.65 -56.86
CA PHE DA 22 1.37 26.54 -57.00
C PHE DA 22 0.65 26.66 -58.34
N MET DA 23 0.08 27.83 -58.60
CA MET DA 23 -0.65 28.04 -59.84
C MET DA 23 0.18 27.86 -61.10
N GLN DA 24 1.34 28.52 -61.16
CA GLN DA 24 2.13 28.43 -62.38
C GLN DA 24 2.63 27.00 -62.57
N SER DA 25 3.04 26.35 -61.48
CA SER DA 25 3.52 24.98 -61.59
C SER DA 25 2.42 24.00 -62.05
N MET DA 26 1.26 24.14 -61.44
CA MET DA 26 0.12 23.28 -61.77
C MET DA 26 -0.28 23.46 -63.24
N TYR DA 27 -0.30 24.71 -63.67
CA TYR DA 27 -0.62 24.98 -65.05
C TYR DA 27 0.41 24.37 -65.99
N ALA DA 28 1.68 24.38 -65.56
CA ALA DA 28 2.74 23.77 -66.35
C ALA DA 28 2.44 22.29 -66.55
N TRP DA 29 2.02 21.67 -65.45
CA TRP DA 29 1.66 20.27 -65.48
C TRP DA 29 0.57 20.04 -66.52
N PHE DA 30 -0.47 20.85 -66.41
CA PHE DA 30 -1.61 20.77 -67.30
C PHE DA 30 -1.17 20.93 -68.76
N GLY DA 31 -0.12 21.71 -68.97
CA GLY DA 31 0.49 21.89 -70.28
C GLY DA 31 1.06 20.60 -70.83
N LEU DA 32 1.92 19.94 -70.03
CA LEU DA 32 2.48 18.63 -70.41
C LEU DA 32 1.38 17.64 -70.77
N VAL DA 33 0.31 17.70 -69.97
CA VAL DA 33 -0.86 16.86 -70.13
C VAL DA 33 -1.60 17.12 -71.45
N VAL DA 34 -1.85 18.39 -71.72
CA VAL DA 34 -2.52 18.83 -72.94
C VAL DA 34 -1.69 18.48 -74.17
N ILE DA 35 -0.37 18.59 -74.04
CA ILE DA 35 0.58 18.17 -75.07
C ILE DA 35 0.43 16.68 -75.39
N ALA DA 36 0.56 15.83 -74.36
CA ALA DA 36 0.42 14.40 -74.56
C ALA DA 36 -0.95 14.03 -75.10
N HIS DA 37 -1.99 14.72 -74.67
CA HIS DA 37 -3.35 14.40 -75.11
C HIS DA 37 -3.48 14.78 -76.58
N LEU DA 38 -2.75 15.83 -76.94
CA LEU DA 38 -2.68 16.29 -78.33
C LEU DA 38 -1.92 15.30 -79.23
N LEU DA 39 -0.72 14.89 -78.84
CA LEU DA 39 0.02 13.87 -79.59
C LEU DA 39 -0.76 12.57 -79.67
N ALA DA 40 -1.41 12.16 -78.59
CA ALA DA 40 -2.19 10.95 -78.60
C ALA DA 40 -3.37 11.11 -79.56
N TRP DA 41 -3.95 12.30 -79.59
CA TRP DA 41 -5.12 12.50 -80.45
C TRP DA 41 -4.70 12.47 -81.91
N LEU DA 42 -3.54 13.05 -82.19
CA LEU DA 42 -3.04 13.00 -83.54
C LEU DA 42 -2.71 11.57 -83.91
N TYR DA 43 -1.90 10.87 -83.12
CA TYR DA 43 -1.45 9.57 -83.58
C TYR DA 43 -2.61 8.61 -83.63
N ARG DA 44 -3.61 8.85 -82.80
CA ARG DA 44 -4.67 7.90 -82.69
C ARG DA 44 -5.82 8.60 -81.96
N PRO DA 45 -6.66 9.33 -82.71
CA PRO DA 45 -7.81 10.03 -82.10
C PRO DA 45 -8.73 9.03 -81.41
N TRP DA 46 -9.30 9.41 -80.27
CA TRP DA 46 -10.01 8.44 -79.43
C TRP DA 46 -11.51 8.72 -79.39
N LEU DA 47 -11.91 9.77 -80.10
CA LEU DA 47 -13.30 10.19 -80.11
C LEU DA 47 -13.54 10.76 -81.50
N PHE EA 2 -40.68 31.43 -48.86
CA PHE EA 2 -40.45 32.70 -49.53
C PHE EA 2 -40.40 33.84 -48.50
N THR EA 3 -39.69 33.59 -47.41
CA THR EA 3 -39.50 34.54 -46.31
C THR EA 3 -38.25 35.43 -46.50
N MET EA 4 -38.01 36.34 -45.55
CA MET EA 4 -37.18 37.53 -45.81
C MET EA 4 -35.67 37.41 -45.50
N ASN EA 5 -35.28 36.99 -44.29
CA ASN EA 5 -33.87 36.82 -43.95
C ASN EA 5 -33.10 35.85 -44.89
N ALA EA 6 -32.09 36.36 -45.61
CA ALA EA 6 -31.06 35.52 -46.24
C ALA EA 6 -29.79 35.64 -45.40
N ASN EA 7 -28.76 36.32 -45.93
CA ASN EA 7 -27.52 36.49 -45.18
C ASN EA 7 -26.92 35.14 -44.75
N LEU EA 8 -27.09 34.15 -45.63
CA LEU EA 8 -26.66 32.76 -45.42
C LEU EA 8 -25.14 32.59 -45.39
N TYR EA 9 -24.46 33.67 -45.03
CA TYR EA 9 -23.02 33.68 -44.88
C TYR EA 9 -22.76 33.15 -43.50
N LYS EA 10 -23.60 33.60 -42.57
CA LYS EA 10 -23.63 33.12 -41.19
C LYS EA 10 -23.44 31.59 -41.05
N ILE EA 11 -23.60 30.88 -42.16
CA ILE EA 11 -23.45 29.42 -42.23
C ILE EA 11 -22.07 28.95 -41.78
N TRP EA 12 -21.07 29.80 -41.94
CA TRP EA 12 -19.69 29.47 -41.61
C TRP EA 12 -19.34 29.84 -40.19
N LEU EA 13 -20.34 30.31 -39.47
CA LEU EA 13 -20.22 30.57 -38.04
C LEU EA 13 -20.62 29.32 -37.25
N ILE EA 14 -21.25 28.37 -37.95
CA ILE EA 14 -21.72 27.13 -37.35
C ILE EA 14 -20.98 25.89 -37.87
N LEU EA 15 -20.55 25.91 -39.15
CA LEU EA 15 -19.85 24.75 -39.72
C LEU EA 15 -18.39 25.05 -40.08
N ASP EA 16 -17.47 24.27 -39.51
CA ASP EA 16 -16.03 24.43 -39.71
C ASP EA 16 -15.64 24.36 -41.18
N PRO EA 17 -15.09 25.45 -41.73
CA PRO EA 17 -14.67 25.61 -43.14
C PRO EA 17 -13.64 24.60 -43.71
N ARG EA 18 -12.55 24.28 -42.99
CA ARG EA 18 -11.56 23.35 -43.55
C ARG EA 18 -12.17 21.98 -43.82
N ARG EA 19 -12.85 21.46 -42.81
CA ARG EA 19 -13.46 20.16 -42.87
C ARG EA 19 -14.55 20.16 -43.96
N VAL EA 20 -15.32 21.24 -44.05
CA VAL EA 20 -16.28 21.39 -45.15
C VAL EA 20 -15.55 21.28 -46.50
N LEU EA 21 -14.39 21.92 -46.56
CA LEU EA 21 -13.56 21.91 -47.77
C LEU EA 21 -13.16 20.50 -48.22
N VAL EA 22 -12.45 19.77 -47.37
CA VAL EA 22 -12.06 18.41 -47.76
C VAL EA 22 -13.28 17.52 -47.97
N SER EA 23 -14.34 17.75 -47.20
CA SER EA 23 -15.58 16.98 -47.37
C SER EA 23 -16.11 17.10 -48.78
N ILE EA 24 -16.20 18.33 -49.26
CA ILE EA 24 -16.60 18.57 -50.61
C ILE EA 24 -15.59 18.00 -51.61
N VAL EA 25 -14.30 18.28 -51.43
CA VAL EA 25 -13.29 17.75 -52.37
C VAL EA 25 -13.35 16.23 -52.54
N ALA EA 26 -13.39 15.53 -51.42
CA ALA EA 26 -13.47 14.08 -51.40
C ALA EA 26 -14.75 13.63 -52.10
N PHE EA 27 -15.87 14.19 -51.67
CA PHE EA 27 -17.15 13.78 -52.26
C PHE EA 27 -17.15 13.92 -53.76
N GLN EA 28 -16.56 15.01 -54.24
CA GLN EA 28 -16.52 15.25 -55.68
C GLN EA 28 -15.68 14.19 -56.35
N ILE EA 29 -14.52 13.84 -55.78
CA ILE EA 29 -13.70 12.80 -56.42
C ILE EA 29 -14.41 11.45 -56.48
N VAL EA 30 -15.06 11.07 -55.39
CA VAL EA 30 -15.81 9.81 -55.36
C VAL EA 30 -16.96 9.83 -56.37
N LEU EA 31 -17.79 10.87 -56.31
CA LEU EA 31 -18.93 10.99 -57.20
C LEU EA 31 -18.45 10.92 -58.64
N GLY EA 32 -17.28 11.50 -58.89
CA GLY EA 32 -16.63 11.45 -60.19
C GLY EA 32 -16.31 10.04 -60.65
N LEU EA 33 -15.61 9.28 -59.80
CA LEU EA 33 -15.30 7.89 -60.14
C LEU EA 33 -16.59 7.07 -60.31
N LEU EA 34 -17.57 7.29 -59.42
CA LEU EA 34 -18.86 6.59 -59.50
C LEU EA 34 -19.52 6.81 -60.86
N ILE EA 35 -19.73 8.06 -61.22
CA ILE EA 35 -20.38 8.41 -62.48
C ILE EA 35 -19.59 7.91 -63.71
N HIS EA 36 -18.28 8.12 -63.67
CA HIS EA 36 -17.40 7.54 -64.69
C HIS EA 36 -17.63 6.04 -64.83
N MET EA 37 -17.67 5.32 -63.71
CA MET EA 37 -17.92 3.89 -63.75
C MET EA 37 -19.29 3.57 -64.29
N ILE EA 38 -20.27 4.37 -63.95
CA ILE EA 38 -21.61 4.09 -64.44
C ILE EA 38 -21.75 4.26 -65.96
N VAL EA 39 -21.30 5.39 -66.51
CA VAL EA 39 -21.39 5.59 -67.98
C VAL EA 39 -20.49 4.65 -68.78
N LEU EA 40 -19.25 4.45 -68.35
CA LEU EA 40 -18.41 3.49 -69.07
C LEU EA 40 -18.93 2.05 -69.03
N SER EA 41 -19.75 1.72 -68.05
CA SER EA 41 -20.24 0.34 -67.93
C SER EA 41 -21.54 0.19 -68.69
N THR EA 42 -21.97 1.31 -69.25
CA THR EA 42 -23.22 1.39 -69.98
C THR EA 42 -22.98 1.76 -71.44
N ASP EA 43 -24.07 2.04 -72.15
CA ASP EA 43 -24.06 2.35 -73.58
C ASP EA 43 -23.23 3.57 -74.00
N LEU EA 44 -23.21 4.64 -73.19
CA LEU EA 44 -22.52 5.88 -73.59
C LEU EA 44 -20.99 5.75 -73.54
N ASN EA 45 -20.54 4.53 -73.27
CA ASN EA 45 -19.14 4.09 -73.30
C ASN EA 45 -18.32 4.58 -74.50
N TRP EA 46 -17.06 4.93 -74.22
CA TRP EA 46 -16.15 5.47 -75.24
C TRP EA 46 -14.83 4.74 -75.44
N LEU EA 47 -14.66 3.59 -74.82
CA LEU EA 47 -13.36 2.94 -74.84
C LEU EA 47 -13.48 1.71 -75.67
N ASP EA 48 -14.50 0.92 -75.38
CA ASP EA 48 -14.69 -0.32 -76.12
C ASP EA 48 -15.32 -0.02 -77.47
N ASP EA 49 -14.67 0.88 -78.24
CA ASP EA 49 -15.15 1.33 -79.56
C ASP EA 49 -13.98 1.47 -80.59
N ASN EA 50 -13.07 2.42 -80.32
CA ASN EA 50 -11.93 2.82 -81.19
C ASN EA 50 -12.27 3.57 -82.49
N ILE EA 51 -11.87 4.84 -82.54
CA ILE EA 51 -12.13 5.72 -83.69
C ILE EA 51 -10.82 5.91 -84.49
N PRO EA 52 -10.87 5.78 -85.85
CA PRO EA 52 -12.08 5.52 -86.64
C PRO EA 52 -12.45 4.05 -86.79
N VAL EA 53 -11.55 3.16 -86.40
CA VAL EA 53 -11.81 1.73 -86.51
C VAL EA 53 -11.32 0.99 -85.27
N SER EA 54 -12.06 -0.06 -84.88
CA SER EA 54 -11.67 -0.90 -83.76
C SER EA 54 -10.27 -1.38 -84.11
N TYR EA 55 -9.32 -1.21 -83.20
CA TYR EA 55 -7.91 -1.33 -83.55
C TYR EA 55 -7.42 -2.78 -83.49
N GLN EA 56 -8.00 -3.57 -82.60
CA GLN EA 56 -7.65 -4.98 -82.58
C GLN EA 56 -8.39 -5.73 -83.71
N ALA EA 57 -8.99 -4.98 -84.64
CA ALA EA 57 -9.48 -5.53 -85.91
C ALA EA 57 -8.76 -4.82 -87.08
N LEU EA 58 -7.61 -4.23 -86.74
CA LEU EA 58 -6.60 -3.79 -87.69
C LEU EA 58 -5.57 -4.91 -87.86
N GLY EA 59 -5.84 -6.05 -87.21
CA GLY EA 59 -4.93 -7.17 -87.29
C GLY EA 59 -5.57 -8.53 -87.09
N LYS EA 60 -5.98 -9.09 -88.22
CA LYS EA 60 -6.55 -10.42 -88.27
C LYS EA 60 -5.45 -11.38 -88.71
N LYS EA 61 -4.74 -11.96 -87.74
CA LYS EA 61 -3.35 -12.41 -87.90
C LYS EA 61 -2.70 -12.59 -86.52
N THR FA 8 -16.79 28.43 -34.34
CA THR FA 8 -15.90 28.03 -35.43
C THR FA 8 -14.72 29.00 -35.59
N GLY FA 9 -14.37 29.70 -34.51
CA GLY FA 9 -13.35 30.74 -34.51
C GLY FA 9 -13.32 31.70 -35.68
N LEU FA 10 -14.49 31.98 -36.25
CA LEU FA 10 -14.60 32.98 -37.30
C LEU FA 10 -15.30 34.21 -36.74
N THR FA 11 -15.00 35.38 -37.32
CA THR FA 11 -15.72 36.62 -37.01
C THR FA 11 -16.97 36.68 -37.87
N ASP FA 12 -17.88 37.58 -37.56
CA ASP FA 12 -19.07 37.68 -38.41
C ASP FA 12 -18.68 38.19 -39.80
N ASP FA 13 -17.55 38.90 -39.92
CA ASP FA 13 -17.10 39.33 -41.25
C ASP FA 13 -16.29 38.25 -41.99
N GLU FA 14 -15.66 37.32 -41.26
CA GLU FA 14 -14.87 36.28 -41.91
C GLU FA 14 -15.82 35.16 -42.23
N ALA FA 15 -17.11 35.43 -42.05
CA ALA FA 15 -18.14 34.60 -42.61
C ALA FA 15 -18.83 35.32 -43.75
N LYS FA 16 -18.50 36.61 -43.92
CA LYS FA 16 -18.93 37.37 -45.10
C LYS FA 16 -17.95 37.16 -46.26
N GLU FA 17 -16.67 37.19 -45.90
CA GLU FA 17 -15.51 37.02 -46.79
C GLU FA 17 -15.39 35.59 -47.36
N PHE FA 18 -15.32 34.62 -46.44
CA PHE FA 18 -15.24 33.20 -46.80
C PHE FA 18 -16.42 32.81 -47.67
N HIS FA 19 -17.62 33.22 -47.27
CA HIS FA 19 -18.83 32.93 -48.02
C HIS FA 19 -18.73 33.44 -49.45
N ALA FA 20 -18.13 34.63 -49.60
CA ALA FA 20 -17.92 35.22 -50.92
C ALA FA 20 -16.98 34.38 -51.80
N ILE FA 21 -15.81 34.04 -51.26
CA ILE FA 21 -14.86 33.27 -52.09
C ILE FA 21 -15.40 31.88 -52.36
N PHE FA 22 -16.03 31.30 -51.34
CA PHE FA 22 -16.61 29.98 -51.47
C PHE FA 22 -17.68 29.96 -52.56
N MET FA 23 -18.65 30.88 -52.49
CA MET FA 23 -19.70 30.91 -53.51
C MET FA 23 -19.18 31.17 -54.92
N GLN FA 24 -18.30 32.15 -55.08
CA GLN FA 24 -17.80 32.47 -56.42
C GLN FA 24 -17.01 31.29 -56.95
N SER FA 25 -16.22 30.66 -56.10
CA SER FA 25 -15.42 29.49 -56.48
C SER FA 25 -16.28 28.28 -56.88
N MET FA 26 -17.31 28.01 -56.07
CA MET FA 26 -18.23 26.90 -56.33
C MET FA 26 -18.91 27.13 -57.67
N TYR FA 27 -19.31 28.38 -57.90
CA TYR FA 27 -19.88 28.78 -59.16
C TYR FA 27 -18.90 28.61 -60.32
N ALA FA 28 -17.62 28.86 -60.05
CA ALA FA 28 -16.56 28.62 -61.04
C ALA FA 28 -16.52 27.16 -61.42
N TRP FA 29 -16.61 26.29 -60.41
CA TRP FA 29 -16.63 24.85 -60.62
C TRP FA 29 -17.81 24.50 -61.51
N PHE FA 30 -18.99 24.96 -61.11
CA PHE FA 30 -20.23 24.71 -61.85
C PHE FA 30 -20.06 25.18 -63.31
N GLY FA 31 -19.23 26.22 -63.47
CA GLY FA 31 -18.87 26.74 -64.77
C GLY FA 31 -18.07 25.75 -65.59
N LEU FA 32 -16.95 25.26 -65.04
CA LEU FA 32 -16.18 24.23 -65.76
C LEU FA 32 -17.09 23.08 -66.13
N VAL FA 33 -18.02 22.79 -65.23
CA VAL FA 33 -18.97 21.69 -65.37
C VAL FA 33 -19.86 21.91 -66.61
N VAL FA 34 -20.43 23.11 -66.73
CA VAL FA 34 -21.23 23.42 -67.90
C VAL FA 34 -20.36 23.41 -69.18
N ILE FA 35 -19.10 23.83 -69.08
CA ILE FA 35 -18.20 23.66 -70.23
C ILE FA 35 -18.10 22.18 -70.66
N ALA FA 36 -17.65 21.29 -69.78
CA ALA FA 36 -17.48 19.88 -70.13
C ALA FA 36 -18.78 19.17 -70.54
N HIS FA 37 -19.90 19.53 -69.92
CA HIS FA 37 -21.18 18.91 -70.24
C HIS FA 37 -21.69 19.44 -71.60
N LEU FA 38 -21.32 20.68 -71.90
CA LEU FA 38 -21.60 21.31 -73.17
C LEU FA 38 -20.84 20.62 -74.28
N LEU FA 39 -19.53 20.47 -74.09
CA LEU FA 39 -18.70 19.76 -75.07
C LEU FA 39 -19.20 18.33 -75.26
N ALA FA 40 -19.53 17.69 -74.13
CA ALA FA 40 -19.98 16.30 -74.12
C ALA FA 40 -21.28 16.13 -74.89
N TRP FA 41 -22.17 17.11 -74.80
CA TRP FA 41 -23.43 17.06 -75.54
C TRP FA 41 -23.24 17.33 -77.02
N LEU FA 42 -22.34 18.27 -77.34
CA LEU FA 42 -22.10 18.62 -78.74
C LEU FA 42 -21.54 17.42 -79.47
N TYR FA 43 -20.48 16.82 -78.96
CA TYR FA 43 -19.89 15.70 -79.68
C TYR FA 43 -20.77 14.45 -79.68
N ARG FA 44 -21.57 14.29 -78.64
CA ARG FA 44 -22.27 13.04 -78.41
C ARG FA 44 -23.45 13.28 -77.47
N PRO FA 45 -24.61 13.69 -78.02
CA PRO FA 45 -25.78 13.89 -77.18
C PRO FA 45 -26.16 12.60 -76.45
N TRP FA 46 -26.62 12.72 -75.21
CA TRP FA 46 -26.85 11.56 -74.33
C TRP FA 46 -28.35 11.39 -74.07
N LEU FA 47 -29.13 12.24 -74.69
CA LEU FA 47 -30.57 12.25 -74.52
C LEU FA 47 -31.17 12.63 -75.86
N PHE GA 2 -55.81 28.38 -30.53
CA PHE GA 2 -54.61 29.07 -31.00
C PHE GA 2 -54.02 28.37 -32.23
N THR GA 3 -54.56 27.19 -32.54
CA THR GA 3 -54.11 26.30 -33.63
C THR GA 3 -52.62 26.00 -33.45
N MET GA 4 -51.94 25.69 -34.56
CA MET GA 4 -50.50 25.43 -34.47
C MET GA 4 -49.75 26.17 -35.59
N ASN GA 5 -48.50 25.76 -35.82
CA ASN GA 5 -47.64 26.38 -36.83
C ASN GA 5 -47.56 27.87 -36.54
N ALA GA 6 -47.02 28.17 -35.35
CA ALA GA 6 -46.72 29.54 -34.90
C ALA GA 6 -45.80 29.40 -33.69
N ASN GA 7 -45.44 28.16 -33.41
CA ASN GA 7 -44.51 27.81 -32.34
C ASN GA 7 -43.76 26.51 -32.67
N LEU GA 8 -43.63 26.20 -33.97
CA LEU GA 8 -42.87 25.03 -34.46
C LEU GA 8 -41.47 25.48 -34.90
N TYR GA 9 -41.11 26.66 -34.44
CA TYR GA 9 -39.78 27.20 -34.60
C TYR GA 9 -39.07 26.63 -33.41
N LYS GA 10 -39.80 26.65 -32.28
CA LYS GA 10 -39.46 26.01 -31.01
C LYS GA 10 -38.84 24.58 -31.07
N ILE GA 11 -38.96 23.92 -32.23
CA ILE GA 11 -38.41 22.57 -32.46
C ILE GA 11 -36.89 22.51 -32.23
N TRP GA 12 -36.26 23.67 -32.33
CA TRP GA 12 -34.82 23.79 -32.20
C TRP GA 12 -34.41 23.98 -30.73
N LEU GA 13 -35.37 23.87 -29.81
CA LEU GA 13 -35.09 23.78 -28.37
C LEU GA 13 -34.95 22.29 -27.97
N ILE GA 14 -35.34 21.40 -28.88
CA ILE GA 14 -35.21 19.95 -28.66
C ILE GA 14 -34.15 19.41 -29.65
N LEU GA 15 -34.09 19.96 -30.86
CA LEU GA 15 -33.08 19.50 -31.80
C LEU GA 15 -32.10 20.60 -32.20
N ASP GA 16 -30.83 20.40 -31.84
CA ASP GA 16 -29.74 21.34 -32.14
C ASP GA 16 -29.60 21.47 -33.68
N PRO GA 17 -29.85 22.69 -34.22
CA PRO GA 17 -29.94 23.09 -35.64
C PRO GA 17 -28.78 22.80 -36.63
N ARG GA 18 -27.55 23.06 -36.23
CA ARG GA 18 -26.40 22.81 -37.12
C ARG GA 18 -26.32 21.33 -37.49
N ARG GA 19 -26.37 20.51 -36.45
CA ARG GA 19 -26.25 19.07 -36.58
C ARG GA 19 -27.43 18.54 -37.38
N VAL GA 20 -28.64 19.03 -37.07
CA VAL GA 20 -29.83 18.61 -37.80
C VAL GA 20 -29.65 18.90 -39.28
N LEU GA 21 -29.08 20.06 -39.62
CA LEU GA 21 -28.78 20.32 -41.04
C LEU GA 21 -27.86 19.25 -41.58
N VAL GA 22 -26.72 19.04 -40.92
CA VAL GA 22 -25.74 18.11 -41.45
C VAL GA 22 -26.34 16.71 -41.67
N SER GA 23 -27.13 16.24 -40.72
CA SER GA 23 -27.85 14.97 -40.84
C SER GA 23 -28.75 14.98 -42.06
N ILE GA 24 -29.47 16.08 -42.24
CA ILE GA 24 -30.36 16.22 -43.36
C ILE GA 24 -29.57 16.10 -44.66
N VAL GA 25 -28.47 16.83 -44.78
CA VAL GA 25 -27.64 16.78 -45.98
C VAL GA 25 -27.20 15.35 -46.27
N ALA GA 26 -26.76 14.65 -45.21
CA ALA GA 26 -26.32 13.27 -45.36
C ALA GA 26 -27.45 12.44 -45.95
N PHE GA 27 -28.62 12.53 -45.33
CA PHE GA 27 -29.79 11.81 -45.80
C PHE GA 27 -30.05 12.08 -47.26
N GLN GA 28 -29.85 13.33 -47.64
CA GLN GA 28 -30.13 13.74 -48.99
C GLN GA 28 -29.18 13.07 -49.95
N ILE GA 29 -27.88 13.05 -49.63
CA ILE GA 29 -26.95 12.43 -50.56
C ILE GA 29 -27.22 10.94 -50.73
N VAL GA 30 -27.40 10.24 -49.62
CA VAL GA 30 -27.68 8.81 -49.70
C VAL GA 30 -28.99 8.50 -50.42
N LEU GA 31 -30.07 9.16 -50.01
CA LEU GA 31 -31.37 8.97 -50.66
C LEU GA 31 -31.26 9.24 -52.17
N GLY GA 32 -30.47 10.25 -52.53
CA GLY GA 32 -30.24 10.59 -53.91
C GLY GA 32 -29.61 9.47 -54.70
N LEU GA 33 -28.45 8.98 -54.25
CA LEU GA 33 -27.79 7.89 -54.98
C LEU GA 33 -28.72 6.69 -55.05
N LEU GA 34 -29.40 6.44 -53.93
CA LEU GA 34 -30.33 5.32 -53.83
C LEU GA 34 -31.37 5.38 -54.96
N ILE GA 35 -32.14 6.47 -55.02
CA ILE GA 35 -33.19 6.61 -56.02
C ILE GA 35 -32.64 6.55 -57.42
N HIS GA 36 -31.52 7.24 -57.67
CA HIS GA 36 -30.88 7.10 -58.97
C HIS GA 36 -30.70 5.63 -59.36
N MET GA 37 -30.17 4.83 -58.43
CA MET GA 37 -29.98 3.40 -58.69
C MET GA 37 -31.31 2.67 -58.90
N ILE GA 38 -32.30 3.07 -58.13
CA ILE GA 38 -33.65 2.51 -58.17
C ILE GA 38 -34.33 2.68 -59.51
N VAL GA 39 -34.27 3.91 -60.03
CA VAL GA 39 -34.79 4.26 -61.33
C VAL GA 39 -33.95 3.55 -62.40
N LEU GA 40 -32.64 3.51 -62.19
CA LEU GA 40 -31.72 2.78 -63.08
C LEU GA 40 -31.99 1.26 -63.13
N SER GA 41 -32.72 0.76 -62.13
CA SER GA 41 -32.97 -0.68 -62.01
C SER GA 41 -34.21 -1.07 -62.77
N THR GA 42 -34.87 -0.08 -63.35
CA THR GA 42 -36.05 -0.34 -64.14
C THR GA 42 -35.94 0.14 -65.58
N ASP GA 43 -37.05 0.03 -66.28
CA ASP GA 43 -37.06 0.33 -67.70
C ASP GA 43 -36.71 1.79 -67.99
N LEU GA 44 -37.09 2.72 -67.10
CA LEU GA 44 -36.92 4.15 -67.43
C LEU GA 44 -35.46 4.56 -67.47
N ASN GA 45 -34.60 3.55 -67.40
CA ASN GA 45 -33.16 3.71 -67.53
C ASN GA 45 -32.81 4.67 -68.63
N TRP GA 46 -31.76 5.45 -68.42
CA TRP GA 46 -31.36 6.48 -69.37
C TRP GA 46 -29.95 6.29 -69.87
N LEU GA 47 -29.38 5.12 -69.60
CA LEU GA 47 -28.00 4.86 -70.04
C LEU GA 47 -27.89 3.74 -71.10
N ASP GA 48 -28.33 2.53 -70.79
CA ASP GA 48 -28.32 1.43 -71.76
C ASP GA 48 -29.57 1.45 -72.61
N ASP GA 49 -29.84 2.61 -73.19
CA ASP GA 49 -31.06 2.83 -73.93
C ASP GA 49 -30.78 3.13 -75.39
N ASN GA 50 -29.53 3.54 -75.65
CA ASN GA 50 -29.07 3.98 -76.98
C ASN GA 50 -29.58 5.37 -77.34
N ILE GA 51 -29.48 6.34 -76.42
CA ILE GA 51 -30.04 7.65 -76.74
C ILE GA 51 -28.94 8.68 -77.05
N PRO GA 52 -29.04 9.35 -78.23
CA PRO GA 52 -30.13 9.09 -79.17
C PRO GA 52 -29.84 7.96 -80.15
N VAL GA 53 -28.60 7.45 -80.17
CA VAL GA 53 -28.24 6.37 -81.11
C VAL GA 53 -27.43 5.29 -80.41
N SER GA 54 -27.60 4.03 -80.85
CA SER GA 54 -26.92 2.90 -80.22
C SER GA 54 -25.42 3.11 -80.23
N TYR GA 55 -24.82 3.12 -79.03
CA TYR GA 55 -23.41 3.40 -78.86
C TYR GA 55 -22.58 2.11 -78.73
N GLN GA 56 -23.21 1.06 -78.21
CA GLN GA 56 -22.58 -0.27 -78.13
C GLN GA 56 -22.55 -0.93 -79.49
N ALA GA 57 -23.41 -0.47 -80.41
CA ALA GA 57 -23.34 -0.86 -81.82
C ALA GA 57 -23.11 0.36 -82.72
N LEU GA 58 -22.48 1.38 -82.13
CA LEU GA 58 -21.84 2.49 -82.83
C LEU GA 58 -20.36 2.20 -83.07
N GLY GA 59 -19.94 0.96 -82.76
CA GLY GA 59 -18.55 0.58 -82.94
C GLY GA 59 -18.39 -0.89 -83.25
N LYS GA 60 -18.90 -1.27 -84.44
CA LYS GA 60 -18.84 -2.63 -84.98
C LYS GA 60 -19.43 -2.69 -86.41
N LYS GA 61 -19.06 -1.72 -87.27
CA LYS GA 61 -19.80 -1.36 -88.49
C LYS GA 61 -19.45 0.08 -88.93
N THR HA 8 -30.22 23.30 -25.50
CA THR HA 8 -29.68 23.20 -26.86
C THR HA 8 -29.05 24.53 -27.27
N GLY HA 9 -28.55 25.26 -26.28
CA GLY HA 9 -28.01 26.59 -26.44
C GLY HA 9 -28.74 27.56 -27.35
N LEU HA 10 -30.07 27.42 -27.44
CA LEU HA 10 -30.89 28.41 -28.13
C LEU HA 10 -31.89 29.13 -27.22
N THR HA 11 -32.13 30.41 -27.54
CA THR HA 11 -33.26 31.14 -26.96
C THR HA 11 -34.49 30.97 -27.86
N ASP HA 12 -35.67 31.35 -27.37
CA ASP HA 12 -36.89 31.22 -28.15
C ASP HA 12 -36.90 32.12 -29.40
N ASP HA 13 -36.13 33.21 -29.33
CA ASP HA 13 -36.00 34.13 -30.45
C ASP HA 13 -34.92 33.65 -31.40
N GLU HA 14 -33.99 32.84 -30.88
CA GLU HA 14 -32.93 32.31 -31.72
C GLU HA 14 -33.39 30.98 -32.28
N ALA HA 15 -34.67 30.65 -32.10
CA ALA HA 15 -35.28 29.56 -32.85
C ALA HA 15 -36.30 30.03 -33.88
N LYS HA 16 -36.57 31.33 -33.90
CA LYS HA 16 -37.40 31.94 -34.95
C LYS HA 16 -36.54 32.22 -36.17
N GLU HA 17 -35.38 32.79 -35.88
CA GLU HA 17 -34.42 33.22 -36.87
C GLU HA 17 -33.87 32.06 -37.66
N PHE HA 18 -33.30 31.09 -36.93
CA PHE HA 18 -32.78 29.91 -37.61
C PHE HA 18 -33.90 29.28 -38.42
N HIS HA 19 -35.07 29.12 -37.79
CA HIS HA 19 -36.23 28.52 -38.43
C HIS HA 19 -36.62 29.31 -39.66
N ALA HA 20 -36.56 30.64 -39.60
CA ALA HA 20 -36.91 31.47 -40.75
C ALA HA 20 -36.00 31.16 -41.95
N ILE HA 21 -34.69 31.20 -41.70
CA ILE HA 21 -33.72 30.98 -42.78
C ILE HA 21 -33.74 29.54 -43.28
N PHE HA 22 -33.91 28.59 -42.37
CA PHE HA 22 -34.01 27.18 -42.71
C PHE HA 22 -35.18 26.96 -43.61
N MET HA 23 -36.34 27.46 -43.21
CA MET HA 23 -37.57 27.29 -43.97
C MET HA 23 -37.42 27.90 -45.38
N GLN HA 24 -36.84 29.10 -45.43
CA GLN HA 24 -36.58 29.76 -46.71
C GLN HA 24 -35.70 28.90 -47.62
N SER HA 25 -34.61 28.38 -47.07
CA SER HA 25 -33.69 27.53 -47.84
C SER HA 25 -34.29 26.19 -48.23
N MET HA 26 -35.00 25.53 -47.32
CA MET HA 26 -35.60 24.24 -47.63
C MET HA 26 -36.65 24.36 -48.71
N TYR HA 27 -37.50 25.38 -48.63
CA TYR HA 27 -38.49 25.60 -49.68
C TYR HA 27 -37.76 25.97 -50.98
N ALA HA 28 -36.60 26.61 -50.86
CA ALA HA 28 -35.75 26.83 -52.01
C ALA HA 28 -35.29 25.50 -52.64
N TRP HA 29 -34.86 24.56 -51.79
CA TRP HA 29 -34.46 23.25 -52.23
C TRP HA 29 -35.62 22.53 -52.91
N PHE HA 30 -36.77 22.47 -52.24
CA PHE HA 30 -37.96 21.81 -52.77
C PHE HA 30 -38.38 22.44 -54.10
N GLY HA 31 -38.16 23.74 -54.24
CA GLY HA 31 -38.43 24.44 -55.49
C GLY HA 31 -37.54 23.97 -56.63
N LEU HA 32 -36.22 24.04 -56.41
CA LEU HA 32 -35.25 23.59 -57.41
C LEU HA 32 -35.63 22.17 -57.84
N VAL HA 33 -36.07 21.42 -56.84
CA VAL HA 33 -36.51 20.05 -56.99
C VAL HA 33 -37.70 19.97 -57.93
N VAL HA 34 -38.68 20.82 -57.72
CA VAL HA 34 -39.87 20.80 -58.55
C VAL HA 34 -39.50 21.10 -60.01
N ILE HA 35 -38.54 22.01 -60.22
CA ILE HA 35 -38.06 22.26 -61.59
C ILE HA 35 -37.50 21.01 -62.23
N ALA HA 36 -36.54 20.36 -61.57
CA ALA HA 36 -35.95 19.15 -62.15
C ALA HA 36 -37.01 18.08 -62.40
N HIS HA 37 -38.01 17.98 -61.53
CA HIS HA 37 -39.06 16.99 -61.71
C HIS HA 37 -39.93 17.37 -62.91
N LEU HA 38 -40.04 18.67 -63.19
CA LEU HA 38 -40.74 19.12 -64.38
C LEU HA 38 -40.02 18.84 -65.68
N LEU HA 39 -38.74 19.20 -65.78
CA LEU HA 39 -37.99 18.89 -67.01
C LEU HA 39 -37.99 17.38 -67.27
N ALA HA 40 -37.76 16.62 -66.20
CA ALA HA 40 -37.80 15.16 -66.31
C ALA HA 40 -39.21 14.70 -66.67
N TRP HA 41 -40.24 15.45 -66.22
CA TRP HA 41 -41.63 15.10 -66.53
C TRP HA 41 -42.01 15.36 -68.00
N LEU HA 42 -41.54 16.49 -68.54
CA LEU HA 42 -41.81 16.92 -69.90
C LEU HA 42 -41.14 15.97 -70.87
N TYR HA 43 -39.83 15.81 -70.69
CA TYR HA 43 -39.05 15.00 -71.61
C TYR HA 43 -39.45 13.55 -71.48
N ARG HA 44 -39.94 13.19 -70.30
CA ARG HA 44 -40.18 11.79 -69.99
C ARG HA 44 -41.22 11.62 -68.86
N PRO HA 45 -42.50 11.72 -69.24
CA PRO HA 45 -43.61 11.49 -68.30
C PRO HA 45 -43.51 10.04 -67.84
N TRP HA 46 -43.80 9.76 -66.59
CA TRP HA 46 -43.55 8.43 -66.09
C TRP HA 46 -44.86 7.77 -65.69
N LEU HA 47 -45.94 8.51 -65.89
CA LEU HA 47 -47.25 8.09 -65.45
C LEU HA 47 -48.25 8.39 -66.54
N PHE IA 2 -51.39 2.27 -27.42
CA PHE IA 2 -52.11 3.53 -27.51
C PHE IA 2 -52.17 4.10 -26.12
N THR IA 3 -53.03 5.09 -25.88
CA THR IA 3 -53.21 5.56 -24.52
C THR IA 3 -54.59 6.18 -24.44
N MET IA 4 -55.45 5.81 -25.40
CA MET IA 4 -56.62 6.61 -25.72
C MET IA 4 -57.60 6.76 -24.56
N ASN IA 5 -57.29 7.72 -23.70
CA ASN IA 5 -58.07 8.07 -22.55
C ASN IA 5 -57.53 9.35 -21.96
N ALA IA 6 -57.55 10.42 -22.77
CA ALA IA 6 -57.42 11.82 -22.32
C ALA IA 6 -56.17 12.10 -21.44
N ASN IA 7 -55.80 11.10 -20.65
CA ASN IA 7 -54.65 11.14 -19.76
C ASN IA 7 -53.50 10.52 -20.54
N LEU IA 8 -53.61 10.66 -21.86
CA LEU IA 8 -52.69 10.04 -22.79
C LEU IA 8 -51.55 10.99 -23.12
N TYR IA 9 -51.40 12.01 -22.29
CA TYR IA 9 -50.26 12.90 -22.38
C TYR IA 9 -49.19 12.33 -21.47
N LYS IA 10 -49.63 11.89 -20.30
CA LYS IA 10 -48.80 11.19 -19.33
C LYS IA 10 -47.79 10.16 -19.88
N ILE IA 11 -47.97 9.75 -21.14
CA ILE IA 11 -47.04 8.84 -21.82
C ILE IA 11 -45.63 9.42 -21.97
N TRP IA 12 -45.50 10.75 -21.96
CA TRP IA 12 -44.20 11.38 -22.11
C TRP IA 12 -43.49 11.62 -20.78
N LEU IA 13 -44.05 11.12 -19.67
CA LEU IA 13 -43.27 11.08 -18.44
C LEU IA 13 -42.54 9.75 -18.40
N ILE IA 14 -42.98 8.85 -19.27
CA ILE IA 14 -42.50 7.49 -19.23
C ILE IA 14 -41.56 7.27 -20.43
N LEU IA 15 -41.91 7.82 -21.59
CA LEU IA 15 -41.08 7.65 -22.75
C LEU IA 15 -40.52 9.02 -23.12
N ASP IA 16 -39.19 9.11 -23.01
CA ASP IA 16 -38.41 10.32 -23.26
C ASP IA 16 -38.65 10.83 -24.69
N PRO IA 17 -39.15 12.07 -24.84
CA PRO IA 17 -39.46 12.59 -26.18
C PRO IA 17 -38.32 12.51 -27.17
N ARG IA 18 -37.09 12.87 -26.78
CA ARG IA 18 -35.99 12.80 -27.74
C ARG IA 18 -35.72 11.41 -28.34
N ARG IA 19 -35.58 10.40 -27.48
CA ARG IA 19 -35.25 9.06 -27.95
C ARG IA 19 -36.41 8.50 -28.77
N VAL IA 20 -37.63 8.65 -28.26
CA VAL IA 20 -38.82 8.22 -28.99
C VAL IA 20 -38.88 8.91 -30.36
N LEU IA 21 -38.56 10.19 -30.38
CA LEU IA 21 -38.50 10.95 -31.62
C LEU IA 21 -37.54 10.33 -32.63
N VAL IA 22 -36.25 10.18 -32.27
CA VAL IA 22 -35.29 9.67 -33.26
C VAL IA 22 -35.68 8.27 -33.75
N SER IA 23 -36.10 7.39 -32.84
CA SER IA 23 -36.58 6.06 -33.28
C SER IA 23 -37.75 6.18 -34.26
N ILE IA 24 -38.67 7.09 -34.00
CA ILE IA 24 -39.76 7.29 -34.93
C ILE IA 24 -39.18 7.65 -36.30
N VAL IA 25 -38.26 8.61 -36.30
CA VAL IA 25 -37.64 9.08 -37.53
C VAL IA 25 -36.99 7.97 -38.36
N ALA IA 26 -36.09 7.21 -37.74
CA ALA IA 26 -35.39 6.13 -38.44
C ALA IA 26 -36.38 5.09 -38.90
N PHE IA 27 -37.20 4.61 -37.97
CA PHE IA 27 -38.17 3.56 -38.31
C PHE IA 27 -39.02 3.93 -39.51
N GLN IA 28 -39.45 5.19 -39.55
CA GLN IA 28 -40.28 5.66 -40.65
C GLN IA 28 -39.50 5.69 -41.98
N ILE IA 29 -38.27 6.21 -41.95
CA ILE IA 29 -37.49 6.33 -43.19
C ILE IA 29 -37.17 4.97 -43.83
N VAL IA 30 -36.68 4.08 -42.98
CA VAL IA 30 -36.36 2.76 -43.46
C VAL IA 30 -37.64 2.07 -43.93
N LEU IA 31 -38.69 2.10 -43.11
CA LEU IA 31 -39.95 1.43 -43.45
C LEU IA 31 -40.45 1.86 -44.84
N GLY IA 32 -40.33 3.15 -45.10
CA GLY IA 32 -40.70 3.71 -46.39
C GLY IA 32 -39.90 3.11 -47.51
N LEU IA 33 -38.56 3.16 -47.40
CA LEU IA 33 -37.71 2.61 -48.46
C LEU IA 33 -38.05 1.13 -48.70
N LEU IA 34 -38.24 0.39 -47.60
CA LEU IA 34 -38.56 -1.03 -47.65
C LEU IA 34 -39.79 -1.27 -48.47
N ILE IA 35 -40.88 -0.63 -48.05
CA ILE IA 35 -42.15 -0.84 -48.72
C ILE IA 35 -42.08 -0.47 -50.19
N HIS IA 36 -41.47 0.67 -50.49
CA HIS IA 36 -41.24 1.09 -51.87
C HIS IA 36 -40.55 0.02 -52.71
N MET IA 37 -39.43 -0.51 -52.23
CA MET IA 37 -38.72 -1.55 -52.98
C MET IA 37 -39.54 -2.84 -53.09
N ILE IA 38 -40.29 -3.16 -52.05
CA ILE IA 38 -41.13 -4.36 -52.06
C ILE IA 38 -42.11 -4.28 -53.20
N VAL IA 39 -42.75 -3.13 -53.33
CA VAL IA 39 -43.70 -2.88 -54.42
C VAL IA 39 -43.01 -2.82 -55.80
N LEU IA 40 -41.86 -2.16 -55.86
CA LEU IA 40 -41.10 -2.07 -57.11
C LEU IA 40 -40.71 -3.43 -57.61
N SER IA 41 -40.76 -4.43 -56.73
CA SER IA 41 -40.40 -5.77 -57.13
C SER IA 41 -41.61 -6.63 -57.58
N THR IA 42 -42.83 -6.08 -57.53
CA THR IA 42 -43.99 -6.85 -57.97
C THR IA 42 -44.69 -6.23 -59.18
N ASP IA 43 -45.82 -6.83 -59.58
CA ASP IA 43 -46.56 -6.48 -60.79
C ASP IA 43 -47.00 -5.01 -60.66
N LEU IA 44 -47.19 -4.54 -59.44
CA LEU IA 44 -47.57 -3.15 -59.22
C LEU IA 44 -46.37 -2.23 -59.49
N ASN IA 45 -45.29 -2.81 -60.01
CA ASN IA 45 -44.17 -2.02 -60.47
C ASN IA 45 -44.69 -0.87 -61.29
N TRP IA 46 -44.07 0.28 -61.12
CA TRP IA 46 -44.51 1.48 -61.79
C TRP IA 46 -43.42 2.11 -62.66
N LEU IA 47 -42.32 1.38 -62.81
CA LEU IA 47 -41.20 1.89 -63.58
C LEU IA 47 -40.97 0.97 -64.83
N ASP IA 48 -40.88 -0.33 -64.57
CA ASP IA 48 -40.64 -1.37 -65.58
C ASP IA 48 -41.89 -1.79 -66.32
N ASP IA 49 -42.64 -0.82 -66.83
CA ASP IA 49 -43.92 -1.13 -67.46
C ASP IA 49 -44.01 -0.72 -68.93
N ASN IA 50 -43.17 0.23 -69.31
CA ASN IA 50 -43.22 0.97 -70.59
C ASN IA 50 -44.33 2.04 -70.59
N ILE IA 51 -44.37 2.85 -69.52
CA ILE IA 51 -45.38 3.90 -69.34
C ILE IA 51 -44.81 5.30 -69.63
N PRO IA 52 -45.52 6.12 -70.43
CA PRO IA 52 -46.75 5.83 -71.18
C PRO IA 52 -46.49 5.33 -72.61
N VAL IA 53 -45.23 5.38 -73.05
CA VAL IA 53 -44.79 4.83 -74.34
C VAL IA 53 -43.43 4.18 -74.12
N SER IA 54 -43.20 3.04 -74.78
CA SER IA 54 -41.95 2.29 -74.59
C SER IA 54 -40.68 3.13 -74.86
N TYR IA 55 -39.78 3.16 -73.87
CA TYR IA 55 -38.57 3.97 -73.96
C TYR IA 55 -37.38 3.20 -74.54
N GLN IA 56 -37.33 1.89 -74.30
CA GLN IA 56 -36.26 1.08 -74.88
C GLN IA 56 -36.42 0.78 -76.38
N ALA IA 57 -37.40 1.41 -77.03
CA ALA IA 57 -37.53 1.40 -78.50
C ALA IA 57 -37.53 2.84 -79.02
N LEU IA 58 -37.38 3.76 -78.06
CA LEU IA 58 -37.05 5.17 -78.24
C LEU IA 58 -35.52 5.38 -78.23
N GLY IA 59 -34.78 4.28 -78.25
CA GLY IA 59 -33.33 4.33 -78.30
C GLY IA 59 -32.74 3.06 -78.94
N LYS IA 60 -33.13 1.89 -78.45
CA LYS IA 60 -32.61 0.64 -78.98
C LYS IA 60 -33.50 -0.03 -80.03
N LYS IA 61 -33.49 -1.36 -79.97
CA LYS IA 61 -33.76 -2.26 -81.10
C LYS IA 61 -33.13 -3.61 -80.80
N THR JA 8 -36.58 11.72 -16.88
CA THR JA 8 -37.31 11.54 -18.12
C THR JA 8 -37.78 12.91 -18.64
N GLY JA 9 -36.94 13.91 -18.35
CA GLY JA 9 -37.10 15.32 -18.71
C GLY JA 9 -38.35 16.21 -18.69
N LEU JA 10 -39.54 15.66 -18.46
CA LEU JA 10 -40.74 16.50 -18.41
C LEU JA 10 -41.43 16.60 -17.07
N THR JA 11 -42.11 17.73 -16.84
CA THR JA 11 -43.07 17.87 -15.74
C THR JA 11 -44.43 17.39 -16.26
N ASP JA 12 -45.41 17.23 -15.37
CA ASP JA 12 -46.74 16.80 -15.79
C ASP JA 12 -47.38 17.86 -16.69
N ASP JA 13 -46.91 19.10 -16.54
CA ASP JA 13 -47.39 20.23 -17.34
C ASP JA 13 -46.66 20.37 -18.69
N GLU JA 14 -45.46 19.83 -18.79
CA GLU JA 14 -44.68 19.90 -20.01
C GLU JA 14 -45.02 18.67 -20.85
N ALA JA 15 -45.37 17.59 -20.16
CA ALA JA 15 -45.99 16.43 -20.80
C ALA JA 15 -47.38 16.76 -21.29
N LYS JA 16 -47.86 17.94 -20.95
CA LYS JA 16 -49.08 18.46 -21.53
C LYS JA 16 -48.74 19.15 -22.86
N GLU JA 17 -47.65 19.92 -22.85
CA GLU JA 17 -47.23 20.69 -24.02
C GLU JA 17 -46.77 19.84 -25.19
N PHE JA 18 -45.80 18.96 -24.93
CA PHE JA 18 -45.24 18.10 -25.99
C PHE JA 18 -46.29 17.31 -26.74
N HIS JA 19 -47.18 16.71 -25.96
CA HIS JA 19 -48.22 15.84 -26.45
C HIS JA 19 -49.14 16.47 -27.50
N ALA JA 20 -49.52 17.73 -27.33
CA ALA JA 20 -50.40 18.38 -28.29
C ALA JA 20 -49.77 18.48 -29.69
N ILE JA 21 -48.56 19.03 -29.77
CA ILE JA 21 -47.92 19.21 -31.06
C ILE JA 21 -47.62 17.84 -31.61
N PHE JA 22 -47.20 16.92 -30.74
CA PHE JA 22 -46.89 15.56 -31.19
C PHE JA 22 -48.12 14.93 -31.85
N MET JA 23 -49.26 14.97 -31.16
CA MET JA 23 -50.47 14.39 -31.70
C MET JA 23 -50.93 15.03 -33.01
N GLN JA 24 -51.00 16.35 -33.05
CA GLN JA 24 -51.48 17.02 -34.26
C GLN JA 24 -50.56 16.80 -35.44
N SER JA 25 -49.26 16.85 -35.19
CA SER JA 25 -48.26 16.64 -36.23
C SER JA 25 -48.31 15.22 -36.79
N MET JA 26 -48.41 14.24 -35.88
CA MET JA 26 -48.51 12.83 -36.28
C MET JA 26 -49.76 12.68 -37.15
N TYR JA 27 -50.79 13.42 -36.78
CA TYR JA 27 -52.01 13.49 -37.54
C TYR JA 27 -51.78 14.14 -38.91
N ALA JA 28 -50.91 15.14 -39.00
CA ALA JA 28 -50.58 15.77 -40.29
C ALA JA 28 -49.95 14.79 -41.26
N TRP JA 29 -48.99 14.05 -40.74
CA TRP JA 29 -48.29 13.00 -41.49
C TRP JA 29 -49.30 11.98 -41.97
N PHE JA 30 -50.10 11.49 -41.04
CA PHE JA 30 -51.17 10.55 -41.37
C PHE JA 30 -52.14 11.10 -42.42
N GLY JA 31 -52.34 12.41 -42.39
CA GLY JA 31 -53.18 13.07 -43.37
C GLY JA 31 -52.59 12.95 -44.77
N LEU JA 32 -51.36 13.45 -44.94
CA LEU JA 32 -50.68 13.31 -46.24
C LEU JA 32 -50.67 11.87 -46.69
N VAL JA 33 -50.52 10.94 -45.74
CA VAL JA 33 -50.50 9.52 -46.06
C VAL JA 33 -51.83 8.96 -46.59
N VAL JA 34 -52.94 9.21 -45.89
CA VAL JA 34 -54.25 8.70 -46.32
C VAL JA 34 -54.60 9.32 -47.65
N ILE JA 35 -54.26 10.61 -47.75
CA ILE JA 35 -54.41 11.37 -48.96
C ILE JA 35 -53.71 10.67 -50.08
N ALA JA 36 -52.43 10.39 -49.86
CA ALA JA 36 -51.61 9.73 -50.84
C ALA JA 36 -52.20 8.39 -51.24
N HIS JA 37 -52.83 7.70 -50.28
CA HIS JA 37 -53.41 6.39 -50.54
C HIS JA 37 -54.71 6.38 -51.35
N LEU JA 38 -55.53 7.41 -51.15
CA LEU JA 38 -56.74 7.56 -51.94
C LEU JA 38 -56.29 7.87 -53.36
N LEU JA 39 -55.33 8.79 -53.46
CA LEU JA 39 -54.69 9.13 -54.72
C LEU JA 39 -54.14 7.89 -55.43
N ALA JA 40 -53.52 7.02 -54.66
CA ALA JA 40 -52.97 5.78 -55.18
C ALA JA 40 -54.04 4.84 -55.68
N TRP JA 41 -55.17 4.83 -54.99
CA TRP JA 41 -56.25 3.91 -55.35
C TRP JA 41 -56.92 4.32 -56.65
N LEU JA 42 -57.07 5.62 -56.89
CA LEU JA 42 -57.72 6.03 -58.15
C LEU JA 42 -56.95 5.62 -59.41
N TYR JA 43 -55.68 5.98 -59.48
CA TYR JA 43 -54.88 5.73 -60.68
C TYR JA 43 -54.62 4.24 -60.92
N ARG JA 44 -54.63 3.44 -59.86
CA ARG JA 44 -54.18 2.05 -59.93
C ARG JA 44 -54.70 1.23 -58.75
N PRO JA 45 -55.93 0.67 -58.86
CA PRO JA 45 -56.54 -0.16 -57.81
C PRO JA 45 -55.77 -1.46 -57.51
N TRP JA 46 -55.59 -1.80 -56.23
CA TRP JA 46 -54.72 -2.92 -55.85
C TRP JA 46 -55.40 -4.05 -55.05
N LEU JA 47 -56.66 -3.87 -54.68
CA LEU JA 47 -57.34 -4.81 -53.79
C LEU JA 47 -58.84 -4.86 -54.09
N SER KA 17 4.83 0.49 58.42
CA SER KA 17 4.82 1.95 58.63
C SER KA 17 6.17 2.49 59.15
N VAL KA 18 6.84 3.42 58.43
CA VAL KA 18 6.35 4.26 57.31
C VAL KA 18 5.10 5.00 57.79
N MET KA 19 5.09 5.34 59.07
CA MET KA 19 3.95 6.01 59.66
C MET KA 19 3.75 7.37 59.02
N LEU KA 20 2.53 7.86 59.18
CA LEU KA 20 2.07 9.11 58.60
C LEU KA 20 0.98 9.75 59.50
N LEU KA 21 1.30 10.27 60.70
CA LEU KA 21 2.61 10.34 61.39
C LEU KA 21 2.51 11.35 62.53
N GLY KA 22 1.72 12.39 62.27
CA GLY KA 22 1.68 13.58 63.07
C GLY KA 22 0.70 14.50 62.38
N CYS KA 23 -0.43 14.71 63.01
CA CYS KA 23 -1.58 15.36 62.42
C CYS KA 23 -2.47 16.06 63.49
N GLU KA 24 -3.00 17.24 63.15
CA GLU KA 24 -3.90 17.95 64.08
C GLU KA 24 -5.29 17.98 63.43
N GLY KA 25 -6.32 18.32 64.18
CA GLY KA 25 -7.62 18.35 63.55
C GLY KA 25 -8.02 19.76 63.16
N PRO KA 26 -9.00 19.87 62.25
CA PRO KA 26 -9.56 21.11 61.72
C PRO KA 26 -10.88 21.36 62.44
N PRO KA 27 -11.32 22.60 62.52
CA PRO KA 27 -10.60 23.68 61.91
C PRO KA 27 -9.81 24.37 62.91
N PRO KA 28 -8.66 24.83 62.48
CA PRO KA 28 -7.71 25.56 63.33
C PRO KA 28 -8.13 27.01 63.44
N GLY KA 29 -7.53 27.68 64.39
CA GLY KA 29 -7.79 29.07 64.62
C GLY KA 29 -6.95 29.74 63.60
N THR KA 30 -7.43 30.90 63.17
CA THR KA 30 -6.78 31.66 62.13
C THR KA 30 -6.82 33.13 62.39
N GLU KA 31 -5.79 33.79 61.89
CA GLU KA 31 -5.67 35.22 62.05
C GLU KA 31 -5.15 35.82 60.80
N GLN KA 32 -5.77 36.91 60.37
CA GLN KA 32 -5.33 37.57 59.17
C GLN KA 32 -4.33 38.58 59.61
N ILE KA 33 -3.16 38.60 58.99
CA ILE KA 33 -2.15 39.55 59.39
C ILE KA 33 -2.04 40.70 58.43
N GLY KA 34 -1.73 40.43 57.18
CA GLY KA 34 -1.57 41.47 56.18
C GLY KA 34 -2.81 41.72 55.35
N TYR KA 35 -2.62 42.37 54.21
CA TYR KA 35 -3.71 42.67 53.28
C TYR KA 35 -4.25 41.35 52.69
N ARG KA 36 -5.53 41.30 52.35
CA ARG KA 36 -6.09 40.06 51.79
C ARG KA 36 -5.32 39.61 50.59
N GLY KA 37 -5.04 38.30 50.55
CA GLY KA 37 -4.29 37.78 49.43
C GLY KA 37 -2.77 37.76 49.54
N VAL KA 38 -2.18 38.50 50.48
CA VAL KA 38 -0.72 38.55 50.55
C VAL KA 38 -0.13 37.31 51.18
N GLY KA 39 -0.97 36.48 51.77
CA GLY KA 39 -0.43 35.26 52.34
C GLY KA 39 0.16 35.32 53.72
N MET KA 40 0.05 36.49 54.37
CA MET KA 40 0.55 36.79 55.71
C MET KA 40 -0.58 36.38 56.63
N GLU KA 41 -0.57 35.15 57.11
CA GLU KA 41 -1.63 34.70 57.99
C GLU KA 41 -1.09 33.74 59.02
N ASN KA 42 -1.90 33.42 60.01
CA ASN KA 42 -1.45 32.49 61.04
C ASN KA 42 -2.52 31.47 61.33
N TYR KA 43 -2.05 30.24 61.49
CA TYR KA 43 -2.88 29.11 61.79
C TYR KA 43 -2.40 28.64 63.16
N TYR KA 44 -3.30 28.06 63.93
CA TYR KA 44 -2.98 27.57 65.26
C TYR KA 44 -4.00 26.56 65.71
N ASN KA 45 -3.55 25.72 66.64
CA ASN KA 45 -4.37 24.69 67.19
C ASN KA 45 -5.22 25.26 68.29
N LYS KA 46 -6.54 25.13 68.24
CA LYS KA 46 -7.31 25.69 69.33
C LYS KA 46 -7.00 25.05 70.71
N ARG KA 47 -7.00 23.72 70.74
CA ARG KA 47 -6.71 22.97 71.96
C ARG KA 47 -5.51 23.47 72.69
N GLN KA 48 -4.39 23.39 72.00
CA GLN KA 48 -3.12 23.80 72.57
C GLN KA 48 -3.15 25.26 72.87
N ARG KA 49 -4.00 26.04 72.22
CA ARG KA 49 -4.03 27.43 72.61
C ARG KA 49 -4.62 27.52 74.05
N ALA KA 50 -5.54 26.62 74.37
CA ALA KA 50 -6.14 26.60 75.71
C ALA KA 50 -5.22 25.96 76.76
N LEU KA 51 -4.52 24.91 76.33
CA LEU KA 51 -3.60 24.18 77.18
C LEU KA 51 -2.51 25.14 77.50
N SER KA 52 -2.07 25.89 76.51
CA SER KA 52 -1.01 26.88 76.71
C SER KA 52 -1.49 27.95 77.69
N ILE KA 53 -2.71 28.44 77.50
CA ILE KA 53 -3.25 29.44 78.45
C ILE KA 53 -3.26 28.91 79.92
N GLN KA 54 -3.59 27.63 80.09
CA GLN KA 54 -3.61 27.01 81.41
C GLN KA 54 -2.19 26.84 81.88
N ALA KA 55 -1.26 26.75 80.97
CA ALA KA 55 0.13 26.58 81.37
C ALA KA 55 0.74 27.94 81.59
N ASN KA 56 0.02 28.96 81.18
CA ASN KA 56 0.52 30.30 81.35
C ASN KA 56 -0.40 31.05 82.26
N GLN KA 57 -0.65 30.47 83.43
CA GLN KA 57 -1.51 31.15 84.36
C GLN KA 57 -0.64 32.07 85.21
N PRO KA 58 -1.18 33.25 85.50
CA PRO KA 58 -0.48 34.21 86.32
C PRO KA 58 -0.87 34.06 87.78
N VAL KA 59 0.04 34.40 88.68
CA VAL KA 59 -0.25 34.34 90.11
C VAL KA 59 -1.05 35.57 90.53
N GLU KA 60 -2.16 35.40 91.26
CA GLU KA 60 -2.92 36.64 91.61
C GLU KA 60 -1.98 37.55 92.43
N SER KA 61 -2.16 38.86 92.42
CA SER KA 61 -1.28 39.73 93.19
C SER KA 61 -1.68 39.50 94.66
N LEU KA 62 -0.87 40.00 95.58
CA LEU KA 62 -1.15 39.86 96.99
C LEU KA 62 -1.92 41.15 97.29
N PRO KA 63 -2.85 41.09 98.27
CA PRO KA 63 -3.51 42.39 98.44
C PRO KA 63 -2.45 43.44 98.65
N ALA KA 64 -2.63 44.67 98.14
CA ALA KA 64 -1.64 45.70 98.37
C ALA KA 64 -1.37 45.83 99.85
N ALA KA 65 -0.24 46.36 100.26
CA ALA KA 65 -0.08 46.45 101.68
C ALA KA 65 -0.14 47.94 101.78
N ASP KA 66 -0.86 48.48 102.76
CA ASP KA 66 -0.86 49.92 102.97
C ASP KA 66 0.51 50.54 103.19
N SER KA 67 0.50 51.60 103.99
CA SER KA 67 1.72 52.35 104.31
C SER KA 67 2.22 53.23 103.15
N THR KA 68 2.53 54.51 103.41
CA THR KA 68 2.40 55.28 104.69
C THR KA 68 3.18 54.73 105.90
N GLY KA 69 4.48 55.03 105.87
CA GLY KA 69 5.43 54.69 106.93
C GLY KA 69 6.80 55.21 106.53
N PRO KA 70 7.85 54.86 107.30
CA PRO KA 70 9.23 55.25 107.02
C PRO KA 70 9.72 54.43 105.81
N LYS KA 71 10.87 54.73 105.20
CA LYS KA 71 11.32 53.95 104.06
C LYS KA 71 12.02 52.69 104.54
N ALA KA 72 11.88 51.63 103.77
CA ALA KA 72 12.48 50.33 104.06
C ALA KA 72 13.94 50.50 104.47
N SER KA 73 14.65 51.34 103.71
CA SER KA 73 16.07 51.65 103.88
C SER KA 73 16.34 52.34 105.25
N GLU KA 74 15.27 52.69 105.96
CA GLU KA 74 15.35 53.31 107.29
C GLU KA 74 15.25 52.36 108.46
N VAL KA 75 14.60 51.22 108.28
CA VAL KA 75 14.41 50.27 109.36
C VAL KA 75 15.36 49.08 109.18
N TYR KA 76 16.01 49.01 108.02
CA TYR KA 76 16.92 47.92 107.76
C TYR KA 76 18.35 48.44 107.59
N GLN KA 77 19.32 47.54 107.60
CA GLN KA 77 20.73 47.91 107.54
C GLN KA 77 21.31 47.66 106.17
N ASN KA 78 20.81 46.66 105.47
CA ASN KA 78 21.37 46.41 104.15
C ASN KA 78 20.42 46.33 102.97
N VAL KA 79 19.65 47.40 102.79
CA VAL KA 79 18.70 47.54 101.72
C VAL KA 79 19.29 48.54 100.74
N GLN KA 80 19.94 48.05 99.68
CA GLN KA 80 20.60 48.90 98.69
C GLN KA 80 19.81 49.19 97.42
N VAL KA 81 18.65 48.57 97.27
CA VAL KA 81 17.83 48.71 96.07
C VAL KA 81 16.39 49.13 96.36
N LEU KA 82 15.69 48.29 97.11
CA LEU KA 82 14.30 48.49 97.49
C LEU KA 82 14.07 49.56 98.59
N LYS KA 83 14.86 50.62 98.52
CA LYS KA 83 14.85 51.74 99.46
C LYS KA 83 13.52 52.39 99.79
N ASP KA 84 13.06 53.30 98.93
CA ASP KA 84 11.84 54.07 99.17
C ASP KA 84 10.56 53.34 99.35
N LEU KA 85 10.67 52.07 99.64
CA LEU KA 85 9.47 51.31 99.85
C LEU KA 85 9.13 51.37 101.30
N SER KA 86 7.85 51.24 101.58
CA SER KA 86 7.39 51.24 102.94
C SER KA 86 7.74 49.89 103.57
N VAL KA 87 7.68 49.78 104.89
CA VAL KA 87 7.98 48.48 105.50
C VAL KA 87 6.95 47.45 104.99
N GLY KA 88 5.66 47.73 105.15
CA GLY KA 88 4.59 46.84 104.70
C GLY KA 88 4.78 46.36 103.25
N GLU KA 89 4.95 47.32 102.34
CA GLU KA 89 5.15 47.04 100.94
C GLU KA 89 6.41 46.20 100.72
N PHE KA 90 7.46 46.46 101.49
CA PHE KA 90 8.73 45.74 101.40
C PHE KA 90 8.42 44.28 101.74
N THR KA 91 7.69 44.05 102.82
CA THR KA 91 7.33 42.68 103.21
C THR KA 91 6.53 41.98 102.10
N ARG KA 92 5.49 42.65 101.59
CA ARG KA 92 4.66 42.10 100.50
C ARG KA 92 5.53 41.69 99.32
N THR KA 93 6.43 42.59 99.01
CA THR KA 93 7.38 42.43 97.93
C THR KA 93 8.27 41.22 98.20
N MET KA 94 8.56 40.96 99.46
CA MET KA 94 9.39 39.82 99.76
C MET KA 94 8.63 38.54 99.57
N VAL KA 95 7.36 38.55 99.96
CA VAL KA 95 6.52 37.38 99.84
C VAL KA 95 6.29 37.03 98.41
N ALA KA 96 6.23 38.05 97.56
CA ALA KA 96 5.99 37.78 96.17
C ALA KA 96 7.24 37.27 95.55
N VAL KA 97 8.37 37.89 95.81
CA VAL KA 97 9.61 37.40 95.24
C VAL KA 97 9.88 35.99 95.76
N THR KA 98 9.31 35.64 96.90
CA THR KA 98 9.55 34.31 97.45
C THR KA 98 8.75 33.30 96.63
N THR KA 99 7.45 33.51 96.50
CA THR KA 99 6.65 32.56 95.72
C THR KA 99 7.05 32.53 94.25
N TRP KA 100 7.53 33.67 93.76
CA TRP KA 100 7.94 33.84 92.39
C TRP KA 100 9.28 33.25 91.98
N VAL KA 101 10.23 33.17 92.89
CA VAL KA 101 11.56 32.67 92.55
C VAL KA 101 11.80 31.37 93.28
N SER KA 102 11.44 31.28 94.55
CA SER KA 102 11.71 30.00 95.20
C SER KA 102 10.71 29.62 96.30
N PRO KA 103 9.47 29.34 95.87
CA PRO KA 103 8.39 28.93 96.75
C PRO KA 103 8.71 27.58 97.34
N LYS KA 104 9.52 26.79 96.62
CA LYS KA 104 9.86 25.47 97.11
C LYS KA 104 10.91 25.50 98.18
N GLU KA 105 11.69 26.57 98.19
CA GLU KA 105 12.77 26.75 99.15
C GLU KA 105 12.49 27.71 100.34
N GLY KA 106 11.57 28.64 100.08
CA GLY KA 106 11.12 29.62 101.03
C GLY KA 106 12.22 30.60 101.36
N CYS KA 107 11.86 31.52 102.27
CA CYS KA 107 12.67 32.63 102.81
C CYS KA 107 14.15 32.32 102.93
N ASN KA 108 14.45 31.12 103.44
CA ASN KA 108 15.83 30.69 103.61
C ASN KA 108 16.61 30.51 102.32
N TYR KA 109 15.95 30.58 101.16
CA TYR KA 109 16.69 30.34 99.94
C TYR KA 109 17.74 31.35 99.57
N CYS KA 110 17.36 32.62 99.66
CA CYS KA 110 18.28 33.68 99.30
C CYS KA 110 18.88 34.44 100.49
N HIS KA 111 18.69 33.90 101.69
CA HIS KA 111 19.15 34.54 102.91
C HIS KA 111 19.90 33.60 103.82
N VAL KA 112 20.73 34.19 104.67
CA VAL KA 112 21.51 33.49 105.68
C VAL KA 112 20.55 33.52 106.85
N PRO KA 113 20.16 32.34 107.36
CA PRO KA 113 19.20 32.31 108.48
C PRO KA 113 19.55 33.25 109.63
N GLY KA 114 18.54 33.85 110.23
CA GLY KA 114 18.84 34.75 111.31
C GLY KA 114 19.48 36.07 110.92
N ASN KA 115 20.00 36.19 109.70
CA ASN KA 115 20.64 37.43 109.30
C ASN KA 115 20.12 37.92 107.95
N TRP KA 116 18.88 38.40 107.95
CA TRP KA 116 18.17 38.90 106.77
C TRP KA 116 19.00 39.96 106.07
N ALA KA 117 19.81 40.71 106.77
CA ALA KA 117 20.60 41.74 106.12
C ALA KA 117 21.87 41.21 105.43
N SER KA 118 22.30 40.00 105.77
CA SER KA 118 23.52 39.43 105.16
C SER KA 118 23.58 39.04 103.66
N ASP KA 119 24.79 39.23 103.11
CA ASP KA 119 25.13 38.89 101.74
C ASP KA 119 26.10 37.72 101.74
N ASP KA 120 26.05 36.86 102.76
CA ASP KA 120 27.01 35.77 102.84
C ASP KA 120 26.56 34.58 101.99
N ILE KA 121 25.52 34.80 101.19
CA ILE KA 121 25.03 33.74 100.35
C ILE KA 121 24.69 34.36 99.00
N TYR KA 122 25.32 33.81 97.95
CA TYR KA 122 25.26 34.27 96.55
C TYR KA 122 23.90 34.48 95.89
N THR KA 123 22.91 33.67 96.26
CA THR KA 123 21.59 33.77 95.65
C THR KA 123 20.94 35.11 95.99
N LYS KA 124 21.61 35.82 96.89
CA LYS KA 124 21.15 37.11 97.33
C LYS KA 124 21.87 38.21 96.55
N VAL KA 125 23.15 38.04 96.24
CA VAL KA 125 23.88 39.07 95.49
C VAL KA 125 23.22 39.09 94.12
N VAL KA 126 22.70 37.91 93.75
CA VAL KA 126 22.02 37.77 92.46
C VAL KA 126 20.62 38.36 92.60
N SER KA 127 19.87 38.01 93.64
CA SER KA 127 18.53 38.60 93.79
C SER KA 127 18.63 40.14 93.71
N ARG KA 128 19.65 40.65 94.41
CA ARG KA 128 19.97 42.06 94.51
C ARG KA 128 20.12 42.61 93.11
N ARG KA 129 20.87 41.88 92.27
CA ARG KA 129 21.09 42.29 90.87
C ARG KA 129 19.88 42.22 89.97
N MET KA 130 19.02 41.30 90.33
CA MET KA 130 17.83 41.06 89.57
C MET KA 130 16.70 42.00 89.86
N PHE KA 131 16.85 42.78 90.92
CA PHE KA 131 15.78 43.71 91.19
C PHE KA 131 16.02 44.89 90.26
N GLU KA 132 17.29 45.13 89.98
CA GLU KA 132 17.68 46.22 89.11
C GLU KA 132 17.50 45.75 87.68
N LEU KA 133 17.49 44.42 87.49
CA LEU KA 133 17.29 43.89 86.14
C LEU KA 133 15.82 44.02 85.76
N VAL KA 134 14.93 43.78 86.71
CA VAL KA 134 13.53 43.86 86.40
C VAL KA 134 13.15 45.33 86.29
N ARG KA 135 13.59 46.12 87.25
CA ARG KA 135 13.35 47.55 87.26
C ARG KA 135 13.80 48.24 85.95
N ALA KA 136 15.01 47.92 85.50
CA ALA KA 136 15.54 48.50 84.30
C ALA KA 136 14.63 48.10 83.16
N ALA KA 137 14.29 46.81 83.11
CA ALA KA 137 13.40 46.30 82.07
C ALA KA 137 12.09 47.10 82.01
N ASN KA 138 11.42 47.23 83.15
CA ASN KA 138 10.13 47.90 83.23
C ASN KA 138 10.14 49.39 82.95
N SER KA 139 11.26 50.05 83.19
CA SER KA 139 11.30 51.49 82.99
C SER KA 139 12.02 52.00 81.75
N ASP KA 140 12.97 51.24 81.23
CA ASP KA 140 13.75 51.71 80.07
C ASP KA 140 13.58 50.97 78.72
N TRP KA 141 12.99 49.78 78.74
CA TRP KA 141 12.84 49.05 77.50
C TRP KA 141 11.35 48.96 77.30
N LYS KA 142 10.64 50.03 77.62
CA LYS KA 142 9.18 50.04 77.45
C LYS KA 142 8.84 49.94 75.98
N ALA KA 143 9.77 50.39 75.15
CA ALA KA 143 9.61 50.35 73.71
C ALA KA 143 9.46 48.90 73.28
N HIS KA 144 9.78 48.03 74.24
CA HIS KA 144 9.71 46.60 74.10
C HIS KA 144 8.62 46.01 75.02
N VAL KA 145 8.78 46.16 76.33
CA VAL KA 145 7.83 45.59 77.31
C VAL KA 145 6.55 46.42 77.60
N ALA KA 146 6.45 47.62 77.00
CA ALA KA 146 5.31 48.52 77.18
C ALA KA 146 4.94 48.60 78.63
N GLU KA 147 3.66 48.76 78.93
CA GLU KA 147 3.22 48.83 80.34
C GLU KA 147 2.84 47.49 80.95
N THR KA 148 3.20 46.40 80.26
CA THR KA 148 2.93 45.07 80.80
C THR KA 148 4.05 44.67 81.76
N GLY KA 149 5.28 45.03 81.41
CA GLY KA 149 6.43 44.78 82.27
C GLY KA 149 6.80 43.36 82.60
N VAL KA 150 7.85 43.18 83.38
CA VAL KA 150 8.28 41.85 83.74
C VAL KA 150 8.36 41.65 85.26
N THR KA 151 8.46 40.39 85.63
CA THR KA 151 8.55 40.00 87.01
C THR KA 151 9.42 38.81 87.21
N CYS KA 152 9.65 38.53 88.46
CA CYS KA 152 10.45 37.43 88.86
C CYS KA 152 9.92 36.16 88.19
N TYR KA 153 8.60 36.08 88.18
CA TYR KA 153 7.83 34.97 87.66
C TYR KA 153 8.07 34.68 86.19
N THR KA 154 8.27 35.77 85.45
CA THR KA 154 8.50 35.73 84.03
C THR KA 154 9.51 34.69 83.70
N CYS KA 155 10.66 34.75 84.35
CA CYS KA 155 11.68 33.77 84.06
C CYS KA 155 11.72 32.60 84.97
N HIS KA 156 11.48 32.84 86.23
CA HIS KA 156 11.58 31.74 87.14
C HIS KA 156 10.41 30.76 87.09
N ARG KA 157 9.17 31.27 87.02
CA ARG KA 157 8.00 30.39 86.98
C ARG KA 157 8.08 29.38 88.10
N GLY KA 158 8.26 29.87 89.31
CA GLY KA 158 8.40 29.05 90.51
C GLY KA 158 9.67 28.23 90.65
N ASN KA 159 10.65 28.47 89.79
CA ASN KA 159 11.92 27.74 89.87
C ASN KA 159 13.08 28.72 90.08
N PRO KA 160 14.03 28.41 90.99
CA PRO KA 160 15.19 29.29 91.22
C PRO KA 160 16.07 29.45 89.99
N VAL KA 161 16.12 28.40 89.15
CA VAL KA 161 16.90 28.40 87.91
C VAL KA 161 15.94 28.26 86.78
N PRO KA 162 15.84 29.32 85.97
CA PRO KA 162 14.95 29.38 84.82
C PRO KA 162 15.07 28.16 83.88
N LYS KA 163 13.96 27.50 83.61
CA LYS KA 163 13.94 26.32 82.73
C LYS KA 163 14.51 26.70 81.37
N TYR KA 164 14.19 27.91 80.97
CA TYR KA 164 14.56 28.42 79.68
C TYR KA 164 15.73 29.37 79.57
N ALA KA 165 16.72 29.11 80.38
CA ALA KA 165 17.96 29.84 80.32
C ALA KA 165 18.77 29.07 79.30
N TRP KA 166 19.73 29.71 78.68
CA TRP KA 166 20.54 29.06 77.67
C TRP KA 166 22.03 29.19 77.88
N VAL KA 167 22.75 28.48 77.03
CA VAL KA 167 24.19 28.41 77.10
C VAL KA 167 24.70 28.16 75.74
N THR KA 168 25.91 28.60 75.47
CA THR KA 168 26.47 28.37 74.16
C THR KA 168 26.66 26.88 74.20
N ASP KA 169 26.19 26.24 73.12
CA ASP KA 169 26.20 24.81 72.98
C ASP KA 169 27.28 24.40 72.03
N PRO KA 170 27.88 23.22 72.26
CA PRO KA 170 28.96 22.69 71.41
C PRO KA 170 28.60 21.81 70.17
N GLY KA 171 27.37 21.31 70.12
CA GLY KA 171 26.91 20.50 69.01
C GLY KA 171 27.44 19.12 69.41
N PRO KA 172 27.42 18.14 68.49
CA PRO KA 172 27.94 16.80 68.86
C PRO KA 172 29.45 16.74 68.76
N LYS KA 173 30.08 15.63 69.12
CA LYS KA 173 31.52 15.67 69.04
C LYS KA 173 32.11 15.49 67.68
N TYR KA 174 33.29 16.06 67.54
CA TYR KA 174 34.07 16.05 66.31
C TYR KA 174 35.38 15.43 66.66
N PRO KA 175 35.85 14.53 65.81
CA PRO KA 175 37.13 13.95 66.19
C PRO KA 175 38.16 15.08 66.09
N SER KA 176 39.42 14.81 66.38
CA SER KA 176 40.38 15.89 66.29
C SER KA 176 40.74 16.22 64.88
N GLY KA 177 40.55 15.24 63.99
CA GLY KA 177 40.84 15.41 62.58
C GLY KA 177 40.11 16.56 61.90
N LEU KA 178 38.89 16.89 62.34
CA LEU KA 178 38.12 17.98 61.72
C LEU KA 178 37.47 18.95 62.74
N LYS KA 179 37.21 20.20 62.35
CA LYS KA 179 36.63 21.13 63.32
C LYS KA 179 35.13 21.08 63.19
N PRO KA 180 34.42 21.29 64.29
CA PRO KA 180 32.95 21.28 64.28
C PRO KA 180 32.24 22.18 63.27
N THR KA 181 31.14 21.66 62.72
CA THR KA 181 30.30 22.28 61.69
C THR KA 181 29.58 23.59 62.00
N GLY KA 182 29.34 23.85 63.26
CA GLY KA 182 28.58 25.03 63.65
C GLY KA 182 27.11 24.92 63.17
N GLN KA 183 26.80 23.99 62.25
CA GLN KA 183 25.46 23.76 61.72
C GLN KA 183 25.43 22.28 61.31
N ASN KA 184 24.32 21.81 60.75
CA ASN KA 184 24.18 20.40 60.35
C ASN KA 184 23.85 19.36 61.42
N TYR KA 185 22.88 19.66 62.29
CA TYR KA 185 22.55 18.68 63.32
C TYR KA 185 21.07 18.85 63.64
N GLY KA 186 20.52 17.89 64.39
CA GLY KA 186 19.13 17.91 64.78
C GLY KA 186 19.23 18.90 65.91
N SER KA 187 18.61 20.05 65.74
CA SER KA 187 18.66 21.05 66.78
C SER KA 187 17.31 21.62 67.17
N LYS KA 188 16.93 21.40 68.44
CA LYS KA 188 15.66 21.86 68.99
C LYS KA 188 15.75 23.35 69.22
N THR KA 189 16.85 23.94 68.79
CA THR KA 189 17.10 25.33 69.06
C THR KA 189 16.55 26.14 67.95
N VAL KA 190 16.80 25.66 66.75
CA VAL KA 190 16.35 26.31 65.52
C VAL KA 190 15.14 25.63 64.90
N ALA KA 191 14.11 25.42 65.71
CA ALA KA 191 12.88 24.78 65.26
C ALA KA 191 13.03 23.38 64.69
N TYR KA 192 14.06 22.64 65.08
CA TYR KA 192 14.29 21.28 64.57
C TYR KA 192 14.92 21.25 63.17
N ALA KA 193 14.90 22.39 62.47
CA ALA KA 193 15.46 22.47 61.13
C ALA KA 193 16.97 22.37 61.32
N SER KA 194 17.76 22.22 60.27
CA SER KA 194 19.20 22.08 60.52
C SER KA 194 20.17 23.25 60.54
N LEU KA 195 19.74 24.50 60.37
CA LEU KA 195 20.63 25.69 60.34
C LEU KA 195 21.78 25.78 61.36
N PRO KA 196 22.34 26.99 61.60
CA PRO KA 196 23.36 26.76 62.63
C PRO KA 196 22.68 26.71 63.96
N PHE KA 197 22.97 25.64 64.70
CA PHE KA 197 22.41 25.38 66.03
C PHE KA 197 22.71 26.32 67.23
N ASP KA 198 23.39 27.45 67.02
CA ASP KA 198 23.60 28.40 68.10
C ASP KA 198 23.73 29.78 67.53
N PRO KA 199 22.57 30.34 67.23
CA PRO KA 199 22.41 31.67 66.68
C PRO KA 199 22.28 32.63 67.86
N LEU KA 200 22.58 32.14 69.08
CA LEU KA 200 22.36 32.96 70.26
C LEU KA 200 23.60 33.72 70.60
N THR KA 201 24.72 33.04 70.81
CA THR KA 201 25.93 33.78 71.16
C THR KA 201 26.16 35.06 70.30
N PRO KA 202 26.09 34.93 68.93
CA PRO KA 202 26.29 36.12 68.07
C PRO KA 202 25.16 37.13 67.95
N PHE KA 203 23.98 36.82 68.50
CA PHE KA 203 22.87 37.73 68.37
C PHE KA 203 22.14 38.08 69.66
N LEU KA 204 22.07 37.14 70.60
CA LEU KA 204 21.38 37.44 71.85
C LEU KA 204 22.31 37.63 73.09
N ASP KA 205 23.61 37.63 72.81
CA ASP KA 205 24.66 37.78 73.79
C ASP KA 205 25.58 38.83 73.20
N GLN KA 206 26.28 38.43 72.13
CA GLN KA 206 27.12 39.31 71.30
C GLN KA 206 26.22 40.13 70.34
N ALA KA 207 26.79 40.92 69.46
CA ALA KA 207 25.93 41.77 68.62
C ALA KA 207 26.27 41.78 67.16
N ASN KA 208 26.40 40.59 66.57
CA ASN KA 208 26.72 40.48 65.17
C ASN KA 208 25.58 40.95 64.26
N GLU KA 209 25.90 41.22 62.99
CA GLU KA 209 24.93 41.70 61.99
C GLU KA 209 23.93 40.67 61.52
N ILE KA 210 22.65 41.00 61.64
CA ILE KA 210 21.54 40.15 61.22
C ILE KA 210 21.14 40.36 59.73
N ARG KA 211 21.26 41.61 59.29
CA ARG KA 211 20.89 42.04 57.94
C ARG KA 211 21.77 41.45 56.81
N ILE KA 212 21.17 40.98 55.72
CA ILE KA 212 21.91 40.41 54.59
C ILE KA 212 21.34 40.88 53.26
N THR KA 213 20.10 41.35 53.27
CA THR KA 213 19.39 41.82 52.08
C THR KA 213 19.98 43.08 51.47
N GLY KA 214 20.08 43.16 50.15
CA GLY KA 214 20.65 44.38 49.59
C GLY KA 214 19.58 45.44 49.42
N ASN KA 215 20.03 46.68 49.42
CA ASN KA 215 19.18 47.86 49.28
C ASN KA 215 19.19 48.48 47.89
N ALA KA 216 19.95 47.85 46.99
CA ALA KA 216 20.11 48.25 45.57
C ALA KA 216 19.68 47.06 44.72
N ALA KA 217 19.07 47.31 43.56
CA ALA KA 217 18.62 46.19 42.70
C ALA KA 217 19.79 45.43 42.05
N LEU KA 218 20.68 46.17 41.42
CA LEU KA 218 21.87 45.62 40.74
C LEU KA 218 22.89 45.24 41.81
N ALA KA 219 23.91 44.47 41.46
CA ALA KA 219 24.86 44.03 42.48
C ALA KA 219 26.14 44.85 42.46
N GLY KA 220 27.01 44.58 43.43
CA GLY KA 220 28.28 45.28 43.54
C GLY KA 220 28.35 46.17 44.77
N SER KA 221 27.33 46.07 45.66
CA SER KA 221 27.31 46.94 46.84
C SER KA 221 26.71 46.28 48.07
N ASN KA 222 26.73 44.96 48.09
CA ASN KA 222 26.28 44.20 49.23
C ASN KA 222 27.21 43.01 49.35
N PRO KA 223 28.09 43.01 50.36
CA PRO KA 223 29.04 41.90 50.50
C PRO KA 223 28.61 40.70 51.32
N ALA KA 224 27.42 40.74 51.90
CA ALA KA 224 26.94 39.64 52.72
C ALA KA 224 27.04 38.30 52.04
N SER KA 225 27.50 37.28 52.76
CA SER KA 225 27.66 35.96 52.16
C SER KA 225 26.42 35.11 52.42
N LEU KA 226 26.34 34.00 51.72
CA LEU KA 226 25.23 33.09 51.88
C LEU KA 226 25.32 32.43 53.26
N LYS KA 227 26.54 32.18 53.73
CA LYS KA 227 26.73 31.57 55.03
C LYS KA 227 26.10 32.44 56.09
N GLN KA 228 26.29 33.74 55.91
CA GLN KA 228 25.75 34.71 56.84
C GLN KA 228 24.23 34.60 56.75
N ALA KA 229 23.76 34.33 55.55
CA ALA KA 229 22.34 34.18 55.36
C ALA KA 229 21.84 33.01 56.20
N GLU KA 230 22.51 31.84 56.15
CA GLU KA 230 22.02 30.69 56.92
C GLU KA 230 22.04 31.01 58.44
N TRP KA 231 23.06 31.74 58.92
CA TRP KA 231 23.06 32.10 60.35
C TRP KA 231 21.91 33.02 60.74
N THR KA 232 21.61 34.01 59.90
CA THR KA 232 20.53 34.95 60.16
C THR KA 232 19.21 34.22 60.08
N PHE KA 233 19.18 33.22 59.23
CA PHE KA 233 17.99 32.41 59.00
C PHE KA 233 17.78 31.64 60.32
N GLY KA 234 18.88 31.11 60.89
CA GLY KA 234 18.84 30.37 62.15
C GLY KA 234 18.28 31.25 63.24
N LEU KA 235 18.87 32.42 63.42
CA LEU KA 235 18.41 33.35 64.45
C LEU KA 235 16.91 33.56 64.31
N MET KA 236 16.46 33.80 63.08
CA MET KA 236 15.05 34.03 62.87
C MET KA 236 14.19 32.85 63.25
N MET KA 237 14.74 31.67 63.06
CA MET KA 237 14.00 30.48 63.42
C MET KA 237 13.88 30.44 64.91
N ASN KA 238 14.91 30.92 65.63
CA ASN KA 238 14.87 30.93 67.10
C ASN KA 238 13.82 31.86 67.62
N ILE KA 239 13.85 33.08 67.11
CA ILE KA 239 12.91 34.09 67.52
C ILE KA 239 11.50 33.59 67.31
N SER KA 240 11.29 33.02 66.15
CA SER KA 240 9.98 32.52 65.80
C SER KA 240 9.47 31.44 66.73
N ASP KA 241 10.29 30.42 66.96
CA ASP KA 241 9.89 29.36 67.86
C ASP KA 241 9.63 29.89 69.24
N SER KA 242 10.50 30.81 69.69
CA SER KA 242 10.34 31.37 71.02
C SER KA 242 9.10 32.15 71.30
N LEU KA 243 8.59 32.89 70.33
CA LEU KA 243 7.40 33.67 70.61
C LEU KA 243 6.13 32.92 70.24
N GLY KA 244 6.29 31.75 69.62
CA GLY KA 244 5.19 30.91 69.18
C GLY KA 244 4.37 31.50 68.03
N VAL KA 245 5.06 32.04 67.04
CA VAL KA 245 4.38 32.67 65.92
C VAL KA 245 5.04 32.33 64.58
N GLY KA 246 4.54 32.89 63.48
CA GLY KA 246 5.18 32.61 62.20
C GLY KA 246 5.77 33.88 61.63
N CYS KA 247 6.55 33.74 60.59
CA CYS KA 247 7.24 34.85 59.95
C CYS KA 247 6.35 35.94 59.47
N THR KA 248 5.08 35.62 59.35
CA THR KA 248 4.14 36.60 58.86
C THR KA 248 3.73 37.52 60.01
N PHE KA 249 4.30 37.24 61.16
CA PHE KA 249 4.04 38.06 62.32
C PHE KA 249 4.77 39.39 62.28
N CYS KA 250 5.89 39.39 61.57
CA CYS KA 250 6.74 40.57 61.51
C CYS KA 250 7.14 41.03 60.13
N HIS KA 251 7.18 40.10 59.19
CA HIS KA 251 7.63 40.41 57.84
C HIS KA 251 6.59 40.35 56.76
N ASN KA 252 7.05 40.65 55.56
CA ASN KA 252 6.24 40.47 54.36
C ASN KA 252 7.36 39.80 53.63
N THR KA 253 7.34 38.48 53.67
CA THR KA 253 8.41 37.67 53.10
C THR KA 253 8.78 37.96 51.64
N ARG KA 254 8.05 38.84 50.95
CA ARG KA 254 8.46 39.15 49.59
C ARG KA 254 9.63 40.11 49.70
N ALA KA 255 9.74 40.70 50.88
CA ALA KA 255 10.80 41.64 51.21
C ALA KA 255 10.99 41.57 52.74
N PHE KA 256 11.90 40.70 53.17
CA PHE KA 256 12.13 40.51 54.61
C PHE KA 256 12.68 41.75 55.28
N ASN KA 257 13.48 42.50 54.55
CA ASN KA 257 14.13 43.71 55.05
C ASN KA 257 13.30 44.97 55.02
N ASP KA 258 12.17 44.93 54.30
CA ASP KA 258 11.36 46.13 54.17
C ASP KA 258 10.55 46.48 55.37
N TRP KA 259 10.94 47.56 56.07
CA TRP KA 259 10.22 47.95 57.28
C TRP KA 259 8.83 48.50 56.88
N THR KA 260 8.68 49.03 55.67
CA THR KA 260 7.39 49.59 55.30
C THR KA 260 6.37 48.53 55.03
N GLN KA 261 6.85 47.36 54.66
CA GLN KA 261 5.98 46.24 54.40
C GLN KA 261 5.91 45.29 55.61
N SER KA 262 6.61 45.61 56.70
CA SER KA 262 6.60 44.73 57.88
C SER KA 262 5.47 45.09 58.85
N THR KA 263 5.37 44.32 59.92
CA THR KA 263 4.33 44.56 60.92
C THR KA 263 4.98 45.24 62.15
N PRO KA 264 4.20 46.02 62.93
CA PRO KA 264 4.81 46.65 64.11
C PRO KA 264 5.46 45.69 65.10
N LYS KA 265 5.34 44.40 64.81
CA LYS KA 265 5.90 43.41 65.69
C LYS KA 265 7.36 43.29 65.41
N ARG KA 266 7.74 43.62 64.19
CA ARG KA 266 9.15 43.57 63.86
C ARG KA 266 9.87 44.67 64.64
N THR KA 267 9.23 45.84 64.77
CA THR KA 267 9.80 46.95 65.52
C THR KA 267 10.03 46.50 66.95
N THR KA 268 8.95 45.97 67.54
CA THR KA 268 9.05 45.51 68.90
C THR KA 268 10.18 44.50 69.09
N ALA KA 269 10.31 43.59 68.12
CA ALA KA 269 11.37 42.58 68.17
C ALA KA 269 12.77 43.14 67.96
N TRP KA 270 12.84 44.24 67.22
CA TRP KA 270 14.11 44.84 66.95
C TRP KA 270 14.63 45.30 68.27
N TYR KA 271 13.80 46.08 68.99
CA TYR KA 271 14.23 46.57 70.30
C TYR KA 271 14.39 45.46 71.28
N ALA KA 272 13.71 44.37 71.05
CA ALA KA 272 13.81 43.27 71.97
C ALA KA 272 15.15 42.58 71.92
N ILE KA 273 15.66 42.45 70.71
CA ILE KA 273 16.94 41.80 70.51
C ILE KA 273 18.06 42.56 71.26
N ARG KA 274 17.96 43.87 71.25
CA ARG KA 274 18.94 44.70 71.93
C ARG KA 274 18.70 44.53 73.42
N HIS KA 275 17.45 44.56 73.84
CA HIS KA 275 17.14 44.38 75.25
C HIS KA 275 17.75 43.08 75.81
N VAL KA 276 17.66 41.99 75.05
CA VAL KA 276 18.19 40.69 75.49
C VAL KA 276 19.70 40.77 75.43
N ARG KA 277 20.17 41.68 74.59
CA ARG KA 277 21.58 41.89 74.47
C ARG KA 277 22.03 42.66 75.74
N ASP KA 278 21.17 43.53 76.26
CA ASP KA 278 21.51 44.29 77.46
C ASP KA 278 21.44 43.50 78.73
N ILE KA 279 20.49 42.59 78.81
CA ILE KA 279 20.30 41.74 79.97
C ILE KA 279 21.49 40.79 80.05
N ASN KA 280 21.75 40.12 78.94
CA ASN KA 280 22.85 39.16 78.87
C ASN KA 280 24.23 39.83 79.03
N GLN KA 281 24.41 41.03 78.49
CA GLN KA 281 25.71 41.69 78.59
C GLN KA 281 26.03 42.34 79.95
N ASN KA 282 25.07 43.03 80.56
CA ASN KA 282 25.35 43.71 81.83
C ASN KA 282 24.71 43.11 83.09
N TYR KA 283 24.15 41.92 83.01
CA TYR KA 283 23.53 41.34 84.19
C TYR KA 283 23.87 39.90 84.54
N ILE KA 284 24.07 39.03 83.55
CA ILE KA 284 24.36 37.64 83.88
C ILE KA 284 25.86 37.41 83.83
N TRP KA 285 26.49 37.80 82.74
CA TRP KA 285 27.93 37.63 82.61
C TRP KA 285 28.76 38.21 83.75
N PRO KA 286 28.43 39.43 84.23
CA PRO KA 286 29.24 39.95 85.34
C PRO KA 286 29.13 39.09 86.59
N LEU KA 287 27.98 38.44 86.75
CA LEU KA 287 27.70 37.56 87.87
C LEU KA 287 28.30 36.17 87.72
N ASN KA 288 29.05 35.94 86.66
CA ASN KA 288 29.60 34.60 86.42
C ASN KA 288 30.54 34.06 87.51
N ASP KA 289 31.19 34.96 88.24
CA ASP KA 289 32.10 34.57 89.32
C ASP KA 289 31.36 34.19 90.61
N VAL KA 290 30.17 34.74 90.79
CA VAL KA 290 29.46 34.45 92.02
C VAL KA 290 28.43 33.32 91.87
N LEU KA 291 28.41 32.71 90.70
CA LEU KA 291 27.50 31.59 90.42
C LEU KA 291 28.26 30.28 90.52
N PRO KA 292 27.60 29.22 90.99
CA PRO KA 292 28.27 27.93 91.12
C PRO KA 292 28.56 27.35 89.76
N ALA KA 293 29.46 26.37 89.69
CA ALA KA 293 29.82 25.72 88.42
C ALA KA 293 28.56 25.16 87.74
N SER KA 294 27.64 24.70 88.59
CA SER KA 294 26.36 24.11 88.20
C SER KA 294 25.54 25.01 87.27
N ARG KA 295 25.80 26.31 87.31
CA ARG KA 295 25.09 27.28 86.48
C ARG KA 295 25.90 27.64 85.26
N LYS KA 296 26.82 26.78 84.87
CA LYS KA 296 27.62 27.12 83.73
C LYS KA 296 27.70 26.03 82.67
N GLY KA 297 27.74 26.50 81.43
CA GLY KA 297 27.79 25.59 80.31
C GLY KA 297 29.16 24.99 80.13
N PRO KA 298 29.27 24.03 79.22
CA PRO KA 298 30.54 23.34 78.93
C PRO KA 298 31.66 24.31 78.60
N TYR KA 299 31.31 25.56 78.35
CA TYR KA 299 32.30 26.57 78.03
C TYR KA 299 32.58 27.57 79.16
N GLY KA 300 31.99 27.36 80.33
CA GLY KA 300 32.27 28.27 81.41
C GLY KA 300 31.32 29.44 81.34
N ASP KA 301 30.46 29.43 80.34
CA ASP KA 301 29.51 30.51 80.19
C ASP KA 301 28.37 30.29 81.19
N PRO KA 302 27.76 31.40 81.67
CA PRO KA 302 26.67 31.27 82.65
C PRO KA 302 25.31 31.09 82.02
N LEU KA 303 24.33 30.49 82.68
CA LEU KA 303 23.02 30.36 82.05
C LEU KA 303 22.46 31.76 81.80
N ARG KA 304 22.21 32.12 80.56
CA ARG KA 304 21.69 33.47 80.29
C ARG KA 304 20.29 33.58 79.69
N VAL KA 305 19.98 34.77 79.15
CA VAL KA 305 18.64 35.04 78.65
C VAL KA 305 18.44 35.03 77.12
N SER KA 306 17.24 34.60 76.74
CA SER KA 306 16.84 34.60 75.37
C SER KA 306 15.40 34.99 75.40
N CYS KA 307 14.78 35.01 74.23
CA CYS KA 307 13.38 35.35 74.09
C CYS KA 307 12.52 34.28 74.72
N MET KA 308 12.96 33.04 74.53
CA MET KA 308 12.29 31.88 75.07
C MET KA 308 12.15 31.89 76.61
N THR KA 309 13.19 32.35 77.31
CA THR KA 309 13.24 32.36 78.80
C THR KA 309 11.96 32.91 79.40
N CYS KA 310 11.54 34.02 78.83
CA CYS KA 310 10.35 34.78 79.19
C CYS KA 310 9.10 34.43 78.42
N HIS KA 311 9.22 34.45 77.09
CA HIS KA 311 8.04 34.19 76.25
C HIS KA 311 7.54 32.77 76.37
N GLN KA 312 8.46 31.83 76.54
CA GLN KA 312 8.12 30.43 76.73
C GLN KA 312 7.02 29.97 75.79
N ALA KA 313 7.20 30.35 74.54
CA ALA KA 313 6.32 30.03 73.43
C ALA KA 313 5.07 30.92 73.31
N VAL KA 314 5.06 32.15 73.85
CA VAL KA 314 3.86 32.98 73.64
C VAL KA 314 4.28 34.38 73.25
N ASN KA 315 3.53 34.98 72.31
CA ASN KA 315 3.82 36.30 71.78
C ASN KA 315 3.88 37.36 72.80
N LYS KA 316 3.27 37.11 73.95
CA LYS KA 316 3.29 38.07 75.07
C LYS KA 316 3.43 37.12 76.25
N PRO KA 317 4.41 37.32 77.13
CA PRO KA 317 4.52 36.37 78.23
C PRO KA 317 3.21 36.23 78.97
N LEU KA 318 2.80 34.99 79.22
CA LEU KA 318 1.54 34.73 79.93
C LEU KA 318 0.41 35.50 79.29
N TYR KA 319 0.36 35.38 77.98
CA TYR KA 319 -0.64 36.02 77.12
C TYR KA 319 -0.82 37.48 77.47
N GLY KA 320 0.30 38.09 77.81
CA GLY KA 320 0.38 39.50 78.13
C GLY KA 320 -0.26 40.02 79.39
N ALA KA 321 -0.36 39.16 80.40
CA ALA KA 321 -0.88 39.57 81.71
C ALA KA 321 0.04 40.64 82.33
N GLN KA 322 -0.55 41.63 82.99
CA GLN KA 322 0.24 42.68 83.61
C GLN KA 322 0.42 42.51 85.12
N MET KA 323 1.49 41.80 85.50
CA MET KA 323 1.76 41.54 86.91
C MET KA 323 2.55 42.69 87.51
N ALA KA 324 3.67 43.07 86.89
CA ALA KA 324 4.51 44.13 87.45
C ALA KA 324 3.77 45.41 87.93
N LYS KA 325 2.71 45.85 87.26
CA LYS KA 325 2.08 47.09 87.72
C LYS KA 325 1.54 47.03 89.16
N ASP KA 326 1.36 45.84 89.74
CA ASP KA 326 0.84 45.74 91.12
C ASP KA 326 1.87 45.72 92.22
N TYR KA 327 3.13 45.61 91.88
CA TYR KA 327 4.17 45.59 92.88
C TYR KA 327 5.02 46.77 92.46
N PRO KA 328 4.84 47.93 93.11
CA PRO KA 328 5.56 49.19 92.86
C PRO KA 328 7.05 49.13 93.12
N GLY KA 329 7.52 48.14 93.86
CA GLY KA 329 8.94 48.03 94.15
C GLY KA 329 9.76 47.64 92.93
N LEU KA 330 9.09 47.43 91.80
CA LEU KA 330 9.68 46.99 90.51
C LEU KA 330 9.85 48.01 89.36
N TYR KA 331 9.87 49.30 89.66
CA TYR KA 331 10.01 50.35 88.64
C TYR KA 331 11.20 51.10 89.22
N LYS KA 332 12.04 51.74 88.41
CA LYS KA 332 13.19 52.47 89.01
C LYS KA 332 13.03 53.77 89.90
N THR KA 333 14.00 53.95 90.81
CA THR KA 333 13.96 54.91 91.94
C THR KA 333 12.69 54.77 92.78
N ALA LA 2 -11.45 23.38 9.56
CA ALA LA 2 -10.45 22.67 8.78
C ALA LA 2 -10.06 21.37 9.47
N MET LA 3 -9.68 20.40 8.63
CA MET LA 3 -9.29 19.09 9.10
C MET LA 3 -7.95 18.67 8.67
N LEU LA 4 -7.37 17.75 9.42
CA LEU LA 4 -6.12 17.16 9.04
C LEU LA 4 -6.44 16.40 7.72
N SER LA 5 -5.43 15.97 6.98
CA SER LA 5 -5.69 15.29 5.72
C SER LA 5 -6.22 13.91 6.04
N PHE LA 6 -6.36 13.59 7.33
CA PHE LA 6 -6.89 12.29 7.68
C PHE LA 6 -7.93 12.41 8.78
N GLU LA 7 -8.55 13.59 8.91
CA GLU LA 7 -9.50 13.76 10.01
C GLU LA 7 -10.98 13.46 9.73
N LYS LA 8 -11.43 13.72 8.52
CA LYS LA 8 -12.82 13.52 8.16
C LYS LA 8 -13.32 12.12 8.43
N LYS LA 9 -12.51 11.14 8.10
CA LYS LA 9 -12.93 9.78 8.30
C LYS LA 9 -13.26 9.44 9.75
N TYR LA 10 -12.95 10.36 10.67
CA TYR LA 10 -13.22 10.14 12.12
C TYR LA 10 -14.24 11.08 12.79
N ARG LA 11 -14.54 12.19 12.12
CA ARG LA 11 -15.44 13.23 12.61
C ARG LA 11 -16.87 12.72 12.66
N VAL LA 12 -17.05 11.62 13.38
CA VAL LA 12 -18.34 10.97 13.51
C VAL LA 12 -19.29 11.84 14.33
N ARG LA 13 -20.56 11.53 14.25
CA ARG LA 13 -21.58 12.25 14.97
C ARG LA 13 -21.95 11.53 16.26
N GLY LA 14 -22.20 12.28 17.36
CA GLY LA 14 -22.54 11.64 18.61
C GLY LA 14 -21.39 11.32 19.57
N GLY LA 15 -21.73 10.89 20.77
CA GLY LA 15 -20.74 10.56 21.78
C GLY LA 15 -20.82 11.47 23.00
N THR LA 16 -21.72 12.46 22.91
CA THR LA 16 -21.87 13.40 23.99
C THR LA 16 -22.27 12.64 25.25
N LEU LA 17 -22.42 13.44 26.31
CA LEU LA 17 -22.83 13.02 27.64
C LEU LA 17 -24.14 13.71 27.82
N ILE LA 18 -24.19 14.97 27.41
CA ILE LA 18 -25.40 15.79 27.48
C ILE LA 18 -25.46 16.76 26.31
N GLY LA 19 -26.66 16.96 25.80
CA GLY LA 19 -26.90 17.87 24.69
C GLY LA 19 -27.30 17.28 23.33
N GLY LA 20 -26.65 16.20 22.91
CA GLY LA 20 -26.92 15.56 21.63
C GLY LA 20 -26.75 16.49 20.43
N ASP LA 21 -27.36 16.11 19.30
CA ASP LA 21 -27.28 16.92 18.05
C ASP LA 21 -27.46 18.46 18.20
N LEU LA 22 -27.94 18.93 19.34
CA LEU LA 22 -28.13 20.38 19.54
C LEU LA 22 -26.85 21.18 19.25
N PHE LA 23 -25.76 20.75 19.87
CA PHE LA 23 -24.49 21.45 19.70
C PHE LA 23 -23.37 20.59 19.19
N ASP LA 24 -23.72 19.42 18.66
CA ASP LA 24 -22.69 18.50 18.18
C ASP LA 24 -22.01 18.97 16.94
N PHE LA 25 -21.11 19.94 17.06
CA PHE LA 25 -20.39 20.41 15.88
C PHE LA 25 -19.04 21.02 16.27
N TRP LA 26 -18.25 21.30 15.26
CA TRP LA 26 -16.93 21.90 15.40
C TRP LA 26 -16.96 23.36 14.93
N VAL LA 27 -15.93 24.11 15.32
CA VAL LA 27 -15.76 25.48 14.85
C VAL LA 27 -14.28 25.51 14.55
N GLY LA 28 -13.89 25.50 13.29
CA GLY LA 28 -12.49 25.44 12.97
C GLY LA 28 -12.10 24.05 13.42
N PRO LA 29 -11.02 23.96 14.21
CA PRO LA 29 -10.58 22.64 14.69
C PRO LA 29 -11.13 22.18 16.05
N PHE LA 30 -11.70 23.09 16.82
CA PHE LA 30 -12.22 22.71 18.14
C PHE LA 30 -13.53 22.00 17.99
N TYR LA 31 -13.76 20.98 18.81
CA TYR LA 31 -15.09 20.42 18.76
C TYR LA 31 -15.82 21.22 19.88
N VAL LA 32 -17.08 21.60 19.67
CA VAL LA 32 -17.78 22.37 20.68
C VAL LA 32 -18.60 21.40 21.55
N GLY LA 33 -19.88 21.21 21.27
CA GLY LA 33 -20.62 20.29 22.10
C GLY LA 33 -21.13 21.19 23.18
N PHE LA 34 -22.12 20.76 23.95
CA PHE LA 34 -22.71 21.57 25.06
C PHE LA 34 -21.79 22.12 26.20
N PHE LA 35 -20.75 21.37 26.53
CA PHE LA 35 -19.82 21.70 27.56
C PHE LA 35 -18.81 22.68 27.00
N GLY LA 36 -18.86 22.84 25.69
CA GLY LA 36 -18.04 23.77 24.96
C GLY LA 36 -18.70 25.13 25.02
N VAL LA 37 -20.02 25.09 25.13
CA VAL LA 37 -20.82 26.31 25.18
C VAL LA 37 -20.73 26.82 26.55
N VAL LA 38 -20.86 25.91 27.52
CA VAL LA 38 -20.78 26.31 28.92
C VAL LA 38 -19.39 26.79 29.21
N GLY LA 39 -18.41 26.01 28.78
CA GLY LA 39 -17.02 26.35 28.96
C GLY LA 39 -16.72 27.73 28.38
N PHE LA 40 -17.10 27.94 27.13
CA PHE LA 40 -16.84 29.24 26.48
C PHE LA 40 -17.53 30.38 27.23
N CYS LA 41 -18.70 30.12 27.81
CA CYS LA 41 -19.37 31.16 28.56
C CYS LA 41 -18.69 31.50 29.87
N PHE LA 42 -18.25 30.47 30.59
CA PHE LA 42 -17.55 30.65 31.86
C PHE LA 42 -16.21 31.33 31.65
N THR LA 43 -15.47 30.83 30.67
CA THR LA 43 -14.19 31.38 30.35
C THR LA 43 -14.32 32.84 29.98
N LEU LA 44 -15.16 33.09 28.98
CA LEU LA 44 -15.38 34.44 28.47
C LEU LA 44 -15.84 35.42 29.56
N LEU LA 45 -16.83 35.05 30.36
CA LEU LA 45 -17.29 35.94 31.44
C LEU LA 45 -16.27 36.15 32.50
N GLY LA 46 -15.52 35.10 32.72
CA GLY LA 46 -14.44 35.03 33.68
C GLY LA 46 -13.35 36.02 33.36
N VAL LA 47 -12.88 35.88 32.13
CA VAL LA 47 -11.81 36.66 31.56
C VAL LA 47 -12.25 38.09 31.51
N LEU LA 48 -13.46 38.31 31.00
CA LEU LA 48 -14.04 39.65 30.92
C LEU LA 48 -14.07 40.29 32.34
N LEU LA 49 -14.20 39.44 33.36
CA LEU LA 49 -14.21 39.92 34.75
C LEU LA 49 -12.82 40.21 35.24
N ILE LA 50 -11.82 39.47 34.77
CA ILE LA 50 -10.44 39.73 35.20
C ILE LA 50 -10.03 41.03 34.56
N VAL LA 51 -10.63 41.31 33.42
CA VAL LA 51 -10.35 42.53 32.70
C VAL LA 51 -11.00 43.64 33.52
N TRP LA 52 -12.25 43.44 33.93
CA TRP LA 52 -12.95 44.44 34.76
C TRP LA 52 -12.31 44.70 36.08
N GLY LA 53 -11.66 43.68 36.61
CA GLY LA 53 -11.00 43.83 37.87
C GLY LA 53 -9.80 44.71 37.61
N ALA LA 54 -9.17 44.50 36.46
CA ALA LA 54 -8.03 45.34 36.16
C ALA LA 54 -8.49 46.78 35.95
N THR LA 55 -9.68 46.92 35.37
CA THR LA 55 -10.20 48.24 35.11
C THR LA 55 -10.51 49.05 36.37
N ILE LA 56 -11.17 48.43 37.35
CA ILE LA 56 -11.49 49.17 38.58
C ILE LA 56 -10.37 49.28 39.62
N GLY LA 57 -9.58 48.23 39.73
CA GLY LA 57 -8.48 48.19 40.67
C GLY LA 57 -9.04 48.11 42.09
N PRO LA 58 -8.21 47.73 43.07
CA PRO LA 58 -8.65 47.64 44.48
C PRO LA 58 -9.13 48.96 45.13
N THR LA 59 -8.76 50.10 44.54
CA THR LA 59 -9.12 51.40 45.06
C THR LA 59 -9.78 52.36 44.02
N GLY LA 60 -10.19 51.85 42.86
CA GLY LA 60 -10.84 52.64 41.83
C GLY LA 60 -10.07 52.96 40.54
N PRO LA 61 -10.79 53.12 39.41
CA PRO LA 61 -10.15 53.45 38.13
C PRO LA 61 -9.26 54.71 38.14
N THR LA 62 -9.36 55.58 39.16
CA THR LA 62 -8.56 56.81 39.21
C THR LA 62 -7.41 56.68 40.21
N SER LA 63 -7.48 55.66 41.05
CA SER LA 63 -6.47 55.42 42.06
C SER LA 63 -5.11 55.18 41.41
N ASP LA 64 -4.03 55.37 42.16
CA ASP LA 64 -2.69 55.17 41.62
C ASP LA 64 -2.38 53.67 41.57
N LEU LA 65 -3.15 52.88 42.34
CA LEU LA 65 -2.95 51.45 42.37
C LEU LA 65 -3.67 50.72 41.25
N GLN LA 66 -4.64 51.37 40.63
CA GLN LA 66 -5.35 50.75 39.55
C GLN LA 66 -4.28 50.58 38.50
N THR LA 67 -4.38 49.57 37.64
CA THR LA 67 -3.34 49.33 36.64
C THR LA 67 -3.74 48.32 35.58
N TYR LA 68 -3.10 48.44 34.42
CA TYR LA 68 -3.31 47.54 33.28
C TYR LA 68 -1.97 46.93 32.98
N ASN LA 69 -1.02 47.11 33.89
CA ASN LA 69 0.28 46.55 33.64
C ASN LA 69 0.12 45.07 33.89
N LEU LA 70 0.54 44.28 32.91
CA LEU LA 70 0.38 42.84 32.97
C LEU LA 70 1.03 42.06 34.12
N TRP LA 71 2.18 42.50 34.58
CA TRP LA 71 2.85 41.80 35.67
C TRP LA 71 2.15 42.07 37.01
N ARG LA 72 1.65 43.30 37.15
CA ARG LA 72 1.02 43.81 38.37
C ARG LA 72 -0.51 43.72 38.56
N ILE LA 73 -1.29 43.40 37.52
CA ILE LA 73 -2.75 43.29 37.73
C ILE LA 73 -3.11 42.18 38.73
N SER LA 74 -4.07 42.49 39.60
CA SER LA 74 -4.48 41.56 40.65
C SER LA 74 -5.90 41.68 41.18
N ILE LA 75 -6.55 40.52 41.25
CA ILE LA 75 -7.89 40.37 41.80
C ILE LA 75 -7.62 39.48 42.98
N ALA LA 76 -7.88 40.02 44.19
CA ALA LA 76 -7.61 39.30 45.42
C ALA LA 76 -8.90 38.91 46.11
N PRO LA 77 -8.84 37.83 46.89
CA PRO LA 77 -9.96 37.27 47.65
C PRO LA 77 -10.55 38.22 48.68
N PRO LA 78 -11.66 37.83 49.32
CA PRO LA 78 -12.12 38.81 50.28
C PRO LA 78 -11.31 38.58 51.53
N ASP LA 79 -11.43 39.48 52.51
CA ASP LA 79 -10.76 39.37 53.82
C ASP LA 79 -11.20 38.08 54.53
N LEU LA 80 -10.57 37.70 55.64
CA LEU LA 80 -11.05 36.47 56.28
C LEU LA 80 -12.29 36.78 57.09
N SER LA 81 -12.43 38.06 57.43
CA SER LA 81 -13.56 38.57 58.19
C SER LA 81 -14.91 38.20 57.55
N TYR LA 82 -14.88 37.90 56.25
CA TYR LA 82 -16.08 37.53 55.50
C TYR LA 82 -16.47 36.07 55.63
N GLY LA 83 -15.57 35.27 56.19
CA GLY LA 83 -15.75 33.84 56.38
C GLY LA 83 -16.14 33.12 55.12
N LEU LA 84 -17.09 32.18 55.22
CA LEU LA 84 -17.53 31.38 54.06
C LEU LA 84 -18.67 32.12 53.36
N ARG LA 85 -18.77 33.43 53.56
CA ARG LA 85 -19.88 34.16 52.99
C ARG LA 85 -19.54 34.76 51.65
N MET LA 86 -20.55 35.23 50.94
CA MET LA 86 -20.30 35.86 49.65
C MET LA 86 -19.90 37.26 50.07
N ALA LA 87 -18.84 37.80 49.48
CA ALA LA 87 -18.38 39.13 49.85
C ALA LA 87 -18.75 40.21 48.85
N PRO LA 88 -18.79 41.49 49.31
CA PRO LA 88 -19.12 42.54 48.34
C PRO LA 88 -18.16 42.43 47.15
N LEU LA 89 -18.67 42.70 45.96
CA LEU LA 89 -17.89 42.61 44.71
C LEU LA 89 -16.49 43.21 44.77
N THR LA 90 -16.46 44.50 45.08
CA THR LA 90 -15.21 45.24 45.12
C THR LA 90 -14.40 44.98 46.35
N GLU LA 91 -14.76 43.93 47.07
CA GLU LA 91 -14.03 43.58 48.25
C GLU LA 91 -13.80 42.09 48.16
N GLY LA 92 -13.63 41.58 46.95
CA GLY LA 92 -13.43 40.15 46.77
C GLY LA 92 -14.59 39.33 46.21
N GLY LA 93 -15.72 39.96 45.93
CA GLY LA 93 -16.89 39.29 45.38
C GLY LA 93 -16.48 38.82 44.00
N LEU LA 94 -15.91 39.78 43.27
CA LEU LA 94 -15.41 39.54 41.94
C LEU LA 94 -14.56 38.27 41.93
N TRP LA 95 -13.63 38.14 42.89
CA TRP LA 95 -12.72 36.99 42.96
C TRP LA 95 -13.51 35.70 43.11
N GLN LA 96 -14.59 35.76 43.88
CA GLN LA 96 -15.41 34.58 44.10
C GLN LA 96 -16.05 34.16 42.77
N ILE LA 97 -16.54 35.15 42.03
CA ILE LA 97 -17.16 34.87 40.73
C ILE LA 97 -16.14 34.38 39.71
N ILE LA 98 -15.03 35.11 39.58
CA ILE LA 98 -14.01 34.69 38.66
C ILE LA 98 -13.63 33.28 38.96
N THR LA 99 -13.59 32.96 40.23
CA THR LA 99 -13.26 31.61 40.64
C THR LA 99 -14.35 30.68 40.15
N ILE LA 100 -15.61 31.05 40.36
CA ILE LA 100 -16.69 30.20 39.91
C ILE LA 100 -16.63 29.93 38.41
N CYS LA 101 -16.32 30.94 37.61
CA CYS LA 101 -16.21 30.66 36.17
C CYS LA 101 -15.04 29.75 35.91
N ALA LA 102 -13.92 29.96 36.56
CA ALA LA 102 -12.70 29.14 36.36
C ALA LA 102 -12.98 27.69 36.74
N ALA LA 103 -13.75 27.50 37.78
CA ALA LA 103 -14.06 26.17 38.22
C ALA LA 103 -14.92 25.60 37.14
N GLY LA 104 -15.89 26.37 36.67
CA GLY LA 104 -16.75 25.89 35.60
C GLY LA 104 -16.11 25.61 34.21
N ALA LA 105 -15.13 26.44 33.83
CA ALA LA 105 -14.43 26.33 32.57
C ALA LA 105 -13.52 25.11 32.60
N PHE LA 106 -12.86 24.85 33.73
CA PHE LA 106 -11.95 23.71 33.81
C PHE LA 106 -12.80 22.44 33.83
N ILE LA 107 -13.87 22.46 34.62
CA ILE LA 107 -14.72 21.28 34.68
C ILE LA 107 -15.39 21.03 33.34
N SER LA 108 -15.72 22.11 32.61
CA SER LA 108 -16.37 21.89 31.31
C SER LA 108 -15.39 21.25 30.32
N TRP LA 109 -14.18 21.77 30.32
CA TRP LA 109 -13.10 21.34 29.46
C TRP LA 109 -12.80 19.87 29.64
N ALA LA 110 -12.76 19.46 30.89
CA ALA LA 110 -12.50 18.06 31.15
C ALA LA 110 -13.66 17.25 30.63
N LEU LA 111 -14.86 17.69 30.97
CA LEU LA 111 -16.02 16.96 30.48
C LEU LA 111 -16.15 16.88 28.92
N ARG LA 112 -15.61 17.88 28.24
CA ARG LA 112 -15.66 17.93 26.78
C ARG LA 112 -14.59 17.05 26.20
N GLU LA 113 -13.51 16.83 26.95
CA GLU LA 113 -12.45 15.94 26.47
C GLU LA 113 -12.99 14.56 26.64
N VAL LA 114 -13.92 14.44 27.58
CA VAL LA 114 -14.53 13.15 27.86
C VAL LA 114 -15.32 12.86 26.64
N GLU LA 115 -16.05 13.88 26.16
CA GLU LA 115 -16.84 13.67 24.94
C GLU LA 115 -15.95 13.35 23.71
N ILE LA 116 -14.81 14.03 23.60
CA ILE LA 116 -13.87 13.81 22.52
C ILE LA 116 -13.25 12.42 22.58
N CYS LA 117 -13.04 11.88 23.76
CA CYS LA 117 -12.47 10.54 23.84
C CYS LA 117 -13.55 9.59 23.43
N ARG LA 118 -14.77 9.89 23.87
CA ARG LA 118 -15.94 9.07 23.54
C ARG LA 118 -16.17 9.04 22.05
N LYS LA 119 -15.84 10.15 21.41
CA LYS LA 119 -16.02 10.30 19.98
C LYS LA 119 -14.95 9.39 19.35
N LEU LA 120 -13.69 9.74 19.50
CA LEU LA 120 -12.53 9.01 18.95
C LEU LA 120 -12.32 7.51 19.29
N GLY LA 121 -13.05 6.99 20.28
CA GLY LA 121 -12.92 5.59 20.64
C GLY LA 121 -11.58 5.26 21.30
N ILE LA 122 -11.07 6.22 22.05
CA ILE LA 122 -9.79 6.10 22.77
C ILE LA 122 -9.99 6.05 24.24
N GLY LA 123 -8.93 5.71 24.97
CA GLY LA 123 -9.05 5.64 26.42
C GLY LA 123 -9.25 7.03 27.05
N PHE LA 124 -9.75 7.07 28.31
CA PHE LA 124 -9.95 8.37 28.89
C PHE LA 124 -8.88 8.82 29.84
N HIS LA 125 -7.66 8.41 29.56
CA HIS LA 125 -6.56 8.74 30.41
C HIS LA 125 -6.39 10.24 30.43
N VAL LA 126 -6.46 10.89 29.28
CA VAL LA 126 -6.30 12.35 29.29
C VAL LA 126 -7.26 13.20 30.15
N PRO LA 127 -8.59 13.04 30.01
CA PRO LA 127 -9.38 13.96 30.85
C PRO LA 127 -9.34 13.80 32.41
N PHE LA 128 -8.92 12.61 32.82
CA PHE LA 128 -8.73 12.17 34.17
C PHE LA 128 -7.49 12.80 34.73
N ALA LA 129 -6.43 12.62 33.94
CA ALA LA 129 -5.17 13.18 34.35
C ALA LA 129 -5.45 14.64 34.49
N PHE LA 130 -6.24 15.20 33.59
CA PHE LA 130 -6.53 16.63 33.68
C PHE LA 130 -7.19 16.87 35.04
N SER LA 131 -8.11 16.01 35.42
CA SER LA 131 -8.75 16.20 36.71
C SER LA 131 -7.81 16.20 37.92
N PHE LA 132 -6.55 15.82 37.77
CA PHE LA 132 -5.69 15.93 38.98
C PHE LA 132 -5.30 17.37 39.14
N ALA LA 133 -5.11 18.06 38.03
CA ALA LA 133 -4.77 19.47 38.08
C ALA LA 133 -5.99 20.23 38.50
N ILE LA 134 -7.17 19.77 38.09
CA ILE LA 134 -8.38 20.48 38.46
C ILE LA 134 -8.58 20.29 39.93
N GLY LA 135 -8.13 19.13 40.41
CA GLY LA 135 -8.24 18.79 41.82
C GLY LA 135 -7.33 19.66 42.64
N ALA LA 136 -6.12 19.82 42.15
CA ALA LA 136 -5.15 20.65 42.79
C ALA LA 136 -5.70 22.07 42.85
N TYR LA 137 -6.27 22.55 41.76
CA TYR LA 137 -6.82 23.90 41.74
C TYR LA 137 -7.93 24.04 42.75
N LEU LA 138 -8.78 23.03 42.81
CA LEU LA 138 -9.89 23.10 43.73
C LEU LA 138 -9.39 23.08 45.18
N VAL LA 139 -8.35 22.31 45.53
CA VAL LA 139 -7.87 22.36 46.91
C VAL LA 139 -7.32 23.75 47.30
N LEU LA 140 -6.55 24.41 46.47
CA LEU LA 140 -6.04 25.71 46.81
C LEU LA 140 -7.14 26.75 46.83
N VAL LA 141 -8.40 26.41 46.61
CA VAL LA 141 -9.44 27.45 46.54
C VAL LA 141 -10.73 26.97 47.13
N PHE LA 142 -10.93 25.66 47.28
CA PHE LA 142 -12.21 25.23 47.85
C PHE LA 142 -12.04 24.40 49.12
N VAL LA 143 -11.39 23.24 49.05
CA VAL LA 143 -11.24 22.42 50.24
C VAL LA 143 -10.44 23.10 51.31
N ARG LA 144 -9.16 23.41 51.08
CA ARG LA 144 -8.40 24.08 52.13
C ARG LA 144 -9.14 25.29 52.69
N PRO LA 145 -9.54 26.26 51.84
CA PRO LA 145 -10.26 27.41 52.40
C PRO LA 145 -11.56 27.05 53.13
N LEU LA 146 -12.11 25.87 52.86
CA LEU LA 146 -13.33 25.46 53.52
C LEU LA 146 -12.89 25.02 54.88
N LEU LA 147 -11.97 24.07 54.93
CA LEU LA 147 -11.52 23.64 56.24
C LEU LA 147 -11.07 24.82 57.15
N MET LA 148 -10.51 25.88 56.59
CA MET LA 148 -10.07 27.06 57.36
C MET LA 148 -11.20 28.06 57.46
N GLY LA 149 -12.43 27.58 57.38
CA GLY LA 149 -13.59 28.42 57.48
C GLY LA 149 -13.68 29.68 56.63
N ALA LA 150 -12.87 29.85 55.60
CA ALA LA 150 -12.99 31.09 54.83
C ALA LA 150 -12.33 31.09 53.44
N TRP LA 151 -13.02 31.75 52.50
CA TRP LA 151 -12.53 31.79 51.14
C TRP LA 151 -11.32 32.74 51.01
N GLY LA 152 -11.20 33.70 51.92
CA GLY LA 152 -10.08 34.63 51.86
C GLY LA 152 -8.68 34.02 51.96
N HIS LA 153 -8.60 32.78 52.43
CA HIS LA 153 -7.34 32.09 52.57
C HIS LA 153 -6.82 31.67 51.20
N GLY LA 154 -7.62 31.91 50.17
CA GLY LA 154 -7.25 31.54 48.81
C GLY LA 154 -6.26 32.50 48.17
N PHE LA 155 -5.56 32.00 47.15
CA PHE LA 155 -4.59 32.82 46.42
C PHE LA 155 -5.33 33.69 45.42
N PRO LA 156 -4.79 34.88 45.16
CA PRO LA 156 -5.30 35.89 44.24
C PRO LA 156 -5.05 35.54 42.77
N TYR LA 157 -5.82 36.19 41.90
CA TYR LA 157 -5.62 35.94 40.50
C TYR LA 157 -4.85 37.17 40.07
N GLY LA 158 -3.53 37.02 40.07
CA GLY LA 158 -2.62 38.06 39.66
C GLY LA 158 -1.33 37.35 39.37
N ILE LA 159 -0.67 37.72 38.30
CA ILE LA 159 0.58 37.09 37.90
C ILE LA 159 1.73 37.04 38.93
N LEU LA 160 2.00 38.17 39.55
CA LEU LA 160 3.06 38.12 40.51
C LEU LA 160 2.49 38.21 41.94
N SER LA 161 1.31 38.80 42.03
CA SER LA 161 0.65 38.94 43.30
C SER LA 161 0.40 37.55 43.91
N HIS LA 162 0.14 36.53 43.11
CA HIS LA 162 -0.08 35.20 43.65
C HIS LA 162 1.27 34.60 44.12
N LEU LA 163 2.38 35.12 43.60
CA LEU LA 163 3.68 34.60 44.01
C LEU LA 163 4.07 35.00 45.42
N ASP LA 164 3.56 36.17 45.83
CA ASP LA 164 3.76 36.73 47.16
C ASP LA 164 2.94 35.96 48.17
N TRP LA 165 1.81 35.46 47.69
CA TRP LA 165 0.88 34.71 48.50
C TRP LA 165 1.56 33.42 48.80
N VAL LA 166 2.01 32.78 47.74
CA VAL LA 166 2.72 31.53 47.91
C VAL LA 166 3.87 31.74 48.90
N SER LA 167 4.61 32.83 48.73
CA SER LA 167 5.72 33.06 49.62
C SER LA 167 5.35 33.16 51.09
N ASN LA 168 4.42 34.05 51.43
CA ASN LA 168 4.04 34.21 52.84
C ASN LA 168 3.27 33.04 53.49
N VAL LA 169 2.55 32.26 52.70
CA VAL LA 169 1.80 31.12 53.24
C VAL LA 169 2.84 30.09 53.46
N GLY LA 170 3.80 30.07 52.59
CA GLY LA 170 4.82 29.08 52.81
C GLY LA 170 5.60 29.39 54.03
N TYR LA 171 6.12 30.62 54.18
CA TYR LA 171 6.90 31.00 55.38
C TYR LA 171 6.17 31.07 56.73
N GLN LA 172 4.86 30.92 56.72
CA GLN LA 172 4.14 30.93 57.96
C GLN LA 172 4.52 29.68 58.72
N PHE LA 173 5.00 28.67 58.03
CA PHE LA 173 5.38 27.44 58.66
C PHE LA 173 6.88 27.40 58.85
N LEU LA 174 7.46 28.58 58.73
CA LEU LA 174 8.90 28.85 58.90
C LEU LA 174 9.85 28.30 57.85
N HIS LA 175 9.82 27.01 57.61
CA HIS LA 175 10.74 26.38 56.64
C HIS LA 175 9.95 25.31 55.92
N PHE LA 176 9.19 25.71 54.89
CA PHE LA 176 8.33 24.76 54.18
C PHE LA 176 9.05 23.58 53.55
N HIS LA 177 10.28 23.81 53.10
CA HIS LA 177 11.06 22.76 52.45
C HIS LA 177 11.07 21.48 53.24
N TYR LA 178 10.84 21.60 54.53
CA TYR LA 178 10.87 20.45 55.38
C TYR LA 178 9.52 19.71 55.40
N ASN LA 179 8.53 20.20 54.65
CA ASN LA 179 7.23 19.55 54.63
C ASN LA 179 7.43 18.27 53.95
N PRO LA 180 7.13 17.18 54.62
CA PRO LA 180 7.37 15.93 53.92
C PRO LA 180 6.52 15.69 52.64
N ALA LA 181 5.27 16.11 52.60
CA ALA LA 181 4.50 15.91 51.39
C ALA LA 181 5.13 16.83 50.35
N HIS LA 182 5.57 18.01 50.75
CA HIS LA 182 6.21 18.94 49.83
C HIS LA 182 7.45 18.31 49.32
N MET LA 183 8.24 17.69 50.19
CA MET LA 183 9.46 17.08 49.69
C MET LA 183 9.12 16.03 48.65
N LEU LA 184 8.03 15.30 48.88
CA LEU LA 184 7.58 14.26 47.97
C LEU LA 184 7.16 14.84 46.63
N ALA LA 185 6.23 15.79 46.71
CA ALA LA 185 5.70 16.42 45.53
C ALA LA 185 6.87 16.93 44.70
N ILE LA 186 7.84 17.57 45.35
CA ILE LA 186 8.98 18.09 44.61
C ILE LA 186 9.79 16.98 43.94
N SER LA 187 9.98 15.85 44.62
CA SER LA 187 10.72 14.75 44.00
C SER LA 187 10.04 14.21 42.76
N PHE LA 188 8.71 14.12 42.82
CA PHE LA 188 7.99 13.63 41.66
C PHE LA 188 8.15 14.69 40.62
N PHE LA 189 7.97 15.96 40.91
CA PHE LA 189 8.18 16.96 39.86
C PHE LA 189 9.56 16.82 39.21
N PHE LA 190 10.58 16.54 40.00
CA PHE LA 190 11.92 16.43 39.42
C PHE LA 190 12.04 15.17 38.58
N THR LA 191 11.61 14.06 39.14
CA THR LA 191 11.68 12.82 38.42
C THR LA 191 10.88 12.93 37.09
N ASN LA 192 9.72 13.59 37.07
CA ASN LA 192 8.97 13.74 35.84
C ASN LA 192 9.87 14.44 34.86
N CYS LA 193 10.47 15.56 35.25
CA CYS LA 193 11.36 16.27 34.30
C CYS LA 193 12.50 15.35 33.81
N LEU LA 194 12.92 14.40 34.64
CA LEU LA 194 13.99 13.51 34.20
C LEU LA 194 13.48 12.50 33.20
N ALA LA 195 12.39 11.83 33.52
CA ALA LA 195 11.82 10.86 32.60
C ALA LA 195 11.49 11.56 31.31
N LEU LA 196 10.84 12.72 31.37
CA LEU LA 196 10.50 13.43 30.17
C LEU LA 196 11.74 13.64 29.34
N SER LA 197 12.80 14.14 29.94
CA SER LA 197 13.97 14.33 29.13
C SER LA 197 14.59 13.06 28.59
N MET LA 198 14.48 11.99 29.33
CA MET LA 198 15.06 10.74 28.84
C MET LA 198 14.27 10.15 27.72
N HIS LA 199 12.95 10.18 27.83
CA HIS LA 199 12.07 9.65 26.80
C HIS LA 199 12.21 10.40 25.52
N GLY LA 200 12.06 11.72 25.62
CA GLY LA 200 12.18 12.59 24.45
C GLY LA 200 13.44 12.15 23.74
N SER LA 201 14.58 12.35 24.41
CA SER LA 201 15.83 11.92 23.80
C SER LA 201 15.79 10.51 23.19
N LEU LA 202 15.29 9.48 23.87
CA LEU LA 202 15.36 8.15 23.25
C LEU LA 202 14.63 8.11 21.92
N ILE LA 203 13.40 8.58 21.89
CA ILE LA 203 12.68 8.54 20.60
C ILE LA 203 13.39 9.38 19.52
N LEU LA 204 13.70 10.65 19.76
CA LEU LA 204 14.39 11.37 18.70
C LEU LA 204 15.79 10.78 18.40
N SER LA 205 16.40 10.06 19.32
CA SER LA 205 17.73 9.54 19.02
C SER LA 205 17.59 8.30 18.12
N VAL LA 206 16.42 7.65 18.15
CA VAL LA 206 16.24 6.47 17.28
C VAL LA 206 15.51 6.73 15.93
N THR LA 207 14.46 7.55 15.93
CA THR LA 207 13.79 7.75 14.65
C THR LA 207 14.68 8.63 13.79
N ASN LA 208 15.70 9.25 14.34
CA ASN LA 208 16.57 10.06 13.50
C ASN LA 208 17.93 9.78 14.03
N PRO LA 209 18.62 8.78 13.44
CA PRO LA 209 19.95 8.39 13.89
C PRO LA 209 21.09 8.99 13.12
N GLN LA 210 22.31 8.50 13.32
CA GLN LA 210 23.45 9.07 12.60
C GLN LA 210 23.30 8.91 11.08
N LYS LA 211 23.91 9.84 10.34
CA LYS LA 211 23.76 9.77 8.92
C LYS LA 211 24.27 8.43 8.45
N GLY LA 212 23.59 7.86 7.48
CA GLY LA 212 24.04 6.58 6.95
C GLY LA 212 23.36 5.39 7.59
N GLU LA 213 22.52 5.67 8.58
CA GLU LA 213 21.86 4.61 9.30
C GLU LA 213 20.35 4.62 9.16
N PRO LA 214 19.75 3.44 9.36
CA PRO LA 214 18.31 3.36 9.21
C PRO LA 214 17.56 3.51 10.50
N VAL LA 215 16.24 3.78 10.48
CA VAL LA 215 15.47 3.93 11.72
C VAL LA 215 15.83 2.75 12.61
N LYS LA 216 16.12 3.06 13.86
CA LYS LA 216 16.50 2.04 14.82
C LYS LA 216 15.28 1.27 15.28
N THR LA 217 15.53 0.32 16.18
CA THR LA 217 14.51 -0.59 16.67
C THR LA 217 14.30 -0.62 18.18
N SER LA 218 13.27 -1.38 18.53
CA SER LA 218 12.88 -1.57 19.90
C SER LA 218 14.04 -2.21 20.61
N GLU LA 219 14.77 -3.04 19.90
CA GLU LA 219 15.94 -3.70 20.47
C GLU LA 219 16.99 -2.64 20.81
N HIS LA 220 17.13 -1.64 19.96
CA HIS LA 220 18.07 -0.56 20.24
C HIS LA 220 17.67 0.18 21.52
N GLU LA 221 16.40 0.64 21.53
CA GLU LA 221 15.74 1.35 22.64
C GLU LA 221 16.12 0.65 23.96
N ASN LA 222 15.69 -0.60 24.11
CA ASN LA 222 15.99 -1.37 25.32
C ASN LA 222 17.46 -1.59 25.56
N THR LA 223 18.22 -1.77 24.51
CA THR LA 223 19.67 -1.99 24.60
C THR LA 223 20.52 -0.79 25.09
N PHE LA 224 20.05 0.43 24.84
CA PHE LA 224 20.78 1.63 25.20
C PHE LA 224 20.69 2.01 26.70
N PHE LA 225 19.47 2.15 27.20
CA PHE LA 225 19.30 2.47 28.61
C PHE LA 225 19.85 1.32 29.45
N ARG LA 226 20.01 0.14 28.87
CA ARG LA 226 20.57 -1.01 29.58
C ARG LA 226 22.05 -0.94 29.51
N ASP LA 227 22.56 -0.39 28.42
CA ASP LA 227 24.00 -0.28 28.32
C ASP LA 227 24.38 0.68 29.46
N ILE LA 228 23.73 1.85 29.49
CA ILE LA 228 23.99 2.91 30.49
C ILE LA 228 23.67 2.71 32.00
N VAL LA 229 22.43 2.34 32.29
CA VAL LA 229 22.03 2.19 33.66
C VAL LA 229 21.49 0.80 34.07
N GLY LA 230 21.76 -0.21 33.26
CA GLY LA 230 21.37 -1.60 33.52
C GLY LA 230 19.90 -1.93 33.69
N TYR LA 231 19.04 -1.18 33.05
CA TYR LA 231 17.63 -1.43 33.14
C TYR LA 231 17.05 -0.50 32.17
N SER LA 232 15.94 -0.91 31.61
CA SER LA 232 15.24 -0.09 30.66
C SER LA 232 13.83 -0.52 30.99
N ILE LA 233 12.99 0.46 31.28
CA ILE LA 233 11.64 0.15 31.68
C ILE LA 233 10.82 -0.24 30.44
N GLY LA 234 11.32 0.08 29.26
CA GLY LA 234 10.61 -0.28 28.05
C GLY LA 234 9.57 0.75 27.60
N ALA LA 235 9.39 0.81 26.28
CA ALA LA 235 8.48 1.70 25.55
C ALA LA 235 7.12 1.97 26.20
N LEU LA 236 6.31 0.94 26.37
CA LEU LA 236 5.00 1.07 27.00
C LEU LA 236 5.12 1.81 28.34
N ALA LA 237 5.75 1.07 29.27
CA ALA LA 237 5.96 1.47 30.65
C ALA LA 237 6.51 2.86 30.84
N ILE LA 238 7.41 3.34 30.02
CA ILE LA 238 7.93 4.69 30.23
C ILE LA 238 6.77 5.68 30.07
N HIS LA 239 5.80 5.27 29.29
CA HIS LA 239 4.63 6.09 29.07
C HIS LA 239 3.76 5.95 30.23
N ARG LA 240 3.85 4.81 30.90
CA ARG LA 240 3.03 4.66 32.10
C ARG LA 240 3.61 5.52 33.22
N LEU LA 241 4.94 5.50 33.33
CA LEU LA 241 5.69 6.20 34.36
C LEU LA 241 5.55 7.67 34.28
N GLY LA 242 5.87 8.28 33.17
CA GLY LA 242 5.68 9.70 33.08
C GLY LA 242 4.25 10.04 33.54
N LEU LA 243 3.25 9.22 33.23
CA LEU LA 243 1.91 9.58 33.65
C LEU LA 243 1.80 9.48 35.15
N PHE LA 244 2.55 8.53 35.68
CA PHE LA 244 2.53 8.32 37.12
C PHE LA 244 3.18 9.47 37.80
N LEU LA 245 4.38 9.83 37.39
CA LEU LA 245 5.10 10.95 38.00
C LEU LA 245 4.32 12.25 37.90
N ALA LA 246 3.91 12.66 36.72
CA ALA LA 246 3.20 13.93 36.69
C ALA LA 246 1.91 13.93 37.50
N LEU LA 247 1.14 12.85 37.46
CA LEU LA 247 -0.06 12.94 38.27
C LEU LA 247 0.20 12.89 39.80
N SER LA 248 1.17 12.09 40.19
CA SER LA 248 1.53 11.97 41.58
C SER LA 248 2.08 13.28 42.07
N ALA LA 249 2.85 13.91 41.23
CA ALA LA 249 3.42 15.18 41.55
C ALA LA 249 2.25 16.14 41.87
N ALA LA 250 1.19 16.09 41.07
CA ALA LA 250 0.06 16.98 41.31
C ALA LA 250 -0.63 16.64 42.61
N PHE LA 251 -0.70 15.35 42.88
CA PHE LA 251 -1.35 14.85 44.08
C PHE LA 251 -0.67 15.32 45.36
N TRP LA 252 0.62 15.00 45.50
CA TRP LA 252 1.34 15.38 46.68
C TRP LA 252 1.40 16.87 46.74
N SER LA 253 1.21 17.60 45.68
CA SER LA 253 1.18 19.02 45.90
C SER LA 253 -0.17 19.34 46.56
N ALA LA 254 -1.23 18.70 46.10
CA ALA LA 254 -2.55 18.98 46.69
C ALA LA 254 -2.59 18.60 48.16
N VAL LA 255 -1.93 17.48 48.48
CA VAL LA 255 -1.93 17.01 49.85
C VAL LA 255 -0.94 17.82 50.67
N CYS LA 256 0.21 18.19 50.10
CA CYS LA 256 1.21 18.95 50.83
C CYS LA 256 0.54 20.24 51.28
N ILE LA 257 -0.29 20.84 50.44
CA ILE LA 257 -0.99 22.07 50.87
C ILE LA 257 -2.24 21.83 51.75
N LEU LA 258 -2.95 20.71 51.58
CA LEU LA 258 -4.15 20.49 52.40
C LEU LA 258 -3.77 20.45 53.88
N ILE LA 259 -2.64 19.83 54.16
CA ILE LA 259 -2.18 19.71 55.53
C ILE LA 259 -1.50 20.94 56.15
N SER LA 260 -1.14 21.96 55.40
CA SER LA 260 -0.45 23.08 56.03
C SER LA 260 -1.46 24.13 56.58
N GLY LA 261 -1.89 23.92 57.83
CA GLY LA 261 -2.86 24.75 58.54
C GLY LA 261 -3.79 23.65 59.02
N PRO LA 262 -5.03 23.60 58.53
CA PRO LA 262 -6.07 22.61 58.88
C PRO LA 262 -5.60 21.35 59.64
N PHE LA 263 -4.52 20.74 59.20
CA PHE LA 263 -3.99 19.53 59.82
C PHE LA 263 -2.60 19.77 60.43
N TRP LA 264 -2.06 20.98 60.27
CA TRP LA 264 -0.76 21.28 60.89
C TRP LA 264 -0.62 22.74 61.14
N THR LA 265 -0.38 23.17 62.37
CA THR LA 265 -0.28 24.59 62.74
C THR LA 265 1.11 25.02 63.18
N ARG LA 266 1.88 24.03 63.62
CA ARG LA 266 3.25 24.21 64.07
C ARG LA 266 4.17 24.44 62.89
N GLY LA 267 5.46 24.65 63.12
CA GLY LA 267 6.42 24.83 62.02
C GLY LA 267 6.61 23.54 61.21
N TRP LA 268 7.15 23.56 60.01
CA TRP LA 268 7.28 22.24 59.43
C TRP LA 268 8.52 21.44 59.86
N PRO LA 269 9.67 22.06 60.11
CA PRO LA 269 10.81 21.20 60.47
C PRO LA 269 10.57 20.41 61.69
N GLU LA 270 9.77 21.04 62.52
CA GLU LA 270 9.34 20.53 63.80
C GLU LA 270 8.62 19.22 63.53
N TRP LA 271 7.94 19.13 62.39
CA TRP LA 271 7.23 17.92 62.08
C TRP LA 271 8.22 16.77 62.21
N TRP LA 272 9.44 16.98 61.74
CA TRP LA 272 10.41 15.90 61.80
C TRP LA 272 10.77 15.48 63.23
N ASN LA 273 10.18 16.12 64.23
CA ASN LA 273 10.53 15.72 65.59
C ASN LA 273 10.21 14.25 65.92
N TRP LA 274 9.05 13.73 65.52
CA TRP LA 274 8.70 12.35 65.85
C TRP LA 274 9.89 11.42 65.51
N TRP LA 275 10.76 11.85 64.60
CA TRP LA 275 11.94 11.06 64.24
C TRP LA 275 13.19 11.31 65.09
N LEU LA 276 13.33 12.50 65.67
CA LEU LA 276 14.51 12.74 66.50
C LEU LA 276 14.18 12.30 67.92
N GLU LA 277 12.92 11.94 68.09
CA GLU LA 277 12.36 11.52 69.35
C GLU LA 277 11.98 10.06 69.40
N LEU LA 278 12.28 9.30 68.37
CA LEU LA 278 11.94 7.91 68.47
C LEU LA 278 12.63 7.28 69.68
N PRO LA 279 12.05 6.23 70.29
CA PRO LA 279 12.74 5.63 71.42
C PRO LA 279 13.88 4.67 70.99
N LEU LA 280 14.76 5.12 70.10
CA LEU LA 280 15.91 4.33 69.64
C LEU LA 280 17.18 5.15 69.83
N TRP LA 281 16.97 6.46 69.89
CA TRP LA 281 18.01 7.48 70.11
C TRP LA 281 17.38 8.57 70.98
N PRO MA 2 -15.64 0.10 31.50
CA PRO MA 2 -14.53 -0.78 31.90
C PRO MA 2 -13.57 -1.05 30.77
N GLU MA 3 -12.31 -1.31 31.08
CA GLU MA 3 -11.23 -1.61 30.13
C GLU MA 3 -9.91 -1.58 30.81
N TYR MA 4 -9.07 -2.55 30.48
CA TYR MA 4 -7.71 -2.63 30.99
C TYR MA 4 -7.19 -1.23 30.65
N GLN MA 5 -6.39 -0.66 31.52
CA GLN MA 5 -5.87 0.70 31.35
C GLN MA 5 -4.44 0.77 30.94
N ASN MA 6 -3.82 -0.40 30.94
CA ASN MA 6 -2.42 -0.63 30.60
C ASN MA 6 -1.51 0.04 31.61
N ILE MA 7 -1.92 -0.13 32.87
CA ILE MA 7 -1.24 0.37 34.03
C ILE MA 7 -0.45 -0.77 34.61
N PHE MA 8 -1.06 -1.91 34.80
CA PHE MA 8 -0.35 -3.02 35.36
C PHE MA 8 -0.45 -4.18 34.43
N THR MA 9 0.69 -4.63 33.91
CA THR MA 9 0.72 -5.81 33.02
C THR MA 9 -0.02 -6.91 33.71
N ALA MA 10 -1.12 -7.39 33.15
CA ALA MA 10 -1.83 -8.42 33.92
C ALA MA 10 -1.35 -9.87 33.80
N VAL MA 11 -0.65 -10.22 32.73
CA VAL MA 11 -0.16 -11.57 32.55
C VAL MA 11 1.16 -11.37 31.85
N GLN MA 12 2.26 -11.79 32.48
CA GLN MA 12 3.55 -11.58 31.83
C GLN MA 12 4.05 -12.82 31.14
N VAL MA 13 5.16 -12.66 30.40
CA VAL MA 13 5.81 -13.75 29.68
C VAL MA 13 7.31 -13.47 29.66
N ARG MA 14 8.05 -14.56 29.62
CA ARG MA 14 9.50 -14.56 29.64
C ARG MA 14 10.04 -15.19 28.36
N ALA MA 15 11.28 -14.86 28.03
CA ALA MA 15 11.96 -15.43 26.87
C ALA MA 15 13.38 -15.31 27.37
N PRO MA 16 14.34 -16.06 26.77
CA PRO MA 16 15.71 -15.94 27.28
C PRO MA 16 16.13 -14.50 27.28
N ALA MA 17 16.81 -14.05 28.34
CA ALA MA 17 17.18 -12.65 28.31
C ALA MA 17 17.82 -12.34 26.97
N TYR MA 18 17.75 -11.09 26.62
CA TYR MA 18 18.27 -10.62 25.39
C TYR MA 18 19.48 -9.83 25.75
N PRO MA 19 20.64 -10.31 25.36
CA PRO MA 19 21.91 -9.64 25.66
C PRO MA 19 22.04 -8.34 24.86
N GLY MA 20 21.10 -8.09 23.94
CA GLY MA 20 21.18 -6.85 23.21
C GLY MA 20 21.86 -6.84 21.89
N VAL MA 21 21.73 -5.71 21.20
CA VAL MA 21 22.34 -5.61 19.91
C VAL MA 21 23.84 -5.68 20.06
N PRO MA 22 24.51 -6.27 19.08
CA PRO MA 22 25.97 -6.38 19.10
C PRO MA 22 26.63 -5.07 18.73
N LEU MA 23 27.64 -4.72 19.52
CA LEU MA 23 28.43 -3.50 19.35
C LEU MA 23 29.61 -3.76 18.45
N PRO MA 24 30.07 -2.72 17.76
CA PRO MA 24 31.21 -2.96 16.88
C PRO MA 24 32.48 -3.14 17.71
N LYS MA 25 33.62 -3.40 17.10
CA LYS MA 25 34.82 -3.63 17.90
C LYS MA 25 35.20 -2.34 18.57
N GLY MA 26 35.95 -2.49 19.67
CA GLY MA 26 36.45 -1.41 20.49
C GLY MA 26 35.55 -1.34 21.71
N ASN MA 27 34.24 -1.46 21.53
CA ASN MA 27 33.34 -1.43 22.67
C ASN MA 27 33.39 -2.81 23.31
N LEU MA 28 34.10 -2.89 24.45
CA LEU MA 28 34.32 -4.10 25.22
C LEU MA 28 33.07 -4.91 25.46
N PRO MA 29 33.23 -6.20 25.85
CA PRO MA 29 32.04 -7.03 26.15
C PRO MA 29 31.04 -6.35 27.12
N ARG MA 30 29.98 -7.08 27.41
CA ARG MA 30 28.97 -6.55 28.30
C ARG MA 30 29.19 -7.50 29.42
N ILE MA 31 28.90 -7.05 30.63
CA ILE MA 31 29.17 -7.91 31.76
C ILE MA 31 27.90 -8.20 32.52
N GLY MA 32 27.99 -9.08 33.53
CA GLY MA 32 26.79 -9.40 34.28
C GLY MA 32 25.86 -10.22 33.39
N ARG MA 33 25.06 -11.07 34.03
CA ARG MA 33 24.09 -11.90 33.32
C ARG MA 33 22.78 -11.72 34.07
N PRO MA 34 21.72 -11.35 33.33
CA PRO MA 34 20.32 -11.00 33.66
C PRO MA 34 19.59 -11.77 34.72
N ILE MA 35 18.52 -11.11 35.17
CA ILE MA 35 17.65 -11.60 36.22
C ILE MA 35 16.32 -10.94 35.93
N PHE MA 36 15.25 -11.51 36.50
CA PHE MA 36 13.87 -11.01 36.31
C PHE MA 36 13.10 -10.72 37.60
N SER MA 37 12.43 -9.57 37.67
CA SER MA 37 11.65 -9.23 38.87
C SER MA 37 10.14 -9.29 38.58
N TYR MA 38 9.47 -10.37 38.96
CA TYR MA 38 8.03 -10.48 38.72
C TYR MA 38 7.30 -9.15 38.96
N TRP MA 39 7.83 -8.32 39.85
CA TRP MA 39 7.15 -7.08 40.16
C TRP MA 39 7.45 -5.91 39.25
N LEU MA 40 8.70 -5.71 38.85
CA LEU MA 40 8.94 -4.61 37.96
C LEU MA 40 8.06 -4.90 36.81
N GLY MA 41 8.07 -6.18 36.44
CA GLY MA 41 7.28 -6.70 35.34
C GLY MA 41 5.80 -6.39 35.42
N LYS MA 42 5.31 -6.20 36.64
CA LYS MA 42 3.92 -5.90 36.80
C LYS MA 42 3.70 -4.54 36.13
N ILE MA 43 4.75 -3.73 36.15
CA ILE MA 43 4.70 -2.41 35.55
C ILE MA 43 5.73 -2.13 34.40
N GLY MA 44 6.70 -3.03 34.17
CA GLY MA 44 7.71 -2.83 33.13
C GLY MA 44 8.57 -4.04 32.74
N ASP MA 45 9.55 -3.87 31.82
CA ASP MA 45 10.41 -5.01 31.45
C ASP MA 45 10.94 -5.64 32.74
N ALA MA 46 10.67 -6.92 32.94
CA ALA MA 46 11.10 -7.55 34.16
C ALA MA 46 12.58 -7.87 34.14
N GLN MA 47 13.18 -7.73 32.99
CA GLN MA 47 14.60 -8.00 32.81
C GLN MA 47 15.50 -6.96 33.50
N ILE MA 48 16.44 -7.42 34.29
CA ILE MA 48 17.38 -6.49 34.90
C ILE MA 48 18.76 -6.78 34.29
N GLY MA 49 19.25 -5.77 33.54
CA GLY MA 49 20.50 -5.79 32.77
C GLY MA 49 20.65 -6.68 31.54
N PRO MA 50 21.88 -7.11 31.26
CA PRO MA 50 23.26 -6.65 31.47
C PRO MA 50 23.58 -5.18 31.18
N ILE MA 51 24.73 -4.80 31.76
CA ILE MA 51 25.38 -3.48 31.68
C ILE MA 51 26.78 -3.47 31.04
N TYR MA 52 27.12 -2.32 30.45
CA TYR MA 52 28.44 -2.09 29.82
C TYR MA 52 29.36 -1.21 30.68
N LEU MA 53 30.62 -1.62 30.73
CA LEU MA 53 31.66 -0.94 31.51
C LEU MA 53 33.02 -0.84 30.85
N GLY MA 54 33.32 0.32 30.31
CA GLY MA 54 34.61 0.55 29.68
C GLY MA 54 35.53 1.27 30.61
N LEU MA 55 36.51 1.99 30.06
CA LEU MA 55 37.43 2.77 30.88
C LEU MA 55 36.58 3.85 31.50
N THR MA 56 35.93 4.63 30.62
CA THR MA 56 35.03 5.73 30.98
C THR MA 56 34.15 5.30 32.15
N GLY MA 57 33.26 4.35 31.86
CA GLY MA 57 32.33 3.83 32.83
C GLY MA 57 33.02 3.44 34.12
N THR MA 58 34.21 2.86 34.07
CA THR MA 58 34.86 2.46 35.31
C THR MA 58 35.38 3.70 36.08
N LEU MA 59 35.98 4.67 35.37
CA LEU MA 59 36.46 5.90 36.02
C LEU MA 59 35.32 6.76 36.59
N SER MA 60 34.09 6.45 36.14
CA SER MA 60 32.95 7.21 36.59
C SER MA 60 32.40 6.52 37.79
N ILE MA 61 32.39 5.19 37.76
CA ILE MA 61 31.90 4.48 38.92
C ILE MA 61 32.88 4.79 40.07
N PHE MA 62 34.17 4.72 39.76
CA PHE MA 62 35.23 5.01 40.72
C PHE MA 62 35.05 6.42 41.34
N PHE MA 63 35.31 7.51 40.59
CA PHE MA 63 35.10 8.87 41.17
C PHE MA 63 33.77 9.08 41.92
N GLY MA 64 32.68 8.59 41.34
CA GLY MA 64 31.41 8.76 41.99
C GLY MA 64 31.40 8.09 43.35
N LEU MA 65 32.02 6.92 43.44
CA LEU MA 65 32.05 6.26 44.74
C LEU MA 65 33.06 6.90 45.71
N VAL MA 66 34.16 7.45 45.20
CA VAL MA 66 35.13 8.12 46.08
C VAL MA 66 34.41 9.29 46.74
N ALA MA 67 33.84 10.17 45.92
CA ALA MA 67 33.12 11.32 46.43
C ALA MA 67 31.96 10.97 47.36
N ILE MA 68 31.17 9.95 47.00
CA ILE MA 68 30.04 9.57 47.86
C ILE MA 68 30.53 9.04 49.18
N SER MA 69 31.68 8.39 49.12
CA SER MA 69 32.26 7.86 50.32
C SER MA 69 32.80 9.00 51.18
N ILE MA 70 33.53 9.95 50.58
CA ILE MA 70 34.05 11.08 51.34
C ILE MA 70 32.95 11.90 52.05
N ILE MA 71 31.84 12.12 51.33
CA ILE MA 71 30.71 12.86 51.88
C ILE MA 71 30.15 12.11 53.09
N GLY MA 72 29.94 10.80 52.91
CA GLY MA 72 29.37 10.00 53.98
C GLY MA 72 30.24 9.94 55.21
N PHE MA 73 31.51 9.57 55.03
CA PHE MA 73 32.45 9.47 56.15
C PHE MA 73 32.49 10.77 56.94
N ASN MA 74 32.52 11.89 56.21
CA ASN MA 74 32.51 13.21 56.83
C ASN MA 74 31.27 13.40 57.74
N MET MA 75 30.13 12.96 57.20
CA MET MA 75 28.87 13.05 57.93
C MET MA 75 28.94 12.16 59.19
N LEU MA 76 29.66 11.05 59.11
CA LEU MA 76 29.76 10.19 60.27
C LEU MA 76 30.66 10.87 61.31
N ALA MA 77 31.69 11.59 60.87
CA ALA MA 77 32.65 12.25 61.77
C ALA MA 77 31.94 13.36 62.54
N SER MA 78 31.01 14.05 61.87
CA SER MA 78 30.35 15.14 62.56
C SER MA 78 29.46 14.63 63.69
N VAL MA 79 29.07 13.36 63.70
CA VAL MA 79 28.25 12.87 64.80
C VAL MA 79 29.05 11.92 65.68
N HIS MA 80 30.38 11.96 65.51
CA HIS MA 80 31.32 11.17 66.33
C HIS MA 80 31.53 9.67 66.15
N TRP MA 81 31.15 9.12 65.01
CA TRP MA 81 31.29 7.69 64.69
C TRP MA 81 30.21 6.90 65.40
N ASP MA 82 29.15 7.58 65.84
CA ASP MA 82 28.08 6.85 66.48
C ASP MA 82 27.14 6.61 65.30
N VAL MA 83 27.13 5.39 64.77
CA VAL MA 83 26.29 5.13 63.60
C VAL MA 83 24.78 5.24 63.85
N PHE MA 84 24.45 5.29 65.12
CA PHE MA 84 23.08 5.42 65.57
C PHE MA 84 22.66 6.86 65.52
N GLN MA 85 23.53 7.70 66.07
CA GLN MA 85 23.29 9.13 66.10
C GLN MA 85 23.30 9.52 64.65
N PHE MA 86 24.18 8.87 63.89
CA PHE MA 86 24.28 9.11 62.46
C PHE MA 86 22.92 8.80 61.84
N LEU MA 87 22.29 7.69 62.25
CA LEU MA 87 20.98 7.33 61.71
C LEU MA 87 19.91 8.34 62.13
N LYS MA 88 19.96 8.78 63.39
CA LYS MA 88 18.99 9.74 63.92
C LYS MA 88 18.99 11.12 63.25
N HIS MA 89 20.19 11.64 62.98
CA HIS MA 89 20.31 12.97 62.41
C HIS MA 89 20.71 13.01 60.95
N PHE MA 90 20.84 11.83 60.33
CA PHE MA 90 21.24 11.69 58.92
C PHE MA 90 20.65 12.78 58.01
N PHE MA 91 19.37 13.05 58.19
CA PHE MA 91 18.68 14.03 57.39
C PHE MA 91 19.26 15.44 57.59
N TRP MA 92 19.70 15.73 58.83
CA TRP MA 92 20.28 17.03 59.19
C TRP MA 92 21.77 17.07 58.98
N LEU MA 93 22.35 15.93 58.64
CA LEU MA 93 23.80 15.81 58.43
C LEU MA 93 24.17 16.39 57.05
N GLY MA 94 25.45 16.68 56.83
CA GLY MA 94 25.96 17.26 55.60
C GLY MA 94 27.44 17.53 55.63
N LEU MA 95 28.02 17.85 54.49
CA LEU MA 95 29.44 18.19 54.36
C LEU MA 95 29.39 19.63 53.89
N GLU MA 96 29.60 20.59 54.77
CA GLU MA 96 29.50 22.00 54.34
C GLU MA 96 30.63 22.45 53.42
N PRO MA 97 30.41 23.52 52.65
CA PRO MA 97 31.52 23.95 51.78
C PRO MA 97 32.53 24.80 52.55
N PRO MA 98 33.77 24.98 52.02
CA PRO MA 98 34.83 25.79 52.63
C PRO MA 98 34.33 27.14 53.15
N PRO MA 99 34.89 27.69 54.24
CA PRO MA 99 34.40 29.01 54.72
C PRO MA 99 34.96 30.12 53.82
N PRO MA 100 34.36 31.33 53.82
CA PRO MA 100 34.82 32.43 52.97
C PRO MA 100 36.29 32.75 53.17
N GLN MA 101 36.77 32.56 54.39
CA GLN MA 101 38.16 32.83 54.72
C GLN MA 101 39.12 32.24 53.67
N TYR MA 102 38.73 31.14 53.08
CA TYR MA 102 39.58 30.47 52.09
C TYR MA 102 39.46 31.00 50.65
N GLY MA 103 38.41 31.75 50.36
CA GLY MA 103 38.19 32.24 49.02
C GLY MA 103 38.08 31.03 48.13
N LEU MA 104 39.00 30.92 47.15
CA LEU MA 104 38.98 29.76 46.27
C LEU MA 104 40.23 28.90 46.45
N ARG MA 105 41.01 29.22 47.50
CA ARG MA 105 42.19 28.45 47.87
C ARG MA 105 41.67 27.05 48.24
N ILE MA 106 42.55 26.07 48.19
CA ILE MA 106 42.20 24.69 48.49
C ILE MA 106 42.40 24.58 49.97
N PRO MA 107 41.30 24.36 50.68
CA PRO MA 107 41.42 24.31 52.14
C PRO MA 107 41.80 22.98 52.77
N PRO MA 108 42.23 23.05 54.04
CA PRO MA 108 42.62 21.84 54.75
C PRO MA 108 41.53 20.83 54.87
N LEU MA 109 41.93 19.58 54.97
CA LEU MA 109 41.01 18.49 55.12
C LEU MA 109 39.92 18.88 56.15
N SER MA 110 40.34 19.26 57.36
CA SER MA 110 39.35 19.60 58.39
C SER MA 110 38.48 20.83 58.19
N GLU MA 111 38.79 21.66 57.20
CA GLU MA 111 37.99 22.85 56.88
C GLU MA 111 37.38 22.95 55.46
N GLY MA 112 36.86 21.87 54.90
CA GLY MA 112 36.31 22.05 53.58
C GLY MA 112 37.08 21.33 52.51
N GLY MA 113 38.36 21.06 52.75
CA GLY MA 113 39.13 20.37 51.73
C GLY MA 113 38.47 19.07 51.34
N TRP MA 114 37.75 18.45 52.27
CA TRP MA 114 37.03 17.23 51.94
C TRP MA 114 35.90 17.60 51.00
N TRP MA 115 35.24 18.73 51.26
CA TRP MA 115 34.18 19.17 50.37
C TRP MA 115 34.65 19.45 48.96
N LEU MA 116 35.73 20.22 48.80
CA LEU MA 116 36.26 20.52 47.47
C LEU MA 116 36.68 19.24 46.77
N MET MA 117 37.09 18.24 47.54
CA MET MA 117 37.52 16.99 46.90
C MET MA 117 36.31 16.15 46.51
N ALA MA 118 35.26 16.20 47.32
CA ALA MA 118 34.07 15.44 46.99
C ALA MA 118 33.37 16.13 45.83
N GLY MA 119 33.51 17.45 45.74
CA GLY MA 119 32.90 18.23 44.67
C GLY MA 119 33.64 17.98 43.37
N LEU MA 120 34.96 18.02 43.46
CA LEU MA 120 35.86 17.80 42.32
C LEU MA 120 35.59 16.46 41.68
N PHE MA 121 35.63 15.47 42.55
CA PHE MA 121 35.45 14.07 42.16
C PHE MA 121 34.02 13.79 41.68
N LEU MA 122 33.03 14.44 42.31
CA LEU MA 122 31.68 14.21 41.86
C LEU MA 122 31.62 14.70 40.46
N THR MA 123 31.93 15.98 40.28
CA THR MA 123 31.88 16.58 38.95
C THR MA 123 32.61 15.76 37.86
N LEU MA 124 33.85 15.34 38.11
CA LEU MA 124 34.59 14.53 37.12
C LEU MA 124 33.79 13.26 36.74
N SER MA 125 33.20 12.60 37.75
CA SER MA 125 32.44 11.38 37.47
C SER MA 125 31.18 11.66 36.74
N ILE MA 126 30.60 12.83 36.97
CA ILE MA 126 29.36 13.16 36.27
C ILE MA 126 29.74 13.39 34.81
N LEU MA 127 30.67 14.30 34.56
CA LEU MA 127 31.12 14.55 33.19
C LEU MA 127 31.65 13.27 32.50
N LEU MA 128 31.93 12.24 33.29
CA LEU MA 128 32.42 10.98 32.72
C LEU MA 128 31.26 10.09 32.39
N TRP MA 129 30.22 10.18 33.20
CA TRP MA 129 29.04 9.40 32.96
C TRP MA 129 28.46 9.97 31.68
N TRP MA 130 28.69 11.28 31.49
CA TRP MA 130 28.27 12.02 30.32
C TRP MA 130 28.89 11.39 29.10
N VAL MA 131 30.23 11.47 29.08
CA VAL MA 131 30.95 10.85 27.98
C VAL MA 131 30.40 9.46 27.77
N ARG MA 132 30.24 8.72 28.87
CA ARG MA 132 29.70 7.37 28.83
C ARG MA 132 28.39 7.33 28.03
N THR MA 133 27.35 8.08 28.41
CA THR MA 133 26.10 8.01 27.66
C THR MA 133 26.28 8.43 26.24
N TYR MA 134 27.42 9.03 25.91
CA TYR MA 134 27.59 9.45 24.52
C TYR MA 134 28.15 8.23 23.80
N LYS MA 135 29.05 7.50 24.47
CA LYS MA 135 29.62 6.30 23.91
C LYS MA 135 28.46 5.38 23.74
N ARG MA 136 27.82 5.01 24.83
CA ARG MA 136 26.70 4.11 24.78
C ARG MA 136 25.70 4.51 23.69
N ALA MA 137 25.72 5.79 23.27
CA ALA MA 137 24.78 6.27 22.25
C ALA MA 137 25.32 6.22 20.84
N GLU MA 138 26.64 6.09 20.70
CA GLU MA 138 27.23 6.03 19.37
C GLU MA 138 27.36 4.60 18.88
N ALA MA 139 27.72 3.70 19.81
CA ALA MA 139 27.89 2.27 19.53
C ALA MA 139 26.62 1.72 18.93
N LEU MA 140 25.52 2.45 19.11
CA LEU MA 140 24.27 1.98 18.56
C LEU MA 140 23.78 2.76 17.33
N GLY MA 141 24.64 3.60 16.77
CA GLY MA 141 24.31 4.38 15.58
C GLY MA 141 23.35 5.53 15.75
N MET MA 142 22.73 5.55 16.94
CA MET MA 142 21.76 6.54 17.40
C MET MA 142 22.29 7.94 17.49
N SER MA 143 21.47 8.86 17.98
CA SER MA 143 21.96 10.23 18.11
C SER MA 143 22.21 10.59 19.59
N GLN MA 144 22.86 11.74 19.74
CA GLN MA 144 23.27 12.31 21.01
C GLN MA 144 22.26 13.27 21.69
N HIS MA 145 20.97 12.93 21.59
CA HIS MA 145 19.88 13.72 22.17
C HIS MA 145 19.86 13.69 23.72
N LEU MA 146 20.30 12.53 24.21
CA LEU MA 146 20.33 12.31 25.64
C LEU MA 146 21.46 13.20 26.01
N SER MA 147 22.65 12.92 25.48
CA SER MA 147 23.82 13.72 25.80
C SER MA 147 23.62 15.25 25.68
N TRP MA 148 22.67 15.72 24.89
CA TRP MA 148 22.51 17.17 24.85
C TRP MA 148 21.63 17.57 26.01
N ALA MA 149 20.82 16.62 26.48
CA ALA MA 149 19.99 16.99 27.62
C ALA MA 149 20.80 16.87 28.91
N PHE MA 150 21.52 15.76 29.05
CA PHE MA 150 22.37 15.57 30.21
C PHE MA 150 23.26 16.80 30.19
N ALA MA 151 23.80 17.15 29.03
CA ALA MA 151 24.65 18.35 28.99
C ALA MA 151 23.90 19.59 29.52
N ALA MA 152 22.57 19.60 29.43
CA ALA MA 152 21.87 20.78 29.93
C ALA MA 152 21.82 20.75 31.48
N ALA MA 153 21.60 19.56 32.00
CA ALA MA 153 21.53 19.43 33.45
C ALA MA 153 22.91 19.63 34.09
N ILE MA 154 23.95 19.18 33.40
CA ILE MA 154 25.29 19.39 33.92
C ILE MA 154 25.46 20.91 33.92
N PHE MA 155 25.12 21.61 32.83
CA PHE MA 155 25.24 23.08 32.87
C PHE MA 155 24.64 23.75 34.11
N PHE MA 156 23.46 23.28 34.51
CA PHE MA 156 22.82 23.86 35.71
C PHE MA 156 23.60 23.50 36.98
N TYR MA 157 23.97 22.23 37.13
CA TYR MA 157 24.75 21.76 38.27
C TYR MA 157 26.01 22.59 38.40
N LEU MA 158 26.81 22.61 37.34
CA LEU MA 158 28.05 23.37 37.34
C LEU MA 158 27.77 24.81 37.69
N VAL MA 159 26.66 25.38 37.23
CA VAL MA 159 26.43 26.78 37.58
C VAL MA 159 26.15 26.89 39.08
N LEU MA 160 25.42 25.92 39.65
CA LEU MA 160 25.12 25.98 41.09
C LEU MA 160 26.35 25.87 41.99
N GLY MA 161 27.03 24.74 41.88
CA GLY MA 161 28.19 24.48 42.73
C GLY MA 161 29.60 24.82 42.31
N PHE MA 162 29.80 25.19 41.05
CA PHE MA 162 31.15 25.48 40.56
C PHE MA 162 31.36 26.80 39.82
N ILE MA 163 30.52 27.09 38.84
CA ILE MA 163 30.67 28.31 38.07
C ILE MA 163 30.34 29.52 38.92
N ARG MA 164 29.16 29.56 39.55
CA ARG MA 164 28.83 30.72 40.39
C ARG MA 164 29.82 30.87 41.58
N PRO MA 165 30.16 29.76 42.27
CA PRO MA 165 31.12 29.92 43.37
C PRO MA 165 32.43 30.53 42.90
N VAL MA 166 33.02 29.92 41.89
CA VAL MA 166 34.27 30.44 41.37
C VAL MA 166 34.12 31.91 40.93
N MET MA 167 33.09 32.24 40.14
CA MET MA 167 32.90 33.63 39.70
C MET MA 167 32.76 34.58 40.90
N MET MA 168 32.05 34.14 41.93
CA MET MA 168 31.83 34.95 43.12
C MET MA 168 33.05 34.92 44.06
N GLY MA 169 34.06 34.14 43.70
CA GLY MA 169 35.29 34.03 44.47
C GLY MA 169 35.17 33.54 45.91
N SER MA 170 34.36 32.51 46.12
CA SER MA 170 34.13 32.01 47.46
C SER MA 170 33.49 30.63 47.51
N TRP MA 171 34.24 29.56 47.76
CA TRP MA 171 33.59 28.25 47.84
C TRP MA 171 32.42 28.18 48.81
N ALA MA 172 32.35 29.09 49.78
CA ALA MA 172 31.25 29.08 50.74
C ALA MA 172 29.92 29.38 50.03
N LYS MA 173 29.98 29.77 48.76
CA LYS MA 173 28.79 30.07 47.96
C LYS MA 173 28.28 28.82 47.25
N ALA MA 174 29.06 27.76 47.36
CA ALA MA 174 28.67 26.52 46.74
C ALA MA 174 27.56 25.83 47.55
N VAL MA 175 26.97 24.81 46.95
CA VAL MA 175 25.89 24.07 47.60
C VAL MA 175 26.54 22.98 48.44
N PRO MA 176 26.03 22.78 49.64
CA PRO MA 176 26.48 21.81 50.62
C PRO MA 176 25.93 20.42 50.40
N PHE MA 177 26.70 19.38 50.69
CA PHE MA 177 26.16 18.06 50.47
C PHE MA 177 25.35 17.55 51.62
N GLY MA 178 24.03 17.70 51.54
CA GLY MA 178 23.15 17.24 52.59
C GLY MA 178 21.74 17.41 52.13
N ILE MA 179 20.81 16.64 52.69
CA ILE MA 179 19.43 16.73 52.27
C ILE MA 179 18.86 18.07 52.76
N PHE MA 180 18.69 18.11 54.07
CA PHE MA 180 18.20 19.30 54.74
C PHE MA 180 19.17 20.45 54.68
N PRO MA 181 20.48 20.18 54.81
CA PRO MA 181 21.34 21.36 54.72
C PRO MA 181 21.17 22.13 53.42
N HIS MA 182 21.12 21.41 52.30
CA HIS MA 182 20.95 21.92 50.96
C HIS MA 182 19.53 22.46 50.70
N LEU MA 183 18.62 22.17 51.62
CA LEU MA 183 17.27 22.70 51.49
C LEU MA 183 17.46 24.09 52.08
N ASP MA 184 18.19 24.12 53.17
CA ASP MA 184 18.51 25.37 53.80
C ASP MA 184 19.32 26.25 52.83
N TRP MA 185 20.23 25.64 52.05
CA TRP MA 185 21.06 26.40 51.09
C TRP MA 185 20.18 27.05 50.04
N THR MA 186 19.14 26.32 49.63
CA THR MA 186 18.21 26.82 48.64
C THR MA 186 17.44 28.06 49.16
N ALA MA 187 16.97 27.91 50.39
CA ALA MA 187 16.21 28.96 51.03
C ALA MA 187 17.05 30.17 51.37
N ALA MA 188 18.21 29.93 51.96
CA ALA MA 188 19.11 30.99 52.33
C ALA MA 188 19.42 31.72 51.09
N PHE MA 189 19.59 30.96 50.01
CA PHE MA 189 19.90 31.50 48.68
C PHE MA 189 18.84 32.47 48.20
N SER MA 190 17.56 32.12 48.37
CA SER MA 190 16.53 33.05 47.91
C SER MA 190 16.50 34.32 48.73
N ILE MA 191 16.64 34.12 50.05
CA ILE MA 191 16.61 35.19 51.03
C ILE MA 191 17.71 36.20 50.85
N ARG MA 192 18.91 35.67 50.75
CA ARG MA 192 20.10 36.46 50.56
C ARG MA 192 20.00 37.40 49.36
N TYR MA 193 19.37 36.93 48.29
CA TYR MA 193 19.31 37.76 47.10
C TYR MA 193 17.94 38.42 46.88
N GLY MA 194 17.28 38.73 47.98
CA GLY MA 194 16.01 39.43 47.90
C GLY MA 194 14.79 38.80 47.28
N ASN MA 195 14.54 37.51 47.55
CA ASN MA 195 13.37 36.74 47.06
C ASN MA 195 13.52 36.35 45.62
N LEU MA 196 13.83 35.09 45.37
CA LEU MA 196 14.06 34.58 44.00
C LEU MA 196 12.82 34.50 43.15
N TYR MA 197 11.67 34.76 43.75
CA TYR MA 197 10.41 34.73 43.01
C TYR MA 197 10.43 35.77 41.93
N TYR MA 198 11.19 36.86 42.11
CA TYR MA 198 11.25 37.93 41.11
C TYR MA 198 12.36 37.82 40.04
N ASN MA 199 12.95 36.63 39.92
CA ASN MA 199 13.96 36.32 38.90
C ASN MA 199 13.25 35.75 37.69
N PRO MA 200 13.34 36.47 36.57
CA PRO MA 200 12.72 36.05 35.33
C PRO MA 200 13.15 34.65 34.93
N PHE MA 201 14.40 34.27 35.16
CA PHE MA 201 14.77 32.93 34.76
C PHE MA 201 14.28 31.93 35.77
N HIS MA 202 13.90 32.41 36.96
CA HIS MA 202 13.32 31.51 37.96
C HIS MA 202 11.87 31.27 37.62
N MET MA 203 11.27 32.34 37.15
CA MET MA 203 9.91 32.26 36.77
C MET MA 203 9.82 31.30 35.60
N LEU MA 204 10.74 31.47 34.65
CA LEU MA 204 10.74 30.63 33.46
C LEU MA 204 11.03 29.18 33.75
N SER MA 205 11.98 28.92 34.64
CA SER MA 205 12.31 27.54 34.93
C SER MA 205 11.11 26.92 35.64
N ILE MA 206 10.35 27.75 36.34
CA ILE MA 206 9.18 27.20 36.98
C ILE MA 206 8.14 26.90 35.92
N ALA MA 207 8.07 27.76 34.91
CA ALA MA 207 6.98 27.61 33.99
C ALA MA 207 7.16 26.42 33.10
N PHE MA 208 8.43 26.07 32.93
CA PHE MA 208 8.88 24.93 32.12
C PHE MA 208 8.83 23.68 32.94
N LEU MA 209 9.12 23.75 34.25
CA LEU MA 209 9.04 22.55 35.08
C LEU MA 209 7.58 22.17 35.19
N TYR MA 210 6.73 23.17 35.36
CA TYR MA 210 5.32 22.88 35.47
C TYR MA 210 4.90 22.34 34.12
N GLY MA 211 5.58 22.83 33.10
CA GLY MA 211 5.32 22.38 31.76
C GLY MA 211 5.80 20.98 31.45
N SER MA 212 6.76 20.45 32.20
CA SER MA 212 7.28 19.11 31.96
C SER MA 212 6.37 18.18 32.67
N ALA MA 213 5.86 18.65 33.79
CA ALA MA 213 4.94 17.85 34.55
C ALA MA 213 3.75 17.74 33.63
N LEU MA 214 3.35 18.88 33.08
CA LEU MA 214 2.22 18.91 32.15
C LEU MA 214 2.30 18.12 30.87
N LEU MA 215 3.32 18.38 30.08
CA LEU MA 215 3.37 17.68 28.86
C LEU MA 215 3.50 16.21 29.03
N PHE MA 216 4.32 15.76 29.99
CA PHE MA 216 4.48 14.32 30.17
C PHE MA 216 3.17 13.77 30.60
N ALA MA 217 2.43 14.53 31.38
CA ALA MA 217 1.14 14.03 31.81
C ALA MA 217 0.29 13.83 30.60
N MET MA 218 0.12 14.87 29.78
CA MET MA 218 -0.73 14.70 28.61
C MET MA 218 -0.26 13.62 27.63
N HIS MA 219 1.03 13.61 27.31
CA HIS MA 219 1.57 12.64 26.39
C HIS MA 219 1.45 11.23 26.91
N GLY MA 220 1.77 10.97 28.16
CA GLY MA 220 1.67 9.63 28.71
C GLY MA 220 0.23 9.23 28.72
N ALA MA 221 -0.63 10.19 29.03
CA ALA MA 221 -2.06 9.92 29.06
C ALA MA 221 -2.49 9.48 27.70
N THR MA 222 -2.29 10.37 26.73
CA THR MA 222 -2.64 10.13 25.35
C THR MA 222 -2.02 8.90 24.72
N ILE MA 223 -0.84 8.50 25.13
CA ILE MA 223 -0.26 7.33 24.52
C ILE MA 223 -0.88 6.10 25.10
N LEU MA 224 -1.12 6.05 26.39
CA LEU MA 224 -1.72 4.84 26.88
C LEU MA 224 -3.15 4.84 26.38
N SER MA 225 -3.58 6.01 25.91
CA SER MA 225 -4.96 6.15 25.47
C SER MA 225 -5.20 5.50 24.16
N VAL MA 226 -4.12 5.37 23.41
CA VAL MA 226 -4.07 4.80 22.09
C VAL MA 226 -3.10 3.64 22.16
N SER MA 227 -3.01 3.04 23.32
CA SER MA 227 -2.12 1.91 23.50
C SER MA 227 -2.87 0.71 23.01
N ARG MA 228 -4.13 0.99 22.71
CA ARG MA 228 -5.08 0.01 22.20
C ARG MA 228 -4.91 -0.13 20.69
N PHE MA 229 -4.17 0.82 20.16
CA PHE MA 229 -3.86 0.86 18.75
C PHE MA 229 -2.38 0.76 18.53
N GLY MA 230 -1.69 0.36 19.58
CA GLY MA 230 -0.25 0.18 19.62
C GLY MA 230 0.51 1.50 19.43
N GLY MA 231 -0.02 2.58 19.97
CA GLY MA 231 0.62 3.87 19.83
C GLY MA 231 1.89 3.95 20.63
N ASP MA 232 2.09 3.01 21.57
CA ASP MA 232 3.27 3.04 22.41
C ASP MA 232 4.52 2.75 21.69
N ARG MA 233 4.34 1.99 20.61
CA ARG MA 233 5.36 1.54 19.68
C ARG MA 233 5.67 2.79 18.89
N GLU MA 234 5.97 3.87 19.58
CA GLU MA 234 6.19 5.14 18.93
C GLU MA 234 7.10 5.09 17.71
N ILE MA 235 7.95 4.06 17.59
CA ILE MA 235 8.88 4.00 16.44
C ILE MA 235 8.13 3.80 15.13
N ASP MA 236 7.20 2.85 15.11
CA ASP MA 236 6.51 2.63 13.86
C ASP MA 236 5.35 3.61 13.70
N GLN MA 237 4.87 4.24 14.75
CA GLN MA 237 3.83 5.19 14.47
C GLN MA 237 4.53 6.42 13.87
N ILE MA 238 5.84 6.52 14.10
CA ILE MA 238 6.57 7.66 13.54
C ILE MA 238 7.00 7.43 12.06
N THR MA 239 7.28 6.18 11.67
CA THR MA 239 7.65 5.99 10.26
C THR MA 239 6.35 5.72 9.47
N HIS MA 240 5.47 4.95 10.07
CA HIS MA 240 4.21 4.59 9.45
C HIS MA 240 2.95 4.88 10.22
N ARG MA 241 2.60 6.16 10.22
CA ARG MA 241 1.41 6.63 10.91
C ARG MA 241 0.26 5.63 10.83
N GLY MA 242 -0.27 5.28 11.97
CA GLY MA 242 -1.36 4.32 12.10
C GLY MA 242 -2.60 5.07 12.67
N THR MA 243 -3.71 4.37 12.86
CA THR MA 243 -4.86 5.07 13.39
C THR MA 243 -4.63 5.56 14.82
N ALA MA 244 -3.52 5.16 15.45
CA ALA MA 244 -3.25 5.61 16.83
C ALA MA 244 -2.72 7.03 16.86
N ALA MA 245 -1.72 7.24 16.03
CA ALA MA 245 -1.11 8.52 15.94
C ALA MA 245 -2.13 9.50 15.40
N GLU MA 246 -3.14 8.99 14.74
CA GLU MA 246 -4.15 9.90 14.22
C GLU MA 246 -5.16 10.28 15.29
N ARG MA 247 -5.72 9.28 15.95
CA ARG MA 247 -6.68 9.57 17.01
C ARG MA 247 -6.06 10.50 18.10
N ALA MA 248 -4.76 10.41 18.30
CA ALA MA 248 -4.08 11.22 19.29
C ALA MA 248 -4.08 12.69 18.85
N ALA MA 249 -3.45 12.91 17.70
CA ALA MA 249 -3.34 14.24 17.17
C ALA MA 249 -4.73 14.83 17.08
N LEU MA 250 -5.75 14.01 16.84
CA LEU MA 250 -7.07 14.63 16.76
C LEU MA 250 -7.70 14.93 18.11
N PHE MA 251 -7.31 14.16 19.12
CA PHE MA 251 -7.86 14.40 20.44
C PHE MA 251 -7.45 15.80 20.84
N TRP MA 252 -6.19 16.10 20.51
CA TRP MA 252 -5.68 17.41 20.89
C TRP MA 252 -6.22 18.45 19.92
N ARG MA 253 -6.26 18.11 18.64
CA ARG MA 253 -6.78 19.08 17.70
C ARG MA 253 -8.16 19.54 18.08
N TRP MA 254 -9.01 18.60 18.43
CA TRP MA 254 -10.38 18.89 18.83
C TRP MA 254 -10.49 19.56 20.20
N THR MA 255 -9.47 19.40 21.05
CA THR MA 255 -9.52 20.00 22.39
C THR MA 255 -9.04 21.45 22.48
N MET MA 256 -7.82 21.72 22.04
CA MET MA 256 -7.26 23.06 22.13
C MET MA 256 -7.03 23.74 20.76
N GLY MA 257 -7.60 23.12 19.73
CA GLY MA 257 -7.58 23.55 18.33
C GLY MA 257 -6.39 23.19 17.48
N PHE MA 258 -5.40 22.57 18.07
CA PHE MA 258 -4.26 22.15 17.28
C PHE MA 258 -3.54 21.04 17.95
N ASN MA 259 -2.55 20.54 17.24
CA ASN MA 259 -1.79 19.41 17.68
C ASN MA 259 -0.46 19.24 17.00
N VAL MA 260 0.26 18.23 17.46
CA VAL MA 260 1.54 17.94 16.91
C VAL MA 260 1.47 16.52 16.33
N THR MA 261 2.62 15.91 16.12
CA THR MA 261 2.67 14.56 15.61
C THR MA 261 3.48 13.66 16.47
N MET MA 262 3.33 12.37 16.24
CA MET MA 262 4.00 11.32 16.99
C MET MA 262 5.50 11.59 17.01
N GLU MA 263 6.09 12.12 15.95
CA GLU MA 263 7.52 12.35 16.08
C GLU MA 263 7.70 13.63 16.88
N SER MA 264 7.07 14.70 16.42
CA SER MA 264 7.17 16.01 17.04
C SER MA 264 6.78 16.23 18.54
N ILE MA 265 5.87 15.46 19.13
CA ILE MA 265 5.52 15.70 20.53
C ILE MA 265 6.73 15.47 21.39
N HIS MA 266 7.64 14.63 20.95
CA HIS MA 266 8.82 14.32 21.75
C HIS MA 266 9.83 15.41 21.66
N ARG MA 267 9.59 16.29 20.70
CA ARG MA 267 10.45 17.44 20.50
C ARG MA 267 9.93 18.52 21.39
N TRP MA 268 8.61 18.53 21.58
CA TRP MA 268 8.00 19.51 22.47
C TRP MA 268 8.42 19.21 23.92
N ALA MA 269 8.48 17.92 24.20
CA ALA MA 269 8.83 17.44 25.49
C ALA MA 269 10.30 17.65 25.74
N TRP MA 270 11.12 17.18 24.81
CA TRP MA 270 12.56 17.29 24.97
C TRP MA 270 12.92 18.72 25.27
N TRP MA 271 12.56 19.61 24.37
CA TRP MA 271 12.92 20.99 24.59
C TRP MA 271 12.39 21.56 25.89
N CYS MA 272 11.17 21.18 26.27
CA CYS MA 272 10.63 21.76 27.49
C CYS MA 272 11.35 21.30 28.72
N ALA MA 273 11.87 20.10 28.64
CA ALA MA 273 12.57 19.58 29.78
C ALA MA 273 13.90 20.26 29.82
N VAL MA 274 14.64 20.21 28.73
CA VAL MA 274 15.94 20.88 28.76
C VAL MA 274 15.78 22.33 29.25
N LEU MA 275 14.67 22.93 28.81
CA LEU MA 275 14.56 24.38 28.92
C LEU MA 275 14.57 24.69 30.38
N THR MA 276 13.86 23.83 31.11
CA THR MA 276 13.71 23.91 32.55
C THR MA 276 15.09 24.14 33.18
N VAL MA 277 15.93 23.11 33.19
CA VAL MA 277 17.24 23.27 33.80
C VAL MA 277 18.00 24.42 33.20
N ILE MA 278 17.76 24.71 31.92
CA ILE MA 278 18.58 25.68 31.23
C ILE MA 278 18.27 27.07 31.75
N THR MA 279 17.00 27.38 31.96
CA THR MA 279 16.67 28.71 32.47
C THR MA 279 17.20 28.75 33.90
N ALA MA 280 17.06 27.60 34.54
CA ALA MA 280 17.52 27.42 35.89
C ALA MA 280 18.97 27.86 36.00
N GLY MA 281 19.86 27.33 35.18
CA GLY MA 281 21.23 27.77 35.36
C GLY MA 281 21.44 29.24 35.15
N ILE MA 282 20.78 29.78 34.13
CA ILE MA 282 20.90 31.20 33.86
C ILE MA 282 20.40 32.00 35.07
N GLY MA 283 19.32 31.56 35.67
CA GLY MA 283 18.80 32.28 36.82
C GLY MA 283 19.82 32.37 37.95
N ILE MA 284 20.52 31.27 38.23
CA ILE MA 284 21.49 31.26 39.32
C ILE MA 284 22.67 32.00 38.80
N LEU MA 285 22.89 31.87 37.50
CA LEU MA 285 24.00 32.58 36.90
C LEU MA 285 23.88 34.09 37.14
N LEU MA 286 22.70 34.70 36.95
CA LEU MA 286 22.65 36.15 37.18
C LEU MA 286 22.63 36.63 38.65
N SER MA 287 22.31 35.72 39.56
CA SER MA 287 22.18 36.00 40.99
C SER MA 287 23.50 36.21 41.69
N GLY MA 288 23.68 37.43 42.20
CA GLY MA 288 24.87 37.86 42.91
C GLY MA 288 25.96 38.37 41.98
N THR MA 289 25.97 37.81 40.77
CA THR MA 289 26.94 38.19 39.77
C THR MA 289 26.58 39.50 39.06
N VAL MA 290 25.32 39.66 38.69
CA VAL MA 290 24.90 40.88 38.01
C VAL MA 290 23.89 41.67 38.84
N VAL MA 291 22.99 40.90 39.43
CA VAL MA 291 21.90 41.42 40.23
C VAL MA 291 22.08 40.88 41.64
N ASP MA 292 21.78 41.69 42.65
CA ASP MA 292 21.95 41.20 44.01
C ASP MA 292 20.59 41.07 44.71
N ASN MA 293 19.57 41.80 44.25
CA ASN MA 293 18.25 41.74 44.86
C ASN MA 293 17.11 41.80 43.89
N TRP MA 294 16.68 40.63 43.46
CA TRP MA 294 15.61 40.48 42.48
C TRP MA 294 14.34 41.28 42.78
N TYR MA 295 13.92 41.37 44.03
CA TYR MA 295 12.69 42.12 44.30
C TYR MA 295 12.88 43.57 43.85
N LEU MA 296 14.05 44.10 44.18
CA LEU MA 296 14.41 45.46 43.83
C LEU MA 296 14.48 45.59 42.35
N TRP MA 297 15.05 44.58 41.71
CA TRP MA 297 15.16 44.51 40.26
C TRP MA 297 13.82 44.59 39.52
N ALA MA 298 12.83 43.85 40.03
CA ALA MA 298 11.48 43.81 39.47
C ALA MA 298 10.86 45.15 39.68
N VAL MA 299 11.36 45.82 40.72
CA VAL MA 299 10.90 47.14 41.06
C VAL MA 299 11.49 48.08 40.02
N LYS MA 300 12.75 47.84 39.64
CA LYS MA 300 13.44 48.65 38.60
C LYS MA 300 12.77 48.57 37.24
N HIS MA 301 12.02 47.51 37.02
CA HIS MA 301 11.33 47.37 35.74
C HIS MA 301 9.83 47.51 35.92
N GLY MA 302 9.43 48.13 37.03
CA GLY MA 302 8.02 48.35 37.30
C GLY MA 302 7.23 47.05 37.17
N MET MA 303 7.84 45.92 37.56
CA MET MA 303 7.13 44.66 37.39
C MET MA 303 6.51 44.17 38.64
N ALA MA 304 6.91 44.76 39.76
CA ALA MA 304 6.46 44.35 41.10
C ALA MA 304 5.21 45.02 41.57
N PRO MA 305 4.22 44.22 41.98
CA PRO MA 305 2.95 44.74 42.46
C PRO MA 305 3.15 45.54 43.73
N ALA MA 306 2.25 46.48 43.94
CA ALA MA 306 2.26 47.31 45.12
C ALA MA 306 0.91 46.98 45.74
N TYR MA 307 0.79 46.91 47.06
CA TYR MA 307 -0.51 46.56 47.60
C TYR MA 307 -0.91 47.64 48.59
N PRO MA 308 -2.22 47.81 48.81
CA PRO MA 308 -2.56 48.82 49.79
C PRO MA 308 -1.87 48.43 51.09
N GLU MA 309 -1.15 49.39 51.69
CA GLU MA 309 -0.39 49.25 52.95
C GLU MA 309 -1.22 49.24 54.25
N VAL MA 310 -1.65 48.07 54.68
CA VAL MA 310 -2.45 47.94 55.88
C VAL MA 310 -1.64 47.68 57.15
N VAL MA 311 -0.36 47.36 57.01
CA VAL MA 311 0.45 47.05 58.18
C VAL MA 311 1.85 47.61 57.85
N THR MA 312 2.52 48.23 58.82
CA THR MA 312 3.86 48.78 58.58
C THR MA 312 4.61 48.90 59.94
N ALA MA 313 5.94 49.01 59.88
CA ALA MA 313 6.80 49.06 61.06
C ALA MA 313 7.86 50.15 61.05
N VAL MA 314 7.95 50.90 62.16
CA VAL MA 314 8.93 51.98 62.31
C VAL MA 314 10.33 51.36 62.32
N ASN MA 315 11.21 51.98 61.55
CA ASN MA 315 12.59 51.56 61.34
C ASN MA 315 13.55 52.01 62.42
N PRO MA 316 13.89 51.09 63.33
CA PRO MA 316 14.79 51.41 64.44
C PRO MA 316 16.12 51.99 64.02
N TYR MA 317 16.70 51.49 62.93
CA TYR MA 317 17.97 52.04 62.46
C TYR MA 317 17.96 53.56 62.18
N GLU MA 318 16.79 54.12 61.91
CA GLU MA 318 16.66 55.56 61.63
C GLU MA 318 16.27 56.49 62.79
N THR MA 319 15.93 55.96 63.97
CA THR MA 319 15.56 56.84 65.09
C THR MA 319 16.81 57.52 65.66
N SER NA 2 30.65 62.71 38.84
CA SER NA 2 29.50 61.82 38.98
C SER NA 2 29.92 60.36 39.04
N ALA NA 3 29.93 59.78 40.24
CA ALA NA 3 30.32 58.38 40.43
C ALA NA 3 29.13 57.46 40.78
N GLY NA 4 27.95 57.77 40.25
CA GLY NA 4 26.75 56.99 40.52
C GLY NA 4 25.73 56.86 39.39
N ILE NA 5 26.08 57.31 38.18
CA ILE NA 5 25.15 57.32 37.05
C ILE NA 5 24.56 55.93 36.76
N THR NA 6 23.56 55.54 37.56
CA THR NA 6 22.90 54.24 37.43
C THR NA 6 22.16 54.06 36.09
N HIS NA 7 22.51 52.99 35.39
CA HIS NA 7 21.89 52.58 34.14
C HIS NA 7 20.59 51.77 34.28
N TYR NA 8 19.62 52.01 33.38
CA TYR NA 8 18.35 51.30 33.44
C TYR NA 8 18.43 49.92 32.79
N ILE NA 9 19.46 49.66 31.96
CA ILE NA 9 19.56 48.34 31.33
C ILE NA 9 20.67 47.44 31.82
N ASP NA 10 20.28 46.30 32.37
CA ASP NA 10 21.22 45.36 32.93
C ASP NA 10 21.15 44.00 32.25
N ALA NA 11 22.14 43.16 32.57
CA ALA NA 11 22.31 41.88 31.92
C ALA NA 11 21.12 40.97 32.09
N ALA NA 12 20.40 41.10 33.21
CA ALA NA 12 19.25 40.25 33.39
C ALA NA 12 18.21 40.59 32.33
N GLN NA 13 18.13 41.87 31.99
CA GLN NA 13 17.18 42.27 30.97
C GLN NA 13 17.55 41.70 29.60
N ILE NA 14 18.70 42.13 29.13
CA ILE NA 14 19.14 41.72 27.82
C ILE NA 14 19.24 40.20 27.70
N THR NA 15 19.27 39.51 28.81
CA THR NA 15 19.33 38.07 28.70
C THR NA 15 17.92 37.55 28.65
N ILE NA 16 16.97 38.30 29.20
CA ILE NA 16 15.59 37.81 29.08
C ILE NA 16 15.16 38.11 27.63
N TRP NA 17 15.74 39.14 27.05
CA TRP NA 17 15.37 39.44 25.70
C TRP NA 17 15.92 38.32 24.77
N ALA NA 18 17.21 38.01 24.97
CA ALA NA 18 17.92 36.98 24.20
C ALA NA 18 17.15 35.69 24.30
N PHE NA 19 16.76 35.36 25.52
CA PHE NA 19 15.99 34.18 25.74
C PHE NA 19 14.80 34.24 24.84
N TRP NA 20 13.90 35.20 25.09
CA TRP NA 20 12.71 35.30 24.23
C TRP NA 20 12.89 35.13 22.72
N LEU NA 21 14.02 35.62 22.19
CA LEU NA 21 14.26 35.45 20.77
C LEU NA 21 14.47 33.96 20.46
N PHE NA 22 15.21 33.27 21.33
CA PHE NA 22 15.42 31.86 21.06
C PHE NA 22 14.16 31.09 21.26
N PHE NA 23 13.37 31.55 22.18
CA PHE NA 23 12.14 30.86 22.45
C PHE NA 23 11.28 30.92 21.21
N PHE NA 24 10.98 32.12 20.77
CA PHE NA 24 10.19 32.28 19.56
C PHE NA 24 10.68 31.46 18.37
N GLY NA 25 11.99 31.47 18.12
CA GLY NA 25 12.46 30.68 16.99
C GLY NA 25 12.19 29.20 17.19
N LEU NA 26 12.27 28.73 18.44
CA LEU NA 26 12.03 27.33 18.73
C LEU NA 26 10.57 27.11 18.47
N ILE NA 27 9.67 27.85 19.09
CA ILE NA 27 8.24 27.63 18.80
C ILE NA 27 7.95 27.49 17.30
N ILE NA 28 8.39 28.47 16.50
CA ILE NA 28 8.15 28.38 15.05
C ILE NA 28 8.61 27.00 14.48
N TYR NA 29 9.88 26.69 14.70
CA TYR NA 29 10.53 25.44 14.30
C TYR NA 29 9.81 24.20 14.74
N LEU NA 30 9.35 24.25 15.97
CA LEU NA 30 8.65 23.13 16.53
C LEU NA 30 7.32 23.00 15.76
N ARG NA 31 6.74 24.14 15.41
CA ARG NA 31 5.48 24.13 14.70
C ARG NA 31 5.69 23.65 13.28
N ARG NA 32 6.93 23.66 12.80
CA ARG NA 32 7.18 23.18 11.46
C ARG NA 32 7.23 21.70 11.56
N GLU NA 33 7.76 21.22 12.67
CA GLU NA 33 7.78 19.80 12.76
C GLU NA 33 6.35 19.35 12.93
N ASP NA 34 5.50 20.19 13.49
CA ASP NA 34 4.12 19.78 13.62
C ASP NA 34 3.33 19.53 12.33
N LYS NA 35 3.83 19.90 11.17
CA LYS NA 35 2.99 19.71 9.99
C LYS NA 35 3.53 18.65 9.08
N ARG NA 36 4.26 17.73 9.68
CA ARG NA 36 4.86 16.61 8.99
C ARG NA 36 3.89 15.46 8.79
N GLU NA 37 2.63 15.64 9.16
CA GLU NA 37 1.59 14.61 9.02
C GLU NA 37 0.37 15.47 8.83
N GLY NA 38 -0.81 14.87 8.64
CA GLY NA 38 -2.05 15.63 8.47
C GLY NA 38 -2.14 16.92 7.60
N TYR NA 39 -1.04 17.38 7.02
CA TYR NA 39 -1.05 18.61 6.21
C TYR NA 39 -0.74 18.35 4.71
N PRO NA 40 -1.23 19.22 3.80
CA PRO NA 40 -2.02 20.42 4.10
C PRO NA 40 -3.40 20.03 4.58
N LEU NA 41 -4.00 20.89 5.39
CA LEU NA 41 -5.30 20.57 5.93
C LEU NA 41 -6.47 20.43 4.96
N ASP NA 42 -7.56 19.86 5.45
CA ASP NA 42 -8.80 19.67 4.70
C ASP NA 42 -9.86 20.73 4.96
N SER NA 43 -10.11 21.65 4.04
CA SER NA 43 -11.19 22.61 4.26
C SER NA 43 -12.12 22.65 3.04
N ASP NA 44 -13.15 23.48 3.09
CA ASP NA 44 -13.95 23.67 1.90
C ASP NA 44 -13.43 24.89 1.12
N ARG NA 45 -12.27 25.37 1.54
CA ARG NA 45 -11.49 26.36 0.80
C ARG NA 45 -10.72 25.70 -0.34
N THR NA 46 -10.07 24.59 -0.01
CA THR NA 46 -9.42 23.72 -0.99
C THR NA 46 -10.43 23.20 -2.04
N GLU NA 47 -11.56 22.67 -1.60
CA GLU NA 47 -12.56 22.17 -2.52
C GLU NA 47 -13.24 23.30 -3.31
N ARG NA 48 -13.50 24.44 -2.66
CA ARG NA 48 -14.14 25.56 -3.37
C ARG NA 48 -13.27 26.08 -4.49
N SER NA 49 -12.00 26.31 -4.20
CA SER NA 49 -11.06 26.87 -5.17
C SER NA 49 -10.55 25.84 -6.17
N GLY NA 50 -10.99 24.60 -6.00
CA GLY NA 50 -10.59 23.53 -6.91
C GLY NA 50 -9.18 23.07 -6.62
N GLY NA 51 -8.54 23.70 -5.65
CA GLY NA 51 -7.18 23.33 -5.29
C GLY NA 51 -6.23 24.52 -5.36
N ARG NA 52 -6.72 25.65 -5.87
CA ARG NA 52 -5.88 26.82 -6.01
C ARG NA 52 -5.60 27.43 -4.61
N VAL NA 53 -6.18 26.81 -3.58
CA VAL NA 53 -5.95 27.19 -2.17
C VAL NA 53 -5.58 26.00 -1.27
N LYS NA 54 -4.29 25.71 -1.17
CA LYS NA 54 -3.78 24.78 -0.16
C LYS NA 54 -3.64 25.46 1.21
N VAL NA 55 -4.26 24.85 2.24
CA VAL NA 55 -4.25 25.38 3.63
C VAL NA 55 -3.03 24.92 4.42
N VAL NA 56 -2.17 25.87 4.77
CA VAL NA 56 -0.96 25.52 5.52
C VAL NA 56 -0.78 26.35 6.80
N GLY NA 57 -1.40 27.53 6.87
CA GLY NA 57 -1.27 28.33 8.07
C GLY NA 57 0.18 28.76 8.24
N PHE NA 58 0.54 29.17 9.47
CA PHE NA 58 1.92 29.51 9.75
C PHE NA 58 2.57 28.55 10.74
N PRO NA 59 3.87 28.27 10.58
CA PRO NA 59 4.85 28.58 9.50
C PRO NA 59 4.52 27.89 8.14
N ASP NA 60 5.51 27.47 7.37
CA ASP NA 60 5.11 26.82 6.14
C ASP NA 60 5.48 25.39 6.39
N LEU NA 61 5.35 24.51 5.43
CA LEU NA 61 5.71 23.13 5.68
C LEU NA 61 7.17 22.96 5.51
N PRO NA 62 7.79 22.17 6.35
CA PRO NA 62 9.22 22.06 6.14
C PRO NA 62 9.50 21.05 5.02
N ASP NA 63 10.55 21.29 4.23
CA ASP NA 63 10.93 20.40 3.13
C ASP NA 63 11.06 18.98 3.62
N PRO NA 64 10.65 18.04 2.78
CA PRO NA 64 10.69 16.63 3.21
C PRO NA 64 11.97 16.08 3.80
N LYS NA 65 11.73 15.07 4.65
CA LYS NA 65 12.71 14.26 5.36
C LYS NA 65 12.39 12.80 5.06
N THR NA 66 13.43 11.99 4.95
CA THR NA 66 13.31 10.58 4.63
C THR NA 66 13.64 9.69 5.80
N PHE NA 67 12.79 8.73 6.11
CA PHE NA 67 13.13 7.84 7.18
C PHE NA 67 13.54 6.70 6.36
N VAL NA 68 14.70 6.19 6.67
CA VAL NA 68 15.25 5.11 5.93
C VAL NA 68 15.04 3.82 6.69
N LEU NA 69 13.94 3.15 6.40
CA LEU NA 69 13.62 1.90 7.10
C LEU NA 69 14.80 0.92 6.99
N PRO NA 70 15.06 0.16 8.09
CA PRO NA 70 16.15 -0.82 8.16
C PRO NA 70 15.90 -1.97 7.22
N HIS NA 71 16.80 -2.97 7.26
CA HIS NA 71 16.70 -4.15 6.39
C HIS NA 71 16.24 -3.89 4.96
N ASN NA 72 16.66 -2.75 4.38
CA ASN NA 72 16.31 -2.45 3.00
C ASN NA 72 14.81 -2.65 2.76
N GLY NA 73 14.05 -2.60 3.84
CA GLY NA 73 12.59 -2.73 3.86
C GLY NA 73 11.81 -1.61 3.16
N GLY NA 74 12.48 -0.48 2.93
CA GLY NA 74 11.83 0.65 2.30
C GLY NA 74 12.25 2.05 2.64
N THR NA 75 11.33 3.00 2.45
CA THR NA 75 11.63 4.41 2.73
C THR NA 75 10.38 5.30 2.90
N VAL NA 76 10.26 6.05 3.99
CA VAL NA 76 9.06 6.93 4.17
C VAL NA 76 9.43 8.45 4.10
N VAL NA 77 8.54 9.28 3.57
CA VAL NA 77 8.88 10.68 3.55
C VAL NA 77 7.83 11.50 4.30
N ALA NA 78 8.26 12.69 4.73
CA ALA NA 78 7.42 13.60 5.49
C ALA NA 78 7.91 15.02 5.42
N PRO NA 79 7.00 15.93 5.07
CA PRO NA 79 5.60 15.66 4.77
C PRO NA 79 5.44 15.03 3.42
N ARG NA 80 4.40 14.26 3.21
CA ARG NA 80 4.22 13.67 1.90
C ARG NA 80 2.91 14.17 1.33
N VAL NA 81 2.64 13.77 0.11
CA VAL NA 81 1.40 14.14 -0.53
C VAL NA 81 0.63 12.86 -0.52
N GLU NA 82 -0.43 12.85 0.26
CA GLU NA 82 -1.26 11.67 0.40
C GLU NA 82 -2.60 11.76 -0.29
N ALA NA 83 -2.85 10.65 -0.94
CA ALA NA 83 -4.04 10.48 -1.71
C ALA NA 83 -5.21 10.56 -0.80
N PRO NA 84 -6.19 11.38 -1.16
CA PRO NA 84 -7.39 11.53 -0.34
C PRO NA 84 -8.03 10.19 -0.14
N VAL NA 85 -8.83 10.05 0.91
CA VAL NA 85 -9.50 8.80 1.16
C VAL NA 85 -10.95 8.98 1.42
N ALA NA 86 -11.74 8.28 0.60
CA ALA NA 86 -13.19 8.34 0.71
C ALA NA 86 -13.76 8.12 2.13
N VAL NA 87 -14.94 8.67 2.31
CA VAL NA 87 -15.66 8.59 3.54
C VAL NA 87 -16.82 7.62 3.53
N ASN NA 88 -16.89 6.67 4.44
CA ASN NA 88 -18.05 5.81 4.39
C ASN NA 88 -19.14 6.52 5.16
N ALA NA 89 -19.52 7.72 4.75
CA ALA NA 89 -20.53 8.43 5.49
C ALA NA 89 -21.14 9.62 4.76
N THR NA 90 -22.23 10.14 5.34
CA THR NA 90 -22.90 11.27 4.72
C THR NA 90 -23.12 12.43 5.70
N PRO NA 91 -22.95 13.69 5.23
CA PRO NA 91 -23.16 14.85 6.08
C PRO NA 91 -24.49 14.79 6.78
N PHE NA 92 -24.48 14.81 8.13
CA PHE NA 92 -25.69 14.78 8.96
C PHE NA 92 -26.47 16.06 8.68
N SER NA 93 -25.71 17.05 8.24
CA SER NA 93 -26.24 18.37 7.91
C SER NA 93 -25.30 18.97 6.86
N PRO NA 94 -25.84 19.82 5.99
CA PRO NA 94 -25.04 20.45 4.95
C PRO NA 94 -24.28 21.65 5.47
N ALA NA 95 -24.61 22.03 6.70
CA ALA NA 95 -23.96 23.15 7.36
C ALA NA 95 -22.54 22.71 7.70
N PRO NA 96 -21.58 23.64 7.70
CA PRO NA 96 -20.19 23.28 8.01
C PRO NA 96 -19.93 23.01 9.49
N GLY NA 97 -18.96 22.14 9.76
CA GLY NA 97 -18.57 21.79 11.12
C GLY NA 97 -19.47 20.73 11.72
N SER NA 98 -20.44 20.32 10.92
CA SER NA 98 -21.38 19.31 11.30
C SER NA 98 -20.65 18.00 11.08
N PRO NA 99 -20.95 17.00 11.89
CA PRO NA 99 -20.35 15.66 11.84
C PRO NA 99 -21.01 14.85 10.71
N LEU NA 100 -20.48 13.66 10.43
CA LEU NA 100 -21.09 12.89 9.38
C LEU NA 100 -21.60 11.57 9.99
N VAL NA 101 -22.66 11.00 9.45
CA VAL NA 101 -23.17 9.74 10.01
C VAL NA 101 -22.64 8.59 9.19
N PRO NA 102 -22.21 7.50 9.87
CA PRO NA 102 -21.69 6.36 9.11
C PRO NA 102 -22.73 5.62 8.28
N ASN NA 103 -22.24 5.15 7.15
CA ASN NA 103 -22.97 4.38 6.15
C ASN NA 103 -23.03 2.86 6.41
N GLY NA 104 -24.25 2.32 6.37
CA GLY NA 104 -24.47 0.89 6.54
C GLY NA 104 -24.45 0.44 7.98
N ASP NA 105 -23.91 -0.75 8.27
CA ASP NA 105 -23.85 -1.21 9.66
C ASP NA 105 -22.73 -0.47 10.28
N PRO NA 106 -23.04 0.49 11.18
CA PRO NA 106 -22.07 1.34 11.88
C PRO NA 106 -20.78 0.61 12.26
N MET NA 107 -20.80 -0.68 12.65
CA MET NA 107 -19.54 -1.34 13.03
C MET NA 107 -18.80 -1.80 11.83
N LEU NA 108 -19.54 -1.90 10.74
CA LEU NA 108 -18.98 -2.31 9.51
C LEU NA 108 -18.47 -1.12 8.78
N SER NA 109 -19.14 0.01 9.02
CA SER NA 109 -18.86 1.28 8.32
C SER NA 109 -17.38 1.55 8.19
N GLY NA 110 -16.59 1.39 9.22
CA GLY NA 110 -15.20 1.71 9.02
C GLY NA 110 -15.01 3.20 8.91
N PHE NA 111 -15.89 3.89 9.62
CA PHE NA 111 -15.93 5.33 9.74
C PHE NA 111 -16.10 5.73 11.18
N GLY NA 112 -15.50 6.85 11.60
CA GLY NA 112 -15.61 7.25 12.99
C GLY NA 112 -14.63 6.40 13.78
N PRO NA 113 -14.95 6.05 15.04
CA PRO NA 113 -13.99 5.22 15.75
C PRO NA 113 -13.69 3.92 15.05
N ALA NA 114 -14.42 3.55 13.97
CA ALA NA 114 -14.13 2.28 13.28
C ALA NA 114 -13.23 2.47 12.07
N ALA NA 115 -12.92 3.72 11.81
CA ALA NA 115 -12.09 4.15 10.68
C ALA NA 115 -10.62 3.81 10.96
N SER NA 116 -9.77 3.88 9.94
CA SER NA 116 -8.34 3.60 10.15
C SER NA 116 -7.60 3.80 8.85
N PRO NA 117 -6.32 4.14 8.91
CA PRO NA 117 -5.75 4.33 7.58
C PRO NA 117 -5.22 3.02 6.99
N ASP NA 118 -4.68 3.05 5.77
CA ASP NA 118 -4.15 1.83 5.16
C ASP NA 118 -2.63 1.83 5.20
N ARG NA 119 -2.12 1.24 6.27
CA ARG NA 119 -0.70 1.15 6.55
C ARG NA 119 -0.05 0.08 5.71
N PRO NA 120 1.31 0.08 5.63
CA PRO NA 120 1.95 -0.94 4.83
C PRO NA 120 1.38 -2.31 5.18
N LYS NA 121 1.44 -3.19 4.21
CA LYS NA 121 0.95 -4.55 4.30
C LYS NA 121 2.18 -5.36 4.50
N HIS NA 122 3.01 -4.94 5.44
CA HIS NA 122 4.22 -5.68 5.71
C HIS NA 122 4.33 -5.94 7.18
N CYS NA 123 5.30 -6.73 7.60
CA CYS NA 123 5.31 -6.94 9.00
C CYS NA 123 6.38 -6.15 9.68
N ASP NA 124 6.08 -5.75 10.94
CA ASP NA 124 7.06 -5.04 11.73
C ASP NA 124 8.11 -6.09 12.09
N LEU NA 125 9.35 -5.66 12.17
CA LEU NA 125 10.44 -6.59 12.41
C LEU NA 125 11.38 -6.43 13.55
N THR NA 126 11.91 -7.58 13.95
CA THR NA 126 12.87 -7.64 14.99
C THR NA 126 14.13 -6.99 14.42
N PHE NA 127 15.17 -6.98 15.23
CA PHE NA 127 16.43 -6.40 14.84
C PHE NA 127 16.95 -7.26 13.74
N GLU NA 128 16.69 -8.55 13.88
CA GLU NA 128 17.06 -9.57 12.92
C GLU NA 128 16.34 -9.55 11.55
N GLY NA 129 15.03 -9.31 11.64
CA GLY NA 129 14.15 -9.19 10.51
C GLY NA 129 13.08 -10.27 10.53
N LEU NA 130 12.75 -10.81 11.69
CA LEU NA 130 11.73 -11.84 11.72
C LEU NA 130 10.49 -11.12 12.18
N PRO NA 131 9.29 -11.48 11.71
CA PRO NA 131 8.07 -10.82 12.19
C PRO NA 131 8.14 -10.62 13.74
N LYS NA 132 8.19 -9.40 14.27
CA LYS NA 132 8.32 -9.17 15.72
C LYS NA 132 7.19 -9.82 16.52
N ILE NA 133 5.98 -9.27 16.41
CA ILE NA 133 4.77 -9.76 17.09
C ILE NA 133 4.28 -11.02 16.42
N VAL NA 134 4.42 -12.19 17.05
CA VAL NA 134 3.98 -13.46 16.48
C VAL NA 134 3.37 -14.29 17.53
N PRO NA 135 2.60 -15.32 17.14
CA PRO NA 135 2.02 -16.15 18.21
C PRO NA 135 2.99 -17.16 18.82
N MET NA 136 2.71 -17.48 20.06
CA MET NA 136 3.47 -18.42 20.86
C MET NA 136 3.63 -19.80 20.26
N ARG NA 137 2.86 -20.04 19.21
CA ARG NA 137 2.85 -21.32 18.54
C ARG NA 137 3.99 -21.29 17.57
N VAL NA 138 4.33 -20.07 17.18
CA VAL NA 138 5.42 -19.81 16.26
C VAL NA 138 6.66 -19.38 17.07
N ALA NA 139 6.44 -18.71 18.21
CA ALA NA 139 7.60 -18.30 18.99
C ALA NA 139 7.94 -19.21 20.12
N LYS NA 140 8.21 -20.44 19.73
CA LYS NA 140 8.64 -21.54 20.60
C LYS NA 140 9.23 -21.21 21.99
N GLU NA 141 10.23 -20.30 22.02
CA GLU NA 141 10.96 -19.94 23.27
C GLU NA 141 10.07 -19.46 24.43
N PHE NA 142 9.28 -18.41 24.20
CA PHE NA 142 8.36 -17.83 25.19
C PHE NA 142 7.69 -18.81 26.15
N SER NA 143 7.20 -18.26 27.26
CA SER NA 143 6.54 -19.01 28.35
C SER NA 143 5.93 -17.98 29.27
N ILE NA 144 4.76 -18.30 29.81
CA ILE NA 144 4.07 -17.41 30.75
C ILE NA 144 5.07 -17.21 31.90
N ALA NA 145 4.89 -16.21 32.75
CA ALA NA 145 5.87 -16.01 33.82
C ALA NA 145 5.26 -16.73 34.98
N GLU NA 146 6.09 -17.51 35.68
CA GLU NA 146 5.61 -18.30 36.81
C GLU NA 146 4.69 -17.56 37.77
N GLY NA 147 3.52 -18.15 37.96
CA GLY NA 147 2.45 -17.65 38.79
C GLY NA 147 1.48 -16.63 38.18
N ASP NA 148 1.40 -16.60 36.86
CA ASP NA 148 0.50 -15.72 36.14
C ASP NA 148 -0.37 -16.61 35.29
N PRO NA 149 -1.70 -16.46 35.39
CA PRO NA 149 -2.62 -17.30 34.60
C PRO NA 149 -2.20 -17.42 33.13
N ASP NA 150 -2.34 -18.61 32.57
CA ASP NA 150 -2.03 -18.79 31.18
C ASP NA 150 -3.28 -18.31 30.48
N PRO NA 151 -3.17 -17.32 29.60
CA PRO NA 151 -4.42 -16.89 28.94
C PRO NA 151 -5.07 -18.01 28.14
N ARG NA 152 -4.22 -18.78 27.43
CA ARG NA 152 -4.65 -19.91 26.60
C ARG NA 152 -5.74 -20.79 27.19
N GLY NA 153 -6.91 -20.76 26.57
CA GLY NA 153 -8.00 -21.58 27.04
C GLY NA 153 -9.03 -20.86 27.86
N MET NA 154 -8.88 -19.56 28.03
CA MET NA 154 -9.89 -18.89 28.80
C MET NA 154 -11.03 -18.61 27.87
N THR NA 155 -12.16 -18.22 28.45
CA THR NA 155 -13.32 -17.97 27.64
C THR NA 155 -13.45 -16.51 27.41
N VAL NA 156 -13.55 -16.16 26.15
CA VAL NA 156 -13.68 -14.78 25.81
C VAL NA 156 -15.15 -14.46 25.81
N VAL NA 157 -15.48 -13.38 26.51
CA VAL NA 157 -16.84 -12.89 26.65
C VAL NA 157 -17.02 -11.42 26.27
N GLY NA 158 -17.94 -11.19 25.34
CA GLY NA 158 -18.24 -9.85 24.88
C GLY NA 158 -18.79 -8.88 25.91
N LEU NA 159 -19.14 -7.70 25.40
CA LEU NA 159 -19.68 -6.63 26.21
C LEU NA 159 -20.97 -7.02 26.84
N ASP NA 160 -21.72 -7.94 26.29
CA ASP NA 160 -22.96 -8.14 26.98
C ASP NA 160 -22.91 -9.38 27.86
N GLY NA 161 -21.69 -9.87 28.10
CA GLY NA 161 -21.54 -11.03 28.94
C GLY NA 161 -21.77 -12.32 28.20
N GLU NA 162 -22.07 -12.21 26.90
CA GLU NA 162 -22.34 -13.35 25.99
C GLU NA 162 -20.97 -13.93 25.66
N VAL NA 163 -20.90 -15.27 25.58
CA VAL NA 163 -19.62 -15.88 25.25
C VAL NA 163 -19.28 -15.43 23.85
N ALA NA 164 -17.99 -15.37 23.56
CA ALA NA 164 -17.62 -14.96 22.24
C ALA NA 164 -16.87 -16.11 21.60
N GLY NA 165 -15.92 -16.63 22.37
CA GLY NA 165 -15.07 -17.70 21.88
C GLY NA 165 -14.12 -18.11 22.98
N THR NA 166 -12.95 -18.61 22.63
CA THR NA 166 -11.98 -18.99 23.65
C THR NA 166 -10.54 -18.66 23.17
N VAL NA 167 -9.63 -18.46 24.12
CA VAL NA 167 -8.25 -18.12 23.78
C VAL NA 167 -7.50 -19.30 23.12
N SER NA 168 -7.17 -19.19 21.85
CA SER NA 168 -6.45 -20.27 21.20
C SER NA 168 -4.94 -20.12 21.20
N ASP NA 169 -4.51 -18.89 21.42
CA ASP NA 169 -3.09 -18.63 21.48
C ASP NA 169 -2.85 -17.27 22.06
N VAL NA 170 -1.59 -16.89 22.04
CA VAL NA 170 -1.14 -15.64 22.57
C VAL NA 170 -0.05 -15.12 21.69
N TRP NA 171 -0.24 -13.89 21.21
CA TRP NA 171 0.79 -13.30 20.35
C TRP NA 171 1.58 -12.43 21.28
N VAL NA 172 2.89 -12.44 21.04
CA VAL NA 172 3.81 -11.77 21.89
C VAL NA 172 4.79 -11.03 21.03
N ASP NA 173 5.45 -10.09 21.67
CA ASP NA 173 6.44 -9.24 21.09
C ASP NA 173 7.78 -9.90 21.23
N ARG NA 174 8.50 -10.01 20.15
CA ARG NA 174 9.78 -10.66 20.30
C ARG NA 174 10.87 -9.66 20.66
N SER NA 175 10.60 -8.37 20.54
CA SER NA 175 11.65 -7.42 20.89
C SER NA 175 11.63 -7.01 22.35
N GLU NA 176 10.44 -6.68 22.82
CA GLU NA 176 10.18 -6.27 24.20
C GLU NA 176 9.08 -7.24 24.66
N PRO NA 177 9.48 -8.45 25.01
CA PRO NA 177 8.72 -9.61 25.43
C PRO NA 177 7.45 -9.28 26.14
N GLN NA 178 6.30 -9.37 25.51
CA GLN NA 178 5.07 -9.06 26.22
C GLN NA 178 3.86 -9.53 25.47
N ILE NA 179 2.73 -9.64 26.13
CA ILE NA 179 1.56 -10.07 25.42
C ILE NA 179 0.93 -8.90 24.70
N ARG NA 180 0.94 -9.00 23.38
CA ARG NA 180 0.36 -8.00 22.47
C ARG NA 180 -1.05 -8.34 21.99
N TYR NA 181 -1.23 -9.60 21.63
CA TYR NA 181 -2.50 -10.07 21.16
C TYR NA 181 -2.78 -11.37 21.78
N LEU NA 182 -4.07 -11.57 22.00
CA LEU NA 182 -4.63 -12.85 22.37
C LEU NA 182 -5.29 -13.45 21.12
N GLU NA 183 -5.11 -14.75 20.86
CA GLU NA 183 -5.68 -15.34 19.64
C GLU NA 183 -7.00 -15.84 20.13
N VAL NA 184 -8.02 -15.64 19.31
CA VAL NA 184 -9.35 -16.02 19.72
C VAL NA 184 -10.14 -16.81 18.71
N GLU NA 185 -10.46 -18.03 19.12
CA GLU NA 185 -11.23 -18.95 18.33
C GLU NA 185 -12.69 -18.63 18.59
N VAL NA 186 -13.39 -18.11 17.59
CA VAL NA 186 -14.80 -17.73 17.72
C VAL NA 186 -15.78 -18.88 17.70
N ALA NA 187 -16.83 -18.77 18.50
CA ALA NA 187 -17.84 -19.81 18.56
C ALA NA 187 -18.58 -19.78 17.23
N ALA NA 188 -19.31 -18.69 16.98
CA ALA NA 188 -20.07 -18.52 15.73
C ALA NA 188 -19.43 -18.96 14.39
N ASN NA 189 -18.11 -19.16 14.32
CA ASN NA 189 -17.53 -19.60 13.05
C ASN NA 189 -16.19 -20.33 13.14
N LYS NA 190 -15.73 -20.64 14.34
CA LYS NA 190 -14.43 -21.32 14.56
C LYS NA 190 -13.25 -20.72 13.74
N LYS NA 191 -13.29 -19.41 13.49
CA LYS NA 191 -12.21 -18.73 12.80
C LYS NA 191 -11.32 -18.15 13.89
N LYS NA 192 -10.03 -18.01 13.62
CA LYS NA 192 -9.12 -17.42 14.62
C LYS NA 192 -8.94 -15.94 14.30
N VAL NA 193 -9.19 -15.10 15.29
CA VAL NA 193 -9.07 -13.65 15.13
C VAL NA 193 -8.17 -13.13 16.23
N LEU NA 194 -7.56 -11.98 15.98
CA LEU NA 194 -6.67 -11.39 16.97
C LEU NA 194 -7.51 -10.48 17.86
N LEU NA 195 -7.00 -10.25 19.07
CA LEU NA 195 -7.61 -9.41 20.10
C LEU NA 195 -6.47 -8.66 20.74
N PRO NA 196 -6.54 -7.33 20.61
CA PRO NA 196 -5.51 -6.44 21.13
C PRO NA 196 -5.54 -6.52 22.61
N ILE NA 197 -4.39 -6.44 23.28
CA ILE NA 197 -4.37 -6.54 24.74
C ILE NA 197 -5.17 -5.44 25.40
N GLY NA 198 -5.09 -4.27 24.78
CA GLY NA 198 -5.73 -3.07 25.26
C GLY NA 198 -7.24 -3.17 25.39
N PHE NA 199 -7.84 -4.17 24.77
CA PHE NA 199 -9.27 -4.34 24.79
C PHE NA 199 -9.68 -5.46 25.68
N SER NA 200 -8.69 -6.15 26.20
CA SER NA 200 -8.96 -7.30 27.04
C SER NA 200 -8.73 -7.10 28.57
N ARG NA 201 -9.76 -7.46 29.35
CA ARG NA 201 -9.66 -7.37 30.78
C ARG NA 201 -9.66 -8.82 31.26
N PHE NA 202 -8.89 -9.16 32.26
CA PHE NA 202 -8.88 -10.56 32.72
C PHE NA 202 -9.72 -10.77 33.98
N ASP NA 203 -10.18 -11.99 34.15
CA ASP NA 203 -10.95 -12.34 35.33
C ASP NA 203 -10.31 -13.67 35.69
N LYS NA 204 -9.01 -13.58 36.03
CA LYS NA 204 -8.18 -14.75 36.37
C LYS NA 204 -8.79 -15.88 37.20
N LYS NA 205 -9.47 -15.55 38.30
CA LYS NA 205 -10.05 -16.63 39.12
C LYS NA 205 -11.11 -17.34 38.30
N ALA NA 206 -11.75 -16.65 37.37
CA ALA NA 206 -12.75 -17.29 36.57
C ALA NA 206 -12.15 -17.76 35.29
N ARG NA 207 -10.91 -17.32 35.02
CA ARG NA 207 -10.30 -17.72 33.76
C ARG NA 207 -11.15 -17.19 32.67
N LYS NA 208 -11.54 -15.92 32.80
CA LYS NA 208 -12.35 -15.36 31.76
C LYS NA 208 -11.56 -14.23 31.10
N VAL NA 209 -11.95 -13.81 29.90
CA VAL NA 209 -11.25 -12.70 29.26
C VAL NA 209 -12.25 -11.70 28.67
N LYS NA 210 -12.72 -10.80 29.51
CA LYS NA 210 -13.67 -9.77 29.13
C LYS NA 210 -13.22 -8.82 27.99
N VAL NA 211 -14.23 -8.22 27.35
CA VAL NA 211 -14.10 -7.27 26.24
C VAL NA 211 -15.34 -6.36 26.29
N ASP NA 212 -15.21 -5.16 26.85
CA ASP NA 212 -16.37 -4.26 26.95
C ASP NA 212 -16.69 -3.66 25.56
N ALA NA 213 -15.64 -3.59 24.76
CA ALA NA 213 -15.59 -3.05 23.39
C ALA NA 213 -16.74 -3.47 22.44
N ILE NA 214 -16.73 -4.70 21.99
CA ILE NA 214 -17.74 -5.17 21.06
C ILE NA 214 -18.65 -6.20 21.69
N LYS NA 215 -19.71 -6.60 21.00
CA LYS NA 215 -20.58 -7.62 21.55
C LYS NA 215 -20.03 -8.95 21.14
N ALA NA 216 -20.42 -10.01 21.85
CA ALA NA 216 -19.93 -11.34 21.51
C ALA NA 216 -20.05 -11.69 20.00
N ALA NA 217 -21.21 -11.43 19.39
CA ALA NA 217 -21.46 -11.74 17.96
C ALA NA 217 -20.49 -11.05 17.01
N HIS NA 218 -20.22 -9.79 17.29
CA HIS NA 218 -19.35 -8.96 16.47
C HIS NA 218 -17.98 -9.58 16.28
N PHE NA 219 -17.59 -10.45 17.21
CA PHE NA 219 -16.30 -11.12 17.12
C PHE NA 219 -16.16 -11.85 15.82
N ALA NA 220 -17.30 -12.10 15.16
CA ALA NA 220 -17.35 -12.80 13.88
C ALA NA 220 -16.74 -11.98 12.75
N ASN NA 221 -16.84 -10.65 12.86
CA ASN NA 221 -16.35 -9.70 11.85
C ASN NA 221 -15.01 -9.08 12.17
N VAL NA 222 -14.35 -9.58 13.19
CA VAL NA 222 -13.06 -9.02 13.47
C VAL NA 222 -12.26 -9.31 12.19
N PRO NA 223 -11.62 -8.30 11.58
CA PRO NA 223 -10.81 -8.47 10.36
C PRO NA 223 -9.87 -9.63 10.54
N THR NA 224 -9.62 -10.35 9.45
CA THR NA 224 -8.80 -11.52 9.61
C THR NA 224 -7.37 -11.47 9.04
N LEU NA 225 -6.56 -12.40 9.52
CA LEU NA 225 -5.14 -12.49 9.17
C LEU NA 225 -4.77 -13.24 7.91
N SER NA 226 -3.93 -12.55 7.14
CA SER NA 226 -3.44 -13.08 5.91
C SER NA 226 -2.31 -14.06 6.15
N ASN NA 227 -2.26 -14.69 7.31
CA ASN NA 227 -1.21 -15.66 7.55
C ASN NA 227 -1.39 -16.00 9.01
N PRO NA 228 -1.63 -17.26 9.38
CA PRO NA 228 -1.79 -17.45 10.84
C PRO NA 228 -0.49 -17.43 11.65
N ASP NA 229 0.67 -17.18 11.00
CA ASP NA 229 2.00 -17.14 11.63
C ASP NA 229 2.76 -15.81 11.71
N GLN NA 230 2.04 -14.71 11.47
CA GLN NA 230 2.60 -13.34 11.53
C GLN NA 230 1.42 -12.38 11.35
N VAL NA 231 1.65 -11.10 11.59
CA VAL NA 231 0.57 -10.13 11.41
C VAL NA 231 1.17 -8.85 10.84
N THR NA 232 0.46 -8.16 9.97
CA THR NA 232 1.04 -6.93 9.41
C THR NA 232 0.60 -5.57 9.96
N LEU NA 233 1.39 -4.52 9.72
CA LEU NA 233 1.02 -3.21 10.17
C LEU NA 233 -0.35 -2.88 9.64
N TYR NA 234 -0.64 -3.19 8.39
CA TYR NA 234 -1.97 -2.92 7.84
C TYR NA 234 -3.08 -3.56 8.65
N GLU NA 235 -2.88 -4.85 8.94
CA GLU NA 235 -3.87 -5.64 9.67
C GLU NA 235 -4.06 -5.35 11.13
N GLU NA 236 -3.04 -4.83 11.79
CA GLU NA 236 -3.16 -4.56 13.20
C GLU NA 236 -4.13 -3.44 13.31
N ASP NA 237 -3.93 -2.41 12.50
CA ASP NA 237 -4.82 -1.29 12.53
C ASP NA 237 -6.18 -1.77 12.20
N LYS NA 238 -6.28 -2.48 11.10
CA LYS NA 238 -7.60 -2.96 10.72
C LYS NA 238 -8.38 -3.68 11.84
N VAL NA 239 -7.68 -4.44 12.68
CA VAL NA 239 -8.27 -5.18 13.81
C VAL NA 239 -8.73 -4.25 14.95
N CYS NA 240 -7.74 -3.59 15.52
CA CYS NA 240 -8.02 -2.70 16.63
C CYS NA 240 -9.14 -1.75 16.34
N ALA NA 241 -9.10 -1.06 15.18
CA ALA NA 241 -10.16 -0.09 14.87
C ALA NA 241 -11.53 -0.73 14.97
N TYR NA 242 -11.61 -1.98 14.53
CA TYR NA 242 -12.89 -2.70 14.59
C TYR NA 242 -13.32 -2.77 16.03
N TYR NA 243 -12.48 -3.30 16.91
CA TYR NA 243 -12.95 -3.35 18.29
C TYR NA 243 -13.35 -1.94 18.83
N ALA NA 244 -12.53 -0.95 18.51
CA ALA NA 244 -12.76 0.42 18.96
C ALA NA 244 -14.11 0.94 18.52
N GLY NA 245 -14.50 0.69 17.30
CA GLY NA 245 -15.79 1.16 16.85
C GLY NA 245 -16.90 0.83 17.82
N GLY NA 246 -16.85 -0.38 18.38
CA GLY NA 246 -17.88 -0.85 19.31
C GLY NA 246 -18.08 -0.01 20.57
N LYS NA 247 -17.07 0.79 20.88
CA LYS NA 247 -17.02 1.69 22.04
C LYS NA 247 -18.14 2.70 21.81
N LEU NA 248 -18.51 2.86 20.55
CA LEU NA 248 -19.56 3.80 20.15
C LEU NA 248 -20.70 3.11 19.39
N TYR NA 249 -20.39 1.95 18.82
CA TYR NA 249 -21.39 1.21 18.05
C TYR NA 249 -21.97 -0.05 18.71
N ALA NA 250 -21.11 -0.89 19.28
CA ALA NA 250 -21.55 -2.17 19.88
C ALA NA 250 -22.83 -2.23 20.68
N THR NA 251 -23.49 -1.09 20.86
CA THR NA 251 -24.76 -0.93 21.60
C THR NA 251 -25.43 0.35 21.11
N ALA NA 252 -26.74 0.35 21.27
CA ALA NA 252 -27.65 1.39 20.82
C ALA NA 252 -27.66 2.48 21.88
N GLU NA 253 -26.64 2.48 22.70
CA GLU NA 253 -26.60 3.44 23.77
C GLU NA 253 -25.31 4.26 23.86
N ARG NA 254 -24.20 3.73 23.40
CA ARG NA 254 -22.95 4.50 23.43
C ARG NA 254 -23.06 5.78 22.60
N ALA NA 255 -24.17 5.84 21.88
CA ALA NA 255 -24.55 6.95 21.02
C ALA NA 255 -24.45 8.27 21.73
N GLY NA 256 -25.25 8.34 22.78
CA GLY NA 256 -25.39 9.49 23.62
C GLY NA 256 -26.45 10.34 22.97
N PRO NA 257 -26.80 11.52 23.55
CA PRO NA 257 -26.50 12.13 24.86
C PRO NA 257 -27.00 11.25 25.99
N LEU NA 258 -27.18 11.80 27.19
CA LEU NA 258 -27.61 10.92 28.27
C LEU NA 258 -28.71 11.65 29.03
N LEU NA 259 -28.63 12.98 29.02
CA LEU NA 259 -29.62 13.85 29.63
C LEU NA 259 -29.47 15.25 29.03
N PHE OA 2 -10.38 59.43 -0.45
CA PHE OA 2 -10.76 59.25 -1.85
C PHE OA 2 -12.25 59.30 -2.17
N THR OA 3 -12.57 59.87 -3.34
CA THR OA 3 -13.92 59.86 -3.90
C THR OA 3 -14.01 58.56 -4.70
N MET OA 4 -13.03 57.71 -4.46
CA MET OA 4 -13.01 56.36 -4.97
C MET OA 4 -13.46 55.37 -3.88
N ASN OA 5 -14.76 55.23 -3.68
CA ASN OA 5 -15.25 54.23 -2.73
C ASN OA 5 -14.84 52.79 -3.08
N ALA OA 6 -14.60 52.56 -4.37
CA ALA OA 6 -13.93 51.34 -4.83
C ALA OA 6 -13.47 51.38 -6.30
N ASN OA 7 -12.80 50.30 -6.67
CA ASN OA 7 -12.20 50.11 -7.97
C ASN OA 7 -12.16 48.63 -8.22
N LEU OA 8 -11.30 47.98 -7.46
CA LEU OA 8 -11.09 46.54 -7.57
C LEU OA 8 -11.98 45.82 -6.56
N TYR OA 9 -12.94 45.07 -7.09
CA TYR OA 9 -13.82 44.23 -6.32
C TYR OA 9 -13.15 42.90 -6.11
N LYS OA 10 -12.39 42.51 -7.14
CA LYS OA 10 -11.58 41.29 -7.24
C LYS OA 10 -10.94 40.74 -5.95
N ILE OA 11 -10.92 41.57 -4.90
CA ILE OA 11 -10.35 41.20 -3.60
C ILE OA 11 -11.00 39.96 -2.99
N TRP OA 12 -12.24 39.64 -3.38
CA TRP OA 12 -12.96 38.49 -2.82
C TRP OA 12 -12.66 37.22 -3.58
N LEU OA 13 -11.77 37.33 -4.54
CA LEU OA 13 -11.23 36.17 -5.21
C LEU OA 13 -9.98 35.74 -4.47
N ILE OA 14 -9.55 36.59 -3.57
CA ILE OA 14 -8.30 36.37 -2.89
C ILE OA 14 -8.49 36.06 -1.38
N LEU OA 15 -9.44 36.75 -0.76
CA LEU OA 15 -9.72 36.59 0.66
C LEU OA 15 -11.17 36.08 0.78
N ASP OA 16 -11.38 34.91 1.39
CA ASP OA 16 -12.74 34.37 1.49
C ASP OA 16 -13.64 35.31 2.25
N PRO OA 17 -14.71 35.80 1.58
CA PRO OA 17 -15.70 36.71 2.14
C PRO OA 17 -16.29 36.19 3.46
N ARG OA 18 -16.56 34.89 3.54
CA ARG OA 18 -17.04 34.33 4.80
C ARG OA 18 -16.00 34.56 5.86
N ARG OA 19 -14.75 34.22 5.53
CA ARG OA 19 -13.66 34.30 6.49
C ARG OA 19 -13.38 35.74 6.89
N VAL OA 20 -13.32 36.64 5.91
CA VAL OA 20 -13.17 38.08 6.19
C VAL OA 20 -14.29 38.60 7.10
N LEU OA 21 -15.52 38.17 6.81
CA LEU OA 21 -16.67 38.52 7.66
C LEU OA 21 -16.55 38.05 9.12
N VAL OA 22 -16.38 36.75 9.35
CA VAL OA 22 -16.31 36.27 10.73
C VAL OA 22 -15.18 36.97 11.44
N SER OA 23 -14.05 37.11 10.74
CA SER OA 23 -12.91 37.83 11.33
C SER OA 23 -13.22 39.26 11.76
N ILE OA 24 -13.83 40.01 10.86
CA ILE OA 24 -14.19 41.37 11.17
C ILE OA 24 -15.17 41.42 12.33
N VAL OA 25 -16.25 40.64 12.27
CA VAL OA 25 -17.25 40.64 13.34
C VAL OA 25 -16.68 40.36 14.74
N ALA OA 26 -15.91 39.27 14.87
CA ALA OA 26 -15.33 38.95 16.18
C ALA OA 26 -14.41 40.09 16.63
N PHE OA 27 -13.48 40.47 15.76
CA PHE OA 27 -12.51 41.52 16.09
C PHE OA 27 -13.17 42.81 16.56
N GLN OA 28 -14.27 43.18 15.92
CA GLN OA 28 -15.01 44.40 16.27
C GLN OA 28 -15.70 44.26 17.63
N ILE OA 29 -16.23 43.08 17.92
CA ILE OA 29 -16.85 42.82 19.23
C ILE OA 29 -15.83 42.94 20.36
N VAL OA 30 -14.69 42.27 20.17
CA VAL OA 30 -13.58 42.30 21.11
C VAL OA 30 -13.12 43.71 21.29
N LEU OA 31 -12.91 44.40 20.18
CA LEU OA 31 -12.50 45.79 20.21
C LEU OA 31 -13.49 46.66 20.99
N GLY OA 32 -14.78 46.39 20.84
CA GLY OA 32 -15.80 47.11 21.57
C GLY OA 32 -15.69 46.98 23.08
N LEU OA 33 -15.69 45.73 23.55
CA LEU OA 33 -15.53 45.47 24.98
C LEU OA 33 -14.21 46.05 25.48
N LEU OA 34 -13.13 45.85 24.71
CA LEU OA 34 -11.80 46.32 25.07
C LEU OA 34 -11.78 47.80 25.32
N ILE OA 35 -12.16 48.56 24.31
CA ILE OA 35 -12.16 50.02 24.40
C ILE OA 35 -13.07 50.46 25.53
N HIS OA 36 -14.23 49.82 25.64
CA HIS OA 36 -15.13 50.09 26.76
C HIS OA 36 -14.41 50.02 28.11
N MET OA 37 -13.69 48.92 28.30
CA MET OA 37 -12.94 48.67 29.52
C MET OA 37 -11.81 49.68 29.74
N ILE OA 38 -11.09 50.01 28.66
CA ILE OA 38 -9.99 50.97 28.73
C ILE OA 38 -10.48 52.34 29.15
N VAL OA 39 -11.62 52.73 28.58
CA VAL OA 39 -12.24 53.99 28.92
C VAL OA 39 -12.71 54.02 30.37
N LEU OA 40 -13.32 52.92 30.80
CA LEU OA 40 -13.84 52.80 32.15
C LEU OA 40 -12.79 52.95 33.28
N SER OA 41 -11.52 52.70 32.95
CA SER OA 41 -10.43 52.73 33.95
C SER OA 41 -9.72 54.07 34.12
N THR OA 42 -10.12 55.02 33.29
CA THR OA 42 -9.48 56.29 33.28
C THR OA 42 -10.44 57.37 33.77
N ASP OA 43 -10.01 58.62 33.65
CA ASP OA 43 -10.75 59.78 34.13
C ASP OA 43 -12.12 59.85 33.45
N LEU OA 44 -12.15 59.32 32.22
CA LEU OA 44 -13.29 59.39 31.30
C LEU OA 44 -14.44 58.42 31.63
N ASN OA 45 -14.29 57.71 32.75
CA ASN OA 45 -15.34 56.87 33.33
C ASN OA 45 -16.69 57.57 33.39
N TRP OA 46 -17.77 56.83 33.14
CA TRP OA 46 -19.11 57.39 33.10
C TRP OA 46 -20.10 56.71 34.09
N LEU OA 47 -19.59 55.97 35.08
CA LEU OA 47 -20.47 55.24 36.02
C LEU OA 47 -20.47 55.70 37.50
N ASP OA 48 -19.33 55.69 38.18
CA ASP OA 48 -19.28 56.09 39.59
C ASP OA 48 -19.17 57.62 39.68
N ASP OA 49 -20.07 58.31 39.00
CA ASP OA 49 -19.89 59.74 38.82
C ASP OA 49 -20.91 60.58 39.55
N ASN OA 50 -22.07 59.96 39.77
CA ASN OA 50 -23.24 60.66 40.30
C ASN OA 50 -23.75 61.65 39.24
N ILE OA 51 -23.75 61.21 37.98
CA ILE OA 51 -24.21 62.03 36.84
C ILE OA 51 -25.59 61.57 36.35
N PRO OA 52 -26.54 62.53 36.18
CA PRO OA 52 -26.43 63.98 36.40
C PRO OA 52 -26.75 64.37 37.84
N VAL OA 53 -27.25 63.43 38.63
CA VAL OA 53 -27.56 63.62 40.06
C VAL OA 53 -27.09 62.43 40.89
N SER OA 54 -26.52 62.70 42.06
CA SER OA 54 -25.94 61.66 42.91
C SER OA 54 -26.91 60.55 43.38
N TYR OA 55 -26.59 59.30 43.05
CA TYR OA 55 -27.48 58.20 43.36
C TYR OA 55 -27.13 57.40 44.64
N GLN OA 56 -25.85 57.20 44.99
CA GLN OA 56 -25.57 56.65 46.32
C GLN OA 56 -25.63 57.75 47.39
N ALA OA 57 -26.05 58.94 46.97
CA ALA OA 57 -26.44 59.98 47.91
C ALA OA 57 -27.88 60.33 47.59
N LEU OA 58 -28.50 59.45 46.78
CA LEU OA 58 -29.95 59.37 46.68
C LEU OA 58 -30.36 58.30 47.70
N GLY OA 59 -29.68 57.15 47.66
CA GLY OA 59 -29.90 56.09 48.64
C GLY OA 59 -29.39 56.64 49.96
N LYS OA 60 -30.15 56.41 51.05
CA LYS OA 60 -29.84 56.96 52.39
C LYS OA 60 -28.36 56.83 52.78
N LYS OA 61 -27.92 57.77 53.61
CA LYS OA 61 -26.52 58.19 53.68
C LYS OA 61 -26.42 59.57 54.32
N THR PA 8 -11.07 30.33 -5.07
CA THR PA 8 -11.81 30.56 -3.85
C THR PA 8 -13.32 30.39 -4.11
N GLY PA 9 -13.61 29.61 -5.15
CA GLY PA 9 -14.95 29.32 -5.65
C GLY PA 9 -16.03 30.39 -5.76
N LEU PA 10 -15.63 31.63 -6.05
CA LEU PA 10 -16.61 32.68 -6.33
C LEU PA 10 -16.57 33.00 -7.80
N THR PA 11 -17.67 33.48 -8.36
CA THR PA 11 -17.69 33.97 -9.74
C THR PA 11 -17.27 35.45 -9.81
N ASP PA 12 -16.93 35.91 -11.01
CA ASP PA 12 -16.52 37.29 -11.26
C ASP PA 12 -17.69 38.28 -11.07
N ASP PA 13 -18.93 37.79 -11.17
CA ASP PA 13 -20.11 38.64 -10.92
C ASP PA 13 -20.48 38.75 -9.44
N GLU PA 14 -20.15 37.72 -8.64
CA GLU PA 14 -20.43 37.74 -7.21
C GLU PA 14 -19.22 38.27 -6.48
N ALA PA 15 -18.28 38.87 -7.21
CA ALA PA 15 -17.24 39.64 -6.55
C ALA PA 15 -17.59 41.10 -6.74
N LYS PA 16 -18.55 41.34 -7.61
CA LYS PA 16 -19.15 42.66 -7.71
C LYS PA 16 -20.29 42.74 -6.72
N GLU PA 17 -21.04 41.66 -6.65
CA GLU PA 17 -22.23 41.57 -5.81
C GLU PA 17 -21.97 41.69 -4.31
N PHE PA 18 -21.13 40.78 -3.81
CA PHE PA 18 -20.77 40.73 -2.39
C PHE PA 18 -20.23 42.09 -2.01
N HIS PA 19 -19.26 42.58 -2.78
CA HIS PA 19 -18.60 43.85 -2.52
C HIS PA 19 -19.60 45.01 -2.50
N ALA PA 20 -20.56 44.97 -3.41
CA ALA PA 20 -21.54 46.04 -3.50
C ALA PA 20 -22.29 46.11 -2.18
N ILE PA 21 -22.76 44.96 -1.72
CA ILE PA 21 -23.52 44.97 -0.49
C ILE PA 21 -22.61 45.26 0.73
N PHE PA 22 -21.39 44.73 0.69
CA PHE PA 22 -20.38 44.86 1.74
C PHE PA 22 -20.04 46.31 2.01
N MET PA 23 -19.69 47.07 0.98
CA MET PA 23 -19.34 48.48 1.14
C MET PA 23 -20.44 49.31 1.71
N GLN PA 24 -21.64 49.13 1.17
CA GLN PA 24 -22.79 49.89 1.63
C GLN PA 24 -23.06 49.58 3.10
N SER PA 25 -22.93 48.30 3.42
CA SER PA 25 -23.11 47.76 4.76
C SER PA 25 -22.09 48.29 5.77
N MET PA 26 -20.83 48.26 5.33
CA MET PA 26 -19.67 48.73 6.08
C MET PA 26 -19.85 50.18 6.35
N TYR PA 27 -20.36 50.87 5.35
CA TYR PA 27 -20.66 52.28 5.46
C TYR PA 27 -21.79 52.49 6.46
N ALA PA 28 -22.71 51.54 6.56
CA ALA PA 28 -23.74 51.60 7.61
C ALA PA 28 -23.09 51.49 8.99
N TRP PA 29 -22.18 50.55 9.15
CA TRP PA 29 -21.46 50.42 10.41
C TRP PA 29 -20.63 51.69 10.74
N PHE PA 30 -19.78 52.12 9.82
CA PHE PA 30 -18.94 53.31 10.00
C PHE PA 30 -19.79 54.53 10.27
N GLY PA 31 -20.95 54.58 9.61
CA GLY PA 31 -21.90 55.66 9.77
C GLY PA 31 -22.45 55.70 11.16
N LEU PA 32 -23.04 54.60 11.62
CA LEU PA 32 -23.53 54.53 13.00
C LEU PA 32 -22.44 54.86 14.02
N VAL PA 33 -21.21 54.44 13.74
CA VAL PA 33 -20.06 54.73 14.61
C VAL PA 33 -19.80 56.24 14.71
N VAL PA 34 -19.74 56.93 13.57
CA VAL PA 34 -19.51 58.37 13.59
C VAL PA 34 -20.69 59.06 14.28
N ILE PA 35 -21.89 58.51 14.14
CA ILE PA 35 -23.05 59.02 14.86
C ILE PA 35 -22.82 59.01 16.39
N ALA PA 36 -22.50 57.82 16.89
CA ALA PA 36 -22.25 57.64 18.32
C ALA PA 36 -21.12 58.52 18.79
N HIS PA 37 -20.10 58.69 17.95
CA HIS PA 37 -18.96 59.50 18.33
C HIS PA 37 -19.28 60.98 18.36
N LEU PA 38 -20.18 61.42 17.49
CA LEU PA 38 -20.62 62.80 17.51
C LEU PA 38 -21.43 63.08 18.76
N LEU PA 39 -22.41 62.24 19.06
CA LEU PA 39 -23.16 62.40 20.30
C LEU PA 39 -22.24 62.39 21.53
N ALA PA 40 -21.27 61.48 21.50
CA ALA PA 40 -20.31 61.33 22.60
C ALA PA 40 -19.46 62.56 22.78
N TRP PA 41 -19.11 63.17 21.65
CA TRP PA 41 -18.28 64.36 21.58
C TRP PA 41 -19.05 65.60 22.04
N LEU PA 42 -20.33 65.70 21.70
CA LEU PA 42 -21.18 66.80 22.16
C LEU PA 42 -21.35 66.70 23.66
N TYR PA 43 -21.79 65.52 24.12
CA TYR PA 43 -22.10 65.31 25.53
C TYR PA 43 -20.84 65.34 26.40
N ARG PA 44 -19.71 64.99 25.79
CA ARG PA 44 -18.44 64.81 26.50
C ARG PA 44 -17.25 64.86 25.51
N PRO PA 45 -16.79 66.09 25.14
CA PRO PA 45 -15.60 66.22 24.29
C PRO PA 45 -14.37 65.71 25.03
N TRP PA 46 -13.50 64.95 24.36
CA TRP PA 46 -12.41 64.28 25.05
C TRP PA 46 -11.04 64.75 24.57
N LEU PA 47 -11.03 65.68 23.62
CA LEU PA 47 -9.80 66.23 23.11
C LEU PA 47 -10.08 67.64 22.61
N PHE QA 2 19.52 56.70 -7.45
CA PHE QA 2 18.20 56.38 -7.99
C PHE QA 2 17.17 56.11 -6.90
N THR QA 3 17.14 54.87 -6.44
CA THR QA 3 16.22 54.33 -5.42
C THR QA 3 14.81 54.14 -5.97
N MET QA 4 14.69 54.02 -7.30
CA MET QA 4 13.39 54.10 -7.98
C MET QA 4 12.75 52.74 -8.23
N ASN QA 5 13.62 51.75 -8.37
CA ASN QA 5 13.29 50.33 -8.54
C ASN QA 5 12.95 49.89 -9.95
N ALA QA 6 12.86 48.57 -10.13
CA ALA QA 6 12.87 47.98 -11.47
C ALA QA 6 11.55 47.47 -11.94
N ASN QA 7 11.15 46.34 -11.39
CA ASN QA 7 9.94 45.70 -11.81
C ASN QA 7 9.40 44.95 -10.64
N LEU QA 8 8.61 45.64 -9.83
CA LEU QA 8 8.13 45.06 -8.61
C LEU QA 8 6.81 44.35 -8.87
N TYR QA 9 6.61 43.98 -10.14
CA TYR QA 9 5.58 43.03 -10.42
C TYR QA 9 6.52 41.81 -10.40
N LYS QA 10 6.02 40.59 -10.60
CA LYS QA 10 6.85 39.37 -10.55
C LYS QA 10 7.31 39.07 -9.09
N ILE QA 11 7.28 40.07 -8.20
CA ILE QA 11 7.56 39.88 -6.78
C ILE QA 11 6.49 38.95 -6.21
N TRP QA 12 5.34 38.92 -6.88
CA TRP QA 12 4.21 38.11 -6.48
C TRP QA 12 4.26 36.70 -7.08
N LEU QA 13 5.31 36.45 -7.86
CA LEU QA 13 5.57 35.11 -8.35
C LEU QA 13 6.49 34.38 -7.39
N ILE QA 14 7.00 35.15 -6.41
CA ILE QA 14 7.95 34.65 -5.44
C ILE QA 14 7.21 34.55 -4.12
N LEU QA 15 6.36 35.56 -3.88
CA LEU QA 15 5.60 35.63 -2.64
C LEU QA 15 4.12 35.56 -2.96
N ASP QA 16 3.40 34.57 -2.41
CA ASP QA 16 1.98 34.42 -2.67
C ASP QA 16 1.24 35.70 -2.28
N PRO QA 17 0.64 36.38 -3.27
CA PRO QA 17 -0.08 37.65 -3.07
C PRO QA 17 -1.14 37.50 -2.00
N ARG QA 18 -1.82 36.35 -2.14
CA ARG QA 18 -2.94 35.97 -1.31
C ARG QA 18 -2.52 35.95 0.16
N ARG QA 19 -1.47 35.19 0.47
CA ARG QA 19 -1.00 35.15 1.87
C ARG QA 19 -0.35 36.48 2.36
N VAL QA 20 0.52 37.08 1.54
CA VAL QA 20 1.20 38.34 1.89
C VAL QA 20 0.21 39.42 2.32
N LEU QA 21 -0.92 39.47 1.63
CA LEU QA 21 -1.97 40.43 2.00
C LEU QA 21 -2.35 40.28 3.47
N VAL QA 22 -2.74 39.05 3.83
CA VAL QA 22 -3.20 38.74 5.17
C VAL QA 22 -2.10 39.02 6.21
N SER QA 23 -0.86 38.69 5.86
CA SER QA 23 0.30 38.96 6.69
C SER QA 23 0.37 40.44 7.04
N ILE QA 24 0.19 41.27 6.02
CA ILE QA 24 0.18 42.71 6.22
C ILE QA 24 -0.95 43.08 7.17
N VAL QA 25 -2.15 42.54 6.93
CA VAL QA 25 -3.29 42.84 7.79
C VAL QA 25 -3.02 42.62 9.27
N ALA QA 26 -2.58 41.41 9.58
CA ALA QA 26 -2.29 41.03 10.96
C ALA QA 26 -1.19 41.87 11.53
N PHE QA 27 -0.05 41.93 10.83
CA PHE QA 27 1.09 42.68 11.35
C PHE QA 27 0.62 44.11 11.69
N GLN QA 28 -0.28 44.64 10.87
CA GLN QA 28 -0.78 45.99 11.09
C GLN QA 28 -1.64 46.10 12.36
N ILE QA 29 -2.57 45.17 12.59
CA ILE QA 29 -3.40 45.23 13.80
C ILE QA 29 -2.55 45.10 15.07
N VAL QA 30 -1.56 44.20 15.00
CA VAL QA 30 -0.65 44.00 16.14
C VAL QA 30 0.04 45.30 16.45
N LEU QA 31 0.67 45.85 15.42
CA LEU QA 31 1.39 47.09 15.52
C LEU QA 31 0.47 48.20 16.08
N GLY QA 32 -0.78 48.20 15.63
CA GLY QA 32 -1.75 49.19 16.07
C GLY QA 32 -2.10 49.18 17.55
N LEU QA 33 -2.62 48.06 18.05
CA LEU QA 33 -2.95 48.01 19.49
C LEU QA 33 -1.67 48.26 20.29
N LEU QA 34 -0.56 47.67 19.84
CA LEU QA 34 0.73 47.82 20.52
C LEU QA 34 1.17 49.26 20.72
N ILE QA 35 1.33 49.98 19.62
CA ILE QA 35 1.81 51.35 19.70
C ILE QA 35 0.83 52.18 20.52
N HIS QA 36 -0.46 51.94 20.29
CA HIS QA 36 -1.49 52.58 21.08
C HIS QA 36 -1.22 52.43 22.57
N MET QA 37 -0.91 51.21 22.99
CA MET QA 37 -0.61 50.91 24.40
C MET QA 37 0.67 51.52 24.95
N ILE QA 38 1.75 51.47 24.16
CA ILE QA 38 3.04 52.02 24.59
C ILE QA 38 2.87 53.50 24.87
N VAL QA 39 2.14 54.16 23.96
CA VAL QA 39 1.82 55.57 24.14
C VAL QA 39 0.93 55.71 25.37
N LEU QA 40 -0.02 54.79 25.53
CA LEU QA 40 -0.97 54.83 26.65
C LEU QA 40 -0.38 54.78 28.06
N SER QA 41 0.81 54.20 28.17
CA SER QA 41 1.48 54.06 29.46
C SER QA 41 2.51 55.17 29.77
N THR QA 42 2.65 56.10 28.84
CA THR QA 42 3.66 57.15 28.92
C THR QA 42 3.17 58.59 28.99
N ASP QA 43 4.14 59.48 28.83
CA ASP QA 43 3.98 60.92 28.87
C ASP QA 43 2.96 61.34 27.83
N LEU QA 44 2.93 60.63 26.72
CA LEU QA 44 2.04 60.93 25.59
C LEU QA 44 0.61 60.46 25.79
N ASN QA 45 0.33 59.91 26.98
CA ASN QA 45 -0.99 59.40 27.33
C ASN QA 45 -2.10 60.39 27.00
N TRP QA 46 -3.22 59.89 26.48
CA TRP QA 46 -4.31 60.75 26.01
C TRP QA 46 -5.60 60.45 26.76
N LEU QA 47 -5.52 59.70 27.86
CA LEU QA 47 -6.72 59.32 28.59
C LEU QA 47 -6.86 59.95 29.98
N ASP QA 48 -5.89 59.64 30.85
CA ASP QA 48 -5.85 60.12 32.23
C ASP QA 48 -5.11 61.47 32.31
N ASP QA 49 -5.55 62.44 31.52
CA ASP QA 49 -4.82 63.69 31.40
C ASP QA 49 -5.60 64.81 32.01
N ASN QA 50 -6.90 64.63 32.16
CA ASN QA 50 -7.83 65.66 32.66
C ASN QA 50 -8.06 66.80 31.65
N ILE QA 51 -8.15 66.48 30.37
CA ILE QA 51 -8.32 67.50 29.33
C ILE QA 51 -9.43 67.06 28.34
N PRO QA 52 -10.29 68.01 27.88
CA PRO QA 52 -10.28 69.45 28.21
C PRO QA 52 -11.08 69.87 29.44
N VAL QA 53 -11.91 68.98 29.97
CA VAL QA 53 -12.59 69.24 31.23
C VAL QA 53 -12.65 67.94 32.03
N SER QA 54 -12.38 68.03 33.34
CA SER QA 54 -12.41 66.85 34.23
C SER QA 54 -13.82 66.29 34.39
N TYR QA 55 -13.96 64.99 34.11
CA TYR QA 55 -15.27 64.31 34.13
C TYR QA 55 -15.53 63.63 35.48
N GLN QA 56 -14.46 63.25 36.17
CA GLN QA 56 -14.59 62.68 37.51
C GLN QA 56 -14.98 63.81 38.44
N ALA QA 57 -15.25 63.50 39.71
CA ALA QA 57 -15.42 64.47 40.81
C ALA QA 57 -15.17 65.97 40.49
N LEU QA 58 -15.51 66.36 39.26
CA LEU QA 58 -15.55 67.76 38.79
C LEU QA 58 -16.76 68.02 37.88
N GLY QA 59 -17.66 67.03 37.80
CA GLY QA 59 -18.86 67.19 36.99
C GLY QA 59 -20.08 66.34 37.34
N LYS QA 60 -21.26 66.99 37.31
CA LYS QA 60 -22.57 66.38 37.54
C LYS QA 60 -22.66 65.38 38.72
N LYS QA 61 -23.16 65.87 39.86
CA LYS QA 61 -22.94 65.33 41.22
C LYS QA 61 -23.24 66.39 42.25
N THR RA 8 1.31 31.97 -6.56
CA THR RA 8 1.97 31.48 -7.76
C THR RA 8 1.12 30.46 -8.51
N GLY RA 9 -0.20 30.56 -8.39
CA GLY RA 9 -1.10 29.76 -9.21
C GLY RA 9 -1.77 30.81 -10.08
N LEU RA 10 -1.01 31.88 -10.31
CA LEU RA 10 -1.37 33.06 -11.09
C LEU RA 10 -0.56 33.23 -12.38
N THR RA 11 -1.07 34.04 -13.31
CA THR RA 11 -0.33 34.41 -14.53
C THR RA 11 0.62 35.60 -14.30
N ASP RA 12 1.59 35.74 -15.22
CA ASP RA 12 2.56 36.82 -15.19
C ASP RA 12 1.85 38.16 -15.44
N ASP RA 13 0.64 38.09 -16.00
CA ASP RA 13 -0.20 39.28 -16.21
C ASP RA 13 -1.05 39.68 -15.01
N GLU RA 14 -1.36 38.72 -14.13
CA GLU RA 14 -2.14 39.04 -12.94
C GLU RA 14 -1.28 39.33 -11.71
N ALA RA 15 0.04 39.40 -11.88
CA ALA RA 15 0.88 39.92 -10.83
C ALA RA 15 1.30 41.31 -11.25
N LYS RA 16 0.95 41.63 -12.48
CA LYS RA 16 1.09 42.98 -12.97
C LYS RA 16 -0.15 43.68 -12.48
N GLU RA 17 -1.28 42.98 -12.62
CA GLU RA 17 -2.55 43.51 -12.13
C GLU RA 17 -2.54 43.61 -10.62
N PHE RA 18 -2.23 42.49 -9.95
CA PHE RA 18 -2.14 42.53 -8.49
C PHE RA 18 -1.19 43.63 -8.08
N HIS RA 19 -0.01 43.70 -8.67
CA HIS RA 19 0.91 44.73 -8.26
C HIS RA 19 0.31 46.12 -8.41
N ALA RA 20 -0.43 46.34 -9.49
CA ALA RA 20 -1.04 47.65 -9.73
C ALA RA 20 -1.98 48.01 -8.59
N ILE RA 21 -2.87 47.06 -8.29
CA ILE RA 21 -3.91 47.26 -7.29
C ILE RA 21 -3.32 47.43 -5.90
N PHE RA 22 -2.31 46.61 -5.67
CA PHE RA 22 -1.58 46.56 -4.42
C PHE RA 22 -0.91 47.89 -4.16
N MET RA 23 -0.17 48.38 -5.13
CA MET RA 23 0.56 49.62 -4.96
C MET RA 23 -0.41 50.75 -4.66
N GLN RA 24 -1.50 50.82 -5.42
CA GLN RA 24 -2.43 51.92 -5.18
C GLN RA 24 -3.13 51.82 -3.82
N SER RA 25 -3.52 50.61 -3.43
CA SER RA 25 -4.17 50.38 -2.12
C SER RA 25 -3.23 50.63 -0.93
N MET RA 26 -2.00 50.13 -1.05
CA MET RA 26 -0.95 50.28 -0.06
C MET RA 26 -0.62 51.73 0.17
N TYR RA 27 -0.49 52.46 -0.93
CA TYR RA 27 -0.25 53.88 -0.83
C TYR RA 27 -1.48 54.64 -0.30
N ALA RA 28 -2.67 54.16 -0.62
CA ALA RA 28 -3.90 54.76 -0.07
C ALA RA 28 -3.91 54.68 1.46
N TRP RA 29 -3.60 53.49 1.96
CA TRP RA 29 -3.46 53.24 3.39
C TRP RA 29 -2.38 54.15 3.96
N PHE RA 30 -1.22 54.20 3.30
CA PHE RA 30 -0.13 55.06 3.76
C PHE RA 30 -0.61 56.50 3.86
N GLY RA 31 -1.53 56.86 2.97
CA GLY RA 31 -2.11 58.18 2.98
C GLY RA 31 -2.86 58.42 4.28
N LEU RA 32 -3.84 57.57 4.60
CA LEU RA 32 -4.51 57.75 5.89
C LEU RA 32 -3.50 57.80 7.02
N VAL RA 33 -2.44 57.01 6.91
CA VAL RA 33 -1.43 56.98 7.99
C VAL RA 33 -0.72 58.34 8.19
N VAL RA 34 -0.18 58.91 7.10
CA VAL RA 34 0.52 60.18 7.17
C VAL RA 34 -0.46 61.31 7.56
N ILE RA 35 -1.71 61.20 7.13
CA ILE RA 35 -2.80 62.10 7.55
C ILE RA 35 -3.02 62.10 9.06
N ALA RA 36 -3.28 60.91 9.60
CA ALA RA 36 -3.52 60.73 11.03
C ALA RA 36 -2.34 61.24 11.84
N HIS RA 37 -1.16 61.00 11.28
CA HIS RA 37 0.10 61.41 11.89
C HIS RA 37 0.32 62.91 11.82
N LEU RA 38 -0.20 63.53 10.76
CA LEU RA 38 -0.14 64.98 10.60
C LEU RA 38 -1.07 65.68 11.61
N LEU RA 39 -2.31 65.20 11.68
CA LEU RA 39 -3.28 65.69 12.66
C LEU RA 39 -2.78 65.52 14.11
N ALA RA 40 -2.24 64.34 14.39
CA ALA RA 40 -1.67 64.03 15.70
C ALA RA 40 -0.45 64.93 15.94
N TRP RA 41 0.28 65.23 14.87
CA TRP RA 41 1.47 66.05 14.95
C TRP RA 41 1.12 67.49 15.34
N LEU RA 42 0.01 67.99 14.79
CA LEU RA 42 -0.47 69.30 15.15
C LEU RA 42 -0.98 69.36 16.59
N TYR RA 43 -1.87 68.44 16.98
CA TYR RA 43 -2.50 68.59 18.30
C TYR RA 43 -1.53 68.48 19.48
N ARG RA 44 -0.45 67.74 19.30
CA ARG RA 44 0.42 67.43 20.42
C ARG RA 44 1.78 67.00 19.89
N PRO RA 45 2.63 67.97 19.53
CA PRO RA 45 3.95 67.62 19.01
C PRO RA 45 4.75 66.84 20.03
N TRP RA 46 5.43 65.81 19.57
CA TRP RA 46 6.07 64.88 20.49
C TRP RA 46 7.59 64.85 20.32
N LEU RA 47 8.08 65.57 19.30
CA LEU RA 47 9.48 65.62 18.87
C LEU RA 47 10.29 64.30 18.91
N PHE SA 2 43.48 39.08 -8.13
CA PHE SA 2 42.34 39.16 -9.04
C PHE SA 2 41.04 38.83 -8.31
N THR SA 3 41.15 37.93 -7.31
CA THR SA 3 40.05 37.49 -6.43
C THR SA 3 38.72 37.23 -7.18
N MET SA 4 37.63 37.00 -6.45
CA MET SA 4 36.46 36.37 -7.09
C MET SA 4 35.08 36.61 -6.46
N ASN SA 5 34.50 37.78 -6.75
CA ASN SA 5 33.13 38.09 -6.35
C ASN SA 5 32.17 38.13 -7.54
N ALA SA 6 32.70 38.49 -8.71
CA ALA SA 6 32.03 38.34 -10.02
C ALA SA 6 31.14 37.11 -10.25
N ASN SA 7 30.51 36.59 -9.20
CA ASN SA 7 29.60 35.45 -9.31
C ASN SA 7 28.60 35.45 -8.15
N LEU SA 8 28.25 36.63 -7.63
CA LEU SA 8 27.42 36.73 -6.42
C LEU SA 8 25.93 36.72 -6.77
N TYR SA 9 25.64 36.24 -7.97
CA TYR SA 9 24.29 35.96 -8.43
C TYR SA 9 23.94 34.49 -8.14
N LYS SA 10 24.86 33.58 -8.43
CA LYS SA 10 24.74 32.14 -8.11
C LYS SA 10 24.20 31.85 -6.69
N ILE SA 11 24.17 32.90 -5.87
CA ILE SA 11 23.66 32.85 -4.51
C ILE SA 11 22.19 32.40 -4.52
N TRP SA 12 21.52 32.61 -5.65
CA TRP SA 12 20.14 32.19 -5.81
C TRP SA 12 20.04 30.79 -6.42
N LEU SA 13 21.18 30.16 -6.64
CA LEU SA 13 21.19 28.75 -7.04
C LEU SA 13 21.36 27.82 -5.83
N ILE SA 14 21.72 28.39 -4.68
CA ILE SA 14 21.95 27.60 -3.46
C ILE SA 14 20.90 27.90 -2.35
N LEU SA 15 20.45 29.16 -2.27
CA LEU SA 15 19.51 29.55 -1.24
C LEU SA 15 18.17 30.01 -1.84
N ASP SA 16 17.06 29.38 -1.45
CA ASP SA 16 15.73 29.77 -1.97
C ASP SA 16 15.29 31.20 -1.67
N PRO SA 17 15.12 32.03 -2.72
CA PRO SA 17 14.62 33.42 -2.71
C PRO SA 17 13.23 33.55 -2.08
N ARG SA 18 12.35 32.58 -2.33
CA ARG SA 18 11.00 32.60 -1.80
C ARG SA 18 11.14 32.73 -0.30
N ARG SA 19 12.01 31.90 0.26
CA ARG SA 19 12.27 31.87 1.70
C ARG SA 19 13.19 32.98 2.25
N VAL SA 20 14.35 33.19 1.62
CA VAL SA 20 15.29 34.22 2.06
C VAL SA 20 14.63 35.58 2.09
N LEU SA 21 13.78 35.87 1.11
CA LEU SA 21 13.06 37.14 1.10
C LEU SA 21 12.28 37.32 2.39
N VAL SA 22 11.41 36.36 2.65
CA VAL SA 22 10.54 36.42 3.82
C VAL SA 22 11.36 36.47 5.12
N SER SA 23 12.43 35.69 5.12
CA SER SA 23 13.35 35.56 6.23
C SER SA 23 13.94 36.90 6.61
N ILE SA 24 14.42 37.61 5.62
CA ILE SA 24 14.94 38.94 5.83
C ILE SA 24 13.79 39.83 6.30
N VAL SA 25 12.60 39.68 5.72
CA VAL SA 25 11.47 40.49 6.19
C VAL SA 25 11.24 40.39 7.70
N ALA SA 26 11.15 39.15 8.20
CA ALA SA 26 10.93 38.89 9.63
C ALA SA 26 12.10 39.45 10.45
N PHE SA 27 13.31 39.08 10.07
CA PHE SA 27 14.52 39.51 10.74
C PHE SA 27 14.60 41.01 10.88
N GLN SA 28 14.18 41.72 9.84
CA GLN SA 28 14.17 43.16 9.90
C GLN SA 28 13.10 43.67 10.86
N ILE SA 29 11.88 43.13 10.79
CA ILE SA 29 10.85 43.65 11.71
C ILE SA 29 11.22 43.40 13.18
N VAL SA 30 11.68 42.18 13.45
CA VAL SA 30 12.13 41.81 14.78
C VAL SA 30 13.29 42.69 15.22
N LEU SA 31 14.34 42.80 14.40
CA LEU SA 31 15.47 43.64 14.79
C LEU SA 31 15.02 45.06 15.09
N GLY SA 32 14.06 45.55 14.29
CA GLY SA 32 13.49 46.86 14.49
C GLY SA 32 12.85 47.04 15.83
N LEU SA 33 11.92 46.14 16.17
CA LEU SA 33 11.23 46.17 17.45
C LEU SA 33 12.22 46.10 18.59
N LEU SA 34 13.18 45.19 18.44
CA LEU SA 34 14.22 44.98 19.41
C LEU SA 34 14.92 46.28 19.70
N ILE SA 35 15.47 46.88 18.65
CA ILE SA 35 16.23 48.13 18.74
C ILE SA 35 15.41 49.29 19.31
N HIS SA 36 14.18 49.45 18.85
CA HIS SA 36 13.28 50.46 19.41
C HIS SA 36 13.21 50.31 20.92
N MET SA 37 13.04 49.07 21.35
CA MET SA 37 13.01 48.83 22.77
C MET SA 37 14.35 49.15 23.42
N ILE SA 38 15.47 48.83 22.77
CA ILE SA 38 16.79 49.05 23.35
C ILE SA 38 17.00 50.50 23.68
N VAL SA 39 16.63 51.34 22.73
CA VAL SA 39 16.70 52.78 22.95
C VAL SA 39 15.69 53.18 24.01
N LEU SA 40 14.51 52.57 23.97
CA LEU SA 40 13.46 52.92 24.94
C LEU SA 40 13.89 52.72 26.39
N SER SA 41 14.89 51.88 26.59
CA SER SA 41 15.38 51.63 27.95
C SER SA 41 16.64 52.47 28.31
N THR SA 42 17.08 53.32 27.40
CA THR SA 42 18.27 54.16 27.62
C THR SA 42 18.02 55.67 27.60
N ASP SA 43 19.12 56.43 27.61
CA ASP SA 43 19.11 57.90 27.60
C ASP SA 43 18.48 58.45 26.31
N LEU SA 44 18.65 57.73 25.21
CA LEU SA 44 18.16 58.21 23.92
C LEU SA 44 16.65 58.06 23.79
N ASN SA 45 16.05 57.54 24.85
CA ASN SA 45 14.60 57.43 24.96
C ASN SA 45 13.94 58.77 24.65
N TRP SA 46 12.80 58.72 23.97
CA TRP SA 46 12.15 59.95 23.56
C TRP SA 46 10.71 60.09 24.08
N LEU SA 47 10.29 59.20 24.99
CA LEU SA 47 8.90 59.21 25.42
C LEU SA 47 8.67 59.66 26.90
N ASP SA 48 9.19 58.86 27.85
CA ASP SA 48 9.03 59.12 29.28
C ASP SA 48 10.12 60.10 29.68
N ASP SA 49 10.27 61.18 28.94
CA ASP SA 49 11.43 62.05 29.11
C ASP SA 49 11.13 63.49 29.48
N ASN SA 50 9.90 63.89 29.23
CA ASN SA 50 9.44 65.28 29.37
C ASN SA 50 10.02 66.12 28.23
N ILE SA 51 9.99 65.53 27.03
CA ILE SA 51 10.46 66.14 25.77
C ILE SA 51 9.33 66.53 24.81
N PRO SA 52 9.34 67.79 24.31
CA PRO SA 52 10.29 68.87 24.64
C PRO SA 52 9.82 69.64 25.88
N VAL SA 53 8.57 69.38 26.28
CA VAL SA 53 8.01 69.88 27.54
C VAL SA 53 7.14 68.74 28.12
N SER SA 54 7.21 68.55 29.44
CA SER SA 54 6.46 67.48 30.10
C SER SA 54 4.94 67.56 29.98
N TYR SA 55 4.32 66.50 29.46
CA TYR SA 55 2.87 66.44 29.28
C TYR SA 55 2.25 65.96 30.58
N GLN SA 56 3.04 65.24 31.36
CA GLN SA 56 2.60 64.90 32.68
C GLN SA 56 2.75 66.13 33.57
N ALA SA 57 2.56 67.29 32.96
CA ALA SA 57 2.41 68.54 33.68
C ALA SA 57 1.01 69.10 33.40
N LEU SA 58 0.15 68.98 34.42
CA LEU SA 58 -1.11 69.70 34.51
C LEU SA 58 -0.86 71.00 35.25
N GLY SA 59 -0.65 70.82 36.55
CA GLY SA 59 -0.33 71.86 37.53
C GLY SA 59 0.38 73.16 37.15
N LYS SA 60 0.07 74.25 37.86
CA LYS SA 60 0.70 75.55 37.62
C LYS SA 60 2.23 75.44 37.61
N LYS SA 61 2.78 75.17 36.42
CA LYS SA 61 4.06 74.49 36.23
C LYS SA 61 4.02 73.09 36.85
N THR TA 8 18.63 26.44 -5.66
CA THR TA 8 18.23 25.61 -6.80
C THR TA 8 16.74 25.72 -7.09
N GLY TA 9 16.40 25.65 -8.38
CA GLY TA 9 15.02 25.71 -8.87
C GLY TA 9 14.71 26.88 -9.79
N LEU TA 10 15.74 27.34 -10.49
CA LEU TA 10 15.61 28.39 -11.49
C LEU TA 10 16.76 28.23 -12.51
N THR TA 11 16.66 28.78 -13.73
CA THR TA 11 17.83 28.76 -14.60
C THR TA 11 18.78 29.89 -14.19
N ASP TA 12 20.00 29.85 -14.73
CA ASP TA 12 21.05 30.81 -14.45
C ASP TA 12 20.59 32.19 -14.92
N ASP TA 13 19.60 32.17 -15.82
CA ASP TA 13 18.99 33.37 -16.37
C ASP TA 13 17.93 33.94 -15.42
N GLU TA 14 17.32 33.07 -14.62
CA GLU TA 14 16.31 33.49 -13.66
C GLU TA 14 16.92 33.75 -12.28
N ALA TA 15 18.24 33.62 -12.16
CA ALA TA 15 18.97 34.08 -10.99
C ALA TA 15 19.79 35.31 -11.31
N LYS TA 16 19.75 35.69 -12.58
CA LYS TA 16 20.34 36.94 -13.02
C LYS TA 16 19.27 38.01 -12.77
N GLU TA 17 18.06 37.64 -13.19
CA GLU TA 17 16.88 38.47 -13.12
C GLU TA 17 16.47 38.76 -11.67
N PHE TA 18 16.31 37.73 -10.85
CA PHE TA 18 16.00 37.98 -9.45
C PHE TA 18 17.08 38.83 -8.78
N HIS TA 19 18.33 38.44 -8.99
CA HIS TA 19 19.45 39.12 -8.33
C HIS TA 19 19.53 40.61 -8.63
N ALA TA 20 19.25 41.00 -9.87
CA ALA TA 20 19.30 42.43 -10.24
C ALA TA 20 18.32 43.25 -9.39
N ILE TA 21 17.07 42.78 -9.31
CA ILE TA 21 16.01 43.46 -8.56
C ILE TA 21 16.23 43.39 -7.04
N PHE TA 22 16.71 42.24 -6.56
CA PHE TA 22 17.01 42.10 -5.14
C PHE TA 22 18.04 43.14 -4.76
N MET TA 23 19.14 43.15 -5.49
CA MET TA 23 20.23 44.07 -5.19
C MET TA 23 19.81 45.53 -5.22
N GLN TA 24 19.16 45.95 -6.31
CA GLN TA 24 18.79 47.37 -6.38
C GLN TA 24 17.71 47.77 -5.35
N SER TA 25 16.71 46.91 -5.13
CA SER TA 25 15.68 47.24 -4.13
C SER TA 25 16.33 47.34 -2.75
N MET TA 26 17.25 46.42 -2.47
CA MET TA 26 17.96 46.40 -1.20
C MET TA 26 18.67 47.71 -1.03
N TYR TA 27 19.27 48.18 -2.11
CA TYR TA 27 19.92 49.49 -2.04
C TYR TA 27 18.92 50.64 -1.85
N ALA TA 28 17.70 50.53 -2.38
CA ALA TA 28 16.68 51.55 -2.06
C ALA TA 28 16.35 51.57 -0.55
N TRP TA 29 16.16 50.39 0.03
CA TRP TA 29 15.89 50.24 1.47
C TRP TA 29 17.02 50.83 2.32
N PHE TA 30 18.25 50.41 2.04
CA PHE TA 30 19.41 50.93 2.74
C PHE TA 30 19.44 52.46 2.57
N GLY TA 31 18.91 52.91 1.43
CA GLY TA 31 18.83 54.34 1.19
C GLY TA 31 17.95 55.02 2.23
N LEU TA 32 16.70 54.56 2.37
CA LEU TA 32 15.83 55.11 3.42
C LEU TA 32 16.46 55.03 4.80
N VAL TA 33 17.20 53.96 5.07
CA VAL TA 33 17.83 53.81 6.39
C VAL TA 33 18.87 54.89 6.68
N VAL TA 34 19.77 55.10 5.73
CA VAL TA 34 20.80 56.12 5.89
C VAL TA 34 20.08 57.48 5.99
N ILE TA 35 18.94 57.60 5.28
CA ILE TA 35 18.10 58.79 5.37
C ILE TA 35 17.69 59.07 6.82
N ALA TA 36 17.05 58.08 7.43
CA ALA TA 36 16.57 58.16 8.80
C ALA TA 36 17.70 58.44 9.77
N HIS TA 37 18.87 57.87 9.50
CA HIS TA 37 20.02 58.08 10.36
C HIS TA 37 20.57 59.49 10.19
N LEU TA 38 20.42 60.05 8.99
CA LEU TA 38 20.83 61.42 8.75
C LEU TA 38 19.90 62.33 9.53
N LEU TA 39 18.60 62.13 9.43
CA LEU TA 39 17.63 62.90 10.21
C LEU TA 39 17.81 62.83 11.74
N ALA TA 40 17.98 61.61 12.24
CA ALA TA 40 18.17 61.39 13.67
C ALA TA 40 19.47 62.01 14.11
N TRP TA 41 20.47 61.97 13.24
CA TRP TA 41 21.75 62.54 13.57
C TRP TA 41 21.63 64.05 13.61
N LEU TA 42 20.81 64.61 12.73
CA LEU TA 42 20.58 66.06 12.68
C LEU TA 42 19.91 66.56 13.97
N TYR TA 43 18.76 65.96 14.31
CA TYR TA 43 17.96 66.42 15.45
C TYR TA 43 18.58 66.11 16.80
N ARG TA 44 19.39 65.07 16.84
CA ARG TA 44 19.88 64.54 18.08
C ARG TA 44 21.10 63.68 17.83
N PRO TA 45 22.27 64.30 17.66
CA PRO TA 45 23.45 63.46 17.45
C PRO TA 45 23.65 62.56 18.67
N TRP TA 46 24.02 61.30 18.39
CA TRP TA 46 24.06 60.25 19.39
C TRP TA 46 25.49 59.81 19.64
N LEU TA 47 26.42 60.47 18.94
CA LEU TA 47 27.84 60.17 19.06
C LEU TA 47 28.61 61.48 18.84
N PHE UA 2 42.06 33.12 -1.67
CA PHE UA 2 43.41 32.99 -1.13
C PHE UA 2 43.37 31.92 -0.04
N THR UA 3 44.23 30.91 -0.11
CA THR UA 3 44.12 29.83 0.89
C THR UA 3 44.89 29.94 2.23
N MET UA 4 46.17 30.36 2.32
CA MET UA 4 47.10 30.74 1.27
C MET UA 4 47.86 29.50 0.82
N ASN UA 5 47.56 29.02 -0.38
CA ASN UA 5 48.23 27.87 -0.99
C ASN UA 5 47.93 26.55 -0.26
N ALA UA 6 47.39 25.57 -0.98
CA ALA UA 6 47.41 25.53 -2.46
C ALA UA 6 46.38 24.52 -2.93
N ASN UA 7 45.54 24.09 -1.99
CA ASN UA 7 44.47 23.12 -2.23
C ASN UA 7 43.32 23.32 -1.25
N LEU UA 8 43.10 24.57 -0.85
CA LEU UA 8 42.04 24.82 0.13
C LEU UA 8 40.71 25.12 -0.55
N TYR UA 9 40.57 24.64 -1.77
CA TYR UA 9 39.29 24.67 -2.40
C TYR UA 9 38.63 23.38 -1.99
N LYS UA 10 39.43 22.32 -2.07
CA LYS UA 10 39.12 20.96 -1.65
C LYS UA 10 38.35 20.83 -0.31
N ILE UA 11 38.39 21.88 0.52
CA ILE UA 11 37.71 21.91 1.80
C ILE UA 11 36.20 21.77 1.61
N TRP UA 12 35.71 22.15 0.42
CA TRP UA 12 34.28 22.09 0.08
C TRP UA 12 33.93 20.73 -0.51
N LEU UA 13 34.94 19.85 -0.52
CA LEU UA 13 34.77 18.44 -0.85
C LEU UA 13 34.49 17.66 0.43
N ILE UA 14 34.67 18.34 1.57
CA ILE UA 14 34.54 17.74 2.91
C ILE UA 14 33.36 18.27 3.75
N LEU UA 15 33.07 19.56 3.63
CA LEU UA 15 32.01 20.23 4.40
C LEU UA 15 30.93 20.84 3.51
N ASP UA 16 29.65 20.51 3.71
CA ASP UA 16 28.58 21.10 2.89
C ASP UA 16 28.64 22.63 2.91
N PRO UA 17 28.87 23.24 1.74
CA PRO UA 17 28.94 24.70 1.58
C PRO UA 17 27.68 25.42 2.07
N ARG UA 18 26.49 24.90 1.79
CA ARG UA 18 25.29 25.58 2.26
C ARG UA 18 25.30 25.66 3.79
N ARG UA 19 25.57 24.52 4.41
CA ARG UA 19 25.54 24.40 5.87
C ARG UA 19 26.58 25.34 6.42
N VAL UA 20 27.77 25.30 5.85
CA VAL UA 20 28.85 26.18 6.26
C VAL UA 20 28.43 27.66 6.15
N LEU UA 21 27.78 28.02 5.04
CA LEU UA 21 27.29 29.39 4.86
C LEU UA 21 26.28 29.85 5.89
N VAL UA 22 25.18 29.12 5.98
CA VAL UA 22 24.11 29.50 6.89
C VAL UA 22 24.67 29.50 8.31
N SER UA 23 25.54 28.54 8.61
CA SER UA 23 26.24 28.49 9.89
C SER UA 23 26.92 29.81 10.09
N ILE UA 24 27.58 30.29 9.06
CA ILE UA 24 28.23 31.59 9.14
C ILE UA 24 27.19 32.70 9.42
N VAL UA 25 26.09 32.68 8.68
CA VAL UA 25 25.02 33.67 8.86
C VAL UA 25 24.51 33.72 10.31
N ALA UA 26 24.14 32.56 10.85
CA ALA UA 26 23.67 32.42 12.22
C ALA UA 26 24.75 32.76 13.23
N PHE UA 27 25.91 32.14 13.11
CA PHE UA 27 27.00 32.35 14.04
C PHE UA 27 27.38 33.81 14.15
N GLN UA 28 27.45 34.46 13.01
CA GLN UA 28 27.79 35.88 12.96
C GLN UA 28 26.67 36.74 13.50
N ILE UA 29 25.42 36.43 13.16
CA ILE UA 29 24.31 37.23 13.66
C ILE UA 29 24.18 37.11 15.20
N VAL UA 30 24.30 35.90 15.74
CA VAL UA 30 24.27 35.72 17.18
C VAL UA 30 25.48 36.40 17.81
N LEU UA 31 26.69 36.06 17.36
CA LEU UA 31 27.91 36.61 17.94
C LEU UA 31 27.89 38.11 17.93
N GLY UA 32 27.34 38.67 16.86
CA GLY UA 32 27.19 40.10 16.73
C GLY UA 32 26.32 40.62 17.85
N LEU UA 33 25.14 40.02 17.97
CA LEU UA 33 24.24 40.44 19.03
C LEU UA 33 24.88 40.32 20.44
N LEU UA 34 25.52 39.17 20.72
CA LEU UA 34 26.16 38.88 22.00
C LEU UA 34 27.19 39.91 22.36
N ILE UA 35 28.16 40.11 21.46
CA ILE UA 35 29.25 41.04 21.69
C ILE UA 35 28.73 42.46 21.89
N HIS UA 36 27.75 42.84 21.05
CA HIS UA 36 27.08 44.12 21.26
C HIS UA 36 26.62 44.23 22.71
N MET UA 37 26.00 43.16 23.18
CA MET UA 37 25.49 43.11 24.54
C MET UA 37 26.56 43.12 25.64
N ILE UA 38 27.67 42.43 25.38
CA ILE UA 38 28.78 42.35 26.31
C ILE UA 38 29.28 43.75 26.58
N VAL UA 39 29.41 44.54 25.51
CA VAL UA 39 29.79 45.94 25.70
C VAL UA 39 28.66 46.67 26.43
N LEU UA 40 27.40 46.37 26.09
CA LEU UA 40 26.29 46.99 26.82
C LEU UA 40 26.31 46.63 28.31
N SER UA 41 26.99 45.53 28.65
CA SER UA 41 27.02 45.02 30.01
C SER UA 41 28.16 45.63 30.82
N THR UA 42 28.95 46.48 30.19
CA THR UA 42 30.09 47.05 30.89
C THR UA 42 30.01 48.55 31.01
N ASP UA 43 31.09 49.12 31.54
CA ASP UA 43 31.20 50.55 31.68
C ASP UA 43 31.26 51.16 30.27
N LEU UA 44 31.78 50.39 29.31
CA LEU UA 44 32.04 50.84 27.93
C LEU UA 44 30.81 51.05 27.04
N ASN UA 45 29.64 50.93 27.65
CA ASN UA 45 28.35 51.25 27.03
C ASN UA 45 28.42 52.55 26.22
N TRP UA 46 27.68 52.65 25.12
CA TRP UA 46 27.76 53.86 24.28
C TRP UA 46 26.45 54.63 24.13
N LEU UA 47 25.40 54.22 24.84
CA LEU UA 47 24.08 54.79 24.64
C LEU UA 47 23.79 55.66 25.83
N ASP UA 48 23.96 55.08 27.01
CA ASP UA 48 23.77 55.79 28.26
C ASP UA 48 25.05 56.56 28.63
N ASP UA 49 25.52 57.41 27.70
CA ASP UA 49 26.82 58.08 27.83
C ASP UA 49 26.70 59.56 28.13
N ASN UA 50 25.55 60.14 27.83
CA ASN UA 50 25.30 61.57 28.03
C ASN UA 50 26.05 62.45 27.01
N ILE UA 51 25.96 62.08 25.73
CA ILE UA 51 26.69 62.75 24.66
C ILE UA 51 25.84 63.71 23.81
N PRO UA 52 26.20 65.01 23.78
CA PRO UA 52 27.23 65.65 24.61
C PRO UA 52 26.62 66.18 25.92
N VAL UA 53 25.29 66.21 25.95
CA VAL UA 53 24.51 66.60 27.13
C VAL UA 53 23.36 65.61 27.26
N SER UA 54 23.06 65.18 28.48
CA SER UA 54 21.98 64.20 28.66
C SER UA 54 20.63 64.75 28.23
N TYR UA 55 19.82 63.85 27.70
CA TYR UA 55 18.51 64.17 27.21
C TYR UA 55 17.54 63.96 28.38
N GLN UA 56 17.90 63.02 29.27
CA GLN UA 56 17.11 62.79 30.48
C GLN UA 56 17.33 63.91 31.49
N ALA UA 57 17.98 64.99 31.08
CA ALA UA 57 18.02 66.22 31.85
C ALA UA 57 17.46 67.38 31.01
N LEU UA 58 16.57 67.06 30.06
CA LEU UA 58 15.71 68.03 29.40
C LEU UA 58 14.39 68.14 30.16
N GLY UA 59 14.26 69.19 30.96
CA GLY UA 59 13.07 69.41 31.76
C GLY UA 59 13.22 68.75 33.12
N LYS UA 60 12.94 67.44 33.18
CA LYS UA 60 13.04 66.69 34.44
C LYS UA 60 13.45 65.21 34.27
N LYS UA 61 13.03 64.57 33.19
CA LYS UA 61 12.93 63.11 33.21
C LYS UA 61 14.06 62.47 32.38
N THR VA 8 30.57 15.00 -0.49
CA THR VA 8 29.59 16.09 -0.44
C THR VA 8 28.92 16.39 -1.78
N GLY VA 9 28.83 15.39 -2.66
CA GLY VA 9 28.24 15.56 -3.97
C GLY VA 9 28.56 16.82 -4.77
N LEU VA 10 29.77 17.35 -4.59
CA LEU VA 10 30.30 18.43 -5.42
C LEU VA 10 31.41 17.85 -6.29
N THR VA 11 31.70 18.46 -7.43
CA THR VA 11 32.87 18.02 -8.21
C THR VA 11 34.10 18.66 -7.62
N ASP VA 12 35.24 18.12 -7.98
CA ASP VA 12 36.52 18.71 -7.60
C ASP VA 12 36.62 20.06 -8.35
N ASP VA 13 35.81 20.20 -9.40
CA ASP VA 13 35.75 21.43 -10.20
C ASP VA 13 34.80 22.48 -9.62
N GLU VA 14 33.76 22.03 -8.92
CA GLU VA 14 32.81 22.95 -8.33
C GLU VA 14 33.16 23.25 -6.89
N ALA VA 15 34.35 22.85 -6.45
CA ALA VA 15 34.86 23.31 -5.18
C ALA VA 15 35.93 24.32 -5.46
N LYS VA 16 36.29 24.41 -6.73
CA LYS VA 16 37.23 25.41 -7.16
C LYS VA 16 36.43 26.69 -7.27
N GLU VA 17 35.25 26.58 -7.89
CA GLU VA 17 34.37 27.71 -8.09
C GLU VA 17 33.80 28.23 -6.78
N PHE VA 18 33.19 27.35 -5.99
CA PHE VA 18 32.67 27.79 -4.70
C PHE VA 18 33.79 28.44 -3.91
N HIS VA 19 34.95 27.78 -3.83
CA HIS VA 19 36.05 28.34 -3.05
C HIS VA 19 36.37 29.73 -3.53
N ALA VA 20 36.32 29.89 -4.84
CA ALA VA 20 36.62 31.17 -5.47
C ALA VA 20 35.67 32.25 -4.99
N ILE VA 21 34.37 31.99 -5.03
CA ILE VA 21 33.40 33.01 -4.65
C ILE VA 21 33.39 33.30 -3.15
N PHE VA 22 33.44 32.21 -2.37
CA PHE VA 22 33.39 32.26 -0.91
C PHE VA 22 34.55 33.05 -0.33
N MET VA 23 35.76 32.77 -0.80
CA MET VA 23 36.91 33.42 -0.20
C MET VA 23 36.84 34.94 -0.28
N GLN VA 24 36.63 35.49 -1.48
CA GLN VA 24 36.57 36.94 -1.61
C GLN VA 24 35.31 37.47 -0.93
N SER VA 25 34.21 36.73 -0.96
CA SER VA 25 32.99 37.23 -0.31
C SER VA 25 33.24 37.43 1.19
N MET VA 26 33.91 36.43 1.74
CA MET VA 26 34.30 36.41 3.12
C MET VA 26 35.24 37.54 3.44
N TYR VA 27 36.19 37.75 2.54
CA TYR VA 27 37.15 38.83 2.70
C TYR VA 27 36.51 40.21 2.58
N ALA VA 28 35.46 40.30 1.75
CA ALA VA 28 34.66 41.50 1.60
C ALA VA 28 34.02 41.81 2.94
N TRP VA 29 33.49 40.77 3.55
CA TRP VA 29 32.88 40.90 4.86
C TRP VA 29 33.91 41.39 5.90
N PHE VA 30 35.06 40.71 6.01
CA PHE VA 30 36.10 41.07 6.97
C PHE VA 30 36.52 42.51 6.73
N GLY VA 31 36.44 42.91 5.48
CA GLY VA 31 36.76 44.27 5.10
C GLY VA 31 35.82 45.29 5.68
N LEU VA 32 34.52 45.12 5.45
CA LEU VA 32 33.54 46.02 6.06
C LEU VA 32 33.77 46.07 7.54
N VAL VA 33 34.17 44.93 8.08
CA VAL VA 33 34.43 44.83 9.50
C VAL VA 33 35.59 45.72 9.96
N VAL VA 34 36.75 45.60 9.32
CA VAL VA 34 37.92 46.40 9.69
C VAL VA 34 37.63 47.89 9.41
N ILE VA 35 36.84 48.18 8.37
CA ILE VA 35 36.39 49.54 8.10
C ILE VA 35 35.66 50.11 9.31
N ALA VA 36 34.62 49.39 9.71
CA ALA VA 36 33.81 49.78 10.85
C ALA VA 36 34.66 49.89 12.13
N HIS VA 37 35.69 49.06 12.23
CA HIS VA 37 36.59 49.03 13.37
C HIS VA 37 37.52 50.24 13.38
N LEU VA 38 37.84 50.74 12.19
CA LEU VA 38 38.62 51.95 12.04
C LEU VA 38 37.76 53.12 12.52
N LEU VA 39 36.50 53.13 12.06
CA LEU VA 39 35.55 54.13 12.57
C LEU VA 39 35.41 54.12 14.09
N ALA VA 40 35.27 52.93 14.64
CA ALA VA 40 35.10 52.74 16.08
C ALA VA 40 36.33 53.17 16.86
N TRP VA 41 37.50 52.88 16.29
CA TRP VA 41 38.75 53.19 16.95
C TRP VA 41 39.01 54.69 16.95
N LEU VA 42 38.72 55.34 15.84
CA LEU VA 42 38.88 56.80 15.74
C LEU VA 42 37.88 57.53 16.64
N TYR VA 43 36.61 57.18 16.54
CA TYR VA 43 35.60 57.95 17.28
C TYR VA 43 35.68 57.83 18.82
N ARG VA 44 36.15 56.69 19.30
CA ARG VA 44 36.13 56.39 20.73
C ARG VA 44 37.14 55.25 20.94
N PRO VA 45 38.44 55.60 21.00
CA PRO VA 45 39.45 54.54 21.17
C PRO VA 45 39.27 53.79 22.48
N TRP VA 46 39.46 52.48 22.43
CA TRP VA 46 39.12 51.62 23.56
C TRP VA 46 40.37 50.96 24.14
N LEU VA 47 41.52 51.27 23.54
CA LEU VA 47 42.79 50.68 23.91
C LEU VA 47 43.94 51.67 23.68
N PHE WA 2 64.99 12.45 18.25
CA PHE WA 2 63.96 12.46 17.21
C PHE WA 2 62.65 13.13 17.58
N THR WA 3 62.16 13.96 16.67
CA THR WA 3 60.79 14.46 16.71
C THR WA 3 60.21 14.30 15.28
N MET WA 4 60.88 13.48 14.47
CA MET WA 4 60.61 13.30 13.03
C MET WA 4 59.67 12.12 12.77
N ASN WA 5 58.39 12.41 12.89
CA ASN WA 5 57.29 11.45 12.82
C ASN WA 5 57.26 10.44 11.66
N ALA WA 6 57.62 10.90 10.46
CA ALA WA 6 57.99 10.02 9.35
C ALA WA 6 56.83 9.28 8.67
N ASN WA 7 55.73 9.05 9.38
CA ASN WA 7 54.59 8.34 8.79
C ASN WA 7 53.26 8.70 9.42
N LEU WA 8 53.15 9.94 9.88
CA LEU WA 8 51.99 10.35 10.65
C LEU WA 8 50.86 10.83 9.74
N TYR WA 9 50.89 10.33 8.51
CA TYR WA 9 49.83 10.58 7.55
C TYR WA 9 48.79 9.50 7.76
N LYS WA 10 49.28 8.28 7.94
CA LYS WA 10 48.46 7.11 8.24
C LYS WA 10 47.35 7.35 9.26
N ILE WA 11 47.44 8.46 10.00
CA ILE WA 11 46.45 8.84 11.00
C ILE WA 11 45.06 8.99 10.36
N TRP WA 12 45.05 9.25 9.06
CA TRP WA 12 43.81 9.45 8.33
C TRP WA 12 43.28 8.14 7.77
N LEU WA 13 44.02 7.06 8.02
CA LEU WA 13 43.51 5.72 7.78
C LEU WA 13 42.89 5.32 9.10
N ILE WA 14 43.18 6.12 10.13
CA ILE WA 14 42.75 5.77 11.49
C ILE WA 14 41.70 6.71 12.07
N LEU WA 15 41.87 8.01 11.90
CA LEU WA 15 40.93 8.96 12.49
C LEU WA 15 40.22 9.71 11.36
N ASP WA 16 38.88 9.64 11.37
CA ASP WA 16 38.05 10.32 10.37
C ASP WA 16 38.32 11.84 10.32
N PRO WA 17 38.85 12.32 9.18
CA PRO WA 17 39.19 13.72 8.93
C PRO WA 17 38.05 14.73 9.13
N ARG WA 18 36.84 14.43 8.65
CA ARG WA 18 35.70 15.33 8.79
C ARG WA 18 35.41 15.53 10.26
N ARG WA 19 35.39 14.40 10.93
CA ARG WA 19 35.10 14.30 12.34
C ARG WA 19 36.14 15.06 13.16
N VAL WA 20 37.42 14.80 12.90
CA VAL WA 20 38.52 15.52 13.54
C VAL WA 20 38.47 17.02 13.27
N LEU WA 21 38.15 17.38 12.02
CA LEU WA 21 38.04 18.78 11.61
C LEU WA 21 37.03 19.54 12.42
N VAL WA 22 35.78 19.06 12.42
CA VAL WA 22 34.71 19.71 13.16
C VAL WA 22 35.00 19.71 14.68
N SER WA 23 35.59 18.60 15.15
CA SER WA 23 35.99 18.50 16.53
C SER WA 23 36.91 19.65 16.93
N ILE WA 24 37.93 19.89 16.14
CA ILE WA 24 38.80 21.03 16.41
C ILE WA 24 38.06 22.36 16.25
N VAL WA 25 37.24 22.50 15.21
CA VAL WA 25 36.49 23.76 15.01
C VAL WA 25 35.73 24.15 16.28
N ALA WA 26 34.96 23.19 16.81
CA ALA WA 26 34.19 23.37 18.04
C ALA WA 26 35.08 23.60 19.26
N PHE WA 27 36.03 22.70 19.53
CA PHE WA 27 36.88 22.84 20.70
C PHE WA 27 37.57 24.19 20.73
N GLN WA 28 38.04 24.65 19.56
CA GLN WA 28 38.71 25.94 19.45
C GLN WA 28 37.74 27.11 19.66
N ILE WA 29 36.54 27.03 19.08
CA ILE WA 29 35.57 28.11 19.28
C ILE WA 29 35.17 28.18 20.78
N VAL WA 30 34.98 27.02 21.40
CA VAL WA 30 34.66 26.95 22.83
C VAL WA 30 35.79 27.48 23.69
N LEU WA 31 36.98 26.91 23.51
CA LEU WA 31 38.16 27.29 24.26
C LEU WA 31 38.41 28.78 24.14
N GLY WA 32 38.12 29.31 22.97
CA GLY WA 32 38.19 30.74 22.73
C GLY WA 32 37.24 31.48 23.64
N LEU WA 33 35.97 31.07 23.63
CA LEU WA 33 34.97 31.71 24.47
C LEU WA 33 35.40 31.66 25.95
N LEU WA 34 35.86 30.49 26.37
CA LEU WA 34 36.33 30.23 27.74
C LEU WA 34 37.42 31.18 28.16
N ILE WA 35 38.52 31.17 27.41
CA ILE WA 35 39.68 32.02 27.71
C ILE WA 35 39.31 33.50 27.70
N HIS WA 36 38.51 33.93 26.72
CA HIS WA 36 37.99 35.30 26.77
C HIS WA 36 37.33 35.67 28.09
N MET WA 37 36.40 34.82 28.52
CA MET WA 37 35.70 35.06 29.74
C MET WA 37 36.64 35.01 30.97
N ILE WA 38 37.61 34.10 30.95
CA ILE WA 38 38.57 33.98 32.05
C ILE WA 38 39.38 35.25 32.20
N VAL WA 39 39.84 35.82 31.10
CA VAL WA 39 40.57 37.08 31.24
C VAL WA 39 39.60 38.15 31.75
N LEU WA 40 38.38 38.17 31.22
CA LEU WA 40 37.41 39.18 31.65
C LEU WA 40 37.00 39.22 33.13
N SER WA 41 37.13 38.11 33.85
CA SER WA 41 36.77 38.08 35.27
C SER WA 41 37.95 38.38 36.17
N THR WA 42 39.12 38.61 35.59
CA THR WA 42 40.28 38.91 36.41
C THR WA 42 40.77 40.32 36.16
N ASP WA 43 41.92 40.61 36.74
CA ASP WA 43 42.54 41.94 36.76
C ASP WA 43 42.82 42.51 35.39
N LEU WA 44 43.08 41.64 34.42
CA LEU WA 44 43.42 42.08 33.07
C LEU WA 44 42.20 42.63 32.34
N ASN WA 45 41.07 42.68 33.05
CA ASN WA 45 39.81 43.16 32.49
C ASN WA 45 39.99 44.48 31.71
N TRP WA 46 39.36 44.54 30.54
CA TRP WA 46 39.52 45.64 29.58
C TRP WA 46 38.19 46.34 29.23
N LEU WA 47 37.16 46.06 30.03
CA LEU WA 47 35.80 46.53 29.78
C LEU WA 47 35.31 47.58 30.81
N ASP WA 48 35.32 47.27 32.10
CA ASP WA 48 34.87 48.24 33.12
C ASP WA 48 35.98 49.20 33.47
N ASP WA 49 36.60 49.72 32.42
CA ASP WA 49 37.78 50.57 32.52
C ASP WA 49 37.50 51.92 31.91
N ASN WA 50 37.36 51.89 30.58
CA ASN WA 50 37.19 53.04 29.70
C ASN WA 50 38.48 53.82 29.64
N ILE WA 51 39.30 53.50 28.65
CA ILE WA 51 40.59 54.14 28.52
C ILE WA 51 40.45 55.08 27.31
N PRO WA 52 40.97 56.33 27.43
CA PRO WA 52 41.73 56.90 28.58
C PRO WA 52 40.93 57.49 29.75
N VAL WA 53 39.61 57.64 29.64
CA VAL WA 53 38.81 58.13 30.76
C VAL WA 53 37.49 57.34 30.87
N SER WA 54 37.06 57.10 32.12
CA SER WA 54 35.85 56.33 32.41
C SER WA 54 34.66 56.99 31.70
N TYR WA 55 33.87 56.21 30.97
CA TYR WA 55 32.84 56.77 30.11
C TYR WA 55 31.51 57.00 30.84
N GLN WA 56 31.22 56.23 31.87
CA GLN WA 56 29.99 56.50 32.60
C GLN WA 56 30.12 57.73 33.53
N ALA WA 57 31.24 58.45 33.41
CA ALA WA 57 31.35 59.81 33.94
C ALA WA 57 31.86 60.71 32.82
N LEU WA 58 31.63 60.30 31.57
CA LEU WA 58 31.80 61.12 30.34
C LEU WA 58 30.54 61.84 29.86
N GLY WA 59 29.78 62.42 30.79
CA GLY WA 59 28.59 63.19 30.49
C GLY WA 59 28.25 64.11 31.66
N LYS WA 60 27.90 65.36 31.38
CA LYS WA 60 27.59 66.29 32.46
C LYS WA 60 26.11 66.51 32.74
N LYS WA 61 25.40 65.47 33.20
CA LYS WA 61 23.94 65.39 33.10
C LYS WA 61 23.46 63.94 33.17
N THR XA 8 38.90 4.25 7.94
CA THR XA 8 38.18 5.52 7.81
C THR XA 8 37.76 5.79 6.38
N GLY XA 9 37.61 4.70 5.62
CA GLY XA 9 37.31 4.71 4.19
C GLY XA 9 38.00 5.64 3.19
N LEU XA 10 39.25 5.99 3.46
CA LEU XA 10 40.08 6.73 2.50
C LEU XA 10 41.20 5.80 2.04
N THR XA 11 41.78 6.07 0.88
CA THR XA 11 42.96 5.33 0.40
C THR XA 11 44.27 5.85 1.03
N ASP XA 12 45.35 5.07 0.92
CA ASP XA 12 46.63 5.46 1.50
C ASP XA 12 47.12 6.69 0.74
N ASP XA 13 46.59 6.87 -0.46
CA ASP XA 13 46.92 8.01 -1.30
C ASP XA 13 46.09 9.24 -0.87
N GLU XA 14 44.86 9.02 -0.41
CA GLU XA 14 44.08 10.14 0.15
C GLU XA 14 44.16 10.19 1.67
N ALA XA 15 45.02 9.36 2.24
CA ALA XA 15 45.36 9.52 3.62
C ALA XA 15 46.77 10.07 3.64
N LYS XA 16 47.37 10.13 2.47
CA LYS XA 16 48.63 10.83 2.31
C LYS XA 16 48.35 12.31 2.03
N GLU XA 17 47.40 12.52 1.12
CA GLU XA 17 46.99 13.82 0.60
C GLU XA 17 46.33 14.75 1.63
N PHE XA 18 45.31 14.22 2.29
CA PHE XA 18 44.67 14.97 3.37
C PHE XA 18 45.72 15.38 4.38
N HIS XA 19 46.61 14.47 4.74
CA HIS XA 19 47.62 14.78 5.73
C HIS XA 19 48.44 15.97 5.33
N ALA XA 20 48.78 16.01 4.04
CA ALA XA 20 49.58 17.09 3.49
C ALA XA 20 48.84 18.40 3.71
N ILE XA 21 47.56 18.42 3.34
CA ILE XA 21 46.82 19.67 3.47
C ILE XA 21 46.53 20.06 4.93
N PHE XA 22 46.18 19.07 5.75
CA PHE XA 22 45.83 19.25 7.16
C PHE XA 22 46.96 19.85 7.96
N MET XA 23 48.14 19.27 7.81
CA MET XA 23 49.30 19.71 8.55
C MET XA 23 49.54 21.18 8.29
N GLN XA 24 49.46 21.52 7.00
CA GLN XA 24 49.72 22.85 6.46
C GLN XA 24 48.73 23.90 6.94
N SER XA 25 47.45 23.55 6.93
CA SER XA 25 46.40 24.44 7.43
C SER XA 25 46.53 24.63 8.92
N MET XA 26 46.83 23.53 9.62
CA MET XA 26 47.03 23.52 11.07
C MET XA 26 48.18 24.41 11.49
N TYR XA 27 49.25 24.33 10.70
CA TYR XA 27 50.44 25.16 10.84
C TYR XA 27 50.11 26.63 10.58
N ALA XA 28 49.20 26.86 9.64
CA ALA XA 28 48.68 28.19 9.36
C ALA XA 28 47.97 28.72 10.60
N TRP XA 29 47.17 27.87 11.23
CA TRP XA 29 46.48 28.22 12.46
C TRP XA 29 47.41 28.58 13.62
N PHE XA 30 48.31 27.64 13.93
CA PHE XA 30 49.27 27.78 15.00
C PHE XA 30 50.05 29.04 14.74
N GLY XA 31 50.23 29.34 13.46
CA GLY XA 31 50.87 30.56 13.06
C GLY XA 31 50.10 31.80 13.42
N LEU XA 32 48.84 31.87 12.99
CA LEU XA 32 47.99 33.03 13.27
C LEU XA 32 48.02 33.32 14.74
N VAL XA 33 48.01 32.22 15.50
CA VAL XA 33 48.08 32.23 16.94
C VAL XA 33 49.42 32.79 17.41
N VAL XA 34 50.51 32.36 16.76
CA VAL XA 34 51.83 32.83 17.15
C VAL XA 34 51.91 34.36 16.98
N ILE XA 35 51.31 34.82 15.89
CA ILE XA 35 51.21 36.24 15.60
C ILE XA 35 50.45 37.00 16.69
N ALA XA 36 49.21 36.59 16.95
CA ALA XA 36 48.38 37.24 17.95
C ALA XA 36 49.00 37.21 19.33
N HIS XA 37 49.72 36.13 19.63
CA HIS XA 37 50.37 35.95 20.93
C HIS XA 37 51.61 36.81 21.12
N LEU XA 38 52.35 37.04 20.04
CA LEU XA 38 53.48 37.96 20.09
C LEU XA 38 52.98 39.40 20.23
N LEU XA 39 51.96 39.73 19.42
CA LEU XA 39 51.31 41.05 19.49
C LEU XA 39 50.87 41.30 20.94
N ALA XA 40 50.28 40.26 21.53
CA ALA XA 40 49.80 40.27 22.91
C ALA XA 40 50.91 40.37 23.94
N TRP XA 41 52.05 39.74 23.68
CA TRP XA 41 53.17 39.78 24.63
C TRP XA 41 53.83 41.14 24.62
N LEU XA 42 53.91 41.73 23.43
CA LEU XA 42 54.48 43.07 23.25
C LEU XA 42 53.62 44.13 23.93
N TYR XA 43 52.31 44.14 23.65
CA TYR XA 43 51.45 45.18 24.21
C TYR XA 43 51.22 45.07 25.73
N ARG XA 44 51.28 43.85 26.26
CA ARG XA 44 50.88 43.56 27.66
C ARG XA 44 51.47 42.24 28.18
N PRO XA 45 52.71 42.31 28.72
CA PRO XA 45 53.34 41.10 29.28
C PRO XA 45 52.56 40.48 30.45
N TRP XA 46 52.50 39.15 30.44
CA TRP XA 46 51.72 38.38 31.39
C TRP XA 46 52.69 37.50 32.15
N LEU XA 47 53.98 37.63 31.82
CA LEU XA 47 55.03 36.81 32.38
C LEU XA 47 56.33 37.61 32.46
N PHE YA 2 68.50 -8.05 25.47
CA PHE YA 2 67.87 -6.77 25.81
C PHE YA 2 66.80 -7.07 26.86
N THR YA 3 66.90 -6.41 28.01
CA THR YA 3 65.99 -6.69 29.13
C THR YA 3 64.67 -5.89 29.16
N MET YA 4 63.93 -5.93 28.04
CA MET YA 4 62.70 -5.13 27.89
C MET YA 4 61.57 -5.83 27.11
N ASN YA 5 60.35 -5.38 27.39
CA ASN YA 5 59.10 -5.85 26.76
C ASN YA 5 59.13 -5.76 25.23
N ALA YA 6 60.03 -6.55 24.65
CA ALA YA 6 60.16 -6.74 23.22
C ALA YA 6 58.89 -7.07 22.39
N ASN YA 7 57.71 -7.09 22.99
CA ASN YA 7 56.48 -7.40 22.24
C ASN YA 7 55.28 -6.66 22.83
N LEU YA 8 55.56 -5.44 23.31
CA LEU YA 8 54.54 -4.59 23.90
C LEU YA 8 53.87 -3.81 22.78
N TYR YA 9 53.99 -4.32 21.56
CA TYR YA 9 53.27 -3.80 20.42
C TYR YA 9 51.99 -4.60 20.36
N LYS YA 10 52.15 -5.90 20.62
CA LYS YA 10 51.05 -6.86 20.70
C LYS YA 10 49.83 -6.32 21.45
N ILE YA 11 50.07 -5.29 22.28
CA ILE YA 11 49.06 -4.58 23.07
C ILE YA 11 47.98 -3.98 22.18
N TRP YA 12 48.33 -3.74 20.91
CA TRP YA 12 47.40 -3.16 19.91
C TRP YA 12 46.62 -4.24 19.17
N LEU YA 13 46.83 -5.49 19.56
CA LEU YA 13 45.99 -6.60 19.12
C LEU YA 13 44.87 -6.79 20.14
N ILE YA 14 45.04 -6.13 21.30
CA ILE YA 14 44.18 -6.30 22.47
C ILE YA 14 43.31 -5.08 22.71
N LEU YA 15 43.90 -3.89 22.56
CA LEU YA 15 43.19 -2.64 22.79
C LEU YA 15 43.03 -1.85 21.50
N ASP YA 16 41.77 -1.56 21.15
CA ASP YA 16 41.46 -0.85 19.92
C ASP YA 16 42.19 0.52 19.92
N PRO YA 17 43.09 0.70 18.94
CA PRO YA 17 43.96 1.86 18.71
C PRO YA 17 43.21 3.18 18.61
N ARG YA 18 42.08 3.17 17.91
CA ARG YA 18 41.29 4.37 17.72
C ARG YA 18 40.91 4.92 19.07
N ARG YA 19 40.33 4.03 19.87
CA ARG YA 19 39.76 4.39 21.16
C ARG YA 19 40.81 4.82 22.13
N VAL YA 20 41.88 4.05 22.27
CA VAL YA 20 42.96 4.41 23.20
C VAL YA 20 43.49 5.80 22.83
N LEU YA 21 43.66 6.03 21.54
CA LEU YA 21 44.10 7.35 21.07
C LEU YA 21 43.14 8.45 21.52
N VAL YA 22 41.86 8.34 21.15
CA VAL YA 22 40.89 9.37 21.46
C VAL YA 22 40.70 9.60 22.97
N SER YA 23 40.71 8.49 23.72
CA SER YA 23 40.64 8.49 25.18
C SER YA 23 41.80 9.30 25.74
N ILE YA 24 42.98 9.08 25.17
CA ILE YA 24 44.17 9.86 25.51
C ILE YA 24 44.02 11.36 25.19
N VAL YA 25 43.52 11.68 23.99
CA VAL YA 25 43.29 13.08 23.62
C VAL YA 25 42.46 13.78 24.67
N ALA YA 26 41.34 13.14 24.97
CA ALA YA 26 40.40 13.65 25.93
C ALA YA 26 41.03 13.74 27.30
N PHE YA 27 41.58 12.63 27.78
CA PHE YA 27 42.15 12.56 29.13
C PHE YA 27 43.21 13.63 29.36
N GLN YA 28 44.03 13.88 28.35
CA GLN YA 28 45.05 14.93 28.43
C GLN YA 28 44.40 16.30 28.45
N ILE YA 29 43.37 16.54 27.63
CA ILE YA 29 42.72 17.85 27.64
C ILE YA 29 42.12 18.09 29.04
N VAL YA 30 41.52 17.02 29.58
CA VAL YA 30 40.94 17.04 30.91
C VAL YA 30 42.04 17.35 31.91
N LEU YA 31 43.10 16.57 31.91
CA LEU YA 31 44.22 16.75 32.84
C LEU YA 31 44.83 18.14 32.78
N GLY YA 32 44.98 18.67 31.57
CA GLY YA 32 45.51 20.01 31.37
C GLY YA 32 44.65 21.08 32.00
N LEU YA 33 43.38 21.08 31.63
CA LEU YA 33 42.47 22.08 32.19
C LEU YA 33 42.41 22.00 33.73
N LEU YA 34 42.24 20.76 34.21
CA LEU YA 34 42.08 20.42 35.61
C LEU YA 34 43.24 20.90 36.45
N ILE YA 35 44.43 20.45 36.08
CA ILE YA 35 45.63 20.86 36.78
C ILE YA 35 45.81 22.38 36.71
N HIS YA 36 45.53 22.97 35.54
CA HIS YA 36 45.53 24.44 35.47
C HIS YA 36 44.71 25.04 36.62
N MET YA 37 43.49 24.54 36.86
CA MET YA 37 42.69 25.04 37.99
C MET YA 37 43.35 24.78 39.35
N ILE YA 38 44.07 23.65 39.49
CA ILE YA 38 44.78 23.43 40.76
C ILE YA 38 45.83 24.51 41.02
N VAL YA 39 46.63 24.85 40.00
CA VAL YA 39 47.62 25.91 40.15
C VAL YA 39 46.98 27.29 40.32
N LEU YA 40 45.95 27.57 39.52
CA LEU YA 40 45.24 28.84 39.57
C LEU YA 40 44.61 29.13 40.92
N SER YA 41 44.42 28.10 41.76
CA SER YA 41 43.82 28.33 43.08
C SER YA 41 44.86 28.56 44.19
N THR YA 42 46.13 28.51 43.84
CA THR YA 42 47.21 28.65 44.81
C THR YA 42 48.04 29.90 44.57
N ASP YA 43 49.14 29.99 45.32
CA ASP YA 43 50.04 31.14 45.30
C ASP YA 43 50.62 31.34 43.91
N LEU YA 44 50.78 30.23 43.19
CA LEU YA 44 51.42 30.21 41.87
C LEU YA 44 50.56 30.76 40.75
N ASN YA 45 49.35 31.23 41.11
CA ASN YA 45 48.50 31.95 40.16
C ASN YA 45 49.27 33.14 39.52
N TRP YA 46 48.98 33.37 38.25
CA TRP YA 46 49.65 34.41 37.49
C TRP YA 46 48.69 35.49 37.00
N LEU YA 47 47.45 35.44 37.48
CA LEU YA 47 46.40 36.35 37.01
C LEU YA 47 45.82 37.31 38.06
N ASP YA 48 45.17 36.77 39.08
CA ASP YA 48 44.57 37.61 40.12
C ASP YA 48 45.69 37.86 41.14
N ASP YA 49 46.85 38.26 40.62
CA ASP YA 49 48.09 38.41 41.37
C ASP YA 49 48.58 39.84 41.40
N ASN YA 50 48.11 40.60 40.43
CA ASN YA 50 48.61 41.95 40.17
C ASN YA 50 50.02 41.72 39.65
N ILE YA 51 50.13 40.68 38.81
CA ILE YA 51 51.32 40.29 38.05
C ILE YA 51 51.15 40.44 36.54
N PRO YA 52 52.06 41.19 35.87
CA PRO YA 52 53.17 41.94 36.47
C PRO YA 52 52.79 43.38 36.86
N VAL YA 53 51.63 43.87 36.42
CA VAL YA 53 51.11 45.16 36.90
C VAL YA 53 49.60 45.08 37.13
N SER YA 54 49.15 45.58 38.28
CA SER YA 54 47.72 45.56 38.59
C SER YA 54 46.96 46.44 37.60
N TYR YA 55 45.97 45.88 36.91
CA TYR YA 55 45.23 46.67 35.94
C TYR YA 55 43.92 47.26 36.49
N GLN YA 56 43.25 46.56 37.41
CA GLN YA 56 42.03 47.14 38.02
C GLN YA 56 42.27 48.16 39.15
N ALA YA 57 43.52 48.56 39.35
CA ALA YA 57 43.81 49.74 40.14
C ALA YA 57 44.66 50.63 39.25
N LEU YA 58 44.48 50.44 37.94
CA LEU YA 58 44.95 51.35 36.92
C LEU YA 58 43.89 52.34 36.46
N GLY YA 59 44.29 53.24 35.58
CA GLY YA 59 43.42 54.24 34.98
C GLY YA 59 43.53 55.65 35.55
N LYS YA 60 43.56 56.65 34.66
CA LYS YA 60 43.55 58.04 35.07
C LYS YA 60 42.24 58.72 34.63
N LYS YA 61 41.16 58.57 35.40
CA LYS YA 61 41.06 57.63 36.51
C LYS YA 61 39.93 56.60 36.27
N THR ZA 8 40.70 -8.10 18.45
CA THR ZA 8 40.32 -6.82 17.85
C THR ZA 8 40.66 -6.73 16.34
N GLY ZA 9 40.72 -7.89 15.71
CA GLY ZA 9 41.02 -8.00 14.28
C GLY ZA 9 42.10 -7.21 13.57
N LEU ZA 10 43.23 -6.94 14.24
CA LEU ZA 10 44.33 -6.32 13.50
C LEU ZA 10 45.36 -7.37 13.24
N THR ZA 11 46.10 -7.17 12.16
CA THR ZA 11 47.20 -8.06 11.84
C THR ZA 11 48.40 -7.60 12.64
N ASP ZA 12 49.38 -8.48 12.76
CA ASP ZA 12 50.53 -8.17 13.60
C ASP ZA 12 51.42 -7.06 13.03
N ASP ZA 13 51.35 -6.81 11.72
CA ASP ZA 13 52.17 -5.75 11.14
C ASP ZA 13 51.50 -4.40 11.40
N GLU ZA 14 50.19 -4.42 11.58
CA GLU ZA 14 49.44 -3.21 11.87
C GLU ZA 14 49.31 -3.09 13.38
N ALA ZA 15 50.06 -3.91 14.09
CA ALA ZA 15 50.24 -3.75 15.51
C ALA ZA 15 51.64 -3.22 15.82
N LYS ZA 16 52.64 -3.68 15.08
CA LYS ZA 16 53.99 -3.13 15.22
C LYS ZA 16 54.07 -1.77 14.57
N GLU ZA 17 53.47 -1.59 13.40
CA GLU ZA 17 53.55 -0.30 12.73
C GLU ZA 17 52.82 0.74 13.58
N PHE ZA 18 51.57 0.44 13.96
CA PHE ZA 18 50.81 1.35 14.82
C PHE ZA 18 51.65 1.66 16.04
N HIS ZA 19 52.21 0.60 16.64
CA HIS ZA 19 53.03 0.74 17.84
C HIS ZA 19 54.20 1.68 17.64
N ALA ZA 20 54.82 1.55 16.47
CA ALA ZA 20 55.97 2.35 16.13
C ALA ZA 20 55.60 3.81 16.11
N ILE ZA 21 54.56 4.14 15.33
CA ILE ZA 21 54.19 5.52 15.16
C ILE ZA 21 53.66 6.11 16.46
N PHE ZA 22 52.90 5.31 17.20
CA PHE ZA 22 52.35 5.73 18.47
C PHE ZA 22 53.51 6.06 19.38
N MET ZA 23 54.47 5.15 19.51
CA MET ZA 23 55.62 5.32 20.40
C MET ZA 23 56.37 6.59 20.05
N GLN ZA 24 56.58 6.78 18.75
CA GLN ZA 24 57.33 7.92 18.23
C GLN ZA 24 56.61 9.21 18.68
N SER ZA 25 55.29 9.22 18.50
CA SER ZA 25 54.43 10.36 18.86
C SER ZA 25 54.30 10.66 20.34
N MET ZA 26 54.08 9.62 21.13
CA MET ZA 26 53.93 9.73 22.56
C MET ZA 26 55.21 10.31 23.13
N TYR ZA 27 56.35 9.84 22.62
CA TYR ZA 27 57.64 10.38 23.03
C TYR ZA 27 57.81 11.84 22.55
N ALA ZA 28 57.28 12.16 21.37
CA ALA ZA 28 57.30 13.54 20.87
C ALA ZA 28 56.50 14.48 21.80
N TRP ZA 29 55.31 14.03 22.19
CA TRP ZA 29 54.49 14.76 23.15
C TRP ZA 29 55.21 14.90 24.51
N PHE ZA 30 55.68 13.79 25.08
CA PHE ZA 30 56.38 13.81 26.35
C PHE ZA 30 57.57 14.76 26.28
N GLY ZA 31 58.14 14.85 25.09
CA GLY ZA 31 59.22 15.78 24.81
C GLY ZA 31 58.70 17.19 24.96
N LEU ZA 32 57.60 17.49 24.29
CA LEU ZA 32 56.98 18.81 24.37
C LEU ZA 32 56.76 19.19 25.84
N VAL ZA 33 56.37 18.18 26.60
CA VAL ZA 33 56.08 18.31 28.03
C VAL ZA 33 57.31 18.69 28.82
N VAL ZA 34 58.40 17.94 28.65
CA VAL ZA 34 59.65 18.22 29.37
C VAL ZA 34 60.18 19.60 28.97
N ILE ZA 35 59.97 19.96 27.71
CA ILE ZA 35 60.32 21.29 27.21
C ILE ZA 35 59.63 22.38 28.03
N ALA ZA 36 58.30 22.33 28.03
CA ALA ZA 36 57.51 23.30 28.75
C ALA ZA 36 57.83 23.30 30.26
N HIS ZA 37 58.12 22.13 30.83
CA HIS ZA 37 58.37 22.02 32.27
C HIS ZA 37 59.71 22.56 32.73
N LEU ZA 38 60.74 22.39 31.92
CA LEU ZA 38 62.03 22.98 32.22
C LEU ZA 38 61.98 24.50 31.98
N LEU ZA 39 61.35 24.93 30.88
CA LEU ZA 39 61.14 26.37 30.67
C LEU ZA 39 60.43 26.96 31.89
N ALA ZA 40 59.42 26.22 32.33
CA ALA ZA 40 58.58 26.60 33.45
C ALA ZA 40 59.40 26.65 34.73
N TRP ZA 41 60.37 25.75 34.86
CA TRP ZA 41 61.19 25.73 36.06
C TRP ZA 41 62.10 26.94 36.03
N LEU ZA 42 62.52 27.30 34.81
CA LEU ZA 42 63.41 28.43 34.60
C LEU ZA 42 62.74 29.71 35.04
N TYR ZA 43 61.54 30.00 34.53
CA TYR ZA 43 60.95 31.27 34.90
C TYR ZA 43 60.45 31.31 36.36
N ARG ZA 44 60.11 30.15 36.93
CA ARG ZA 44 59.36 30.08 38.19
C ARG ZA 44 59.59 28.77 38.98
N PRO ZA 45 60.68 28.72 39.78
CA PRO ZA 45 60.91 27.51 40.57
C PRO ZA 45 59.80 27.24 41.60
N TRP ZA 46 59.40 25.98 41.73
CA TRP ZA 46 58.28 25.58 42.59
C TRP ZA 46 58.70 24.55 43.65
N LEU ZA 47 59.99 24.18 43.61
CA LEU ZA 47 60.52 23.15 44.48
C LEU ZA 47 61.94 23.59 44.75
N PHE AB 2 60.04 -11.62 40.18
CA PHE AB 2 60.95 -12.02 39.13
C PHE AB 2 61.84 -13.18 39.56
N THR AB 3 61.59 -13.71 40.77
CA THR AB 3 62.34 -14.87 41.30
C THR AB 3 61.66 -16.23 40.95
N MET AB 4 60.76 -16.22 39.96
CA MET AB 4 59.69 -17.25 39.83
C MET AB 4 58.80 -17.39 41.11
N ASN AB 5 57.53 -17.73 40.91
CA ASN AB 5 56.59 -17.95 42.03
C ASN AB 5 55.91 -19.33 42.03
N ALA AB 6 55.11 -19.62 40.99
CA ALA AB 6 54.71 -21.01 40.65
C ALA AB 6 53.92 -21.14 39.35
N ASN AB 7 52.67 -20.71 39.44
CA ASN AB 7 51.67 -20.89 38.39
C ASN AB 7 50.67 -19.76 38.41
N LEU AB 8 51.16 -18.56 38.72
CA LEU AB 8 50.31 -17.39 38.85
C LEU AB 8 50.18 -16.67 37.51
N TYR AB 9 50.41 -17.43 36.45
CA TYR AB 9 50.13 -16.99 35.09
C TYR AB 9 48.70 -17.41 34.75
N LYS AB 10 48.36 -18.66 35.06
CA LYS AB 10 46.99 -19.20 34.95
C LYS AB 10 45.90 -18.23 35.40
N ILE AB 11 46.29 -17.18 36.12
CA ILE AB 11 45.34 -16.19 36.58
C ILE AB 11 44.63 -15.53 35.39
N TRP AB 12 45.30 -15.49 34.24
CA TRP AB 12 44.76 -14.87 33.04
C TRP AB 12 43.91 -15.87 32.24
N LEU AB 13 43.75 -17.05 32.82
CA LEU AB 13 42.79 -18.04 32.36
C LEU AB 13 41.50 -17.80 33.11
N ILE AB 14 41.61 -17.01 34.19
CA ILE AB 14 40.52 -16.77 35.14
C ILE AB 14 39.95 -15.36 35.05
N LEU AB 15 40.83 -14.40 34.76
CA LEU AB 15 40.44 -13.00 34.58
C LEU AB 15 40.72 -12.44 33.18
N ASP AB 16 39.70 -11.85 32.54
CA ASP AB 16 39.93 -11.22 31.23
C ASP AB 16 41.05 -10.21 31.37
N PRO AB 17 42.14 -10.44 30.63
CA PRO AB 17 43.28 -9.52 30.67
C PRO AB 17 42.87 -8.07 30.39
N ARG AB 18 42.02 -7.83 29.40
CA ARG AB 18 41.58 -6.46 29.15
C ARG AB 18 40.90 -5.88 30.37
N ARG AB 19 40.00 -6.62 31.00
CA ARG AB 19 39.25 -6.09 32.15
C ARG AB 19 40.10 -5.73 33.38
N VAL AB 20 40.95 -6.64 33.82
CA VAL AB 20 41.87 -6.37 34.93
C VAL AB 20 42.72 -5.17 34.54
N LEU AB 21 43.15 -5.12 33.29
CA LEU AB 21 43.91 -3.97 32.81
C LEU AB 21 43.14 -2.66 33.03
N VAL AB 22 41.95 -2.55 32.43
CA VAL AB 22 41.18 -1.32 32.48
C VAL AB 22 40.84 -0.91 33.90
N SER AB 23 40.49 -1.90 34.71
CA SER AB 23 40.22 -1.72 36.13
C SER AB 23 41.43 -1.11 36.84
N ILE AB 24 42.62 -1.65 36.55
CA ILE AB 24 43.87 -1.12 37.08
C ILE AB 24 44.19 0.30 36.61
N VAL AB 25 44.08 0.56 35.31
CA VAL AB 25 44.31 1.89 34.76
C VAL AB 25 43.46 2.89 35.51
N ALA AB 26 42.17 2.54 35.62
CA ALA AB 26 41.18 3.37 36.29
C ALA AB 26 41.47 3.59 37.77
N PHE AB 27 41.66 2.50 38.49
CA PHE AB 27 41.91 2.54 39.93
C PHE AB 27 43.11 3.43 40.21
N GLN AB 28 44.15 3.30 39.38
CA GLN AB 28 45.36 4.11 39.54
C GLN AB 28 45.12 5.59 39.21
N ILE AB 29 44.37 5.89 38.15
CA ILE AB 29 44.13 7.29 37.80
C ILE AB 29 43.36 7.99 38.92
N VAL AB 30 42.34 7.28 39.41
CA VAL AB 30 41.51 7.80 40.49
C VAL AB 30 42.39 8.03 41.71
N LEU AB 31 43.09 6.99 42.10
CA LEU AB 31 43.98 7.00 43.26
C LEU AB 31 45.02 8.11 43.22
N GLY AB 32 45.59 8.33 42.05
CA GLY AB 32 46.56 9.40 41.85
C GLY AB 32 45.95 10.76 42.10
N LEU AB 33 44.84 11.03 41.42
CA LEU AB 33 44.16 12.31 41.59
C LEU AB 33 43.79 12.51 43.07
N LEU AB 34 43.28 11.43 43.65
CA LEU AB 34 42.84 11.38 45.03
C LEU AB 34 43.94 11.76 46.00
N ILE AB 35 45.02 10.96 46.05
CA ILE AB 35 46.14 11.19 46.98
C ILE AB 35 46.77 12.53 46.77
N HIS AB 36 46.96 12.89 45.50
CA HIS AB 36 47.46 14.21 45.19
C HIS AB 36 46.66 15.32 45.86
N MET AB 37 45.33 15.29 45.68
CA MET AB 37 44.50 16.32 46.30
C MET AB 37 44.54 16.26 47.82
N ILE AB 38 44.58 15.04 48.35
CA ILE AB 38 44.62 14.84 49.78
C ILE AB 38 45.83 15.54 50.33
N VAL AB 39 46.96 15.36 49.65
CA VAL AB 39 48.21 16.00 50.05
C VAL AB 39 48.13 17.52 49.90
N LEU AB 40 47.56 18.00 48.78
CA LEU AB 40 47.42 19.44 48.58
C LEU AB 40 46.55 20.09 49.63
N SER AB 41 45.75 19.26 50.26
CA SER AB 41 44.82 19.69 51.30
C SER AB 41 45.44 19.58 52.70
N THR AB 42 46.73 19.20 52.79
CA THR AB 42 47.44 19.09 54.08
C THR AB 42 48.59 20.06 54.24
N ASP AB 43 49.31 19.81 55.32
CA ASP AB 43 50.46 20.58 55.76
C ASP AB 43 51.50 20.45 54.67
N LEU AB 44 51.44 19.33 53.95
CA LEU AB 44 52.42 19.02 52.93
C LEU AB 44 52.20 19.80 51.62
N ASN AB 45 51.24 20.73 51.62
CA ASN AB 45 51.02 21.60 50.46
C ASN AB 45 52.35 22.20 49.96
N TRP AB 46 52.53 22.21 48.65
CA TRP AB 46 53.78 22.65 48.02
C TRP AB 46 53.57 23.79 47.04
N LEU AB 47 52.36 24.32 47.06
CA LEU AB 47 51.97 25.30 46.06
C LEU AB 47 51.75 26.69 46.63
N ASP AB 48 50.85 26.78 47.61
CA ASP AB 48 50.42 28.05 48.14
C ASP AB 48 51.42 28.55 49.22
N ASP AB 49 52.06 27.60 49.90
CA ASP AB 49 52.96 27.83 51.06
C ASP AB 49 53.85 29.08 51.08
N ASN AB 50 54.01 29.74 49.93
CA ASN AB 50 54.90 30.91 49.77
C ASN AB 50 56.38 30.54 49.71
N ILE AB 51 56.68 29.47 48.96
CA ILE AB 51 58.05 28.94 48.82
C ILE AB 51 58.31 28.56 47.35
N PRO AB 52 59.50 28.90 46.80
CA PRO AB 52 60.68 29.62 47.32
C PRO AB 52 60.68 31.14 47.19
N VAL AB 53 59.73 31.69 46.45
CA VAL AB 53 59.57 33.15 46.34
C VAL AB 53 58.08 33.52 46.47
N SER AB 54 57.83 34.58 47.26
CA SER AB 54 56.48 35.06 47.56
C SER AB 54 55.74 35.56 46.31
N TYR AB 55 54.57 34.98 46.03
CA TYR AB 55 53.84 35.35 44.82
C TYR AB 55 52.67 36.35 45.04
N GLN AB 56 51.75 36.03 45.95
CA GLN AB 56 50.64 36.93 46.23
C GLN AB 56 50.94 38.15 47.07
N ALA AB 57 52.21 38.42 47.36
CA ALA AB 57 52.58 39.70 47.94
C ALA AB 57 53.61 40.38 47.05
N LEU AB 58 53.58 40.01 45.77
CA LEU AB 58 54.24 40.71 44.66
C LEU AB 58 53.33 41.70 43.93
N GLY AB 59 52.11 41.91 44.45
CA GLY AB 59 51.17 42.82 43.82
C GLY AB 59 50.21 43.50 44.78
N LYS AB 60 50.43 43.28 46.08
CA LYS AB 60 49.67 43.93 47.15
C LYS AB 60 50.43 45.09 47.80
N LYS AB 61 50.72 46.13 47.03
CA LYS AB 61 51.84 47.04 47.29
C LYS AB 61 52.25 47.81 46.03
N THR BB 8 38.05 -17.75 31.13
CA THR BB 8 38.11 -16.62 30.21
C THR BB 8 38.36 -17.05 28.79
N GLY BB 9 37.93 -18.27 28.47
CA GLY BB 9 38.17 -18.88 27.17
C GLY BB 9 39.56 -18.70 26.58
N LEU BB 10 40.57 -18.65 27.44
CA LEU BB 10 41.95 -18.59 26.97
C LEU BB 10 42.61 -19.94 27.18
N THR BB 11 43.60 -20.22 26.35
CA THR BB 11 44.41 -21.40 26.54
C THR BB 11 45.47 -21.09 27.58
N ASP BB 12 46.09 -22.13 28.10
CA ASP BB 12 47.07 -21.98 29.18
C ASP BB 12 48.31 -21.19 28.76
N ASP BB 13 48.57 -21.17 27.45
CA ASP BB 13 49.75 -20.50 26.89
C ASP BB 13 49.60 -19.00 26.72
N GLU BB 14 48.37 -18.52 26.55
CA GLU BB 14 48.17 -17.10 26.34
C GLU BB 14 47.92 -16.45 27.69
N ALA BB 15 48.09 -17.26 28.74
CA ALA BB 15 48.19 -16.74 30.08
C ALA BB 15 49.62 -16.85 30.52
N LYS BB 16 50.46 -17.44 29.68
CA LYS BB 16 51.88 -17.44 29.94
C LYS BB 16 52.47 -16.14 29.42
N GLU BB 17 52.13 -15.83 28.17
CA GLU BB 17 52.64 -14.62 27.54
C GLU BB 17 52.09 -13.34 28.15
N PHE BB 18 50.77 -13.24 28.25
CA PHE BB 18 50.18 -12.06 28.86
C PHE BB 18 50.75 -11.77 30.26
N HIS BB 19 50.84 -12.80 31.11
CA HIS BB 19 51.43 -12.66 32.45
C HIS BB 19 52.90 -12.22 32.31
N ALA BB 20 53.59 -12.77 31.30
CA ALA BB 20 55.00 -12.48 31.06
C ALA BB 20 55.21 -10.99 30.85
N ILE BB 21 54.47 -10.38 29.93
CA ILE BB 21 54.61 -8.95 29.75
C ILE BB 21 53.99 -8.10 30.87
N PHE BB 22 52.84 -8.55 31.35
CA PHE BB 22 52.07 -7.85 32.39
C PHE BB 22 52.91 -7.61 33.65
N MET BB 23 53.53 -8.68 34.14
CA MET BB 23 54.26 -8.60 35.38
C MET BB 23 55.32 -7.54 35.33
N GLN BB 24 56.10 -7.60 34.26
CA GLN BB 24 57.21 -6.69 34.09
C GLN BB 24 56.71 -5.24 33.89
N SER BB 25 55.61 -5.04 33.16
CA SER BB 25 55.09 -3.68 32.97
C SER BB 25 54.66 -3.07 34.30
N MET BB 26 53.98 -3.89 35.11
CA MET BB 26 53.56 -3.49 36.44
C MET BB 26 54.83 -3.13 37.19
N TYR BB 27 55.88 -3.91 36.96
CA TYR BB 27 57.18 -3.66 37.58
C TYR BB 27 57.81 -2.32 37.13
N ALA BB 28 57.62 -1.94 35.87
CA ALA BB 28 58.08 -0.65 35.39
C ALA BB 28 57.40 0.46 36.18
N TRP BB 29 56.08 0.33 36.36
CA TRP BB 29 55.34 1.31 37.14
C TRP BB 29 55.81 1.40 38.61
N PHE BB 30 55.90 0.25 39.30
CA PHE BB 30 56.38 0.23 40.67
C PHE BB 30 57.75 0.87 40.79
N GLY BB 31 58.56 0.65 39.76
CA GLY BB 31 59.88 1.22 39.69
C GLY BB 31 59.79 2.73 39.66
N LEU BB 32 59.00 3.24 38.72
CA LEU BB 32 58.76 4.67 38.60
C LEU BB 32 58.30 5.23 39.93
N VAL BB 33 57.50 4.46 40.66
CA VAL BB 33 56.94 4.84 41.96
C VAL BB 33 57.99 5.04 43.06
N VAL BB 34 58.81 4.02 43.33
CA VAL BB 34 59.85 4.15 44.35
C VAL BB 34 60.89 5.19 43.89
N ILE BB 35 61.08 5.30 42.57
CA ILE BB 35 61.92 6.36 42.00
C ILE BB 35 61.43 7.76 42.42
N ALA BB 36 60.17 8.05 42.13
CA ALA BB 36 59.55 9.33 42.49
C ALA BB 36 59.54 9.56 44.01
N HIS BB 37 59.36 8.47 44.76
CA HIS BB 37 59.30 8.58 46.19
C HIS BB 37 60.67 8.88 46.72
N LEU BB 38 61.70 8.38 46.05
CA LEU BB 38 63.05 8.72 46.46
C LEU BB 38 63.41 10.17 46.13
N LEU BB 39 63.15 10.61 44.90
CA LEU BB 39 63.41 12.02 44.56
C LEU BB 39 62.66 12.96 45.53
N ALA BB 40 61.41 12.62 45.78
CA ALA BB 40 60.56 13.41 46.68
C ALA BB 40 61.07 13.37 48.13
N TRP BB 41 61.60 12.22 48.57
CA TRP BB 41 62.10 12.12 49.95
C TRP BB 41 63.40 12.90 50.13
N LEU BB 42 64.25 12.88 49.11
CA LEU BB 42 65.49 13.65 49.18
C LEU BB 42 65.13 15.12 49.25
N TYR BB 43 64.24 15.56 48.37
CA TYR BB 43 63.88 16.97 48.38
C TYR BB 43 63.07 17.43 49.62
N ARG BB 44 62.32 16.54 50.25
CA ARG BB 44 61.36 16.99 51.27
C ARG BB 44 60.96 15.90 52.25
N PRO BB 45 61.74 15.70 53.34
CA PRO BB 45 61.35 14.65 54.28
C PRO BB 45 59.96 14.87 54.92
N TRP BB 46 59.20 13.78 55.03
CA TRP BB 46 57.84 13.83 55.54
C TRP BB 46 57.71 12.94 56.79
N LEU BB 47 58.82 12.30 57.16
CA LEU BB 47 58.82 11.35 58.28
C LEU BB 47 60.16 11.31 59.01
N PHE CB 2 43.89 -25.67 65.65
CA PHE CB 2 43.65 -26.06 64.26
C PHE CB 2 43.91 -24.98 63.20
N THR CB 3 44.68 -25.37 62.19
CA THR CB 3 45.01 -24.52 61.05
C THR CB 3 43.87 -24.61 60.06
N MET CB 4 43.92 -25.69 59.28
CA MET CB 4 43.22 -25.78 58.01
C MET CB 4 42.67 -27.19 57.90
N ASN CB 5 41.38 -27.32 57.62
CA ASN CB 5 40.80 -28.63 57.42
C ASN CB 5 41.59 -29.25 56.26
N ALA CB 6 42.12 -30.45 56.46
CA ALA CB 6 42.69 -31.24 55.36
C ALA CB 6 41.68 -31.59 54.25
N ASN CB 7 40.66 -30.76 54.10
CA ASN CB 7 39.62 -30.92 53.09
C ASN CB 7 38.98 -29.57 52.78
N LEU CB 8 39.76 -28.50 52.93
CA LEU CB 8 39.25 -27.16 52.69
C LEU CB 8 39.52 -26.65 51.28
N TYR CB 9 39.74 -27.55 50.33
CA TYR CB 9 39.85 -27.21 48.93
C TYR CB 9 38.49 -27.32 48.23
N LYS CB 10 37.77 -28.40 48.52
CA LYS CB 10 36.39 -28.59 48.07
C LYS CB 10 35.47 -27.35 48.23
N ILE CB 11 35.89 -26.37 49.04
CA ILE CB 11 35.11 -25.13 49.24
C ILE CB 11 34.87 -24.34 47.95
N TRP CB 12 35.74 -24.54 46.97
CA TRP CB 12 35.64 -23.86 45.69
C TRP CB 12 34.76 -24.65 44.72
N LEU CB 13 34.17 -25.71 45.25
CA LEU CB 13 33.15 -26.48 44.55
C LEU CB 13 31.78 -25.89 44.89
N ILE CB 14 31.78 -25.01 45.88
CA ILE CB 14 30.57 -24.42 46.42
C ILE CB 14 30.45 -22.94 46.07
N LEU CB 15 31.60 -22.27 46.11
CA LEU CB 15 31.67 -20.84 45.89
C LEU CB 15 32.46 -20.51 44.63
N ASP CB 16 31.81 -19.79 43.72
CA ASP CB 16 32.40 -19.37 42.45
C ASP CB 16 33.68 -18.57 42.65
N PRO CB 17 34.84 -19.12 42.22
CA PRO CB 17 36.16 -18.52 42.45
C PRO CB 17 36.29 -17.06 41.99
N ARG CB 18 35.73 -16.73 40.84
CA ARG CB 18 35.84 -15.34 40.39
C ARG CB 18 35.13 -14.43 41.42
N ARG CB 19 33.94 -14.82 41.87
CA ARG CB 19 33.20 -14.02 42.85
C ARG CB 19 33.91 -13.86 44.19
N VAL CB 20 34.40 -14.97 44.75
CA VAL CB 20 35.13 -14.95 46.01
C VAL CB 20 36.36 -14.06 45.89
N LEU CB 21 37.09 -14.21 44.78
CA LEU CB 21 38.26 -13.37 44.53
C LEU CB 21 37.92 -11.87 44.51
N VAL CB 22 37.03 -11.48 43.59
CA VAL CB 22 36.69 -10.07 43.44
C VAL CB 22 36.06 -9.46 44.71
N SER CB 23 35.18 -10.22 45.36
CA SER CB 23 34.59 -9.82 46.63
C SER CB 23 35.65 -9.57 47.71
N ILE CB 24 36.64 -10.47 47.82
CA ILE CB 24 37.73 -10.25 48.76
C ILE CB 24 38.49 -8.97 48.41
N VAL CB 25 38.80 -8.82 47.11
CA VAL CB 25 39.52 -7.67 46.60
C VAL CB 25 38.88 -6.34 47.01
N ALA CB 26 37.60 -6.25 46.71
CA ALA CB 26 36.78 -5.10 47.02
C ALA CB 26 36.72 -4.87 48.52
N PHE CB 27 36.40 -5.91 49.28
CA PHE CB 27 36.30 -5.76 50.73
C PHE CB 27 37.58 -5.23 51.39
N GLN CB 28 38.73 -5.76 50.99
CA GLN CB 28 40.00 -5.29 51.56
C GLN CB 28 40.33 -3.88 51.10
N ILE CB 29 40.07 -3.58 49.82
CA ILE CB 29 40.35 -2.24 49.29
C ILE CB 29 39.52 -1.16 50.00
N VAL CB 30 38.24 -1.47 50.16
CA VAL CB 30 37.31 -0.60 50.85
C VAL CB 30 37.81 -0.45 52.27
N LEU CB 31 38.09 -1.58 52.92
CA LEU CB 31 38.54 -1.59 54.31
C LEU CB 31 39.75 -0.69 54.47
N GLY CB 32 40.65 -0.78 53.51
CA GLY CB 32 41.86 0.02 53.48
C GLY CB 32 41.52 1.49 53.44
N LEU CB 33 40.70 1.88 52.49
CA LEU CB 33 40.32 3.28 52.37
C LEU CB 33 39.68 3.82 53.65
N LEU CB 34 38.75 3.03 54.20
CA LEU CB 34 38.03 3.37 55.43
C LEU CB 34 38.96 3.56 56.65
N ILE CB 35 39.73 2.53 57.00
CA ILE CB 35 40.66 2.57 58.11
C ILE CB 35 41.66 3.70 57.95
N HIS CB 36 42.21 3.82 56.74
CA HIS CB 36 43.07 4.94 56.40
C HIS CB 36 42.42 6.28 56.76
N MET CB 37 41.17 6.48 56.33
CA MET CB 37 40.42 7.70 56.60
C MET CB 37 40.13 7.90 58.10
N ILE CB 38 39.84 6.80 58.79
CA ILE CB 38 39.55 6.80 60.21
C ILE CB 38 40.74 7.28 61.02
N VAL CB 39 41.90 6.69 60.76
CA VAL CB 39 43.13 7.08 61.44
C VAL CB 39 43.52 8.50 61.02
N LEU CB 40 43.31 8.79 59.73
CA LEU CB 40 43.58 10.10 59.15
C LEU CB 40 42.72 11.18 59.81
N SER CB 41 41.62 10.76 60.42
N SER CB 41 41.63 10.74 60.42
CA SER CB 41 40.74 11.68 61.14
CA SER CB 41 40.71 11.63 61.14
C SER CB 41 41.01 11.70 62.66
C SER CB 41 40.93 11.58 62.67
N THR CB 42 41.97 10.89 63.11
CA THR CB 42 42.26 10.78 64.54
C THR CB 42 43.64 11.24 65.00
N ASP CB 43 43.97 10.89 66.24
CA ASP CB 43 45.20 11.33 66.90
C ASP CB 43 46.40 10.84 66.12
N LEU CB 44 46.30 9.64 65.56
CA LEU CB 44 47.41 9.05 64.82
C LEU CB 44 47.61 9.65 63.43
N ASN CB 45 46.88 10.73 63.11
CA ASN CB 45 47.09 11.44 61.85
C ASN CB 45 48.58 11.66 61.62
N TRP CB 46 48.96 11.46 60.35
CA TRP CB 46 50.37 11.47 59.93
C TRP CB 46 50.72 12.52 58.88
N LEU CB 47 49.82 13.48 58.63
CA LEU CB 47 50.09 14.47 57.60
C LEU CB 47 50.22 15.91 58.14
N ASP CB 48 49.17 16.43 58.77
CA ASP CB 48 49.19 17.81 59.23
C ASP CB 48 49.81 17.95 60.62
N ASP CB 49 51.01 17.41 60.76
CA ASP CB 49 51.72 17.31 62.03
C ASP CB 49 52.95 18.20 62.00
N ASN CB 50 53.31 18.64 60.78
CA ASN CB 50 54.53 19.43 60.54
C ASN CB 50 55.81 18.60 60.63
N ILE CB 51 55.87 17.46 59.93
CA ILE CB 51 57.03 16.57 60.08
C ILE CB 51 58.05 16.64 58.93
N PRO CB 52 59.34 16.83 59.29
CA PRO CB 52 59.86 16.99 60.67
C PRO CB 52 59.90 18.42 61.26
N VAL CB 53 59.67 19.45 60.46
CA VAL CB 53 59.62 20.87 60.89
C VAL CB 53 58.45 21.55 60.19
N SER CB 54 57.80 22.54 60.84
CA SER CB 54 56.57 23.15 60.29
C SER CB 54 56.62 23.67 58.83
N TYR CB 55 55.73 23.11 57.99
CA TYR CB 55 55.66 23.36 56.54
C TYR CB 55 54.70 24.44 56.00
N GLN CB 56 53.53 24.59 56.63
CA GLN CB 56 52.61 25.68 56.27
C GLN CB 56 53.16 26.96 56.91
N ALA CB 57 53.90 27.73 56.11
CA ALA CB 57 54.51 29.02 56.51
C ALA CB 57 53.56 30.17 56.82
N LEU CB 58 54.15 31.34 57.08
CA LEU CB 58 53.43 32.62 57.11
C LEU CB 58 52.30 32.62 58.14
N GLY CB 59 51.07 32.38 57.67
CA GLY CB 59 49.93 32.34 58.59
C GLY CB 59 48.71 31.57 58.09
N LYS CB 60 48.07 32.09 57.04
CA LYS CB 60 46.92 31.44 56.39
C LYS CB 60 47.27 30.80 55.04
N LYS CB 61 46.73 29.60 54.78
CA LYS CB 61 47.21 28.69 53.71
C LYS CB 61 46.77 27.24 53.94
N THR DB 8 29.63 -25.06 41.71
CA THR DB 8 30.31 -24.07 40.86
C THR DB 8 30.97 -24.66 39.65
N GLY DB 9 30.43 -25.77 39.15
CA GLY DB 9 30.97 -26.45 38.00
C GLY DB 9 32.49 -26.56 37.96
N LEU DB 10 33.11 -26.71 39.12
CA LEU DB 10 34.52 -26.96 39.13
C LEU DB 10 34.72 -28.43 39.44
N THR DB 11 35.82 -28.99 38.94
CA THR DB 11 36.18 -30.35 39.29
C THR DB 11 36.91 -30.29 40.63
N ASP DB 12 37.05 -31.44 41.26
CA ASP DB 12 37.69 -31.55 42.55
C ASP DB 12 39.18 -31.17 42.41
N ASP DB 13 39.68 -31.33 41.17
CA ASP DB 13 41.06 -31.02 40.80
C ASP DB 13 41.28 -29.54 40.49
N GLU DB 14 40.22 -28.85 40.07
CA GLU DB 14 40.31 -27.42 39.81
C GLU DB 14 39.87 -26.68 41.07
N ALA DB 15 39.70 -27.41 42.16
CA ALA DB 15 39.57 -26.79 43.47
C ALA DB 15 40.77 -27.03 44.39
N LYS DB 16 41.70 -27.89 44.00
CA LYS DB 16 42.95 -28.00 44.77
C LYS DB 16 43.97 -26.96 44.35
N GLU DB 17 44.15 -26.78 43.04
CA GLU DB 17 45.15 -25.85 42.55
C GLU DB 17 44.75 -24.41 42.93
N PHE DB 18 43.51 -24.02 42.63
CA PHE DB 18 43.04 -22.69 43.01
C PHE DB 18 43.23 -22.47 44.51
N HIS DB 19 42.84 -23.46 45.33
CA HIS DB 19 42.99 -23.32 46.79
C HIS DB 19 44.45 -23.12 47.18
N ALA DB 20 45.34 -23.87 46.53
CA ALA DB 20 46.77 -23.80 46.83
C ALA DB 20 47.35 -22.41 46.57
N ILE DB 21 47.12 -21.93 45.35
CA ILE DB 21 47.67 -20.66 44.92
C ILE DB 21 47.04 -19.51 45.70
N PHE DB 22 45.75 -19.66 45.96
CA PHE DB 22 45.00 -18.66 46.71
C PHE DB 22 45.63 -18.52 48.09
N MET DB 23 45.82 -19.65 48.76
CA MET DB 23 46.34 -19.62 50.12
C MET DB 23 47.71 -18.93 50.13
N GLN DB 24 48.60 -19.31 49.20
CA GLN DB 24 49.94 -18.68 49.22
C GLN DB 24 49.87 -17.16 48.95
N SER DB 25 49.04 -16.74 48.00
CA SER DB 25 48.94 -15.31 47.72
C SER DB 25 48.39 -14.55 48.92
N MET DB 26 47.36 -15.10 49.56
CA MET DB 26 46.75 -14.49 50.74
C MET DB 26 47.74 -14.35 51.88
N TYR DB 27 48.55 -15.38 52.06
CA TYR DB 27 49.58 -15.34 53.06
C TYR DB 27 50.59 -14.25 52.71
N ALA DB 28 50.87 -14.07 51.42
CA ALA DB 28 51.76 -12.98 50.99
C ALA DB 28 51.19 -11.62 51.43
N TRP DB 29 49.89 -11.46 51.18
CA TRP DB 29 49.17 -10.24 51.50
C TRP DB 29 49.29 -9.98 53.00
N PHE DB 30 48.97 -10.98 53.81
CA PHE DB 30 49.09 -10.89 55.27
C PHE DB 30 50.51 -10.53 55.71
N GLY DB 31 51.49 -11.02 54.96
CA GLY DB 31 52.89 -10.73 55.24
C GLY DB 31 53.20 -9.26 55.08
N LEU DB 32 52.90 -8.72 53.89
CA LEU DB 32 53.08 -7.29 53.65
C LEU DB 32 52.39 -6.46 54.74
N VAL DB 33 51.21 -6.93 55.13
CA VAL DB 33 50.40 -6.26 56.15
C VAL DB 33 51.05 -6.23 57.54
N VAL DB 34 51.52 -7.38 58.00
CA VAL DB 34 52.18 -7.45 59.30
C VAL DB 34 53.43 -6.56 59.25
N ILE DB 35 54.10 -6.53 58.11
CA ILE DB 35 55.24 -5.64 57.88
C ILE DB 35 54.89 -4.17 58.15
N ALA DB 36 53.87 -3.68 57.43
CA ALA DB 36 53.44 -2.30 57.59
C ALA DB 36 53.00 -2.02 59.01
N HIS DB 37 52.43 -3.02 59.66
CA HIS DB 37 51.94 -2.85 61.02
C HIS DB 37 53.04 -2.75 62.07
N LEU DB 38 54.10 -3.50 61.86
CA LEU DB 38 55.27 -3.42 62.74
C LEU DB 38 56.00 -2.11 62.52
N LEU DB 39 56.23 -1.72 61.26
CA LEU DB 39 56.82 -0.40 60.98
C LEU DB 39 55.99 0.74 61.59
N ALA DB 40 54.68 0.62 61.44
CA ALA DB 40 53.75 1.61 61.97
C ALA DB 40 53.85 1.62 63.49
N TRP DB 41 54.08 0.46 64.10
CA TRP DB 41 54.20 0.39 65.56
C TRP DB 41 55.53 0.95 66.08
N LEU DB 42 56.60 0.74 65.33
CA LEU DB 42 57.91 1.24 65.69
C LEU DB 42 57.97 2.77 65.64
N TYR DB 43 57.63 3.33 64.49
CA TYR DB 43 57.80 4.77 64.30
C TYR DB 43 56.81 5.53 65.18
N ARG DB 44 55.68 4.89 65.46
CA ARG DB 44 54.53 5.54 66.09
C ARG DB 44 53.57 4.52 66.72
N PRO DB 45 53.91 3.98 67.91
CA PRO DB 45 53.11 3.01 68.67
C PRO DB 45 51.76 3.58 69.17
N TRP DB 46 50.69 2.81 69.14
CA TRP DB 46 49.35 3.36 69.39
C TRP DB 46 48.57 2.88 70.64
N LEU DB 47 49.16 2.02 71.44
CA LEU DB 47 48.44 1.43 72.58
C LEU DB 47 49.31 1.28 73.82
N PHE EB 2 27.57 -27.42 71.66
CA PHE EB 2 27.45 -28.74 71.05
C PHE EB 2 26.21 -29.48 71.57
N THR EB 3 25.17 -28.73 71.95
CA THR EB 3 23.94 -29.37 72.46
C THR EB 3 22.82 -29.69 71.45
N MET EB 4 23.12 -29.75 70.16
CA MET EB 4 22.05 -29.67 69.16
C MET EB 4 21.52 -31.01 68.64
N ASN EB 5 20.45 -30.89 67.87
CA ASN EB 5 19.80 -32.01 67.20
C ASN EB 5 20.79 -32.78 66.35
N ALA EB 6 20.80 -34.11 66.51
CA ALA EB 6 21.44 -35.01 65.56
C ALA EB 6 20.86 -34.93 64.14
N ASN EB 7 20.28 -33.79 63.75
CA ASN EB 7 19.70 -33.70 62.41
C ASN EB 7 19.66 -32.29 61.80
N LEU EB 8 20.64 -31.46 62.15
CA LEU EB 8 20.69 -30.11 61.58
C LEU EB 8 21.58 -30.06 60.31
N TYR EB 9 21.75 -31.18 59.62
CA TYR EB 9 22.44 -31.11 58.34
C TYR EB 9 21.42 -30.87 57.26
N LYS EB 10 20.31 -31.62 57.32
CA LYS EB 10 19.18 -31.49 56.41
C LYS EB 10 18.79 -30.06 56.06
N ILE EB 11 19.28 -29.11 56.84
CA ILE EB 11 18.99 -27.70 56.59
C ILE EB 11 19.46 -27.22 55.22
N TRP EB 12 20.46 -27.86 54.64
CA TRP EB 12 20.96 -27.41 53.34
C TRP EB 12 20.21 -28.07 52.18
N LEU EB 13 19.19 -28.88 52.51
CA LEU EB 13 18.25 -29.38 51.50
C LEU EB 13 17.10 -28.39 51.39
N ILE EB 14 17.07 -27.45 52.33
CA ILE EB 14 16.01 -26.44 52.41
C ILE EB 14 16.55 -25.06 52.09
N LEU EB 15 17.77 -24.81 52.55
CA LEU EB 15 18.42 -23.53 52.37
C LEU EB 15 19.68 -23.62 51.52
N ASP EB 16 19.77 -22.73 50.54
CA ASP EB 16 20.95 -22.63 49.70
C ASP EB 16 22.24 -22.46 50.46
N PRO EB 17 23.15 -23.42 50.33
CA PRO EB 17 24.49 -23.30 50.94
C PRO EB 17 25.24 -22.03 50.47
N ARG EB 18 25.14 -21.68 49.19
CA ARG EB 18 25.83 -20.51 48.67
C ARG EB 18 25.39 -19.24 49.41
N ARG EB 19 24.07 -19.03 49.44
CA ARG EB 19 23.50 -17.83 50.08
C ARG EB 19 23.72 -17.80 51.58
N VAL EB 20 23.55 -18.92 52.26
CA VAL EB 20 23.80 -18.95 53.69
C VAL EB 20 25.23 -18.48 53.98
N LEU EB 21 26.16 -18.99 53.18
CA LEU EB 21 27.55 -18.57 53.32
C LEU EB 21 27.65 -17.05 53.13
N VAL EB 22 27.15 -16.56 52.01
CA VAL EB 22 27.20 -15.14 51.71
C VAL EB 22 26.50 -14.22 52.74
N SER EB 23 25.36 -14.65 53.28
CA SER EB 23 24.65 -13.95 54.33
C SER EB 23 25.59 -13.77 55.49
N ILE EB 24 26.25 -14.87 55.87
CA ILE EB 24 27.18 -14.77 56.98
C ILE EB 24 28.32 -13.80 56.69
N VAL EB 25 28.97 -13.94 55.53
CA VAL EB 25 30.07 -13.04 55.18
C VAL EB 25 29.70 -11.56 55.24
N ALA EB 26 28.64 -11.22 54.50
CA ALA EB 26 28.19 -9.85 54.40
C ALA EB 26 27.80 -9.31 55.76
N PHE EB 27 26.92 -10.04 56.44
CA PHE EB 27 26.45 -9.62 57.76
C PHE EB 27 27.53 -9.45 58.82
N GLN EB 28 28.50 -10.37 58.82
CA GLN EB 28 29.59 -10.32 59.78
C GLN EB 28 30.43 -9.09 59.50
N ILE EB 29 30.62 -8.81 58.22
CA ILE EB 29 31.38 -7.63 57.86
C ILE EB 29 30.67 -6.37 58.36
N VAL EB 30 29.37 -6.29 58.09
CA VAL EB 30 28.60 -5.13 58.51
C VAL EB 30 28.62 -4.99 60.02
N LEU EB 31 28.32 -6.08 60.69
CA LEU EB 31 28.29 -6.13 62.14
C LEU EB 31 29.63 -5.68 62.74
N GLY EB 32 30.71 -6.13 62.11
CA GLY EB 32 32.06 -5.77 62.49
C GLY EB 32 32.34 -4.28 62.40
N LEU EB 33 32.09 -3.70 61.23
CA LEU EB 33 32.29 -2.28 61.01
C LEU EB 33 31.45 -1.50 62.03
N LEU EB 34 30.22 -2.00 62.21
CA LEU EB 34 29.25 -1.40 63.12
C LEU EB 34 29.79 -1.28 64.53
N ILE EB 35 30.12 -2.42 65.13
CA ILE EB 35 30.62 -2.42 66.51
C ILE EB 35 31.89 -1.61 66.65
N HIS EB 36 32.82 -1.81 65.71
CA HIS EB 36 34.07 -1.07 65.71
C HIS EB 36 33.81 0.44 65.81
N MET EB 37 32.87 0.93 64.99
CA MET EB 37 32.47 2.35 65.02
C MET EB 37 31.75 2.72 66.32
N ILE EB 38 30.94 1.80 66.87
CA ILE EB 38 30.20 2.00 68.12
C ILE EB 38 31.14 2.27 69.27
N VAL EB 39 32.14 1.40 69.38
CA VAL EB 39 33.20 1.48 70.35
C VAL EB 39 34.02 2.74 70.08
N LEU EB 40 34.25 3.02 68.80
CA LEU EB 40 34.98 4.21 68.42
C LEU EB 40 34.29 5.53 68.82
N SER EB 41 32.98 5.48 69.06
CA SER EB 41 32.21 6.67 69.48
C SER EB 41 32.03 6.82 71.01
N THR EB 42 32.50 5.86 71.77
CA THR EB 42 32.30 5.87 73.20
C THR EB 42 33.63 6.00 73.96
N ASP EB 43 33.56 5.84 75.29
CA ASP EB 43 34.71 6.00 76.14
C ASP EB 43 35.84 5.08 75.74
N LEU EB 44 35.49 3.92 75.20
CA LEU EB 44 36.46 2.91 74.83
C LEU EB 44 37.28 3.28 73.60
N ASN EB 45 37.04 4.47 73.03
CA ASN EB 45 37.82 4.94 71.89
C ASN EB 45 39.32 4.78 72.10
N TRP EB 46 39.99 4.32 71.06
CA TRP EB 46 41.41 3.98 71.14
C TRP EB 46 42.30 4.74 70.17
N LEU EB 47 41.75 5.75 69.50
CA LEU EB 47 42.51 6.43 68.46
C LEU EB 47 42.87 7.85 68.87
N ASP EB 48 41.89 8.65 69.24
CA ASP EB 48 42.14 10.03 69.70
C ASP EB 48 42.50 10.18 71.19
N ASP EB 49 43.55 9.50 71.67
CA ASP EB 49 43.81 9.52 73.12
C ASP EB 49 45.13 10.21 73.57
N ASN EB 50 46.14 10.24 72.69
CA ASN EB 50 47.50 10.78 72.91
C ASN EB 50 48.39 10.02 73.92
N ILE EB 51 48.28 8.69 73.91
CA ILE EB 51 49.04 7.77 74.79
C ILE EB 51 50.00 6.87 73.97
N PRO EB 52 51.22 6.57 74.49
CA PRO EB 52 51.81 6.82 75.82
C PRO EB 52 52.44 8.20 76.01
N VAL EB 53 52.57 8.93 74.90
CA VAL EB 53 53.06 10.30 74.90
C VAL EB 53 52.17 11.06 73.92
N SER EB 54 51.83 12.31 74.25
CA SER EB 54 50.94 13.11 73.39
C SER EB 54 51.50 13.25 71.96
N TYR EB 55 50.71 12.93 70.93
CA TYR EB 55 51.22 12.89 69.55
C TYR EB 55 51.28 14.19 68.76
N GLN EB 56 50.28 15.03 68.94
CA GLN EB 56 50.31 16.35 68.33
C GLN EB 56 51.10 17.31 69.22
N ALA EB 57 51.41 16.89 70.46
CA ALA EB 57 52.36 17.61 71.29
C ALA EB 57 53.76 17.05 71.05
N LEU EB 58 53.92 16.46 69.87
CA LEU EB 58 55.20 16.19 69.23
C LEU EB 58 55.24 17.13 68.02
N GLY EB 59 54.10 17.16 67.33
CA GLY EB 59 53.89 18.02 66.16
C GLY EB 59 54.02 19.49 66.48
N LYS EB 60 53.20 19.99 67.39
CA LYS EB 60 53.26 21.40 67.80
C LYS EB 60 54.00 21.59 69.13
N LYS EB 61 53.31 22.14 70.13
CA LYS EB 61 53.93 22.55 71.39
C LYS EB 61 55.16 23.43 71.17
N THR FB 8 17.35 -27.84 47.15
CA THR FB 8 18.56 -27.11 46.77
C THR FB 8 19.37 -27.91 45.76
N GLY FB 9 18.70 -28.78 45.00
CA GLY FB 9 19.29 -29.69 44.03
C GLY FB 9 20.61 -30.30 44.49
N LEU FB 10 20.75 -30.42 45.81
CA LEU FB 10 21.92 -31.04 46.41
C LEU FB 10 21.55 -32.36 47.08
N THR FB 11 22.50 -33.28 47.16
CA THR FB 11 22.22 -34.60 47.70
C THR FB 11 22.19 -34.59 49.21
N ASP FB 12 21.62 -35.65 49.75
CA ASP FB 12 21.44 -35.83 51.19
C ASP FB 12 22.78 -36.01 51.91
N ASP FB 13 23.75 -36.54 51.18
CA ASP FB 13 25.07 -36.84 51.73
C ASP FB 13 26.07 -35.67 51.73
N GLU FB 14 25.92 -34.72 50.80
CA GLU FB 14 26.86 -33.61 50.71
C GLU FB 14 26.36 -32.44 51.51
N ALA FB 15 25.27 -32.65 52.23
CA ALA FB 15 24.85 -31.68 53.20
C ALA FB 15 25.19 -32.27 54.55
N LYS FB 16 25.62 -33.52 54.50
CA LYS FB 16 26.16 -34.14 55.68
C LYS FB 16 27.60 -33.64 55.73
N GLU FB 17 28.23 -33.73 54.56
CA GLU FB 17 29.61 -33.32 54.33
C GLU FB 17 29.75 -31.80 54.49
N PHE FB 18 28.93 -31.06 53.75
CA PHE FB 18 28.90 -29.61 53.91
C PHE FB 18 28.61 -29.27 55.35
N HIS FB 19 27.61 -29.90 55.96
CA HIS FB 19 27.33 -29.51 57.34
C HIS FB 19 28.55 -29.73 58.23
N ALA FB 20 29.29 -30.81 58.02
CA ALA FB 20 30.48 -31.09 58.82
C ALA FB 20 31.56 -30.02 58.67
N ILE FB 21 31.89 -29.70 57.42
CA ILE FB 21 32.95 -28.72 57.16
C ILE FB 21 32.51 -27.34 57.67
N PHE FB 22 31.23 -27.05 57.50
CA PHE FB 22 30.62 -25.82 57.96
C PHE FB 22 30.71 -25.70 59.48
N MET FB 23 30.32 -26.75 60.20
CA MET FB 23 30.33 -26.72 61.67
C MET FB 23 31.73 -26.48 62.19
N GLN FB 24 32.70 -27.23 61.68
CA GLN FB 24 34.08 -27.07 62.14
C GLN FB 24 34.61 -25.67 61.80
N SER FB 25 34.29 -25.17 60.61
CA SER FB 25 34.75 -23.83 60.22
C SER FB 25 34.15 -22.74 61.12
N MET FB 26 32.84 -22.84 61.34
CA MET FB 26 32.08 -21.89 62.16
C MET FB 26 32.57 -21.88 63.61
N TYR FB 27 32.85 -23.07 64.16
CA TYR FB 27 33.40 -23.15 65.50
C TYR FB 27 34.81 -22.56 65.52
N ALA FB 28 35.57 -22.74 64.45
CA ALA FB 28 36.90 -22.12 64.34
C ALA FB 28 36.86 -20.59 64.39
N TRP FB 29 35.94 -19.99 63.62
CA TRP FB 29 35.72 -18.55 63.66
C TRP FB 29 35.31 -18.09 65.05
N PHE FB 30 34.32 -18.77 65.64
CA PHE FB 30 33.88 -18.45 66.99
C PHE FB 30 35.02 -18.52 68.02
N GLY FB 31 35.94 -19.46 67.81
CA GLY FB 31 37.14 -19.61 68.64
C GLY FB 31 38.05 -18.42 68.50
N LEU FB 32 38.34 -18.07 67.25
CA LEU FB 32 39.15 -16.90 66.93
C LEU FB 32 38.59 -15.68 67.65
N VAL FB 33 37.26 -15.61 67.65
CA VAL FB 33 36.51 -14.54 68.28
C VAL FB 33 36.64 -14.50 69.82
N VAL FB 34 36.43 -15.65 70.47
CA VAL FB 34 36.51 -15.72 71.91
C VAL FB 34 37.94 -15.40 72.38
N ILE FB 35 38.93 -15.85 71.62
CA ILE FB 35 40.33 -15.48 71.88
C ILE FB 35 40.46 -13.96 71.85
N ALA FB 36 40.00 -13.37 70.75
CA ALA FB 36 40.07 -11.94 70.60
C ALA FB 36 39.40 -11.20 71.74
N HIS FB 37 38.31 -11.77 72.25
CA HIS FB 37 37.54 -11.17 73.35
C HIS FB 37 38.18 -11.28 74.74
N LEU FB 38 38.86 -12.39 75.00
CA LEU FB 38 39.57 -12.55 76.25
C LEU FB 38 40.75 -11.60 76.27
N LEU FB 39 41.52 -11.60 75.19
CA LEU FB 39 42.60 -10.64 75.04
C LEU FB 39 42.06 -9.21 75.13
N ALA FB 40 40.89 -8.96 74.57
CA ALA FB 40 40.27 -7.63 74.60
C ALA FB 40 39.93 -7.22 76.02
N TRP FB 41 39.48 -8.19 76.82
CA TRP FB 41 39.10 -8.02 78.23
C TRP FB 41 40.23 -7.86 79.25
N LEU FB 42 41.32 -8.59 79.04
CA LEU FB 42 42.45 -8.52 79.94
C LEU FB 42 43.08 -7.12 79.87
N TYR FB 43 43.38 -6.67 78.65
CA TYR FB 43 44.06 -5.41 78.44
C TYR FB 43 43.16 -4.22 78.75
N ARG FB 44 41.86 -4.44 78.66
CA ARG FB 44 40.91 -3.35 78.72
C ARG FB 44 39.53 -3.84 79.11
N PRO FB 45 39.28 -3.98 80.41
CA PRO FB 45 37.97 -4.38 80.92
C PRO FB 45 36.88 -3.34 80.58
N TRP FB 46 35.68 -3.79 80.23
CA TRP FB 46 34.58 -2.91 79.82
C TRP FB 46 33.32 -3.13 80.65
N LEU FB 47 33.39 -4.12 81.54
CA LEU FB 47 32.26 -4.59 82.33
C LEU FB 47 32.70 -5.05 83.71
N PHE GB 2 8.88 -29.53 72.26
CA PHE GB 2 7.45 -29.75 72.39
C PHE GB 2 6.76 -29.30 71.12
N THR GB 3 5.43 -29.25 71.18
CA THR GB 3 4.62 -28.47 70.23
C THR GB 3 3.63 -27.80 71.21
N MET GB 4 2.67 -27.04 70.71
CA MET GB 4 1.88 -26.20 71.60
C MET GB 4 0.77 -27.08 72.10
N ASN GB 5 0.14 -27.74 71.12
CA ASN GB 5 -0.93 -28.70 71.30
C ASN GB 5 -1.44 -29.19 69.92
N ALA GB 6 -2.29 -30.21 69.95
CA ALA GB 6 -3.18 -30.54 68.83
C ALA GB 6 -2.49 -31.09 67.58
N ASN GB 7 -2.35 -30.23 66.59
CA ASN GB 7 -1.84 -30.63 65.28
C ASN GB 7 -1.13 -29.47 64.60
N LEU GB 8 -0.09 -28.96 65.26
CA LEU GB 8 0.63 -27.78 64.80
C LEU GB 8 1.83 -28.06 63.87
N TYR GB 9 1.86 -29.21 63.22
CA TYR GB 9 2.90 -29.42 62.25
C TYR GB 9 2.34 -28.94 60.94
N LYS GB 10 1.08 -29.32 60.68
CA LYS GB 10 0.32 -28.91 59.50
C LYS GB 10 0.48 -27.45 59.05
N ILE GB 11 1.05 -26.61 59.92
CA ILE GB 11 1.29 -25.21 59.63
C ILE GB 11 2.23 -25.04 58.43
N TRP GB 12 3.09 -26.02 58.18
CA TRP GB 12 4.06 -25.96 57.11
C TRP GB 12 3.42 -26.50 55.84
N LEU GB 13 2.15 -26.85 55.96
CA LEU GB 13 1.34 -27.20 54.79
C LEU GB 13 0.68 -25.94 54.28
N ILE GB 14 0.71 -24.88 55.09
CA ILE GB 14 0.06 -23.63 54.73
C ILE GB 14 1.09 -22.51 54.50
N LEU GB 15 2.12 -22.49 55.35
CA LEU GB 15 3.13 -21.45 55.29
C LEU GB 15 4.47 -22.04 54.88
N ASP GB 16 5.02 -21.53 53.80
CA ASP GB 16 6.30 -21.98 53.24
C ASP GB 16 7.48 -21.83 54.21
N PRO GB 17 8.06 -22.97 54.64
CA PRO GB 17 9.23 -23.05 55.55
C PRO GB 17 10.48 -22.29 55.10
N ARG GB 18 10.83 -22.29 53.82
CA ARG GB 18 12.02 -21.54 53.43
C ARG GB 18 11.78 -20.09 53.83
N ARG GB 19 10.59 -19.60 53.47
CA ARG GB 19 10.24 -18.22 53.74
C ARG GB 19 10.16 -17.96 55.22
N VAL GB 20 9.45 -18.83 55.93
CA VAL GB 20 9.29 -18.67 57.35
C VAL GB 20 10.65 -18.56 58.02
N LEU GB 21 11.57 -19.46 57.69
CA LEU GB 21 12.93 -19.40 58.24
C LEU GB 21 13.69 -18.12 57.92
N VAL GB 22 13.82 -17.78 56.64
CA VAL GB 22 14.60 -16.60 56.30
C VAL GB 22 13.98 -15.36 57.01
N SER GB 23 12.65 -15.30 57.06
CA SER GB 23 11.96 -14.25 57.80
C SER GB 23 12.38 -14.23 59.24
N ILE GB 24 12.43 -15.42 59.84
CA ILE GB 24 12.79 -15.53 61.24
C ILE GB 24 14.18 -14.95 61.45
N VAL GB 25 15.22 -15.49 60.82
CA VAL GB 25 16.58 -14.93 61.02
C VAL GB 25 16.67 -13.43 60.70
N ALA GB 26 16.09 -12.98 59.60
CA ALA GB 26 16.16 -11.56 59.29
C ALA GB 26 15.54 -10.73 60.44
N PHE GB 27 14.31 -11.06 60.79
CA PHE GB 27 13.57 -10.34 61.83
C PHE GB 27 14.30 -10.33 63.16
N GLN GB 28 14.93 -11.45 63.49
CA GLN GB 28 15.68 -11.57 64.73
C GLN GB 28 16.88 -10.66 64.70
N ILE GB 29 17.61 -10.64 63.59
CA ILE GB 29 18.77 -9.77 63.53
C ILE GB 29 18.37 -8.30 63.68
N VAL GB 30 17.30 -7.92 63.00
CA VAL GB 30 16.80 -6.55 63.12
C VAL GB 30 16.40 -6.23 64.54
N LEU GB 31 15.56 -7.09 65.11
CA LEU GB 31 15.04 -6.94 66.46
C LEU GB 31 16.11 -6.81 67.54
N GLY GB 32 17.17 -7.60 67.38
CA GLY GB 32 18.34 -7.53 68.26
C GLY GB 32 19.05 -6.19 68.16
N LEU GB 33 19.38 -5.80 66.93
CA LEU GB 33 20.06 -4.52 66.69
C LEU GB 33 19.21 -3.41 67.32
N LEU GB 34 17.91 -3.54 67.12
CA LEU GB 34 16.90 -2.62 67.61
C LEU GB 34 16.94 -2.50 69.10
N ILE GB 35 16.74 -3.60 69.80
CA ILE GB 35 16.70 -3.55 71.26
C ILE GB 35 18.02 -3.05 71.84
N HIS GB 36 19.15 -3.58 71.37
CA HIS GB 36 20.47 -3.08 71.79
C HIS GB 36 20.53 -1.57 71.65
N MET GB 37 20.01 -1.12 70.51
CA MET GB 37 19.96 0.28 70.17
C MET GB 37 19.11 1.05 71.17
N ILE GB 38 18.02 0.45 71.62
CA ILE GB 38 17.18 1.07 72.63
C ILE GB 38 17.92 1.20 73.95
N VAL GB 39 18.59 0.10 74.30
CA VAL GB 39 19.31 -0.01 75.53
C VAL GB 39 20.47 0.97 75.58
N LEU GB 40 21.25 1.04 74.52
CA LEU GB 40 22.33 2.01 74.49
C LEU GB 40 21.83 3.45 74.49
N SER GB 41 20.54 3.66 74.25
CA SER GB 41 19.99 5.01 74.27
C SER GB 41 19.41 5.40 75.64
N THR GB 42 19.41 4.48 76.60
CA THR GB 42 18.84 4.77 77.91
C THR GB 42 19.86 4.70 79.05
N ASP GB 43 19.33 4.75 80.28
CA ASP GB 43 20.16 4.74 81.46
C ASP GB 43 20.97 3.44 81.54
N LEU GB 44 20.41 2.34 81.04
CA LEU GB 44 21.04 1.02 81.13
C LEU GB 44 22.27 0.88 80.22
N ASN GB 45 22.68 2.02 79.67
CA ASN GB 45 23.90 2.18 78.90
C ASN GB 45 25.07 1.44 79.52
N TRP GB 46 25.90 0.80 78.70
CA TRP GB 46 27.06 0.08 79.21
C TRP GB 46 28.36 0.57 78.56
N LEU GB 47 28.30 1.70 77.84
CA LEU GB 47 29.45 2.17 77.07
C LEU GB 47 30.04 3.48 77.59
N ASP GB 48 29.22 4.51 77.68
CA ASP GB 48 29.69 5.79 78.24
C ASP GB 48 29.54 5.93 79.76
N ASP GB 49 30.01 4.92 80.48
CA ASP GB 49 29.94 4.84 81.94
C ASP GB 49 31.35 4.95 82.39
N ASN GB 50 32.23 4.68 81.46
CA ASN GB 50 33.66 4.69 81.70
C ASN GB 50 33.95 3.50 82.60
N ILE GB 51 33.30 2.37 82.31
CA ILE GB 51 33.38 1.16 83.16
C ILE GB 51 34.31 0.07 82.62
N PRO GB 52 35.17 -0.49 83.52
CA PRO GB 52 35.33 -0.12 84.94
C PRO GB 52 36.34 1.02 85.19
N VAL GB 53 37.04 1.42 84.12
CA VAL GB 53 37.95 2.58 84.17
C VAL GB 53 37.77 3.47 82.94
N SER GB 54 37.73 4.79 83.17
CA SER GB 54 37.57 5.78 82.09
C SER GB 54 38.77 5.71 81.15
N TYR GB 55 38.50 5.50 79.86
CA TYR GB 55 39.56 5.31 78.89
C TYR GB 55 39.96 6.64 78.22
N GLN GB 56 39.01 7.58 78.15
CA GLN GB 56 39.27 8.92 77.64
C GLN GB 56 40.08 9.75 78.64
N ALA GB 57 40.14 9.27 79.88
CA ALA GB 57 41.03 9.81 80.88
C ALA GB 57 42.02 8.72 81.32
N LEU GB 58 42.34 7.83 80.38
CA LEU GB 58 43.51 6.96 80.45
C LEU GB 58 44.70 7.61 79.71
N GLY GB 59 44.46 8.81 79.21
CA GLY GB 59 45.48 9.60 78.53
C GLY GB 59 45.53 10.98 79.17
N LYS GB 60 44.99 11.08 80.39
CA LYS GB 60 44.97 12.31 81.20
C LYS GB 60 46.06 12.32 82.29
N LYS GB 61 45.63 12.49 83.54
CA LYS GB 61 46.45 13.04 84.63
C LYS GB 61 47.21 14.30 84.23
N THR HB 8 2.25 -25.66 49.35
CA THR HB 8 3.60 -25.13 49.53
C THR HB 8 4.64 -26.17 49.16
N GLY HB 9 4.23 -27.08 48.29
CA GLY HB 9 5.04 -28.22 47.89
C GLY HB 9 5.82 -29.05 48.90
N LEU HB 10 5.32 -29.18 50.13
CA LEU HB 10 5.90 -30.16 51.05
C LEU HB 10 4.88 -31.26 51.33
N THR HB 11 5.34 -32.50 51.57
CA THR HB 11 4.46 -33.60 51.96
C THR HB 11 4.18 -33.60 53.46
N ASP HB 12 3.18 -34.36 53.91
CA ASP HB 12 2.75 -34.27 55.29
C ASP HB 12 3.82 -34.69 56.29
N ASP HB 13 4.73 -35.56 55.88
CA ASP HB 13 5.79 -36.06 56.76
C ASP HB 13 6.96 -35.09 56.86
N GLU HB 14 7.05 -34.25 55.86
CA GLU HB 14 8.09 -33.24 55.84
C GLU HB 14 7.39 -32.03 55.26
N ALA HB 15 6.77 -31.21 56.12
CA ALA HB 15 7.22 -31.02 57.49
C ALA HB 15 6.41 -31.62 58.62
N LYS HB 16 6.57 -32.90 58.87
CA LYS HB 16 6.56 -33.30 60.26
C LYS HB 16 7.97 -33.05 60.75
N GLU HB 17 8.94 -33.45 59.93
CA GLU HB 17 10.35 -33.37 60.30
C GLU HB 17 10.81 -31.94 60.51
N PHE HB 18 10.54 -31.07 59.54
CA PHE HB 18 10.90 -29.68 59.69
C PHE HB 18 10.27 -29.15 60.97
N HIS HB 19 9.01 -29.46 61.23
CA HIS HB 19 8.41 -28.94 62.45
C HIS HB 19 9.22 -29.38 63.64
N ALA HB 20 9.67 -30.63 63.64
CA ALA HB 20 10.47 -31.14 64.75
C ALA HB 20 11.79 -30.36 64.91
N ILE HB 21 12.52 -30.22 63.82
CA ILE HB 21 13.85 -29.60 63.89
C ILE HB 21 13.72 -28.12 64.23
N PHE HB 22 12.69 -27.49 63.69
CA PHE HB 22 12.37 -26.09 63.97
C PHE HB 22 12.13 -25.96 65.46
N MET HB 23 11.30 -26.82 66.01
CA MET HB 23 10.95 -26.71 67.41
C MET HB 23 12.20 -26.86 68.28
N GLN HB 24 12.99 -27.90 68.03
CA GLN HB 24 14.16 -28.12 68.88
C GLN HB 24 15.22 -27.02 68.74
N SER HB 25 15.49 -26.60 67.52
CA SER HB 25 16.49 -25.57 67.29
C SER HB 25 16.03 -24.27 67.94
N MET HB 26 14.76 -23.96 67.78
CA MET HB 26 14.16 -22.75 68.33
C MET HB 26 14.26 -22.73 69.86
N TYR HB 27 14.00 -23.88 70.45
CA TYR HB 27 14.10 -24.05 71.89
C TYR HB 27 15.53 -23.91 72.37
N ALA HB 28 16.48 -24.37 71.57
CA ALA HB 28 17.89 -24.13 71.84
C ALA HB 28 18.19 -22.63 71.80
N TRP HB 29 17.62 -21.93 70.82
CA TRP HB 29 17.74 -20.49 70.70
C TRP HB 29 17.20 -19.76 71.96
N PHE HB 30 15.99 -20.14 72.38
CA PHE HB 30 15.35 -19.66 73.60
C PHE HB 30 16.27 -19.99 74.80
N GLY HB 31 17.03 -21.07 74.68
CA GLY HB 31 18.02 -21.42 75.69
C GLY HB 31 19.14 -20.39 75.80
N LEU HB 32 19.83 -20.13 74.69
CA LEU HB 32 20.88 -19.10 74.67
C LEU HB 32 20.35 -17.76 75.15
N VAL HB 33 19.09 -17.48 74.80
CA VAL HB 33 18.39 -16.27 75.23
C VAL HB 33 18.09 -16.19 76.75
N VAL HB 34 17.52 -17.24 77.31
CA VAL HB 34 17.21 -17.25 78.75
C VAL HB 34 18.50 -17.16 79.53
N ILE HB 35 19.54 -17.88 79.09
CA ILE HB 35 20.86 -17.76 79.71
C ILE HB 35 21.46 -16.35 79.62
N ALA HB 36 21.53 -15.78 78.41
CA ALA HB 36 22.08 -14.44 78.24
C ALA HB 36 21.31 -13.43 79.09
N HIS HB 37 20.01 -13.66 79.23
CA HIS HB 37 19.15 -12.82 80.08
C HIS HB 37 19.42 -13.03 81.60
N LEU HB 38 19.83 -14.25 81.93
CA LEU HB 38 20.22 -14.59 83.27
C LEU HB 38 21.50 -13.85 83.63
N LEU HB 39 22.50 -13.90 82.74
CA LEU HB 39 23.72 -13.10 82.90
C LEU HB 39 23.44 -11.60 82.97
N ALA HB 40 22.54 -11.14 82.11
CA ALA HB 40 22.20 -9.71 82.07
C ALA HB 40 21.55 -9.25 83.37
N TRP HB 41 20.70 -10.11 83.96
CA TRP HB 41 20.02 -9.80 85.22
C TRP HB 41 20.95 -9.92 86.44
N LEU HB 42 21.86 -10.90 86.41
CA LEU HB 42 22.82 -11.05 87.49
C LEU HB 42 23.77 -9.86 87.54
N TYR HB 43 24.40 -9.54 86.41
CA TYR HB 43 25.41 -8.50 86.43
C TYR HB 43 24.80 -7.11 86.63
N ARG HB 44 23.56 -6.94 86.22
CA ARG HB 44 22.99 -5.60 86.17
C ARG HB 44 21.47 -5.71 86.16
N PRO HB 45 20.85 -5.84 87.35
CA PRO HB 45 19.39 -5.91 87.43
C PRO HB 45 18.76 -4.63 86.88
N TRP HB 46 17.70 -4.78 86.10
CA TRP HB 46 17.09 -3.67 85.35
C TRP HB 46 15.64 -3.39 85.70
N LEU HB 47 15.07 -4.24 86.57
CA LEU HB 47 13.65 -4.17 86.93
C LEU HB 47 13.50 -4.66 88.34
N PHE IB 2 -33.34 -16.93 67.57
CA PHE IB 2 -32.29 -17.40 66.66
C PHE IB 2 -30.89 -17.63 67.29
N THR IB 3 -30.39 -18.84 67.12
CA THR IB 3 -29.03 -19.23 67.48
C THR IB 3 -28.10 -19.10 66.22
N MET IB 4 -27.81 -20.25 65.60
CA MET IB 4 -26.70 -20.46 64.63
C MET IB 4 -25.28 -19.99 65.05
N ASN IB 5 -25.09 -19.69 66.33
CA ASN IB 5 -23.80 -19.29 66.88
C ASN IB 5 -22.66 -20.33 66.76
N ALA IB 6 -22.99 -21.58 66.42
CA ALA IB 6 -21.99 -22.59 66.04
C ALA IB 6 -21.87 -22.92 64.54
N ASN IB 7 -21.30 -22.02 63.76
CA ASN IB 7 -21.11 -22.30 62.35
C ASN IB 7 -19.99 -21.39 61.82
N LEU IB 8 -19.00 -21.12 62.67
CA LEU IB 8 -17.93 -20.20 62.28
C LEU IB 8 -16.70 -20.90 61.68
N TYR IB 9 -16.83 -22.11 61.16
CA TYR IB 9 -15.70 -22.68 60.43
C TYR IB 9 -15.83 -22.33 58.96
N LYS IB 10 -17.06 -22.46 58.44
CA LYS IB 10 -17.41 -22.00 57.12
C LYS IB 10 -16.82 -20.64 56.72
N ILE IB 11 -16.31 -19.87 57.69
CA ILE IB 11 -15.71 -18.56 57.41
C ILE IB 11 -14.53 -18.68 56.42
N TRP IB 12 -13.91 -19.85 56.38
CA TRP IB 12 -12.73 -20.04 55.53
C TRP IB 12 -13.15 -20.47 54.13
N LEU IB 13 -14.46 -20.50 53.89
CA LEU IB 13 -14.96 -20.76 52.55
C LEU IB 13 -15.05 -19.44 51.81
N ILE IB 14 -14.93 -18.34 52.56
CA ILE IB 14 -14.98 -17.00 51.99
C ILE IB 14 -13.64 -16.29 52.13
N LEU IB 15 -12.92 -16.64 53.19
CA LEU IB 15 -11.62 -16.04 53.48
C LEU IB 15 -10.45 -17.03 53.39
N ASP IB 16 -9.45 -16.66 52.58
CA ASP IB 16 -8.17 -17.40 52.43
C ASP IB 16 -7.47 -17.58 53.76
N PRO IB 17 -7.33 -18.83 54.22
CA PRO IB 17 -6.65 -19.12 55.51
C PRO IB 17 -5.22 -18.57 55.53
N ARG IB 18 -4.53 -18.75 54.42
CA ARG IB 18 -3.14 -18.30 54.30
C ARG IB 18 -3.00 -16.79 54.57
N ARG IB 19 -3.83 -16.03 53.87
CA ARG IB 19 -3.79 -14.57 53.89
C ARG IB 19 -4.12 -14.07 55.27
N VAL IB 20 -5.18 -14.62 55.85
CA VAL IB 20 -5.57 -14.24 57.19
C VAL IB 20 -4.41 -14.47 58.14
N LEU IB 21 -3.76 -15.63 58.05
CA LEU IB 21 -2.63 -15.95 58.94
C LEU IB 21 -1.47 -14.95 58.84
N VAL IB 22 -0.98 -14.78 57.61
CA VAL IB 22 0.16 -13.92 57.35
C VAL IB 22 -0.13 -12.48 57.79
N SER IB 23 -1.37 -12.08 57.52
CA SER IB 23 -1.92 -10.77 57.88
C SER IB 23 -1.87 -10.52 59.38
N ILE IB 24 -2.33 -11.54 60.09
CA ILE IB 24 -2.36 -11.52 61.51
C ILE IB 24 -0.97 -11.38 62.07
N VAL IB 25 -0.07 -12.28 61.67
CA VAL IB 25 1.30 -12.20 62.18
C VAL IB 25 1.94 -10.82 61.94
N ALA IB 26 1.79 -10.30 60.73
CA ALA IB 26 2.38 -8.99 60.42
C ALA IB 26 1.80 -7.91 61.31
N PHE IB 27 0.47 -7.84 61.33
CA PHE IB 27 -0.23 -6.85 62.12
C PHE IB 27 0.19 -6.87 63.56
N GLN IB 28 0.35 -8.08 64.08
CA GLN IB 28 0.75 -8.24 65.47
C GLN IB 28 2.17 -7.75 65.68
N ILE IB 29 3.11 -8.08 64.77
CA ILE IB 29 4.48 -7.64 64.99
C ILE IB 29 4.55 -6.11 65.00
N VAL IB 30 3.87 -5.48 64.04
CA VAL IB 30 3.88 -4.02 64.01
C VAL IB 30 3.17 -3.42 65.24
N LEU IB 31 1.92 -3.80 65.49
CA LEU IB 31 1.11 -3.25 66.59
C LEU IB 31 1.86 -3.41 67.89
N GLY IB 32 2.58 -4.53 67.98
CA GLY IB 32 3.45 -4.76 69.11
C GLY IB 32 4.48 -3.66 69.13
N LEU IB 33 5.22 -3.49 68.04
CA LEU IB 33 6.26 -2.45 67.99
C LEU IB 33 5.71 -1.04 68.27
N LEU IB 34 4.55 -0.73 67.71
CA LEU IB 34 3.87 0.52 67.95
C LEU IB 34 3.57 0.73 69.41
N ILE IB 35 2.77 -0.15 69.99
CA ILE IB 35 2.34 0.00 71.37
C ILE IB 35 3.52 0.03 72.34
N HIS IB 36 4.48 -0.85 72.12
CA HIS IB 36 5.74 -0.79 72.85
C HIS IB 36 6.43 0.56 72.80
N MET IB 37 6.59 1.13 71.60
CA MET IB 37 7.19 2.46 71.53
C MET IB 37 6.31 3.61 72.03
N ILE IB 38 4.99 3.48 71.91
CA ILE IB 38 4.05 4.43 72.50
C ILE IB 38 4.24 4.44 74.03
N VAL IB 39 4.35 3.25 74.61
CA VAL IB 39 4.63 3.10 76.02
C VAL IB 39 6.01 3.59 76.42
N LEU IB 40 7.03 3.23 75.66
CA LEU IB 40 8.40 3.63 75.97
C LEU IB 40 8.64 5.11 76.02
N SER IB 41 7.79 5.89 75.38
CA SER IB 41 8.00 7.32 75.36
C SER IB 41 7.25 8.11 76.44
N THR IB 42 6.44 7.43 77.23
CA THR IB 42 5.67 8.12 78.25
C THR IB 42 6.12 7.67 79.62
N ASP IB 43 5.35 8.10 80.61
CA ASP IB 43 5.63 7.85 82.01
C ASP IB 43 5.69 6.34 82.28
N LEU IB 44 5.02 5.52 81.47
CA LEU IB 44 5.05 4.06 81.70
C LEU IB 44 6.36 3.40 81.26
N ASN IB 45 7.31 4.24 80.85
CA ASN IB 45 8.67 3.80 80.55
C ASN IB 45 9.21 2.84 81.58
N TRP IB 46 9.96 1.83 81.15
CA TRP IB 46 10.49 0.85 82.08
C TRP IB 46 12.00 0.76 81.94
N LEU IB 47 12.56 1.65 81.15
CA LEU IB 47 13.97 1.56 80.82
C LEU IB 47 14.72 2.75 81.36
N ASP IB 48 14.30 3.93 80.91
CA ASP IB 48 14.90 5.18 81.35
C ASP IB 48 14.18 5.65 82.61
N ASP IB 49 14.07 4.76 83.58
CA ASP IB 49 13.31 5.03 84.80
C ASP IB 49 14.36 5.11 85.88
N ASN IB 50 15.53 4.56 85.52
CA ASN IB 50 16.71 4.47 86.37
C ASN IB 50 16.43 3.41 87.43
N ILE IB 51 15.78 2.33 86.97
CA ILE IB 51 15.34 1.23 87.82
C ILE IB 51 16.17 -0.05 87.63
N PRO IB 52 16.60 -0.69 88.74
CA PRO IB 52 16.43 -0.32 90.17
C PRO IB 52 17.53 0.59 90.78
N VAL IB 53 18.66 0.76 90.07
CA VAL IB 53 19.69 1.71 90.49
C VAL IB 53 20.29 2.40 89.24
N SER IB 54 20.51 3.71 89.31
CA SER IB 54 21.13 4.46 88.20
C SER IB 54 22.58 4.00 87.97
N TYR IB 55 22.87 3.61 86.75
CA TYR IB 55 24.15 3.03 86.38
C TYR IB 55 25.13 4.11 85.93
N GLN IB 56 24.60 5.29 85.64
CA GLN IB 56 25.40 6.46 85.30
C GLN IB 56 26.05 7.03 86.56
N ALA IB 57 25.98 6.27 87.64
CA ALA IB 57 26.75 6.58 88.84
C ALA IB 57 27.68 5.41 89.08
N LEU IB 58 27.51 4.38 88.26
CA LEU IB 58 28.50 3.34 88.08
C LEU IB 58 29.40 3.89 86.99
N GLY IB 59 30.43 4.61 87.43
CA GLY IB 59 31.35 5.30 86.54
C GLY IB 59 30.61 6.51 86.01
N LYS IB 60 30.75 6.77 84.70
CA LYS IB 60 30.07 7.87 84.00
C LYS IB 60 30.12 9.25 84.67
N LYS IB 61 29.70 9.33 85.94
CA LYS IB 61 29.59 10.60 86.66
C LYS IB 61 30.26 10.50 88.04
N THR JB 8 -12.34 -20.34 48.08
CA THR JB 8 -11.05 -20.15 48.74
C THR JB 8 -10.21 -21.40 48.79
N GLY JB 9 -10.45 -22.31 47.88
CA GLY JB 9 -9.73 -23.56 47.88
C GLY JB 9 -9.83 -24.39 49.13
N LEU JB 10 -10.97 -24.34 49.80
CA LEU JB 10 -11.19 -25.29 50.86
C LEU JB 10 -12.41 -26.14 50.49
N THR JB 11 -12.43 -27.40 50.95
CA THR JB 11 -13.68 -28.15 51.08
C THR JB 11 -14.15 -27.95 52.53
N ASP JB 12 -15.39 -28.36 52.81
CA ASP JB 12 -16.02 -28.14 54.12
C ASP JB 12 -15.32 -28.85 55.26
N ASP JB 13 -14.66 -29.96 54.97
CA ASP JB 13 -13.94 -30.70 56.01
C ASP JB 13 -12.54 -30.14 56.20
N GLU JB 14 -12.01 -29.49 55.18
CA GLU JB 14 -10.69 -28.89 55.33
C GLU JB 14 -10.82 -27.43 55.69
N ALA JB 15 -12.04 -27.04 56.10
CA ALA JB 15 -12.26 -25.77 56.82
C ALA JB 15 -12.69 -25.96 58.28
N LYS JB 16 -12.88 -27.20 58.69
CA LYS JB 16 -13.15 -27.45 60.10
C LYS JB 16 -11.84 -27.51 60.87
N GLU JB 17 -10.88 -28.20 60.26
CA GLU JB 17 -9.59 -28.43 60.91
C GLU JB 17 -8.88 -27.13 61.15
N PHE JB 18 -8.79 -26.34 60.10
CA PHE JB 18 -8.16 -25.05 60.26
C PHE JB 18 -8.86 -24.26 61.35
N HIS JB 19 -10.19 -24.19 61.39
CA HIS JB 19 -10.83 -23.36 62.44
C HIS JB 19 -10.48 -23.84 63.84
N ALA JB 20 -10.45 -25.17 64.00
CA ALA JB 20 -10.11 -25.76 65.28
C ALA JB 20 -8.71 -25.33 65.71
N ILE JB 21 -7.72 -25.53 64.84
CA ILE JB 21 -6.34 -25.22 65.20
C ILE JB 21 -6.13 -23.70 65.34
N PHE JB 22 -6.78 -22.93 64.50
CA PHE JB 22 -6.70 -21.48 64.54
C PHE JB 22 -7.19 -20.95 65.88
N MET JB 23 -8.40 -21.35 66.26
CA MET JB 23 -8.93 -20.89 67.54
C MET JB 23 -8.03 -21.33 68.68
N GLN JB 24 -7.65 -22.60 68.69
CA GLN JB 24 -6.87 -23.13 69.78
C GLN JB 24 -5.51 -22.44 69.94
N SER JB 25 -4.80 -22.26 68.84
CA SER JB 25 -3.53 -21.54 68.91
C SER JB 25 -3.71 -20.08 69.29
N MET JB 26 -4.75 -19.46 68.74
CA MET JB 26 -5.03 -18.05 69.02
C MET JB 26 -5.36 -17.79 70.51
N TYR JB 27 -6.11 -18.71 71.15
CA TYR JB 27 -6.36 -18.66 72.59
C TYR JB 27 -5.07 -18.92 73.35
N ALA JB 28 -4.20 -19.75 72.79
CA ALA JB 28 -2.88 -19.92 73.41
C ALA JB 28 -2.20 -18.55 73.44
N TRP JB 29 -2.30 -17.83 72.32
CA TRP JB 29 -1.75 -16.48 72.22
C TRP JB 29 -2.34 -15.50 73.23
N PHE JB 30 -3.66 -15.42 73.25
CA PHE JB 30 -4.40 -14.59 74.18
C PHE JB 30 -4.07 -14.93 75.62
N GLY JB 31 -3.77 -16.21 75.85
CA GLY JB 31 -3.35 -16.67 77.15
C GLY JB 31 -2.03 -16.01 77.50
N LEU JB 32 -1.09 -16.14 76.56
CA LEU JB 32 0.21 -15.51 76.70
C LEU JB 32 0.07 -14.04 77.01
N VAL JB 33 -0.92 -13.42 76.38
CA VAL JB 33 -1.21 -12.02 76.56
C VAL JB 33 -1.74 -11.64 77.94
N VAL JB 34 -2.76 -12.34 78.39
CA VAL JB 34 -3.35 -12.02 79.67
C VAL JB 34 -2.28 -12.23 80.72
N ILE JB 35 -1.44 -13.24 80.51
CA ILE JB 35 -0.28 -13.46 81.38
C ILE JB 35 0.65 -12.25 81.42
N ALA JB 36 1.12 -11.85 80.25
CA ALA JB 36 2.05 -10.73 80.18
C ALA JB 36 1.44 -9.47 80.78
N HIS JB 37 0.12 -9.31 80.59
CA HIS JB 37 -0.61 -8.14 81.07
C HIS JB 37 -0.87 -8.12 82.61
N LEU JB 38 -1.07 -9.29 83.22
CA LEU JB 38 -1.17 -9.35 84.68
C LEU JB 38 0.19 -9.20 85.35
N LEU JB 39 1.20 -9.91 84.84
CA LEU JB 39 2.57 -9.71 85.36
C LEU JB 39 2.91 -8.22 85.23
N ALA JB 40 2.51 -7.62 84.12
CA ALA JB 40 2.68 -6.18 83.90
C ALA JB 40 1.85 -5.36 84.87
N TRP JB 41 0.69 -5.88 85.24
CA TRP JB 41 -0.20 -5.16 86.15
C TRP JB 41 0.37 -5.08 87.57
N LEU JB 42 1.02 -6.16 88.00
CA LEU JB 42 1.59 -6.25 89.35
C LEU JB 42 2.80 -5.36 89.63
N TYR JB 43 3.83 -5.45 88.77
CA TYR JB 43 5.10 -4.77 89.01
C TYR JB 43 4.96 -3.25 88.84
N ARG JB 44 4.02 -2.84 88.01
CA ARG JB 44 3.87 -1.43 87.69
C ARG JB 44 2.47 -1.27 87.07
N PRO JB 45 1.41 -1.24 87.94
CA PRO JB 45 0.01 -1.07 87.52
C PRO JB 45 -0.19 0.28 86.86
N TRP JB 46 -1.01 0.36 85.81
CA TRP JB 46 -1.08 1.61 85.06
C TRP JB 46 -2.47 2.25 85.11
N LEU JB 47 -3.45 1.58 85.71
CA LEU JB 47 -4.82 2.12 85.72
C LEU JB 47 -5.19 2.86 86.97
N PHE KB 2 -37.78 -2.20 65.63
CA PHE KB 2 -37.11 -3.27 66.36
C PHE KB 2 -37.01 -4.60 65.60
N THR KB 3 -38.14 -5.17 65.23
CA THR KB 3 -38.14 -6.54 64.70
C THR KB 3 -37.80 -6.63 63.23
N MET KB 4 -37.06 -7.68 62.88
CA MET KB 4 -36.34 -7.75 61.61
C MET KB 4 -37.19 -8.36 60.51
N ASN KB 5 -36.79 -8.10 59.28
CA ASN KB 5 -37.45 -8.66 58.11
C ASN KB 5 -37.48 -10.19 58.19
N ALA KB 6 -38.62 -10.81 57.94
CA ALA KB 6 -38.69 -12.25 57.72
C ALA KB 6 -38.03 -12.71 56.41
N ASN KB 7 -37.28 -11.84 55.75
CA ASN KB 7 -36.63 -12.17 54.50
C ASN KB 7 -35.37 -11.34 54.35
N LEU KB 8 -34.70 -11.04 55.45
CA LEU KB 8 -33.51 -10.22 55.37
C LEU KB 8 -32.25 -11.08 55.23
N TYR KB 9 -32.43 -12.30 54.75
CA TYR KB 9 -31.34 -13.19 54.35
C TYR KB 9 -31.03 -12.93 52.88
N LYS KB 10 -32.12 -12.79 52.13
CA LYS KB 10 -32.14 -12.43 50.73
C LYS KB 10 -31.13 -11.37 50.32
N ILE KB 11 -30.59 -10.61 51.29
CA ILE KB 11 -29.60 -9.59 50.97
C ILE KB 11 -28.33 -10.14 50.34
N TRP KB 12 -28.02 -11.40 50.60
CA TRP KB 12 -26.79 -11.95 50.08
C TRP KB 12 -27.02 -12.46 48.69
N LEU KB 13 -28.25 -12.24 48.22
CA LEU KB 13 -28.59 -12.47 46.83
C LEU KB 13 -28.34 -11.18 46.04
N ILE KB 14 -28.14 -10.07 46.76
CA ILE KB 14 -27.93 -8.76 46.16
C ILE KB 14 -26.53 -8.21 46.42
N LEU KB 15 -26.04 -8.48 47.63
CA LEU KB 15 -24.74 -7.96 48.03
C LEU KB 15 -23.75 -9.09 48.25
N ASP KB 16 -22.63 -8.99 47.53
CA ASP KB 16 -21.56 -9.98 47.61
C ASP KB 16 -21.05 -10.18 49.02
N PRO KB 17 -21.22 -11.38 49.54
CA PRO KB 17 -20.79 -11.74 50.89
C PRO KB 17 -19.30 -11.54 51.14
N ARG KB 18 -18.42 -11.96 50.23
CA ARG KB 18 -17.01 -11.78 50.49
C ARG KB 18 -16.65 -10.29 50.61
N ARG KB 19 -17.06 -9.48 49.64
CA ARG KB 19 -16.70 -8.06 49.66
C ARG KB 19 -17.35 -7.27 50.81
N VAL KB 20 -18.65 -7.44 51.07
CA VAL KB 20 -19.20 -6.75 52.23
C VAL KB 20 -18.47 -7.19 53.53
N LEU KB 21 -18.19 -8.48 53.71
CA LEU KB 21 -17.43 -8.94 54.88
C LEU KB 21 -16.09 -8.24 55.03
N VAL KB 22 -15.28 -8.37 53.99
CA VAL KB 22 -13.96 -7.80 53.98
C VAL KB 22 -14.04 -6.30 54.19
N SER KB 23 -15.04 -5.66 53.58
CA SER KB 23 -15.31 -4.23 53.75
C SER KB 23 -15.49 -3.86 55.22
N ILE KB 24 -16.33 -4.63 55.89
CA ILE KB 24 -16.56 -4.41 57.29
C ILE KB 24 -15.26 -4.53 58.03
N VAL KB 25 -14.53 -5.63 57.82
CA VAL KB 25 -13.25 -5.78 58.51
C VAL KB 25 -12.26 -4.63 58.33
N ALA KB 26 -12.06 -4.22 57.08
CA ALA KB 26 -11.12 -3.15 56.82
C ALA KB 26 -11.58 -1.92 57.58
N PHE KB 27 -12.84 -1.55 57.35
CA PHE KB 27 -13.40 -0.38 57.99
C PHE KB 27 -13.31 -0.39 59.50
N GLN KB 28 -13.54 -1.54 60.12
CA GLN KB 28 -13.52 -1.63 61.57
C GLN KB 28 -12.11 -1.47 62.11
N ILE KB 29 -11.10 -2.15 61.57
CA ILE KB 29 -9.79 -1.90 62.20
C ILE KB 29 -9.41 -0.43 61.98
N VAL KB 30 -9.75 0.10 60.80
CA VAL KB 30 -9.42 1.50 60.52
C VAL KB 30 -10.07 2.49 61.48
N LEU KB 31 -11.39 2.41 61.60
CA LEU KB 31 -12.13 3.27 62.51
C LEU KB 31 -11.60 3.09 63.94
N GLY KB 32 -11.15 1.88 64.25
CA GLY KB 32 -10.52 1.61 65.52
C GLY KB 32 -9.30 2.49 65.73
N LEU KB 33 -8.35 2.45 64.79
CA LEU KB 33 -7.17 3.32 64.90
C LEU KB 33 -7.57 4.78 64.97
N LEU KB 34 -8.50 5.19 64.15
CA LEU KB 34 -8.95 6.57 64.14
C LEU KB 34 -9.47 6.98 65.50
N ILE KB 35 -10.45 6.27 66.03
CA ILE KB 35 -11.00 6.61 67.34
C ILE KB 35 -9.94 6.58 68.45
N HIS KB 36 -9.12 5.53 68.51
CA HIS KB 36 -8.01 5.50 69.45
C HIS KB 36 -7.14 6.74 69.38
N MET KB 37 -6.72 7.10 68.18
CA MET KB 37 -5.89 8.27 68.03
C MET KB 37 -6.62 9.53 68.48
N ILE KB 38 -7.91 9.62 68.18
CA ILE KB 38 -8.68 10.79 68.58
C ILE KB 38 -8.72 10.93 70.09
N VAL KB 39 -8.98 9.84 70.82
CA VAL KB 39 -8.98 9.93 72.27
C VAL KB 39 -7.59 10.26 72.80
N LEU KB 40 -6.55 9.62 72.29
CA LEU KB 40 -5.21 9.95 72.78
C LEU KB 40 -4.84 11.42 72.56
N SER KB 41 -5.50 12.08 71.61
CA SER KB 41 -5.26 13.49 71.36
C SER KB 41 -6.28 14.37 72.03
N THR KB 42 -7.21 13.77 72.76
CA THR KB 42 -8.15 14.60 73.49
C THR KB 42 -7.98 14.41 75.02
N ASP KB 43 -8.85 15.07 75.79
CA ASP KB 43 -8.72 15.13 77.24
C ASP KB 43 -8.77 13.75 77.83
N LEU KB 44 -9.54 12.88 77.20
CA LEU KB 44 -9.73 11.54 77.72
C LEU KB 44 -8.48 10.69 77.54
N ASN KB 45 -7.39 11.33 77.11
CA ASN KB 45 -6.09 10.71 77.00
C ASN KB 45 -5.84 9.88 78.24
N TRP KB 46 -5.28 8.69 78.10
CA TRP KB 46 -5.14 7.80 79.26
C TRP KB 46 -3.69 7.48 79.54
N LEU KB 47 -2.79 8.21 78.90
CA LEU KB 47 -1.37 7.92 79.00
C LEU KB 47 -0.55 9.01 79.71
N ASP KB 48 -0.61 10.22 79.17
CA ASP KB 48 0.15 11.36 79.70
C ASP KB 48 -0.58 12.06 80.84
N ASP KB 49 -1.00 11.25 81.80
CA ASP KB 49 -1.75 11.66 82.97
C ASP KB 49 -0.92 11.33 84.20
N ASN KB 50 0.04 10.41 83.99
CA ASN KB 50 0.88 9.78 85.04
C ASN KB 50 0.06 8.76 85.83
N ILE KB 51 -0.52 7.78 85.14
CA ILE KB 51 -1.47 6.88 85.80
C ILE KB 51 -0.95 5.47 86.19
N PRO KB 52 -1.19 5.08 87.47
CA PRO KB 52 -1.72 6.01 88.48
C PRO KB 52 -0.54 6.62 89.21
N VAL KB 53 0.65 6.04 88.99
CA VAL KB 53 1.88 6.51 89.63
C VAL KB 53 2.89 7.16 88.67
N SER KB 54 3.45 8.26 89.16
CA SER KB 54 4.47 9.02 88.47
C SER KB 54 5.74 8.16 88.46
N TYR KB 55 6.22 7.76 87.28
CA TYR KB 55 7.37 6.87 87.24
C TYR KB 55 8.65 7.66 86.92
N GLN KB 56 8.50 8.70 86.12
CA GLN KB 56 9.64 9.53 85.76
C GLN KB 56 10.08 10.37 86.92
N ALA KB 57 9.16 10.70 87.82
CA ALA KB 57 9.53 11.40 89.07
C ALA KB 57 10.10 10.51 90.16
N LEU KB 58 10.76 9.42 89.76
CA LEU KB 58 11.67 8.62 90.59
C LEU KB 58 12.03 7.29 89.94
N GLY KB 59 12.04 6.26 90.80
CA GLY KB 59 12.28 4.87 90.46
C GLY KB 59 11.58 4.14 91.59
N LYS KB 60 10.92 4.96 92.41
CA LYS KB 60 10.14 4.49 93.55
C LYS KB 60 8.65 4.47 93.20
N LYS KB 61 8.18 3.33 92.68
CA LYS KB 61 6.93 3.29 91.94
C LYS KB 61 6.80 4.43 90.92
N THR LB 8 -25.42 -12.81 42.24
CA THR LB 8 -24.27 -12.85 43.14
C THR LB 8 -23.73 -14.25 43.30
N GLY LB 9 -24.05 -15.13 42.37
CA GLY LB 9 -23.73 -16.54 42.50
C GLY LB 9 -23.99 -17.17 43.87
N LEU LB 10 -25.02 -16.69 44.56
CA LEU LB 10 -25.47 -17.35 45.79
C LEU LB 10 -26.84 -17.95 45.61
N THR LB 11 -27.13 -18.99 46.39
CA THR LB 11 -28.47 -19.55 46.42
C THR LB 11 -29.37 -18.85 47.43
N ASP LB 12 -30.68 -19.03 47.29
CA ASP LB 12 -31.61 -18.47 48.25
C ASP LB 12 -31.52 -19.21 49.57
N ASP LB 13 -31.09 -20.47 49.53
CA ASP LB 13 -31.00 -21.24 50.76
C ASP LB 13 -29.70 -21.00 51.51
N GLU LB 14 -28.67 -20.66 50.74
CA GLU LB 14 -27.36 -20.35 51.29
C GLU LB 14 -27.17 -18.84 51.46
N ALA LB 15 -28.27 -18.11 51.44
CA ALA LB 15 -28.25 -16.75 51.98
C ALA LB 15 -29.02 -16.71 53.29
N LYS LB 16 -29.62 -17.84 53.66
CA LYS LB 16 -30.33 -17.95 54.94
C LYS LB 16 -29.37 -18.24 56.12
N GLU LB 17 -28.50 -19.21 55.89
CA GLU LB 17 -27.46 -19.61 56.82
C GLU LB 17 -26.44 -18.52 56.96
N PHE LB 18 -25.94 -18.03 55.83
CA PHE LB 18 -24.95 -16.98 55.88
C PHE LB 18 -25.49 -15.83 56.72
N HIS LB 19 -26.73 -15.41 56.46
CA HIS LB 19 -27.31 -14.31 57.21
C HIS LB 19 -27.37 -14.62 58.68
N ALA LB 20 -27.72 -15.86 59.02
CA ALA LB 20 -27.76 -16.23 60.43
C ALA LB 20 -26.36 -16.02 61.03
N ILE LB 21 -25.33 -16.49 60.33
CA ILE LB 21 -23.98 -16.41 60.85
C ILE LB 21 -23.44 -14.97 60.91
N PHE LB 22 -23.74 -14.17 59.90
CA PHE LB 22 -23.35 -12.75 59.87
C PHE LB 22 -23.97 -11.99 61.00
N MET LB 23 -25.28 -12.12 61.13
CA MET LB 23 -25.99 -11.39 62.17
C MET LB 23 -25.52 -11.79 63.57
N GLN LB 24 -25.42 -13.10 63.82
CA GLN LB 24 -25.02 -13.63 65.12
C GLN LB 24 -23.60 -13.19 65.44
N SER LB 25 -22.74 -13.23 64.42
CA SER LB 25 -21.34 -12.84 64.56
C SER LB 25 -21.25 -11.36 64.90
N MET LB 26 -22.02 -10.57 64.16
CA MET LB 26 -22.06 -9.13 64.32
C MET LB 26 -22.60 -8.72 65.71
N TYR LB 27 -23.64 -9.42 66.17
CA TYR LB 27 -24.18 -9.20 67.51
C TYR LB 27 -23.16 -9.58 68.57
N ALA LB 28 -22.37 -10.62 68.29
CA ALA LB 28 -21.27 -10.98 69.18
C ALA LB 28 -20.31 -9.79 69.28
N TRP LB 29 -20.01 -9.17 68.14
CA TRP LB 29 -19.14 -8.00 68.13
C TRP LB 29 -19.73 -6.90 68.99
N PHE LB 30 -20.99 -6.56 68.72
CA PHE LB 30 -21.71 -5.52 69.46
C PHE LB 30 -21.71 -5.80 70.97
N GLY LB 31 -21.71 -7.08 71.31
CA GLY LB 31 -21.59 -7.50 72.69
C GLY LB 31 -20.24 -7.14 73.28
N LEU LB 32 -19.16 -7.58 72.62
CA LEU LB 32 -17.81 -7.24 73.07
C LEU LB 32 -17.63 -5.74 73.24
N VAL LB 33 -18.23 -4.99 72.32
CA VAL LB 33 -18.18 -3.54 72.40
C VAL LB 33 -18.96 -2.93 73.58
N VAL LB 34 -20.21 -3.35 73.79
CA VAL LB 34 -20.98 -2.80 74.90
C VAL LB 34 -20.28 -3.15 76.20
N ILE LB 35 -19.72 -4.35 76.28
CA ILE LB 35 -18.91 -4.72 77.46
C ILE LB 35 -17.72 -3.77 77.69
N ALA LB 36 -16.89 -3.60 76.67
CA ALA LB 36 -15.72 -2.71 76.81
C ALA LB 36 -16.13 -1.27 77.17
N HIS LB 37 -17.22 -0.82 76.58
CA HIS LB 37 -17.69 0.54 76.79
C HIS LB 37 -18.22 0.69 78.19
N LEU LB 38 -18.72 -0.42 78.74
CA LEU LB 38 -19.21 -0.43 80.10
C LEU LB 38 -18.04 -0.30 81.09
N LEU LB 39 -17.00 -1.13 80.93
CA LEU LB 39 -15.81 -0.97 81.80
C LEU LB 39 -15.26 0.45 81.69
N ALA LB 40 -15.26 0.96 80.47
CA ALA LB 40 -14.77 2.31 80.21
C ALA LB 40 -15.62 3.35 80.94
N TRP LB 41 -16.93 3.12 81.01
CA TRP LB 41 -17.80 4.09 81.68
C TRP LB 41 -17.62 4.07 83.20
N LEU LB 42 -17.36 2.88 83.74
CA LEU LB 42 -17.08 2.79 85.17
C LEU LB 42 -15.77 3.48 85.51
N TYR LB 43 -14.69 3.13 84.82
CA TYR LB 43 -13.39 3.71 85.22
C TYR LB 43 -13.26 5.19 84.87
N ARG LB 44 -13.95 5.65 83.83
CA ARG LB 44 -13.73 7.00 83.26
C ARG LB 44 -14.94 7.57 82.46
N PRO LB 45 -15.92 8.14 83.20
CA PRO LB 45 -17.14 8.77 82.67
C PRO LB 45 -16.84 10.00 81.82
N TRP LB 46 -17.46 10.10 80.65
CA TRP LB 46 -17.10 11.16 79.70
C TRP LB 46 -18.30 12.04 79.40
N LEU LB 47 -19.44 11.71 80.02
CA LEU LB 47 -20.66 12.43 79.73
C LEU LB 47 -21.52 12.40 80.96
N PHE MB 2 -48.13 12.57 50.03
CA PHE MB 2 -47.99 11.87 51.30
C PHE MB 2 -48.65 10.51 51.31
N THR MB 3 -48.43 9.73 50.26
CA THR MB 3 -49.00 8.40 50.23
C THR MB 3 -48.28 7.49 49.21
N MET MB 4 -48.25 6.20 49.54
CA MET MB 4 -47.27 5.25 49.02
C MET MB 4 -47.81 4.67 47.73
N ASN MB 5 -47.64 5.40 46.63
CA ASN MB 5 -48.08 5.03 45.26
C ASN MB 5 -48.65 3.63 45.00
N ALA MB 6 -48.04 2.62 45.61
CA ALA MB 6 -48.55 1.23 45.71
C ALA MB 6 -48.00 0.48 44.53
N ASN MB 7 -47.04 1.13 43.88
CA ASN MB 7 -46.33 0.64 42.72
C ASN MB 7 -44.98 1.31 42.83
N LEU MB 8 -44.63 1.56 44.08
CA LEU MB 8 -43.39 2.22 44.44
C LEU MB 8 -42.38 1.09 44.65
N TYR MB 9 -42.77 -0.09 44.19
CA TYR MB 9 -41.91 -1.26 44.13
C TYR MB 9 -41.26 -1.21 42.77
N LYS MB 10 -42.08 -0.92 41.76
CA LYS MB 10 -41.58 -0.71 40.41
C LYS MB 10 -40.34 0.18 40.31
N ILE MB 11 -40.00 0.91 41.36
CA ILE MB 11 -38.79 1.73 41.34
C ILE MB 11 -37.54 0.86 41.12
N TRP MB 12 -37.61 -0.41 41.54
CA TRP MB 12 -36.52 -1.36 41.41
C TRP MB 12 -36.58 -2.12 40.09
N LEU MB 13 -37.53 -1.74 39.25
CA LEU MB 13 -37.60 -2.23 37.88
C LEU MB 13 -36.78 -1.26 37.04
N ILE MB 14 -36.45 -0.13 37.64
CA ILE MB 14 -35.72 0.93 36.96
C ILE MB 14 -34.34 1.25 37.57
N LEU MB 15 -34.22 1.18 38.90
CA LEU MB 15 -32.97 1.55 39.59
C LEU MB 15 -32.29 0.33 40.21
N ASP MB 16 -31.07 0.05 39.76
CA ASP MB 16 -30.32 -1.15 40.13
C ASP MB 16 -30.03 -1.25 41.63
N PRO MB 17 -30.63 -2.24 42.31
CA PRO MB 17 -30.53 -2.49 43.75
C PRO MB 17 -29.12 -2.67 44.28
N ARG MB 18 -28.22 -3.42 43.64
CA ARG MB 18 -26.89 -3.51 44.22
C ARG MB 18 -26.32 -2.11 44.31
N ARG MB 19 -26.38 -1.36 43.21
CA ARG MB 19 -25.87 0.00 43.18
C ARG MB 19 -26.63 1.00 44.06
N VAL MB 20 -27.96 1.01 44.05
CA VAL MB 20 -28.66 1.91 44.94
C VAL MB 20 -28.26 1.64 46.39
N LEU MB 21 -28.19 0.37 46.74
CA LEU MB 21 -27.82 -0.07 48.08
C LEU MB 21 -26.43 0.42 48.50
N VAL MB 22 -25.41 0.04 47.73
CA VAL MB 22 -24.05 0.42 48.07
C VAL MB 22 -23.93 1.94 48.07
N SER MB 23 -24.70 2.61 47.20
CA SER MB 23 -24.78 4.06 47.21
C SER MB 23 -25.24 4.56 48.57
N ILE MB 24 -26.27 3.94 49.11
CA ILE MB 24 -26.75 4.33 50.41
C ILE MB 24 -25.69 4.14 51.49
N VAL MB 25 -25.10 2.95 51.56
CA VAL MB 25 -24.07 2.71 52.55
C VAL MB 25 -22.95 3.74 52.43
N ALA MB 26 -22.44 3.96 51.23
CA ALA MB 26 -21.36 4.95 51.05
C ALA MB 26 -21.78 6.37 51.46
N PHE MB 27 -22.92 6.82 50.95
CA PHE MB 27 -23.38 8.16 51.26
C PHE MB 27 -23.55 8.34 52.75
N GLN MB 28 -24.08 7.33 53.41
CA GLN MB 28 -24.33 7.38 54.84
C GLN MB 28 -23.02 7.39 55.65
N ILE MB 29 -22.05 6.55 55.26
CA ILE MB 29 -20.77 6.48 55.98
C ILE MB 29 -20.03 7.82 55.84
N VAL MB 30 -20.05 8.38 54.62
CA VAL MB 30 -19.43 9.66 54.31
C VAL MB 30 -20.13 10.76 55.12
N LEU MB 31 -21.45 10.84 55.01
CA LEU MB 31 -22.24 11.83 55.73
C LEU MB 31 -21.99 11.74 57.22
N GLY MB 32 -21.87 10.50 57.68
CA GLY MB 32 -21.61 10.22 59.07
C GLY MB 32 -20.30 10.79 59.59
N LEU MB 33 -19.21 10.42 58.95
CA LEU MB 33 -17.92 10.92 59.37
C LEU MB 33 -17.96 12.44 59.31
N LEU MB 34 -18.57 12.94 58.24
CA LEU MB 34 -18.68 14.37 58.02
C LEU MB 34 -19.31 15.10 59.20
N ILE MB 35 -20.54 14.75 59.51
CA ILE MB 35 -21.30 15.40 60.57
C ILE MB 35 -20.66 15.24 61.93
N HIS MB 36 -20.14 14.05 62.24
CA HIS MB 36 -19.41 13.90 63.49
C HIS MB 36 -18.37 14.99 63.64
N MET MB 37 -17.51 15.17 62.64
CA MET MB 37 -16.59 16.29 62.79
C MET MB 37 -17.24 17.67 62.70
N ILE MB 38 -18.31 17.83 61.93
CA ILE MB 38 -18.96 19.14 61.81
C ILE MB 38 -19.43 19.64 63.19
N VAL MB 39 -20.07 18.75 63.95
CA VAL MB 39 -20.48 19.04 65.32
C VAL MB 39 -19.27 19.14 66.28
N LEU MB 40 -18.28 18.26 66.13
CA LEU MB 40 -17.06 18.36 66.93
C LEU MB 40 -16.28 19.66 66.75
N SER MB 41 -16.58 20.41 65.71
CA SER MB 41 -15.87 21.67 65.47
C SER MB 41 -16.57 22.86 66.09
N THR MB 42 -17.74 22.60 66.65
CA THR MB 42 -18.53 23.66 67.19
C THR MB 42 -18.67 23.53 68.71
N ASP MB 43 -19.54 24.37 69.26
CA ASP MB 43 -19.72 24.50 70.68
C ASP MB 43 -20.10 23.18 71.34
N LEU MB 44 -20.77 22.33 70.58
CA LEU MB 44 -21.27 21.04 71.05
C LEU MB 44 -20.19 19.99 71.24
N ASN MB 45 -18.93 20.37 71.04
CA ASN MB 45 -17.81 19.47 71.27
C ASN MB 45 -18.06 18.79 72.62
N TRP MB 46 -17.80 17.49 72.69
CA TRP MB 46 -18.10 16.71 73.90
C TRP MB 46 -16.91 15.95 74.49
N LEU MB 47 -15.71 16.24 73.96
CA LEU MB 47 -14.50 15.47 74.26
C LEU MB 47 -13.53 16.25 75.14
N ASP MB 48 -13.07 17.40 74.65
CA ASP MB 48 -12.18 18.29 75.41
C ASP MB 48 -12.94 19.37 76.16
N ASP MB 49 -14.07 18.98 76.74
CA ASP MB 49 -15.04 19.93 77.27
C ASP MB 49 -15.15 19.80 78.75
N ASN MB 50 -14.33 18.90 79.29
CA ASN MB 50 -14.34 18.55 80.70
C ASN MB 50 -15.58 17.78 81.13
N ILE MB 51 -16.45 17.43 80.18
CA ILE MB 51 -17.71 16.82 80.56
C ILE MB 51 -17.58 15.33 80.95
N PRO MB 52 -18.10 14.95 82.15
CA PRO MB 52 -18.73 15.78 83.19
C PRO MB 52 -17.73 16.31 84.24
N VAL MB 53 -16.51 15.78 84.21
CA VAL MB 53 -15.41 16.22 85.08
C VAL MB 53 -14.05 16.22 84.33
N SER MB 54 -13.24 17.22 84.67
CA SER MB 54 -11.90 17.48 84.11
C SER MB 54 -10.90 16.31 84.21
N TYR MB 55 -10.21 16.00 83.12
CA TYR MB 55 -9.26 14.89 83.20
C TYR MB 55 -7.77 15.25 83.48
N GLN MB 56 -7.28 16.42 83.06
CA GLN MB 56 -5.87 16.80 83.34
C GLN MB 56 -5.54 17.33 84.81
N ALA MB 57 -4.33 17.89 84.98
CA ALA MB 57 -3.82 18.28 86.32
C ALA MB 57 -3.34 19.74 86.57
N LEU MB 58 -2.61 19.92 87.71
CA LEU MB 58 -2.25 21.22 88.34
C LEU MB 58 -0.92 21.95 88.03
N GLY MB 59 0.21 21.24 88.17
CA GLY MB 59 1.52 21.83 87.93
C GLY MB 59 2.66 20.88 87.56
N LYS MB 60 2.96 19.89 88.41
CA LYS MB 60 4.02 18.90 88.11
C LYS MB 60 3.41 17.61 87.58
N LYS MB 61 2.11 17.43 87.85
CA LYS MB 61 1.41 16.13 87.82
C LYS MB 61 0.14 16.20 88.67
N THR NB 8 -34.61 -3.10 33.87
CA THR NB 8 -33.34 -3.52 34.47
C THR NB 8 -33.35 -4.98 34.92
N GLY NB 9 -34.13 -5.81 34.22
CA GLY NB 9 -34.28 -7.22 34.54
C GLY NB 9 -34.64 -7.73 35.94
N LEU NB 10 -35.49 -7.02 36.66
CA LEU NB 10 -36.04 -7.57 37.89
C LEU NB 10 -37.50 -7.91 37.57
N THR NB 11 -38.11 -8.86 38.28
CA THR NB 11 -39.54 -9.13 38.06
C THR NB 11 -40.45 -8.20 38.84
N ASP NB 12 -41.74 -8.25 38.50
CA ASP NB 12 -42.73 -7.41 39.13
C ASP NB 12 -42.80 -7.82 40.61
N ASP NB 13 -42.45 -9.08 40.89
CA ASP NB 13 -42.36 -9.56 42.27
C ASP NB 13 -40.95 -9.33 42.88
N GLU NB 14 -39.92 -9.24 42.04
CA GLU NB 14 -38.56 -9.03 42.54
C GLU NB 14 -38.39 -7.52 42.67
N ALA NB 15 -39.49 -6.79 42.54
CA ALA NB 15 -39.55 -5.39 42.94
C ALA NB 15 -40.47 -5.14 44.13
N LYS NB 16 -41.43 -6.03 44.34
CA LYS NB 16 -42.33 -5.95 45.48
C LYS NB 16 -41.61 -6.48 46.70
N GLU NB 17 -40.90 -7.58 46.49
CA GLU NB 17 -40.19 -8.23 47.57
C GLU NB 17 -39.11 -7.29 48.09
N PHE NB 18 -38.26 -6.83 47.16
CA PHE NB 18 -37.21 -5.89 47.49
C PHE NB 18 -37.80 -4.63 48.11
N HIS NB 19 -38.84 -4.06 47.50
CA HIS NB 19 -39.38 -2.82 48.03
C HIS NB 19 -39.80 -2.98 49.47
N ALA NB 20 -40.42 -4.11 49.78
CA ALA NB 20 -40.85 -4.36 51.17
C ALA NB 20 -39.65 -4.42 52.11
N ILE NB 21 -38.66 -5.23 51.74
CA ILE NB 21 -37.54 -5.44 52.63
C ILE NB 21 -36.76 -4.16 52.83
N PHE NB 22 -36.60 -3.42 51.74
CA PHE NB 22 -35.91 -2.13 51.71
C PHE NB 22 -36.64 -1.12 52.60
N MET NB 23 -37.95 -0.98 52.38
CA MET NB 23 -38.70 0.01 53.12
C MET NB 23 -38.63 -0.28 54.61
N GLN NB 24 -38.90 -1.53 55.02
CA GLN NB 24 -38.88 -1.87 56.45
C GLN NB 24 -37.52 -1.71 57.09
N SER NB 25 -36.48 -2.13 56.38
CA SER NB 25 -35.12 -2.03 56.87
C SER NB 25 -34.68 -0.57 57.00
N MET NB 26 -35.01 0.23 55.98
CA MET NB 26 -34.69 1.66 55.97
C MET NB 26 -35.41 2.28 57.17
N TYR NB 27 -36.63 1.83 57.40
CA TYR NB 27 -37.39 2.26 58.55
C TYR NB 27 -36.77 1.84 59.88
N ALA NB 28 -36.17 0.65 59.92
CA ALA NB 28 -35.47 0.19 61.11
C ALA NB 28 -34.34 1.14 61.42
N TRP NB 29 -33.62 1.50 60.37
CA TRP NB 29 -32.53 2.44 60.47
C TRP NB 29 -33.03 3.80 61.02
N PHE NB 30 -34.06 4.36 60.41
CA PHE NB 30 -34.62 5.62 60.88
C PHE NB 30 -35.13 5.52 62.32
N GLY NB 31 -35.62 4.34 62.69
CA GLY NB 31 -36.08 4.10 64.05
C GLY NB 31 -34.91 4.25 65.00
N LEU NB 32 -33.85 3.49 64.73
CA LEU NB 32 -32.60 3.52 65.51
C LEU NB 32 -32.07 4.95 65.64
N VAL NB 33 -32.16 5.70 64.55
CA VAL NB 33 -31.73 7.09 64.47
C VAL NB 33 -32.57 8.02 65.36
N VAL NB 34 -33.89 7.85 65.29
CA VAL NB 34 -34.81 8.62 66.10
C VAL NB 34 -34.53 8.29 67.58
N ILE NB 35 -34.20 7.03 67.85
CA ILE NB 35 -33.78 6.58 69.19
C ILE NB 35 -32.52 7.30 69.70
N ALA NB 36 -31.43 7.19 68.94
CA ALA NB 36 -30.19 7.83 69.35
C ALA NB 36 -30.39 9.34 69.49
N HIS NB 37 -31.21 9.93 68.62
CA HIS NB 37 -31.49 11.37 68.68
C HIS NB 37 -32.36 11.75 69.86
N LEU NB 38 -33.23 10.85 70.30
CA LEU NB 38 -34.03 11.09 71.50
C LEU NB 38 -33.11 11.12 72.71
N LEU NB 39 -32.25 10.11 72.81
CA LEU NB 39 -31.25 10.10 73.88
C LEU NB 39 -30.44 11.39 73.80
N ALA NB 40 -30.10 11.80 72.58
CA ALA NB 40 -29.32 13.00 72.34
C ALA NB 40 -30.04 14.28 72.78
N TRP NB 41 -31.35 14.34 72.58
CA TRP NB 41 -32.14 15.50 72.98
C TRP NB 41 -32.33 15.56 74.49
N LEU NB 42 -32.52 14.39 75.08
CA LEU NB 42 -32.68 14.27 76.51
C LEU NB 42 -31.40 14.69 77.20
N TYR NB 43 -30.29 14.10 76.81
CA TYR NB 43 -29.04 14.39 77.48
C TYR NB 43 -28.61 15.81 77.20
N ARG NB 44 -29.03 16.33 76.06
CA ARG NB 44 -28.50 17.60 75.61
C ARG NB 44 -29.37 18.26 74.55
N PRO NB 45 -30.42 18.96 75.00
CA PRO NB 45 -31.25 19.68 74.03
C PRO NB 45 -30.37 20.70 73.30
N TRP NB 46 -30.56 20.82 72.00
CA TRP NB 46 -29.66 21.62 71.18
C TRP NB 46 -30.34 22.79 70.49
N LEU NB 47 -31.67 22.84 70.57
CA LEU NB 47 -32.45 23.82 69.85
C LEU NB 47 -33.65 24.18 70.66
N PHE OB 2 -49.80 31.61 25.92
CA PHE OB 2 -50.63 30.79 26.80
C PHE OB 2 -51.41 29.81 25.93
N THR OB 3 -50.74 28.74 25.47
CA THR OB 3 -51.34 27.78 24.52
C THR OB 3 -52.18 26.67 25.19
N MET OB 4 -52.70 25.75 24.39
CA MET OB 4 -53.85 24.92 24.79
C MET OB 4 -53.41 23.64 25.51
N ASN OB 5 -52.68 22.80 24.78
CA ASN OB 5 -52.15 21.49 25.22
C ASN OB 5 -51.23 21.40 26.47
N ALA OB 6 -51.72 20.70 27.51
CA ALA OB 6 -50.88 20.23 28.61
C ALA OB 6 -50.05 18.97 28.27
N ASN OB 7 -50.64 17.77 28.44
CA ASN OB 7 -49.96 16.51 28.10
C ASN OB 7 -48.52 16.33 28.61
N LEU OB 8 -48.28 16.75 29.86
CA LEU OB 8 -46.94 16.75 30.43
C LEU OB 8 -46.45 15.37 30.89
N TYR OB 9 -47.05 14.32 30.35
CA TYR OB 9 -46.59 12.96 30.61
C TYR OB 9 -45.57 12.60 29.55
N LYS OB 10 -45.90 12.96 28.31
CA LYS OB 10 -45.01 12.83 27.16
C LYS OB 10 -43.54 13.24 27.44
N ILE OB 11 -43.29 13.93 28.56
CA ILE OB 11 -41.92 14.32 28.93
C ILE OB 11 -41.04 13.09 29.12
N TRP OB 12 -41.66 11.96 29.48
CA TRP OB 12 -40.92 10.72 29.70
C TRP OB 12 -40.84 9.89 28.44
N LEU OB 13 -41.27 10.47 27.32
CA LEU OB 13 -41.02 9.86 26.03
C LEU OB 13 -39.71 10.40 25.43
N ILE OB 14 -39.19 11.48 25.99
CA ILE OB 14 -38.00 12.14 25.43
C ILE OB 14 -36.75 12.03 26.32
N LEU OB 15 -36.95 12.04 27.65
CA LEU OB 15 -35.88 11.98 28.65
C LEU OB 15 -35.95 10.69 29.51
N ASP OB 16 -34.91 9.87 29.46
CA ASP OB 16 -34.89 8.58 30.19
C ASP OB 16 -35.04 8.71 31.71
N PRO OB 17 -36.10 8.08 32.25
CA PRO OB 17 -36.48 8.07 33.68
C PRO OB 17 -35.38 7.62 34.67
N ARG OB 18 -34.57 6.59 34.40
CA ARG OB 18 -33.56 6.24 35.40
C ARG OB 18 -32.66 7.45 35.63
N ARG OB 19 -32.16 8.01 34.54
CA ARG OB 19 -31.25 9.14 34.60
C ARG OB 19 -31.89 10.45 35.12
N VAL OB 20 -33.10 10.80 34.69
CA VAL OB 20 -33.75 11.98 35.30
C VAL OB 20 -33.88 11.79 36.80
N LEU OB 21 -34.27 10.58 37.21
CA LEU OB 21 -34.34 10.29 38.63
C LEU OB 21 -33.01 10.48 39.34
N VAL OB 22 -31.98 9.76 38.91
CA VAL OB 22 -30.69 9.81 39.62
C VAL OB 22 -30.14 11.23 39.63
N SER OB 23 -30.27 11.91 38.49
CA SER OB 23 -29.85 13.30 38.34
C SER OB 23 -30.55 14.19 39.38
N ILE OB 24 -31.85 13.96 39.57
CA ILE OB 24 -32.57 14.67 40.61
C ILE OB 24 -31.93 14.37 41.96
N VAL OB 25 -31.71 13.10 42.27
CA VAL OB 25 -31.10 12.69 43.55
C VAL OB 25 -29.75 13.39 43.86
N ALA OB 26 -28.86 13.37 42.87
CA ALA OB 26 -27.55 13.99 43.01
C ALA OB 26 -27.77 15.46 43.30
N PHE OB 27 -28.59 16.09 42.45
CA PHE OB 27 -28.87 17.50 42.57
C PHE OB 27 -29.41 17.88 43.94
N GLN OB 28 -30.28 17.06 44.51
CA GLN OB 28 -30.87 17.37 45.81
C GLN OB 28 -29.87 17.29 46.95
N ILE OB 29 -29.08 16.21 47.01
CA ILE OB 29 -28.11 16.11 48.10
C ILE OB 29 -27.10 17.25 47.99
N VAL OB 30 -26.67 17.53 46.78
CA VAL OB 30 -25.72 18.62 46.64
C VAL OB 30 -26.39 19.91 47.10
N LEU OB 31 -27.57 20.20 46.60
CA LEU OB 31 -28.26 21.44 46.96
C LEU OB 31 -28.40 21.60 48.49
N GLY OB 32 -28.71 20.49 49.16
CA GLY OB 32 -28.80 20.46 50.61
C GLY OB 32 -27.48 20.85 51.25
N LEU OB 33 -26.39 20.18 50.91
CA LEU OB 33 -25.11 20.53 51.52
C LEU OB 33 -24.78 22.00 51.28
N LEU OB 34 -24.96 22.45 50.04
CA LEU OB 34 -24.62 23.83 49.72
C LEU OB 34 -25.34 24.77 50.66
N ILE OB 35 -26.65 24.63 50.69
CA ILE OB 35 -27.48 25.51 51.49
C ILE OB 35 -27.17 25.44 53.01
N HIS OB 36 -26.97 24.24 53.54
CA HIS OB 36 -26.57 24.12 54.94
C HIS OB 36 -25.33 24.96 55.23
N MET OB 37 -24.29 24.80 54.42
CA MET OB 37 -23.05 25.58 54.55
C MET OB 37 -23.29 27.07 54.45
N ILE OB 38 -24.22 27.44 53.58
CA ILE OB 38 -24.57 28.82 53.33
C ILE OB 38 -25.11 29.42 54.59
N VAL OB 39 -26.02 28.67 55.20
CA VAL OB 39 -26.64 29.07 56.46
C VAL OB 39 -25.69 29.04 57.70
N LEU OB 40 -24.91 27.96 57.83
CA LEU OB 40 -23.96 27.77 58.92
C LEU OB 40 -22.86 28.81 58.96
N SER OB 41 -22.61 29.45 57.83
CA SER OB 41 -21.54 30.41 57.72
C SER OB 41 -22.03 31.82 58.02
N THR OB 42 -23.31 31.91 58.37
CA THR OB 42 -23.92 33.20 58.63
C THR OB 42 -24.36 33.33 60.06
N ASP OB 43 -25.04 34.43 60.36
CA ASP OB 43 -25.54 34.71 61.70
C ASP OB 43 -26.59 33.67 62.09
N LEU OB 44 -27.29 33.14 61.09
CA LEU OB 44 -28.35 32.17 61.33
C LEU OB 44 -27.77 30.82 61.72
N ASN OB 45 -26.44 30.80 61.85
CA ASN OB 45 -25.67 29.67 62.35
C ASN OB 45 -26.34 29.10 63.60
N TRP OB 46 -26.38 27.77 63.72
CA TRP OB 46 -27.03 27.12 64.85
C TRP OB 46 -26.06 26.19 65.60
N LEU OB 47 -24.79 26.28 65.24
CA LEU OB 47 -23.76 25.41 65.78
C LEU OB 47 -22.79 26.24 66.63
N ASP OB 48 -22.28 27.33 66.06
CA ASP OB 48 -21.45 28.25 66.84
C ASP OB 48 -22.29 29.41 67.46
N ASP OB 49 -23.41 29.08 68.09
CA ASP OB 49 -24.34 30.11 68.57
C ASP OB 49 -24.47 30.03 70.09
N ASN OB 50 -24.15 28.83 70.58
CA ASN OB 50 -24.15 28.54 72.00
C ASN OB 50 -25.57 28.49 72.55
N ILE OB 51 -26.43 27.69 71.90
CA ILE OB 51 -27.85 27.64 72.27
C ILE OB 51 -28.21 26.40 73.12
N PRO OB 52 -28.88 26.59 74.27
CA PRO OB 52 -29.23 27.94 74.75
C PRO OB 52 -28.10 28.56 75.61
N VAL OB 53 -27.12 27.74 75.97
CA VAL OB 53 -25.96 28.24 76.71
C VAL OB 53 -24.69 27.55 76.22
N SER OB 54 -23.60 28.31 76.14
CA SER OB 54 -22.29 27.78 75.78
C SER OB 54 -21.83 26.72 76.80
N TYR OB 55 -21.52 25.54 76.31
CA TYR OB 55 -21.16 24.38 77.14
C TYR OB 55 -19.63 24.35 77.33
N GLN OB 56 -18.92 24.92 76.34
CA GLN OB 56 -17.47 25.08 76.28
C GLN OB 56 -16.95 26.14 77.24
N ALA OB 57 -17.81 26.67 78.10
CA ALA OB 57 -17.40 27.57 79.19
C ALA OB 57 -18.46 27.69 80.30
N LEU OB 58 -19.16 26.60 80.58
CA LEU OB 58 -20.04 26.55 81.74
C LEU OB 58 -19.27 26.49 83.06
N GLY OB 59 -17.94 26.52 82.97
CA GLY OB 59 -17.09 26.52 84.14
C GLY OB 59 -15.74 27.06 83.74
N LYS OB 60 -14.72 26.25 83.99
CA LYS OB 60 -13.34 26.53 83.64
C LYS OB 60 -12.52 25.44 84.31
N LYS OB 61 -11.21 25.60 84.21
CA LYS OB 61 -10.21 24.53 84.34
C LYS OB 61 -9.00 25.07 83.58
N THR PB 8 -37.20 6.78 23.75
CA THR PB 8 -36.68 6.39 25.07
C THR PB 8 -37.29 5.07 25.56
N GLY PB 9 -37.63 4.20 24.60
CA GLY PB 9 -38.25 2.91 24.87
C GLY PB 9 -39.34 2.81 25.94
N LEU PB 10 -40.10 3.88 26.11
CA LEU PB 10 -41.31 3.79 26.90
C LEU PB 10 -42.44 3.95 25.91
N THR PB 11 -43.57 3.32 26.17
CA THR PB 11 -44.77 3.53 25.35
C THR PB 11 -45.50 4.79 25.82
N ASP PB 12 -46.44 5.27 25.02
CA ASP PB 12 -47.16 6.48 25.38
C ASP PB 12 -47.94 6.23 26.66
N ASP PB 13 -48.20 4.97 26.98
CA ASP PB 13 -48.89 4.63 28.22
C ASP PB 13 -48.00 4.47 29.47
N GLU PB 14 -46.73 4.12 29.30
CA GLU PB 14 -45.85 3.92 30.43
C GLU PB 14 -45.13 5.21 30.77
N ALA PB 15 -45.36 6.23 29.96
CA ALA PB 15 -44.92 7.58 30.27
C ALA PB 15 -46.12 8.34 30.71
N LYS PB 16 -47.25 7.66 30.69
CA LYS PB 16 -48.40 8.16 31.39
C LYS PB 16 -48.14 7.73 32.84
N GLU PB 17 -47.73 6.47 32.99
CA GLU PB 17 -47.45 5.88 34.31
C GLU PB 17 -46.25 6.47 35.05
N PHE PB 18 -45.11 6.53 34.36
CA PHE PB 18 -43.94 7.07 35.02
C PHE PB 18 -44.28 8.45 35.54
N HIS PB 19 -44.88 9.28 34.69
CA HIS PB 19 -45.27 10.62 35.08
C HIS PB 19 -46.21 10.57 36.26
N ALA PB 20 -47.10 9.58 36.25
CA ALA PB 20 -48.07 9.41 37.33
C ALA PB 20 -47.37 9.22 38.69
N ILE PB 21 -46.42 8.29 38.78
CA ILE PB 21 -45.74 8.05 40.05
C ILE PB 21 -44.83 9.22 40.40
N PHE PB 22 -44.19 9.76 39.37
CA PHE PB 22 -43.24 10.85 39.50
C PHE PB 22 -43.87 12.07 40.15
N MET PB 23 -45.01 12.52 39.61
CA MET PB 23 -45.66 13.71 40.15
C MET PB 23 -46.04 13.53 41.62
N GLN PB 24 -46.66 12.40 41.93
CA GLN PB 24 -47.15 12.10 43.28
C GLN PB 24 -46.04 11.97 44.34
N SER PB 25 -44.95 11.27 44.00
CA SER PB 25 -43.78 11.17 44.87
C SER PB 25 -43.06 12.51 45.00
N MET PB 26 -42.96 13.22 43.88
CA MET PB 26 -42.33 14.51 43.87
C MET PB 26 -43.07 15.43 44.83
N TYR PB 27 -44.39 15.32 44.82
CA TYR PB 27 -45.25 16.04 45.77
C TYR PB 27 -45.03 15.53 47.18
N ALA PB 28 -44.68 14.24 47.34
CA ALA PB 28 -44.30 13.75 48.67
C ALA PB 28 -43.07 14.50 49.19
N TRP PB 29 -42.06 14.63 48.32
CA TRP PB 29 -40.86 15.40 48.64
C TRP PB 29 -41.18 16.86 48.95
N PHE PB 30 -41.98 17.48 48.08
CA PHE PB 30 -42.42 18.85 48.29
C PHE PB 30 -43.16 19.00 49.61
N GLY PB 31 -43.87 17.94 49.98
CA GLY PB 31 -44.57 17.91 51.24
C GLY PB 31 -43.63 17.94 52.42
N LEU PB 32 -42.73 16.97 52.55
CA LEU PB 32 -41.77 17.00 53.66
C LEU PB 32 -41.01 18.32 53.72
N VAL PB 33 -40.66 18.89 52.57
CA VAL PB 33 -39.97 20.17 52.57
C VAL PB 33 -40.86 21.26 53.17
N VAL PB 34 -42.10 21.35 52.72
CA VAL PB 34 -42.99 22.37 53.26
C VAL PB 34 -43.28 22.19 54.80
N ILE PB 35 -43.42 20.96 55.27
CA ILE PB 35 -43.56 20.68 56.71
C ILE PB 35 -42.33 21.19 57.47
N ALA PB 36 -41.14 20.78 57.02
CA ALA PB 36 -39.90 21.18 57.66
C ALA PB 36 -39.78 22.69 57.70
N HIS PB 37 -40.24 23.35 56.63
CA HIS PB 37 -40.24 24.80 56.58
C HIS PB 37 -41.30 25.40 57.53
N LEU PB 38 -42.36 24.65 57.79
CA LEU PB 38 -43.39 25.08 58.72
C LEU PB 38 -42.86 25.11 60.18
N LEU PB 39 -42.27 24.00 60.60
CA LEU PB 39 -41.59 23.95 61.91
C LEU PB 39 -40.47 25.00 61.96
N ALA PB 40 -39.77 25.15 60.83
CA ALA PB 40 -38.64 26.07 60.71
C ALA PB 40 -39.04 27.53 60.91
N TRP PB 41 -40.19 27.93 60.37
CA TRP PB 41 -40.65 29.29 60.55
C TRP PB 41 -41.14 29.46 61.99
N LEU PB 42 -41.76 28.40 62.51
CA LEU PB 42 -42.26 28.47 63.87
C LEU PB 42 -41.14 28.69 64.87
N TYR PB 43 -40.12 27.85 64.84
CA TYR PB 43 -39.06 27.97 65.83
C TYR PB 43 -38.15 29.20 65.61
N ARG PB 44 -38.07 29.67 64.38
CA ARG PB 44 -37.10 30.70 64.00
C ARG PB 44 -37.45 31.44 62.69
N PRO PB 45 -38.25 32.51 62.80
CA PRO PB 45 -38.59 33.32 61.62
C PRO PB 45 -37.34 33.94 60.97
N TRP PB 46 -37.35 34.00 59.64
CA TRP PB 46 -36.18 34.44 58.88
C TRP PB 46 -36.51 35.74 58.12
N LEU PB 47 -37.73 36.22 58.29
CA LEU PB 47 -38.19 37.40 57.57
C LEU PB 47 -39.19 38.20 58.40
N PHE QB 2 -49.35 40.45 6.65
CA PHE QB 2 -48.71 39.27 7.23
C PHE QB 2 -48.02 39.48 8.58
N THR QB 3 -47.36 40.63 8.76
CA THR QB 3 -46.49 40.93 9.93
C THR QB 3 -45.75 39.65 10.32
N MET QB 4 -45.60 39.45 11.64
CA MET QB 4 -45.12 38.18 12.17
C MET QB 4 -45.77 37.85 13.51
N ASN QB 5 -44.99 37.28 14.44
CA ASN QB 5 -45.47 36.87 15.75
C ASN QB 5 -46.49 35.73 15.61
N ALA QB 6 -46.16 34.71 14.82
CA ALA QB 6 -46.94 33.46 14.77
C ALA QB 6 -46.31 32.34 13.92
N ASN QB 7 -45.00 32.21 14.00
CA ASN QB 7 -44.27 31.17 13.25
C ASN QB 7 -43.03 30.79 13.99
N LEU QB 8 -43.12 30.92 15.31
CA LEU QB 8 -41.97 30.66 16.15
C LEU QB 8 -42.04 29.20 16.59
N TYR QB 9 -42.77 28.38 15.83
CA TYR QB 9 -42.77 26.94 16.08
C TYR QB 9 -41.70 26.27 15.24
N LYS QB 10 -41.61 26.65 13.96
CA LYS QB 10 -40.55 26.18 13.05
C LYS QB 10 -39.11 26.27 13.59
N ILE QB 11 -38.91 27.03 14.66
CA ILE QB 11 -37.60 27.14 15.30
C ILE QB 11 -37.14 25.76 15.80
N TRP QB 12 -38.11 24.87 16.03
CA TRP QB 12 -37.84 23.51 16.51
C TRP QB 12 -37.61 22.54 15.36
N LEU QB 13 -37.53 23.09 14.16
CA LEU QB 13 -37.05 22.35 13.01
C LEU QB 13 -35.54 22.52 12.96
N ILE QB 14 -35.03 23.43 13.79
CA ILE QB 14 -33.60 23.76 13.79
C ILE QB 14 -32.90 23.35 15.10
N LEU QB 15 -33.63 23.46 16.21
CA LEU QB 15 -33.09 23.20 17.55
C LEU QB 15 -33.77 21.98 18.17
N ASP QB 16 -33.04 20.88 18.37
CA ASP QB 16 -33.68 19.67 18.91
C ASP QB 16 -34.26 19.99 20.30
N PRO QB 17 -35.60 19.92 20.41
CA PRO QB 17 -36.44 20.31 21.54
C PRO QB 17 -36.13 19.69 22.92
N ARG QB 18 -35.86 18.40 22.96
CA ARG QB 18 -35.52 17.71 24.20
C ARG QB 18 -34.26 18.32 24.77
N ARG QB 19 -33.29 18.50 23.90
CA ARG QB 19 -31.99 19.04 24.23
C ARG QB 19 -32.12 20.52 24.65
N VAL QB 20 -32.88 21.31 23.89
CA VAL QB 20 -33.11 22.70 24.23
C VAL QB 20 -33.69 22.75 25.63
N LEU QB 21 -34.64 21.86 25.92
CA LEU QB 21 -35.22 21.77 27.25
C LEU QB 21 -34.18 21.50 28.37
N VAL QB 22 -33.42 20.42 28.26
CA VAL QB 22 -32.45 20.10 29.30
C VAL QB 22 -31.43 21.22 29.50
N SER QB 23 -30.92 21.79 28.41
CA SER QB 23 -30.04 22.96 28.53
C SER QB 23 -30.70 24.15 29.24
N ILE QB 24 -31.94 24.46 28.89
CA ILE QB 24 -32.62 25.58 29.54
C ILE QB 24 -32.67 25.34 31.05
N VAL QB 25 -33.09 24.13 31.45
CA VAL QB 25 -33.13 23.78 32.87
C VAL QB 25 -31.76 23.97 33.56
N ALA QB 26 -30.70 23.46 32.95
CA ALA QB 26 -29.37 23.62 33.56
C ALA QB 26 -29.05 25.11 33.76
N PHE QB 27 -29.14 25.88 32.67
CA PHE QB 27 -28.85 27.31 32.73
C PHE QB 27 -29.65 28.02 33.81
N GLN QB 28 -30.91 27.66 33.93
CA GLN QB 28 -31.73 28.32 34.90
C GLN QB 28 -31.28 27.97 36.30
N ILE QB 29 -30.94 26.71 36.57
CA ILE QB 29 -30.48 26.39 37.92
C ILE QB 29 -29.17 27.13 38.25
N VAL QB 30 -28.23 27.15 37.31
CA VAL QB 30 -26.97 27.89 37.54
C VAL QB 30 -27.21 29.40 37.75
N LEU QB 31 -27.95 30.03 36.84
CA LEU QB 31 -28.30 31.45 36.96
C LEU QB 31 -28.93 31.66 38.32
N GLY QB 32 -29.69 30.64 38.73
CA GLY QB 32 -30.34 30.62 40.01
C GLY QB 32 -29.38 30.75 41.18
N LEU QB 33 -28.39 29.86 41.28
CA LEU QB 33 -27.45 30.00 42.37
C LEU QB 33 -26.72 31.33 42.29
N LEU QB 34 -26.26 31.70 41.10
CA LEU QB 34 -25.49 32.93 40.96
C LEU QB 34 -26.20 34.16 41.49
N ILE QB 35 -27.42 34.43 41.00
CA ILE QB 35 -28.10 35.66 41.40
C ILE QB 35 -28.29 35.73 42.94
N HIS QB 36 -28.73 34.62 43.54
CA HIS QB 36 -28.80 34.47 44.99
C HIS QB 36 -27.51 34.86 45.65
N MET QB 37 -26.39 34.38 45.11
CA MET QB 37 -25.09 34.71 45.68
C MET QB 37 -24.83 36.21 45.55
N ILE QB 38 -25.24 36.80 44.43
CA ILE QB 38 -25.06 38.23 44.17
C ILE QB 38 -25.76 39.02 45.27
N VAL QB 39 -26.96 38.58 45.60
CA VAL QB 39 -27.75 39.18 46.66
C VAL QB 39 -27.10 38.98 48.04
N LEU QB 40 -26.58 37.78 48.29
CA LEU QB 40 -25.96 37.47 49.58
C LEU QB 40 -24.76 38.39 49.89
N SER QB 41 -24.20 39.03 48.86
CA SER QB 41 -23.08 39.94 49.07
C SER QB 41 -23.54 41.39 49.27
N THR QB 42 -24.84 41.62 49.14
CA THR QB 42 -25.29 42.99 49.22
C THR QB 42 -26.13 43.12 50.44
N ASP QB 43 -26.68 44.31 50.61
CA ASP QB 43 -27.46 44.67 51.79
C ASP QB 43 -28.72 43.84 51.95
N LEU QB 44 -29.31 43.42 50.83
CA LEU QB 44 -30.57 42.68 50.86
C LEU QB 44 -30.37 41.25 51.34
N ASN QB 45 -29.12 40.94 51.69
CA ASN QB 45 -28.75 39.68 52.31
C ASN QB 45 -29.76 39.41 53.40
N TRP QB 46 -30.16 38.16 53.55
CA TRP QB 46 -31.21 37.80 54.48
C TRP QB 46 -30.67 36.80 55.50
N LEU QB 47 -29.35 36.66 55.55
CA LEU QB 47 -28.72 35.68 56.42
C LEU QB 47 -27.91 36.35 57.53
N ASP QB 48 -26.94 37.18 57.16
CA ASP QB 48 -26.09 37.89 58.12
C ASP QB 48 -26.66 39.21 58.57
N ASP QB 49 -27.91 39.20 58.99
CA ASP QB 49 -28.63 40.44 59.19
C ASP QB 49 -29.00 40.57 60.63
N ASN QB 50 -29.04 39.40 61.28
CA ASN QB 50 -29.43 39.26 62.68
C ASN QB 50 -30.93 39.47 62.83
N ILE QB 51 -31.70 38.98 61.85
CA ILE QB 51 -33.16 39.15 61.82
C ILE QB 51 -33.99 37.89 62.11
N PRO QB 52 -34.96 38.02 63.04
CA PRO QB 52 -35.32 39.23 63.80
C PRO QB 52 -34.50 39.50 65.06
N VAL QB 53 -33.66 38.55 65.46
CA VAL QB 53 -32.75 38.77 66.58
C VAL QB 53 -31.36 38.20 66.28
N SER QB 54 -30.32 38.95 66.63
CA SER QB 54 -28.96 38.43 66.48
C SER QB 54 -28.83 37.23 67.43
N TYR QB 55 -28.46 36.09 66.87
CA TYR QB 55 -28.49 34.83 67.60
C TYR QB 55 -27.13 34.53 68.27
N GLN QB 56 -26.08 35.20 67.79
CA GLN QB 56 -24.72 35.02 68.29
C GLN QB 56 -24.48 35.47 69.73
N ALA QB 57 -25.06 36.59 70.11
CA ALA QB 57 -24.95 37.03 71.50
C ALA QB 57 -26.31 37.02 72.20
N LEU QB 58 -27.16 36.13 71.70
CA LEU QB 58 -28.32 35.64 72.43
C LEU QB 58 -27.77 34.40 73.13
N GLY QB 59 -26.46 34.21 72.92
CA GLY QB 59 -25.66 33.12 73.47
C GLY QB 59 -24.23 33.62 73.62
N LYS QB 60 -24.13 34.76 74.32
CA LYS QB 60 -22.87 35.43 74.69
C LYS QB 60 -22.45 35.21 76.15
N LYS QB 61 -23.45 35.25 77.05
CA LYS QB 61 -23.31 35.62 78.47
C LYS QB 61 -24.67 36.05 79.04
N THR RB 8 -33.80 18.24 12.39
CA THR RB 8 -33.91 17.71 13.76
C THR RB 8 -34.74 16.44 13.82
N GLY RB 9 -34.81 15.70 12.72
CA GLY RB 9 -35.67 14.53 12.62
C GLY RB 9 -37.07 14.67 13.22
N LEU RB 10 -37.62 15.88 13.17
CA LEU RB 10 -38.99 16.15 13.57
C LEU RB 10 -39.83 16.44 12.35
N THR RB 11 -41.12 16.16 12.44
CA THR RB 11 -42.06 16.58 11.40
C THR RB 11 -42.56 18.00 11.72
N ASP RB 12 -43.17 18.67 10.74
CA ASP RB 12 -43.66 20.04 10.94
C ASP RB 12 -44.83 20.10 11.94
N ASP RB 13 -45.54 19.00 12.04
CA ASP RB 13 -46.71 18.93 12.91
C ASP RB 13 -46.23 18.68 14.34
N GLU RB 14 -45.07 18.04 14.45
CA GLU RB 14 -44.50 17.70 15.73
C GLU RB 14 -43.50 18.78 16.19
N ALA RB 15 -43.54 19.93 15.50
CA ALA RB 15 -42.98 21.16 16.05
C ALA RB 15 -44.10 22.15 16.38
N LYS RB 16 -45.34 21.75 16.07
CA LYS RB 16 -46.52 22.47 16.52
C LYS RB 16 -46.85 22.00 17.92
N GLU RB 17 -46.78 20.69 18.11
CA GLU RB 17 -47.07 20.08 19.41
C GLU RB 17 -46.09 20.52 20.48
N PHE RB 18 -44.80 20.29 20.18
CA PHE RB 18 -43.77 20.69 21.12
C PHE RB 18 -43.81 22.17 21.45
N HIS RB 19 -43.89 23.03 20.44
CA HIS RB 19 -43.94 24.46 20.71
C HIS RB 19 -45.16 24.81 21.55
N ALA RB 20 -46.29 24.15 21.29
CA ALA RB 20 -47.49 24.44 22.05
C ALA RB 20 -47.27 24.18 23.53
N ILE RB 21 -46.78 22.98 23.85
CA ILE RB 21 -46.57 22.62 25.26
C ILE RB 21 -45.43 23.40 25.89
N PHE RB 22 -44.37 23.62 25.13
CA PHE RB 22 -43.21 24.38 25.59
C PHE RB 22 -43.65 25.78 25.97
N MET RB 23 -44.41 26.43 25.09
CA MET RB 23 -44.91 27.77 25.36
C MET RB 23 -45.85 27.83 26.57
N GLN RB 24 -46.80 26.89 26.67
CA GLN RB 24 -47.73 26.89 27.81
C GLN RB 24 -47.00 26.68 29.13
N SER RB 25 -46.07 25.73 29.15
CA SER RB 25 -45.29 25.45 30.35
C SER RB 25 -44.40 26.63 30.72
N MET RB 26 -43.76 27.22 29.72
CA MET RB 26 -42.92 28.38 29.94
C MET RB 26 -43.72 29.54 30.52
N TYR RB 27 -44.93 29.77 30.01
CA TYR RB 27 -45.80 30.82 30.53
C TYR RB 27 -46.21 30.51 31.96
N ALA RB 28 -46.37 29.24 32.28
CA ALA RB 28 -46.61 28.86 33.66
C ALA RB 28 -45.44 29.33 34.53
N TRP RB 29 -44.24 29.06 34.02
CA TRP RB 29 -42.99 29.42 34.69
C TRP RB 29 -42.82 30.92 34.90
N PHE RB 30 -42.92 31.70 33.81
CA PHE RB 30 -42.83 33.16 33.90
C PHE RB 30 -43.90 33.66 34.85
N GLY RB 31 -45.04 32.97 34.89
CA GLY RB 31 -46.10 33.33 35.82
C GLY RB 31 -45.73 33.18 37.29
N LEU RB 32 -45.33 31.99 37.71
CA LEU RB 32 -44.88 31.81 39.10
C LEU RB 32 -43.75 32.77 39.46
N VAL RB 33 -42.87 33.04 38.50
CA VAL RB 33 -41.77 33.98 38.72
C VAL RB 33 -42.30 35.39 38.98
N VAL RB 34 -43.25 35.84 38.16
CA VAL RB 34 -43.85 37.15 38.37
C VAL RB 34 -44.53 37.17 39.74
N ILE RB 35 -45.11 36.03 40.12
CA ILE RB 35 -45.70 35.86 41.45
C ILE RB 35 -44.70 36.12 42.57
N ALA RB 36 -43.58 35.38 42.57
CA ALA RB 36 -42.56 35.54 43.60
C ALA RB 36 -41.97 36.96 43.64
N HIS RB 37 -41.82 37.55 42.46
CA HIS RB 37 -41.23 38.89 42.38
C HIS RB 37 -42.16 39.95 42.91
N LEU RB 38 -43.44 39.76 42.66
CA LEU RB 38 -44.45 40.69 43.12
C LEU RB 38 -44.63 40.58 44.63
N LEU RB 39 -44.74 39.36 45.14
CA LEU RB 39 -44.83 39.15 46.60
C LEU RB 39 -43.62 39.76 47.30
N ALA RB 40 -42.45 39.54 46.72
CA ALA RB 40 -41.24 40.10 47.27
C ALA RB 40 -41.27 41.62 47.19
N TRP RB 41 -41.88 42.15 46.12
CA TRP RB 41 -41.94 43.59 45.88
C TRP RB 41 -42.87 44.27 46.88
N LEU RB 42 -43.94 43.57 47.26
CA LEU RB 42 -44.84 44.07 48.30
C LEU RB 42 -44.08 44.12 49.62
N TYR RB 43 -43.53 42.96 50.01
CA TYR RB 43 -42.81 42.88 51.29
C TYR RB 43 -41.46 43.61 51.28
N ARG RB 44 -40.90 43.78 50.09
CA ARG RB 44 -39.54 44.30 49.94
C ARG RB 44 -39.38 45.02 48.62
N PRO RB 45 -39.85 46.28 48.58
CA PRO RB 45 -39.58 47.09 47.40
C PRO RB 45 -38.07 47.27 47.35
N TRP RB 46 -37.47 47.23 46.17
CA TRP RB 46 -36.02 47.30 46.08
C TRP RB 46 -35.62 48.53 45.27
N LEU RB 47 -36.65 49.26 44.85
CA LEU RB 47 -36.53 50.37 43.91
C LEU RB 47 -37.34 51.56 44.38
N PHE SB 2 -22.79 45.72 8.67
CA PHE SB 2 -24.20 45.41 8.48
C PHE SB 2 -24.35 44.69 7.17
N THR SB 3 -25.54 44.73 6.58
CA THR SB 3 -25.69 44.16 5.25
C THR SB 3 -26.86 44.83 4.50
N MET SB 4 -27.44 45.86 5.11
CA MET SB 4 -28.80 46.29 4.72
C MET SB 4 -28.94 46.81 3.28
N ASN SB 5 -29.04 45.87 2.35
CA ASN SB 5 -29.20 46.15 0.91
C ASN SB 5 -29.95 45.06 0.19
N ALA SB 6 -31.22 44.85 0.59
CA ALA SB 6 -32.23 44.09 -0.16
C ALA SB 6 -31.83 42.64 -0.35
N ASN SB 7 -30.52 42.43 -0.44
CA ASN SB 7 -29.90 41.13 -0.65
C ASN SB 7 -29.09 40.73 0.59
N LEU SB 8 -29.53 41.21 1.74
CA LEU SB 8 -28.80 40.95 2.99
C LEU SB 8 -29.32 39.71 3.69
N TYR SB 9 -30.06 38.91 2.94
CA TYR SB 9 -30.53 37.63 3.40
C TYR SB 9 -29.44 36.67 3.03
N LYS SB 10 -28.89 36.89 1.84
CA LYS SB 10 -27.74 36.17 1.31
C LYS SB 10 -26.63 35.88 2.34
N ILE SB 11 -26.62 36.62 3.46
CA ILE SB 11 -25.64 36.38 4.53
C ILE SB 11 -25.81 34.98 5.10
N TRP SB 12 -27.00 34.41 4.91
CA TRP SB 12 -27.33 33.07 5.38
C TRP SB 12 -26.98 31.98 4.38
N LEU SB 13 -26.32 32.39 3.29
CA LEU SB 13 -25.68 31.44 2.40
C LEU SB 13 -24.22 31.32 2.81
N ILE SB 14 -23.79 32.22 3.68
CA ILE SB 14 -22.39 32.30 4.03
C ILE SB 14 -22.15 31.85 5.49
N LEU SB 15 -23.08 32.22 6.39
CA LEU SB 15 -22.95 31.89 7.80
C LEU SB 15 -24.04 30.92 8.22
N ASP SB 16 -23.60 29.75 8.69
CA ASP SB 16 -24.49 28.69 9.11
C ASP SB 16 -25.44 29.20 10.16
N PRO SB 17 -26.74 29.16 9.87
CA PRO SB 17 -27.80 29.65 10.76
C PRO SB 17 -27.80 29.05 12.17
N ARG SB 18 -27.56 27.75 12.28
CA ARG SB 18 -27.53 27.09 13.58
C ARG SB 18 -26.50 27.69 14.55
N ARG SB 19 -25.27 27.74 14.06
CA ARG SB 19 -24.09 28.22 14.79
C ARG SB 19 -24.23 29.70 15.12
N VAL SB 20 -24.69 30.49 14.15
CA VAL SB 20 -24.97 31.90 14.39
C VAL SB 20 -25.95 32.04 15.52
N LEU SB 21 -26.99 31.21 15.54
CA LEU SB 21 -27.95 31.27 16.63
C LEU SB 21 -27.26 31.05 17.99
N VAL SB 22 -26.57 29.91 18.13
CA VAL SB 22 -25.92 29.59 19.41
C VAL SB 22 -24.88 30.63 19.83
N SER SB 23 -24.02 31.07 18.92
CA SER SB 23 -23.07 32.11 19.26
C SER SB 23 -23.78 33.39 19.73
N ILE SB 24 -24.85 33.80 19.08
CA ILE SB 24 -25.57 34.96 19.62
C ILE SB 24 -26.09 34.67 21.04
N VAL SB 25 -26.74 33.52 21.25
CA VAL SB 25 -27.25 33.21 22.60
C VAL SB 25 -26.18 33.27 23.68
N ALA SB 26 -25.07 32.59 23.42
CA ALA SB 26 -23.96 32.53 24.37
C ALA SB 26 -23.40 33.92 24.66
N PHE SB 27 -23.04 34.64 23.59
CA PHE SB 27 -22.48 35.98 23.73
C PHE SB 27 -23.42 36.88 24.53
N GLN SB 28 -24.72 36.76 24.28
CA GLN SB 28 -25.68 37.60 24.98
C GLN SB 28 -25.80 37.25 26.47
N ILE SB 29 -25.86 35.98 26.83
CA ILE SB 29 -25.96 35.63 28.26
C ILE SB 29 -24.72 36.10 29.01
N VAL SB 30 -23.55 35.83 28.44
CA VAL SB 30 -22.32 36.29 29.10
C VAL SB 30 -22.31 37.80 29.21
N LEU SB 31 -22.58 38.49 28.11
CA LEU SB 31 -22.58 39.96 28.11
C LEU SB 31 -23.52 40.47 29.19
N GLY SB 32 -24.64 39.77 29.34
CA GLY SB 32 -25.60 40.11 30.37
C GLY SB 32 -25.03 40.01 31.77
N LEU SB 33 -24.49 38.84 32.11
CA LEU SB 33 -23.93 38.70 33.41
C LEU SB 33 -22.79 39.70 33.62
N LEU SB 34 -21.91 39.84 32.64
CA LEU SB 34 -20.77 40.73 32.77
C LEU SB 34 -21.22 42.15 33.06
N ILE SB 35 -22.07 42.70 32.20
CA ILE SB 35 -22.48 44.08 32.38
C ILE SB 35 -23.21 44.30 33.70
N HIS SB 36 -24.12 43.40 34.05
CA HIS SB 36 -24.79 43.51 35.34
C HIS SB 36 -23.80 43.62 36.50
N MET SB 37 -22.84 42.70 36.54
CA MET SB 37 -21.79 42.68 37.57
C MET SB 37 -20.89 43.91 37.51
N ILE SB 38 -20.71 44.44 36.31
CA ILE SB 38 -19.98 45.67 36.11
C ILE SB 38 -20.69 46.80 36.84
N VAL SB 39 -22.02 46.82 36.72
CA VAL SB 39 -22.85 47.80 37.44
C VAL SB 39 -22.88 47.64 38.96
N LEU SB 40 -22.99 46.40 39.46
CA LEU SB 40 -23.02 46.17 40.91
C LEU SB 40 -21.78 46.67 41.65
N SER SB 41 -20.68 46.86 40.92
CA SER SB 41 -19.42 47.31 41.51
C SER SB 41 -19.32 48.84 41.50
N THR SB 42 -20.36 49.49 41.02
CA THR SB 42 -20.36 50.94 40.98
C THR SB 42 -21.49 51.58 41.82
N ASP SB 43 -21.61 52.91 41.70
CA ASP SB 43 -22.58 53.74 42.42
C ASP SB 43 -24.02 53.36 42.05
N LEU SB 44 -24.19 52.92 40.80
CA LEU SB 44 -25.50 52.60 40.25
C LEU SB 44 -26.03 51.27 40.79
N ASN SB 45 -25.30 50.73 41.75
CA ASN SB 45 -25.68 49.55 42.51
C ASN SB 45 -27.15 49.72 42.90
N TRP SB 46 -27.92 48.66 42.78
CA TRP SB 46 -29.35 48.75 43.04
C TRP SB 46 -29.72 47.78 44.15
N LEU SB 47 -28.72 47.19 44.82
CA LEU SB 47 -28.97 46.20 45.85
C LEU SB 47 -28.49 46.63 47.24
N ASP SB 48 -27.20 46.94 47.33
CA ASP SB 48 -26.52 47.30 48.58
C ASP SB 48 -26.63 48.80 48.94
N ASP SB 49 -27.85 49.32 48.84
CA ASP SB 49 -28.08 50.76 48.86
C ASP SB 49 -28.96 51.26 50.02
N ASN SB 50 -29.79 50.33 50.53
CA ASN SB 50 -30.90 50.61 51.47
C ASN SB 50 -32.07 51.31 50.79
N ILE SB 51 -32.35 50.93 49.53
CA ILE SB 51 -33.45 51.51 48.75
C ILE SB 51 -34.61 50.51 48.60
N PRO SB 52 -35.81 50.92 49.08
CA PRO SB 52 -36.05 52.17 49.82
C PRO SB 52 -35.94 52.06 51.33
N VAL SB 53 -35.77 50.87 51.91
CA VAL SB 53 -35.72 50.76 53.38
C VAL SB 53 -34.64 49.84 53.97
N SER SB 54 -34.06 50.28 55.08
CA SER SB 54 -33.00 49.52 55.77
C SER SB 54 -33.45 48.13 56.24
N TYR SB 55 -32.85 47.10 55.66
CA TYR SB 55 -33.16 45.73 55.99
C TYR SB 55 -32.11 45.09 56.93
N GLN SB 56 -30.85 45.51 56.84
CA GLN SB 56 -29.77 44.94 57.67
C GLN SB 56 -29.85 45.25 59.16
N ALA SB 57 -29.89 46.53 59.49
CA ALA SB 57 -30.11 46.95 60.86
C ALA SB 57 -31.60 46.93 61.23
N LEU SB 58 -32.35 46.00 60.65
CA LEU SB 58 -33.70 45.71 61.13
C LEU SB 58 -33.70 44.64 62.23
N GLY SB 59 -32.49 44.16 62.56
CA GLY SB 59 -32.29 43.18 63.61
C GLY SB 59 -30.85 43.30 64.10
N LYS SB 60 -30.01 43.96 63.31
CA LYS SB 60 -28.59 44.18 63.63
C LYS SB 60 -28.37 45.57 64.25
N LYS SB 61 -27.44 45.62 65.22
CA LYS SB 61 -27.43 46.65 66.28
C LYS SB 61 -26.59 46.18 67.47
N THR TB 8 -23.28 26.31 2.81
CA THR TB 8 -24.00 26.28 4.07
C THR TB 8 -25.34 25.57 4.02
N GLY TB 9 -25.53 24.68 3.05
CA GLY TB 9 -26.81 24.01 2.86
C GLY TB 9 -28.18 24.69 3.00
N LEU TB 10 -28.27 25.97 2.64
CA LEU TB 10 -29.57 26.64 2.57
C LEU TB 10 -29.89 26.95 1.12
N THR TB 11 -31.17 27.01 0.79
CA THR TB 11 -31.56 27.53 -0.53
C THR TB 11 -31.71 29.04 -0.37
N ASP TB 12 -31.84 29.73 -1.50
CA ASP TB 12 -32.01 31.17 -1.49
C ASP TB 12 -33.35 31.50 -0.83
N ASP TB 13 -34.26 30.54 -0.91
CA ASP TB 13 -35.60 30.66 -0.36
C ASP TB 13 -35.67 30.30 1.14
N GLU TB 14 -34.71 29.50 1.60
CA GLU TB 14 -34.67 29.10 3.01
C GLU TB 14 -33.78 30.07 3.77
N ALA TB 15 -33.32 31.10 3.08
CA ALA TB 15 -32.73 32.26 3.72
C ALA TB 15 -33.60 33.49 3.55
N LYS TB 16 -34.71 33.35 2.85
CA LYS TB 16 -35.65 34.44 2.79
C LYS TB 16 -36.53 34.32 4.01
N GLU TB 17 -36.97 33.09 4.27
CA GLU TB 17 -37.84 32.79 5.40
C GLU TB 17 -37.12 33.05 6.73
N PHE TB 18 -35.95 32.41 6.82
CA PHE TB 18 -35.07 32.53 7.96
C PHE TB 18 -34.74 33.97 8.26
N HIS TB 19 -34.33 34.69 7.23
CA HIS TB 19 -33.93 36.08 7.39
C HIS TB 19 -35.12 36.89 7.93
N ALA TB 20 -36.31 36.60 7.42
CA ALA TB 20 -37.52 37.32 7.89
C ALA TB 20 -37.75 37.11 9.40
N ILE TB 21 -37.71 35.86 9.83
CA ILE TB 21 -37.98 35.52 11.25
C ILE TB 21 -36.87 35.98 12.22
N PHE TB 22 -35.62 35.83 11.80
CA PHE TB 22 -34.44 36.28 12.53
C PHE TB 22 -34.46 37.78 12.70
N MET TB 23 -34.66 38.50 11.60
CA MET TB 23 -34.71 39.95 11.64
C MET TB 23 -35.85 40.38 12.56
N GLN TB 24 -37.04 39.77 12.41
CA GLN TB 24 -38.18 40.18 13.25
C GLN TB 24 -37.95 39.94 14.75
N SER TB 25 -37.43 38.78 15.10
CA SER TB 25 -37.15 38.48 16.48
C SER TB 25 -36.04 39.39 17.01
N MET TB 26 -35.00 39.62 16.20
CA MET TB 26 -33.89 40.49 16.61
C MET TB 26 -34.41 41.92 16.88
N TYR TB 27 -35.32 42.40 16.04
CA TYR TB 27 -35.95 43.69 16.29
C TYR TB 27 -36.85 43.66 17.51
N ALA TB 28 -37.53 42.56 17.77
CA ALA TB 28 -38.32 42.43 18.99
C ALA TB 28 -37.44 42.52 20.22
N TRP TB 29 -36.30 41.82 20.15
CA TRP TB 29 -35.33 41.82 21.24
C TRP TB 29 -34.88 43.26 21.46
N PHE TB 30 -34.49 43.90 20.35
CA PHE TB 30 -34.09 45.31 20.34
C PHE TB 30 -35.21 46.24 20.88
N GLY TB 31 -36.45 45.83 20.68
CA GLY TB 31 -37.59 46.56 21.21
C GLY TB 31 -37.55 46.51 22.72
N LEU TB 32 -37.51 45.30 23.30
CA LEU TB 32 -37.37 45.14 24.75
C LEU TB 32 -36.17 45.92 25.22
N VAL TB 33 -35.14 46.00 24.38
CA VAL TB 33 -33.96 46.75 24.73
C VAL TB 33 -34.31 48.23 24.91
N VAL TB 34 -35.01 48.79 23.92
CA VAL TB 34 -35.41 50.18 23.98
C VAL TB 34 -36.38 50.45 25.14
N ILE TB 35 -37.31 49.52 25.38
CA ILE TB 35 -38.25 49.59 26.51
C ILE TB 35 -37.57 49.63 27.87
N ALA TB 36 -36.76 48.60 28.13
CA ALA TB 36 -36.05 48.46 29.38
C ALA TB 36 -35.19 49.68 29.59
N HIS TB 37 -34.61 50.17 28.50
CA HIS TB 37 -33.75 51.34 28.58
C HIS TB 37 -34.51 52.65 28.81
N LEU TB 38 -35.76 52.73 28.34
CA LEU TB 38 -36.59 53.88 28.66
C LEU TB 38 -36.99 53.88 30.13
N LEU TB 39 -37.47 52.73 30.59
CA LEU TB 39 -37.86 52.59 31.98
C LEU TB 39 -36.68 52.95 32.88
N ALA TB 40 -35.49 52.48 32.48
CA ALA TB 40 -34.25 52.75 33.21
C ALA TB 40 -33.78 54.21 33.13
N TRP TB 41 -33.96 54.84 31.97
CA TRP TB 41 -33.55 56.23 31.78
C TRP TB 41 -34.49 57.18 32.52
N LEU TB 42 -35.77 56.85 32.53
CA LEU TB 42 -36.76 57.59 33.30
C LEU TB 42 -36.52 57.42 34.79
N TYR TB 43 -36.43 56.18 35.23
CA TYR TB 43 -36.34 55.89 36.65
C TYR TB 43 -35.00 56.39 37.20
N ARG TB 44 -34.01 56.44 36.32
CA ARG TB 44 -32.64 56.72 36.75
C ARG TB 44 -31.77 57.15 35.58
N PRO TB 45 -31.85 58.44 35.20
CA PRO TB 45 -30.97 58.96 34.16
C PRO TB 45 -29.50 58.87 34.61
N TRP TB 46 -28.61 58.48 33.70
CA TRP TB 46 -27.22 58.20 34.04
C TRP TB 46 -26.26 59.13 33.31
N LEU TB 47 -26.82 60.02 32.50
CA LEU TB 47 -26.01 60.91 31.69
C LEU TB 47 -26.39 62.34 32.04
CHA HEM UB . -1.90 -46.14 -100.64
CHB HEM UB . -0.24 -42.35 -103.28
CHC HEM UB . 1.23 -40.23 -99.15
CHD HEM UB . -0.42 -44.01 -96.53
C1A HEM UB . -1.57 -45.29 -101.71
C2A HEM UB . -1.83 -45.50 -103.10
C3A HEM UB . -1.36 -44.46 -103.82
C4A HEM UB . -0.82 -43.55 -102.90
CMA HEM UB . -1.38 -44.22 -105.30
CAA HEM UB . -2.46 -46.71 -103.67
CBA HEM UB . -1.21 -47.54 -103.92
CGA HEM UB . -1.64 -48.95 -103.81
O1A HEM UB . -1.28 -49.70 -104.65
O2A HEM UB . -2.46 -49.38 -102.84
C1B HEM UB . 0.30 -41.46 -102.32
C2B HEM UB . 0.86 -40.25 -102.74
C3B HEM UB . 1.29 -39.64 -101.62
C4B HEM UB . 0.96 -40.51 -100.49
CMB HEM UB . 0.94 -39.82 -104.19
CAB HEM UB . 1.89 -38.35 -101.56
CBB HEM UB . 1.35 -37.31 -102.20
C1C HEM UB . 0.90 -41.08 -98.11
C2C HEM UB . 1.17 -40.80 -96.75
C3C HEM UB . 0.70 -41.86 -96.00
C4C HEM UB . 0.15 -42.80 -96.91
CMC HEM UB . 1.86 -39.55 -96.24
CAC HEM UB . 0.75 -42.04 -94.54
CBC HEM UB . 0.83 -41.05 -93.66
C1D HEM UB . -0.97 -44.92 -97.45
C2D HEM UB . -1.57 -46.19 -97.04
C3D HEM UB . -1.97 -46.78 -98.16
C4D HEM UB . -1.64 -45.88 -99.28
CMD HEM UB . -1.71 -46.74 -95.65
CAD HEM UB . -2.70 -48.08 -98.18
CBD HEM UB . -4.14 -47.51 -98.14
CGD HEM UB . -5.34 -48.31 -97.66
O1D HEM UB . -6.42 -47.79 -97.70
O2D HEM UB . -5.26 -49.57 -97.22
NA HEM UB . -0.94 -44.08 -101.61
NB HEM UB . 0.42 -41.60 -101.02
NC HEM UB . 0.27 -42.30 -98.20
ND HEM UB . -0.99 -44.86 -98.79
FE HEM UB . -0.55 -43.40 -99.82
CHA HEM VB . 2.14 -42.89 -85.02
CHB HEM VB . 0.06 -42.11 -89.38
CHC HEM VB . -3.90 -40.53 -87.06
CHD HEM VB . -1.81 -41.29 -82.73
C1A HEM VB . 1.90 -42.81 -86.38
C2A HEM VB . 2.83 -43.18 -87.36
C3A HEM VB . 2.27 -42.97 -88.56
C4A HEM VB . 0.95 -42.46 -88.38
CMA HEM VB . 2.95 -43.25 -89.86
CAA HEM VB . 4.20 -43.72 -87.09
CBA HEM VB . 5.04 -42.57 -86.56
CGA HEM VB . 6.49 -42.88 -86.74
O1A HEM VB . 7.02 -42.67 -87.79
O2A HEM VB . 7.17 -43.38 -85.71
C1B HEM VB . -1.22 -41.61 -89.12
C2B HEM VB . -2.16 -41.24 -90.10
C3B HEM VB . -3.26 -40.80 -89.46
C4B HEM VB . -2.98 -40.91 -88.03
CMB HEM VB . -2.01 -41.32 -91.58
CAB HEM VB . -4.52 -40.35 -89.97
CBB HEM VB . -5.36 -41.17 -90.60
C1C HEM VB . -3.65 -40.60 -85.72
C2C HEM VB . -4.58 -40.23 -84.74
C3C HEM VB . -3.99 -40.44 -83.48
C4C HEM VB . -2.69 -40.96 -83.74
CMC HEM VB . -5.95 -39.68 -85.12
CAC HEM VB . -4.47 -40.25 -82.07
CBC HEM VB . -5.73 -40.07 -81.68
C1D HEM VB . -0.55 -41.79 -83.00
C2D HEM VB . 0.40 -42.16 -81.95
C3D HEM VB . 1.49 -42.59 -82.57
C4D HEM VB . 1.24 -42.51 -84.01
CMD HEM VB . 0.21 -42.08 -80.48
CAD HEM VB . 2.70 -43.07 -81.85
CBD HEM VB . 3.84 -42.11 -82.16
CGD HEM VB . 4.91 -43.03 -82.68
O1D HEM VB . 5.72 -42.61 -83.47
O2D HEM VB . 4.90 -44.31 -82.27
NA HEM VB . 0.77 -42.36 -87.02
NB HEM VB . -1.75 -41.35 -87.93
NC HEM VB . -2.50 -41.04 -85.12
ND HEM VB . 0.04 -41.97 -84.18
FE HEM VB . -0.74 -41.89 -85.88
CHA HEM WB . -16.07 -37.96 -62.15
CHB HEM WB . -13.30 -35.07 -59.41
CHC HEM WB . -12.47 -32.18 -63.22
CHD HEM WB . -15.33 -35.16 -66.00
C1A HEM WB . -15.37 -37.38 -61.09
C2A HEM WB . -15.35 -37.92 -59.78
C3A HEM WB . -14.58 -37.12 -59.05
C4A HEM WB . -14.12 -36.07 -59.87
CMA HEM WB . -14.29 -37.34 -57.60
CAA HEM WB . -16.00 -39.16 -59.23
CBA HEM WB . -17.44 -38.86 -58.79
CGA HEM WB . -18.06 -40.17 -58.38
O1A HEM WB . -17.39 -40.93 -57.71
O2A HEM WB . -19.31 -40.51 -58.76
C1B HEM WB . -12.84 -34.03 -60.20
C2B HEM WB . -12.01 -33.03 -59.66
C3B HEM WB . -11.70 -32.16 -60.64
C4B HEM WB . -12.43 -32.68 -61.90
CMB HEM WB . -11.54 -32.95 -58.24
CAB HEM WB . -10.81 -31.06 -60.23
CBB HEM WB . -9.49 -31.07 -60.37
C1C HEM WB . -13.21 -32.76 -64.30
C2C HEM WB . -13.29 -32.29 -65.68
C3C HEM WB . -14.10 -33.17 -66.40
C4C HEM WB . -14.51 -34.15 -65.52
CMC HEM WB . -12.64 -31.06 -66.30
CAC HEM WB . -14.50 -33.19 -67.79
CBC HEM WB . -13.66 -32.85 -68.76
C1D HEM WB . -15.76 -36.19 -65.17
C2D HEM WB . -16.63 -37.29 -65.61
C3D HEM WB . -16.85 -38.06 -64.53
C4D HEM WB . -16.09 -37.44 -63.43
CMD HEM WB . -17.20 -37.54 -66.98
CAD HEM WB . -17.66 -39.32 -64.47
CBD HEM WB . -16.62 -40.44 -64.69
CGD HEM WB . -17.19 -41.82 -64.54
O1D HEM WB . -18.32 -41.98 -64.11
O2D HEM WB . -16.44 -42.89 -64.90
NA HEM WB . -14.60 -36.23 -61.11
NB HEM WB . -13.11 -33.76 -61.48
NC HEM WB . -13.97 -33.88 -64.27
ND HEM WB . -15.53 -36.30 -63.86
FE HEM WB . -14.35 -35.29 -62.82
CHA HEM XB . -15.02 -32.44 -77.40
CHB HEM XB . -13.68 -34.50 -73.21
CHC HEM XB . -10.38 -37.21 -75.53
CHD HEM XB . -11.76 -35.09 -79.71
C1A HEM XB . -14.92 -32.79 -76.07
C2A HEM XB . -15.72 -32.22 -75.05
C3A HEM XB . -15.35 -32.81 -73.89
C4A HEM XB . -14.32 -33.73 -74.17
CMA HEM XB . -15.93 -32.51 -72.53
CAA HEM XB . -16.80 -31.20 -75.20
CBA HEM XB . -16.22 -29.83 -75.54
CGA HEM XB . -17.40 -28.92 -75.49
O1A HEM XB . -17.29 -27.76 -75.11
O2A HEM XB . -18.60 -29.42 -75.85
C1B HEM XB . -12.66 -35.41 -73.49
C2B HEM XB . -12.06 -36.18 -72.47
C3B HEM XB . -11.12 -36.98 -73.05
C4B HEM XB . -11.17 -36.65 -74.53
CMB HEM XB . -12.46 -36.09 -71.03
CAB HEM XB . -10.27 -37.94 -72.35
CBB HEM XB . -10.64 -38.73 -71.34
C1C HEM XB . -10.49 -36.84 -76.88
C2C HEM XB . -9.73 -37.35 -77.96
C3C HEM XB . -10.15 -36.72 -79.12
C4C HEM XB . -11.16 -35.83 -78.75
CMC HEM XB . -8.65 -38.40 -77.90
CAC HEM XB . -9.74 -36.90 -80.52
CBC HEM XB . -9.61 -38.13 -81.02
C1D HEM XB . -12.76 -34.20 -79.44
C2D HEM XB . -13.41 -33.39 -80.47
C3D HEM XB . -14.33 -32.63 -79.83
C4D HEM XB . -14.24 -32.99 -78.40
CMD HEM XB . -13.08 -33.44 -81.94
CAD HEM XB . -15.25 -31.61 -80.47
CBD HEM XB . -16.72 -31.88 -80.17
CGD HEM XB . -17.46 -30.65 -80.60
O1D HEM XB . -18.54 -30.44 -80.10
O2D HEM XB . -16.93 -29.81 -81.53
NA HEM XB . -14.08 -33.70 -75.50
NB HEM XB . -12.09 -35.69 -74.65
NC HEM XB . -11.35 -35.90 -77.41
ND HEM XB . -13.25 -33.88 -78.24
FE HEM XB . -12.92 -34.77 -76.67
BA BA YB . -9.16 -20.92 -66.07
MG BCL ZB . -10.51 -21.85 -48.09
CHA BCL ZB . -11.34 -18.63 -48.22
CHB BCL ZB . -9.56 -21.44 -44.98
CHC BCL ZB . -9.71 -25.12 -48.08
CHD BCL ZB . -11.57 -22.20 -51.46
NA BCL ZB . -10.18 -20.20 -46.89
C1A BCL ZB . -10.52 -18.88 -47.16
C2A BCL ZB . -10.16 -17.94 -45.98
C3A BCL ZB . -9.44 -18.94 -44.99
C4A BCL ZB . -9.62 -20.26 -45.70
CMA BCL ZB . -7.94 -18.78 -45.14
CAA BCL ZB . -11.36 -17.17 -45.45
CBA BCL ZB . -11.02 -16.11 -44.43
CGA BCL ZB . -12.04 -14.98 -44.47
O1A BCL ZB . -13.05 -15.05 -44.98
O2A BCL ZB . -11.80 -13.90 -43.89
NB BCL ZB . -9.77 -23.10 -46.80
C1B BCL ZB . -9.45 -22.71 -45.54
C2B BCL ZB . -8.96 -23.79 -44.86
C3B BCL ZB . -8.97 -24.87 -45.69
C4B BCL ZB . -9.50 -24.41 -46.93
CMB BCL ZB . -8.52 -23.61 -43.44
CAB BCL ZB . -8.51 -26.30 -45.39
OBB BCL ZB . -8.20 -27.05 -46.24
CBB BCL ZB . -8.41 -26.95 -44.02
NC BCL ZB . -10.71 -23.32 -49.51
C1C BCL ZB . -10.30 -24.61 -49.26
C2C BCL ZB . -10.66 -25.54 -50.39
C3C BCL ZB . -10.85 -24.63 -51.54
C4C BCL ZB . -11.22 -23.34 -50.79
CMC BCL ZB . -9.43 -26.36 -50.74
CAC BCL ZB . -12.06 -25.28 -52.23
CBC BCL ZB . -13.47 -24.85 -51.78
ND BCL ZB . -11.26 -20.79 -49.53
C1D BCL ZB . -11.66 -20.96 -50.84
C2D BCL ZB . -12.15 -19.79 -51.42
C3D BCL ZB . -12.03 -18.89 -50.44
C4D BCL ZB . -11.50 -19.51 -49.32
CMD BCL ZB . -12.67 -19.57 -52.81
CAD BCL ZB . -12.31 -17.44 -50.15
OBD BCL ZB . -12.81 -16.47 -50.87
CBD BCL ZB . -11.87 -17.26 -48.65
CGD BCL ZB . -10.63 -16.36 -48.78
O1D BCL ZB . -9.78 -16.58 -49.46
O2D BCL ZB . -10.54 -15.33 -48.07
CED BCL ZB . -11.64 -14.34 -48.33
C1 BCL ZB . -12.60 -12.68 -44.15
C2 BCL ZB . -13.70 -12.37 -43.14
C3 BCL ZB . -14.81 -11.75 -43.50
C4 BCL ZB . -14.98 -11.31 -44.92
C5 BCL ZB . -16.00 -11.37 -42.60
C6 BCL ZB . -16.10 -9.83 -42.59
C7 BCL ZB . -16.99 -9.40 -41.40
C8 BCL ZB . -17.95 -8.31 -41.80
C9 BCL ZB . -17.34 -6.92 -41.93
C10 BCL ZB . -18.93 -8.31 -40.69
C11 BCL ZB . -19.92 -9.35 -41.01
C12 BCL ZB . -20.98 -8.96 -40.02
C13 BCL ZB . -22.17 -9.91 -40.14
C14 BCL ZB . -23.41 -9.02 -40.29
C15 BCL ZB . -22.20 -10.77 -38.89
C16 BCL ZB . -23.62 -11.28 -38.71
C17 BCL ZB . -23.95 -11.20 -37.24
C18 BCL ZB . -25.45 -11.04 -37.00
C19 BCL ZB . -25.75 -9.65 -37.48
C20 BCL ZB . -25.77 -11.09 -35.50
O1D BPH AC . -18.32 -5.61 -33.13
CGD BPH AC . -17.35 -6.29 -33.41
O2D BPH AC . -16.98 -7.29 -32.58
CED BPH AC . -17.89 -8.42 -32.43
CBD BPH AC . -16.57 -5.95 -34.67
CHA BPH AC . -16.49 -7.14 -35.60
C4D BPH AC . -15.15 -7.44 -35.80
C3D BPH AC . -14.32 -6.61 -35.04
CAD BPH AC . -15.15 -5.68 -34.25
OBD BPH AC . -14.77 -4.87 -33.44
C2D BPH AC . -13.00 -6.99 -35.30
CMD BPH AC . -11.76 -6.39 -34.70
C1D BPH AC . -13.05 -8.05 -36.23
ND BPH AC . -14.37 -8.30 -36.52
CHD BPH AC . -11.95 -8.73 -36.78
C4C BPH AC . -12.11 -9.92 -37.50
C3C BPH AC . -10.99 -10.93 -37.73
CAC BPH AC . -9.72 -10.26 -38.25
CBC BPH AC . -10.10 -9.31 -39.39
C2C BPH AC . -11.60 -11.85 -38.80
CMC BPH AC . -11.47 -13.32 -38.44
C1C BPH AC . -13.08 -11.45 -38.79
NC BPH AC . -13.19 -10.33 -38.14
CHC BPH AC . -14.06 -12.34 -39.13
C4B BPH AC . -15.43 -12.19 -38.93
C3B BPH AC . -16.39 -13.13 -39.46
CAB BPH AC . -16.11 -14.35 -40.27
CBB BPH AC . -16.84 -14.52 -41.56
OBB BPH AC . -15.33 -15.21 -39.94
C2B BPH AC . -17.65 -12.67 -39.07
CMB BPH AC . -18.98 -13.32 -39.39
C1B BPH AC . -17.47 -11.48 -38.32
NB BPH AC . -16.11 -11.22 -38.26
CHB BPH AC . -18.56 -10.77 -37.78
C4A BPH AC . -18.48 -9.77 -36.81
C3A BPH AC . -19.66 -8.93 -36.36
CMA BPH AC . -20.38 -9.62 -35.19
C2A BPH AC . -18.99 -7.63 -35.89
C1A BPH AC . -17.53 -7.93 -36.03
NA BPH AC . -17.39 -9.21 -36.34
CAA BPH AC . -19.42 -6.51 -36.82
CBA BPH AC . -20.94 -6.52 -36.77
CGA BPH AC . -21.47 -5.20 -37.24
O1A BPH AC . -20.69 -4.40 -37.68
O2A BPH AC . -22.79 -4.92 -37.15
C1 BPH AC . -23.41 -4.03 -38.13
C2 BPH AC . -24.14 -4.84 -39.18
C3 BPH AC . -25.21 -5.55 -38.89
C4 BPH AC . -25.75 -5.59 -37.50
C5 BPH AC . -25.88 -6.35 -39.99
C6 BPH AC . -26.21 -5.44 -41.17
C7 BPH AC . -27.35 -6.06 -41.99
C8 BPH AC . -26.92 -6.26 -43.45
C9 BPH AC . -27.55 -5.19 -44.36
C10 BPH AC . -27.38 -7.62 -43.95
C11 BPH AC . -26.16 -8.50 -43.99
C12 BPH AC . -25.99 -9.07 -45.40
C13 BPH AC . -24.80 -10.02 -45.35
C14 BPH AC . -23.76 -9.42 -46.27
C15 BPH AC . -25.29 -11.38 -45.83
C16 BPH AC . -24.39 -12.51 -45.34
C17 BPH AC . -25.33 -13.70 -45.15
C18 BPH AC . -24.59 -14.86 -44.50
C19 BPH AC . -23.44 -15.32 -45.41
C20 BPH AC . -25.59 -16.01 -44.26
MG BCL BC . -1.45 -28.95 -41.68
CHA BCL BC . -0.76 -26.20 -43.39
CHB BCL BC . 1.59 -28.90 -40.39
CHC BCL BC . -2.28 -31.75 -40.03
CHD BCL BC . -4.69 -28.99 -43.11
NA BCL BC . 0.19 -27.72 -41.90
C1A BCL BC . 0.33 -26.62 -42.71
C2A BCL BC . 1.46 -25.73 -42.20
C3A BCL BC . 2.15 -26.65 -41.13
C4A BCL BC . 1.32 -27.89 -41.26
CMA BCL BC . 3.38 -27.28 -41.74
CAA BCL BC . 0.99 -24.42 -41.58
CBA BCL BC . 1.53 -24.10 -40.18
CGA BCL BC . 0.49 -23.84 -39.07
O1A BCL BC . -0.54 -23.36 -39.15
O2A BCL BC . 0.81 -24.23 -37.93
NB BCL BC . -0.55 -30.14 -40.43
C1B BCL BC . 0.73 -29.92 -40.03
C2B BCL BC . 1.09 -30.89 -39.16
C3B BCL BC . 0.03 -31.72 -39.03
C4B BCL BC . -1.03 -31.25 -39.84
CMB BCL BC . 2.46 -30.88 -38.56
CAB BCL BC . -0.05 -32.95 -38.16
OBB BCL BC . -1.10 -33.30 -37.76
CBB BCL BC . 1.11 -33.82 -37.78
NC BCL BC . -3.07 -30.22 -41.81
C1C BCL BC . -3.11 -31.41 -41.12
C2C BCL BC . -4.55 -31.86 -41.06
C3C BCL BC . -5.12 -31.35 -42.33
C4C BCL BC . -4.24 -30.11 -42.50
CMC BCL BC . -4.61 -33.34 -41.27
CAC BCL BC . -6.58 -31.13 -41.92
CBC BCL BC . -6.90 -30.04 -40.89
ND BCL BC . -2.53 -27.94 -42.92
C1D BCL BC . -3.80 -27.97 -43.46
C2D BCL BC . -4.04 -26.90 -44.34
C3D BCL BC . -2.90 -26.22 -44.32
C4D BCL BC . -2.00 -26.86 -43.47
CMD BCL BC . -5.25 -26.57 -45.13
CAD BCL BC . -2.25 -25.03 -44.90
OBD BCL BC . -2.57 -24.19 -45.83
CBD BCL BC . -0.92 -24.86 -44.09
CGD BCL BC . 0.06 -24.90 -45.25
O1D BCL BC . 0.26 -24.07 -45.96
O2D BCL BC . 0.71 -25.96 -45.43
CED BCL BC . 0.16 -26.80 -46.57
C1 BCL BC . 1.16 -23.43 -36.71
C2 BCL BC . 2.22 -24.24 -35.98
C3 BCL BC . 3.38 -23.83 -35.48
C4 BCL BC . 3.77 -22.38 -35.53
C5 BCL BC . 4.37 -24.82 -34.79
C6 BCL BC . 5.74 -25.17 -35.46
C7 BCL BC . 5.49 -25.92 -36.79
C8 BCL BC . 6.29 -27.14 -37.26
C9 BCL BC . 7.83 -27.06 -37.25
C10 BCL BC . 5.85 -27.37 -38.70
C11 BCL BC . 6.28 -28.72 -39.14
C12 BCL BC . 6.28 -28.87 -40.68
C13 BCL BC . 7.29 -27.96 -41.44
C14 BCL BC . 6.46 -27.34 -42.56
C15 BCL BC . 8.49 -28.68 -42.06
C16 BCL BC . 9.76 -27.84 -42.02
C17 BCL BC . 9.64 -26.37 -42.43
C18 BCL BC . 9.30 -26.03 -43.90
C19 BCL BC . 10.57 -25.69 -44.64
C20 BCL BC . 8.34 -24.81 -44.07
C45 UQ8 CC . 0.49 -6.28 -35.03
C44 UQ8 CC . -0.15 -5.53 -36.16
C46 UQ8 CC . -0.77 -4.16 -35.96
C43 UQ8 CC . -0.14 -6.23 -37.34
C42 UQ8 CC . -0.68 -5.86 -38.74
C41 UQ8 CC . -0.65 -7.03 -39.75
C39 UQ8 CC . -0.57 -6.60 -41.22
C40 UQ8 CC . -1.14 -5.29 -41.69
C38 UQ8 CC . 0.02 -7.42 -42.11
C37 UQ8 CC . 0.18 -7.08 -43.58
C36 UQ8 CC . 1.15 -8.01 -44.33
C34 UQ8 CC . 2.19 -8.86 -43.60
C35 UQ8 CC . 1.82 -10.13 -42.87
C33 UQ8 CC . 3.51 -8.52 -43.66
C32 UQ8 CC . 4.58 -9.35 -42.96
C31 UQ8 CC . 5.24 -10.35 -43.92
C29 UQ8 CC . 5.50 -11.71 -43.26
C30 UQ8 CC . 4.76 -12.91 -43.82
C28 UQ8 CC . 6.36 -11.81 -42.19
C27 UQ8 CC . 6.69 -13.13 -41.48
C26 UQ8 CC . 6.98 -13.05 -39.96
C24 UQ8 CC . 6.96 -14.48 -39.39
C25 UQ8 CC . 8.09 -15.41 -39.74
C23 UQ8 CC . 5.96 -14.92 -38.57
C22 UQ8 CC . 5.87 -16.34 -38.00
C21 UQ8 CC . 6.72 -16.61 -36.74
C19 UQ8 CC . 6.21 -17.82 -35.95
C20 UQ8 CC . 6.93 -19.15 -36.03
C18 UQ8 CC . 5.12 -17.69 -35.15
C17 UQ8 CC . 4.56 -18.84 -34.31
C16 UQ8 CC . 3.70 -18.29 -33.16
C14 UQ8 CC . 4.02 -18.81 -31.75
C15 UQ8 CC . 4.26 -20.27 -31.46
C13 UQ8 CC . 4.06 -17.91 -30.73
C12 UQ8 CC . 4.37 -18.32 -29.32
C11 UQ8 CC . 4.40 -17.10 -28.38
C9 UQ8 CC . 4.70 -17.61 -26.99
C10 UQ8 CC . 5.84 -18.56 -26.78
C8 UQ8 CC . 3.89 -17.24 -25.96
C7 UQ8 CC . 4.04 -17.67 -24.49
C6 UQ8 CC . 3.22 -16.68 -23.66
C1 UQ8 CC . 1.73 -16.76 -23.65
C1M UQ8 CC . 0.96 -17.81 -24.40
C2 UQ8 CC . 0.93 -15.78 -22.90
O2 UQ8 CC . -0.31 -15.89 -22.92
C3 UQ8 CC . 1.61 -14.72 -22.14
O3 UQ8 CC . 1.00 -13.75 -21.42
C3M UQ8 CC . 0.10 -14.03 -20.36
C4 UQ8 CC . 3.04 -14.63 -22.17
O4 UQ8 CC . 3.53 -13.63 -21.42
C4M UQ8 CC . 4.19 -14.01 -20.24
C5 UQ8 CC . 3.90 -15.59 -22.90
O5 UQ8 CC . 5.14 -15.43 -22.89
C2 PEF DC . -10.19 8.20 -36.41
C1 PEF DC . -9.85 8.96 -35.09
N PEF DC . -7.98 13.59 -31.99
C3 PEF DC . -9.99 9.03 -37.69
C4 PEF DC . -8.53 14.03 -34.33
C5 PEF DC . -7.70 14.47 -33.11
O2 PEF DC . -9.48 6.95 -36.51
O1P PEF DC . -10.69 12.07 -34.77
O2P PEF DC . -9.20 11.16 -32.77
O3P PEF DC . -9.08 10.18 -35.19
O4P PEF DC . -8.27 12.64 -34.65
P PEF DC . -9.36 11.50 -34.25
BA BA EC . -44.63 -20.93 -50.35
BA BA FC . 16.11 -27.68 -66.31
FE FE GC . -5.08 -11.34 -22.59
MG BCL HC . -19.33 -17.33 -43.57
CHA BCL HC . -20.03 -20.15 -41.93
CHB BCL HC . -21.58 -15.70 -41.88
CHC BCL HC . -18.45 -14.55 -45.39
CHD BCL HC . -16.90 -19.08 -45.41
NA BCL HC . -20.74 -17.90 -42.22
C1A BCL HC . -20.94 -19.17 -41.70
C2A BCL HC . -21.89 -19.09 -40.51
C3A BCL HC . -22.65 -17.73 -40.83
C4A BCL HC . -21.61 -17.06 -41.69
CMA BCL HC . -23.80 -17.99 -41.84
CAA BCL HC . -21.10 -19.17 -39.22
CBA BCL HC . -20.22 -17.96 -38.92
CGA BCL HC . -19.25 -18.19 -37.76
O1A BCL HC . -19.41 -18.83 -36.83
O2A BCL HC . -18.16 -17.59 -37.84
NB BCL HC . -19.88 -15.46 -43.66
C1B BCL HC . -20.85 -14.99 -42.85
C2B BCL HC . -21.01 -13.66 -43.14
C3B BCL HC . -20.15 -13.29 -44.11
C4B BCL HC . -19.42 -14.44 -44.46
CMB BCL HC . -22.03 -12.84 -42.40
CAB BCL HC . -19.98 -11.90 -44.75
OBB BCL HC . -18.90 -11.49 -45.02
CBB BCL HC . -21.07 -10.91 -45.03
NC BCL HC . -18.08 -17.01 -45.16
C1C BCL HC . -17.89 -15.79 -45.74
C2C BCL HC . -17.13 -15.88 -47.03
C3C BCL HC . -16.97 -17.35 -47.23
C4C BCL HC . -17.29 -17.86 -45.83
CMC BCL HC . -17.97 -15.35 -48.17
CAC BCL HC . -15.45 -17.38 -47.26
CBC BCL HC . -14.78 -16.91 -45.96
ND BCL HC . -18.59 -19.11 -43.71
C1D BCL HC . -17.64 -19.75 -44.44
C2D BCL HC . -17.49 -21.12 -44.12
C3D BCL HC . -18.41 -21.29 -43.16
C4D BCL HC . -19.05 -20.08 -42.93
CMD BCL HC . -16.55 -22.11 -44.73
CAD BCL HC . -18.95 -22.33 -42.26
OBD BCL HC . -18.72 -23.61 -42.18
CBD BCL HC . -19.93 -21.56 -41.28
CGD BCL HC . -21.26 -22.34 -41.36
O1D BCL HC . -21.55 -23.15 -40.66
O2D BCL HC . -22.08 -22.09 -42.29
CED BCL HC . -22.79 -23.34 -42.81
C1 BCL HC . -17.46 -17.08 -36.64
C2 BCL HC . -18.20 -15.83 -36.24
C3 BCL HC . -18.92 -15.74 -35.15
C4 BCL HC . -19.04 -16.88 -34.20
C5 BCL HC . -19.70 -14.47 -34.74
C6 BCL HC . -21.13 -14.98 -34.48
C7 BCL HC . -22.05 -14.36 -35.54
C8 BCL HC . -22.91 -15.36 -36.28
C9 BCL HC . -22.38 -16.79 -36.23
C10 BCL HC . -23.03 -14.91 -37.73
C11 BCL HC . -24.49 -14.73 -37.92
C12 BCL HC . -24.84 -14.89 -39.39
C13 BCL HC . -26.38 -14.81 -39.47
C14 BCL HC . -26.94 -16.17 -39.04
C15 BCL HC . -26.85 -14.48 -40.85
C16 BCL HC . -26.19 -13.19 -41.21
C17 BCL HC . -27.03 -12.11 -40.58
C18 BCL HC . -28.35 -11.95 -41.31
C19 BCL HC . -28.11 -10.72 -42.13
C20 BCL HC . -29.51 -11.58 -40.35
MG BCL IC . -11.55 -27.46 -43.77
CHA BCL IC . -10.44 -29.38 -41.26
CHB BCL IC . -11.40 -24.80 -41.85
CHC BCL IC . -12.68 -25.72 -46.47
CHD BCL IC . -11.68 -30.42 -45.82
NA BCL IC . -11.04 -27.17 -41.80
C1A BCL IC . -10.62 -28.09 -40.87
C2A BCL IC . -10.67 -27.49 -39.43
C3A BCL IC . -10.54 -25.96 -39.78
C4A BCL IC . -11.05 -25.97 -41.20
CMA BCL IC . -11.64 -25.19 -39.06
CAA BCL IC . -9.61 -28.01 -38.46
CBA BCL IC . -8.64 -26.92 -38.13
CGA BCL IC . -7.37 -27.34 -37.41
O1A BCL IC . -6.53 -26.66 -37.09
O2A BCL IC . -7.14 -28.51 -37.18
NB BCL IC . -11.98 -25.59 -44.16
C1B BCL IC . -11.85 -24.64 -43.19
C2B BCL IC . -12.22 -23.43 -43.74
C3B BCL IC . -12.58 -23.63 -45.03
C4B BCL IC . -12.43 -25.03 -45.32
CMB BCL IC . -12.16 -22.19 -42.90
CAB BCL IC . -13.08 -22.58 -46.00
OBB BCL IC . -13.71 -22.94 -46.92
CBB BCL IC . -12.98 -21.07 -45.90
NC BCL IC . -11.97 -28.02 -45.74
C1C BCL IC . -12.40 -27.10 -46.66
C2C BCL IC . -12.88 -27.78 -47.92
C3C BCL IC . -12.75 -29.23 -47.67
C4C BCL IC . -11.90 -29.23 -46.41
CMC BCL IC . -14.37 -27.70 -48.07
CAC BCL IC . -11.87 -29.63 -48.87
CBC BCL IC . -10.38 -29.24 -48.76
ND BCL IC . -11.19 -29.37 -43.66
C1D BCL IC . -11.25 -30.50 -44.49
C2D BCL IC . -10.86 -31.69 -43.86
C3D BCL IC . -10.54 -31.26 -42.61
C4D BCL IC . -10.75 -29.88 -42.53
CMD BCL IC . -10.79 -33.08 -44.43
CAD BCL IC . -10.04 -31.73 -41.26
OBD BCL IC . -9.35 -32.74 -40.81
CBD BCL IC . -10.57 -30.60 -40.33
CGD BCL IC . -12.09 -30.95 -40.13
O1D BCL IC . -12.93 -30.22 -40.09
O2D BCL IC . -12.48 -32.16 -39.98
CED BCL IC . -13.99 -32.26 -39.70
C1 BCL IC . -5.71 -28.81 -37.25
C2 BCL IC . -5.07 -29.08 -35.91
C3 BCL IC . -4.57 -30.26 -35.57
C4 BCL IC . -4.60 -31.41 -36.52
C5 BCL IC . -3.87 -30.61 -34.24
C6 BCL IC . -2.38 -30.26 -34.35
C7 BCL IC . -1.69 -30.85 -33.13
C8 BCL IC . -0.57 -31.76 -33.51
C9 BCL IC . -0.36 -32.84 -32.47
C10 BCL IC . 0.65 -30.89 -33.65
C11 BCL IC . 1.82 -31.81 -33.75
C12 BCL IC . 2.96 -30.87 -34.10
C13 BCL IC . 4.20 -31.71 -34.47
C14 BCL IC . 4.38 -32.83 -33.46
C15 BCL IC . 5.46 -30.88 -34.55
C16 BCL IC . 6.41 -31.75 -35.31
C17 BCL IC . 6.05 -31.71 -36.79
C18 BCL IC . 6.13 -33.04 -37.58
C19 BCL IC . 6.72 -32.68 -38.91
C20 BCL IC . 4.75 -33.62 -37.92
O1D BPH JC . 4.05 -27.05 -26.61
CGD BPH JC . 2.94 -26.67 -26.93
O2D BPH JC . 2.65 -25.36 -27.13
CED BPH JC . 3.74 -24.42 -27.36
CBD BPH JC . 1.90 -27.75 -27.13
CHA BPH JC . 1.37 -27.70 -28.54
C4D BPH JC . 0.05 -27.25 -28.48
C3D BPH JC . -0.39 -27.15 -27.15
CAD BPH JC . 0.68 -27.55 -26.25
OBD BPH JC . 0.60 -27.70 -25.07
C2D BPH JC . -1.71 -26.72 -27.19
CMD BPH JC . -2.60 -26.46 -26.01
C1D BPH JC . -2.05 -26.54 -28.51
ND BPH JC . -0.97 -26.88 -29.29
CHD BPH JC . -3.28 -26.11 -29.00
C4C BPH JC . -3.53 -26.14 -30.37
C3C BPH JC . -4.86 -25.71 -30.97
CAC BPH JC . -6.01 -26.50 -30.34
CBC BPH JC . -7.05 -25.60 -29.67
C2C BPH JC . -4.68 -26.04 -32.47
CMC BPH JC . -4.64 -24.71 -33.22
C1C BPH JC . -3.30 -26.69 -32.52
NC BPH JC . -2.79 -26.71 -31.31
CHC BPH JC . -2.66 -26.96 -33.74
C4B BPH JC . -1.27 -27.18 -33.96
C3B BPH JC . -0.68 -27.20 -35.28
CAB BPH JC . -1.37 -27.00 -36.57
CBB BPH JC . -2.40 -27.96 -37.06
OBB BPH JC . -1.12 -26.05 -37.27
C2B BPH JC . 0.67 -27.44 -35.11
CMB BPH JC . 1.71 -27.54 -36.20
C1B BPH JC . 0.93 -27.56 -33.74
NB BPH JC . -0.26 -27.41 -33.06
CHB BPH JC . 2.20 -27.81 -33.22
C4A BPH JC . 2.49 -27.70 -31.87
C3A BPH JC . 3.86 -27.96 -31.25
CMA BPH JC . 4.70 -26.69 -31.17
C2A BPH JC . 3.50 -28.46 -29.85
C1A BPH JC . 2.04 -28.03 -29.72
NA BPH JC . 1.60 -27.67 -30.90
CAA BPH JC . 3.71 -29.97 -29.75
CBA BPH JC . 5.20 -30.27 -29.96
CGA BPH JC . 5.48 -31.75 -29.74
O1A BPH JC . 4.57 -32.55 -29.57
O2A BPH JC . 6.75 -32.19 -29.71
C1 BPH JC . 7.01 -33.54 -30.13
C2 BPH JC . 8.50 -33.72 -30.35
C3 BPH JC . 9.22 -33.01 -31.18
C4 BPH JC . 8.66 -31.92 -32.04
C5 BPH JC . 10.70 -33.29 -31.30
C6 BPH JC . 11.45 -31.98 -31.00
C7 BPH JC . 12.19 -31.41 -32.21
C8 BPH JC . 13.13 -30.29 -31.75
C9 BPH JC . 12.72 -28.95 -32.35
C10 BPH JC . 14.59 -30.61 -32.16
C11 BPH JC . 15.58 -29.99 -31.18
C12 BPH JC . 16.96 -30.64 -31.31
C13 BPH JC . 17.80 -30.21 -30.09
C14 BPH JC . 18.77 -29.07 -30.47
C15 BPH JC . 18.55 -31.41 -29.46
C16 BPH JC . 19.61 -32.07 -30.36
C17 BPH JC . 19.08 -33.41 -30.88
C18 BPH JC . 19.78 -34.62 -30.25
C19 BPH JC . 21.18 -34.72 -30.83
C20 BPH JC . 19.02 -35.89 -30.64
C1 MQ8 KC . -11.89 -8.05 -23.97
O1 MQ8 KC . -10.79 -8.26 -24.45
C2 MQ8 KC . -13.05 -8.34 -24.83
C2M MQ8 KC . -12.74 -8.82 -26.19
C3 MQ8 KC . -14.32 -8.14 -24.40
C4 MQ8 KC . -14.54 -7.61 -23.01
O4 MQ8 KC . -15.68 -7.43 -22.58
C5 MQ8 KC . -13.37 -7.32 -22.12
C6 MQ8 KC . -13.55 -6.84 -20.81
C7 MQ8 KC . -12.45 -6.58 -20.00
C8 MQ8 KC . -11.17 -6.79 -20.47
C9 MQ8 KC . -10.97 -7.26 -21.76
C10 MQ8 KC . -12.07 -7.53 -22.60
C11 MQ8 KC . -15.51 -8.41 -25.29
C12 MQ8 KC . -15.85 -9.88 -25.38
C13 MQ8 KC . -17.11 -10.31 -25.68
C14 MQ8 KC . -18.27 -9.36 -25.68
C15 MQ8 KC . -17.35 -11.78 -25.72
C16 MQ8 KC . -18.71 -12.09 -26.27
C17 MQ8 KC . -18.90 -11.80 -27.74
C18 MQ8 KC . -18.16 -12.31 -28.79
C19 MQ8 KC . -17.66 -13.73 -28.80
C20 MQ8 KC . -18.10 -11.49 -30.04
C21 MQ8 KC . -18.95 -12.05 -31.13
C22 MQ8 KC . -20.27 -11.34 -31.16
C23 MQ8 KC . -21.48 -11.97 -30.94
C24 MQ8 KC . -21.53 -13.36 -30.36
C25 MQ8 KC . -22.70 -11.09 -30.77
C26 MQ8 KC . -22.73 -10.01 -31.81
C27 MQ8 KC . -23.80 -8.99 -31.56
C28 MQ8 KC . -23.61 -7.69 -31.98
C29 MQ8 KC . -22.28 -7.26 -32.48
C30 MQ8 KC . -24.76 -6.81 -32.36
C31 MQ8 KC . -26.07 -7.34 -31.88
C32 MQ8 KC . -27.11 -6.60 -32.65
C33 MQ8 KC . -28.11 -5.86 -32.09
C34 MQ8 KC . -28.28 -4.42 -32.50
C35 MQ8 KC . -29.30 -6.67 -31.64
C36 MQ8 KC . -30.16 -6.08 -30.54
C37 MQ8 KC . -31.14 -7.14 -30.12
C38 MQ8 KC . -31.96 -7.08 -29.02
C39 MQ8 KC . -32.37 -8.37 -28.38
C40 MQ8 KC . -32.95 -5.96 -28.94
C41 MQ8 KC . -34.02 -6.10 -29.98
C42 MQ8 KC . -34.44 -4.74 -30.45
C43 MQ8 KC . -35.03 -4.43 -31.67
C44 MQ8 KC . -35.15 -2.98 -32.01
C45 MQ8 KC . -35.35 -5.45 -32.74
C46 MQ8 KC . -36.43 -2.67 -32.72
C47 MQ8 KC . -36.16 -2.22 -34.12
C48 MQ8 KC . -36.96 -1.31 -34.78
C49 MQ8 KC . -37.72 -1.79 -35.96
C50 MQ8 KC . -37.37 -0.03 -34.14
C1M CRT LC . 17.71 -35.45 -45.18
O1 CRT LC . 16.89 -35.33 -44.00
C1 CRT LC . 17.48 -35.59 -42.72
C2 CRT LC . 17.84 -34.38 -41.84
C3 CRT LC . 17.54 -37.05 -42.23
C4 CRT LC . 16.15 -35.44 -41.94
C5 CRT LC . 15.09 -34.55 -42.55
C6 CRT LC . 13.83 -34.64 -42.11
C7 CRT LC . 12.74 -33.82 -42.67
C8 CRT LC . 13.08 -32.57 -43.43
C9 CRT LC . 11.45 -34.19 -42.51
C10 CRT LC . 10.34 -33.39 -43.04
C11 CRT LC . 9.14 -33.74 -42.60
C12 CRT LC . 7.84 -33.10 -42.91
C13 CRT LC . 7.81 -31.80 -43.64
C14 CRT LC . 6.73 -33.70 -42.46
C15 CRT LC . 5.37 -33.15 -42.64
C16 CRT LC . 4.34 -33.87 -42.20
C17 CRT LC . 2.92 -33.42 -42.28
C18 CRT LC . 2.54 -32.11 -42.90
C19 CRT LC . 1.96 -34.20 -41.73
C20 CRT LC . 0.54 -33.83 -41.72
C21 CRT LC . -0.33 -34.63 -41.09
C22 CRT LC . 0.05 -35.92 -40.48
C23 CRT LC . -0.65 -36.60 -39.53
C24 CRT LC . -1.94 -36.12 -38.96
C25 CRT LC . -0.12 -37.91 -39.06
C26 CRT LC . -0.86 -38.73 -38.31
C27 CRT LC . -0.29 -40.03 -37.95
C28 CRT LC . -0.64 -40.73 -36.86
C29 CRT LC . -1.65 -40.16 -35.90
C30 CRT LC . -0.01 -42.03 -36.59
C31 CRT LC . -0.33 -42.74 -35.52
C32 CRT LC . 0.36 -44.00 -35.35
C33 CRT LC . 0.52 -44.67 -34.21
C34 CRT LC . 0.05 -44.19 -32.88
C35 CRT LC . 1.25 -45.94 -34.30
C36 CRT LC . 0.86 -47.04 -33.66
C37 CRT LC . 1.71 -48.26 -33.87
C38 CRT LC . 1.10 -49.49 -33.23
C39 CRT LC . 1.49 -49.62 -31.76
C40 CRT LC . -0.43 -49.50 -33.39
O2 CRT LC . 1.65 -50.61 -33.89
C2M CRT LC . 1.24 -51.90 -33.50
P PO4 MC . 10.36 -34.98 -14.92
O1 PO4 MC . 11.61 -35.16 -15.76
O2 PO4 MC . 9.52 -36.23 -15.15
O3 PO4 MC . 10.78 -34.89 -13.45
O4 PO4 MC . 9.64 -33.68 -15.29
C2 PEF NC . 3.37 0.78 -36.67
C1 PEF NC . 3.02 0.79 -35.16
N PEF NC . 7.87 3.26 -33.56
C3 PEF NC . 3.46 2.16 -37.34
C4 PEF NC . 6.46 1.48 -32.64
C5 PEF NC . 7.80 2.15 -32.63
C30 PEF NC . 0.98 2.59 -37.35
C31 PEF NC . -0.15 3.59 -37.23
O5 PEF NC . 0.76 1.43 -37.74
O2 PEF NC . 4.57 0.07 -37.01
O3 PEF NC . 2.35 3.00 -37.02
O1P PEF NC . 3.02 3.18 -32.45
O2P PEF NC . 3.89 0.67 -32.02
O3P PEF NC . 3.76 1.81 -34.43
O4P PEF NC . 5.47 2.49 -32.76
P PEF NC . 3.91 2.00 -32.80
C2 PEF OC . 10.96 0.22 -36.94
C1 PEF OC . 11.02 1.63 -36.40
N PEF OC . 15.84 1.85 -35.40
C3 PEF OC . 9.52 -0.15 -37.25
C4 PEF OC . 13.87 2.51 -34.09
C5 PEF OC . 15.00 1.49 -34.27
C10 PEF OC . 12.69 -1.10 -38.07
C11 PEF OC . 13.25 -1.69 -39.35
C30 PEF OC . 10.01 -2.63 -37.25
C31 PEF OC . 10.01 -2.86 -38.76
O4 PEF OC . 12.99 -1.60 -36.97
O5 PEF OC . 10.61 -3.43 -36.52
O2 PEF OC . 11.77 0.07 -38.11
O3 PEF OC . 9.32 -1.45 -36.67
O1P PEF OC . 10.81 3.59 -33.78
O2P PEF OC . 10.52 1.08 -32.91
O3P PEF OC . 11.69 1.47 -35.14
O4P PEF OC . 12.85 2.06 -33.18
P PEF OC . 11.30 2.13 -33.67
C2 PEF PC . -27.44 -9.65 -22.72
C1 PEF PC . -26.95 -9.59 -21.28
N PEF PC . -24.67 -6.71 -18.88
C3 PEF PC . -27.30 -8.33 -23.47
C4 PEF PC . -27.08 -6.54 -19.20
C5 PEF PC . -25.72 -6.62 -19.88
C10 PEF PC . -27.45 -11.77 -23.73
C11 PEF PC . -26.90 -12.78 -24.72
C30 PEF PC . -27.53 -7.51 -25.85
C31 PEF PC . -28.49 -7.34 -27.00
O4 PEF PC . -28.56 -11.92 -23.21
O5 PEF PC . -26.53 -6.81 -25.81
O2 PEF PC . -26.65 -10.61 -23.41
O3 PEF PC . -27.81 -8.50 -24.80
O1P PEF PC . -29.41 -8.72 -18.54
O2P PEF PC . -27.19 -10.14 -18.29
O3P PEF PC . -27.76 -8.76 -20.42
O4P PEF PC . -27.18 -7.63 -18.29
P PEF PC . -27.95 -8.93 -18.81
C2 PEF QC . -38.60 -6.08 -13.78
C1 PEF QC . -37.48 -5.69 -14.71
N PEF QC . -32.40 -7.76 -13.84
C3 PEF QC . -39.73 -6.66 -14.59
C4 PEF QC . -34.44 -9.02 -14.10
C5 PEF QC . -32.98 -9.08 -13.69
C10 PEF QC . -38.37 -6.46 -11.40
C11 PEF QC . -37.51 -6.88 -10.25
C30 PEF QC . -40.20 -5.59 -16.69
C31 PEF QC . -41.24 -4.91 -17.53
O4 PEF QC . -39.28 -5.66 -11.20
O5 PEF QC . -39.26 -6.21 -17.15
O2 PEF QC . -38.18 -6.99 -12.76
O3 PEF QC . -40.26 -5.54 -15.25
O1P PEF QC . -34.83 -5.75 -16.15
O2P PEF QC . -34.54 -6.27 -13.62
O3P PEF QC . -36.68 -6.85 -14.87
O4P PEF QC . -34.54 -8.16 -15.22
P PEF QC . -35.09 -6.66 -14.98
P PO4 RC . -32.22 -31.72 -37.89
O1 PO4 RC . -31.03 -32.34 -37.18
O2 PO4 RC . -33.41 -31.65 -36.94
O3 PO4 RC . -31.80 -30.35 -38.42
O4 PO4 RC . -32.64 -32.60 -39.06
C2 PEF SC . -33.95 -6.88 -4.22
C1 PEF SC . -33.17 -5.98 -3.22
N PEF SC . -36.65 -0.83 -2.24
C3 PEF SC . -33.06 -7.61 -5.21
C4 PEF SC . -34.91 -1.64 -0.71
C5 PEF SC . -36.36 -1.15 -0.84
C10 PEF SC . -35.96 -8.30 -4.32
C11 PEF SC . -37.33 -8.14 -3.68
C30 PEF SC . -33.75 -7.98 -7.64
C31 PEF SC . -35.14 -7.96 -8.23
O4 PEF SC . -35.87 -8.80 -5.43
O5 PEF SC . -32.88 -8.67 -8.18
O2 PEF SC . -34.76 -7.89 -3.58
O3 PEF SC . -33.47 -7.12 -6.49
O1P PEF SC . -33.53 -4.18 -0.29
O2P PEF SC . -32.12 -3.03 -2.19
O3P PEF SC . -33.92 -4.82 -2.77
O4P PEF SC . -34.59 -2.53 -1.80
P PEF SC . -33.43 -3.65 -1.71
C2 PEF TC . -14.21 -24.02 -14.53
C1 PEF TC . -13.04 -24.58 -13.75
N PEF TC . -8.63 -23.53 -10.80
C3 PEF TC . -14.38 -22.51 -14.21
C4 PEF TC . -9.93 -24.89 -12.35
C5 PEF TC . -8.83 -24.89 -11.30
C10 PEF TC . -14.43 -25.53 -16.43
C11 PEF TC . -13.39 -26.60 -16.75
C30 PEF TC . -14.75 -20.98 -16.19
C31 PEF TC . -14.50 -21.16 -17.69
O4 PEF TC . -15.63 -25.71 -16.61
O5 PEF TC . -15.75 -20.35 -15.81
O2 PEF TC . -14.00 -24.25 -15.93
O3 PEF TC . -13.83 -21.62 -15.21
O1P PEF TC . -10.73 -21.69 -14.48
O2P PEF TC . -11.96 -22.61 -12.32
O3P PEF TC . -11.88 -24.02 -14.35
O4P PEF TC . -9.81 -23.73 -13.20
P PEF TC . -11.12 -22.83 -13.57
C2 PEF UC . -32.70 -3.28 -19.36
C1 PEF UC . -32.17 -1.85 -19.20
N PEF UC . -36.61 0.32 -22.76
C3 PEF UC . -33.32 -3.62 -20.73
C4 PEF UC . -34.55 0.42 -21.47
C5 PEF UC . -35.56 1.20 -22.30
C10 PEF UC . -31.92 -5.10 -18.10
C11 PEF UC . -31.55 -6.56 -18.24
C30 PEF UC . -33.19 -5.87 -22.02
C31 PEF UC . -33.41 -7.38 -21.95
O4 PEF UC . -32.46 -4.64 -17.12
O5 PEF UC . -32.73 -5.36 -23.04
O2 PEF UC . -31.61 -4.18 -19.17
O3 PEF UC . -33.52 -5.05 -20.85
O1P PEF UC . -32.97 1.44 -18.17
O2P PEF UC . -31.32 0.90 -20.06
O3P PEF UC . -33.12 -0.81 -19.48
O4P PEF UC . -33.75 1.32 -20.66
P PEF UC . -32.73 0.78 -19.51
MG BCL VC . -51.97 -5.01 -43.13
CHA BCL VC . -52.42 -4.78 -39.88
CHB BCL VC . -49.76 -2.54 -43.03
CHC BCL VC . -51.65 -5.40 -46.49
CHD BCL VC . -54.35 -7.66 -43.24
NA BCL VC . -51.30 -3.73 -41.66
C1A BCL VC . -51.66 -3.74 -40.33
C2A BCL VC . -50.88 -2.69 -39.51
C3A BCL VC . -50.08 -1.90 -40.63
C4A BCL VC . -50.42 -2.74 -41.84
CMA BCL VC . -50.77 -0.57 -40.90
CAA BCL VC . -50.06 -3.31 -38.39
CBA BCL VC . -48.76 -2.66 -38.05
CGA BCL VC . -48.28 -3.16 -36.68
O1A BCL VC . -47.81 -4.16 -36.42
O2A BCL VC . -48.48 -2.36 -35.76
NB BCL VC . -50.92 -4.17 -44.54
C1B BCL VC . -50.04 -3.14 -44.27
C2B BCL VC . -49.47 -2.77 -45.46
C3B BCL VC . -49.97 -3.54 -46.46
C4B BCL VC . -50.90 -4.44 -45.88
CMB BCL VC . -48.45 -1.65 -45.44
CAB BCL VC . -49.63 -3.51 -47.94
OBB BCL VC . -50.37 -3.98 -48.73
CBB BCL VC . -48.39 -2.91 -48.53
NC BCL VC . -52.93 -6.20 -44.51
C1C BCL VC . -52.58 -6.21 -45.83
C2C BCL VC . -53.42 -7.16 -46.64
C3C BCL VC . -54.51 -7.62 -45.73
C4C BCL VC . -53.95 -7.11 -44.41
CMC BCL VC . -54.13 -6.38 -47.71
CAC BCL VC . -54.43 -9.15 -45.87
CBC BCL VC . -55.04 -9.72 -47.16
ND BCL VC . -53.13 -6.02 -41.96
C1D BCL VC . -54.04 -7.06 -42.04
C2D BCL VC . -54.61 -7.41 -40.81
C3D BCL VC . -54.00 -6.55 -39.98
C4D BCL VC . -53.12 -5.74 -40.68
CMD BCL VC . -55.62 -8.47 -40.54
CAD BCL VC . -53.95 -6.17 -38.53
OBD BCL VC . -54.63 -6.60 -37.51
CBD BCL VC . -52.83 -5.04 -38.42
CGD BCL VC . -53.53 -3.74 -37.99
O1D BCL VC . -54.27 -3.21 -38.63
O2D BCL VC . -53.27 -3.22 -36.88
CED BCL VC . -54.51 -2.69 -36.14
C1 BCL VC . -47.76 -2.38 -34.47
C2 BCL VC . -48.54 -1.57 -33.43
C3 BCL VC . -48.10 -0.60 -32.67
C4 BCL VC . -46.67 -0.17 -32.67
C5 BCL VC . -49.01 0.15 -31.67
C6 BCL VC . -49.67 1.42 -32.25
C7 BCL VC . -48.65 2.57 -32.18
C8 BCL VC . -48.79 3.55 -31.02
C9 BCL VC . -48.76 2.83 -29.66
C10 BCL VC . -50.10 4.27 -31.26
C11 BCL VC . -49.99 5.72 -30.88
C12 BCL VC . -50.49 5.69 -29.45
C13 BCL VC . -50.75 7.04 -28.75
C14 BCL VC . -51.05 8.13 -29.79
C15 BCL VC . -49.64 7.44 -27.78
C16 BCL VC . -48.43 7.90 -28.54
C17 BCL VC . -47.30 6.92 -28.26
C18 BCL VC . -46.13 7.08 -29.24
C19 BCL VC . -46.59 6.53 -30.57
C20 BCL VC . -44.90 6.26 -28.77
MG BCL WC . -52.96 -12.17 -38.17
CHA BCL WC . -51.62 -9.26 -37.17
CHB BCL WC . -53.51 -12.98 -35.01
CHC BCL WC . -54.30 -15.06 -39.37
CHD BCL WC . -52.35 -11.26 -41.50
NA BCL WC . -52.73 -11.18 -36.34
C1A BCL WC . -52.17 -9.92 -36.11
C2A BCL WC . -51.82 -9.72 -34.63
C3A BCL WC . -52.57 -10.92 -33.94
C4A BCL WC . -53.09 -11.66 -35.15
CMA BCL WC . -51.50 -11.86 -33.37
CAA BCL WC . -52.24 -8.35 -34.19
CBA BCL WC . -53.02 -8.33 -32.91
CGA BCL WC . -52.16 -8.55 -31.66
O1A BCL WC . -51.02 -8.48 -31.55
O2A BCL WC . -52.77 -8.84 -30.63
NB BCL WC . -53.77 -13.76 -37.40
C1B BCL WC . -53.91 -13.89 -36.04
C2B BCL WC . -54.50 -15.10 -35.80
C3B BCL WC . -54.74 -15.73 -36.98
C4B BCL WC . -54.27 -14.87 -38.01
CMB BCL WC . -54.77 -15.50 -34.38
CAB BCL WC . -55.39 -17.10 -37.20
OBB BCL WC . -55.41 -17.60 -38.26
CBB BCL WC . -56.03 -17.95 -36.13
NC BCL WC . -53.40 -12.85 -40.07
C1C BCL WC . -53.97 -14.07 -40.31
C2C BCL WC . -54.36 -14.23 -41.75
C3C BCL WC . -53.45 -13.28 -42.46
C4C BCL WC . -53.22 -12.29 -41.30
CMC BCL WC . -53.87 -15.58 -42.27
CAC BCL WC . -54.33 -12.73 -43.59
CBC BCL WC . -55.27 -11.60 -43.17
ND BCL WC . -52.20 -10.71 -39.19
C1D BCL WC . -51.98 -10.38 -40.50
C2D BCL WC . -51.37 -9.14 -40.68
C3D BCL WC . -51.22 -8.71 -39.43
C4D BCL WC . -51.72 -9.66 -38.54
CMD BCL WC . -50.97 -8.45 -41.94
CAD BCL WC . -50.70 -7.55 -38.64
OBD BCL WC . -50.09 -6.48 -39.07
CBD BCL WC . -51.01 -7.84 -37.11
CGD BCL WC . -49.68 -7.90 -36.29
O1D BCL WC . -49.18 -8.83 -35.97
O2D BCL WC . -49.08 -6.85 -35.91
CED BCL WC . -49.31 -6.58 -34.43
C1 BCL WC . -54.11 -9.44 -30.76
C2 BCL WC . -54.54 -10.31 -29.58
C3 BCL WC . -53.89 -11.33 -29.06
C4 BCL WC . -52.56 -11.81 -29.59
C5 BCL WC . -54.45 -12.11 -27.85
C6 BCL WC . -55.27 -13.34 -28.35
C7 BCL WC . -56.68 -12.84 -28.68
C8 BCL WC . -57.33 -13.74 -29.69
C9 BCL WC . -57.53 -15.16 -29.18
C10 BCL WC . -56.35 -13.73 -30.83
C11 BCL WC . -56.66 -12.56 -31.69
C12 BCL WC . -56.98 -13.20 -33.02
C13 BCL WC . -57.86 -12.27 -33.83
C14 BCL WC . -59.18 -12.08 -33.07
C15 BCL WC . -58.13 -12.82 -35.23
C16 BCL WC . -58.56 -14.25 -35.08
C17 BCL WC . -58.94 -14.78 -36.45
C18 BCL WC . -60.24 -15.59 -36.44
C19 BCL WC . -60.03 -16.72 -35.47
C20 BCL WC . -60.52 -16.23 -37.83
BA BA XC . -53.01 -14.79 -54.74
BA BA YC . -47.64 -2.66 -64.45
MG BCL ZC . -52.80 -19.42 -33.87
CHA BCL ZC . -52.69 -19.35 -30.55
CHB BCL ZC . -51.46 -16.39 -34.02
CHC BCL ZC . -53.01 -19.71 -37.24
CHD BCL ZC . -54.22 -22.65 -33.69
NA BCL ZC . -52.13 -18.07 -32.45
C1A BCL ZC . -52.10 -18.23 -31.08
C2A BCL ZC . -51.65 -16.97 -30.32
C3A BCL ZC . -51.28 -16.00 -31.52
C4A BCL ZC . -51.65 -16.85 -32.73
CMA BCL ZC . -52.27 -14.84 -31.54
CAA BCL ZC . -50.57 -17.26 -29.29
CBA BCL ZC . -49.95 -16.05 -28.64
CGA BCL ZC . -48.94 -16.44 -27.55
O1A BCL ZC . -47.97 -17.02 -27.68
O2A BCL ZC . -49.19 -16.07 -26.40
NB BCL ZC . -52.34 -18.29 -35.40
C1B BCL ZC . -51.79 -17.05 -35.24
C2B BCL ZC . -51.58 -16.53 -36.51
C3B BCL ZC . -52.01 -17.44 -37.42
C4B BCL ZC . -52.49 -18.57 -36.73
CMB BCL ZC . -50.98 -15.17 -36.68
CAB BCL ZC . -51.98 -17.30 -38.94
OBB BCL ZC . -52.86 -17.73 -39.62
CBB BCL ZC . -50.89 -16.63 -39.72
NC BCL ZC . -53.27 -20.98 -35.13
C1C BCL ZC . -53.18 -20.89 -36.49
C2C BCL ZC . -53.58 -22.15 -37.20
C3C BCL ZC . -54.08 -23.07 -36.14
C4C BCL ZC . -53.72 -22.27 -34.88
CMC BCL ZC . -54.81 -21.89 -38.03
CAC BCL ZC . -53.15 -24.29 -36.29
CBC BCL ZC . -53.48 -25.25 -37.44
ND BCL ZC . -53.36 -20.74 -32.56
C1D BCL ZC . -53.92 -22.00 -32.52
C2D BCL ZC . -54.11 -22.52 -31.22
C3D BCL ZC . -53.65 -21.51 -30.46
C4D BCL ZC . -53.21 -20.46 -31.27
CMD BCL ZC . -54.70 -23.84 -30.86
CAD BCL ZC . -53.43 -21.10 -29.02
OBD BCL ZC . -53.64 -21.72 -27.91
CBD BCL ZC . -52.88 -19.61 -29.05
CGD BCL ZC . -53.98 -18.68 -28.46
O1D BCL ZC . -54.99 -18.50 -28.88
O2D BCL ZC . -53.74 -18.05 -27.41
CED BCL ZC . -54.23 -18.88 -26.23
C1 BCL ZC . -48.20 -15.34 -25.59
C2 BCL ZC . -48.52 -15.59 -24.14
C3 BCL ZC . -48.52 -14.65 -23.21
C4 BCL ZC . -48.85 -14.98 -21.79
C5 BCL ZC . -48.16 -13.18 -23.50
C6 BCL ZC . -49.39 -12.25 -23.27
C7 BCL ZC . -48.89 -10.86 -23.70
C8 BCL ZC . -48.02 -10.15 -22.70
C9 BCL ZC . -48.46 -8.73 -22.35
C10 BCL ZC . -46.62 -10.18 -23.28
C11 BCL ZC . -46.46 -9.07 -24.26
C12 BCL ZC . -44.95 -8.79 -24.26
C13 BCL ZC . -44.59 -8.22 -22.88
C14 BCL ZC . -45.47 -6.98 -22.64
C15 BCL ZC . -43.11 -7.87 -22.66
C16 BCL ZC . -43.04 -7.66 -21.17
C17 BCL ZC . -41.89 -6.76 -20.74
C18 BCL ZC . -40.76 -7.57 -20.12
C19 BCL ZC . -41.25 -8.08 -18.80
C20 BCL ZC . -39.44 -6.77 -19.93
MG BCL AD . -50.83 -26.51 -29.32
CHA BCL AD . -50.14 -23.41 -28.36
CHB BCL AD . -50.50 -27.54 -26.21
CHC BCL AD . -51.55 -29.60 -30.49
CHD BCL AD . -51.17 -25.31 -32.70
NA BCL AD . -50.20 -25.61 -27.56
C1A BCL AD . -49.87 -24.29 -27.36
C2A BCL AD . -49.54 -24.00 -25.89
C3A BCL AD . -49.74 -25.40 -25.19
C4A BCL AD . -50.06 -26.25 -26.40
CMA BCL AD . -48.38 -25.94 -24.73
CAA BCL AD . -50.42 -22.89 -25.33
CBA BCL AD . -50.88 -23.07 -23.93
CGA BCL AD . -49.73 -23.09 -22.92
O1A BCL AD . -48.62 -22.99 -23.16
O2A BCL AD . -50.08 -23.22 -21.75
NB BCL AD . -51.01 -28.30 -28.55
C1B BCL AD . -50.82 -28.50 -27.22
C2B BCL AD . -51.02 -29.83 -26.97
C3B BCL AD . -51.31 -30.47 -28.13
C4B BCL AD . -51.31 -29.48 -29.15
CMB BCL AD . -50.87 -30.31 -25.56
CAB BCL AD . -51.59 -31.96 -28.34
OBB BCL AD . -51.94 -32.36 -29.39
CBB BCL AD . -51.46 -33.06 -27.33
NC BCL AD . -51.30 -27.23 -31.21
C1C BCL AD . -51.52 -28.55 -31.44
C2C BCL AD . -52.10 -28.78 -32.81
C3C BCL AD . -51.73 -27.58 -33.60
C4C BCL AD . -51.46 -26.62 -32.43
CMC BCL AD . -51.34 -29.88 -33.52
CAC BCL AD . -53.02 -27.28 -34.37
CBC BCL AD . -54.22 -26.82 -33.53
ND BCL AD . -50.72 -24.86 -30.35
C1D BCL AD . -50.86 -24.43 -31.68
C2D BCL AD . -50.65 -23.06 -31.87
C3D BCL AD . -50.38 -22.65 -30.60
C4D BCL AD . -50.42 -23.73 -29.72
CMD BCL AD . -50.73 -22.31 -33.17
CAD BCL AD . -50.03 -21.42 -29.77
OBD BCL AD . -49.81 -20.17 -30.08
CBD BCL AD . -49.94 -21.89 -28.28
CGD BCL AD . -48.44 -21.66 -27.98
O1D BCL AD . -47.65 -22.42 -28.13
O2D BCL AD . -48.04 -20.56 -27.53
CED BCL AD . -48.44 -20.26 -26.08
C1 BCL AD . -49.79 -24.45 -20.98
C2 BCL AD . -50.47 -25.71 -21.47
C3 BCL AD . -51.65 -26.18 -21.07
C4 BCL AD . -52.50 -25.49 -20.03
C5 BCL AD . -52.26 -27.49 -21.62
C6 BCL AD . -53.56 -27.19 -22.37
C7 BCL AD . -53.54 -28.08 -23.61
C8 BCL AD . -54.42 -27.54 -24.71
C9 BCL AD . -55.84 -27.21 -24.22
C10 BCL AD . -54.46 -28.58 -25.80
C11 BCL AD . -54.85 -29.88 -25.22
C12 BCL AD . -55.25 -30.72 -26.41
C13 BCL AD . -55.41 -32.14 -25.87
C14 BCL AD . -55.04 -33.10 -27.01
C15 BCL AD . -56.84 -32.40 -25.44
C16 BCL AD . -56.74 -32.83 -24.01
C17 BCL AD . -56.96 -34.32 -23.94
C18 BCL AD . -58.39 -34.69 -23.52
C19 BCL AD . -58.65 -33.99 -22.21
C20 BCL AD . -58.51 -36.21 -23.25
BA BA BD . -52.13 -28.26 -45.47
C1M CRT CD . -48.18 -5.66 -6.16
O1 CRT CD . -49.17 -6.65 -5.95
C1 CRT CD . -48.72 -7.73 -5.15
C2 CRT CD . -49.39 -8.06 -3.81
C3 CRT CD . -47.63 -8.64 -5.71
C4 CRT CD . -49.84 -8.56 -5.82
C5 CRT CD . -49.96 -8.45 -7.34
C6 CRT CD . -50.04 -9.57 -8.08
C7 CRT CD . -50.19 -9.66 -9.56
C8 CRT CD . -50.77 -8.54 -10.36
C9 CRT CD . -49.84 -10.79 -10.20
C10 CRT CD . -49.99 -10.95 -11.65
C11 CRT CD . -50.16 -12.18 -12.14
C12 CRT CD . -50.34 -12.55 -13.57
C13 CRT CD . -50.77 -11.52 -14.60
C14 CRT CD . -50.13 -13.83 -13.92
C15 CRT CD . -50.23 -14.38 -15.27
C16 CRT CD . -49.70 -15.59 -15.47
C17 CRT CD . -49.65 -16.33 -16.76
C18 CRT CD . -50.15 -15.72 -18.03
C19 CRT CD . -49.13 -17.57 -16.71
C20 CRT CD . -48.94 -18.46 -17.85
C21 CRT CD . -48.43 -19.67 -17.58
C22 CRT CD . -48.12 -20.61 -18.65
C23 CRT CD . -47.55 -21.80 -18.43
C24 CRT CD . -47.25 -22.29 -17.04
C25 CRT CD . -47.23 -22.64 -19.61
C26 CRT CD . -46.11 -23.37 -19.69
C27 CRT CD . -45.86 -24.13 -20.92
C28 CRT CD . -44.83 -24.99 -21.06
C29 CRT CD . -43.85 -25.24 -19.95
C30 CRT CD . -44.71 -25.66 -22.36
C31 CRT CD . -43.71 -26.46 -22.77
C32 CRT CD . -43.88 -26.97 -24.13
C33 CRT CD . -43.28 -28.01 -24.73
C34 CRT CD . -42.26 -28.86 -24.04
C35 CRT CD . -43.69 -28.28 -26.13
C36 CRT CD . -43.09 -29.13 -26.96
C37 CRT CD . -43.67 -29.29 -28.36
C38 CRT CD . -42.60 -29.08 -29.44
C39 CRT CD . -42.87 -29.93 -30.67
C40 CRT CD . -42.58 -27.60 -29.79
O2 CRT CD . -41.33 -29.43 -28.93
C2M CRT CD . -40.20 -29.21 -29.74
MG BCL DD . -47.23 -33.16 -25.37
CHA BCL DD . -46.31 -33.42 -22.20
CHB BCL DD . -46.96 -29.86 -25.17
CHC BCL DD . -48.18 -33.08 -28.62
CHD BCL DD . -47.51 -36.70 -25.52
NA BCL DD . -46.54 -31.84 -23.93
C1A BCL DD . -46.13 -32.15 -22.65
C2A BCL DD . -45.93 -30.89 -21.79
C3A BCL DD . -45.95 -29.74 -22.88
C4A BCL DD . -46.40 -30.53 -24.09
CMA BCL DD . -47.12 -28.80 -22.57
CAA BCL DD . -44.67 -31.00 -20.95
CBA BCL DD . -44.29 -29.78 -20.17
CGA BCL DD . -42.77 -29.70 -20.12
O1A BCL DD . -42.06 -30.48 -20.54
O2A BCL DD . -42.26 -28.69 -19.61
NB BCL DD . -47.53 -31.77 -26.70
C1B BCL DD . -47.35 -30.45 -26.40
C2B BCL DD . -47.64 -29.72 -27.53
C3B BCL DD . -47.98 -30.57 -28.53
C4B BCL DD . -47.92 -31.89 -28.00
CMB BCL DD . -47.51 -28.23 -27.46
CAB BCL DD . -48.39 -30.22 -29.97
OBB BCL DD . -48.97 -30.96 -30.65
CBB BCL DD . -48.05 -28.94 -30.67
NC BCL DD . -47.62 -34.63 -26.75
C1C BCL DD . -48.01 -34.35 -28.03
C2C BCL DD . -47.94 -35.59 -28.89
C3C BCL DD . -48.17 -36.70 -27.92
C4C BCL DD . -47.59 -36.00 -26.68
CMC BCL DD . -49.14 -35.67 -29.80
CAC BCL DD . -47.26 -37.82 -28.46
CBC BCL DD . -45.77 -37.46 -28.51
ND BCL DD . -47.00 -34.72 -24.24
C1D BCL DD . -47.12 -36.10 -24.34
C2D BCL DD . -46.82 -36.77 -23.15
C3D BCL DD . -46.51 -35.77 -22.33
C4D BCL DD . -46.62 -34.55 -22.99
CMD BCL DD . -46.84 -38.26 -22.91
CAD BCL DD . -46.07 -35.49 -20.92
OBD BCL DD . -45.82 -36.32 -19.96
CBD BCL DD . -45.96 -33.91 -20.78
CGD BCL DD . -47.03 -33.44 -19.73
O1D BCL DD . -46.99 -33.66 -18.63
O2D BCL DD . -48.02 -32.75 -20.08
CED BCL DD . -49.30 -33.58 -20.20
C1 BCL DD . -41.51 -28.75 -18.35
C2 BCL DD . -42.42 -29.09 -17.18
C3 BCL DD . -42.32 -28.73 -15.91
C4 BCL DD . -41.21 -27.87 -15.37
C5 BCL DD . -43.38 -29.18 -14.90
C6 BCL DD . -44.70 -28.52 -15.36
C7 BCL DD . -44.78 -27.23 -14.53
C8 BCL DD . -45.04 -25.96 -15.27
C9 BCL DD . -44.10 -25.72 -16.46
C10 BCL DD . -44.87 -24.86 -14.24
C11 BCL DD . -43.42 -24.66 -13.93
C12 BCL DD . -43.42 -23.96 -12.58
C13 BCL DD . -43.25 -22.45 -12.83
C14 BCL DD . -42.10 -21.96 -11.93
C15 BCL DD . -44.52 -21.68 -12.53
C16 BCL DD . -44.80 -21.83 -11.06
C17 BCL DD . -46.20 -22.40 -10.90
C18 BCL DD . -47.13 -21.57 -10.03
C19 BCL DD . -46.61 -21.76 -8.62
C20 BCL DD . -48.55 -22.17 -10.04
BA BA ED . -47.03 -40.69 -39.27
C1M CRT FD . -40.17 -20.80 2.33
O1 CRT FD . -40.61 -22.13 2.58
C1 CRT FD . -39.79 -23.01 3.37
C2 CRT FD . -40.23 -23.41 4.78
C3 CRT FD . -38.61 -23.69 2.70
C4 CRT FD . -40.67 -24.19 2.97
C5 CRT FD . -41.35 -24.01 1.62
C6 CRT FD . -41.53 -25.07 0.85
C7 CRT FD . -42.18 -25.03 -0.47
C8 CRT FD . -43.34 -24.12 -0.75
C9 CRT FD . -41.67 -25.87 -1.37
C10 CRT FD . -42.14 -26.03 -2.75
C11 CRT FD . -41.54 -26.99 -3.43
C12 CRT FD . -41.89 -27.31 -4.83
C13 CRT FD . -42.91 -26.46 -5.52
C14 CRT FD . -41.28 -28.37 -5.40
C15 CRT FD . -41.46 -28.91 -6.75
C16 CRT FD . -40.73 -30.01 -7.06
C17 CRT FD . -40.76 -30.70 -8.36
C18 CRT FD . -41.88 -30.49 -9.34
C19 CRT FD . -39.77 -31.56 -8.67
C20 CRT FD . -39.74 -32.28 -9.95
C21 CRT FD . -38.81 -33.22 -10.20
C22 CRT FD . -38.71 -33.97 -11.45
C23 CRT FD . -37.69 -34.82 -11.66
C24 CRT FD . -36.61 -35.04 -10.63
C25 CRT FD . -37.58 -35.57 -12.90
C26 CRT FD . -36.46 -36.22 -13.22
C27 CRT FD . -36.49 -36.93 -14.50
C28 CRT FD . -35.40 -37.39 -15.13
C29 CRT FD . -34.03 -37.22 -14.54
C30 CRT FD . -35.58 -38.07 -16.43
C31 CRT FD . -34.84 -37.74 -17.50
C32 CRT FD . -35.03 -38.42 -18.78
C33 CRT FD . -34.26 -38.23 -19.87
C34 CRT FD . -33.11 -37.28 -19.86
C35 CRT FD . -34.58 -39.01 -21.06
C36 CRT FD . -33.63 -39.45 -21.89
C37 CRT FD . -34.11 -40.25 -23.08
C38 CRT FD . -33.87 -39.51 -24.38
C39 CRT FD . -33.78 -40.46 -25.56
C40 CRT FD . -34.98 -38.49 -24.62
O2 CRT FD . -32.66 -38.77 -24.23
C2M CRT FD . -32.26 -37.87 -25.25
MG BCL GD . -41.70 -40.06 -22.35
CHA BCL GD . -41.97 -36.96 -21.25
CHB BCL GD . -40.23 -40.97 -19.52
CHC BCL GD . -41.55 -43.18 -23.64
CHD BCL GD . -43.30 -39.08 -25.39
NA BCL GD . -41.22 -39.08 -20.60
C1A BCL GD . -41.46 -37.76 -20.28
C2A BCL GD . -40.65 -37.34 -19.04
C3A BCL GD . -40.21 -38.73 -18.43
C4A BCL GD . -40.58 -39.64 -19.58
CMA BCL GD . -38.68 -38.78 -18.35
CAA BCL GD . -41.46 -36.48 -18.09
CBA BCL GD . -41.74 -37.11 -16.75
CGA BCL GD . -40.56 -36.97 -15.84
O1A BCL GD . -39.69 -36.24 -15.94
O2A BCL GD . -40.52 -37.79 -14.89
NB BCL GD . -41.03 -41.78 -21.74
C1B BCL GD . -40.45 -41.95 -20.52
C2B BCL GD . -40.07 -43.26 -20.38
C3B BCL GD . -40.41 -43.93 -21.52
C4B BCL GD . -41.03 -42.99 -22.38
CMB BCL GD . -39.40 -43.69 -19.11
CAB BCL GD . -40.22 -45.41 -21.87
OBB BCL GD . -40.57 -45.87 -22.90
CBB BCL GD . -39.59 -46.45 -20.97
NC BCL GD . -42.48 -40.92 -24.06
C1C BCL GD . -42.42 -42.27 -24.27
C2C BCL GD . -43.16 -42.69 -25.52
C3C BCL GD . -43.27 -41.45 -26.31
C4C BCL GD . -43.10 -40.42 -25.18
CMC BCL GD . -42.27 -43.59 -26.34
CAC BCL GD . -44.73 -41.54 -26.76
CBC BCL GD . -45.69 -41.43 -25.57
ND BCL GD . -42.46 -38.49 -23.20
C1D BCL GD . -43.07 -38.14 -24.39
C2D BCL GD . -43.44 -36.79 -24.47
C3D BCL GD . -43.02 -36.31 -23.27
C4D BCL GD . -42.45 -37.35 -22.53
CMD BCL GD . -44.11 -36.09 -25.61
CAD BCL GD . -42.96 -35.06 -22.46
OBD BCL GD . -43.31 -33.83 -22.71
CBD BCL GD . -42.33 -35.47 -21.07
CGD BCL GD . -41.02 -34.68 -20.99
O1D BCL GD . -40.00 -35.09 -21.18
O2D BCL GD . -41.05 -33.48 -20.67
CED BCL GD . -41.70 -33.29 -19.30
C1 BCL GD . -40.52 -39.23 -15.25
C2 BCL GD . -41.33 -40.13 -14.32
C3 BCL GD . -41.86 -41.28 -14.72
C4 BCL GD . -42.64 -42.18 -13.82
C5 BCL GD . -41.73 -41.82 -16.15
C6 BCL GD . -42.98 -42.68 -16.47
C7 BCL GD . -42.65 -43.50 -17.72
C8 BCL GD . -42.73 -45.00 -17.54
C9 BCL GD . -41.55 -45.57 -16.73
C10 BCL GD . -42.74 -45.51 -18.96
C11 BCL GD . -43.11 -46.94 -18.99
C12 BCL GD . -44.50 -46.98 -19.60
C13 BCL GD . -44.67 -48.36 -20.29
C14 BCL GD . -44.22 -48.18 -21.74
C15 BCL GD . -46.10 -48.88 -20.27
C16 BCL GD . -46.06 -50.11 -21.14
C17 BCL GD . -47.45 -50.71 -21.20
C18 BCL GD . -47.45 -52.18 -20.83
C19 BCL GD . -48.84 -52.47 -20.34
C20 BCL GD . -46.49 -52.46 -19.66
MG BCL HD . -35.70 -45.43 -20.54
CHA BCL HD . -34.21 -45.43 -17.60
CHB BCL HD . -36.41 -42.23 -20.20
CHC BCL HD . -37.19 -45.63 -23.59
CHD BCL HD . -34.94 -48.86 -20.90
NA BCL HD . -35.28 -44.00 -19.11
C1A BCL HD . -34.53 -44.16 -17.98
C2A BCL HD . -34.51 -42.89 -17.10
C3A BCL HD . -35.20 -41.84 -18.06
C4A BCL HD . -35.70 -42.74 -19.14
CMA BCL HD . -36.49 -41.35 -17.39
CAA BCL HD . -33.11 -42.55 -16.62
CBA BCL HD . -33.03 -41.50 -15.53
CGA BCL HD . -31.57 -41.16 -15.26
O1A BCL HD . -30.67 -41.80 -15.54
O2A BCL HD . -31.31 -40.11 -14.66
NB BCL HD . -36.64 -44.20 -21.72
C1B BCL HD . -36.83 -42.89 -21.39
C2B BCL HD . -37.51 -42.29 -22.42
C3B BCL HD . -37.76 -43.21 -23.40
C4B BCL HD . -37.19 -44.43 -22.95
CMB BCL HD . -37.87 -40.83 -22.32
CAB BCL HD . -38.49 -43.01 -24.73
OBB BCL HD . -39.06 -43.89 -25.25
CBB BCL HD . -38.56 -41.72 -25.51
NC BCL HD . -35.77 -46.88 -22.00
C1C BCL HD . -36.32 -46.67 -23.22
C2C BCL HD . -36.11 -47.82 -24.16
C3C BCL HD . -35.71 -48.96 -23.29
C4C BCL HD . -35.34 -48.20 -22.01
CMC BCL HD . -37.44 -48.25 -24.72
CAC BCL HD . -34.48 -49.49 -24.03
CBC BCL HD . -34.78 -50.62 -25.02
ND BCL HD . -34.82 -46.85 -19.58
C1D BCL HD . -34.55 -48.20 -19.74
C2D BCL HD . -33.84 -48.77 -18.68
C3D BCL HD . -33.70 -47.73 -17.85
C4D BCL HD . -34.30 -46.60 -18.40
CMD BCL HD . -33.38 -50.19 -18.53
CAD BCL HD . -33.15 -47.33 -16.51
OBD BCL HD . -32.51 -48.00 -15.58
CBD BCL HD . -33.47 -45.79 -16.32
CGD BCL HD . -34.54 -45.80 -15.22
O1D BCL HD . -35.53 -46.30 -15.32
O2D BCL HD . -34.32 -45.24 -14.13
CED BCL HD . -33.89 -46.23 -13.05
C1 BCL HD . -30.45 -40.23 -13.47
C2 BCL HD . -30.23 -38.94 -12.70
C3 BCL HD . -30.47 -38.78 -11.41
C4 BCL HD . -31.01 -39.88 -10.54
C5 BCL HD . -30.18 -37.44 -10.69
C6 BCL HD . -30.09 -36.23 -11.66
C7 BCL HD . -31.03 -35.20 -11.04
C8 BCL HD . -30.53 -33.78 -11.03
C9 BCL HD . -31.46 -32.84 -10.27
C10 BCL HD . -30.53 -33.41 -12.46
C11 BCL HD . -29.71 -32.18 -12.57
C12 BCL HD . -30.30 -31.49 -13.78
C13 BCL HD . -29.26 -30.54 -14.37
C14 BCL HD . -29.08 -29.34 -13.43
C15 BCL HD . -29.69 -30.08 -15.74
C16 BCL HD . -28.53 -29.30 -16.29
C17 BCL HD . -28.89 -28.78 -17.66
C18 BCL HD . -27.75 -27.97 -18.29
C19 BCL HD . -27.54 -26.80 -17.36
C20 BCL HD . -28.12 -27.41 -19.68
C1M CRT ID . -26.39 -31.35 7.70
O1 CRT ID . -26.82 -32.41 6.84
C1 CRT ID . -25.89 -33.46 6.53
C2 CRT ID . -25.75 -34.58 7.57
C3 CRT ID . -25.21 -33.49 5.16
C4 CRT ID . -27.03 -34.21 5.81
C5 CRT ID . -26.65 -35.67 5.59
C6 CRT ID . -26.85 -36.46 4.55
C7 CRT ID . -27.50 -36.27 3.22
C8 CRT ID . -28.81 -35.56 3.05
C9 CRT ID . -26.88 -36.83 2.17
C10 CRT ID . -27.31 -36.84 0.77
C11 CRT ID . -27.16 -38.05 0.28
C12 CRT ID . -27.52 -38.47 -1.08
C13 CRT ID . -28.45 -37.63 -1.90
C14 CRT ID . -27.02 -39.62 -1.55
C15 CRT ID . -27.32 -40.11 -2.89
C16 CRT ID . -26.51 -41.02 -3.43
C17 CRT ID . -26.77 -41.54 -4.77
C18 CRT ID . -28.13 -41.32 -5.36
C19 CRT ID . -25.79 -42.20 -5.43
C20 CRT ID . -25.91 -42.76 -6.78
C21 CRT ID . -24.85 -43.40 -7.29
C22 CRT ID . -24.80 -44.00 -8.62
C23 CRT ID . -23.60 -44.27 -9.17
C24 CRT ID . -22.32 -43.94 -8.47
C25 CRT ID . -23.53 -44.84 -10.53
C26 CRT ID . -22.39 -45.36 -11.02
C27 CRT ID . -22.40 -45.87 -12.39
C28 CRT ID . -21.29 -46.16 -13.08
C29 CRT ID . -19.92 -45.98 -12.46
C30 CRT ID . -21.46 -46.65 -14.47
C31 CRT ID . -20.55 -46.66 -15.46
C32 CRT ID . -21.00 -47.19 -16.75
C33 CRT ID . -20.23 -47.67 -17.73
C34 CRT ID . -18.73 -47.73 -17.57
C35 CRT ID . -20.89 -48.17 -18.96
C36 CRT ID . -20.31 -48.54 -20.10
C37 CRT ID . -21.23 -49.04 -21.21
C38 CRT ID . -20.95 -48.43 -22.56
C39 CRT ID . -21.38 -49.38 -23.66
C40 CRT ID . -21.68 -47.12 -22.69
O2 CRT ID . -19.55 -48.17 -22.70
C2M CRT ID . -19.00 -47.82 -23.96
MG BCL JD . -28.55 -50.17 -19.23
CHA BCL JD . -29.20 -47.33 -17.68
CHB BCL JD . -26.33 -50.95 -16.89
CHC BCL JD . -27.99 -53.03 -20.92
CHD BCL JD . -30.90 -49.33 -21.71
NA BCL JD . -27.92 -49.31 -17.46
C1A BCL JD . -28.31 -48.08 -16.98
C2A BCL JD . -27.40 -47.62 -15.82
C3A BCL JD . -26.47 -48.87 -15.59
C4A BCL JD . -27.06 -49.83 -16.59
CMA BCL JD . -25.05 -48.61 -16.11
CAA BCL JD . -28.28 -47.21 -14.66
CBA BCL JD . -27.78 -47.41 -13.27
CGA BCL JD . -26.30 -47.14 -13.07
O1A BCL JD . -25.62 -46.48 -13.69
O2A BCL JD . -25.79 -47.72 -12.12
NB BCL JD . -27.39 -51.74 -19.00
C1B BCL JD . -26.54 -51.85 -17.95
C2B BCL JD . -25.87 -53.04 -18.05
C3B BCL JD . -26.29 -53.68 -19.17
C4B BCL JD . -27.27 -52.84 -19.79
CMB BCL JD . -24.86 -53.39 -16.99
CAB BCL JD . -25.83 -55.05 -19.71
OBB BCL JD . -26.21 -55.46 -20.74
CBB BCL JD . -24.86 -55.99 -19.03
NC BCL JD . -29.49 -51.06 -20.82
C1C BCL JD . -29.18 -52.33 -21.24
C2C BCL JD . -29.89 -52.70 -22.52
C3C BCL JD . -30.67 -51.50 -22.92
C4C BCL JD . -30.47 -50.62 -21.67
CMC BCL JD . -28.84 -52.89 -23.60
CAC BCL JD . -32.11 -52.03 -22.99
CBC BCL JD . -32.77 -52.22 -21.62
ND BCL JD . -29.78 -48.75 -19.67
C1D BCL JD . -30.69 -48.45 -20.66
C2D BCL JD . -31.33 -47.23 -20.48
C3D BCL JD . -30.78 -46.78 -19.35
C4D BCL JD . -29.85 -47.71 -18.89
CMD BCL JD . -32.37 -46.59 -21.35
CAD BCL JD . -30.81 -45.62 -18.40
OBD BCL JD . -31.47 -44.49 -18.47
CBD BCL JD . -29.84 -46.00 -17.22
CGD BCL JD . -28.68 -44.97 -17.19
O1D BCL JD . -27.72 -45.13 -17.73
O2D BCL JD . -28.77 -43.88 -16.56
CED BCL JD . -28.69 -43.98 -15.04
C1 BCL JD . -25.24 -49.08 -12.24
C2 BCL JD . -26.28 -50.19 -12.29
C3 BCL JD . -25.98 -51.48 -12.27
C4 BCL JD . -24.56 -51.93 -12.17
C5 BCL JD . -27.03 -52.61 -12.32
C6 BCL JD . -26.97 -53.28 -13.71
C7 BCL JD . -28.34 -53.02 -14.35
C8 BCL JD . -29.12 -54.26 -14.70
C9 BCL JD . -29.40 -55.18 -13.51
C10 BCL JD . -28.25 -54.99 -15.67
C11 BCL JD . -29.18 -55.61 -16.64
C12 BCL JD . -28.36 -56.72 -17.28
C13 BCL JD . -28.16 -57.82 -16.23
C14 BCL JD . -26.95 -58.67 -16.66
C15 BCL JD . -29.39 -58.69 -16.03
C16 BCL JD . -29.92 -59.07 -17.38
C17 BCL JD . -31.10 -60.00 -17.20
C18 BCL JD . -30.73 -61.47 -17.39
C19 BCL JD . -30.18 -61.57 -18.79
C20 BCL JD . -31.95 -62.40 -17.32
BA BA KD . -36.53 -53.47 -33.61
MG BCL LD . -20.16 -54.74 -18.90
CHA BCL LD . -18.09 -54.45 -16.27
CHB BCL LD . -21.63 -51.91 -18.06
CHC BCL LD . -22.16 -55.21 -21.60
CHD BCL LD . -18.57 -57.77 -19.76
NA BCL LD . -19.83 -53.32 -17.43
C1A BCL LD . -18.84 -53.32 -16.45
C2A BCL LD . -18.93 -52.06 -15.57
C3A BCL LD . -19.97 -51.16 -16.36
C4A BCL LD . -20.56 -52.22 -17.25
CMA BCL LD . -21.11 -50.72 -15.44
CAA BCL LD . -17.56 -51.43 -15.36
CBA BCL LD . -17.56 -50.19 -14.50
CGA BCL LD . -16.25 -49.41 -14.69
O1A BCL LD . -15.81 -49.11 -15.70
O2A BCL LD . -15.61 -49.09 -13.68
NB BCL LD . -21.63 -53.77 -19.73
C1B BCL LD . -22.09 -52.60 -19.20
C2B BCL LD . -23.13 -52.16 -19.99
C3B BCL LD . -23.33 -53.05 -21.01
C4B BCL LD . -22.37 -54.10 -20.84
CMB BCL LD . -23.79 -50.88 -19.62
CAB BCL LD . -24.38 -52.97 -22.14
OBB BCL LD . -24.80 -53.93 -22.70
CBB BCL LD . -25.01 -51.69 -22.62
NC BCL LD . -20.12 -56.08 -20.46
C1C BCL LD . -20.98 -55.99 -21.52
C2C BCL LD . -20.79 -57.12 -22.50
C3C BCL LD . -19.83 -58.07 -21.88
C4C BCL LD . -19.34 -57.19 -20.71
CMC BCL LD . -22.07 -57.93 -22.56
CAC BCL LD . -18.73 -58.22 -22.94
CBC BCL LD . -19.07 -59.09 -24.17
ND BCL LD . -18.72 -55.89 -18.27
C1D BCL LD . -18.13 -57.08 -18.63
C2D BCL LD . -17.08 -57.48 -17.80
C3D BCL LD . -17.05 -56.50 -16.90
C4D BCL LD . -18.04 -55.55 -17.19
CMD BCL LD . -16.21 -58.70 -17.90
CAD BCL LD . -16.32 -56.06 -15.67
OBD BCL LD . -15.35 -56.63 -15.03
CBD BCL LD . -16.96 -54.67 -15.25
CGD BCL LD . -17.51 -54.96 -13.82
O1D BCL LD . -18.12 -55.85 -13.55
O2D BCL LD . -17.27 -54.16 -12.87
CED BCL LD . -15.79 -54.13 -12.53
C1 BCL LD . -15.83 -47.83 -12.94
C2 BCL LD . -16.59 -48.09 -11.65
C3 BCL LD . -16.15 -47.91 -10.42
C4 BCL LD . -14.76 -47.42 -10.16
C5 BCL LD . -17.00 -48.23 -9.16
C6 BCL LD . -18.08 -47.14 -8.91
C7 BCL LD . -18.05 -46.86 -7.39
C8 BCL LD . -18.90 -45.69 -6.93
C9 BCL LD . -18.76 -44.45 -7.82
C10 BCL LD . -18.45 -45.37 -5.53
C11 BCL LD . -19.62 -45.56 -4.61
C12 BCL LD . -19.18 -44.97 -3.28
C13 BCL LD . -18.51 -46.08 -2.45
C14 BCL LD . -19.59 -46.87 -1.72
C15 BCL LD . -17.51 -45.50 -1.47
C16 BCL LD . -16.46 -44.82 -2.31
C17 BCL LD . -15.55 -45.88 -2.89
C18 BCL LD . -14.46 -45.34 -3.82
C19 BCL LD . -15.08 -44.24 -4.67
C20 BCL LD . -13.96 -46.45 -4.78
BA BA MD . -22.02 -60.57 -32.95
MG BCL ND . -11.65 -57.51 -19.42
CHA BCL ND . -12.73 -54.98 -17.58
CHB BCL ND . -8.90 -57.68 -17.59
CHC BCL ND . -10.70 -60.11 -21.41
CHD BCL ND . -14.63 -57.31 -21.37
NA BCL ND . -11.00 -56.55 -17.71
C1A BCL ND . -11.62 -55.54 -17.02
C2A BCL ND . -10.63 -54.84 -16.09
C3A BCL ND . -9.49 -55.93 -15.92
C4A BCL ND . -9.85 -56.81 -17.09
CMA BCL ND . -8.16 -55.30 -16.30
CAA BCL ND . -11.27 -54.43 -14.78
CBA BCL ND . -10.58 -54.98 -13.57
CGA BCL ND . -9.43 -54.10 -13.18
O1A BCL ND . -9.16 -53.07 -13.63
O2A BCL ND . -8.71 -54.58 -12.28
NB BCL ND . -10.10 -58.71 -19.53
C1B BCL ND . -9.06 -58.59 -18.65
C2B BCL ND . -8.13 -59.54 -18.97
C3B BCL ND . -8.58 -60.27 -20.04
C4B BCL ND . -9.85 -59.74 -20.40
CMB BCL ND . -6.88 -59.62 -18.14
CAB BCL ND . -7.88 -61.45 -20.74
OBB BCL ND . -8.35 -61.96 -21.69
CBB BCL ND . -6.56 -62.07 -20.36
NC BCL ND . -12.57 -58.53 -20.96
C1C BCL ND . -11.99 -59.60 -21.57
C2C BCL ND . -12.99 -60.35 -22.43
C3C BCL ND . -14.05 -59.35 -22.71
C4C BCL ND . -13.78 -58.36 -21.58
CMC BCL ND . -12.34 -60.61 -23.77
CAC BCL ND . -15.32 -60.17 -22.46
CBC BCL ND . -15.89 -60.85 -23.71
ND BCL ND . -13.29 -56.48 -19.53
C1D BCL ND . -14.44 -56.43 -20.31
C2D BCL ND . -15.33 -55.41 -19.91
C3D BCL ND . -14.70 -54.85 -18.88
C4D BCL ND . -13.48 -55.50 -18.66
CMD BCL ND . -16.65 -55.06 -20.50
CAD BCL ND . -14.85 -53.76 -17.87
OBD BCL ND . -15.82 -52.91 -17.67
CBD BCL ND . -13.55 -53.81 -16.96
CGD BCL ND . -12.78 -52.47 -17.20
O1D BCL ND . -11.97 -52.33 -17.95
O2D BCL ND . -13.06 -51.43 -16.55
CED BCL ND . -13.36 -51.72 -15.08
C1 BCL ND . -7.31 -54.97 -12.51
C2 BCL ND . -7.07 -56.34 -13.13
C3 BCL ND . -7.36 -57.54 -12.64
C4 BCL ND . -8.05 -57.75 -11.33
C5 BCL ND . -7.02 -58.84 -13.39
C6 BCL ND . -8.25 -59.77 -13.48
C7 BCL ND . -8.48 -59.91 -14.98
C8 BCL ND . -9.52 -60.93 -15.33
C9 BCL ND . -10.66 -61.02 -14.30
C10 BCL ND . -8.76 -62.22 -15.36
C11 BCL ND . -9.38 -63.01 -16.47
C12 BCL ND . -8.36 -64.09 -16.76
C13 BCL ND . -8.95 -65.07 -17.79
C14 BCL ND . -8.81 -64.45 -19.17
C15 BCL ND . -10.39 -65.39 -17.50
C16 BCL ND . -10.70 -66.59 -18.35
C17 BCL ND . -11.05 -67.74 -17.43
C18 BCL ND . -10.08 -68.90 -17.56
C19 BCL ND . -10.12 -69.32 -19.00
C20 BCL ND . -10.57 -70.12 -16.74
C1M CRT OD . -10.04 -40.07 6.01
O1 CRT OD . -9.90 -41.49 6.09
C1 CRT OD . -8.99 -42.00 7.06
C2 CRT OD . -9.48 -42.92 8.18
C3 CRT OD . -7.49 -41.79 6.80
C4 CRT OD . -8.86 -43.31 6.27
C5 CRT OD . -10.05 -43.63 5.37
C6 CRT OD . -9.76 -44.25 4.24
C7 CRT OD . -10.73 -44.68 3.22
C8 CRT OD . -12.22 -44.59 3.45
C9 CRT OD . -10.23 -45.21 2.10
C10 CRT OD . -10.98 -45.72 0.97
C11 CRT OD . -10.23 -46.32 0.05
C12 CRT OD . -10.72 -46.92 -1.20
C13 CRT OD . -12.15 -46.80 -1.64
C14 CRT OD . -9.84 -47.59 -1.94
C15 CRT OD . -10.18 -48.21 -3.21
C16 CRT OD . -9.33 -49.09 -3.70
C17 CRT OD . -9.59 -49.73 -4.99
C18 CRT OD . -10.98 -50.05 -5.44
C19 CRT OD . -8.52 -49.97 -5.75
C20 CRT OD . -8.61 -50.55 -7.08
C21 CRT OD . -7.49 -50.61 -7.80
C22 CRT OD . -7.49 -51.13 -9.15
C23 CRT OD . -6.42 -50.90 -9.91
C24 CRT OD . -5.24 -50.15 -9.34
C25 CRT OD . -6.41 -51.36 -11.31
C26 CRT OD . -5.45 -51.03 -12.17
C27 CRT OD . -5.59 -51.54 -13.52
C28 CRT OD . -4.64 -51.43 -14.47
C29 CRT OD . -3.34 -50.73 -14.17
C30 CRT OD . -4.94 -51.97 -15.80
C31 CRT OD . -4.25 -51.65 -16.89
C32 CRT OD . -4.68 -52.25 -18.15
C33 CRT OD . -4.13 -52.05 -19.36
C34 CRT OD . -2.95 -51.16 -19.55
C35 CRT OD . -4.76 -52.74 -20.50
C36 CRT OD . -4.25 -52.82 -21.72
C37 CRT OD . -5.06 -53.60 -22.73
C38 CRT OD . -5.48 -52.74 -23.91
C39 CRT OD . -5.85 -53.62 -25.09
C40 CRT OD . -6.65 -51.87 -23.53
O2 CRT OD . -4.39 -51.89 -24.28
C2M CRT OD . -4.66 -50.84 -25.22
MG BCL PD . 4.90 -59.91 -23.50
CHA BCL PD . 3.73 -57.66 -21.35
CHB BCL PD . 7.92 -59.42 -22.33
CHC BCL PD . 5.93 -62.24 -25.77
CHD BCL PD . 1.61 -60.39 -24.72
NA BCL PD . 5.74 -58.53 -22.18
C1A BCL PD . 5.09 -57.59 -21.41
C2A BCL PD . 6.04 -56.83 -20.46
C3A BCL PD . 7.43 -57.51 -20.78
C4A BCL PD . 7.04 -58.43 -21.93
CMA BCL PD . 8.33 -56.45 -21.44
CAA BCL PD . 5.54 -56.85 -19.00
CBA BCL PD . 6.51 -57.02 -17.85
CGA BCL PD . 7.59 -55.94 -17.75
O1A BCL PD . 7.49 -54.83 -17.99
O2A BCL PD . 8.70 -56.32 -17.33
NB BCL PD . 6.59 -60.72 -24.00
C1B BCL PD . 7.75 -60.36 -23.37
C2B BCL PD . 8.76 -61.09 -23.93
C3B BCL PD . 8.26 -61.89 -24.89
C4B BCL PD . 6.86 -61.67 -24.96
CMB BCL PD . 10.16 -60.88 -23.40
CAB BCL PD . 8.99 -62.89 -25.79
OBB BCL PD . 8.40 -63.75 -26.31
CBB BCL PD . 10.47 -62.90 -26.07
NC BCL PD . 3.90 -61.11 -24.85
C1C BCL PD . 4.55 -62.03 -25.63
C2C BCL PD . 3.58 -62.93 -26.34
C3C BCL PD . 2.27 -62.24 -26.27
C4C BCL PD . 2.58 -61.20 -25.19
CMC BCL PD . 3.90 -62.92 -27.82
CAC BCL PD . 1.34 -63.33 -25.72
CBC BCL PD . 0.74 -64.30 -26.78
ND BCL PD . 3.10 -59.26 -23.19
C1D BCL PD . 1.82 -59.47 -23.69
C2D BCL PD . 0.82 -58.69 -23.08
C3D BCL PD . 1.55 -58.00 -22.18
C4D BCL PD . 2.89 -58.35 -22.26
CMD BCL PD . -0.65 -58.63 -23.33
CAD BCL PD . 1.37 -56.97 -21.12
OBD BCL PD . 0.30 -56.38 -20.68
CBD BCL PD . 2.82 -56.69 -20.57
CGD BCL PD . 3.13 -55.25 -21.02
O1D BCL PD . 3.11 -54.89 -22.08
O2D BCL PD . 3.47 -54.39 -20.16
CED BCL PD . 2.57 -54.44 -18.92
C1 BCL PD . 9.62 -57.24 -18.05
C2 BCL PD . 9.22 -58.72 -18.04
C3 BCL PD . 10.04 -59.75 -18.19
C4 BCL PD . 11.51 -59.59 -18.40
C5 BCL PD . 9.56 -61.22 -18.18
C6 BCL PD . 9.41 -61.75 -19.63
C7 BCL PD . 9.44 -63.28 -19.54
C8 BCL PD . 10.29 -63.96 -20.58
C9 BCL PD . 11.48 -63.12 -21.05
C10 BCL PD . 9.33 -64.17 -21.70
C11 BCL PD . 8.95 -65.60 -21.66
C12 BCL PD . 10.11 -66.30 -22.35
C13 BCL PD . 9.96 -67.81 -22.12
C14 BCL PD . 11.07 -68.27 -21.15
C15 BCL PD . 10.04 -68.56 -23.42
C16 BCL PD . 9.66 -69.98 -23.10
C17 BCL PD . 8.19 -69.98 -22.76
C18 BCL PD . 7.83 -70.97 -21.64
C19 BCL PD . 8.38 -70.41 -20.35
C20 BCL PD . 8.53 -72.34 -21.87
BA BA QD . -5.63 -65.07 -34.47
MG BCL RD . -3.54 -59.01 -20.81
CHA BCL RD . -1.03 -58.32 -18.80
CHB BCL RD . -5.30 -56.51 -19.48
CHC BCL RD . -6.03 -59.83 -22.96
CHD BCL RD . -1.68 -61.65 -22.23
NA BCL RD . -3.15 -57.52 -19.41
C1A BCL RD . -1.99 -57.37 -18.69
C2A BCL RD . -2.15 -56.31 -17.58
C3A BCL RD . -3.56 -55.66 -17.92
C4A BCL RD . -4.00 -56.58 -19.04
CMA BCL RD . -4.55 -55.95 -16.78
CAA BCL RD . -1.00 -55.30 -17.52
CBA BCL RD . -1.09 -54.35 -16.36
CGA BCL RD . -0.42 -53.01 -16.60
O1A BCL RD . -0.75 -52.22 -17.36
O2A BCL RD . 0.56 -52.70 -15.90
NB BCL RD . -5.34 -58.34 -21.20
C1B BCL RD . -5.87 -57.29 -20.52
C2B BCL RD . -7.12 -57.05 -20.99
C3B BCL RD . -7.40 -57.95 -21.98
C4B BCL RD . -6.25 -58.78 -22.11
CMB BCL RD . -7.91 -55.92 -20.38
CAB BCL RD . -8.68 -58.08 -22.81
OBB BCL RD . -8.88 -59.05 -23.45
CBB BCL RD . -9.79 -57.08 -22.90
NC BCL RD . -3.64 -60.27 -22.44
C1C BCL RD . -4.74 -60.36 -23.22
C2C BCL RD . -4.46 -61.17 -24.47
C3C BCL RD . -3.34 -62.05 -24.09
C4C BCL RD . -2.73 -61.17 -22.97
CMC BCL RD . -5.59 -62.13 -24.79
CAC BCL RD . -2.53 -62.15 -25.39
CBC BCL RD . -1.87 -60.87 -25.91
ND BCL RD . -1.81 -59.85 -20.65
C1D BCL RD . -1.11 -60.90 -21.22
C2D BCL RD . 0.17 -61.07 -20.67
C3D BCL RD . 0.22 -60.11 -19.75
C4D BCL RD . -0.97 -59.38 -19.74
CMD BCL RD . 1.21 -62.10 -21.05
CAD BCL RD . 1.12 -59.53 -18.71
OBD BCL RD . 2.34 -59.87 -18.38
CBD BCL RD . 0.32 -58.33 -18.06
CGD BCL RD . -0.02 -58.72 -16.60
O1D BCL RD . -0.63 -59.60 -16.30
O2D BCL RD . 0.42 -58.02 -15.66
CED BCL RD . 1.90 -58.31 -15.45
C1 BCL RD . 0.45 -51.59 -14.92
C2 BCL RD . 1.64 -51.45 -13.97
C3 BCL RD . 1.54 -51.14 -12.68
C4 BCL RD . 2.77 -51.02 -11.81
C5 BCL RD . 0.21 -50.87 -11.95
C6 BCL RD . 0.16 -51.55 -10.56
C7 BCL RD . 0.02 -53.07 -10.75
C8 BCL RD . -1.18 -53.71 -10.06
C9 BCL RD . -2.52 -53.21 -10.59
C10 BCL RD . -1.07 -53.33 -8.61
C11 BCL RD . -1.75 -54.37 -7.80
C12 BCL RD . -2.15 -53.68 -6.50
C13 BCL RD . -0.91 -53.14 -5.77
C14 BCL RD . -0.54 -54.13 -4.67
C15 BCL RD . -1.15 -51.77 -5.16
C16 BCL RD . -1.00 -50.74 -6.27
C17 BCL RD . -0.49 -49.43 -5.68
C18 BCL RD . -0.17 -48.35 -6.72
C19 BCL RD . -1.42 -47.52 -6.91
C20 BCL RD . 0.17 -48.94 -8.10
C1M CRT SD . 10.58 -43.17 4.65
O1 CRT SD . 10.92 -44.40 4.00
C1 CRT SD . 10.23 -44.75 2.79
C2 CRT SD . 8.76 -44.40 3.00
C3 CRT SD . 10.80 -43.94 1.62
C4 CRT SD . 10.44 -46.24 2.51
C5 CRT SD . 9.19 -46.85 1.93
C6 CRT SD . 9.19 -47.05 0.62
C7 CRT SD . 8.05 -47.63 -0.13
C8 CRT SD . 6.71 -47.85 0.49
C9 CRT SD . 8.33 -47.94 -1.41
C10 CRT SD . 7.43 -48.51 -2.40
C11 CRT SD . 8.01 -49.08 -3.45
C12 CRT SD . 7.23 -49.70 -4.52
C13 CRT SD . 5.77 -49.96 -4.33
C14 CRT SD . 7.88 -50.00 -5.66
C15 CRT SD . 7.32 -50.60 -6.88
C16 CRT SD . 8.17 -50.77 -7.88
C17 CRT SD . 7.83 -51.31 -9.21
C18 CRT SD . 6.44 -51.78 -9.51
C19 CRT SD . 8.78 -51.31 -10.15
C20 CRT SD . 8.54 -51.80 -11.51
C21 CRT SD . 9.49 -51.67 -12.43
C22 CRT SD . 9.29 -52.10 -13.81
C23 CRT SD . 10.30 -52.17 -14.70
C24 CRT SD . 11.71 -51.80 -14.34
C25 CRT SD . 10.00 -52.60 -16.07
C26 CRT SD . 10.71 -52.04 -17.04
C27 CRT SD . 10.42 -52.43 -18.41
C28 CRT SD . 10.98 -51.82 -19.47
C29 CRT SD . 11.95 -50.69 -19.28
C30 CRT SD . 10.57 -52.33 -20.80
C31 CRT SD . 10.55 -51.69 -21.95
C32 CRT SD . 10.08 -52.51 -23.04
C33 CRT SD . 10.14 -52.17 -24.33
C34 CRT SD . 10.73 -50.85 -24.74
C35 CRT SD . 9.60 -53.15 -25.31
C36 CRT SD . 9.68 -53.06 -26.63
C37 CRT SD . 9.07 -54.19 -27.44
C38 CRT SD . 8.03 -53.60 -28.38
C39 CRT SD . 7.53 -54.66 -29.33
C40 CRT SD . 6.87 -52.99 -27.61
O2 CRT SD . 8.65 -52.53 -29.08
C2M CRT SD . 7.92 -51.85 -30.11
MG BCL TD . 13.16 -58.41 -26.81
CHA BCL TD . 15.63 -56.94 -25.12
CHB BCL TD . 10.95 -57.07 -24.79
CHC BCL TD . 10.81 -60.00 -28.69
CHD BCL TD . 15.60 -59.85 -29.00
NA BCL TD . 13.29 -57.17 -25.15
C1A BCL TD . 14.43 -56.59 -24.60
C2A BCL TD . 14.13 -55.97 -23.22
C3A BCL TD . 12.56 -55.78 -23.30
C4A BCL TD . 12.26 -56.77 -24.42
CMA BCL TD . 11.94 -56.35 -22.02
CAA BCL TD . 14.92 -54.70 -22.94
CBA BCL TD . 15.00 -53.75 -24.10
CGA BCL TD . 14.01 -52.63 -23.81
O1A BCL TD . 13.17 -52.68 -23.03
O2A BCL TD . 14.12 -51.57 -24.47
NB BCL TD . 11.21 -58.55 -26.79
C1B BCL TD . 10.48 -57.89 -25.84
C2B BCL TD . 9.16 -58.18 -26.09
C3B BCL TD . 9.05 -59.00 -27.16
C4B BCL TD . 10.39 -59.24 -27.63
CMB BCL TD . 8.12 -57.59 -25.19
CAB BCL TD . 7.77 -59.58 -27.81
OBB BCL TD . 7.80 -60.37 -28.69
CBB BCL TD . 6.35 -59.20 -27.45
NC BCL TD . 13.27 -59.55 -28.54
C1C BCL TD . 12.15 -60.06 -29.13
C2C BCL TD . 12.45 -60.59 -30.50
C3C BCL TD . 13.88 -60.99 -30.41
C4C BCL TD . 14.30 -59.96 -29.34
CMC BCL TD . 11.76 -61.93 -30.72
CAC BCL TD . 14.44 -60.74 -31.83
CBC BCL TD . 13.89 -59.54 -32.65
ND BCL TD . 15.08 -58.46 -27.07
C1D BCL TD . 16.00 -59.03 -27.94
C2D BCL TD . 17.33 -58.70 -27.64
C3D BCL TD . 17.21 -57.91 -26.57
C4D BCL TD . 15.86 -57.78 -26.25
CMD BCL TD . 18.55 -59.16 -28.38
CAD BCL TD . 18.02 -57.11 -25.59
OBD BCL TD . 19.30 -56.87 -25.49
CBD BCL TD . 16.99 -56.52 -24.56
CGD BCL TD . 17.13 -57.29 -23.23
O1D BCL TD . 16.76 -58.33 -23.05
O2D BCL TD . 17.67 -56.73 -22.25
CED BCL TD . 19.18 -56.97 -22.28
C1 BCL TD . 14.27 -50.25 -23.82
C2 BCL TD . 14.83 -50.33 -22.40
C3 BCL TD . 16.11 -50.46 -22.10
C4 BCL TD . 17.19 -50.51 -23.12
C5 BCL TD . 16.63 -50.52 -20.65
C6 BCL TD . 17.69 -49.45 -20.33
C7 BCL TD . 17.69 -49.34 -18.79
C8 BCL TD . 18.74 -50.12 -18.01
C9 BCL TD . 20.17 -49.97 -18.55
C10 BCL TD . 18.37 -51.60 -18.03
C11 BCL TD . 17.38 -51.95 -16.98
C12 BCL TD . 16.08 -52.11 -17.74
C13 BCL TD . 15.24 -53.29 -17.23
C14 BCL TD . 15.17 -53.22 -15.69
C15 BCL TD . 15.80 -54.62 -17.71
C16 BCL TD . 14.61 -55.54 -17.84
C17 BCL TD . 15.02 -56.84 -18.52
C18 BCL TD . 15.96 -57.70 -17.68
C19 BCL TD . 16.73 -58.50 -18.70
C20 BCL TD . 15.19 -58.71 -16.81
BA BA UD . 8.70 -65.23 -39.88
C1M CRT VD . 28.47 -40.05 -3.52
O1 CRT VD . 28.32 -40.98 -4.59
C1 CRT VD . 27.08 -41.02 -5.31
C2 CRT VD . 26.99 -40.39 -6.70
C3 CRT VD . 25.92 -41.78 -4.70
C4 CRT VD . 27.60 -42.32 -6.00
C5 CRT VD . 26.55 -43.12 -6.73
C6 CRT VD . 26.83 -44.04 -7.66
C7 CRT VD . 25.74 -44.77 -8.35
C8 CRT VD . 24.63 -45.37 -7.54
C9 CRT VD . 25.77 -44.89 -9.71
C10 CRT VD . 24.73 -45.56 -10.52
C11 CRT VD . 24.84 -45.81 -11.84
C12 CRT VD . 23.70 -46.48 -12.54
C13 CRT VD . 22.36 -46.40 -11.92
C14 CRT VD . 23.82 -47.15 -13.71
C15 CRT VD . 25.09 -47.27 -14.41
C16 CRT VD . 25.31 -47.59 -15.70
C17 CRT VD . 24.43 -47.96 -16.83
C18 CRT VD . 23.11 -48.67 -16.67
C19 CRT VD . 24.90 -47.65 -18.06
C20 CRT VD . 24.23 -47.97 -19.33
C21 CRT VD . 24.76 -47.56 -20.48
C22 CRT VD . 24.20 -47.87 -21.81
C23 CRT VD . 24.48 -47.13 -22.90
C24 CRT VD . 25.35 -45.91 -22.78
C25 CRT VD . 23.93 -47.53 -24.21
C26 CRT VD . 24.63 -47.37 -25.35
C27 CRT VD . 24.08 -47.78 -26.65
C28 CRT VD . 24.55 -47.36 -27.84
C29 CRT VD . 25.72 -46.41 -27.90
C30 CRT VD . 23.94 -47.84 -29.11
C31 CRT VD . 23.70 -47.07 -30.18
C32 CRT VD . 23.09 -47.77 -31.31
C33 CRT VD . 22.79 -47.30 -32.54
C34 CRT VD . 23.03 -45.88 -32.96
C35 CRT VD . 22.20 -48.28 -33.47
C36 CRT VD . 21.90 -48.03 -34.74
C37 CRT VD . 21.32 -49.16 -35.56
C38 CRT VD . 19.94 -48.80 -36.08
C39 CRT VD . 19.46 -49.85 -37.06
C40 CRT VD . 18.97 -48.67 -34.92
O2 CRT VD . 20.00 -47.53 -36.72
C2M CRT VD . 18.84 -47.01 -37.33
MG BCL WD . 20.76 -55.80 -31.65
CHA BCL WD . 19.45 -54.32 -29.00
CHB BCL WD . 23.68 -54.38 -31.00
CHC BCL WD . 21.93 -57.43 -34.40
CHD BCL WD . 17.63 -57.30 -32.28
NA BCL WD . 21.52 -54.66 -30.09
C1A BCL WD . 20.81 -54.18 -29.01
C2A BCL WD . 21.59 -53.10 -28.25
C3A BCL WD . 23.05 -53.35 -28.78
C4A BCL WD . 22.78 -54.26 -29.96
CMA BCL WD . 23.46 -52.02 -29.39
CAA BCL WD . 21.39 -53.16 -26.74
CBA BCL WD . 22.61 -52.90 -25.88
CGA BCL WD . 23.14 -51.50 -26.07
O1A BCL WD . 22.60 -50.61 -26.55
O2A BCL WD . 24.30 -51.32 -25.66
NB BCL WD . 22.47 -55.93 -32.58
C1B BCL WD . 23.57 -55.24 -32.12
C2B BCL WD . 24.62 -55.50 -32.96
C3B BCL WD . 24.20 -56.36 -33.95
C4B BCL WD . 22.81 -56.64 -33.71
CMB BCL WD . 25.93 -54.85 -32.65
CAB BCL WD . 25.03 -56.93 -35.11
OBB BCL WD . 24.61 -57.80 -35.79
CBB BCL WD . 26.40 -56.49 -35.54
NC BCL WD . 19.97 -57.23 -32.90
C1C BCL WD . 20.68 -57.83 -33.88
C2C BCL WD . 19.87 -58.95 -34.52
C3C BCL WD . 18.46 -58.60 -34.22
C4C BCL WD . 18.71 -57.77 -32.97
CMC BCL WD . 19.96 -58.85 -36.03
CAC BCL WD . 17.83 -59.94 -33.82
CBC BCL WD . 18.45 -60.52 -32.52
ND BCL WD . 18.96 -55.86 -30.92
C1D BCL WD . 17.76 -56.45 -31.18
C2D BCL WD . 16.73 -56.14 -30.28
C3D BCL WD . 17.36 -55.32 -29.45
C4D BCL WD . 18.70 -55.17 -29.84
CMD BCL WD . 15.30 -56.60 -30.28
CAD BCL WD . 17.13 -54.51 -28.22
OBD BCL WD . 16.09 -54.39 -27.47
CBD BCL WD . 18.50 -53.74 -27.95
CGD BCL WD . 18.28 -52.24 -28.24
O1D BCL WD . 17.66 -51.78 -29.05
O2D BCL WD . 18.84 -51.42 -27.49
CED BCL WD . 18.20 -51.54 -26.12
C1 BCL WD . 25.49 -51.37 -26.54
C2 BCL WD . 25.88 -52.77 -26.99
C3 BCL WD . 27.12 -53.17 -27.22
C4 BCL WD . 28.29 -52.27 -27.06
C5 BCL WD . 27.46 -54.61 -27.69
C6 BCL WD . 26.74 -54.96 -29.02
C7 BCL WD . 27.50 -56.16 -29.62
C8 BCL WD . 26.64 -57.25 -30.22
C9 BCL WD . 26.15 -58.28 -29.21
C10 BCL WD . 27.53 -57.93 -31.23
C11 BCL WD . 26.61 -58.62 -32.18
C12 BCL WD . 27.51 -59.42 -33.11
C13 BCL WD . 26.87 -60.81 -33.27
C14 BCL WD . 26.71 -61.41 -31.87
C15 BCL WD . 27.66 -61.76 -34.15
C16 BCL WD . 29.09 -61.74 -33.71
C17 BCL WD . 29.59 -63.16 -33.46
C18 BCL WD . 28.81 -64.31 -34.11
C19 BCL WD . 28.98 -65.47 -33.15
C20 BCL WD . 29.46 -64.76 -35.44
CAD PGW XD . 24.10 -26.76 -20.49
OAE PGW XD . 24.02 -27.41 -19.24
OAF PGW XD . 25.22 -28.64 -21.38
P PGW XD . 22.27 -26.01 -24.47
C01 PGW XD . 24.47 -22.04 -24.33
C1 PGW XD . 21.12 -21.03 -25.64
O01 PGW XD . 22.51 -21.10 -25.38
C02 PGW XD . 23.00 -22.25 -24.69
C2 PGW XD . 20.64 -21.11 -27.08
O02 PGW XD . 20.30 -20.90 -24.74
C03 PGW XD . 22.80 -23.56 -25.43
O03 PGW XD . 25.36 -22.23 -25.41
C04 PGW XD . 23.95 -27.32 -22.94
O04 PGW XD . 25.01 -20.10 -26.13
C05 PGW XD . 24.05 -27.85 -21.52
O11 PGW XD . 21.96 -24.45 -24.68
O12 PGW XD . 23.03 -26.26 -23.07
O13 PGW XD . 23.05 -26.60 -25.65
O14 PGW XD . 20.92 -26.74 -24.42
C19 PGW XD . 25.19 -21.26 -26.43
C20 PGW XD . 25.20 -21.70 -27.88
MG BCL YD . 25.97 -52.59 -36.66
CHA BCL YD . 28.34 -50.62 -35.47
CHB BCL YD . 24.10 -51.93 -34.00
CHC BCL YD . 23.66 -54.63 -38.01
CHD BCL YD . 27.96 -53.29 -39.47
NA BCL YD . 26.13 -51.28 -35.06
C1A BCL YD . 27.19 -50.44 -34.77
C2A BCL YD . 27.06 -49.86 -33.35
C3A BCL YD . 25.53 -50.06 -33.07
C4A BCL YD . 25.20 -51.09 -34.12
CMA BCL YD . 25.46 -50.89 -31.80
CAA BCL YD . 27.56 -48.44 -33.21
CBA BCL YD . 26.45 -47.42 -33.26
CGA BCL YD . 26.71 -46.29 -32.27
O1A BCL YD . 25.90 -45.73 -31.69
O2A BCL YD . 27.89 -45.94 -32.05
NB BCL YD . 24.18 -53.22 -36.15
C1B BCL YD . 23.58 -52.81 -34.99
C2B BCL YD . 22.35 -53.42 -34.94
C3B BCL YD . 22.18 -54.20 -36.05
C4B BCL YD . 23.36 -54.07 -36.82
CMB BCL YD . 21.47 -53.15 -33.75
CAB BCL YD . 20.97 -55.08 -36.45
OBB BCL YD . 21.02 -55.81 -37.38
CBB BCL YD . 19.64 -55.13 -35.76
NC BCL YD . 25.77 -53.46 -38.50
C1C BCL YD . 24.62 -54.11 -38.88
C2C BCL YD . 24.72 -54.69 -40.27
C3C BCL YD . 26.16 -54.63 -40.60
C4C BCL YD . 26.63 -53.59 -39.56
CMC BCL YD . 24.42 -56.17 -40.23
CAC BCL YD . 26.08 -54.09 -42.04
CBC BCL YD . 25.61 -52.63 -42.15
ND BCL YD . 27.70 -52.14 -37.40
C1D BCL YD . 28.45 -52.43 -38.51
C2D BCL YD . 29.70 -51.78 -38.52
C3D BCL YD . 29.68 -51.09 -37.36
C4D BCL YD . 28.47 -51.31 -36.71
CMD BCL YD . 30.78 -51.87 -39.57
CAD BCL YD . 30.49 -50.14 -36.51
OBD BCL YD . 31.69 -49.65 -36.63
CBD BCL YD . 29.60 -49.76 -35.27
CGD BCL YD . 30.33 -50.26 -33.99
O1D BCL YD . 31.29 -49.88 -33.60
O2D BCL YD . 29.81 -51.19 -33.32
CED BCL YD . 30.42 -52.56 -33.69
C1 BCL YD . 28.19 -44.49 -31.89
C2 BCL YD . 27.87 -43.94 -30.51
C3 BCL YD . 28.76 -43.44 -29.67
C4 BCL YD . 30.23 -43.37 -30.00
C5 BCL YD . 28.43 -42.89 -28.27
C6 BCL YD . 29.31 -43.63 -27.21
C7 BCL YD . 28.98 -42.98 -25.85
C8 BCL YD . 30.02 -41.99 -25.40
C9 BCL YD . 31.43 -42.36 -25.89
C10 BCL YD . 29.98 -42.01 -23.90
C11 BCL YD . 28.77 -41.25 -23.51
C12 BCL YD . 29.29 -39.93 -22.95
C13 BCL YD . 28.20 -39.31 -22.04
C14 BCL YD . 27.72 -40.45 -21.11
C15 BCL YD . 27.04 -38.71 -22.82
C16 BCL YD . 26.50 -37.53 -22.02
C17 BCL YD . 25.09 -37.16 -22.45
C18 BCL YD . 24.78 -35.70 -22.09
C19 BCL YD . 24.64 -35.69 -20.59
C20 BCL YD . 23.43 -35.20 -22.64
BA BA ZD . 20.49 -58.71 -48.84
C1M CRT AE . 38.41 -31.60 -17.13
O1 CRT AE . 39.10 -32.85 -17.15
C1 CRT AE . 40.08 -33.06 -16.12
C2 CRT AE . 39.61 -33.85 -14.92
C3 CRT AE . 41.52 -32.65 -16.36
C4 CRT AE . 40.58 -34.39 -16.71
C5 CRT AE . 39.54 -35.43 -17.09
C6 CRT AE . 39.55 -35.89 -18.35
C7 CRT AE . 38.61 -36.93 -18.84
C8 CRT AE . 37.94 -37.86 -17.89
C9 CRT AE . 38.42 -37.03 -20.17
C10 CRT AE . 37.53 -38.00 -20.81
C11 CRT AE . 37.55 -38.05 -22.13
C12 CRT AE . 36.72 -38.97 -22.93
C13 CRT AE . 35.76 -39.91 -22.28
C14 CRT AE . 36.88 -38.92 -24.27
C15 CRT AE . 36.17 -39.74 -25.27
C16 CRT AE . 36.42 -39.50 -26.56
C17 CRT AE . 35.74 -40.24 -27.62
C18 CRT AE . 35.04 -41.53 -27.34
C19 CRT AE . 35.79 -39.72 -28.86
C20 CRT AE . 35.21 -40.25 -30.10
C21 CRT AE . 35.24 -39.44 -31.17
C22 CRT AE . 34.71 -39.80 -32.49
C23 CRT AE . 34.66 -38.90 -33.48
C24 CRT AE . 35.09 -37.47 -33.29
C25 CRT AE . 34.11 -39.31 -34.78
C26 CRT AE . 34.11 -38.53 -35.85
C27 CRT AE . 33.50 -39.11 -37.06
C28 CRT AE . 33.22 -38.44 -38.20
C29 CRT AE . 33.50 -36.97 -38.34
C30 CRT AE . 32.58 -39.17 -39.31
C31 CRT AE . 31.82 -38.50 -40.16
C32 CRT AE . 31.17 -39.27 -41.20
C33 CRT AE . 30.64 -38.74 -42.31
C34 CRT AE . 30.68 -37.26 -42.55
C35 CRT AE . 30.00 -39.71 -43.26
C36 CRT AE . 29.46 -39.50 -44.45
C37 CRT AE . 28.86 -40.71 -45.13
C38 CRT AE . 27.34 -40.61 -45.15
C39 CRT AE . 26.73 -41.76 -45.95
C40 CRT AE . 26.73 -40.67 -43.75
O2 CRT AE . 26.96 -39.36 -45.74
C2M CRT AE . 25.67 -39.18 -46.33
MG BCL BE . 31.05 -47.28 -42.20
CHA BCL BE . 30.07 -46.51 -39.12
CHB BCL BE . 33.43 -45.01 -42.01
CHC BCL BE . 31.93 -48.21 -45.37
CHD BCL BE . 28.49 -49.71 -42.36
NA BCL BE . 31.78 -46.07 -40.69
C1A BCL BE . 31.24 -45.87 -39.43
C2A BCL BE . 31.85 -44.63 -38.75
C3A BCL BE . 33.16 -44.39 -39.62
C4A BCL BE . 32.87 -45.32 -40.78
CMA BCL BE . 33.11 -43.01 -40.28
CAA BCL BE . 31.98 -44.88 -37.24
CBA BCL BE . 33.11 -44.25 -36.45
CGA BCL BE . 33.40 -42.83 -36.91
O1A BCL BE . 32.67 -42.10 -37.41
O2A BCL BE . 34.56 -42.44 -36.70
NB BCL BE . 32.41 -46.74 -43.50
C1B BCL BE . 33.31 -45.76 -43.20
C2B BCL BE . 34.14 -45.59 -44.29
C3B BCL BE . 33.75 -46.47 -45.25
C4B BCL BE . 32.65 -47.21 -44.76
CMB BCL BE . 35.24 -44.55 -44.23
CAB BCL BE . 34.38 -46.67 -46.64
OBB BCL BE . 34.14 -47.64 -47.24
CBB BCL BE . 35.34 -45.74 -47.33
NC BCL BE . 30.36 -48.72 -43.51
C1C BCL BE . 30.98 -49.01 -44.71
C2C BCL BE . 30.22 -50.05 -45.48
C3C BCL BE . 28.95 -50.29 -44.75
C4C BCL BE . 29.29 -49.57 -43.45
CMC BCL BE . 29.69 -49.43 -46.75
CAC BCL BE . 28.98 -51.80 -44.53
CBC BCL BE . 30.19 -52.26 -43.71
ND BCL BE . 29.62 -48.01 -41.11
C1D BCL BE . 28.63 -48.96 -41.20
C2D BCL BE . 27.82 -49.08 -40.06
C3D BCL BE . 28.36 -48.16 -39.26
C4D BCL BE . 29.43 -47.52 -39.90
CMD BCL BE . 26.67 -50.02 -39.84
CAD BCL BE . 28.21 -47.54 -37.88
OBD BCL BE . 27.38 -47.80 -36.92
CBD BCL BE . 29.33 -46.43 -37.77
CGD BCL BE . 28.66 -45.03 -37.66
O1D BCL BE . 27.86 -44.63 -38.31
O2D BCL BE . 29.02 -44.23 -36.78
CED BCL BE . 28.90 -44.86 -35.41
C1 BCL BE . 35.66 -42.54 -37.69
C2 BCL BE . 36.12 -43.93 -38.05
C3 BCL BE . 36.77 -44.16 -39.17
C4 BCL BE . 37.10 -43.01 -40.07
C5 BCL BE . 37.30 -45.56 -39.61
C6 BCL BE . 36.82 -46.04 -41.00
C7 BCL BE . 37.35 -47.47 -41.16
C8 BCL BE . 38.32 -47.65 -42.30
C9 BCL BE . 39.39 -46.55 -42.35
C10 BCL BE . 37.47 -47.61 -43.55
C11 BCL BE . 38.02 -48.58 -44.55
C12 BCL BE . 36.86 -49.02 -45.42
C13 BCL BE . 37.37 -50.05 -46.44
C14 BCL BE . 36.50 -49.90 -47.69
C15 BCL BE . 37.31 -51.47 -45.92
C16 BCL BE . 37.96 -52.36 -46.94
C17 BCL BE . 39.41 -52.52 -46.54
C18 BCL BE . 40.19 -53.47 -47.46
C19 BCL BE . 41.40 -53.86 -46.67
C20 BCL BE . 40.70 -52.72 -48.72
MG BCL CE . 33.91 -41.69 -47.59
CHA BCL CE . 35.73 -39.02 -46.92
CHB BCL CE . 32.73 -41.63 -44.48
CHC BCL CE . 32.08 -44.42 -48.42
CHD BCL CE . 35.18 -41.72 -50.91
NA BCL CE . 34.09 -40.38 -45.97
C1A BCL CE . 34.85 -39.22 -45.90
C2A BCL CE . 34.99 -38.70 -44.45
C3A BCL CE . 33.88 -39.52 -43.70
C4A BCL CE . 33.48 -40.51 -44.78
CMA BCL CE . 34.55 -40.38 -42.62
CAA BCL CE . 34.87 -37.19 -44.38
CBA BCL CE . 35.17 -36.55 -43.05
CGA BCL CE . 34.24 -35.35 -42.84
O1A BCL CE . 33.41 -35.01 -43.54
O2A BCL CE . 34.40 -34.67 -41.82
NB BCL CE . 32.64 -42.85 -46.68
C1B BCL CE . 32.29 -42.64 -45.38
C2B BCL CE . 31.39 -43.61 -45.00
C3B BCL CE . 31.17 -44.42 -46.07
C4B BCL CE . 31.97 -43.94 -47.15
CMB BCL CE . 30.84 -43.61 -43.60
CAB BCL CE . 30.23 -45.64 -46.13
OBB BCL CE . 30.31 -46.44 -47.00
CBB BCL CE . 29.12 -45.95 -45.15
NC BCL CE . 33.56 -42.64 -49.39
C1C BCL CE . 32.71 -43.70 -49.48
C2C BCL CE . 32.42 -44.06 -50.91
C3C BCL CE . 33.57 -43.50 -51.67
C4C BCL CE . 34.04 -42.44 -50.66
CMC BCL CE . 32.55 -45.56 -51.12
CAC BCL CE . 32.84 -42.96 -52.90
CBC BCL CE . 32.31 -41.53 -52.79
ND BCL CE . 35.12 -40.69 -48.71
C1D BCL CE . 35.61 -40.72 -50.02
C2D BCL CE . 36.52 -39.70 -50.29
C3D BCL CE . 36.57 -39.03 -49.12
C4D BCL CE . 35.74 -39.65 -48.19
CMD BCL CE . 37.23 -39.43 -51.59
CAD BCL CE . 37.23 -37.85 -48.43
OBD BCL CE . 38.00 -36.90 -48.86
CBD BCL CE . 36.78 -37.91 -46.92
CGD BCL CE . 38.01 -38.32 -46.05
O1D BCL CE . 38.45 -39.33 -45.94
O2D BCL CE . 38.58 -37.44 -45.38
CED BCL CE . 39.87 -37.05 -46.06
C1 BCL CE . 34.78 -33.26 -41.93
C2 BCL CE . 35.87 -32.93 -40.90
C3 BCL CE . 35.61 -32.36 -39.73
C4 BCL CE . 34.21 -32.00 -39.37
C5 BCL CE . 36.70 -32.04 -38.67
C6 BCL CE . 37.90 -33.04 -38.80
C7 BCL CE . 38.51 -33.23 -37.40
C8 BCL CE . 38.80 -31.92 -36.70
C9 BCL CE . 39.86 -31.11 -37.45
C10 BCL CE . 39.26 -32.25 -35.30
C11 BCL CE . 39.42 -30.99 -34.52
C12 BCL CE . 38.73 -31.27 -33.21
C13 BCL CE . 37.28 -30.79 -33.37
C14 BCL CE . 37.29 -29.26 -33.30
C15 BCL CE . 36.38 -31.38 -32.31
C16 BCL CE . 35.77 -32.61 -32.93
C17 BCL CE . 34.27 -32.55 -32.76
C18 BCL CE . 33.47 -32.57 -34.07
C19 BCL CE . 32.04 -32.92 -33.74
C20 BCL CE . 33.99 -33.63 -35.08
BA BA DE . 28.10 -49.22 -59.17
C1M CRT EE . 47.06 -19.42 -26.19
O1 CRT EE . 46.88 -20.15 -27.41
C1 CRT EE . 45.56 -20.58 -27.76
C2 CRT EE . 44.76 -19.92 -28.88
C3 CRT EE . 45.01 -21.84 -27.08
C4 CRT EE . 46.31 -21.32 -28.87
C5 CRT EE . 45.84 -22.74 -29.16
C6 CRT EE . 45.47 -23.05 -30.39
C7 CRT EE . 44.99 -24.39 -30.78
C8 CRT EE . 45.18 -25.59 -29.92
C9 CRT EE . 44.35 -24.42 -31.96
C10 CRT EE . 43.75 -25.58 -32.61
C11 CRT EE . 43.21 -25.33 -33.80
C12 CRT EE . 42.53 -26.31 -34.66
C13 CRT EE . 41.69 -27.40 -34.07
C14 CRT EE . 42.66 -26.16 -35.98
C15 CRT EE . 42.02 -27.05 -36.93
C16 CRT EE . 42.01 -26.59 -38.18
C17 CRT EE . 41.39 -27.33 -39.29
C18 CRT EE . 41.55 -28.82 -39.43
C19 CRT EE . 40.69 -26.61 -40.17
C20 CRT EE . 40.01 -27.21 -41.32
C21 CRT EE . 39.87 -26.50 -42.45
C22 CRT EE . 39.18 -27.08 -43.59
C23 CRT EE . 38.72 -26.25 -44.54
C24 CRT EE . 38.95 -24.78 -44.39
C25 CRT EE . 37.97 -26.79 -45.69
C26 CRT EE . 37.10 -25.96 -46.29
C27 CRT EE . 36.26 -26.41 -47.40
C28 CRT EE . 35.52 -25.62 -48.17
C29 CRT EE . 35.50 -24.13 -48.02
C30 CRT EE . 34.70 -26.28 -49.22
C31 CRT EE . 33.73 -25.72 -49.95
C32 CRT EE . 33.11 -26.65 -50.89
C33 CRT EE . 32.13 -26.37 -51.75
C34 CRT EE . 31.54 -24.99 -51.88
C35 CRT EE . 31.70 -27.51 -52.59
C36 CRT EE . 30.58 -27.61 -53.31
C37 CRT EE . 30.43 -28.92 -54.07
C38 CRT EE . 28.98 -29.36 -54.25
C39 CRT EE . 28.72 -29.95 -55.65
C40 CRT EE . 28.65 -30.41 -53.22
O2 CRT EE . 28.16 -28.22 -54.02
C2M CRT EE . 26.82 -28.17 -54.50
MG BCL FE . 35.26 -34.72 -53.54
CHA BCL FE . 35.06 -34.47 -50.25
CHB BCL FE . 36.80 -31.80 -53.66
CHC BCL FE . 35.41 -35.14 -56.92
CHD BCL FE . 33.62 -37.85 -53.38
NA BCL FE . 35.97 -33.38 -52.12
C1A BCL FE . 35.76 -33.44 -50.76
C2A BCL FE . 36.17 -32.13 -50.04
C3A BCL FE . 36.90 -31.35 -51.20
C4A BCL FE . 36.70 -32.30 -52.37
CMA BCL FE . 36.05 -30.12 -51.55
CAA BCL FE . 36.92 -32.43 -48.73
CBA BCL FE . 38.05 -31.58 -48.26
CGA BCL FE . 37.80 -30.13 -48.60
O1A BCL FE . 36.93 -29.47 -48.26
O2A BCL FE . 38.64 -29.63 -49.38
NB BCL FE . 35.96 -33.70 -55.05
C1B BCL FE . 36.57 -32.49 -54.86
C2B BCL FE . 36.96 -32.00 -56.09
C3B BCL FE . 36.58 -32.90 -57.05
C4B BCL FE . 35.95 -34.00 -56.39
CMB BCL FE . 37.65 -30.68 -56.14
CAB BCL FE . 36.81 -32.80 -58.57
OBB BCL FE . 36.76 -33.77 -59.25
CBB BCL FE . 37.09 -31.53 -59.33
NC BCL FE . 34.75 -36.28 -54.80
C1C BCL FE . 34.90 -36.21 -56.15
C2C BCL FE . 34.63 -37.53 -56.81
C3C BCL FE . 33.74 -38.23 -55.84
C4C BCL FE . 34.20 -37.52 -54.56
CMC BCL FE . 33.75 -37.36 -58.03
CAC BCL FE . 34.28 -39.66 -55.92
CBC BCL FE . 35.78 -39.71 -55.65
ND BCL FE . 34.50 -35.94 -52.23
C1D BCL FE . 33.86 -37.16 -52.19
C2D BCL FE . 33.51 -37.57 -50.90
C3D BCL FE . 33.96 -36.56 -50.13
C4D BCL FE . 34.55 -35.60 -50.95
CMD BCL FE . 32.81 -38.83 -50.47
CAD BCL FE . 34.04 -36.09 -48.71
OBD BCL FE . 33.65 -36.62 -47.59
CBD BCL FE . 34.77 -34.70 -48.76
CGD BCL FE . 33.72 -33.65 -48.42
O1D BCL FE . 32.67 -33.68 -48.76
O2D BCL FE . 34.03 -32.67 -47.72
CED BCL FE . 34.10 -33.08 -46.25
C1 BCL FE . 39.42 -28.42 -49.06
C2 BCL FE . 40.92 -28.56 -49.27
C3 BCL FE . 41.57 -28.65 -50.42
C4 BCL FE . 43.06 -28.77 -50.44
C5 BCL FE . 40.88 -28.65 -51.81
C6 BCL FE . 40.65 -30.10 -52.31
C7 BCL FE . 41.06 -30.14 -53.79
C8 BCL FE . 40.80 -31.47 -54.45
C9 BCL FE . 41.63 -32.61 -53.86
C10 BCL FE . 41.16 -31.26 -55.89
C11 BCL FE . 40.68 -32.42 -56.67
C12 BCL FE . 41.91 -32.87 -57.48
C13 BCL FE . 41.69 -34.32 -57.95
C14 BCL FE . 41.24 -35.16 -56.75
C15 BCL FE . 42.93 -34.97 -58.57
C16 BCL FE . 42.46 -36.27 -59.14
C17 BCL FE . 43.62 -37.01 -59.75
C18 BCL FE . 43.81 -36.70 -61.24
C19 BCL FE . 42.47 -36.88 -61.91
C20 BCL FE . 44.77 -37.68 -61.94
MG BCL GE . 34.75 -27.41 -58.17
CHA BCL GE . 35.66 -24.39 -57.08
CHB BCL GE . 34.44 -28.41 -55.07
CHC BCL GE . 33.83 -30.43 -59.44
CHD BCL GE . 35.11 -26.26 -61.50
NA BCL GE . 35.08 -26.52 -56.33
C1A BCL GE . 35.35 -25.21 -56.06
C2A BCL GE . 35.54 -24.94 -54.55
C3A BCL GE . 34.99 -26.29 -53.94
C4A BCL GE . 35.05 -27.18 -55.17
CMA BCL GE . 36.01 -26.86 -52.94
CAA BCL GE . 34.81 -23.69 -54.09
CBA BCL GE . 34.91 -23.38 -52.61
CGA BCL GE . 34.21 -22.05 -52.34
O1A BCL GE . 33.09 -21.86 -52.45
O2A BCL GE . 34.92 -21.11 -51.98
NB BCL GE . 34.21 -29.15 -57.43
C1B BCL GE . 34.15 -29.34 -56.09
C2B BCL GE . 33.76 -30.63 -55.86
C3B BCL GE . 33.57 -31.25 -57.06
C4B BCL GE . 33.87 -30.30 -58.07
CMB BCL GE . 33.60 -31.13 -54.45
CAB BCL GE . 33.13 -32.71 -57.28
OBB BCL GE . 33.43 -33.30 -58.25
CBB BCL GE . 32.29 -33.55 -56.36
NC BCL GE . 34.38 -28.07 -60.09
C1C BCL GE . 33.94 -29.35 -60.32
C2C BCL GE . 33.60 -29.55 -61.77
C3C BCL GE . 34.32 -28.45 -62.48
C4C BCL GE . 34.48 -27.47 -61.32
CMC BCL GE . 34.30 -30.81 -62.23
CAC BCL GE . 33.28 -27.99 -63.52
CBC BCL GE . 31.97 -27.48 -62.90
ND BCL GE . 35.24 -25.80 -59.15
C1D BCL GE . 35.38 -25.39 -60.46
C2D BCL GE . 35.78 -24.04 -60.58
C3D BCL GE . 35.90 -23.63 -59.29
C4D BCL GE . 35.57 -24.71 -58.46
CMD BCL GE . 36.02 -23.29 -61.85
CAD BCL GE . 36.25 -22.45 -58.41
OBD BCL GE . 36.62 -21.21 -58.63
CBD BCL GE . 36.10 -22.94 -56.92
CGD BCL GE . 37.53 -22.96 -56.32
O1D BCL GE . 38.23 -22.10 -56.29
O2D BCL GE . 37.97 -24.02 -55.82
CED BCL GE . 39.13 -24.62 -56.62
C1 BCL GE . 34.81 -20.51 -50.64
C2 BCL GE . 35.80 -19.37 -50.45
C3 BCL GE . 36.97 -19.47 -49.84
C4 BCL GE . 37.45 -20.75 -49.23
C5 BCL GE . 37.94 -18.28 -49.70
C6 BCL GE . 38.68 -18.39 -48.35
C7 BCL GE . 38.14 -17.26 -47.44
C8 BCL GE . 39.19 -16.54 -46.61
C9 BCL GE . 40.15 -17.46 -45.86
C10 BCL GE . 38.37 -15.74 -45.63
C11 BCL GE . 39.24 -15.40 -44.49
C12 BCL GE . 38.28 -15.52 -43.30
C13 BCL GE . 38.81 -16.57 -42.31
C14 BCL GE . 40.33 -16.41 -42.13
C15 BCL GE . 38.46 -17.97 -42.75
C16 BCL GE . 36.98 -17.98 -43.03
C17 BCL GE . 36.44 -19.34 -42.66
C18 BCL GE . 36.69 -20.32 -43.81
C19 BCL GE . 35.37 -21.06 -43.95
C20 BCL GE . 37.79 -21.34 -43.47
BA BA HE . 28.48 -35.13 -69.81
C1M CRT IE . 41.21 -4.95 -38.79
O1 CRT IE . 42.45 -5.40 -39.34
C1 CRT IE . 43.70 -4.80 -38.94
C2 CRT IE . 43.81 -3.37 -39.45
C3 CRT IE . 43.81 -4.77 -37.43
C4 CRT IE . 44.86 -5.60 -39.52
C5 CRT IE . 44.56 -7.00 -40.00
C6 CRT IE . 43.83 -7.32 -41.09
C7 CRT IE . 43.69 -8.75 -41.47
C8 CRT IE . 44.22 -9.82 -40.56
C9 CRT IE . 43.16 -9.09 -42.67
C10 CRT IE . 43.08 -10.49 -43.10
C11 CRT IE . 42.44 -11.09 -44.13
C12 CRT IE . 41.45 -10.57 -45.10
C13 CRT IE . 40.58 -9.42 -44.73
C14 CRT IE . 41.27 -11.19 -46.29
C15 CRT IE . 40.26 -10.76 -47.28
C16 CRT IE . 39.78 -11.69 -48.12
C17 CRT IE . 38.70 -11.51 -49.14
C18 CRT IE . 37.93 -10.24 -49.17
C19 CRT IE . 38.39 -12.50 -49.99
C20 CRT IE . 37.32 -12.57 -51.03
C21 CRT IE . 36.71 -11.65 -51.79
C22 CRT IE . 35.66 -12.12 -52.73
C23 CRT IE . 34.90 -11.33 -53.53
C24 CRT IE . 35.09 -9.83 -53.55
C25 CRT IE . 33.92 -11.96 -54.45
C26 CRT IE . 32.81 -11.38 -54.94
C27 CRT IE . 31.96 -12.16 -55.87
C28 CRT IE . 30.73 -11.81 -56.29
C29 CRT IE . 30.08 -10.57 -55.79
C30 CRT IE . 30.04 -12.71 -57.26
C31 CRT IE . 28.77 -12.61 -57.71
C32 CRT IE . 28.35 -13.63 -58.69
C33 CRT IE . 27.25 -13.69 -59.48
C34 CRT IE . 26.17 -12.66 -59.51
C35 CRT IE . 27.16 -14.85 -60.39
C36 CRT IE . 26.03 -15.26 -60.97
C37 CRT IE . 26.12 -16.46 -61.88
C38 CRT IE . 24.96 -17.45 -61.84
C39 CRT IE . 24.73 -18.07 -63.22
C40 CRT IE . 25.30 -18.50 -60.83
O2 CRT IE . 23.72 -16.87 -61.45
C2M CRT IE . 22.54 -17.68 -61.45
MG BCL JE . 32.58 -19.88 -62.72
CHA BCL JE . 33.03 -20.05 -59.39
CHB BCL JE . 32.98 -16.61 -62.64
CHC BCL JE . 32.11 -19.96 -66.09
CHD BCL JE . 32.18 -23.38 -62.78
NA BCL JE . 33.00 -18.53 -61.20
C1A BCL JE . 33.17 -18.77 -59.84
C2A BCL JE . 33.35 -17.48 -59.01
C3A BCL JE . 33.56 -16.41 -60.16
C4A BCL JE . 33.14 -17.20 -61.38
CMA BCL JE . 32.44 -15.40 -59.97
CAA BCL JE . 34.45 -17.53 -57.95
CBA BCL JE . 35.35 -16.32 -57.86
CGA BCL JE . 34.64 -15.14 -57.18
O1A BCL JE . 33.59 -15.15 -56.76
O2A BCL JE . 35.29 -14.09 -57.07
NB BCL JE . 32.54 -18.56 -64.16
C1B BCL JE . 32.73 -17.24 -63.90
C2B BCL JE . 32.64 -16.55 -65.10
C3B BCL JE . 32.40 -17.45 -66.09
C4B BCL JE . 32.33 -18.74 -65.50
CMB BCL JE . 32.81 -15.06 -65.12
CAB BCL JE . 32.22 -17.20 -67.60
OBB BCL JE . 32.06 -18.11 -68.32
CBB BCL JE . 32.22 -15.88 -68.32
NC BCL JE . 32.43 -21.41 -64.11
C1C BCL JE . 32.38 -21.20 -65.46
C2C BCL JE . 32.36 -22.49 -66.24
C3C BCL JE . 31.96 -23.53 -65.25
C4C BCL JE . 32.34 -22.77 -63.97
CMC BCL JE . 31.20 -22.45 -67.19
CAC BCL JE . 32.96 -24.67 -65.45
CBC BCL JE . 32.65 -25.62 -66.59
ND BCL JE . 32.59 -21.39 -61.51
C1D BCL JE . 32.42 -22.75 -61.59
C2D BCL JE . 32.51 -23.41 -60.37
C3D BCL JE . 32.74 -22.40 -59.51
C4D BCL JE . 32.78 -21.20 -60.22
CMD BCL JE . 32.37 -24.88 -60.18
CAD BCL JE . 32.99 -22.09 -58.06
OBD BCL JE . 33.06 -22.88 -57.03
CBD BCL JE . 33.19 -20.52 -57.94
CGD BCL JE . 32.02 -19.88 -57.13
O1D BCL JE . 30.96 -19.95 -57.41
O2D BCL JE . 32.20 -19.21 -56.08
CED BCL JE . 33.08 -19.95 -55.07
C1 BCL JE . 35.31 -13.02 -58.09
C2 BCL JE . 35.26 -13.46 -59.56
C3 BCL JE . 36.25 -13.42 -60.43
C4 BCL JE . 37.64 -12.94 -60.09
C5 BCL JE . 36.08 -13.89 -61.89
C6 BCL JE . 37.09 -14.99 -62.28
C7 BCL JE . 36.26 -16.18 -62.75
C8 BCL JE . 36.82 -16.88 -63.95
C9 BCL JE . 38.35 -16.98 -63.90
C10 BCL JE . 36.37 -16.03 -65.10
C11 BCL JE . 35.80 -16.96 -66.12
C12 BCL JE . 36.77 -16.92 -67.29
C13 BCL JE . 35.92 -16.66 -68.55
C14 BCL JE . 36.61 -17.36 -69.73
C15 BCL JE . 35.72 -15.17 -68.81
C16 BCL JE . 36.94 -14.42 -68.35
C17 BCL JE . 37.16 -13.29 -69.34
C18 BCL JE . 38.52 -12.56 -69.25
C19 BCL JE . 39.00 -12.39 -70.68
C20 BCL JE . 39.63 -13.35 -68.54
MG BCL KE . 28.41 -14.08 -66.54
CHA BCL KE . 28.72 -10.96 -65.42
CHB BCL KE . 29.32 -15.25 -63.62
CHC BCL KE . 28.04 -17.15 -67.88
CHD BCL KE . 27.44 -12.85 -69.67
NA BCL KE . 28.89 -13.20 -64.74
C1A BCL KE . 28.82 -11.85 -64.42
C2A BCL KE . 29.43 -11.58 -63.04
C3A BCL KE . 29.46 -13.03 -62.42
C4A BCL KE . 29.31 -13.86 -63.67
CMA BCL KE . 30.89 -13.29 -61.99
CAA BCL KE . 28.64 -10.54 -62.27
CBA BCL KE . 28.67 -10.61 -60.76
CGA BCL KE . 27.74 -9.57 -60.18
O1A BCL KE . 26.60 -9.57 -60.27
O2A BCL KE . 28.28 -8.61 -59.57
NB BCL KE . 28.63 -15.91 -65.91
C1B BCL KE . 29.03 -16.18 -64.65
C2B BCL KE . 29.08 -17.56 -64.53
C3B BCL KE . 28.73 -18.14 -65.70
C4B BCL KE . 28.44 -17.08 -66.58
CMB BCL KE . 29.48 -18.17 -63.23
CAB BCL KE . 28.62 -19.64 -66.09
OBB BCL KE . 28.58 -20.01 -67.23
CBB BCL KE . 28.52 -20.78 -65.11
NC BCL KE . 27.57 -14.76 -68.29
C1C BCL KE . 27.39 -16.09 -68.51
C2C BCL KE . 26.71 -16.39 -69.80
C3C BCL KE . 26.80 -15.12 -70.54
C4C BCL KE . 27.09 -14.13 -69.39
CMC BCL KE . 27.64 -17.32 -70.52
CAC BCL KE . 25.37 -15.05 -71.13
CBC BCL KE . 24.27 -14.72 -70.12
ND BCL KE . 28.12 -12.38 -67.43
C1D BCL KE . 27.74 -11.92 -68.68
C2D BCL KE . 27.69 -10.52 -68.77
C3D BCL KE . 28.07 -10.13 -67.54
C4D BCL KE . 28.32 -11.26 -66.75
CMD BCL KE . 27.33 -9.65 -69.94
CAD BCL KE . 28.31 -8.91 -66.69
OBD BCL KE . 28.30 -7.63 -66.99
CBD BCL KE . 28.63 -9.44 -65.24
CGD BCL KE . 30.05 -8.95 -64.90
O1D BCL KE . 30.97 -9.06 -65.54
O2D BCL KE . 30.27 -8.35 -63.81
CED BCL KE . 30.68 -6.89 -64.09
C1 BCL KE . 28.04 -8.24 -58.17
C2 BCL KE . 28.56 -6.81 -58.02
C3 BCL KE . 28.47 -6.04 -56.97
C4 BCL KE . 27.82 -6.49 -55.69
C5 BCL KE . 29.03 -4.60 -56.93
C6 BCL KE . 30.10 -4.54 -55.81
C7 BCL KE . 31.23 -5.41 -56.32
C8 BCL KE . 32.10 -6.03 -55.25
C9 BCL KE . 33.29 -6.76 -55.84
C10 BCL KE . 31.15 -6.98 -54.52
C11 BCL KE . 31.68 -7.33 -53.16
C12 BCL KE . 30.92 -6.47 -52.16
C13 BCL KE . 31.69 -6.43 -50.82
C14 BCL KE . 31.19 -5.22 -50.03
C15 BCL KE . 33.21 -6.38 -51.01
C16 BCL KE . 33.60 -4.98 -51.37
C17 BCL KE . 35.00 -4.98 -51.95
C18 BCL KE . 35.76 -3.68 -51.70
C19 BCL KE . 35.39 -2.75 -52.84
C20 BCL KE . 37.28 -3.88 -51.79
BA BA LE . 21.27 -21.99 -76.69
C1M CRT ME . 33.28 8.76 -45.08
O1 CRT ME . 34.03 8.43 -46.26
C1 CRT ME . 35.41 8.78 -46.37
C2 CRT ME . 35.60 10.28 -46.12
C3 CRT ME . 36.14 8.00 -45.28
C4 CRT ME . 35.96 8.48 -47.78
C5 CRT ME . 35.76 7.06 -48.29
C6 CRT ME . 35.23 6.85 -49.50
C7 CRT ME . 35.06 5.50 -50.09
C8 CRT ME . 36.06 4.43 -49.81
C9 CRT ME . 34.02 5.23 -50.91
C10 CRT ME . 33.81 3.92 -51.52
C11 CRT ME . 33.00 3.81 -52.59
C12 CRT ME . 32.66 2.57 -53.35
C13 CRT ME . 33.43 1.29 -53.23
C14 CRT ME . 31.63 2.68 -54.20
C15 CRT ME . 31.06 1.64 -55.06
C16 CRT ME . 30.42 2.06 -56.16
C17 CRT ME . 29.74 1.16 -57.12
C18 CRT ME . 30.38 -0.07 -57.68
C19 CRT ME . 28.51 1.55 -57.44
C20 CRT ME . 27.57 0.89 -58.33
C21 CRT ME . 26.44 1.54 -58.60
C22 CRT ME . 25.44 0.90 -59.46
C23 CRT ME . 24.36 1.52 -59.95
C24 CRT ME . 24.09 2.99 -59.71
C25 CRT ME . 23.49 0.66 -60.77
C26 CRT ME . 22.25 0.95 -61.15
C27 CRT ME . 21.56 -0.07 -61.93
C28 CRT ME . 20.25 -0.04 -62.18
C29 CRT ME . 19.41 1.08 -61.64
C30 CRT ME . 19.63 -1.11 -62.95
C31 CRT ME . 18.37 -1.45 -62.78
C32 CRT ME . 17.98 -2.54 -63.64
C33 CRT ME . 16.75 -2.98 -63.88
C34 CRT ME . 15.55 -2.34 -63.25
C35 CRT ME . 16.68 -4.11 -64.83
C36 CRT ME . 15.58 -4.69 -65.34
C37 CRT ME . 15.83 -5.83 -66.31
C38 CRT ME . 15.23 -7.14 -65.81
C39 CRT ME . 16.05 -8.30 -66.35
C40 CRT ME . 15.22 -7.17 -64.28
O2 CRT ME . 13.90 -7.27 -66.30
C2M CRT ME . 13.11 -8.37 -65.87
MG BCL NE . 22.64 -7.03 -69.22
CHA BCL NE . 24.19 -7.30 -66.27
CHB BCL NE . 22.14 -3.84 -68.68
CHC BCL NE . 21.10 -6.97 -72.25
CHD BCL NE . 23.20 -10.50 -69.78
NA BCL NE . 22.93 -5.78 -67.58
C1A BCL NE . 23.55 -6.09 -66.36
C2A BCL NE . 23.67 -4.84 -65.47
C3A BCL NE . 23.09 -3.68 -66.38
C4A BCL NE . 22.53 -4.50 -67.52
CMA BCL NE . 21.87 -3.06 -65.71
CAA BCL NE . 25.10 -4.59 -64.99
CBA BCL NE . 25.55 -3.16 -64.91
CGA BCL NE . 24.83 -2.45 -63.79
O1A BCL NE . 24.12 -2.94 -63.06
O2A BCL NE . 25.01 -1.22 -63.68
NB BCL NE . 21.76 -5.69 -70.33
C1B BCL NE . 21.67 -4.40 -69.91
C2B BCL NE . 21.01 -3.69 -70.88
C3B BCL NE . 20.68 -4.51 -71.91
C4B BCL NE . 21.18 -5.80 -71.56
CMB BCL NE . 20.78 -2.22 -70.66
CAB BCL NE . 19.94 -4.12 -73.21
OBB BCL NE . 19.76 -4.92 -74.05
CBB BCL NE . 19.41 -2.77 -73.59
NC BCL NE . 22.20 -8.49 -70.61
C1C BCL NE . 21.60 -8.20 -71.80
C2C BCL NE . 21.66 -9.37 -72.77
C3C BCL NE . 22.00 -10.55 -71.93
C4C BCL NE . 22.39 -9.85 -70.64
CMC BCL NE . 20.25 -9.66 -73.25
CAC BCL NE . 23.26 -11.10 -72.61
CBC BCL NE . 23.05 -11.90 -73.90
ND BCL NE . 23.44 -8.57 -68.36
C1D BCL NE . 23.64 -9.91 -68.62
C2D BCL NE . 24.31 -10.59 -67.60
C3D BCL NE . 24.53 -9.63 -66.70
C4D BCL NE . 24.00 -8.41 -67.17
CMD BCL NE . 24.66 -12.05 -67.61
CAD BCL NE . 25.15 -9.38 -65.37
OBD BCL NE . 25.75 -10.21 -64.60
CBD BCL NE . 24.97 -7.81 -65.05
CGD BCL NE . 24.12 -7.54 -63.77
O1D BCL NE . 23.04 -7.25 -63.76
O2D BCL NE . 24.58 -7.61 -62.59
CED BCL NE . 25.80 -6.71 -62.39
C1 BCL NE . 23.99 -0.28 -64.18
C2 BCL NE . 24.55 0.88 -65.00
C3 BCL NE . 24.76 0.85 -66.31
C4 BCL NE . 25.32 2.02 -67.08
C5 BCL NE . 24.44 -0.38 -67.19
C6 BCL NE . 25.25 -0.25 -68.50
C7 BCL NE . 24.63 -1.26 -69.49
C8 BCL NE . 24.40 -0.71 -70.86
C9 BCL NE . 23.17 0.20 -70.95
C10 BCL NE . 24.25 -1.94 -71.68
C11 BCL NE . 24.10 -1.47 -73.08
C12 BCL NE . 25.18 -2.21 -73.88
C13 BCL NE . 24.68 -2.40 -75.32
C14 BCL NE . 23.78 -3.64 -75.36
C15 BCL NE . 25.84 -2.60 -76.27
C16 BCL NE . 25.21 -2.68 -77.63
C17 BCL NE . 26.03 -3.63 -78.48
C18 BCL NE . 25.67 -3.57 -79.97
C19 BCL NE . 24.48 -4.46 -80.20
C20 BCL NE . 26.82 -4.14 -80.82
MG BCL OE . 16.38 -1.75 -70.61
CHA BCL OE . 16.10 1.31 -69.22
CHB BCL OE . 18.08 -2.77 -67.99
CHC BCL OE . 16.58 -4.76 -72.17
CHD BCL OE . 14.55 -0.58 -73.42
NA BCL OE . 17.03 -0.82 -68.88
C1A BCL OE . 16.82 0.46 -68.44
C2A BCL OE . 17.84 0.87 -67.38
C3A BCL OE . 18.53 -0.51 -67.02
C4A BCL OE . 17.79 -1.41 -67.96
CMA BCL OE . 19.97 -0.52 -67.54
CAA BCL OE . 17.09 1.58 -66.25
CBA BCL OE . 17.82 1.78 -64.96
CGA BCL OE . 16.78 1.69 -63.86
O1A BCL OE . 16.30 0.73 -63.48
O2A BCL OE . 16.42 2.77 -63.35
NB BCL OE . 17.16 -3.49 -70.21
C1B BCL OE . 17.83 -3.69 -69.05
C2B BCL OE . 18.27 -5.00 -69.03
C3B BCL OE . 17.88 -5.61 -70.18
C4B BCL OE . 17.17 -4.64 -70.95
CMB BCL OE . 19.04 -5.47 -67.84
CAB BCL OE . 18.15 -7.06 -70.62
OBB BCL OE . 17.88 -7.42 -71.70
CBB BCL OE . 18.76 -8.16 -69.80
NC BCL OE . 15.66 -2.45 -72.41
C1C BCL OE . 15.84 -3.74 -72.80
C2C BCL OE . 14.80 -4.16 -73.81
C3C BCL OE . 14.41 -2.87 -74.45
C4C BCL OE . 14.97 -1.86 -73.44
CMC BCL OE . 15.49 -4.95 -74.89
CAC BCL OE . 12.88 -2.97 -74.36
CBC BCL OE . 12.24 -3.84 -75.46
ND BCL OE . 15.52 -0.12 -71.25
C1D BCL OE . 14.80 0.30 -72.37
C2D BCL OE . 14.40 1.64 -72.30
C3D BCL OE . 14.87 2.04 -71.12
C4D BCL OE . 15.55 0.98 -70.50
CMD BCL OE . 13.62 2.41 -73.32
CAD BCL OE . 14.96 3.25 -70.20
OBD BCL OE . 14.43 4.43 -70.29
CBD BCL OE . 15.88 2.82 -68.96
CGD BCL OE . 17.21 3.66 -69.08
O1D BCL OE . 17.27 4.77 -69.17
O2D BCL OE . 18.33 3.09 -69.10
CED BCL OE . 19.35 3.77 -68.18
C1 BCL OE . 16.49 3.01 -61.90
C2 BCL OE . 17.47 4.14 -61.56
C3 BCL OE . 18.16 4.27 -60.45
C4 BCL OE . 19.10 5.43 -60.27
C5 BCL OE . 18.09 3.27 -59.26
C6 BCL OE . 19.50 3.10 -58.63
C7 BCL OE . 19.42 1.94 -57.63
C8 BCL OE . 20.19 2.19 -56.37
C9 BCL OE . 21.71 2.29 -56.57
C10 BCL OE . 19.89 1.01 -55.50
C11 BCL OE . 19.24 1.60 -54.31
C12 BCL OE . 19.10 0.46 -53.31
C13 BCL OE . 18.17 0.87 -52.13
C14 BCL OE . 18.68 2.18 -51.50
C15 BCL OE . 18.16 -0.28 -51.14
C16 BCL OE . 17.21 -0.02 -50.00
C17 BCL OE . 17.90 -0.38 -48.69
C18 BCL OE . 17.70 -1.81 -48.16
C19 BCL OE . 16.32 -1.88 -47.56
C20 BCL OE . 18.72 -2.16 -47.05
BA BA PE . 10.12 -11.18 -80.02
C1M CRT QE . 20.38 20.25 -48.23
O1 CRT QE . 20.87 20.53 -49.53
C1 CRT QE . 22.27 20.67 -49.82
C2 CRT QE . 22.81 21.94 -49.21
C3 CRT QE . 23.01 19.51 -49.18
C4 CRT QE . 22.50 20.72 -51.35
C5 CRT QE . 22.72 19.37 -52.03
C6 CRT QE . 22.19 19.13 -53.23
C7 CRT QE . 22.38 17.84 -53.97
C8 CRT QE . 23.71 17.15 -54.04
C9 CRT QE . 21.33 17.30 -54.63
C10 CRT QE . 21.41 16.04 -55.38
C11 CRT QE . 20.35 15.65 -56.08
C12 CRT QE . 20.23 14.41 -56.88
C13 CRT QE . 21.22 13.29 -56.76
C14 CRT QE . 19.16 14.34 -57.69
C15 CRT QE . 18.75 13.23 -58.56
C16 CRT QE . 17.50 13.36 -59.04
C17 CRT QE . 16.76 12.42 -59.89
C18 CRT QE . 17.41 11.24 -60.55
C19 CRT QE . 15.44 12.65 -60.03
C20 CRT QE . 14.51 11.82 -60.79
C21 CRT QE . 13.21 11.98 -60.60
C22 CRT QE . 12.27 11.14 -61.33
C23 CRT QE . 10.93 11.27 -61.33
C24 CRT QE . 10.25 12.37 -60.58
C25 CRT QE . 10.16 10.28 -62.12
C26 CRT QE . 8.84 10.28 -62.34
C27 CRT QE . 8.29 9.20 -63.15
C28 CRT QE . 6.97 9.07 -63.32
C29 CRT QE . 6.03 10.03 -62.69
C30 CRT QE . 6.45 7.96 -64.15
C31 CRT QE . 5.18 7.57 -64.22
C32 CRT QE . 4.93 6.42 -65.11
C33 CRT QE . 3.78 5.76 -65.32
C34 CRT QE . 2.49 6.13 -64.65
C35 CRT QE . 3.85 4.62 -66.27
C36 CRT QE . 2.85 3.80 -66.55
C37 CRT QE . 3.10 2.69 -67.55
C38 CRT QE . 2.75 1.35 -66.93
C39 CRT QE . 3.35 0.20 -67.72
C40 CRT QE . 3.27 1.28 -65.51
O2 CRT QE . 1.34 1.24 -66.91
C2M CRT QE . 0.74 -0.01 -66.59
MG BCL RE . 9.61 3.13 -71.31
CHA BCL RE . 11.66 3.10 -68.69
CHB BCL RE . 8.58 6.13 -70.44
CHC BCL RE . 7.58 3.00 -74.03
CHD BCL RE . 10.76 -0.13 -72.20
NA BCL RE . 9.97 4.37 -69.66
C1A BCL RE . 10.82 4.17 -68.59
C2A BCL RE . 10.74 5.31 -67.55
C3A BCL RE . 9.87 6.39 -68.31
C4A BCL RE . 9.37 5.55 -69.47
CMA BCL RE . 8.59 6.67 -67.52
CAA BCL RE . 12.08 5.83 -67.05
CBA BCL RE . 12.28 7.33 -67.14
CGA BCL RE . 11.52 8.12 -66.07
O1A BCL RE . 11.06 7.73 -65.10
O2A BCL RE . 11.37 9.34 -66.33
NB BCL RE . 8.30 4.31 -72.14
C1B BCL RE . 8.02 5.53 -71.61
C2B BCL RE . 7.06 6.13 -72.40
C3B BCL RE . 6.75 5.30 -73.41
C4B BCL RE . 7.54 4.12 -73.25
CMB BCL RE . 6.56 7.51 -72.03
CAB BCL RE . 5.74 5.55 -74.53
OBB BCL RE . 5.18 4.65 -75.04
CBB BCL RE . 5.37 6.90 -75.10
NC BCL RE . 9.32 1.71 -72.79
C1C BCL RE . 8.39 1.88 -73.78
C2C BCL RE . 8.43 0.80 -74.82
C3C BCL RE . 9.31 -0.27 -74.26
C4C BCL RE . 9.89 0.48 -73.05
CMC BCL RE . 7.05 0.18 -74.85
CAC BCL RE . 10.36 -0.45 -75.38
CBC BCL RE . 9.84 -1.02 -76.72
ND BCL RE . 10.86 1.77 -70.70
C1D BCL RE . 11.27 0.52 -71.08
C2D BCL RE . 12.23 -0.03 -70.24
C3D BCL RE . 12.41 0.93 -69.31
C4D BCL RE . 11.57 2.01 -69.61
CMD BCL RE . 12.85 -1.37 -70.43
CAD BCL RE . 13.17 1.31 -68.05
OBD BCL RE . 14.03 0.66 -67.32
CBD BCL RE . 12.75 2.77 -67.67
CGD BCL RE . 11.98 2.69 -66.33
O1D BCL RE . 11.02 2.16 -66.21
O2D BCL RE . 12.39 3.24 -65.29
CED BCL RE . 13.82 2.83 -64.98
C1 BCL RE . 10.70 9.74 -67.60
C2 BCL RE . 11.15 11.10 -68.14
C3 BCL RE . 11.17 11.38 -69.43
C4 BCL RE . 11.61 12.72 -69.97
C5 BCL RE . 10.76 10.33 -70.50
C6 BCL RE . 10.36 10.94 -71.89
C7 BCL RE . 9.54 9.87 -72.65
C8 BCL RE . 10.36 8.68 -73.11
C9 BCL RE . 11.74 9.08 -73.61
C10 BCL RE . 9.55 8.02 -74.19
C11 BCL RE . 9.43 8.95 -75.34
C12 BCL RE . 9.65 8.12 -76.59
C13 BCL RE . 9.58 9.11 -77.76
C14 BCL RE . 8.10 9.46 -77.92
C15 BCL RE . 10.14 8.56 -79.05
C16 BCL RE . 10.32 9.73 -79.98
C17 BCL RE . 9.85 9.31 -81.35
C18 BCL RE . 10.61 10.01 -82.48
C19 BCL RE . 10.27 11.47 -82.37
C20 BCL RE . 10.18 9.54 -83.90
MG BCL SE . 1.90 7.46 -70.97
CHA BCL SE . 1.46 10.35 -69.38
CHB BCL SE . 4.48 6.78 -69.06
CHC BCL SE . 2.19 4.57 -72.71
CHD BCL SE . -0.88 8.22 -73.01
NA BCL SE . 2.76 8.38 -69.34
C1A BCL SE . 2.40 9.59 -68.77
C2A BCL SE . 3.43 10.04 -67.72
C3A BCL SE . 4.31 8.74 -67.52
C4A BCL SE . 3.79 7.90 -68.66
CMA BCL SE . 5.77 9.02 -67.90
CAA BCL SE . 2.75 10.59 -66.48
CBA BCL SE . 1.80 9.67 -65.77
CGA BCL SE . 1.94 9.84 -64.28
O1A BCL SE . 2.11 9.02 -63.52
O2A BCL SE . 1.90 10.98 -63.83
NB BCL SE . 3.09 5.91 -70.95
C1B BCL SE . 4.11 5.84 -70.05
C2B BCL SE . 4.77 4.66 -70.25
C3B BCL SE . 4.17 4.00 -71.27
C4B BCL SE . 3.09 4.80 -71.72
CMB BCL SE . 5.95 4.36 -69.38
CAB BCL SE . 4.56 2.64 -71.85
OBB BCL SE . 4.16 2.29 -72.90
CBB BCL SE . 5.49 1.65 -71.20
NC BCL SE . 0.71 6.50 -72.35
C1C BCL SE . 0.94 5.23 -72.77
C2C BCL SE . -0.12 4.76 -73.75
C3C BCL SE . -0.85 5.99 -74.15
C4C BCL SE . -0.39 6.94 -73.05
CMC BCL SE . 0.51 4.35 -75.05
CAC BCL SE . -2.31 5.58 -73.92
CBC BCL SE . -2.56 5.11 -72.48
ND BCL SE . 0.58 8.87 -71.21
C1D BCL SE . -0.51 9.15 -72.02
C2D BCL SE . -1.13 10.39 -71.74
C3D BCL SE . -0.39 10.84 -70.74
C4D BCL SE . 0.62 9.94 -70.43
CMD BCL SE . -2.31 11.05 -72.37
CAD BCL SE . -0.28 12.01 -69.84
OBD BCL SE . -1.06 13.05 -69.71
CBD BCL SE . 1.05 11.78 -69.00
CGD BCL SE . 2.11 12.79 -69.54
O1D BCL SE . 2.30 13.03 -70.62
O2D BCL SE . 2.85 13.40 -68.70
CED BCL SE . 2.12 14.50 -67.92
C1 BCL SE . 2.96 11.32 -62.87
C2 BCL SE . 2.79 12.59 -62.05
C3 BCL SE . 3.29 12.80 -60.83
C4 BCL SE . 4.09 11.77 -60.10
C5 BCL SE . 3.08 14.14 -60.05
C6 BCL SE . 4.32 15.06 -60.18
C7 BCL SE . 3.91 16.44 -59.61
C8 BCL SE . 4.56 16.87 -58.31
C9 BCL SE . 4.17 18.28 -57.86
C10 BCL SE . 6.04 16.89 -58.59
C11 BCL SE . 6.72 16.57 -57.31
C12 BCL SE . 6.87 15.05 -57.34
C13 BCL SE . 8.18 14.74 -56.60
C14 BCL SE . 9.36 15.12 -57.51
C15 BCL SE . 8.27 13.28 -56.17
C16 BCL SE . 7.79 12.48 -57.33
C17 BCL SE . 7.00 11.32 -56.77
C18 BCL SE . 7.75 10.00 -56.91
C19 BCL SE . 7.79 9.79 -58.40
C20 BCL SE . 7.04 8.81 -56.23
BA BA TE . -4.68 -1.50 -81.13
C1M CRT UE . 5.10 27.18 -48.46
O1 CRT UE . 6.03 27.66 -49.44
C1 CRT UE . 6.86 28.79 -49.19
C2 CRT UE . 8.36 28.57 -48.97
C3 CRT UE . 6.30 30.20 -49.40
C4 CRT UE . 7.21 28.88 -50.68
C5 CRT UE . 7.12 27.61 -51.51
C6 CRT UE . 6.25 27.50 -52.51
C7 CRT UE . 6.19 26.30 -53.36
C8 CRT UE . 7.47 25.63 -53.73
C9 CRT UE . 5.02 25.85 -53.87
C10 CRT UE . 4.91 24.66 -54.73
C11 CRT UE . 3.97 24.60 -55.69
C12 CRT UE . 3.78 23.44 -56.61
C13 CRT UE . 4.95 22.66 -57.13
C14 CRT UE . 2.54 23.08 -57.01
C15 CRT UE . 2.29 21.94 -57.90
C16 CRT UE . 1.06 21.81 -58.39
C17 CRT UE . 0.60 20.72 -59.26
C18 CRT UE . 1.53 19.93 -60.13
C19 CRT UE . -0.73 20.49 -59.21
C20 CRT UE . -1.55 19.49 -59.86
C21 CRT UE . -2.78 19.40 -59.36
C22 CRT UE . -3.75 18.42 -59.83
C23 CRT UE . -5.07 18.44 -59.63
C24 CRT UE . -5.79 19.56 -58.93
C25 CRT UE . -5.76 17.27 -60.21
C26 CRT UE . -7.03 16.86 -60.14
C27 CRT UE . -7.21 15.61 -60.89
C28 CRT UE . -8.36 15.11 -61.37
C29 CRT UE . -9.62 15.89 -61.17
C30 CRT UE . -8.32 13.83 -62.12
C31 CRT UE . -9.20 12.81 -62.27
C32 CRT UE . -10.54 12.64 -61.71
C33 CRT UE . -11.34 11.64 -62.15
C34 CRT UE . -12.72 11.46 -61.59
C35 CRT UE . -10.87 10.73 -63.23
C36 CRT UE . -11.69 9.81 -63.76
C37 CRT UE . -11.19 8.91 -64.87
C38 CRT UE . -11.52 7.42 -64.72
C39 CRT UE . -11.43 6.73 -66.07
C40 CRT UE . -10.57 6.76 -63.73
O2 CRT UE . -12.85 7.22 -64.23
C2M CRT UE . -13.22 5.88 -63.90
MG BCL VE . -6.49 10.93 -69.69
CHA BCL VE . -4.09 11.19 -67.41
CHB BCL VE . -8.07 13.49 -68.31
CHC BCL VE . -8.83 10.51 -72.09
CHD BCL VE . -4.76 8.21 -71.14
NA BCL VE . -6.08 12.20 -68.12
C1A BCL VE . -4.94 12.23 -67.32
C2A BCL VE . -5.17 13.11 -66.08
C3A BCL VE . -6.34 14.04 -66.56
C4A BCL VE . -6.90 13.16 -67.66
CMA BCL VE . -7.38 14.01 -65.43
CAA BCL VE . -3.92 13.84 -65.62
CBA BCL VE . -3.93 15.31 -65.89
CGA BCL VE . -4.48 15.95 -64.62
O1A BCL VE . -3.99 15.90 -63.60
O2A BCL VE . -5.57 16.53 -64.73
NB BCL VE . -8.16 11.80 -70.17
C1B BCL VE . -8.64 12.86 -69.45
C2B BCL VE . -9.83 13.24 -70.03
C3B BCL VE . -10.08 12.45 -71.09
C4B BCL VE . -9.01 11.52 -71.18
CMB BCL VE . -10.60 14.40 -69.45
CAB BCL VE . -11.28 12.46 -72.07
OBB BCL VE . -11.61 11.50 -72.65
CBB BCL VE . -12.09 13.69 -72.43
NC BCL VE . -6.61 9.72 -71.35
C1C BCL VE . -7.66 9.76 -72.21
C2C BCL VE . -7.43 8.93 -73.46
C3C BCL VE . -6.35 7.99 -73.07
C4C BCL VE . -5.79 8.75 -71.84
CMC BCL VE . -8.62 8.03 -73.71
CAC BCL VE . -5.39 8.06 -74.25
CBC BCL VE . -5.52 6.89 -75.22
ND BCL VE . -4.87 9.90 -69.44
C1D BCL VE . -4.22 8.84 -70.02
C2D BCL VE . -3.02 8.49 -69.39
C3D BCL VE . -2.96 9.37 -68.40
C4D BCL VE . -4.07 10.21 -68.44
CMD BCL VE . -2.07 7.39 -69.75
CAD BCL VE . -2.10 9.78 -67.24
OBD BCL VE . -1.02 9.27 -66.74
CBD BCL VE . -2.77 11.06 -66.62
CGD BCL VE . -3.10 10.70 -65.13
O1D BCL VE . -3.61 9.78 -64.83
O2D BCL VE . -2.80 11.44 -64.14
CED BCL VE . -1.32 11.25 -63.79
C1 BCL VE . -5.71 17.90 -65.29
C2 BCL VE . -5.73 18.04 -66.81
C3 BCL VE . -6.80 18.37 -67.50
C4 BCL VE . -8.12 18.64 -66.87
C5 BCL VE . -6.81 18.52 -69.04
C6 BCL VE . -7.67 17.40 -69.65
C7 BCL VE . -7.92 17.83 -71.11
C8 BCL VE . -7.40 16.83 -72.11
C9 BCL VE . -6.98 17.49 -73.43
C10 BCL VE . -8.53 15.88 -72.33
C11 BCL VE . -9.64 16.62 -72.98
C12 BCL VE . -9.89 15.79 -74.23
C13 BCL VE . -11.00 16.48 -75.03
C14 BCL VE . -11.86 15.36 -75.63
C15 BCL VE . -10.44 17.39 -76.09
C16 BCL VE . -9.50 16.58 -76.96
C17 BCL VE . -9.32 17.39 -78.23
C18 BCL VE . -8.15 16.96 -79.11
C19 BCL VE . -6.89 17.20 -78.30
C20 BCL VE . -8.08 17.89 -80.35
MG BCL WE . -14.07 13.02 -67.91
CHA BCL WE . -15.04 15.45 -65.84
CHB BCL WE . -11.25 12.67 -66.23
CHC BCL WE . -13.25 10.58 -70.13
CHD BCL WE . -17.09 13.41 -69.72
NA BCL WE . -13.19 14.05 -66.34
C1A BCL WE . -13.74 15.10 -65.64
C2A BCL WE . -12.87 15.51 -64.45
C3A BCL WE . -11.55 14.67 -64.68
C4A BCL WE . -11.97 13.79 -65.85
CMA BCL WE . -10.48 15.61 -65.22
CAA BCL WE . -13.61 15.24 -63.17
CBA BCL WE . -12.65 15.17 -62.03
CGA BCL WE . -13.33 15.39 -60.68
O1A BCL WE . -14.08 14.69 -60.21
O2A BCL WE . -13.00 16.40 -60.04
NB BCL WE . -12.55 11.82 -68.19
C1B BCL WE . -11.47 11.83 -67.35
C2B BCL WE . -10.59 10.87 -67.81
C3B BCL WE . -11.12 10.27 -68.91
C4B BCL WE . -12.37 10.87 -69.15
CMB BCL WE . -9.29 10.65 -67.09
CAB BCL WE . -10.57 9.15 -69.79
OBB BCL WE . -11.08 8.89 -70.80
CBB BCL WE . -9.40 8.25 -69.48
NC BCL WE . -14.96 12.28 -69.62
C1C BCL WE . -14.42 11.30 -70.38
C2C BCL WE . -15.32 10.83 -71.47
C3C BCL WE . -16.37 11.87 -71.58
C4C BCL WE . -16.14 12.58 -70.24
CMC BCL WE . -14.59 10.92 -72.79
CAC BCL WE . -17.59 10.95 -71.53
CBC BCL WE . -18.05 10.47 -72.92
ND BCL WE . -15.68 14.09 -67.88
C1D BCL WE . -16.84 14.22 -68.61
C2D BCL WE . -17.72 15.19 -68.12
C3D BCL WE . -17.05 15.69 -67.06
C4D BCL WE . -15.84 15.01 -66.93
CMD BCL WE . -19.06 15.58 -68.68
CAD BCL WE . -17.15 16.70 -65.95
OBD BCL WE . -18.10 17.55 -65.64
CBD BCL WE . -15.80 16.59 -65.12
CGD BCL WE . -15.08 17.97 -65.26
O1D BCL WE . -14.03 18.10 -65.62
O2D BCL WE . -15.65 19.04 -64.98
CED BCL WE . -15.34 20.15 -65.98
C1 BCL WE . -12.45 16.28 -58.67
C2 BCL WE . -12.54 17.56 -57.87
C3 BCL WE . -11.68 18.57 -57.92
C4 BCL WE . -11.86 19.79 -57.08
C5 BCL WE . -10.42 18.62 -58.83
C6 BCL WE . -10.72 19.44 -60.11
C7 BCL WE . -9.52 19.33 -61.08
C8 BCL WE . -9.66 20.03 -62.42
C9 BCL WE . -8.58 19.72 -63.46
C10 BCL WE . -9.60 21.50 -62.11
C11 BCL WE . -8.43 21.74 -61.23
C12 BCL WE . -8.87 22.94 -60.43
C13 BCL WE . -8.16 22.89 -59.08
C14 BCL WE . -8.91 21.83 -58.24
C15 BCL WE . -8.18 24.25 -58.42
C16 BCL WE . -7.65 24.08 -57.04
C17 BCL WE . -7.55 25.47 -56.43
C18 BCL WE . -6.11 25.78 -56.04
C19 BCL WE . -5.88 24.99 -54.77
C20 BCL WE . -5.97 27.26 -55.66
BA BA XE . -20.23 2.30 -76.10
MG BCL YE . -22.73 14.20 -65.14
CHA BCL YE . -19.97 14.95 -63.41
CHB BCL YE . -24.50 16.19 -63.25
CHC BCL YE . -25.39 13.30 -67.02
CHD BCL YE . -20.79 12.05 -67.18
NA BCL YE . -22.27 15.37 -63.51
C1A BCL YE . -21.06 15.60 -62.89
C2A BCL YE . -21.32 16.00 -61.43
C3A BCL YE . -22.72 16.72 -61.55
C4A BCL YE . -23.19 16.07 -62.84
CMA BCL YE . -23.62 16.13 -60.47
CAA BCL YE . -20.26 16.89 -60.83
CBA BCL YE . -20.78 17.92 -59.87
CGA BCL YE . -20.35 19.26 -60.45
O1A BCL YE . -19.32 19.44 -60.86
O2A BCL YE . -21.19 20.18 -60.45
NB BCL YE . -24.63 14.63 -65.18
C1B BCL YE . -25.17 15.49 -64.29
C2B BCL YE . -26.51 15.60 -64.55
C3B BCL YE . -26.82 14.81 -65.61
C4B BCL YE . -25.61 14.17 -66.01
CMB BCL YE . -27.36 16.50 -63.71
CAB BCL YE . -28.22 14.62 -66.25
OBB BCL YE . -28.36 13.95 -67.22
CBB BCL YE . -29.53 15.18 -65.78
NC BCL YE . -22.90 13.11 -66.88
C1C BCL YE . -24.11 12.91 -67.47
C2C BCL YE . -23.94 12.43 -68.89
C3C BCL YE . -22.61 11.76 -68.89
C4C BCL YE . -21.99 12.46 -67.66
CMC BCL YE . -24.91 11.31 -69.18
CAC BCL YE . -22.10 12.30 -70.25
CBC BCL YE . -20.59 12.18 -70.50
ND BCL YE . -20.90 13.60 -65.34
C1D BCL YE . -20.18 12.75 -66.16
C2D BCL YE . -18.82 12.67 -65.85
C3D BCL YE . -18.73 13.50 -64.81
C4D BCL YE . -19.98 14.06 -64.52
CMD BCL YE . -17.78 11.86 -66.53
CAD BCL YE . -17.73 14.07 -63.84
OBD BCL YE . -16.44 13.95 -63.75
CBD BCL YE . -18.57 14.92 -62.80
CGD BCL YE . -18.63 14.05 -61.53
O1D BCL YE . -18.89 12.98 -61.51
O2D BCL YE . -18.35 14.56 -60.40
CED BCL YE . -17.13 15.47 -60.50
C1 BCL YE . -22.52 20.15 -61.08
C2 BCL YE . -23.05 21.57 -61.28
C3 BCL YE . -24.24 21.92 -61.71
C4 BCL YE . -24.68 23.33 -61.88
C5 BCL YE . -25.33 20.91 -62.11
C6 BCL YE . -25.72 21.14 -63.60
C7 BCL YE . -25.23 19.89 -64.34
C8 BCL YE . -24.67 20.09 -65.72
C9 BCL YE . -25.10 21.39 -66.42
C10 BCL YE . -25.23 18.89 -66.41
C11 BCL YE . -26.69 19.05 -66.59
C12 BCL YE . -27.03 18.06 -67.70
C13 BCL YE . -28.25 18.56 -68.49
C14 BCL YE . -29.50 18.03 -67.78
C15 BCL YE . -28.21 18.11 -69.94
C16 BCL YE . -29.25 18.92 -70.67
C17 BCL YE . -28.98 18.89 -72.16
C18 BCL YE . -30.24 19.22 -72.94
C19 BCL YE . -31.00 17.92 -73.02
C20 BCL YE . -29.93 19.67 -74.40
C1M CRT ZE . -7.96 33.39 -43.51
O1 CRT ZE . -9.02 33.46 -44.47
C1 CRT ZE . -10.37 33.33 -44.04
C2 CRT ZE . -11.12 34.55 -43.48
C3 CRT ZE . -11.07 31.99 -44.23
C4 CRT ZE . -10.81 33.81 -45.45
C5 CRT ZE . -10.39 32.92 -46.62
C6 CRT ZE . -11.30 32.50 -47.51
C7 CRT ZE . -11.01 31.61 -48.67
C8 CRT ZE . -9.72 31.65 -49.43
C9 CRT ZE . -11.98 30.75 -49.06
C10 CRT ZE . -11.84 29.82 -50.19
C11 CRT ZE . -12.92 29.15 -50.58
C12 CRT ZE . -12.87 28.18 -51.69
C13 CRT ZE . -11.63 27.99 -52.50
C14 CRT ZE . -13.98 27.48 -51.95
C15 CRT ZE . -14.11 26.46 -53.00
C16 CRT ZE . -15.34 25.95 -53.07
C17 CRT ZE . -15.81 24.87 -53.95
C18 CRT ZE . -14.94 24.25 -54.99
C19 CRT ZE . -17.07 24.46 -53.73
C20 CRT ZE . -17.75 23.39 -54.44
C21 CRT ZE . -18.89 22.91 -53.94
C22 CRT ZE . -19.54 21.82 -54.66
C23 CRT ZE . -20.73 21.28 -54.38
C24 CRT ZE . -21.58 21.80 -53.26
C25 CRT ZE . -21.18 20.17 -55.25
C26 CRT ZE . -21.86 19.13 -54.77
C27 CRT ZE . -22.29 18.03 -55.65
C28 CRT ZE . -23.39 17.35 -55.31
C29 CRT ZE . -24.16 17.72 -54.08
C30 CRT ZE . -23.88 16.26 -56.14
C31 CRT ZE . -24.61 15.26 -55.64
C32 CRT ZE . -24.98 14.32 -56.68
C33 CRT ZE . -25.64 13.17 -56.59
C34 CRT ZE . -26.16 12.59 -55.30
C35 CRT ZE . -25.83 12.52 -57.91
C36 CRT ZE . -26.45 11.39 -58.18
C37 CRT ZE . -26.49 11.02 -59.64
C38 CRT ZE . -25.85 9.69 -59.97
C39 CRT ZE . -26.06 9.40 -61.45
C40 CRT ZE . -24.37 9.66 -59.62
O2 CRT ZE . -26.49 8.67 -59.21
C2M CRT ZE . -26.17 7.31 -59.48
MG BCL AF . -30.35 13.77 -61.90
CHA BCL AF . -31.26 15.66 -59.29
CHB BCL AF . -27.20 13.94 -60.97
CHC BCL AF . -29.66 11.84 -64.60
CHD BCL AF . -33.79 13.60 -62.85
NA BCL AF . -29.38 14.61 -60.27
C1A BCL AF . -29.94 15.34 -59.24
C2A BCL AF . -28.90 15.96 -58.31
C3A BCL AF . -27.57 15.27 -58.82
C4A BCL AF . -28.07 14.53 -60.06
CMA BCL AF . -26.73 16.42 -59.38
CAA BCL AF . -29.23 15.76 -56.84
CBA BCL AF . -28.24 16.38 -55.90
CGA BCL AF . -28.40 15.75 -54.52
O1A BCL AF . -28.19 14.65 -54.24
O2A BCL AF . -28.78 16.54 -53.61
NB BCL AF . -28.73 13.00 -62.69
C1B BCL AF . -27.50 13.19 -62.14
C2B BCL AF . -26.58 12.52 -62.93
C3B BCL AF . -27.24 11.93 -63.96
C4B BCL AF . -28.62 12.22 -63.81
CMB BCL AF . -25.13 12.55 -62.60
CAB BCL AF . -26.67 11.06 -65.11
OBB BCL AF . -27.31 10.83 -66.07
CBB BCL AF . -25.31 10.42 -65.16
NC BCL AF . -31.54 12.85 -63.32
C1C BCL AF . -31.02 11.99 -64.24
C2C BCL AF . -32.10 11.31 -65.04
C3C BCL AF . -33.31 12.14 -64.85
C4C BCL AF . -32.89 12.90 -63.58
CMC BCL AF . -31.78 11.46 -66.52
CAC BCL AF . -34.46 11.15 -64.56
CBC BCL AF . -34.07 9.65 -64.49
ND BCL AF . -32.10 14.40 -61.31
C1D BCL AF . -33.43 14.32 -61.71
C2D BCL AF . -34.32 15.02 -60.86
C3D BCL AF . -33.50 15.53 -59.94
C4D BCL AF . -32.19 15.16 -60.23
CMD BCL AF . -35.81 15.17 -60.96
CAD BCL AF . -33.52 16.37 -58.70
OBD BCL AF . -34.50 16.93 -58.05
CBD BCL AF . -32.02 16.50 -58.25
CGD BCL AF . -31.64 17.99 -58.48
O1D BCL AF . -31.65 18.46 -59.50
O2D BCL AF . -31.28 18.71 -57.49
CED BCL AF . -32.44 19.54 -56.92
C1 BCL AF . -27.87 17.19 -52.64
C2 BCL AF . -28.43 18.38 -51.86
C3 BCL AF . -27.87 19.58 -51.84
C4 BCL AF . -26.61 19.87 -52.59
C5 BCL AF . -28.43 20.80 -51.07
C6 BCL AF . -28.06 22.09 -51.86
C7 BCL AF . -27.99 23.28 -50.88
C8 BCL AF . -27.20 23.15 -49.58
C9 BCL AF . -27.49 24.29 -48.60
C10 BCL AF . -25.73 23.19 -49.93
C11 BCL AF . -25.26 21.78 -49.93
C12 BCL AF . -24.12 21.74 -48.93
C13 BCL AF . -22.79 21.83 -49.69
C14 BCL AF . -22.24 20.40 -49.86
C15 BCL AF . -21.80 22.71 -48.96
C16 BCL AF . -22.52 23.98 -48.60
C17 BCL AF . -22.47 24.92 -49.78
C18 BCL AF . -23.43 26.11 -49.68
C19 BCL AF . -23.54 26.60 -51.09
C20 BCL AF . -22.84 27.28 -48.87
C1M CRT BF . -26.79 29.70 -36.37
O1 CRT BF . -26.94 30.90 -37.14
C1 CRT BF . -27.71 31.97 -36.59
C2 CRT BF . -27.14 33.39 -36.60
C3 CRT BF . -29.16 31.73 -36.15
C4 CRT BF . -28.28 32.28 -37.99
C5 CRT BF . -27.92 31.40 -39.19
C6 CRT BF . -28.83 30.63 -39.81
C7 CRT BF . -28.51 29.80 -40.99
C8 CRT BF . -27.21 30.06 -41.70
C9 CRT BF . -29.38 28.86 -41.45
C10 CRT BF . -29.20 28.00 -42.64
C11 CRT BF . -30.23 27.24 -43.03
C12 CRT BF . -30.26 26.32 -44.21
C13 CRT BF . -29.24 26.45 -45.31
C14 CRT BF . -31.25 25.39 -44.29
C15 CRT BF . -31.41 24.44 -45.41
C16 CRT BF . -32.32 23.45 -45.33
C17 CRT BF . -32.58 22.46 -46.39
C18 CRT BF . -32.02 22.70 -47.77
C19 CRT BF . -33.35 21.37 -46.14
C20 CRT BF . -33.62 20.39 -47.21
C21 CRT BF . -34.36 19.28 -47.07
C22 CRT BF . -34.99 18.89 -45.81
C23 CRT BF . -35.65 17.72 -45.61
C24 CRT BF . -36.23 17.49 -44.23
C25 CRT BF . -35.87 16.65 -46.62
C26 CRT BF . -36.45 15.49 -46.23
C27 CRT BF . -36.70 14.39 -47.17
C28 CRT BF . -37.47 13.31 -46.93
C29 CRT BF . -38.20 13.15 -45.63
C30 CRT BF . -37.66 12.27 -47.97
C31 CRT BF . -38.08 11.01 -47.81
C32 CRT BF . -38.19 10.23 -49.05
C33 CRT BF . -38.24 8.89 -49.23
C34 CRT BF . -38.17 7.96 -48.05
C35 CRT BF . -38.36 8.35 -50.61
C36 CRT BF . -38.52 7.06 -50.93
C37 CRT BF . -38.65 6.64 -52.39
C38 CRT BF . -37.73 5.49 -52.84
C39 CRT BF . -37.86 5.31 -54.35
C40 CRT BF . -36.28 5.76 -52.47
O2 CRT BF . -38.06 4.25 -52.21
C2M CRT BF . -37.12 3.16 -52.17
BA BA CF . -35.34 3.56 -71.96
MG BCL DF . -37.83 11.35 -58.09
CHA BCL DF . -35.03 12.78 -56.95
CHB BCL DF . -39.46 12.49 -55.50
CHC BCL DF . -40.55 9.86 -59.39
CHD BCL DF . -36.00 10.15 -60.89
NA BCL DF . -37.29 12.41 -56.41
C1A BCL DF . -36.07 12.97 -56.13
C2A BCL DF . -36.02 13.52 -54.72
C3A BCL DF . -37.55 13.62 -54.36
C4A BCL DF . -38.09 12.67 -55.40
CMA BCL DF . -37.81 12.93 -53.03
CAA BCL DF . -35.27 14.83 -54.74
CBA BCL DF . -35.93 15.93 -53.99
CGA BCL DF . -35.10 16.17 -52.76
O1A BCL DF . -33.97 16.24 -52.72
O2A BCL DF . -35.76 16.36 -51.74
NB BCL DF . -39.71 11.17 -57.58
C1B BCL DF . -40.18 11.74 -56.45
C2B BCL DF . -41.51 11.44 -56.34
C3B BCL DF . -41.89 10.69 -57.40
C4B BCL DF . -40.72 10.52 -58.20
CMB BCL DF . -42.28 11.95 -55.15
CAB BCL DF . -43.31 10.15 -57.69
OBB BCL DF . -43.63 9.82 -58.78
CBB BCL DF . -44.44 9.98 -56.71
NC BCL DF . -38.18 10.41 -59.90
C1C BCL DF . -39.45 10.05 -60.26
C2C BCL DF . -39.49 9.49 -61.64
C3C BCL DF . -38.08 9.32 -62.07
C4C BCL DF . -37.36 10.04 -60.92
CMC BCL DF . -40.01 8.07 -61.55
CAC BCL DF . -38.03 10.15 -63.37
CBC BCL DF . -38.42 9.39 -64.64
ND BCL DF . -36.03 11.39 -58.82
C1D BCL DF . -35.34 10.91 -59.92
C2D BCL DF . -33.97 11.26 -59.94
C3D BCL DF . -33.85 11.98 -58.80
C4D BCL DF . -35.08 12.04 -58.16
CMD BCL DF . -32.92 10.93 -60.95
CAD BCL DF . -32.83 12.73 -58.00
OBD BCL DF . -31.57 12.95 -58.16
CBD BCL DF . -33.59 13.32 -56.77
CGD BCL DF . -32.89 12.68 -55.54
O1D BCL DF . -31.90 13.00 -55.15
O2D BCL DF . -33.40 11.74 -54.88
CED BCL DF . -33.35 12.01 -53.37
C1 BCL DF . -36.85 17.33 -51.88
C2 BCL DF . -38.27 16.96 -51.44
C3 BCL DF . -38.68 15.94 -50.72
C4 BCL DF . -37.78 14.88 -50.15
C5 BCL DF . -40.18 15.74 -50.35
C6 BCL DF . -41.03 15.31 -51.57
C7 BCL DF . -41.94 16.52 -51.87
C8 BCL DF . -41.23 17.61 -52.63
C9 BCL DF . -41.35 18.98 -51.95
C10 BCL DF . -41.82 17.63 -54.01
C11 BCL DF . -41.39 16.42 -54.77
C12 BCL DF . -40.97 16.95 -56.13
C13 BCL DF . -41.89 16.43 -57.24
C14 BCL DF . -43.10 17.38 -57.30
C15 BCL DF . -42.36 15.02 -57.03
C16 BCL DF . -43.00 14.69 -58.36
C17 BCL DF . -43.93 13.51 -58.17
C18 BCL DF . -45.36 13.86 -58.57
C19 BCL DF . -46.24 13.10 -57.61
C20 BCL DF . -45.71 13.35 -59.99
C1M CRT EF . -46.44 6.09 -15.22
O1 CRT EF . -47.49 6.86 -15.80
C1 CRT EF . -48.53 7.44 -14.99
C2 CRT EF . -48.46 8.92 -14.63
C3 CRT EF . -49.81 6.68 -14.67
C4 CRT EF . -49.14 7.88 -16.34
C5 CRT EF . -49.41 6.72 -17.27
C6 CRT EF . -49.90 6.90 -18.50
C7 CRT EF . -50.17 5.75 -19.38
C8 CRT EF . -51.16 4.73 -18.90
C9 CRT EF . -49.52 5.67 -20.56
C10 CRT EF . -49.56 4.64 -21.62
C11 CRT EF . -50.17 3.46 -21.62
C12 CRT EF . -50.01 2.64 -22.82
C13 CRT EF . -49.00 3.11 -23.83
C14 CRT EF . -50.71 1.52 -23.02
C15 CRT EF . -50.54 0.70 -24.22
C16 CRT EF . -51.26 -0.41 -24.40
C17 CRT EF . -51.10 -1.28 -25.58
C18 CRT EF . -50.74 -0.73 -26.93
C19 CRT EF . -51.29 -2.60 -25.45
C20 CRT EF . -51.14 -3.53 -26.57
C21 CRT EF . -51.11 -4.82 -26.27
C22 CRT EF . -50.91 -5.86 -27.27
C23 CRT EF . -50.56 -7.08 -26.85
C24 CRT EF . -50.42 -7.35 -25.38
C25 CRT EF . -50.32 -8.17 -27.84
C26 CRT EF . -49.63 -9.28 -27.55
C27 CRT EF . -49.45 -10.27 -28.61
C28 CRT EF . -48.98 -11.51 -28.42
C29 CRT EF . -48.63 -12.05 -27.06
C30 CRT EF . -48.88 -12.35 -29.63
C31 CRT EF . -48.02 -13.34 -29.82
C32 CRT EF . -48.13 -13.98 -31.14
C33 CRT EF . -47.36 -14.94 -31.67
C34 CRT EF . -46.21 -15.54 -30.93
C35 CRT EF . -47.73 -15.37 -33.02
C36 CRT EF . -47.19 -16.35 -33.73
C37 CRT EF . -47.80 -16.55 -35.10
C38 CRT EF . -46.76 -16.50 -36.21
C39 CRT EF . -47.39 -16.94 -37.52
C40 CRT EF . -46.23 -15.09 -36.32
O2 CRT EF . -45.66 -17.36 -35.89
C2M CRT EF . -44.81 -17.86 -36.93
MG BCL FF . -43.90 7.32 -53.57
CHA BCL FF . -44.88 8.26 -50.55
CHB BCL FF . -41.02 8.93 -53.14
CHC BCL FF . -43.03 6.25 -56.69
CHD BCL FF . -46.97 5.59 -53.98
NA BCL FF . -43.03 8.36 -52.01
C1A BCL FF . -43.57 8.57 -50.76
C2A BCL FF . -42.68 9.47 -49.87
C3A BCL FF . -41.35 9.55 -50.74
C4A BCL FF . -41.84 8.97 -52.04
CMA BCL FF . -41.00 11.01 -51.05
CAA BCL FF . -42.48 8.93 -48.48
CBA BCL FF . -41.25 9.47 -47.81
CGA BCL FF . -41.13 9.10 -46.32
O1A BCL FF . -41.75 8.33 -45.75
O2A BCL FF . -40.25 9.71 -45.69
NB BCL FF . -42.34 7.52 -54.74
C1B BCL FF . -41.25 8.24 -54.36
C2B BCL FF . -40.34 8.20 -55.39
C3B BCL FF . -40.86 7.47 -56.40
C4B BCL FF . -42.14 7.01 -56.00
CMB BCL FF . -39.02 8.91 -55.25
CAB BCL FF . -40.22 7.13 -57.74
OBB BCL FF . -40.88 6.82 -58.67
CBB BCL FF . -38.75 7.14 -58.04
NC BCL FF . -44.80 6.07 -54.95
C1C BCL FF . -44.21 5.73 -56.13
C2C BCL FF . -45.05 4.78 -56.94
C3C BCL FF . -46.37 4.72 -56.26
C4C BCL FF . -46.01 5.43 -54.93
CMC BCL FF . -45.41 5.43 -58.25
CAC BCL FF . -46.59 3.21 -56.11
CBC BCL FF . -45.75 2.50 -55.04
ND BCL FF . -45.54 6.95 -52.60
C1D BCL FF . -46.73 6.27 -52.79
C2D BCL FF . -47.61 6.36 -51.69
C3D BCL FF . -46.91 7.11 -50.83
C4D BCL FF . -45.69 7.45 -51.39
CMD BCL FF . -48.98 5.77 -51.54
CAD BCL FF . -47.00 7.71 -49.46
OBD BCL FF . -47.93 7.65 -48.55
CBD BCL FF . -45.67 8.53 -49.25
CGD BCL FF . -46.06 10.03 -49.22
O1D BCL FF . -46.11 10.66 -50.13
O2D BCL FF . -46.35 10.61 -48.15
CED BCL FF . -45.15 11.39 -47.58
C1 BCL FF . -39.80 9.25 -44.38
C2 BCL FF . -40.73 9.64 -43.23
C3 BCL FF . -40.45 10.43 -42.22
C4 BCL FF . -39.11 11.08 -42.10
C5 BCL FF . -41.47 10.76 -41.11
C6 BCL FF . -41.95 12.22 -41.28
C7 BCL FF . -41.41 12.98 -40.05
C8 BCL FF . -40.97 14.40 -40.31
C9 BCL FF . -39.92 14.48 -41.43
C10 BCL FF . -40.41 14.94 -39.01
C11 BCL FF . -40.04 16.36 -39.29
C12 BCL FF . -39.16 16.82 -38.13
C13 BCL FF . -37.80 16.10 -38.15
C14 BCL FF . -36.99 16.72 -37.02
C15 BCL FF . -37.06 16.19 -39.49
C16 BCL FF . -36.46 14.85 -39.87
C17 BCL FF . -35.68 15.00 -41.16
C18 BCL FF . -35.05 13.72 -41.76
C19 BCL FF . -33.67 14.06 -42.29
C20 BCL FF . -35.84 13.25 -43.00
C1M CRT GF . -38.90 20.78 -24.31
O1 CRT GF . -40.18 21.20 -24.83
C1 CRT GF . -41.29 20.33 -24.63
C2 CRT GF . -42.56 20.73 -23.86
C3 CRT GF . -41.22 18.99 -25.36
C4 CRT GF . -42.05 21.06 -25.77
C5 CRT GF . -41.75 20.70 -27.22
C6 CRT GF . -42.74 20.36 -28.05
C7 CRT GF . -42.55 19.97 -29.48
C8 CRT GF . -41.59 20.71 -30.37
C9 CRT GF . -43.27 18.96 -29.97
C10 CRT GF . -43.18 18.48 -31.34
C11 CRT GF . -43.74 17.30 -31.61
C12 CRT GF . -43.70 16.71 -32.97
C13 CRT GF . -43.23 17.53 -34.14
C14 CRT GF . -44.10 15.44 -33.16
C15 CRT GF . -44.10 14.77 -34.47
C16 CRT GF . -44.75 13.62 -34.60
C17 CRT GF . -44.82 12.80 -35.84
C18 CRT GF . -44.60 13.37 -37.21
C19 CRT GF . -45.06 11.50 -35.63
C20 CRT GF . -45.19 10.43 -36.61
C21 CRT GF . -45.26 9.20 -36.13
C22 CRT GF . -45.41 8.04 -37.00
C23 CRT GF . -45.78 6.85 -36.50
C24 CRT GF . -46.04 6.67 -35.03
C25 CRT GF . -45.93 5.74 -37.44
C26 CRT GF . -46.29 4.51 -37.11
C27 CRT GF . -46.40 3.57 -38.22
C28 CRT GF . -46.17 2.26 -38.11
C29 CRT GF . -45.76 1.62 -36.82
C30 CRT GF . -46.30 1.45 -39.33
C31 CRT GF . -45.84 0.22 -39.34
C32 CRT GF . -45.97 -0.52 -40.58
C33 CRT GF . -45.76 -1.84 -40.69
C34 CRT GF . -45.39 -2.69 -39.52
C35 CRT GF . -45.93 -2.38 -42.07
C36 CRT GF . -45.89 -3.65 -42.44
C37 CRT GF . -46.08 -3.87 -43.91
C38 CRT GF . -44.87 -4.59 -44.47
C39 CRT GF . -45.28 -5.29 -45.75
C40 CRT GF . -43.73 -3.60 -44.69
O2 CRT GF . -44.42 -5.55 -43.52
C2M CRT GF . -43.40 -6.47 -43.91
MG BCL HF . -48.75 1.55 -48.15
CHA BCL HF . -46.63 3.84 -47.05
CHB BCL HF . -50.16 1.44 -45.17
CHC BCL HF . -50.85 -0.80 -49.45
CHD BCL HF . -47.23 1.66 -51.33
NA BCL HF . -48.55 2.65 -46.40
C1A BCL HF . -47.62 3.65 -46.14
C2A BCL HF . -47.48 3.87 -44.63
C3A BCL HF . -48.78 3.18 -44.07
C4A BCL HF . -49.31 2.52 -45.33
CMA BCL HF . -48.37 2.01 -43.17
CAA BCL HF . -47.22 5.33 -44.27
CBA BCL HF . -47.88 5.90 -43.03
CGA BCL HF . -47.55 5.16 -41.76
O1A BCL HF . -46.69 4.42 -41.57
O2A BCL HF . -48.32 5.36 -40.80
NB BCL HF . -50.25 0.49 -47.48
C1B BCL HF . -50.67 0.61 -46.19
C2B BCL HF . -51.73 -0.26 -46.02
C3B BCL HF . -51.95 -0.92 -47.20
C4B BCL HF . -51.00 -0.44 -48.14
CMB BCL HF . -52.40 -0.34 -44.67
CAB BCL HF . -53.02 -1.98 -47.51
OBB BCL HF . -53.10 -2.47 -48.57
CBB BCL HF . -54.08 -2.50 -46.58
NC BCL HF . -49.08 0.82 -50.06
C1C BCL HF . -50.09 -0.04 -50.37
C2C BCL HF . -50.24 -0.27 -51.87
C3C BCL HF . -48.92 0.15 -52.43
C4C BCL HF . -48.42 1.03 -51.25
CMC BCL HF . -50.33 -1.74 -52.22
CAC BCL HF . -49.30 0.93 -53.70
CBC BCL HF . -49.94 2.31 -53.47
ND BCL HF . -47.31 2.46 -49.06
C1D BCL HF . -46.74 2.48 -50.31
C2D BCL HF . -45.68 3.38 -50.44
C3D BCL HF . -45.62 3.91 -49.20
C4D BCL HF . -46.60 3.34 -48.40
CMD BCL HF . -44.86 3.63 -51.66
CAD BCL HF . -44.86 4.91 -48.35
OBD BCL HF . -43.83 5.68 -48.60
CBD BCL HF . -45.53 4.92 -46.93
CGD BCL HF . -44.42 4.47 -45.94
O1D BCL HF . -44.47 3.54 -45.33
O2D BCL HF . -43.40 5.18 -45.76
CED BCL HF . -43.47 5.95 -44.45
C1 BCL HF . -49.27 4.31 -40.38
C2 BCL HF . -50.62 4.36 -41.09
C3 BCL HF . -51.62 3.56 -40.77
C4 BCL HF . -51.47 2.55 -39.67
C5 BCL HF . -53.01 3.54 -41.45
C6 BCL HF . -52.93 3.94 -42.94
C7 BCL HF . -54.13 3.30 -43.60
C8 BCL HF . -54.27 3.64 -45.06
C9 BCL HF . -54.04 5.12 -45.34
C10 BCL HF . -55.70 3.26 -45.41
C11 BCL HF . -55.84 3.28 -46.89
C12 BCL HF . -55.77 1.83 -47.31
C13 BCL HF . -57.17 1.21 -47.27
C14 BCL HF . -57.14 0.13 -46.17
C15 BCL HF . -57.55 0.59 -48.61
C16 BCL HF . -58.98 0.13 -48.52
C17 BCL HF . -59.77 0.64 -49.72
C18 BCL HF . -59.86 -0.28 -50.96
C19 BCL HF . -60.69 0.50 -51.95
C20 BCL HF . -60.65 -1.58 -50.69
CHA HEM IF . 16.42 42.06 101.84
CHB HEM IF . 12.97 39.71 104.38
CHC HEM IF . 12.62 36.46 100.84
CHD HEM IF . 16.05 38.77 98.27
C1A HEM IF . 15.51 41.67 102.83
C2A HEM IF . 15.28 42.36 104.03
C3A HEM IF . 14.32 41.69 104.72
C4A HEM IF . 13.93 40.59 103.97
CMA HEM IF . 13.77 42.05 106.06
CAA HEM IF . 15.99 43.58 104.48
CBA HEM IF . 17.19 43.18 105.33
CGA HEM IF . 18.28 44.12 104.91
O1A HEM IF . 18.92 44.76 105.72
O2A HEM IF . 18.51 44.27 103.59
C1B HEM IF . 12.58 38.61 103.63
C2B HEM IF . 11.59 37.70 104.04
C3B HEM IF . 11.51 36.79 103.06
C4B HEM IF . 12.44 37.17 102.02
CMB HEM IF . 10.81 37.73 105.34
CAB HEM IF . 10.62 35.67 102.99
CBB HEM IF . 9.32 35.90 102.95
C1C HEM IF . 13.52 36.82 99.84
C2C HEM IF . 13.68 36.08 98.66
C3C HEM IF . 14.67 36.74 97.91
C4C HEM IF . 15.09 37.87 98.68
CMC HEM IF . 12.89 34.83 98.35
CAC HEM IF . 15.23 36.43 96.59
CBC HEM IF . 14.59 35.71 95.70
C1D HEM IF . 16.44 39.88 99.04
C2D HEM IF . 17.46 40.83 98.61
C3D HEM IF . 17.58 41.73 99.59
C4D HEM IF . 16.62 41.36 100.63
CMD HEM IF . 18.25 40.81 97.34
CAD HEM IF . 18.48 42.91 99.52
CBD HEM IF . 17.45 43.89 98.93
CGD HEM IF . 18.01 45.18 98.39
O1D HEM IF . 17.21 45.98 97.94
O2D HEM IF . 19.32 45.42 98.42
NA HEM IF . 14.67 40.59 102.81
NB HEM IF . 13.09 38.22 102.46
NC HEM IF . 14.36 37.89 99.85
ND HEM IF . 16.04 40.23 100.26
FE HEM IF . 14.63 39.50 101.17
CHA HEM JF . 19.22 33.21 88.58
CHB HEM JF . 16.34 35.81 91.62
CHC HEM JF . 14.32 37.96 87.73
CHD HEM JF . 17.20 35.36 84.74
C1A HEM JF . 18.60 33.75 89.69
C2A HEM JF . 18.93 33.37 91.00
C3A HEM JF . 18.14 34.08 91.85
C4A HEM JF . 17.30 34.93 91.11
CMA HEM JF . 18.19 33.92 93.34
CAA HEM JF . 19.98 32.34 91.34
CBA HEM JF . 19.36 30.96 91.36
CGA HEM JF . 20.50 29.99 91.29
O1A HEM JF . 20.39 28.94 91.86
O2A HEM JF . 21.61 30.31 90.61
C1B HEM JF . 15.53 36.63 90.81
C2B HEM JF . 14.56 37.54 91.28
C3B HEM JF . 14.00 38.14 90.22
C4B HEM JF . 14.64 37.58 89.03
CMB HEM JF . 14.21 37.80 92.70
CAB HEM JF . 12.99 39.16 90.17
CBB HEM JF . 13.22 40.37 90.62
C1C HEM JF . 14.95 37.42 86.63
C2C HEM JF . 14.65 37.79 85.30
C3C HEM JF . 15.48 37.03 84.44
C4C HEM JF . 16.27 36.23 85.29
CMC HEM JF . 13.60 38.81 84.95
CAC HEM JF . 15.67 36.94 82.95
CBC HEM JF . 15.15 37.74 82.01
C1D HEM JF . 17.99 34.57 85.54
C2D HEM JF . 18.98 33.65 85.00
C3D HEM JF . 19.55 33.04 86.04
C4D HEM JF . 18.91 33.58 87.25
CMD HEM JF . 19.28 33.44 83.55
CAD HEM JF . 20.63 32.03 85.92
CBD HEM JF . 20.09 30.70 86.42
CGD HEM JF . 21.24 30.14 87.19
O1D HEM JF . 21.06 29.18 87.92
O2D HEM JF . 22.45 30.72 87.07
NA HEM JF . 17.61 34.71 89.79
NB HEM JF . 15.50 36.67 89.48
NC HEM JF . 15.94 36.47 86.62
ND HEM JF . 17.95 34.42 86.89
FE HEM JF . 17.02 35.48 88.11
CHA HEM KF . 15.38 40.71 60.08
CHB HEM KF . 14.29 36.45 57.96
CHC HEM KF . 11.02 35.53 61.40
CHD HEM KF . 12.07 39.83 63.53
C1A HEM KF . 15.36 39.61 59.19
C2A HEM KF . 16.17 39.45 58.01
C3A HEM KF . 15.85 38.26 57.47
C4A HEM KF . 14.85 37.67 58.26
CMA HEM KF . 16.40 37.62 56.24
CAA HEM KF . 17.24 40.35 57.43
CBA HEM KF . 16.73 41.31 56.34
CGA HEM KF . 17.91 42.18 55.98
O1A HEM KF . 18.93 41.65 55.62
O2A HEM KF . 17.86 43.52 56.05
C1B HEM KF . 13.30 35.84 58.73
C2B HEM KF . 12.79 34.58 58.37
C3B HEM KF . 11.86 34.27 59.27
C4B HEM KF . 11.82 35.40 60.27
CMB HEM KF . 13.17 33.74 57.18
CAB HEM KF . 11.22 32.99 59.12
CBB HEM KF . 11.63 31.96 59.85
C1C HEM KF . 11.05 36.63 62.27
C2C HEM KF . 10.23 36.77 63.39
C3C HEM KF . 10.53 37.99 64.00
C4C HEM KF . 11.52 38.60 63.22
CMC HEM KF . 9.21 35.74 63.82
CAC HEM KF . 10.01 38.61 65.22
CBC HEM KF . 9.32 37.96 66.17
C1D HEM KF . 13.08 40.43 62.76
C2D HEM KF . 13.66 41.73 63.07
C3D HEM KF . 14.57 41.98 62.12
C4D HEM KF . 14.56 40.82 61.21
CMD HEM KF . 13.35 42.64 64.20
CAD HEM KF . 15.43 43.21 62.08
CBD HEM KF . 16.60 42.89 63.04
CGD HEM KF . 17.91 43.46 62.53
O1D HEM KF . 17.97 43.81 61.36
O2D HEM KF . 18.99 43.60 63.34
NA HEM KF . 14.54 38.50 59.31
NB HEM KF . 12.68 36.31 59.81
NC HEM KF . 11.81 37.76 62.16
ND HEM KF . 13.60 39.99 61.61
FE HEM KF . 13.35 38.33 60.88
CHA HEM LF . 6.36 41.42 73.98
CHB HEM LF . 9.93 40.09 70.96
CHC HEM LF . 12.74 38.97 74.71
CHD HEM LF . 9.14 40.30 77.81
C1A HEM LF . 7.08 41.16 72.82
C2A HEM LF . 6.61 41.33 71.48
C3A HEM LF . 7.64 40.98 70.67
C4A HEM LF . 8.72 40.55 71.46
CMA HEM LF . 7.59 41.02 69.17
CAA HEM LF . 5.29 41.88 71.01
CBA HEM LF . 4.18 40.86 70.84
CGA HEM LF . 2.86 41.56 70.61
O1A HEM LF . 1.88 40.91 70.39
O2A HEM LF . 2.77 42.89 70.67
C1B HEM LF . 11.01 39.66 71.73
C2B HEM LF . 12.23 39.19 71.15
C3B HEM LF . 13.07 38.87 72.18
C4B HEM LF . 12.29 39.16 73.41
CMB HEM LF . 12.49 39.13 69.67
CAB HEM LF . 14.45 38.36 72.08
CBB HEM LF . 15.25 38.44 71.01
C1C HEM LF . 11.97 39.25 75.83
C2C HEM LF . 12.43 39.06 77.12
C3C HEM LF . 11.43 39.43 78.05
C4C HEM LF . 10.33 39.86 77.27
CMC HEM LF . 13.83 38.53 77.36
CAC HEM LF . 11.46 39.41 79.54
CBC HEM LF . 12.58 39.63 80.22
C1D HEM LF . 8.07 40.73 77.03
C2D HEM LF . 6.81 41.22 77.56
C3D HEM LF . 6.01 41.52 76.51
C4D HEM LF . 6.80 41.23 75.30
CMD HEM LF . 6.44 41.34 79.01
CAD HEM LF . 4.59 42.05 76.57
CBD HEM LF . 4.38 43.38 75.85
CGD HEM LF . 2.90 43.69 75.72
O1D HEM LF . 2.56 44.64 75.06
O2D HEM LF . 1.95 42.93 76.31
NA HEM LF . 8.37 40.66 72.76
NB HEM LF . 11.08 39.57 73.05
NC HEM LF . 10.69 39.75 75.93
ND HEM LF . 7.97 40.70 75.68
FE HEM LF . 9.34 40.38 74.45
BA BA MF . 1.32 28.80 63.69
MG BCL NF . 6.44 25.12 46.74
CHA BCL NF . 3.27 24.58 46.04
CHB BCL NF . 7.24 23.31 44.19
CHC BCL NF . 9.69 25.75 47.53
CHD BCL NF . 5.48 27.11 49.52
NA BCL NF . 5.43 23.76 45.58
C1A BCL NF . 4.04 23.59 45.50
C2A BCL NF . 3.69 22.62 44.36
C3A BCL NF . 5.12 22.15 43.86
C4A BCL NF . 6.04 22.93 44.76
CMA BCL NF . 5.43 20.72 44.31
CAA BCL NF . 2.84 23.25 43.26
CBA BCL NF . 2.12 22.26 42.40
CGA BCL NF . 0.81 22.85 41.87
O1A BCL NF . 0.27 23.79 42.28
O2A BCL NF . 0.29 22.25 40.90
NB BCL NF . 8.19 24.64 46.01
C1B BCL NF . 8.30 23.85 44.90
C2B BCL NF . 9.62 23.67 44.61
C3B BCL NF . 10.36 24.33 45.53
C4B BCL NF . 9.44 24.97 46.44
CMB BCL NF . 10.04 22.84 43.44
CAB BCL NF . 11.91 24.41 45.61
OBB BCL NF . 12.48 24.75 46.60
CBB BCL NF . 12.89 24.16 44.48
NC BCL NF . 7.34 26.26 48.21
C1C BCL NF . 8.69 26.34 48.35
C2C BCL NF . 9.07 27.53 49.20
C3C BCL NF . 7.93 27.55 50.17
C4C BCL NF . 6.82 27.08 49.20
CMC BCL NF . 10.27 27.20 50.05
CAC BCL NF . 7.93 29.03 50.54
CBC BCL NF . 7.23 29.97 49.56
ND BCL NF . 4.83 25.75 47.63
C1D BCL NF . 4.49 26.53 48.72
C2D BCL NF . 3.09 26.63 48.88
C3D BCL NF . 2.60 25.89 47.87
C4D BCL NF . 3.67 25.38 47.13
CMD BCL NF . 2.28 27.35 49.91
CAD BCL NF . 1.32 25.44 47.25
OBD BCL NF . 0.07 25.57 47.60
CBD BCL NF . 1.73 24.68 45.95
CGD BCL NF . 1.20 23.28 46.25
O1D BCL NF . 1.54 22.71 47.12
O2D BCL NF . 0.37 22.67 45.55
CED BCL NF . -1.09 22.95 45.96
C1 BCL NF . -1.13 21.91 40.84
C2 BCL NF . -1.78 22.65 39.68
C3 BCL NF . -2.76 23.52 39.82
C4 BCL NF . -3.31 23.83 41.17
C5 BCL NF . -3.43 24.30 38.64
C6 BCL NF . -4.08 23.37 37.56
C7 BCL NF . -4.51 24.24 36.38
C8 BCL NF . -5.99 24.58 36.34
C9 BCL NF . -6.92 23.43 36.70
C10 BCL NF . -6.17 24.92 34.90
C11 BCL NF . -5.40 26.18 34.64
C12 BCL NF . -5.83 26.57 33.23
C13 BCL NF . -5.41 28.03 32.94
C14 BCL NF . -6.39 28.99 33.62
C15 BCL NF . -5.44 28.32 31.46
C16 BCL NF . -4.53 29.50 31.27
C17 BCL NF . -5.23 30.44 30.30
C18 BCL NF . -4.54 30.48 28.94
C19 BCL NF . -5.13 31.66 28.21
C20 BCL NF . -4.88 29.22 28.11
O1D BPH OF . -6.16 20.91 27.59
CGD BPH OF . -5.25 20.65 28.36
O2D BPH OF . -3.98 20.63 27.93
CED BPH OF . -3.53 21.68 27.03
CBD BPH OF . -5.56 20.25 29.79
CHA BPH OF . -4.69 21.01 30.78
C4D BPH OF . -4.08 20.08 31.61
C3D BPH OF . -4.34 18.75 31.18
CAD BPH OF . -5.16 18.79 29.97
OBD BPH OF . -5.46 17.86 29.24
C2D BPH OF . -3.71 17.89 32.05
CMD BPH OF . -3.71 16.38 31.98
C1D BPH OF . -3.08 18.67 33.02
ND BPH OF . -3.31 20.00 32.74
CHD BPH OF . -2.32 18.18 34.10
C4C BPH OF . -1.60 19.03 34.94
C3C BPH OF . -0.39 18.57 35.71
CAC BPH OF . -0.82 17.76 36.91
CBC BPH OF . -0.67 16.28 36.57
C2C BPH OF . 0.25 19.88 36.15
CMC BPH OF . 1.61 20.07 35.52
C1C BPH OF . -0.64 20.92 35.52
NC BPH OF . -1.66 20.34 34.99
CHC BPH OF . -0.34 22.21 35.59
C4B BPH OF . -0.94 23.21 34.95
C3B BPH OF . -0.66 24.56 35.27
CAB BPH OF . 0.25 25.03 36.30
CBB BPH OF . -0.30 25.49 37.61
OBB BPH OF . 1.45 24.99 36.12
C2B BPH OF . -1.43 25.34 34.44
CMB BPH OF . -1.46 26.84 34.42
C1B BPH OF . -2.16 24.48 33.61
NB BPH OF . -1.85 23.20 33.95
CHB BPH OF . -3.05 24.95 32.64
C4A BPH OF . -3.46 24.17 31.56
C3A BPH OF . -4.34 24.69 30.44
CMA BPH OF . -3.43 25.28 29.37
C2A BPH OF . -5.07 23.42 29.97
C1A BPH OF . -4.44 22.35 30.82
NA BPH OF . -3.43 22.87 31.47
CAA BPH OF . -6.54 23.59 30.28
CBA BPH OF . -6.98 24.92 29.71
CGA BPH OF . -8.46 24.92 29.89
O1A BPH OF . -8.97 24.02 30.49
O2A BPH OF . -9.20 25.90 29.35
C1 BPH OF . -10.33 26.43 30.08
C2 BPH OF . -9.93 27.77 30.66
C3 BPH OF . -9.76 28.83 29.91
C4 BPH OF . -9.98 28.76 28.43
C5 BPH OF . -9.35 30.14 30.54
C6 BPH OF . -10.16 30.35 31.82
C7 BPH OF . -10.33 31.84 32.18
C8 BPH OF . -10.76 32.00 33.65
C9 BPH OF . -12.27 31.80 33.79
C10 BPH OF . -10.40 33.40 34.10
C11 BPH OF . -9.01 33.40 34.70
C12 BPH OF . -9.11 33.03 36.17
C13 BPH OF . -7.80 32.36 36.61
C14 BPH OF . -8.05 31.58 37.90
C15 BPH OF . -6.72 33.42 36.85
C16 BPH OF . -5.46 32.77 37.40
C17 BPH OF . -4.39 33.86 37.48
C18 BPH OF . -3.05 33.18 37.29
C19 BPH OF . -2.88 32.17 38.39
C20 BPH OF . -1.90 34.19 37.31
MG BCL PF . 17.74 18.24 45.46
CHA BCL PF . 15.07 16.95 46.81
CHB BCL PF . 19.15 15.24 45.45
CHC BCL PF . 20.40 19.73 44.05
CHD BCL PF . 16.16 21.40 45.50
NA BCL PF . 17.10 16.35 45.92
C1A BCL PF . 15.86 15.99 46.33
C2A BCL PF . 15.71 14.49 46.49
C3A BCL PF . 17.07 13.99 45.85
C4A BCL PF . 17.84 15.26 45.88
CMA BCL PF . 17.82 13.09 46.83
CAA BCL PF . 14.44 14.02 45.80
CBA BCL PF . 14.66 13.11 44.62
CGA BCL PF . 14.45 13.81 43.25
O1A BCL PF . 13.56 14.45 42.94
O2A BCL PF . 15.31 13.66 42.37
NB BCL PF . 19.50 17.65 44.83
C1B BCL PF . 19.88 16.34 44.93
C2B BCL PF . 21.13 16.23 44.43
C3B BCL PF . 21.52 17.46 44.03
C4B BCL PF . 20.48 18.38 44.29
CMB BCL PF . 21.78 14.88 44.43
CAB BCL PF . 22.84 17.87 43.40
OBB BCL PF . 22.95 18.95 42.93
CBB BCL PF . 24.07 17.02 43.29
NC BCL PF . 18.16 20.19 45.00
C1C BCL PF . 19.36 20.56 44.52
C2C BCL PF . 19.27 21.98 44.03
C3C BCL PF . 18.28 22.57 44.96
C4C BCL PF . 17.42 21.32 45.06
CMC BCL PF . 20.51 22.72 44.39
CAC BCL PF . 17.61 23.69 44.16
CBC BCL PF . 16.89 23.32 42.87
ND BCL PF . 16.11 19.07 45.98
C1D BCL PF . 15.52 20.29 45.98
C2D BCL PF . 14.24 20.32 46.51
C3D BCL PF . 14.06 19.05 46.83
C4D BCL PF . 15.19 18.31 46.50
CMD BCL PF . 13.32 21.47 46.67
CAD BCL PF . 13.05 18.13 47.43
OBD BCL PF . 11.86 18.34 47.93
CBD BCL PF . 13.68 16.69 47.40
CGD BCL PF . 13.73 16.31 48.91
O1D BCL PF . 13.59 15.29 49.33
O2D BCL PF . 13.93 17.20 49.76
CED BCL PF . 15.37 17.20 50.30
C1 BCL PF . 15.01 12.89 41.15
C2 BCL PF . 16.18 11.98 40.85
C3 BCL PF . 16.08 10.71 40.56
C4 BCL PF . 14.74 10.06 40.47
C5 BCL PF . 17.31 9.80 40.28
C6 BCL PF . 17.92 9.23 41.60
C7 BCL PF . 19.17 10.05 41.96
C8 BCL PF . 20.05 9.52 43.10
C9 BCL PF . 20.26 8.00 43.01
C10 BCL PF . 19.36 9.93 44.39
C11 BCL PF . 20.10 9.47 45.60
C12 BCL PF . 20.18 10.65 46.57
C13 BCL PF . 20.12 10.13 48.04
C14 BCL PF . 19.83 11.32 48.96
C15 BCL PF . 21.39 9.49 48.55
C16 BCL PF . 20.99 9.06 49.93
C17 BCL PF . 20.01 7.90 49.80
C18 BCL PF . 19.09 7.71 51.01
C19 BCL PF . 18.89 6.21 51.15
C20 BCL PF . 17.71 8.37 50.82
C45 UQ8 QF . -1.08 5.07 36.75
C44 UQ8 QF . -1.93 6.21 37.28
C46 UQ8 QF . -3.28 6.40 36.62
C43 UQ8 QF . -1.41 6.97 38.31
C42 UQ8 QF . -2.07 8.18 39.01
C41 UQ8 QF . -1.28 8.95 40.10
C39 UQ8 QF . -1.84 8.74 41.50
C40 UQ8 QF . -3.32 8.45 41.60
C38 UQ8 QF . -1.07 8.78 42.62
C37 UQ8 QF . -1.57 8.51 44.05
C36 UQ8 QF . -0.51 8.44 45.18
C34 UQ8 QF . 0.64 7.43 45.05
C35 UQ8 QF . 1.53 7.45 43.85
C33 UQ8 QF . 0.96 6.51 46.00
C32 UQ8 QF . 2.14 5.57 45.71
C31 UQ8 QF . 3.34 5.64 46.67
C29 UQ8 QF . 4.45 6.67 46.35
C30 UQ8 QF . 4.12 8.07 45.88
C28 UQ8 QF . 5.76 6.33 46.50
C27 UQ8 QF . 6.85 7.37 46.19
C26 UQ8 QF . 8.22 6.72 45.87
C24 UQ8 QF . 8.79 7.01 44.46
C25 UQ8 QF . 10.00 7.91 44.31
C23 UQ8 QF . 8.24 6.45 43.33
C22 UQ8 QF . 8.84 6.75 41.96
C21 UQ8 QF . 8.55 5.63 40.96
C19 UQ8 QF . 9.78 5.27 40.15
C20 UQ8 QF . 10.04 3.81 39.86
C18 UQ8 QF . 10.61 6.25 39.70
C17 UQ8 QF . 11.88 5.99 38.88
C16 UQ8 QF . 12.27 7.23 38.05
C14 UQ8 QF . 13.22 6.98 36.87
C15 UQ8 QF . 14.56 7.66 36.74
C13 UQ8 QF . 12.82 6.16 35.90
C12 UQ8 QF . 13.71 5.88 34.71
C11 UQ8 QF . 13.50 4.43 34.32
C9 UQ8 QF . 14.11 4.13 32.97
C10 UQ8 QF . 15.10 3.00 32.91
C8 UQ8 QF . 13.75 4.86 31.88
C7 UQ8 QF . 14.37 4.56 30.52
C6 UQ8 QF . 13.51 4.49 29.26
C1 UQ8 QF . 12.98 5.69 28.53
C1M UQ8 QF . 13.24 7.09 28.99
C2 UQ8 QF . 12.15 5.59 27.33
O2 UQ8 QF . 11.74 6.66 26.81
C3 UQ8 QF . 11.85 4.23 26.80
O3 UQ8 QF . 11.10 3.93 25.71
C3M UQ8 QF . 11.51 4.34 24.42
C4 UQ8 QF . 12.35 3.05 27.47
O4 UQ8 QF . 12.00 1.90 26.83
C4M UQ8 QF . 12.99 1.32 26.01
C5 UQ8 QF . 13.21 3.15 28.71
O5 UQ8 QF . 13.64 2.15 29.30
MG BCL RF . 1.20 29.76 38.80
CHA BCL RF . 3.97 30.92 37.53
CHB BCL RF . -0.42 30.26 35.91
CHC BCL RF . -1.56 28.52 40.31
CHD BCL RF . 2.92 29.22 41.89
NA BCL RF . 1.67 30.68 37.00
C1A BCL RF . 2.90 31.24 36.69
C2A BCL RF . 2.92 31.58 35.19
C3A BCL RF . 1.40 31.61 34.81
C4A BCL RF . 0.85 30.79 35.94
CMA BCL RF . 0.85 33.01 35.09
CAA BCL RF . 3.71 30.56 34.39
CBA BCL RF . 3.51 29.17 34.92
CGA BCL RF . 3.54 28.04 33.93
O1A BCL RF . 4.27 27.85 33.13
O2A BCL RF . 2.68 27.17 34.01
NB BCL RF . -0.65 29.44 38.27
C1B BCL RF . -1.14 29.71 37.01
C2B BCL RF . -2.49 29.34 37.01
C3B BCL RF . -2.82 28.87 38.23
C4B BCL RF . -1.66 28.92 39.03
CMB BCL RF . -3.40 29.49 35.83
CAB BCL RF . -4.17 28.35 38.68
OBB BCL RF . -4.34 27.21 38.94
CBB BCL RF . -5.37 29.22 38.89
NC BCL RF . 0.79 29.16 40.73
C1C BCL RF . -0.46 28.81 41.13
C2C BCL RF . -0.51 28.29 42.52
C3C BCL RF . 0.82 28.61 43.07
C4C BCL RF . 1.58 29.00 41.83
CMC BCL RF . -1.44 29.15 43.35
CAC BCL RF . 1.19 27.17 43.36
CBC BCL RF . 1.48 26.34 42.10
ND BCL RF . 2.95 29.98 39.61
C1D BCL RF . 3.59 29.75 40.81
C2D BCL RF . 4.93 30.09 40.84
C3D BCL RF . 5.10 30.55 39.58
C4D BCL RF . 3.90 30.46 38.87
CMD BCL RF . 5.89 29.99 41.98
CAD BCL RF . 6.13 31.12 38.65
OBD BCL RF . 7.35 31.53 38.83
CBD BCL RF . 5.46 31.15 37.23
CGD BCL RF . 5.68 32.61 36.84
O1D BCL RF . 6.66 33.06 36.71
O2D BCL RF . 4.71 33.38 36.67
CED BCL RF . 4.85 34.69 37.46
C1 BCL RF . 2.99 25.89 33.37
C2 BCL RF . 1.98 25.68 32.25
C3 BCL RF . 2.12 25.91 30.93
C4 BCL RF . 3.35 26.48 30.27
C5 BCL RF . 1.00 25.66 29.93
C6 BCL RF . 0.81 27.04 29.25
C7 BCL RF . -0.03 27.86 30.25
C8 BCL RF . 0.07 29.33 30.02
C9 BCL RF . 1.49 29.83 30.30
C10 BCL RF . -0.94 29.89 30.99
C11 BCL RF . -1.06 31.36 30.75
C12 BCL RF . -1.37 31.90 32.14
C13 BCL RF . -1.79 33.37 32.00
C14 BCL RF . -0.53 34.23 32.13
C15 BCL RF . -2.85 33.76 33.02
C16 BCL RF . -3.93 32.74 32.89
C17 BCL RF . -5.28 33.41 33.09
C18 BCL RF . -5.50 34.62 32.18
C19 BCL RF . -6.87 35.15 32.52
C20 BCL RF . -5.58 34.25 30.69
C2 PEF SF . 20.00 8.92 8.46
C1 PEF SF . 19.02 9.68 9.36
N PEF SF . 16.79 6.38 9.22
C3 PEF SF . 19.27 8.31 7.24
C4 PEF SF . 15.80 8.55 9.93
C5 PEF SF . 16.20 7.61 8.77
C10 PEF SF . 20.88 11.22 8.23
C11 PEF SF . 20.54 12.12 7.05
C30 PEF SF . 20.91 7.31 5.68
C31 PEF SF . 21.09 6.25 4.57
O4 PEF SF . 21.08 11.69 9.35
O5 PEF SF . 21.56 8.37 5.67
O2 PEF SF . 21.03 9.77 7.96
O3 PEF SF . 19.96 7.14 6.80
O1P PEF SF . 17.50 11.13 10.80
O2P PEF SF . 16.24 12.31 8.84
O3P PEF SF . 17.95 10.31 8.60
O4P PEF SF . 15.57 9.90 9.47
P PEF SF . 16.77 11.02 9.46
BA BA TF . -6.13 55.08 35.86
BA BA UF . 16.24 10.11 74.07
FE FE VF . 6.11 8.88 24.17
MG BCL WF . 12.69 27.19 43.22
CHA BCL WF . 15.41 26.36 41.46
CHB BCL WF . 10.77 25.55 41.11
CHC BCL WF . 10.07 28.13 45.16
CHD BCL WF . 14.79 28.93 45.49
NA BCL WF . 13.06 26.14 41.48
C1A BCL WF . 14.27 25.93 40.84
C2A BCL WF . 14.12 25.20 39.50
C3A BCL WF . 12.63 24.67 39.59
C4A BCL WF . 12.12 25.55 40.74
CMA BCL WF . 11.86 25.15 38.37
CAA BCL WF . 15.15 24.12 39.28
CBA BCL WF . 14.62 22.72 39.42
CGA BCL WF . 15.73 21.74 39.06
O1A BCL WF . 16.23 21.63 38.07
O2A BCL WF . 16.14 20.98 39.94
NB BCL WF . 10.76 26.91 43.18
C1B BCL WF . 10.16 26.20 42.21
C2B BCL WF . 8.81 26.20 42.46
C3B BCL WF . 8.59 26.91 43.59
C4B BCL WF . 9.83 27.37 44.05
CMB BCL WF . 7.86 25.48 41.54
CAB BCL WF . 7.27 27.24 44.31
OBB BCL WF . 7.28 27.78 45.35
CBB BCL WF . 5.90 27.03 43.75
NC BCL WF . 12.56 28.21 45.04
C1C BCL WF . 11.36 28.41 45.67
C2C BCL WF . 11.47 29.45 46.75
C3C BCL WF . 12.86 29.93 46.67
C4C BCL WF . 13.49 28.81 45.83
CMC BCL WF . 10.71 30.66 46.33
CAC BCL WF . 13.19 29.72 48.15
CBC BCL WF . 13.66 28.32 48.54
ND BCL WF . 14.56 27.58 43.49
C1D BCL WF . 15.35 28.27 44.39
C2D BCL WF . 16.72 28.24 44.08
C3D BCL WF . 16.76 27.51 42.97
C4D BCL WF . 15.46 27.13 42.63
CMD BCL WF . 17.86 28.86 44.82
CAD BCL WF . 17.70 26.96 41.96
OBD BCL WF . 19.01 26.85 41.92
CBD BCL WF . 16.77 26.51 40.78
CGD BCL WF . 16.68 27.79 39.93
O1D BCL WF . 15.91 28.01 39.15
O2D BCL WF . 17.55 28.71 40.08
CED BCL WF . 17.13 30.02 39.39
C1 BCL WF . 16.32 19.55 39.67
C2 BCL WF . 17.59 19.17 38.93
C3 BCL WF . 18.82 19.61 39.11
C4 BCL WF . 19.17 20.64 40.12
C5 BCL WF . 20.03 19.14 38.29
C6 BCL WF . 20.64 17.89 38.97
C7 BCL WF . 21.54 17.20 37.96
C8 BCL WF . 22.85 16.70 38.52
C9 BCL WF . 24.01 17.00 37.60
C10 BCL WF . 22.67 15.22 38.66
C11 BCL WF . 23.91 14.69 39.26
C12 BCL WF . 23.48 13.43 39.97
C13 BCL WF . 24.48 13.21 41.11
C14 BCL WF . 25.69 12.50 40.51
C15 BCL WF . 23.88 12.35 42.20
C16 BCL WF . 24.92 12.19 43.27
C17 BCL WF . 24.24 11.55 44.47
C18 BCL WF . 25.17 11.12 45.62
C19 BCL WF . 24.31 11.06 46.87
C20 BCL WF . 26.25 12.17 45.93
O1D BPH XF . 21.82 8.46 33.43
CGD BPH XF . 21.28 9.53 33.27
O2D BPH XF . 19.96 9.57 33.07
CED BPH XF . 19.38 8.25 33.05
CBD BPH XF . 22.07 10.79 33.21
CHA BPH XF . 21.58 11.74 34.25
C4D BPH XF . 20.75 12.65 33.64
C3D BPH XF . 20.76 12.47 32.26
CAD BPH XF . 21.63 11.39 31.91
OBD BPH XF . 21.94 11.03 30.81
C2D BPH XF . 19.90 13.43 31.71
CMD BPH XF . 19.59 13.61 30.25
C1D BPH XF . 19.38 14.17 32.75
ND BPH XF . 19.91 13.69 33.93
CHD BPH XF . 18.48 15.22 32.63
C4C BPH XF . 17.93 15.80 33.71
C3C BPH XF . 16.83 16.81 33.61
CAC BPH XF . 17.29 18.00 32.76
CBC BPH XF . 16.35 18.23 31.56
C2C BPH XF . 16.60 17.23 35.07
CMC BPH XF . 15.24 16.68 35.45
C1C BPH XF . 17.74 16.51 35.81
NC BPH XF . 18.47 15.88 34.90
CHC BPH XF . 17.77 16.38 37.22
C4B BPH XF . 18.41 15.38 37.98
C3B BPH XF . 18.30 15.31 39.43
CAB BPH XF . 17.54 16.24 40.31
CBB BPH XF . 18.31 17.04 41.31
OBB BPH XF . 16.34 16.40 40.31
C2B BPH XF . 19.05 14.19 39.85
CMB BPH XF . 19.24 13.71 41.27
C1B BPH XF . 19.60 13.59 38.70
NB BPH XF . 19.20 14.32 37.58
CHB BPH XF . 20.40 12.44 38.78
C4A BPH XF . 20.88 11.77 37.67
C3A BPH XF . 21.73 10.49 37.73
CMA BPH XF . 20.86 9.25 37.95
C2A BPH XF . 22.30 10.39 36.33
C1A BPH XF . 21.66 11.57 35.61
NA BPH XF . 20.92 12.25 36.46
CAA BPH XF . 23.84 10.45 36.30
CBA BPH XF . 24.50 9.89 37.58
CGA BPH XF . 25.98 10.22 37.64
O1A BPH XF . 26.40 11.35 37.54
O2A BPH XF . 26.89 9.24 37.82
C1 BPH XF . 28.07 9.62 38.57
C2 BPH XF . 28.65 8.42 39.27
C3 BPH XF . 28.06 7.79 40.27
C4 BPH XF . 26.73 8.22 40.82
C5 BPH XF . 28.72 6.60 40.91
C6 BPH XF . 27.63 5.61 41.30
C7 BPH XF . 28.29 4.41 41.96
C8 BPH XF . 27.38 3.18 41.91
C9 BPH XF . 25.96 3.61 42.25
C10 BPH XF . 27.85 2.12 42.93
C11 BPH XF . 28.01 0.75 42.26
C12 BPH XF . 28.52 -0.26 43.30
C13 BPH XF . 28.68 -1.68 42.72
C14 BPH XF . 28.23 -2.72 43.78
C15 BPH XF . 30.13 -1.94 42.29
C16 BPH XF . 31.10 -2.11 43.49
C17 BPH XF . 32.44 -1.36 43.31
C18 BPH XF . 33.58 -2.04 44.08
C19 BPH XF . 33.14 -2.30 45.51
C20 BPH XF . 34.85 -1.17 44.08
C1 MQ8 YF . 0.79 13.69 22.45
O1 MQ8 YF . 1.23 12.86 23.24
C2 MQ8 YF . 0.51 15.08 22.90
C2M MQ8 YF . 0.78 15.42 24.31
C3 MQ8 YF . 0.01 16.01 22.05
C4 MQ8 YF . -0.26 15.60 20.66
O4 MQ8 YF . -0.71 16.45 19.91
C5 MQ8 YF . 0.01 14.22 20.16
C6 MQ8 YF . -0.24 13.85 18.81
C7 MQ8 YF . 0.02 12.56 18.36
C8 MQ8 YF . 0.53 11.61 19.24
C9 MQ8 YF . 0.78 11.97 20.56
C10 MQ8 YF . 0.52 13.27 21.04
C11 MQ8 YF . -0.31 17.41 22.43
C12 MQ8 YF . 0.89 18.29 22.35
C13 MQ8 YF . 0.79 19.65 22.15
C14 MQ8 YF . -0.52 20.28 21.81
C15 MQ8 YF . 1.99 20.49 22.47
C16 MQ8 YF . 1.65 21.96 22.56
C17 MQ8 YF . 0.91 22.42 23.81
C18 MQ8 YF . 1.28 22.32 25.13
C19 MQ8 YF . 2.49 23.00 25.67
C20 MQ8 YF . 0.17 22.05 26.09
C21 MQ8 YF . -0.25 23.31 26.75
C22 MQ8 YF . -1.02 24.16 25.82
C23 MQ8 YF . -0.72 25.48 25.66
C24 MQ8 YF . 0.65 26.01 25.91
C25 MQ8 YF . -1.68 26.32 24.89
C26 MQ8 YF . -3.03 25.78 25.21
C27 MQ8 YF . -4.05 26.55 24.46
C28 MQ8 YF . -5.37 26.21 24.64
C29 MQ8 YF . -5.75 25.11 25.56
C30 MQ8 YF . -6.38 26.77 23.70
C31 MQ8 YF . -7.17 27.85 24.36
C32 MQ8 YF . -8.62 27.65 24.07
C33 MQ8 YF . -9.27 28.48 23.18
C34 MQ8 YF . -10.69 28.21 22.76
C35 MQ8 YF . -8.52 29.70 22.73
C36 MQ8 YF . -9.24 30.46 21.67
C37 MQ8 YF . -8.41 30.66 20.43
C38 MQ8 YF . -8.94 31.03 19.21
C39 MQ8 YF . -8.48 30.41 17.92
C40 MQ8 YF . -9.94 32.15 19.10
C41 MQ8 YF . -9.68 33.31 20.03
C42 MQ8 YF . -10.86 33.54 20.94
C43 MQ8 YF . -11.43 34.80 21.13
C44 MQ8 YF . -12.93 34.88 21.27
C45 MQ8 YF . -10.63 36.07 21.09
C46 MQ8 YF . -13.44 36.28 21.13
C47 MQ8 YF . -14.77 36.42 21.81
C48 MQ8 YF . -15.84 37.03 21.20
C49 MQ8 YF . -17.06 37.33 22.00
C50 MQ8 YF . -15.86 37.24 19.72
C1M CRT ZF . 29.49 5.56 57.14
O1 CRT ZF . 29.09 5.73 55.77
C1 CRT ZF . 30.06 5.63 54.72
C2 CRT ZF . 30.49 4.22 54.34
C3 CRT ZF . 30.55 6.83 53.90
C4 CRT ZF . 28.94 5.58 53.65
C5 CRT ZF . 27.73 6.50 53.75
C6 CRT ZF . 27.44 7.35 52.76
C7 CRT ZF . 26.26 8.26 52.70
C8 CRT ZF . 25.03 7.89 53.47
C9 CRT ZF . 26.25 9.38 51.92
C10 CRT ZF . 25.11 10.30 51.76
C11 CRT ZF . 25.26 11.34 50.91
C12 CRT ZF . 24.25 12.37 50.54
C13 CRT ZF . 22.79 12.15 50.84
C14 CRT ZF . 24.64 13.48 49.88
C15 CRT ZF . 23.75 14.54 49.43
C16 CRT ZF . 24.26 15.43 48.57
C17 CRT ZF . 23.50 16.56 48.01
C18 CRT ZF . 22.04 16.70 48.30
C19 CRT ZF . 24.14 17.48 47.24
C20 CRT ZF . 23.43 18.62 46.65
C21 CRT ZF . 24.02 19.57 45.92
C22 CRT ZF . 25.46 19.65 45.68
C23 CRT ZF . 26.04 20.29 44.62
C24 CRT ZF . 25.24 20.99 43.56
C25 CRT ZF . 27.52 20.33 44.54
C26 CRT ZF . 28.17 21.27 43.83
C27 CRT ZF . 29.63 21.26 43.87
C28 CRT ZF . 30.43 21.47 42.82
C29 CRT ZF . 29.93 21.69 41.43
C30 CRT ZF . 31.88 21.44 43.04
C31 CRT ZF . 32.71 21.37 42.01
C32 CRT ZF . 34.12 21.36 42.38
C33 CRT ZF . 35.12 21.07 41.57
C34 CRT ZF . 34.87 20.67 40.15
C35 CRT ZF . 36.46 21.10 42.15
C36 CRT ZF . 37.54 21.60 41.59
C37 CRT ZF . 38.78 21.49 42.45
C38 CRT ZF . 39.96 22.19 41.82
C39 CRT ZF . 39.97 21.84 40.34
C40 CRT ZF . 39.85 23.69 42.09
O2 CRT ZF . 41.18 21.70 42.38
C2M CRT ZF . 42.15 22.63 42.84
P PO4 AG . 35.10 2.41 26.61
O1 PO4 AG . 34.48 2.93 27.90
O2 PO4 AG . 36.29 3.33 26.35
O3 PO4 AG . 35.60 0.98 26.73
O4 PO4 AG . 34.03 2.47 25.51
C2 PEF BG . 12.09 -9.15 42.52
C1 PEF BG . 11.73 -8.01 43.49
N PEF BG . 8.15 -6.18 45.61
C3 PEF BG . 13.55 -9.05 42.02
C4 PEF BG . 9.76 -4.38 45.53
C5 PEF BG . 8.30 -4.74 45.78
C10 PEF BG . 10.77 -11.16 42.52
C11 PEF BG . 9.89 -12.13 43.29
C30 PEF BG . 15.31 -7.47 42.91
C31 PEF BG . 16.57 -7.43 43.76
O4 PEF BG . 10.55 -10.94 41.35
O5 PEF BG . 15.04 -6.54 42.16
O2 PEF BG . 11.90 -10.46 43.10
O3 PEF BG . 14.44 -8.64 43.05
O1P PEF BG . 12.81 -5.35 44.84
O2P PEF BG . 11.54 -4.10 42.85
O3P PEF BG . 11.66 -6.70 42.91
O4P PEF BG . 10.29 -5.43 44.72
P PEF BG . 11.65 -5.30 43.81
C2 PEF CG . -6.34 0.35 37.90
C1 PEF CG . -5.58 0.02 36.61
N PEF CG . -5.87 -6.15 37.39
C3 PEF CG . -5.47 0.22 39.15
C4 PEF CG . -4.74 -4.39 36.03
C5 PEF CG . -5.54 -5.69 36.05
C10 PEF CG . -8.20 1.94 37.87
C11 PEF CG . -8.66 3.17 38.65
C30 PEF CG . -5.32 1.68 41.26
C31 PEF CG . -4.36 2.77 40.76
O4 PEF CG . -9.02 1.19 37.33
O5 PEF CG . -5.49 1.45 42.47
O2 PEF CG . -6.76 1.72 37.77
O3 PEF CG . -6.09 0.90 40.26
O1P PEF CG . -6.02 -1.21 34.05
O2P PEF CG . -3.49 -1.76 34.74
O3P PEF CG . -5.43 -1.39 36.40
O4P PEF CG . -5.39 -3.50 35.10
P PEF CG . -5.01 -1.91 34.93
C2 PEF DG . -1.24 -5.34 40.93
C1 PEF DG . -2.27 -5.50 39.79
N PEF DG . -2.42 -10.73 42.04
C3 PEF DG . -0.23 -4.16 40.85
C4 PEF DG . -2.85 -9.44 40.01
C5 PEF DG . -1.98 -10.50 40.68
C10 PEF DG . -1.04 -6.12 43.06
C11 PEF DG . -0.72 -5.67 44.50
C30 PEF DG . 1.98 -3.46 41.95
C31 PEF DG . 1.52 -2.13 42.47
O4 PEF DG . -0.61 -7.18 42.58
O5 PEF DG . 3.19 -3.70 41.84
O2 PEF DG . -1.87 -5.25 42.21
O3 PEF DG . 0.95 -4.46 41.64
O1P PEF DG . -4.68 -8.00 38.16
O2P PEF DG . -2.51 -6.90 37.12
O3P PEF DG . -2.81 -6.86 39.70
O4P PEF DG . -2.44 -9.00 38.70
P PEF DG . -3.20 -7.63 38.28
C2 PEF EG . -2.66 27.57 15.57
C1 PEF EG . -2.28 26.57 14.48
N PEF EG . -4.59 23.56 12.93
C3 PEF EG . -4.17 27.49 15.79
C4 PEF EG . -4.87 25.69 12.02
C5 PEF EG . -5.54 24.66 12.91
C10 PEF EG . -0.56 27.38 16.92
C11 PEF EG . 0.02 27.75 18.28
C30 PEF EG . -5.66 27.69 17.85
C31 PEF EG . -5.80 28.28 19.25
O4 PEF EG . 0.15 27.13 15.93
O5 PEF EG . -6.55 26.98 17.38
O2 PEF EG . -2.03 27.30 16.85
O3 PEF EG . -4.45 28.00 17.09
O1P PEF EG . -2.82 27.27 10.70
O2P PEF EG . -1.02 25.64 11.73
O3P PEF EG . -2.53 27.16 13.20
O4P PEF EG . -3.52 25.24 11.98
P PEF EG . -2.36 26.34 11.80
P PO4 FG . 10.73 44.82 30.96
O1 PO4 FG . 11.88 44.04 31.59
O2 PO4 FG . 10.78 44.50 29.50
O3 PO4 FG . 9.40 44.36 31.56
O4 PO4 FG . 10.90 46.34 31.03
C2 PEF GG . 17.03 19.57 15.49
C1 PEF GG . 17.97 18.50 14.98
N PEF GG . 19.12 12.71 13.42
C3 PEF GG . 15.53 19.25 15.24
C4 PEF GG . 19.72 14.86 14.47
C5 PEF GG . 20.13 13.41 14.21
C10 PEF GG . 18.47 20.72 16.88
C11 PEF GG . 19.69 20.47 17.74
C30 PEF GG . 13.29 20.46 15.73
C31 PEF GG . 12.26 20.93 16.70
O4 PEF GG . 18.34 21.73 16.18
O5 PEF GG . 13.02 20.61 14.56
O2 PEF GG . 17.39 19.76 16.86
O3 PEF GG . 14.60 19.93 16.13
O1P PEF GG . 15.97 15.61 14.79
O2P PEF GG . 17.92 16.59 13.26
O3P PEF GG . 17.66 17.27 15.63
O4P PEF GG . 18.45 14.93 15.13
P PEF GG . 17.41 16.07 14.60
C2 PEF HG . -10.63 27.85 8.88
C1 PEF HG . -11.18 26.49 8.41
N PEF HG . -16.38 24.75 10.20
C3 PEF HG . -11.68 28.45 9.84
C4 PEF HG . -15.62 27.10 10.32
C5 PEF HG . -16.67 26.12 9.79
C10 PEF HG . -8.16 27.89 8.73
C11 PEF HG . -6.82 27.42 9.23
C30 PEF HG . -12.97 30.61 10.14
C31 PEF HG . -12.95 32.10 10.44
O4 PEF HG . -8.26 28.49 7.67
O5 PEF HG . -14.03 30.02 10.09
O2 PEF HG . -9.36 27.64 9.52
O3 PEF HG . -11.72 29.89 9.91
O1P PEF HG . -14.69 25.39 7.54
O2P PEF HG . -13.46 25.10 9.87
O3P PEF HG . -12.56 26.69 8.04
O4P PEF HG . -14.60 27.26 9.34
P PEF HG . -13.85 25.96 8.69
MG BCL IG . -21.11 52.59 23.97
CHA BCL IG . -20.52 51.92 20.77
CHB BCL IG . -22.37 49.58 24.40
CHC BCL IG . -21.62 53.49 27.22
CHD BCL IG . -19.74 55.84 23.46
NA BCL IG . -21.47 50.99 22.72
C1A BCL IG . -21.16 50.89 21.37
C2A BCL IG . -21.56 49.55 20.74
C3A BCL IG . -22.20 48.79 21.98
C4A BCL IG . -22.06 49.85 23.07
CMA BCL IG . -23.71 48.67 21.72
CAA BCL IG . -20.38 48.86 20.06
CBA BCL IG . -20.44 47.37 19.92
CGA BCL IG . -19.72 46.92 18.65
O1A BCL IG . -18.66 47.19 18.32
O2A BCL IG . -20.34 46.15 17.89
NB BCL IG . -21.84 51.74 25.56
C1B BCL IG . -22.33 50.46 25.51
C2B BCL IG . -22.78 50.15 26.78
C3B BCL IG . -22.58 51.21 27.60
C4B BCL IG . -21.99 52.24 26.82
CMB BCL IG . -23.35 48.79 27.03
CAB BCL IG . -22.92 51.36 29.10
OBB BCL IG . -23.13 52.40 29.60
CBB BCL IG . -22.98 50.22 30.09
NC BCL IG . -20.57 54.27 25.09
C1C BCL IG . -20.86 54.37 26.41
C2C BCL IG . -20.32 55.65 27.02
C3C BCL IG . -19.99 56.50 25.86
C4C BCL IG . -19.93 55.44 24.76
CMC BCL IG . -21.46 56.38 27.69
CAC BCL IG . -18.60 57.04 26.21
CBC BCL IG . -18.51 58.58 26.22
ND BCL IG . -20.32 53.68 22.57
C1D BCL IG . -19.80 54.95 22.41
C2D BCL IG . -19.36 55.23 21.12
C3D BCL IG . -19.62 54.08 20.48
C4D BCL IG . -20.20 53.18 21.37
CMD BCL IG . -18.75 56.52 20.67
CAD BCL IG . -19.53 53.40 19.13
OBD BCL IG . -19.02 53.76 17.99
CBD BCL IG . -20.23 51.98 19.28
CGD BCL IG . -21.64 52.02 18.64
O1D BCL IG . -22.50 52.58 19.05
O2D BCL IG . -21.86 51.39 17.59
CED BCL IG . -22.22 52.29 16.40
C1 BCL IG . -19.64 45.30 16.92
C2 BCL IG . -20.37 45.37 15.58
C3 BCL IG . -20.32 44.46 14.61
C4 BCL IG . -19.47 43.23 14.74
C5 BCL IG . -21.10 44.62 13.26
C6 BCL IG . -22.39 43.75 13.15
C7 BCL IG . -21.98 42.41 12.49
C8 BCL IG . -22.16 42.20 10.98
C9 BCL IG . -21.15 42.96 10.10
C10 BCL IG . -23.55 42.64 10.61
C11 BCL IG . -24.27 41.45 10.06
C12 BCL IG . -25.73 41.81 10.32
C13 BCL IG . -26.64 40.83 9.56
C14 BCL IG . -28.11 41.09 9.96
C15 BCL IG . -26.22 39.39 9.77
C16 BCL IG . -26.64 38.93 11.14
C17 BCL IG . -25.73 37.75 11.45
C18 BCL IG . -25.21 37.73 12.88
C19 BCL IG . -24.51 39.04 13.12
C20 BCL IG . -24.11 36.65 13.02
MG BCL JG . -13.67 55.13 20.08
CHA BCL JG . -15.40 52.40 19.26
CHB BCL JG . -12.21 55.09 17.14
CHC BCL JG . -12.01 57.91 21.09
CHD BCL JG . -15.27 55.14 23.24
NA BCL JG . -13.79 53.89 18.43
C1A BCL JG . -14.63 52.81 18.23
C2A BCL JG . -14.23 52.03 16.96
C3A BCL JG . -13.35 53.08 16.18
C4A BCL JG . -13.04 54.01 17.34
CMA BCL JG . -12.03 52.42 15.75
CAA BCL JG . -15.42 51.50 16.18
CBA BCL JG . -15.52 51.99 14.77
CGA BCL JG . -14.58 51.23 13.86
O1A BCL JG . -14.10 50.21 14.05
O2A BCL JG . -14.27 51.81 12.81
NB BCL JG . -12.34 56.33 19.31
C1B BCL JG . -11.87 56.13 18.05
C2B BCL JG . -10.95 57.11 17.77
C3B BCL JG . -10.85 57.93 18.85
C4B BCL JG . -11.75 57.43 19.84
CMB BCL JG . -10.27 57.12 16.43
CAB BCL JG . -9.97 59.17 19.02
OBB BCL JG . -10.11 59.91 19.92
CBB BCL JG . -8.81 59.57 18.13
NC BCL JG . -13.81 56.33 21.76
C1C BCL JG . -13.08 57.47 21.88
C2C BCL JG . -13.35 58.18 23.18
C3C BCL JG . -14.09 57.20 24.03
C4C BCL JG . -14.54 56.23 22.91
CMC BCL JG . -12.03 58.41 23.89
CAC BCL JG . -15.26 57.99 24.62
CBC BCL JG . -14.95 59.25 25.46
ND BCL JG . -14.99 54.12 21.10
C1D BCL JG . -15.59 54.15 22.34
C2D BCL JG . -16.51 53.11 22.55
C3D BCL JG . -16.46 52.42 21.38
C4D BCL JG . -15.53 53.04 20.53
CMD BCL JG . -17.32 52.86 23.79
CAD BCL JG . -17.01 51.21 20.63
OBD BCL JG . -17.86 50.28 20.92
CBD BCL JG . -16.33 51.20 19.21
CGD BCL JG . -15.45 49.92 19.16
O1D BCL JG . -14.36 49.95 19.36
O2D BCL JG . -15.95 48.79 18.89
CED BCL JG . -15.71 48.27 17.46
C1 BCL JG . -14.20 53.30 12.80
C2 BCL JG . -13.96 53.92 11.43
C3 BCL JG . -12.93 53.64 10.64
C4 BCL JG . -11.88 52.65 11.03
C5 BCL JG . -12.69 54.30 9.25
C6 BCL JG . -11.48 55.29 9.36
C7 BCL JG . -12.04 56.64 9.86
C8 BCL JG . -11.29 57.32 11.00
C9 BCL JG . -9.79 57.07 11.03
C10 BCL JG . -11.89 56.76 12.27
C11 BCL JG . -13.22 57.37 12.42
C12 BCL JG . -13.74 56.68 13.67
C13 BCL JG . -14.60 57.66 14.47
C14 BCL JG . -15.18 58.77 13.54
C15 BCL JG . -13.84 58.23 15.64
C16 BCL JG . -13.08 59.44 15.17
C17 BCL JG . -12.48 60.14 16.38
C18 BCL JG . -12.14 61.58 16.01
C19 BCL JG . -10.63 61.63 15.96
C20 BCL JG . -12.63 62.60 17.09
C1M CRT KG . -37.29 25.90 9.42
O1 CRT KG . -37.16 27.26 9.00
C1 CRT KG . -36.09 27.63 8.11
C2 CRT KG . -36.39 27.95 6.64
C3 CRT KG . -34.69 27.90 8.68
C4 CRT KG . -36.52 29.06 8.44
C5 CRT KG . -36.74 29.29 9.92
C6 CRT KG . -36.13 30.31 10.51
C7 CRT KG . -36.25 30.64 11.94
C8 CRT KG . -37.37 30.10 12.79
C9 CRT KG . -35.32 31.46 12.45
C10 CRT KG . -35.31 31.89 13.84
C11 CRT KG . -34.74 33.07 14.10
C12 CRT KG . -34.66 33.60 15.45
C13 CRT KG . -35.44 32.98 16.57
C14 CRT KG . -33.88 34.68 15.62
C15 CRT KG . -33.64 35.39 16.88
C16 CRT KG . -32.75 36.37 16.78
C17 CRT KG . -32.26 37.26 17.85
C18 CRT KG . -32.97 37.45 19.16
C19 CRT KG . -31.12 37.90 17.56
C20 CRT KG . -30.46 38.82 18.47
C21 CRT KG . -29.34 39.38 18.02
C22 CRT KG . -28.61 40.29 18.88
C23 CRT KG . -27.37 40.67 18.58
C24 CRT KG . -26.69 40.13 17.35
C25 CRT KG . -26.68 41.57 19.51
C26 CRT KG . -25.49 42.17 19.34
C27 CRT KG . -25.05 42.95 20.49
C28 CRT KG . -23.76 43.19 20.76
C29 CRT KG . -22.66 42.68 19.87
C30 CRT KG . -23.47 43.95 21.98
C31 CRT KG . -22.23 44.09 22.48
C32 CRT KG . -22.11 44.87 23.71
C33 CRT KG . -20.95 45.34 24.21
C34 CRT KG . -19.66 45.11 23.50
C35 CRT KG . -21.01 46.10 25.47
C36 CRT KG . -19.91 46.41 26.16
C37 CRT KG . -20.15 47.19 27.42
C38 CRT KG . -19.36 46.69 28.62
C39 CRT KG . -19.90 47.40 29.86
C40 CRT KG . -19.45 45.18 28.79
O2 CRT KG . -17.99 47.01 28.43
C2M CRT KG . -17.11 47.04 29.55
BA BA LG . -16.28 60.76 35.75
BA BA MG . -27.85 53.82 44.64
C1M CRT NG . -20.56 35.99 -2.44
O1 CRT NG . -21.75 36.37 -1.73
C1 CRT NG . -23.01 36.02 -2.30
C2 CRT NG . -23.66 34.71 -1.87
C3 CRT NG . -23.73 37.06 -3.16
C4 CRT NG . -23.81 36.61 -1.12
C5 CRT NG . -23.19 37.80 -0.42
C6 CRT NG . -23.90 38.43 0.52
C7 CRT NG . -23.30 39.57 1.26
C8 CRT NG . -22.89 40.75 0.45
C9 CRT NG . -23.15 39.44 2.60
C10 CRT NG . -22.58 40.34 3.61
C11 CRT NG . -22.13 41.61 3.57
C12 CRT NG . -21.61 42.19 4.83
C13 CRT NG . -21.91 41.54 6.14
C14 CRT NG . -20.85 43.31 4.85
C15 CRT NG . -20.32 43.87 6.10
C16 CRT NG . -19.46 44.89 6.04
C17 CRT NG . -18.83 45.52 7.21
C18 CRT NG . -19.62 45.94 8.43
C19 CRT NG . -17.51 45.74 7.17
C20 CRT NG . -16.76 46.36 8.25
C21 CRT NG . -15.44 46.49 8.11
C22 CRT NG . -14.69 47.11 9.20
C23 CRT NG . -13.38 46.97 9.38
C24 CRT NG . -12.55 46.13 8.47
C25 CRT NG . -12.83 47.67 10.57
C26 CRT NG . -11.59 47.56 11.07
C27 CRT NG . -11.29 48.31 12.30
C28 CRT NG . -10.12 48.18 12.96
C29 CRT NG . -9.02 47.29 12.48
C30 CRT NG . -9.92 48.96 14.20
C31 CRT NG . -8.77 48.89 14.86
C32 CRT NG . -8.66 49.67 16.09
C33 CRT NG . -7.59 49.75 16.90
C34 CRT NG . -6.31 49.01 16.59
C35 CRT NG . -7.73 50.60 18.10
C36 CRT NG . -6.79 50.75 19.03
C37 CRT NG . -7.12 51.66 20.20
C38 CRT NG . -6.66 51.05 21.50
C39 CRT NG . -6.02 52.10 22.39
C40 CRT NG . -7.85 50.41 22.19
O2 CRT NG . -5.71 50.02 21.18
C2M CRT NG . -4.95 49.39 22.23
C2 PEF OG . -5.71 34.50 1.36
C1 PEF OG . -6.91 34.73 2.30
N PEF OG . -4.40 29.74 5.26
C3 PEF OG . -5.89 33.16 0.66
C4 PEF OG . -6.64 30.71 4.88
C5 PEF OG . -5.29 30.32 4.28
C30 PEF OG . -4.84 31.65 -0.97
C31 PEF OG . -3.65 30.88 -1.52
O5 PEF OG . -5.96 31.42 -1.35
O2 PEF OG . -5.63 35.52 0.35
O3 PEF OG . -4.70 32.72 0.03
O1P PEF OG . -8.14 33.21 5.48
O2P PEF OG . -9.14 33.17 3.10
O3P PEF OG . -6.74 33.89 3.46
O4P PEF OG . -7.34 31.42 3.86
P PEF OG . -7.94 32.94 4.01
MG BCL PG . -5.74 56.19 17.07
CHA BCL PG . -4.51 55.15 14.15
CHB BCL PG . -8.06 53.84 16.95
CHC BCL PG . -6.85 57.39 20.05
CHD BCL PG . -3.23 58.71 17.19
NA BCL PG . -6.17 54.64 15.74
C1A BCL PG . -5.50 54.32 14.57
C2A BCL PG . -6.18 53.18 13.79
C3A BCL PG . -7.30 52.70 14.81
C4A BCL PG . -7.17 53.78 15.87
CMA BCL PG . -8.67 52.92 14.14
CAA BCL PG . -5.17 52.13 13.35
CBA BCL PG . -5.61 50.70 13.48
CGA BCL PG . -4.78 49.78 12.59
O1A BCL PG . -4.01 49.00 12.94
O2A BCL PG . -4.96 49.86 11.36
NB BCL PG . -7.17 55.75 18.31
C1B BCL PG . -8.03 54.72 18.06
C2B BCL PG . -8.91 54.68 19.12
C3B BCL PG . -8.61 55.65 20.02
C4B BCL PG . -7.49 56.34 19.50
CMB BCL PG . -9.98 53.61 19.10
CAB BCL PG . -9.27 56.04 21.37
OBB BCL PG . -9.07 57.08 21.90
CBB BCL PG . -10.24 55.19 22.14
NC BCL PG . -5.10 57.70 18.32
C1C BCL PG . -5.81 58.07 19.41
C2C BCL PG . -5.07 59.04 20.28
C3C BCL PG . -3.99 59.56 19.41
C4C BCL PG . -3.99 58.52 18.30
CMC BCL PG . -6.00 60.19 20.58
CAC BCL PG . -2.81 59.38 20.37
CBC BCL PG . -2.54 60.58 21.32
ND BCL PG . -4.23 56.85 16.02
C1D BCL PG . -3.27 57.84 16.10
C2D BCL PG . -2.40 57.84 14.99
C3D BCL PG . -2.86 56.83 14.26
C4D BCL PG . -3.95 56.25 14.88
CMD BCL PG . -1.23 58.74 14.68
CAD BCL PG . -2.59 56.12 12.97
OBD BCL PG . -1.63 56.28 12.13
CBD BCL PG . -3.75 55.07 12.80
CGD BCL PG . -4.73 55.59 11.71
O1D BCL PG . -5.21 56.58 11.71
O2D BCL PG . -5.03 54.86 10.71
CED BCL PG . -4.21 55.16 9.45
C1 BCL PG . -5.50 48.70 10.60
C2 BCL PG . -5.33 48.82 9.09
C3 BCL PG . -5.92 48.05 8.19
C4 BCL PG . -5.70 48.28 6.73
C5 BCL PG . -6.87 46.88 8.51
C6 BCL PG . -8.28 47.23 7.96
C7 BCL PG . -9.12 45.98 8.24
C8 BCL PG . -8.78 44.82 7.36
C9 BCL PG . -9.89 44.42 6.38
C10 BCL PG . -8.44 43.70 8.29
C11 BCL PG . -9.69 43.16 8.88
C12 BCL PG . -9.27 41.76 9.26
C13 BCL PG . -9.28 40.94 7.96
C14 BCL PG . -10.72 40.98 7.42
C15 BCL PG . -8.80 39.51 8.16
C16 BCL PG . -8.94 38.82 6.83
C17 BCL PG . -8.93 37.35 7.09
C18 BCL PG . -7.64 36.72 6.59
C19 BCL PG . -8.02 36.29 5.21
C20 BCL PG . -7.33 35.42 7.37
BA BA QG . -0.14 63.27 29.15
C1M CRT RG . -8.31 39.00 -9.79
O1 CRT RG . -7.24 39.48 -8.97
C1 CRT RG . -5.90 39.06 -9.28
C2 CRT RG . -5.42 39.31 -10.70
C3 CRT RG . -4.95 38.60 -8.16
C4 CRT RG . -5.41 40.47 -9.00
C5 CRT RG . -6.12 41.17 -7.85
C6 CRT RG . -5.41 41.93 -7.02
C7 CRT RG . -6.05 42.63 -5.91
C8 CRT RG . -7.55 42.72 -5.85
C9 CRT RG . -5.23 43.17 -5.00
C10 CRT RG . -5.59 43.91 -3.79
C11 CRT RG . -4.58 44.44 -3.13
C12 CRT RG . -4.76 45.20 -1.89
C13 CRT RG . -6.14 45.43 -1.37
C14 CRT RG . -3.66 45.68 -1.27
C15 CRT RG . -3.63 46.44 -0.01
C16 CRT RG . -2.41 46.65 0.48
C17 CRT RG . -2.12 47.35 1.74
C18 CRT RG . -3.19 48.03 2.52
C19 CRT RG . -0.84 47.29 2.15
C20 CRT RG . -0.31 47.87 3.38
C21 CRT RG . 1.00 47.81 3.55
C22 CRT RG . 1.62 48.32 4.76
C23 CRT RG . 2.91 48.18 5.03
C24 CRT RG . 3.79 47.46 4.05
C25 CRT RG . 3.42 48.71 6.33
C26 CRT RG . 4.36 48.09 7.06
C27 CRT RG . 4.80 48.62 8.36
C28 CRT RG . 5.87 48.18 9.05
C29 CRT RG . 6.77 47.10 8.48
C30 CRT RG . 6.14 48.81 10.37
C31 CRT RG . 6.92 48.31 11.34
C32 CRT RG . 7.04 49.10 12.57
C33 CRT RG . 7.85 48.86 13.64
C34 CRT RG . 8.81 47.71 13.68
C35 CRT RG . 7.79 49.81 14.76
C36 CRT RG . 8.56 49.78 15.85
C37 CRT RG . 8.31 50.88 16.86
C38 CRT RG . 8.04 50.33 18.26
C39 CRT RG . 8.59 51.26 19.33
C40 CRT RG . 6.55 50.11 18.46
O2 CRT RG . 8.69 49.07 18.35
C2M CRT RG . 8.72 48.36 19.58
MG BCL SG . 3.10 56.05 14.99
CHA BCL SG . 0.79 53.97 13.74
CHB BCL SG . 5.11 55.30 12.50
CHC BCL SG . 5.32 58.21 16.37
CHD BCL SG . 0.90 56.84 17.63
NA BCL SG . 2.95 54.81 13.33
C1A BCL SG . 1.88 54.04 12.93
C2A BCL SG . 2.29 53.01 11.86
C3A BCL SG . 3.74 53.49 11.45
C4A BCL SG . 3.92 54.62 12.44
CMA BCL SG . 4.78 52.42 11.80
CAA BCL SG . 1.26 53.00 10.75
CBA BCL SG . 1.02 51.67 10.10
CGA BCL SG . 1.06 51.87 8.60
O1A BCL SG . 0.37 51.42 7.83
O2A BCL SG . 1.93 52.63 8.17
NB BCL SG . 4.89 56.69 14.57
C1B BCL SG . 5.54 56.23 13.47
C2B BCL SG . 6.78 56.83 13.43
C3B BCL SG . 6.89 57.66 14.49
C4B BCL SG . 5.68 57.57 15.23
CMB BCL SG . 7.71 56.50 12.31
CAB BCL SG . 8.10 58.54 14.84
OBB BCL SG . 8.12 59.13 15.85
CBB BCL SG . 9.33 58.78 14.01
NC BCL SG . 2.97 57.35 16.58
C1C BCL SG . 4.03 58.13 16.94
C2C BCL SG . 3.65 59.16 17.96
C3C BCL SG . 2.41 58.62 18.58
C4C BCL SG . 1.97 57.64 17.47
CMC BCL SG . 4.65 59.21 19.10
CAC BCL SG . 1.63 59.93 18.62
CBC BCL SG . 0.11 59.82 18.75
ND BCL SG . 1.31 55.60 15.61
C1D BCL SG . 0.48 55.92 16.66
C2D BCL SG . -0.74 55.26 16.63
C3D BCL SG . -0.65 54.51 15.52
C4D BCL SG . 0.59 54.72 14.93
CMD BCL SG . -1.84 55.41 17.63
CAD BCL SG . -1.41 53.51 14.68
OBD BCL SG . -2.59 53.01 14.80
CBD BCL SG . -0.45 53.10 13.48
CGD BCL SG . -0.05 51.60 13.64
O1D BCL SG . 0.97 51.25 13.83
O2D BCL SG . -0.90 50.67 13.57
CED BCL SG . -1.33 50.34 12.13
C1 BCL SG . 3.27 52.13 7.79
C2 BCL SG . 4.27 53.25 8.01
C3 BCL SG . 4.25 54.41 7.37
C4 BCL SG . 3.21 54.74 6.33
C5 BCL SG . 5.26 55.53 7.63
C6 BCL SG . 4.46 56.84 7.73
C7 BCL SG . 5.30 57.76 8.62
C8 BCL SG . 4.51 58.96 9.09
C9 BCL SG . 4.62 60.15 8.13
C10 BCL SG . 5.05 59.32 10.44
C11 BCL SG . 6.48 59.64 10.30
C12 BCL SG . 6.67 60.87 11.16
C13 BCL SG . 8.15 61.25 11.16
C14 BCL SG . 8.35 62.30 12.27
C15 BCL SG . 8.60 61.81 9.82
C16 BCL SG . 9.58 60.84 9.23
C17 BCL SG . 10.51 61.59 8.28
C18 BCL SG . 9.81 62.37 7.16
C19 BCL SG . 9.78 61.45 5.98
C20 BCL SG . 10.67 63.56 6.70
MG BCL TG . 12.09 54.79 13.82
CHA BCL TG . 13.61 53.21 11.29
CHB BCL TG . 9.28 53.19 13.16
CHC BCL TG . 10.76 56.47 16.42
CHD BCL TG . 15.11 56.49 14.53
NA BCL TG . 11.52 53.35 12.42
C1A BCL TG . 12.32 52.75 11.46
C2A BCL TG . 11.50 51.85 10.53
C3A BCL TG . 10.14 51.70 11.32
C4A BCL TG . 10.30 52.86 12.29
CMA BCL TG . 8.96 52.07 10.41
CAA BCL TG . 12.21 50.53 10.34
CBA BCL TG . 11.71 49.43 11.23
CGA BCL TG . 10.90 48.44 10.42
O1A BCL TG . 9.84 48.07 10.63
O2A BCL TG . 11.49 47.96 9.44
NB BCL TG . 10.35 54.87 14.68
C1B BCL TG . 9.31 54.12 14.24
C2B BCL TG . 8.23 54.37 15.04
C3B BCL TG . 8.58 55.28 15.96
C4B BCL TG . 9.94 55.61 15.74
CMB BCL TG . 6.94 53.66 14.75
CAB BCL TG . 7.68 55.87 17.05
OBB BCL TG . 7.87 56.93 17.53
CBB BCL TG . 6.44 55.21 17.62
NC BCL TG . 12.91 55.95 15.32
C1C BCL TG . 12.17 56.39 16.38
C2C BCL TG . 13.02 57.06 17.43
C3C BCL TG . 14.28 57.44 16.71
C4C BCL TG . 14.19 56.44 15.53
CMC BCL TG . 12.44 58.39 17.86
CAC BCL TG . 15.36 57.09 17.74
CBC BCL TG . 15.60 55.59 17.96
ND BCL TG . 13.92 54.91 13.17
C1D BCL TG . 15.08 55.60 13.46
C2D BCL TG . 16.15 55.27 12.61
C3D BCL TG . 15.61 54.37 11.79
C4D BCL TG . 14.27 54.17 12.12
CMD BCL TG . 17.55 55.80 12.63
CAD BCL TG . 15.95 53.52 10.60
OBD BCL TG . 17.08 53.39 9.95
CBD BCL TG . 14.62 52.76 10.22
CGD BCL TG . 14.16 53.44 8.91
O1D BCL TG . 14.12 52.94 7.91
O2D BCL TG . 13.82 54.65 8.94
CED BCL TG . 12.33 54.84 8.66
C1 BCL TG . 11.20 46.61 8.91
C2 BCL TG . 11.97 46.24 7.65
C3 BCL TG . 11.59 45.29 6.79
C4 BCL TG . 10.34 44.50 7.01
C5 BCL TG . 12.37 44.87 5.52
C6 BCL TG . 12.38 46.01 4.46
C7 BCL TG . 11.05 45.89 3.72
C8 BCL TG . 10.35 47.22 3.57
C9 BCL TG . 9.62 47.71 4.83
C10 BCL TG . 9.39 47.08 2.41
C11 BCL TG . 8.56 45.86 2.57
C12 BCL TG . 8.73 45.19 1.22
C13 BCL TG . 7.57 44.22 0.96
C14 BCL TG . 8.17 42.86 0.52
C15 BCL TG . 6.64 44.76 -0.09
C16 BCL TG . 7.38 44.69 -1.40
C17 BCL TG . 7.66 46.10 -1.87
C18 BCL TG . 6.60 47.11 -1.45
C19 BCL TG . 5.55 47.06 -2.53
C20 BCL TG . 7.18 48.54 -1.45
BA BA UG . 15.29 61.86 27.10
C1M CRT VG . 9.86 36.22 -11.28
O1 CRT VG . 11.11 36.85 -11.55
C1 CRT VG . 12.31 36.27 -11.03
C2 CRT VG . 13.53 36.03 -11.92
C3 CRT VG . 12.41 36.01 -9.52
C4 CRT VG . 12.80 37.72 -10.89
C5 CRT VG . 12.11 38.53 -9.79
C6 CRT VG . 12.82 39.40 -9.06
C7 CRT VG . 12.26 40.22 -7.96
C8 CRT VG . 10.88 40.80 -8.05
C9 CRT VG . 13.05 40.43 -6.90
C10 CRT VG . 12.72 41.19 -5.69
C11 CRT VG . 13.58 41.06 -4.67
C12 CRT VG . 13.48 41.70 -3.33
C13 CRT VG . 12.14 41.94 -2.68
C14 CRT VG . 14.60 42.02 -2.67
C15 CRT VG . 14.70 42.63 -1.34
C16 CRT VG . 15.93 42.77 -0.83
C17 CRT VG . 16.18 43.35 0.49
C18 CRT VG . 15.22 44.36 1.04
C19 CRT VG . 17.29 42.99 1.15
C20 CRT VG . 17.61 43.52 2.47
C21 CRT VG . 18.64 43.06 3.19
C22 CRT VG . 18.91 43.62 4.51
C23 CRT VG . 19.92 43.20 5.32
C24 CRT VG . 20.85 42.11 4.89
C25 CRT VG . 20.07 43.84 6.63
C26 CRT VG . 20.57 43.13 7.64
C27 CRT VG . 20.73 43.70 8.97
C28 CRT VG . 21.46 43.09 9.90
C29 CRT VG . 22.16 41.79 9.64
C30 CRT VG . 21.59 43.74 11.21
C31 CRT VG . 22.17 43.15 12.26
C32 CRT VG . 22.25 43.91 13.51
C33 CRT VG . 22.82 43.45 14.61
C34 CRT VG . 23.45 42.09 14.69
C35 CRT VG . 22.79 44.40 15.74
C36 CRT VG . 23.21 44.22 16.99
C37 CRT VG . 23.03 45.44 17.85
C38 CRT VG . 21.90 45.30 18.86
C39 CRT VG . 22.10 46.38 19.91
C40 CRT VG . 20.55 45.46 18.19
O2 CRT VG . 21.96 43.99 19.47
C2M CRT VG . 20.86 43.45 20.19
MG BCL WG . 20.27 51.92 14.06
CHA BCL WG . 17.77 50.44 12.44
CHB BCL WG . 22.42 50.26 12.19
CHC BCL WG . 22.72 53.51 15.78
CHD BCL WG . 17.94 53.68 16.02
NA BCL WG . 20.11 50.49 12.56
C1A BCL WG . 18.96 50.04 11.92
C2A BCL WG . 19.24 48.90 10.93
C3A BCL WG . 20.82 48.99 10.80
C4A BCL WG . 21.13 49.83 12.01
CMA BCL WG . 21.43 47.63 11.13
CAA BCL WG . 18.49 49.02 9.61
CBA BCL WG . 19.33 49.10 8.36
CGA BCL WG . 19.79 47.75 7.86
O1A BCL WG . 19.40 46.73 8.18
O2A BCL WG . 20.73 47.76 7.04
NB BCL WG . 22.22 51.93 14.04
C1B BCL WG . 22.91 51.15 13.17
C2B BCL WG . 24.24 51.34 13.39
C3B BCL WG . 24.41 52.25 14.38
C4B BCL WG . 23.10 52.62 14.81
CMB BCL WG . 25.20 50.56 12.51
CAB BCL WG . 25.74 52.78 14.96
OBB BCL WG . 25.76 53.73 15.66
CBB BCL WG . 27.11 52.22 14.71
NC BCL WG . 20.26 53.48 15.40
C1C BCL WG . 21.40 54.04 15.88
C2C BCL WG . 21.14 55.10 16.95
C3C BCL WG . 19.67 55.04 17.19
C4C BCL WG . 19.22 54.15 16.01
CMC BCL WG . 21.73 54.68 18.28
CAC BCL WG . 19.24 56.49 16.96
CBC BCL WG . 19.21 57.34 18.26
ND BCL WG . 18.36 52.10 14.27
C1D BCL WG . 17.47 52.80 15.05
C2D BCL WG . 16.12 52.53 14.77
C3D BCL WG . 16.22 51.64 13.78
C4D BCL WG . 17.56 51.39 13.50
CMD BCL WG . 14.92 53.12 15.44
CAD BCL WG . 15.40 50.79 12.83
OBD BCL WG . 14.12 50.54 12.76
CBD BCL WG . 16.40 50.15 11.82
CGD BCL WG . 16.28 48.63 12.01
O1D BCL WG . 16.35 48.15 12.99
O2D BCL WG . 16.10 47.85 11.06
CED BCL WG . 14.73 48.04 10.44
C1 BCL WG . 21.90 48.63 7.28
C2 BCL WG . 22.42 49.42 6.07
C3 BCL WG . 22.94 50.62 6.23
C4 BCL WG . 23.47 51.41 5.06
C5 BCL WG . 23.05 51.31 7.64
C6 BCL WG . 22.95 52.86 7.62
C7 BCL WG . 23.25 53.36 9.05
C8 BCL WG . 24.61 53.99 9.23
C9 BCL WG . 25.67 52.96 9.61
C10 BCL WG . 24.44 55.00 10.33
C11 BCL WG . 25.72 55.70 10.64
C12 BCL WG . 25.32 57.02 11.29
C13 BCL WG . 26.61 57.79 11.65
C14 BCL WG . 26.82 57.60 13.15
C15 BCL WG . 26.55 59.28 11.34
C16 BCL WG . 27.90 59.85 11.70
C17 BCL WG . 27.98 61.25 11.12
C18 BCL WG . 29.36 61.91 11.24
C19 BCL WG . 29.31 63.19 10.45
C20 BCL WG . 30.47 61.06 10.60
MG BCL XG . 27.73 48.46 15.67
CHA BCL XG . 29.14 46.23 13.61
CHB BCL XG . 24.74 47.66 14.50
CHC BCL XG . 26.48 50.73 17.82
CHD BCL XG . 30.95 49.26 16.91
NA BCL XG . 27.05 47.14 14.22
C1A BCL XG . 27.80 46.31 13.41
C2A BCL XG . 26.92 45.51 12.44
C3A BCL XG . 25.46 45.82 12.98
C4A BCL XG . 25.78 46.96 13.91
CMA BCL XG . 24.64 46.56 11.92
CAA BCL XG . 27.30 44.04 12.44
CBA BCL XG . 26.15 43.09 12.58
CGA BCL XG . 26.67 41.67 12.56
O1A BCL XG . 26.69 40.97 13.46
O2A BCL XG . 27.10 41.22 11.48
NB BCL XG . 25.96 49.12 16.13
C1B BCL XG . 24.84 48.65 15.51
C2B BCL XG . 23.76 49.30 16.03
C3B BCL XG . 24.20 50.17 16.96
C4B BCL XG . 25.61 50.07 17.03
CMB BCL XG . 22.38 48.98 15.52
CAB BCL XG . 23.33 51.12 17.80
OBB BCL XG . 23.74 52.16 18.17
CBB BCL XG . 21.93 50.83 18.24
NC BCL XG . 28.58 49.54 17.20
C1C BCL XG . 27.85 50.39 17.97
C2C BCL XG . 28.62 50.90 19.16
C3C BCL XG . 30.05 50.60 18.85
C4C BCL XG . 29.88 49.65 17.66
CMC BCL XG . 28.59 52.42 19.18
CAC BCL XG . 30.50 49.88 20.13
CBC BCL XG . 31.13 50.79 21.16
ND BCL XG . 29.60 47.96 15.42
C1D BCL XG . 30.85 48.30 15.92
C2D BCL XG . 31.91 47.57 15.33
C3D BCL XG . 31.27 46.79 14.45
C4D BCL XG . 29.90 47.03 14.51
CMD BCL XG . 33.38 47.66 15.60
CAD BCL XG . 31.53 45.74 13.42
OBD BCL XG . 32.63 45.17 12.99
CBD BCL XG . 30.13 45.35 12.83
CGD BCL XG . 30.23 45.92 11.42
O1D BCL XG . 29.76 46.87 11.10
O2D BCL XG . 30.88 45.31 10.53
CED BCL XG . 30.04 44.26 9.79
C1 BCL XG . 26.75 39.86 11.05
C2 BCL XG . 25.33 39.72 10.52
C3 BCL XG . 25.02 38.85 9.58
C4 BCL XG . 26.10 37.99 8.99
C5 BCL XG . 23.58 38.66 9.02
C6 BCL XG . 23.59 38.52 7.47
C7 BCL XG . 22.72 37.32 7.08
C8 BCL XG . 21.65 37.56 6.04
C9 BCL XG . 21.99 38.62 4.97
C10 BCL XG . 20.48 38.04 6.84
C11 BCL XG . 19.59 36.86 6.99
C12 BCL XG . 19.08 37.01 8.40
C13 BCL XG . 18.07 35.86 8.57
C14 BCL XG . 17.07 36.05 7.42
C15 BCL XG . 17.38 35.84 9.92
C16 BCL XG . 17.06 34.41 10.28
C17 BCL XG . 15.57 34.19 10.09
C18 BCL XG . 15.00 32.93 10.75
C19 BCL XG . 13.97 32.40 9.78
C20 BCL XG . 14.27 33.25 12.08
MG BCL YG . 34.50 43.47 17.67
CHA BCL YG . 32.04 42.52 15.65
CHB BCL YG . 36.45 41.12 16.41
CHC BCL YG . 36.90 44.58 19.83
CHD BCL YG . 32.35 45.97 19.01
NA BCL YG . 34.27 42.01 16.22
C1A BCL YG . 33.17 41.79 15.41
C2A BCL YG . 33.33 40.50 14.57
C3A BCL YG . 34.82 40.06 14.88
C4A BCL YG . 35.18 41.11 15.90
CMA BCL YG . 34.83 38.75 15.69
CAA BCL YG . 33.03 40.76 13.11
CBA BCL YG . 34.01 40.24 12.09
CGA BCL YG . 34.15 38.74 11.94
O1A BCL YG . 33.54 37.89 12.40
O2A BCL YG . 35.11 38.39 11.23
NB BCL YG . 36.34 42.98 18.08
C1B BCL YG . 36.96 41.96 17.43
C2B BCL YG . 38.23 41.84 17.91
C3B BCL YG . 38.43 42.77 18.88
C4B BCL YG . 37.20 43.52 19.00
CMB BCL YG . 39.11 40.77 17.33
CAB BCL YG . 39.70 43.02 19.69
OBB BCL YG . 39.79 43.97 20.36
CBB BCL YG . 40.96 42.19 19.70
NC BCL YG . 34.54 44.98 19.09
C1C BCL YG . 35.66 45.28 19.82
C2C BCL YG . 35.50 46.60 20.55
C3C BCL YG . 34.03 46.80 20.68
C4C BCL YG . 33.58 45.88 19.53
CMC BCL YG . 35.97 46.44 21.98
CAC BCL YG . 33.85 48.30 20.36
CBC BCL YG . 34.46 48.76 19.03
ND BCL YG . 32.70 44.14 17.48
C1D BCL YG . 31.90 45.13 18.01
C2D BCL YG . 30.62 45.20 17.48
C3D BCL YG . 30.65 44.21 16.57
C4D BCL YG . 31.89 43.59 16.59
CMD BCL YG . 29.56 46.16 17.88
CAD BCL YG . 29.81 43.51 15.53
OBD BCL YG . 28.55 43.64 15.20
CBD BCL YG . 30.78 42.51 14.78
CGD BCL YG . 30.13 41.11 14.89
O1D BCL YG . 30.36 40.36 15.68
O2D BCL YG . 29.26 40.75 14.07
CED BCL YG . 29.80 39.96 12.88
C1 BCL YG . 36.48 38.39 11.79
C2 BCL YG . 37.20 39.71 11.54
C3 BCL YG . 38.48 39.89 11.78
C4 BCL YG . 39.31 38.77 12.32
C5 BCL YG . 39.20 41.24 11.51
C6 BCL YG . 40.05 41.73 12.70
C7 BCL YG . 39.09 42.32 13.74
C8 BCL YG . 39.29 43.79 14.05
C9 BCL YG . 39.60 44.68 12.84
C10 BCL YG . 40.43 43.88 15.01
C11 BCL YG . 40.42 45.30 15.44
C12 BCL YG . 41.69 45.46 16.26
C13 BCL YG . 42.87 45.48 15.27
C14 BCL YG . 43.81 44.35 15.68
C15 BCL YG . 43.62 46.79 15.30
C16 BCL YG . 42.65 47.92 15.11
C17 BCL YG . 43.44 49.17 14.81
C18 BCL YG . 44.45 49.50 15.90
C19 BCL YG . 43.65 49.65 17.18
C20 BCL YG . 45.16 50.86 15.68
BA BA ZG . 29.80 55.16 28.58
C1M CRT AH . 26.88 27.29 -9.82
O1 CRT AH . 27.16 27.83 -8.52
C1 CRT AH . 28.12 27.20 -7.68
C2 CRT AH . 29.60 27.48 -7.95
C3 CRT AH . 27.69 26.38 -6.45
C4 CRT AH . 27.95 28.40 -6.74
C5 CRT AH . 29.10 28.51 -5.75
C6 CRT AH . 29.35 29.42 -4.82
C7 CRT AH . 28.65 30.60 -4.31
C8 CRT AH . 27.66 31.44 -5.07
C9 CRT AH . 29.02 30.88 -3.05
C10 CRT AH . 28.59 31.94 -2.16
C11 CRT AH . 29.49 32.17 -1.21
C12 CRT AH . 29.36 33.17 -0.14
C13 CRT AH . 28.24 34.16 -0.11
C14 CRT AH . 30.30 33.15 0.82
C15 CRT AH . 30.34 34.03 1.99
C16 CRT AH . 31.32 33.83 2.86
C17 CRT AH . 31.42 34.64 4.08
C18 CRT AH . 30.76 35.98 4.14
C19 CRT AH . 32.11 34.10 5.09
C20 CRT AH . 32.34 34.70 6.40
C21 CRT AH . 33.16 34.02 7.22
C22 CRT AH . 33.43 34.48 8.57
C23 CRT AH . 34.45 34.02 9.31
C24 CRT AH . 35.43 33.01 8.77
C25 CRT AH . 34.56 34.56 10.68
C26 CRT AH . 34.85 33.81 11.73
C27 CRT AH . 34.91 34.49 13.01
C28 CRT AH . 35.07 33.82 14.15
C29 CRT AH . 35.20 32.33 14.10
C30 CRT AH . 35.09 34.61 15.41
C31 CRT AH . 34.89 34.14 16.63
C32 CRT AH . 34.93 35.08 17.75
C33 CRT AH . 34.84 34.71 19.03
C34 CRT AH . 34.68 33.26 19.40
C35 CRT AH . 34.87 35.78 20.06
C36 CRT AH . 34.93 35.55 21.37
C37 CRT AH . 34.94 36.74 22.31
C38 CRT AH . 33.98 36.53 23.47
C39 CRT AH . 34.15 37.64 24.50
C40 CRT AH . 32.53 36.44 22.98
O2 CRT AH . 34.27 35.28 24.09
C2M CRT AH . 33.51 34.88 25.22
MG BCL BH . 40.40 38.45 21.03
CHA BCL BH . 41.74 35.77 19.63
CHB BCL BH . 37.67 38.04 19.23
CHC BCL BH . 39.20 41.22 22.59
CHD BCL BH . 43.33 38.89 22.96
NA BCL BH . 39.74 37.00 19.71
C1A BCL BH . 40.45 35.91 19.26
C2A BCL BH . 39.69 35.16 18.13
C3A BCL BH . 38.24 35.78 18.25
C4A BCL BH . 38.54 36.97 19.14
CMA BCL BH . 37.90 36.43 16.91
CAA BCL BH . 39.83 33.65 18.29
CBA BCL BH . 38.68 32.97 18.96
CGA BCL BH . 37.97 32.15 17.90
O1A BCL BH . 36.86 31.99 17.83
O2A BCL BH . 38.69 31.63 17.02
NB BCL BH . 38.75 39.48 20.96
C1B BCL BH . 37.73 39.13 20.12
C2B BCL BH . 36.71 40.04 20.31
C3B BCL BH . 37.10 40.95 21.25
C4B BCL BH . 38.41 40.61 21.67
CMB BCL BH . 35.45 39.89 19.50
CAB BCL BH . 36.31 42.18 21.78
OBB BCL BH . 36.85 43.01 22.43
CBB BCL BH . 34.85 42.44 21.58
NC BCL BH . 41.05 39.57 22.64
C1C BCL BH . 40.34 40.61 23.15
C2C BCL BH . 40.93 41.15 24.41
C3C BCL BH . 42.35 40.73 24.34
C4C BCL BH . 42.20 39.53 23.39
CMC BCL BH . 40.99 42.66 24.38
CAC BCL BH . 42.65 40.30 25.79
CBC BCL BH . 41.93 39.02 26.23
ND BCL BH . 42.14 37.62 21.30
C1D BCL BH . 43.26 37.82 22.07
C2D BCL BH . 44.27 36.86 21.84
C3D BCL BH . 43.71 36.07 20.92
C4D BCL BH . 42.43 36.55 20.62
CMD BCL BH . 45.62 36.74 22.49
CAD BCL BH . 43.98 34.85 20.10
OBD BCL BH . 44.99 34.04 20.10
CBD BCL BH . 42.71 34.67 19.13
CGD BCL BH . 43.09 34.90 17.63
O1D BCL BH . 43.20 35.87 17.12
O2D BCL BH . 43.26 33.91 16.90
CED BCL BH . 44.75 33.60 16.78
C1 BCL BH . 38.25 30.45 16.25
C2 BCL BH . 38.69 30.36 14.78
C3 BCL BH . 38.37 29.31 14.03
C4 BCL BH . 37.53 28.18 14.57
C5 BCL BH . 38.75 29.13 12.54
C6 BCL BH . 37.44 29.14 11.72
C7 BCL BH . 37.79 28.92 10.24
C8 BCL BH . 36.80 29.46 9.24
C9 BCL BH . 35.33 29.28 9.65
C10 BCL BH . 37.04 28.64 8.01
C11 BCL BH . 36.85 29.46 6.79
C12 BCL BH . 36.86 28.44 5.64
C13 BCL BH . 38.30 28.01 5.30
C14 BCL BH . 38.75 28.85 4.10
C15 BCL BH . 38.43 26.53 4.98
C16 BCL BH . 38.04 25.75 6.22
C17 BCL BH . 39.07 25.91 7.35
C18 BCL BH . 38.85 25.01 8.59
C19 BCL BH . 37.57 25.39 9.28
C20 BCL BH . 40.00 25.17 9.62
BA BA CH . 42.69 47.29 32.30
C1M CRT DH . 39.22 15.99 -0.86
O1 CRT DH . 40.46 16.17 -0.16
C1 CRT DH . 41.01 15.09 0.60
C2 CRT DH . 42.24 14.33 0.09
C3 CRT DH . 40.50 14.84 2.01
C4 CRT DH . 42.06 16.07 1.15
C5 CRT DH . 41.53 17.45 1.50
C6 CRT DH . 42.06 18.03 2.57
C7 CRT DH . 41.72 19.34 3.09
C8 CRT DH . 41.00 20.35 2.24
C9 CRT DH . 42.12 19.57 4.36
C10 CRT DH . 41.92 20.77 5.17
C11 CRT DH . 42.43 20.71 6.39
C12 CRT DH . 42.33 21.80 7.38
C13 CRT DH . 41.53 23.02 7.07
C14 CRT DH . 42.96 21.65 8.56
C15 CRT DH . 42.93 22.63 9.64
C16 CRT DH . 43.62 22.31 10.74
C17 CRT DH . 43.69 23.13 11.97
C18 CRT DH . 43.14 24.51 12.05
C19 CRT DH . 44.25 22.54 13.04
C20 CRT DH . 44.36 23.17 14.35
C21 CRT DH . 44.66 22.38 15.38
C22 CRT DH . 44.72 22.91 16.72
C23 CRT DH . 44.78 22.07 17.76
C24 CRT DH . 44.81 20.59 17.52
C25 CRT DH . 44.78 22.64 19.13
C26 CRT DH . 44.61 21.97 20.28
C27 CRT DH . 44.59 22.83 21.46
C28 CRT DH . 44.44 22.46 22.74
C29 CRT DH . 44.28 21.03 23.16
C30 CRT DH . 44.42 23.57 23.73
C31 CRT DH . 44.16 23.44 25.03
C32 CRT DH . 44.17 24.63 25.88
C33 CRT DH . 44.19 24.51 27.23
C34 CRT DH . 44.22 23.14 27.82
C35 CRT DH . 44.19 25.72 28.10
C36 CRT DH . 44.12 25.63 29.44
C37 CRT DH . 44.16 26.90 30.27
C38 CRT DH . 43.04 27.03 31.30
C39 CRT DH . 43.35 28.14 32.29
C40 CRT DH . 41.72 27.33 30.59
O2 CRT DH . 42.85 25.83 32.04
C2M CRT DH . 41.82 25.79 33.03
MG BCL EH . 46.11 32.14 24.93
CHA BCL EH . 43.92 31.31 22.57
CHB BCL EH . 47.77 29.34 24.37
CHC BCL EH . 48.25 33.15 27.35
CHD BCL EH . 44.32 35.13 25.49
NA BCL EH . 45.94 30.61 23.53
C1A BCL EH . 44.99 30.49 22.54
C2A BCL EH . 44.95 29.05 22.01
C3A BCL EH . 46.31 28.46 22.55
C4A BCL EH . 46.76 29.58 23.45
CMA BCL EH . 45.96 27.29 23.47
CAA BCL EH . 44.78 29.01 20.51
CBA BCL EH . 45.85 28.20 19.83
CGA BCL EH . 45.62 26.71 20.05
O1A BCL EH . 44.72 26.22 20.53
O2A BCL EH . 46.54 25.97 19.63
NB BCL EH . 47.74 31.42 25.76
C1B BCL EH . 48.26 30.22 25.38
C2B BCL EH . 49.39 29.99 26.14
C3B BCL EH . 49.57 31.03 26.99
C4B BCL EH . 48.51 31.96 26.75
CMB BCL EH . 50.19 28.73 25.93
CAB BCL EH . 50.70 31.22 28.04
OBB BCL EH . 50.92 32.26 28.54
CBB BCL EH . 51.65 30.16 28.52
NC BCL EH . 46.35 33.91 25.95
C1C BCL EH . 47.39 34.14 26.78
C2C BCL EH . 47.37 35.52 27.38
C3C BCL EH . 46.04 36.09 27.01
C4C BCL EH . 45.59 35.05 25.97
CMC BCL EH . 47.27 35.41 28.89
CAC BCL EH . 46.41 37.40 26.33
CBC BCL EH . 46.41 38.61 27.28
ND BCL EH . 44.53 33.08 24.28
C1D BCL EH . 43.86 34.25 24.52
C2D BCL EH . 42.72 34.43 23.72
C3D BCL EH . 42.73 33.32 22.96
C4D BCL EH . 43.82 32.53 23.32
CMD BCL EH . 41.75 35.57 23.70
CAD BCL EH . 41.95 32.63 21.88
OBD BCL EH . 40.86 32.99 21.26
CBD BCL EH . 42.73 31.29 21.58
CGD BCL EH . 41.78 30.13 21.97
O1D BCL EH . 41.90 29.49 22.87
O2D BCL EH . 40.80 29.85 21.23
CED BCL EH . 41.22 29.49 19.80
C1 BCL EH . 47.41 25.22 20.54
C2 BCL EH . 48.51 26.06 21.15
C3 BCL EH . 49.62 26.41 20.55
C4 BCL EH . 49.93 26.01 19.13
C5 BCL EH . 50.70 27.28 21.24
C6 BCL EH . 50.68 28.71 20.66
C7 BCL EH . 50.49 29.63 21.88
C8 BCL EH . 51.59 30.64 22.12
C9 BCL EH . 52.20 31.23 20.85
C10 BCL EH . 52.65 29.87 22.86
C11 BCL EH . 53.55 30.90 23.42
C12 BCL EH . 54.20 30.16 24.57
C13 BCL EH . 54.37 31.15 25.73
C14 BCL EH . 53.05 31.92 25.91
C15 BCL EH . 55.51 32.12 25.48
C16 BCL EH . 56.12 32.37 26.83
C17 BCL EH . 56.31 33.87 26.97
C18 BCL EH . 57.78 34.30 26.90
C19 BCL EH . 58.12 34.72 28.30
C20 BCL EH . 57.91 35.56 26.03
BA BA FH . 50.48 36.38 42.98
MG BCL GH . 50.02 26.33 29.78
CHA BCL GH . 50.75 23.28 28.67
CHB BCL GH . 47.58 26.57 27.56
CHC BCL GH . 49.43 29.42 31.06
CHD BCL GH . 52.64 26.08 32.15
NA BCL GH . 49.28 25.09 28.31
C1A BCL GH . 49.69 23.80 28.01
C2A BCL GH . 49.00 23.27 26.75
C3A BCL GH . 47.76 24.24 26.64
C4A BCL GH . 48.30 25.39 27.46
CMA BCL GH . 47.67 24.79 25.22
CAA BCL GH . 48.64 21.79 26.82
CBA BCL GH . 47.52 21.47 27.78
CGA BCL GH . 46.71 20.28 27.30
O1A BCL GH . 45.58 20.24 27.24
O2A BCL GH . 47.33 19.27 26.93
NB BCL GH . 48.76 27.78 29.41
C1B BCL GH . 47.80 27.66 28.43
C2B BCL GH . 47.07 28.83 28.42
C3B BCL GH . 47.56 29.65 29.39
C4B BCL GH . 48.64 29.00 30.03
CMB BCL GH . 45.95 28.97 27.42
CAB BCL GH . 47.08 31.08 29.76
OBB BCL GH . 47.81 31.85 30.29
CBB BCL GH . 45.73 31.65 29.46
NC BCL GH . 50.71 27.33 31.46
C1C BCL GH . 50.19 28.54 31.86
C2C BCL GH . 50.78 29.00 33.16
C3C BCL GH . 52.04 28.21 33.31
C4C BCL GH . 51.69 27.04 32.39
CMC BCL GH . 51.28 30.42 33.03
CAC BCL GH . 52.07 27.82 34.79
CBC BCL GH . 50.84 27.04 35.29
ND BCL GH . 51.38 25.07 30.34
C1D BCL GH . 52.40 25.01 31.28
C2D BCL GH . 53.11 23.80 31.26
C3D BCL GH . 52.50 23.12 30.26
C4D BCL GH . 51.47 23.91 29.73
CMD BCL GH . 54.27 23.39 32.14
CAD BCL GH . 52.53 21.81 29.51
OBD BCL GH . 53.30 20.77 29.63
CBD BCL GH . 51.37 21.90 28.44
CGD BCL GH . 52.07 21.95 27.07
O1D BCL GH . 52.23 22.88 26.48
O2D BCL GH . 52.53 20.92 26.53
CED BCL GH . 54.05 20.97 26.52
C1 BCL GH . 47.29 18.91 25.51
C2 BCL GH . 47.68 17.48 25.21
C3 BCL GH . 48.16 17.10 24.04
C4 BCL GH . 48.54 15.69 23.71
C5 BCL GH . 48.35 18.12 22.88
C6 BCL GH . 48.52 17.44 21.49
C7 BCL GH . 48.99 18.56 20.55
C8 BCL GH . 48.01 18.83 19.42
C9 BCL GH . 46.56 18.84 19.88
C10 BCL GH . 48.21 17.68 18.47
C11 BCL GH . 49.35 17.97 17.56
C12 BCL GH . 48.76 17.92 16.17
C13 BCL GH . 49.03 16.54 15.53
C14 BCL GH . 50.27 16.70 14.65
C15 BCL GH . 47.85 16.05 14.71
C16 BCL GH . 46.65 16.08 15.61
C17 BCL GH . 45.89 14.78 15.51
C18 BCL GH . 44.95 14.46 16.70
C19 BCL GH . 44.21 15.73 17.04
C20 BCL GH . 45.69 14.02 17.98
MG BCL HH . 52.86 19.87 35.70
CHA BCL HH . 51.15 19.43 32.88
CHB BCL HH . 53.67 16.67 35.68
CHC BCL HH . 54.57 20.49 38.59
CHD BCL HH . 51.94 23.30 35.66
NA BCL HH . 52.44 18.28 34.42
C1A BCL HH . 51.74 18.28 33.26
C2A BCL HH . 51.36 16.87 32.80
C3A BCL HH . 52.37 15.99 33.63
C4A BCL HH . 52.85 17.03 34.63
CMA BCL HH . 51.56 14.98 34.44
CAA BCL HH . 51.48 16.75 31.29
CBA BCL HH . 52.44 15.69 30.79
CGA BCL HH . 51.82 14.30 30.87
O1A BCL HH . 50.74 14.04 31.14
O2A BCL HH . 52.59 13.35 30.61
NB BCL HH . 53.95 18.82 36.95
C1B BCL HH . 54.16 17.48 36.74
C2B BCL HH . 54.94 17.01 37.77
C3B BCL HH . 55.22 18.05 38.62
C4B BCL HH . 54.59 19.21 38.10
CMB BCL HH . 55.32 15.55 37.77
CAB BCL HH . 56.07 18.02 39.90
OBB BCL HH . 56.35 19.00 40.46
CBB BCL HH . 56.62 16.80 40.59
NC BCL HH . 53.26 21.60 36.77
C1C BCL HH . 54.05 21.61 37.89
C2C BCL HH . 54.39 23.00 38.33
C3C BCL HH . 53.40 23.89 37.65
C4C BCL HH . 52.86 22.91 36.59
CMC BCL HH . 54.06 23.14 39.80
CAC BCL HH . 54.28 24.99 37.05
CBC BCL HH . 54.75 26.10 38.02
ND BCL HH . 51.84 21.13 34.61
C1D BCL HH . 51.50 22.46 34.62
C2D BCL HH . 50.69 22.84 33.53
C3D BCL HH . 50.56 21.70 32.87
C4D BCL HH . 51.24 20.69 33.52
CMD BCL HH . 50.12 24.18 33.20
CAD BCL HH . 49.91 21.14 31.64
OBD BCL HH . 49.22 21.70 30.69
CBD BCL HH . 50.24 19.60 31.66
CGD BCL HH . 48.91 18.83 31.91
O1D BCL HH . 48.27 18.90 32.82
O2D BCL HH . 48.49 18.04 31.03
CED BCL HH . 48.83 18.56 29.63
C1 BCL HH . 53.52 12.80 31.61
C2 BCL HH . 54.90 13.46 31.57
C3 BCL HH . 55.62 13.62 32.65
C4 BCL HH . 55.15 13.17 34.00
C5 BCL HH . 57.02 14.29 32.69
C6 BCL HH . 56.98 15.40 33.77
C7 BCL HH . 58.39 15.99 33.87
C8 BCL HH . 58.81 16.21 35.31
C9 BCL HH . 58.40 15.06 36.23
C10 BCL HH . 58.13 17.48 35.71
C11 BCL HH . 59.19 18.39 36.18
C12 BCL HH . 59.25 18.06 37.65
C13 BCL HH . 60.70 18.04 38.10
C14 BCL HH . 61.11 16.57 38.19
C15 BCL HH . 60.76 18.74 39.45
C16 BCL HH . 62.21 18.97 39.81
C17 BCL HH . 62.86 19.80 38.73
C18 BCL HH . 63.70 20.96 39.28
C19 BCL HH . 64.62 21.30 38.13
C20 BCL HH . 64.56 20.56 40.51
C1M CRT IH . 47.97 0.13 9.13
O1 CRT IH . 48.83 0.60 10.19
C1 CRT IH . 48.49 1.73 11.00
C2 CRT IH . 47.75 2.75 10.13
C3 CRT IH . 47.60 1.29 12.16
C4 CRT IH . 49.81 2.31 11.53
C5 CRT IH . 49.72 3.81 11.71
C6 CRT IH . 49.76 4.27 12.96
C7 CRT IH . 49.69 5.69 13.33
C8 CRT IH . 49.55 6.77 12.31
C9 CRT IH . 49.75 5.95 14.66
C10 CRT IH . 49.70 7.26 15.34
C11 CRT IH . 49.64 7.25 16.67
C12 CRT IH . 49.59 8.46 17.52
C13 CRT IH . 49.13 9.77 16.95
C14 CRT IH . 50.00 8.34 18.80
C15 CRT IH . 50.02 9.42 19.78
C16 CRT IH . 50.33 9.06 21.02
C17 CRT IH . 50.40 9.96 22.17
C18 CRT IH . 50.67 11.43 22.03
C19 CRT IH . 50.19 9.41 23.37
C20 CRT IH . 50.21 10.20 24.60
C21 CRT IH . 49.86 9.61 25.75
C22 CRT IH . 49.85 10.37 26.99
C23 CRT IH . 49.75 9.74 28.16
C24 CRT IH . 49.65 8.24 28.25
C25 CRT IH . 49.72 10.57 29.36
C26 CRT IH . 49.60 10.03 30.56
C27 CRT IH . 49.56 10.96 31.65
C28 CRT IH . 48.99 10.60 32.79
C29 CRT IH . 48.40 9.22 32.91
C30 CRT IH . 48.99 11.60 33.88
C31 CRT IH . 48.27 11.59 35.00
C32 CRT IH . 48.47 12.73 35.88
C33 CRT IH . 47.81 12.82 37.03
C34 CRT IH . 46.85 11.74 37.43
C35 CRT IH . 48.07 14.00 37.88
C36 CRT IH . 47.73 14.05 39.18
C37 CRT IH . 48.09 15.30 39.95
C38 CRT IH . 46.91 16.04 40.55
C39 CRT IH . 47.43 17.11 41.50
C40 CRT IH . 46.10 16.65 39.43
O2 CRT IH . 46.01 15.18 41.22
C2M CRT IH . 44.72 15.69 41.58
MG BCL JH . 53.38 14.00 41.73
CHA BCL JH . 53.40 10.74 41.16
CHB BCL JH . 51.80 14.52 38.83
CHC BCL JH . 53.46 17.29 42.47
CHD BCL JH . 55.07 13.43 44.82
NA BCL JH . 52.67 12.77 40.21
C1A BCL JH . 52.67 11.38 40.20
C2A BCL JH . 52.17 10.83 38.86
C3A BCL JH . 51.53 12.10 38.17
C4A BCL JH . 52.12 13.19 39.06
CMA BCL JH . 52.17 12.30 36.79
CAA BCL JH . 51.24 9.65 39.08
CBA BCL JH . 49.79 9.88 38.76
CGA BCL JH . 49.33 8.82 37.78
O1A BCL JH . 49.33 8.93 36.65
O2A BCL JH . 48.96 7.73 38.26
NB BCL JH . 52.76 15.64 40.86
C1B BCL JH . 52.13 15.64 39.65
C2B BCL JH . 51.83 16.96 39.34
C3B BCL JH . 52.28 17.76 40.35
C4B BCL JH . 52.88 16.91 41.31
CMB BCL JH . 51.12 17.30 38.06
CAB BCL JH . 52.21 19.29 40.50
OBB BCL JH . 53.07 19.90 41.00
CBB BCL JH . 51.06 20.14 40.06
NC BCL JH . 53.99 15.04 43.39
C1C BCL JH . 53.85 16.39 43.48
C2C BCL JH . 54.26 16.95 44.82
C3C BCL JH . 55.04 15.86 45.46
C4C BCL JH . 54.57 14.68 44.59
CMC BCL JH . 55.27 18.05 44.59
CAC BCL JH . 54.46 15.85 46.89
CBC BCL JH . 53.02 15.33 47.02
ND BCL JH . 54.09 12.54 42.79
C1D BCL JH . 54.74 12.35 44.00
C2D BCL JH . 55.02 11.01 44.28
C3D BCL JH . 54.52 10.38 43.21
C4D BCL JH . 53.96 11.31 42.34
CMD BCL JH . 55.72 10.45 45.49
CAD BCL JH . 54.34 9.00 42.62
OBD BCL JH . 54.70 7.83 43.05
CBD BCL JH . 53.57 9.22 41.25
CGD BCL JH . 54.48 8.85 40.05
O1D BCL JH . 55.38 9.40 39.74
O2D BCL JH . 54.21 7.87 39.33
CED BCL JH . 55.09 6.68 39.68
C1 BCL JH . 47.70 7.09 37.88
C2 BCL JH . 47.55 6.78 36.39
C3 BCL JH . 48.19 5.80 35.77
C4 BCL JH . 49.15 4.92 36.52
C5 BCL JH . 48.06 5.48 34.25
C6 BCL JH . 48.63 4.06 33.98
C7 BCL JH . 49.64 4.18 32.83
C8 BCL JH . 51.07 3.78 33.12
C9 BCL JH . 51.25 2.53 34.00
C10 BCL JH . 51.66 4.96 33.83
C11 BCL JH . 52.34 5.80 32.82
C12 BCL JH . 51.55 7.10 32.84
C13 BCL JH . 52.54 8.25 32.58
C14 BCL JH . 53.09 8.08 31.16
C15 BCL JH . 53.67 8.19 33.57
C16 BCL JH . 54.39 9.49 33.41
C17 BCL JH . 55.16 9.73 34.69
C18 BCL JH . 56.63 9.30 34.65
C19 BCL JH . 56.94 8.82 36.04
C20 BCL JH . 57.57 10.49 34.41
MG BCL KH . 52.40 7.93 48.00
CHA BCL KH . 51.29 7.61 44.86
CHB BCL KH . 52.33 4.67 48.41
CHC BCL KH . 53.54 8.48 51.16
CHD BCL KH . 52.47 11.45 47.54
NA BCL KH . 51.98 6.35 46.74
C1A BCL KH . 51.59 6.40 45.41
C2A BCL KH . 50.97 5.06 45.00
C3A BCL KH . 51.51 4.07 46.10
C4A BCL KH . 52.03 5.08 47.11
CMA BCL KH . 50.33 3.34 46.75
CAA BCL KH . 51.39 4.65 43.61
CBA BCL KH . 52.13 3.35 43.58
CGA BCL KH . 51.20 2.20 43.29
O1A BCL KH . 50.05 2.24 43.21
O2A BCL KH . 51.78 1.10 43.15
NB BCL KH . 52.87 6.82 49.55
C1B BCL KH . 52.77 5.46 49.50
C2B BCL KH . 53.16 4.96 50.73
C3B BCL KH . 53.50 6.00 51.53
C4B BCL KH . 53.33 7.19 50.78
CMB BCL KH . 53.14 3.49 50.97
CAB BCL KH . 54.02 5.97 53.00
OBB BCL KH . 54.54 6.90 53.49
CBB BCL KH . 53.94 4.79 53.94
NC BCL KH . 53.00 9.63 49.03
C1C BCL KH . 53.52 9.59 50.29
C2C BCL KH . 53.94 10.96 50.78
C3C BCL KH . 53.28 11.92 49.85
C4C BCL KH . 52.99 10.96 48.70
CMC BCL KH . 53.28 11.25 52.11
CAC BCL KH . 54.44 12.84 49.49
CBC BCL KH . 55.60 12.06 48.84
ND BCL KH . 52.01 9.27 46.63
C1D BCL KH . 52.05 10.64 46.49
C2D BCL KH . 51.64 11.10 45.23
C3D BCL KH . 51.35 9.96 44.60
C4D BCL KH . 51.57 8.88 45.44
CMD BCL KH . 51.56 12.52 44.75
CAD BCL KH . 50.86 9.44 43.30
OBD BCL KH . 50.52 10.06 42.21
CBD BCL KH . 50.81 7.86 43.42
CGD BCL KH . 49.31 7.46 43.23
O1D BCL KH . 48.57 7.31 44.06
O2D BCL KH . 48.81 7.29 42.08
CED BCL KH . 49.41 6.12 41.30
C1 BCL KH . 51.87 0.09 44.23
C2 BCL KH . 53.03 0.30 45.19
C3 BCL KH . 53.00 -0.21 46.41
C4 BCL KH . 51.83 -1.03 46.86
C5 BCL KH . 54.13 -0.04 47.46
C6 BCL KH . 54.18 1.40 48.02
C7 BCL KH . 55.62 1.61 48.50
C8 BCL KH . 55.98 3.04 48.82
C9 BCL KH . 55.91 3.97 47.60
C10 BCL KH . 57.39 2.98 49.32
C11 BCL KH . 57.77 4.33 49.82
C12 BCL KH . 59.07 4.06 50.54
C13 BCL KH . 59.84 5.37 50.66
C14 BCL KH . 61.11 5.28 49.80
C15 BCL KH . 60.26 5.64 52.09
C16 BCL KH . 60.85 4.36 52.61
C17 BCL KH . 62.13 4.68 53.34
C18 BCL KH . 62.26 6.12 53.86
C19 BCL KH . 63.46 6.66 53.13
C20 BCL KH . 62.55 6.19 55.37
BA BA LH . 54.45 21.74 52.92
C1M CRT MH . 48.72 -13.75 23.23
O1 CRT MH . 49.55 -12.59 23.22
C1 CRT MH . 48.97 -11.35 23.62
C2 CRT MH . 48.45 -11.23 25.05
C3 CRT MH . 49.01 -10.17 22.65
C4 CRT MH . 50.37 -10.92 24.14
C5 CRT MH . 50.41 -9.50 24.68
C6 CRT MH . 50.84 -9.19 25.91
C7 CRT MH . 50.82 -7.77 26.33
C8 CRT MH . 50.80 -6.72 25.27
C9 CRT MH . 50.81 -7.43 27.65
C10 CRT MH . 50.77 -6.04 28.11
C11 CRT MH . 50.70 -5.68 29.40
C12 CRT MH . 50.64 -4.25 29.77
C13 CRT MH . 50.76 -3.23 28.66
C14 CRT MH . 50.47 -3.83 31.04
C15 CRT MH . 50.35 -4.75 32.16
C16 CRT MH . 50.34 -4.53 33.48
C17 CRT MH . 50.45 -3.29 34.31
C18 CRT MH . 50.95 -1.97 33.78
C19 CRT MH . 50.07 -3.40 35.60
C20 CRT MH . 50.08 -2.30 36.58
C21 CRT MH . 49.50 -2.52 37.77
C22 CRT MH . 49.40 -1.55 38.87
C23 CRT MH . 48.84 -1.90 40.05
C24 CRT MH . 48.29 -3.28 40.25
C25 CRT MH . 48.71 -0.95 41.16
C26 CRT MH . 48.09 -1.35 42.27
C27 CRT MH . 47.94 -0.43 43.39
C28 CRT MH . 47.11 -0.67 44.42
C29 CRT MH . 46.28 -1.91 44.47
C30 CRT MH . 47.04 0.34 45.50
C31 CRT MH . 46.15 0.39 46.50
C32 CRT MH . 46.32 1.51 47.44
C33 CRT MH . 45.41 1.89 48.37
C34 CRT MH . 44.10 1.17 48.50
C35 CRT MH . 45.72 3.04 49.25
C36 CRT MH . 44.83 3.70 49.99
C37 CRT MH . 45.32 4.85 50.85
C38 CRT MH . 44.41 6.08 50.98
C39 CRT MH . 45.20 7.26 51.50
C40 CRT MH . 43.76 6.42 49.64
O2 CRT MH . 43.39 5.86 51.96
C2M CRT MH . 42.59 6.97 52.38
CAD PGW NH . 31.48 -11.15 35.87
OAE PGW NH . 32.40 -11.19 34.78
OAF PGW NH . 32.53 -11.07 38.00
P PGW NH . 28.44 -9.35 38.13
C01 PGW NH . 24.11 -10.90 39.46
C1 PGW NH . 23.41 -8.23 37.57
O01 PGW NH . 23.61 -9.62 37.47
C02 PGW NH . 24.64 -10.33 38.15
C2 PGW NH . 22.12 -7.74 38.19
O02 PGW NH . 24.19 -7.40 37.16
C03 PGW NH . 25.87 -9.49 38.39
O03 PGW NH . 25.16 -11.38 40.30
C04 PGW NH . 30.91 -9.40 37.48
O04 PGW NH . 24.60 -9.92 41.96
C05 PGW NH . 32.03 -10.27 36.97
O11 PGW NH . 27.05 -10.13 37.91
O12 PGW NH . 29.69 -10.12 37.50
O13 PGW NH . 28.67 -9.17 39.64
O14 PGW NH . 28.33 -7.98 37.48
C19 PGW NH . 25.12 -10.97 41.65
C20 PGW NH . 25.71 -11.84 42.75
MG BCL OH . 45.45 -1.55 60.70
CHA BCL OH . 45.17 -2.05 57.44
CHB BCL OH . 44.56 -4.68 61.25
CHC BCL OH . 45.80 -0.87 64.01
CHD BCL OH . 46.41 1.82 60.06
NA BCL OH . 44.94 -3.15 59.47
C1A BCL OH . 44.89 -3.19 58.10
C2A BCL OH . 44.22 -4.47 57.56
C3A BCL OH . 44.18 -5.37 58.86
C4A BCL OH . 44.58 -4.35 59.91
CMA BCL OH . 42.73 -5.69 59.23
CAA BCL OH . 44.94 -5.03 56.35
CBA BCL OH . 45.00 -6.52 56.10
CGA BCL OH . 43.74 -7.28 56.41
O1A BCL OH . 42.67 -6.88 56.39
O2A BCL OH . 43.88 -8.48 56.73
NB BCL OH . 45.24 -2.55 62.37
C1B BCL OH . 44.85 -3.85 62.36
C2B BCL OH . 44.78 -4.30 63.66
C3B BCL OH . 45.11 -3.26 64.48
C4B BCL OH . 45.41 -2.13 63.66
CMB BCL OH . 44.37 -5.71 63.92
CAB BCL OH . 45.18 -3.30 66.01
OBB BCL OH . 45.92 -2.59 66.57
CBB BCL OH . 44.39 -4.20 66.92
NC BCL OH . 46.09 0.11 61.74
C1C BCL OH . 46.26 0.10 63.10
C2C BCL OH . 46.92 1.37 63.60
C3C BCL OH . 46.84 2.34 62.47
C4C BCL OH . 46.42 1.39 61.34
CMC BCL OH . 46.01 1.97 64.65
CAC BCL OH . 48.30 2.76 62.24
CBC BCL OH . 49.00 3.56 63.34
ND BCL OH . 45.75 -0.35 59.21
C1D BCL OH . 46.13 0.97 59.00
C2D BCL OH . 46.18 1.34 57.64
C3D BCL OH . 45.81 0.20 57.03
C4D BCL OH . 45.56 -0.79 57.98
CMD BCL OH . 46.54 2.67 57.05
CAD BCL OH . 45.58 -0.40 55.68
OBD BCL OH . 45.72 0.11 54.49
CBD BCL OH . 45.11 -1.89 55.92
CGD BCL OH . 43.61 -1.99 55.59
O1D BCL OH . 42.81 -1.33 56.00
O2D BCL OH . 43.19 -2.89 54.81
CED BCL OH . 44.16 -3.10 53.65
C1 BCL OH . 43.90 -8.96 58.14
C2 BCL OH . 45.27 -8.76 58.77
C3 BCL OH . 45.52 -8.72 60.08
C4 BCL OH . 44.48 -8.86 61.15
C5 BCL OH . 46.94 -8.51 60.66
C6 BCL OH . 46.93 -7.16 61.41
C7 BCL OH . 48.30 -6.97 62.04
C8 BCL OH . 48.32 -7.14 63.54
C9 BCL OH . 47.38 -8.25 64.03
C10 BCL OH . 47.91 -5.82 64.15
C11 BCL OH . 47.87 -5.95 65.62
C12 BCL OH . 48.85 -4.90 66.13
C13 BCL OH . 49.22 -5.26 67.57
C14 BCL OH . 47.91 -5.18 68.36
C15 BCL OH . 50.27 -4.31 68.12
C16 BCL OH . 50.67 -4.73 69.50
C17 BCL OH . 52.10 -5.21 69.47
C18 BCL OH . 52.84 -5.16 70.81
C19 BCL OH . 54.22 -4.63 70.50
C20 BCL OH . 53.05 -6.56 71.41
BA BA PH . 50.19 12.71 65.48
MG BCL QH . 49.43 2.79 54.29
CHA BCL QH . 48.72 -0.39 53.75
CHB BCL QH . 49.12 3.43 51.09
CHC BCL QH . 50.20 6.01 55.06
CHD BCL QH . 49.80 2.09 57.76
NA BCL QH . 49.19 1.61 52.60
C1A BCL QH . 48.94 0.25 52.57
C2A BCL QH . 48.55 -0.20 51.14
C3A BCL QH . 48.95 1.07 50.26
C4A BCL QH . 49.24 2.07 51.35
CMA BCL QH . 50.32 0.83 49.61
CAA BCL QH . 47.10 -0.62 51.06
CBA BCL QH . 46.75 -1.24 49.73
CGA BCL QH . 45.43 -2.00 49.77
O1A BCL QH . 44.77 -2.15 50.68
O2A BCL QH . 45.07 -2.52 48.70
NB BCL QH . 49.63 4.46 53.31
C1B BCL QH . 49.45 4.50 51.96
C2B BCL QH . 49.65 5.81 51.55
C3B BCL QH . 49.97 6.57 52.63
C4B BCL QH . 49.95 5.71 53.76
CMB BCL QH . 49.51 6.12 50.09
CAB BCL QH . 50.28 8.08 52.69
OBB BCL QH . 50.64 8.60 53.68
CBB BCL QH . 50.18 9.06 51.54
NC BCL QH . 49.88 3.78 56.05
C1C BCL QH . 49.99 5.13 56.12
C2C BCL QH . 50.47 5.59 57.47
C3C BCL QH . 50.80 4.34 58.22
C4C BCL QH . 50.12 3.32 57.31
CMC BCL QH . 51.80 6.27 57.23
CAC BCL QH . 50.03 4.50 59.54
CBC BCL QH . 50.56 5.56 60.52
ND BCL QH . 49.31 1.30 55.53
C1D BCL QH . 49.47 1.06 56.89
C2D BCL QH . 49.24 -0.28 57.25
C3D BCL QH . 48.96 -0.85 56.07
C4D BCL QH . 49.01 0.12 55.06
CMD BCL QH . 49.32 -0.87 58.63
CAD BCL QH . 48.61 -2.17 55.43
OBD BCL QH . 48.62 -3.40 55.88
CBD BCL QH . 48.17 -1.82 53.95
CGD BCL QH . 49.07 -2.76 53.13
O1D BCL QH . 48.76 -3.68 52.62
O2D BCL QH . 50.28 -2.45 53.03
CED BCL QH . 51.19 -3.46 53.72
C1 BCL QH . 44.34 -3.79 48.65
C2 BCL QH . 44.69 -4.58 47.40
C3 BCL QH . 44.69 -5.91 47.31
C4 BCL QH . 44.28 -6.76 48.46
C5 BCL QH . 45.09 -6.67 46.01
C6 BCL QH . 45.80 -8.04 46.24
C7 BCL QH . 45.93 -8.67 44.83
C8 BCL QH . 45.69 -10.16 44.70
C9 BCL QH . 46.74 -10.87 43.84
C10 BCL QH . 44.32 -10.36 44.10
C11 BCL QH . 44.16 -9.41 42.97
C12 BCL QH . 42.78 -9.73 42.41
C13 BCL QH . 42.31 -8.59 41.48
C14 BCL QH . 42.66 -7.28 42.22
C15 BCL QH . 40.80 -8.66 41.20
C16 BCL QH . 40.49 -8.49 39.73
C17 BCL QH . 39.00 -8.19 39.58
C18 BCL QH . 38.63 -7.48 38.28
C19 BCL QH . 39.57 -6.32 38.14
C20 BCL QH . 37.21 -6.84 38.29
C1M CRT RH . 40.56 -22.28 39.27
O1 CRT RH . 41.97 -22.29 39.10
C1 CRT RH . 42.56 -23.00 38.00
C2 CRT RH . 43.24 -22.24 36.86
C3 CRT RH . 42.71 -24.52 38.09
C4 CRT RH . 43.89 -22.92 38.76
C5 CRT RH . 44.34 -21.50 39.07
C6 CRT RH . 44.48 -21.05 40.32
C7 CRT RH . 44.93 -19.67 40.64
C8 CRT RH . 45.72 -18.86 39.66
C9 CRT RH . 44.62 -19.15 41.82
C10 CRT RH . 45.02 -17.80 42.19
C11 CRT RH . 44.80 -17.47 43.46
C12 CRT RH . 45.12 -16.16 44.07
C13 CRT RH . 46.08 -15.20 43.44
C14 CRT RH . 44.51 -15.86 45.24
C15 CRT RH . 44.67 -14.65 46.02
C16 CRT RH . 44.12 -14.72 47.23
C17 CRT RH . 44.15 -13.59 48.18
C18 CRT RH . 45.06 -12.42 47.94
C19 CRT RH . 43.35 -13.64 49.26
C20 CRT RH . 43.30 -12.56 50.26
C21 CRT RH . 42.57 -12.70 51.37
C22 CRT RH . 42.45 -11.64 52.37
C23 CRT RH . 41.41 -11.72 53.20
C24 CRT RH . 40.44 -12.85 53.07
C25 CRT RH . 41.18 -10.68 54.24
C26 CRT RH . 40.06 -10.62 54.96
C27 CRT RH . 39.97 -9.54 55.93
C28 CRT RH . 39.05 -9.40 56.90
C29 CRT RH . 37.96 -10.41 57.11
C30 CRT RH . 39.14 -8.20 57.77
C31 CRT RH . 38.07 -7.55 58.19
C32 CRT RH . 38.24 -6.38 59.03
C33 CRT RH . 37.24 -5.66 59.58
C34 CRT RH . 35.79 -5.96 59.37
C35 CRT RH . 37.66 -4.51 60.40
C36 CRT RH . 36.79 -3.62 60.87
C37 CRT RH . 37.43 -2.52 61.69
C38 CRT RH . 37.03 -1.15 61.19
C39 CRT RH . 37.62 -0.10 62.12
C40 CRT RH . 37.52 -0.93 59.77
O2 CRT RH . 35.62 -1.01 61.12
C2M CRT RH . 35.07 0.27 60.83
MG BCL SH . 31.98 -7.78 70.71
CHA BCL SH . 32.73 -8.65 67.53
CHB BCL SH . 29.77 -10.21 70.92
CHC BCL SH . 31.42 -6.73 73.89
CHD BCL SH . 34.38 -5.18 70.45
NA BCL SH . 31.33 -9.23 69.38
C1A BCL SH . 31.73 -9.44 68.06
C2A BCL SH . 30.97 -10.59 67.38
C3A BCL SH . 30.04 -11.10 68.55
C4A BCL SH . 30.41 -10.15 69.68
CMA BCL SH . 28.59 -10.73 68.20
CAA BCL SH . 31.95 -11.59 66.77
CBA BCL SH . 31.49 -13.02 66.65
CGA BCL SH . 30.06 -13.10 66.15
O1A BCL SH . 29.69 -12.74 65.15
O2A BCL SH . 29.24 -13.58 66.95
NB BCL SH . 30.81 -8.32 72.21
C1B BCL SH . 29.95 -9.38 72.07
C2B BCL SH . 29.28 -9.50 73.28
C3B BCL SH . 29.71 -8.53 74.15
C4B BCL SH . 30.70 -7.79 73.45
CMB BCL SH . 28.25 -10.59 73.46
CAB BCL SH . 29.27 -8.26 75.62
OBB BCL SH . 29.83 -7.49 76.30
CBB BCL SH . 28.12 -8.92 76.36
NC BCL SH . 32.81 -6.30 71.87
C1C BCL SH . 32.49 -6.15 73.19
C2C BCL SH . 33.37 -5.12 73.88
C3C BCL SH . 34.08 -4.41 72.80
C4C BCL SH . 33.71 -5.31 71.61
CMC BCL SH . 32.47 -4.06 74.48
CAC BCL SH . 35.54 -4.62 73.18
CBC BCL SH . 36.14 -3.53 74.09
ND BCL SH . 33.24 -7.04 69.43
C1D BCL SH . 34.16 -6.01 69.38
C2D BCL SH . 34.83 -5.90 68.15
C3D BCL SH . 34.29 -6.89 67.43
C4D BCL SH . 33.34 -7.57 68.21
CMD BCL SH . 35.87 -4.89 67.81
CAD BCL SH . 34.37 -7.54 66.08
OBD BCL SH . 35.08 -7.25 65.03
CBD BCL SH . 33.38 -8.78 66.13
CGD BCL SH . 32.34 -8.55 65.01
O1D BCL SH . 31.37 -8.02 65.11
O2D BCL SH . 32.54 -8.99 63.84
CED BCL SH . 31.70 -10.25 63.61
C1 BCL SH . 28.84 -15.00 66.91
C2 BCL SH . 29.65 -15.97 67.79
C3 BCL SH . 29.91 -15.88 69.08
C4 BCL SH . 30.72 -16.94 69.77
C5 BCL SH . 29.47 -14.71 69.98
C6 BCL SH . 30.73 -14.14 70.65
C7 BCL SH . 30.38 -14.03 72.14
C8 BCL SH . 31.51 -13.53 73.00
C9 BCL SH . 32.56 -14.59 73.27
C10 BCL SH . 30.78 -13.16 74.25
C11 BCL SH . 31.55 -12.07 74.90
C12 BCL SH . 31.92 -12.69 76.25
C13 BCL SH . 32.45 -11.61 77.20
C14 BCL SH . 33.97 -11.68 77.24
C15 BCL SH . 31.93 -11.83 78.60
C16 BCL SH . 31.82 -10.47 79.21
C17 BCL SH . 32.81 -10.41 80.36
C18 BCL SH . 32.46 -11.36 81.50
C19 BCL SH . 31.57 -10.57 82.43
C20 BCL SH . 33.73 -11.73 82.30
BA BA TH . 41.01 8.58 74.99
MG BCL UH . 39.56 -5.49 66.02
CHA BCL UH . 38.07 -8.43 65.69
CHB BCL UH . 40.03 -5.44 62.76
CHC BCL UH . 41.07 -2.47 66.49
CHD BCL UH . 39.00 -5.65 69.55
NA BCL UH . 38.95 -6.70 64.45
C1A BCL UH . 38.22 -7.86 64.49
C2A BCL UH . 38.29 -8.63 63.17
C3A BCL UH . 38.73 -7.50 62.16
C4A BCL UH . 39.22 -6.47 63.16
CMA BCL UH . 40.00 -7.99 61.45
CAA BCL UH . 36.98 -9.32 62.81
CBA BCL UH . 36.04 -8.48 61.99
CGA BCL UH . 35.59 -9.26 60.77
O1A BCL UH . 35.78 -8.95 59.70
O2A BCL UH . 34.98 -10.32 60.95
NB BCL UH . 40.41 -4.16 64.87
C1B BCL UH . 40.49 -4.36 63.53
C2B BCL UH . 41.13 -3.28 62.98
C3B BCL UH . 41.46 -2.40 63.96
C4B BCL UH . 41.00 -2.96 65.20
CMB BCL UH . 41.34 -3.27 61.50
CAB BCL UH . 42.18 -1.04 63.79
OBB BCL UH . 42.45 -0.37 64.72
CBB BCL UH . 42.62 -0.38 62.52
NC BCL UH . 39.88 -4.31 67.70
C1C BCL UH . 40.52 -3.10 67.64
C2C BCL UH . 40.29 -2.31 68.93
C3C BCL UH . 40.00 -3.35 69.95
C4C BCL UH . 39.53 -4.50 69.03
CMC BCL UH . 41.56 -1.68 69.44
CAC BCL UH . 38.85 -2.71 70.75
CBC BCL UH . 37.58 -2.41 69.95
ND BCL UH . 38.76 -6.66 67.37
C1D BCL UH . 38.55 -6.70 68.74
C2D BCL UH . 37.89 -7.87 69.17
C3D BCL UH . 37.70 -8.54 68.02
C4D BCL UH . 38.22 -7.80 66.96
CMD BCL UH . 37.48 -8.27 70.56
CAD BCL UH . 37.11 -9.82 67.45
OBD BCL UH . 36.42 -10.80 67.97
CBD BCL UH . 37.45 -9.82 65.91
CGD BCL UH . 38.56 -10.88 65.71
O1D BCL UH . 39.50 -10.96 66.29
O2D BCL UH . 38.42 -11.75 64.81
CED BCL UH . 38.13 -13.12 65.45
C1 BCL UH . 33.99 -10.76 59.95
C2 BCL UH . 34.08 -12.24 59.61
C3 BCL UH . 33.94 -12.81 58.42
C4 BCL UH . 33.67 -12.06 57.14
C5 BCL UH . 34.05 -14.34 58.25
C6 BCL UH . 35.35 -14.86 58.92
C7 BCL UH . 36.07 -15.67 57.84
C8 BCL UH . 35.21 -16.62 57.01
C9 BCL UH . 35.17 -18.05 57.58
C10 BCL UH . 35.84 -16.64 55.64
C11 BCL UH . 34.92 -17.36 54.72
C12 BCL UH . 35.84 -17.88 53.63
C13 BCL UH . 35.42 -17.29 52.27
C14 BCL UH . 35.02 -18.46 51.37
C15 BCL UH . 36.55 -16.52 51.63
C16 BCL UH . 36.87 -15.34 52.51
C17 BCL UH . 35.72 -14.36 52.47
C18 BCL UH . 35.70 -13.38 53.64
C19 BCL UH . 35.06 -12.11 53.13
C20 BCL UH . 37.11 -12.97 54.10
C1M CRT VH . 30.17 -31.84 47.80
O1 CRT VH . 30.26 -31.20 49.08
C1 CRT VH . 30.40 -29.79 49.12
C2 CRT VH . 29.34 -28.91 49.76
C3 CRT VH . 31.73 -29.23 48.60
C4 CRT VH . 30.95 -29.97 50.55
C5 CRT VH . 31.83 -28.82 51.03
C6 CRT VH . 31.63 -28.23 52.20
C7 CRT VH . 32.48 -27.08 52.64
C8 CRT VH . 33.88 -26.92 52.13
C9 CRT VH . 31.93 -26.21 53.50
C10 CRT VH . 32.59 -25.02 54.07
C11 CRT VH . 31.88 -24.34 54.97
C12 CRT VH . 32.28 -23.12 55.71
C13 CRT VH . 33.54 -22.37 55.41
C14 CRT VH . 31.45 -22.70 56.65
C15 CRT VH . 31.67 -21.51 57.48
C16 CRT VH . 30.66 -21.19 58.28
C17 CRT VH . 30.72 -20.02 59.17
C18 CRT VH . 32.03 -19.32 59.38
C19 CRT VH . 29.58 -19.61 59.76
C20 CRT VH . 29.48 -18.43 60.66
C21 CRT VH . 28.34 -18.18 61.32
C22 CRT VH . 28.20 -17.01 62.19
C23 CRT VH . 27.19 -16.89 63.07
C24 CRT VH . 26.19 -17.98 63.24
C25 CRT VH . 27.09 -15.67 63.89
C26 CRT VH . 25.92 -15.14 64.26
C27 CRT VH . 25.93 -13.91 65.04
C28 CRT VH . 24.98 -12.97 64.88
C29 CRT VH . 23.87 -13.14 63.90
C30 CRT VH . 25.07 -11.73 65.70
C31 CRT VH . 24.20 -10.71 65.64
C32 CRT VH . 24.53 -9.60 66.53
C33 CRT VH . 23.83 -8.49 66.82
C34 CRT VH . 22.51 -8.18 66.18
C35 CRT VH . 24.47 -7.57 67.77
C36 CRT VH . 23.88 -6.54 68.37
C37 CRT VH . 24.74 -5.71 69.30
C38 CRT VH . 24.87 -4.31 68.74
C39 CRT VH . 24.96 -3.26 69.84
C40 CRT VH . 26.12 -4.20 67.88
O2 CRT VH . 23.73 -4.08 67.91
C2M CRT VH . 23.23 -2.78 67.66
MG BCL WH . 24.09 -8.93 73.64
CHA BCL WH . 21.93 -11.30 72.81
CHB BCL WH . 25.62 -9.30 70.75
CHC BCL WH . 26.22 -6.47 74.65
CHD BCL WH . 22.44 -8.52 76.76
NA BCL WH . 23.78 -10.12 71.99
C1A BCL WH . 22.86 -11.14 71.84
C2A BCL WH . 22.91 -11.77 70.44
C3A BCL WH . 23.98 -10.87 69.69
C4A BCL WH . 24.46 -10.04 70.86
CMA BCL WH . 25.22 -11.73 69.41
CAA BCL WH . 21.54 -11.90 69.78
CBA BCL WH . 21.14 -10.85 68.78
CGA BCL WH . 21.03 -11.47 67.39
O1A BCL WH . 21.18 -10.89 66.43
O2A BCL WH . 20.78 -12.69 67.25
NB BCL WH . 25.65 -8.01 72.90
C1B BCL WH . 26.11 -8.34 71.66
C2B BCL WH . 27.20 -7.55 71.40
C3B BCL WH . 27.42 -6.72 72.45
C4B BCL WH . 26.42 -7.02 73.43
CMB BCL WH . 27.88 -7.73 70.07
CAB BCL WH . 28.53 -5.67 72.60
OBB BCL WH . 28.72 -5.11 73.62
CBB BCL WH . 29.46 -5.20 71.52
NC BCL WH . 24.10 -7.63 75.25
C1C BCL WH . 25.01 -6.61 75.36
C2C BCL WH . 24.71 -5.73 76.54
C3C BCL WH . 23.89 -6.60 77.44
C4C BCL WH . 23.32 -7.55 76.38
CMC BCL WH . 25.98 -5.50 77.32
CAC BCL WH . 22.86 -5.62 78.00
CBC BCL WH . 21.96 -4.94 76.99
ND BCL WH . 22.58 -9.65 74.61
C1D BCL WH . 21.97 -9.47 75.84
C2D BCL WH . 20.86 -10.31 76.04
C3D BCL WH . 20.82 -11.03 74.89
C4D BCL WH . 21.86 -10.62 74.06
CMD BCL WH . 19.99 -10.34 77.26
CAD BCL WH . 20.06 -12.11 74.16
OBD BCL WH . 18.97 -12.77 74.44
CBD BCL WH . 20.86 -12.40 72.82
CGD BCL WH . 21.59 -13.76 72.98
O1D BCL WH . 21.10 -14.75 73.10
O2D BCL WH . 22.84 -13.79 72.96
CED BCL WH . 23.37 -14.66 71.84
C1 BCL WH . 21.05 -13.31 65.92
C2 BCL WH . 20.09 -14.39 65.41
C3 BCL WH . 20.47 -15.53 64.81
C4 BCL WH . 21.91 -15.92 64.57
C5 BCL WH . 19.50 -16.64 64.32
C6 BCL WH . 20.03 -18.01 64.86
C7 BCL WH . 18.90 -19.03 64.69
C8 BCL WH . 19.27 -20.35 64.02
C9 BCL WH . 20.54 -21.03 64.53
C10 BCL WH . 19.42 -20.03 62.55
C11 BCL WH . 19.61 -21.33 61.84
C12 BCL WH . 19.24 -21.04 60.39
C13 BCL WH . 20.30 -21.69 59.49
C14 BCL WH . 20.41 -23.17 59.87
C15 BCL WH . 21.66 -21.05 59.67
C16 BCL WH . 21.54 -19.61 59.27
C17 BCL WH . 22.72 -18.89 59.90
C18 BCL WH . 22.34 -18.16 61.19
C19 BCL WH . 23.06 -16.84 61.15
C20 BCL WH . 22.86 -18.91 62.43
MG BCL XH . 15.32 -8.54 75.80
CHA BCL XH . 16.83 -9.80 73.07
CHB BCL XH . 12.61 -10.32 75.13
CHC BCL XH . 13.95 -7.19 78.57
CHD BCL XH . 18.20 -6.66 76.50
NA BCL XH . 14.82 -9.92 74.33
C1A BCL XH . 15.60 -10.35 73.27
C2A BCL XH . 14.73 -11.12 72.25
C3A BCL XH . 13.47 -11.51 73.12
C4A BCL XH . 13.65 -10.54 74.25
CMA BCL XH . 12.16 -11.12 72.42
CAA BCL XH . 15.44 -12.33 71.71
CBA BCL XH . 15.01 -13.63 72.30
CGA BCL XH . 13.89 -14.23 71.51
O1A BCL XH . 13.56 -13.92 70.44
O2A BCL XH . 13.27 -15.11 72.12
NB BCL XH . 13.60 -8.68 76.74
C1B BCL XH . 12.62 -9.50 76.27
C2B BCL XH . 11.55 -9.38 77.12
C3B BCL XH . 11.85 -8.52 78.11
C4B BCL XH . 13.18 -8.06 77.87
CMB BCL XH . 10.32 -10.20 76.80
CAB BCL XH . 10.96 -8.09 79.28
OBB BCL XH . 11.37 -7.39 80.13
CBB BCL XH . 9.49 -8.41 79.45
NC BCL XH . 16.09 -7.41 77.34
C1C BCL XH . 15.35 -7.09 78.45
C2C BCL XH . 16.06 -6.10 79.34
C3C BCL XH . 17.28 -5.71 78.58
C4C BCL XH . 17.32 -6.84 77.52
CMC BCL XH . 15.28 -4.80 79.44
CAC BCL XH . 18.36 -5.90 79.63
CBC BCL XH . 19.22 -4.65 79.83
ND BCL XH . 17.09 -8.23 75.06
C1D BCL XH . 18.21 -7.49 75.36
C2D BCL XH . 19.27 -7.65 74.44
C3D BCL XH . 18.75 -8.53 73.57
C4D BCL XH . 17.46 -8.87 73.95
CMD BCL XH . 20.61 -7.00 74.46
CAD BCL XH . 19.09 -9.27 72.32
OBD BCL XH . 20.15 -9.22 71.57
CBD BCL XH . 17.86 -10.22 72.00
CGD BCL XH . 17.32 -9.82 70.58
O1D BCL XH . 16.44 -9.16 70.41
O2D BCL XH . 17.84 -10.22 69.50
CED BCL XH . 17.64 -11.71 69.17
C1 BCL XH . 11.84 -14.95 72.41
C2 BCL XH . 11.54 -14.66 73.87
C3 BCL XH . 11.17 -15.56 74.74
C4 BCL XH . 10.98 -16.99 74.34
C5 BCL XH . 10.85 -15.23 76.23
C6 BCL XH . 12.08 -15.18 77.16
C7 BCL XH . 12.35 -13.70 77.46
C8 BCL XH . 13.41 -13.46 78.50
C9 BCL XH . 14.52 -14.50 78.55
C10 BCL XH . 12.60 -13.56 79.75
C11 BCL XH . 13.10 -12.50 80.67
C12 BCL XH . 13.55 -13.28 81.90
C13 BCL XH . 13.90 -12.30 83.02
C14 BCL XH . 14.50 -13.13 84.17
C15 BCL XH . 12.67 -11.55 83.49
C16 BCL XH . 11.67 -12.60 83.86
C17 BCL XH . 11.06 -12.26 85.19
C18 BCL XH . 9.53 -12.32 85.12
C19 BCL XH . 9.03 -11.45 86.24
C20 BCL XH . 9.01 -13.75 85.38
BA BA YH . 24.88 3.85 82.75
C1M CRT ZH . 11.54 -30.21 54.88
O1 CRT ZH . 12.56 -30.30 55.86
C1 CRT ZH . 13.18 -31.52 56.29
C2 CRT ZH . 12.31 -32.72 55.98
C3 CRT ZH . 14.54 -31.67 55.62
C4 CRT ZH . 13.37 -31.47 57.79
C5 CRT ZH . 14.52 -30.58 58.18
C6 CRT ZH . 14.30 -29.43 58.84
C7 CRT ZH . 15.44 -28.60 59.26
C8 CRT ZH . 16.82 -29.09 58.97
C9 CRT ZH . 15.26 -27.46 59.93
C10 CRT ZH . 16.43 -26.71 60.36
C11 CRT ZH . 16.54 -25.62 61.15
C12 CRT ZH . 15.51 -24.76 61.77
C13 CRT ZH . 14.09 -24.73 61.28
C14 CRT ZH . 15.86 -23.95 62.79
C15 CRT ZH . 14.91 -23.03 63.42
C16 CRT ZH . 15.37 -21.94 64.05
C17 CRT ZH . 14.49 -20.94 64.67
C18 CRT ZH . 13.01 -21.12 64.58
C19 CRT ZH . 15.05 -19.87 65.27
C20 CRT ZH . 14.42 -18.70 65.91
C21 CRT ZH . 13.44 -18.62 66.82
C22 CRT ZH . 13.07 -17.27 67.27
C23 CRT ZH . 11.83 -16.84 67.60
C24 CRT ZH . 10.67 -17.77 67.51
C25 CRT ZH . 11.66 -15.43 68.05
C26 CRT ZH . 10.49 -14.80 68.29
C27 CRT ZH . 10.52 -13.40 68.73
C28 CRT ZH . 9.45 -12.58 68.76
C29 CRT ZH . 8.08 -13.03 68.37
C30 CRT ZH . 9.65 -11.19 69.24
C31 CRT ZH . 9.13 -10.06 68.77
C32 CRT ZH . 9.55 -8.89 69.55
C33 CRT ZH . 8.93 -7.71 69.70
C34 CRT ZH . 7.63 -7.40 69.03
C35 CRT ZH . 9.57 -6.74 70.63
C36 CRT ZH . 9.28 -5.47 70.89
C37 CRT ZH . 10.17 -4.88 71.98
C38 CRT ZH . 10.60 -3.45 71.79
C39 CRT ZH . 10.81 -2.74 73.11
C40 CRT ZH . 11.92 -3.45 71.03
O2 CRT ZH . 9.59 -2.76 71.09
C2M CRT ZH . 9.83 -1.38 70.83
MG BCL AI . 6.85 -6.76 76.42
CHA BCL AI . 4.42 -8.58 75.07
CHB BCL AI . 8.97 -7.98 74.25
CHC BCL AI . 9.19 -4.83 77.94
CHD BCL AI . 4.49 -5.48 78.78
NA BCL AI . 6.76 -8.26 74.99
C1A BCL AI . 5.64 -8.94 74.54
C2A BCL AI . 5.97 -9.95 73.42
C3A BCL AI . 7.48 -9.57 73.10
C4A BCL AI . 7.81 -8.73 74.32
CMA BCL AI . 8.43 -10.76 73.24
CAA BCL AI . 5.00 -9.84 72.25
CBA BCL AI . 5.37 -10.55 70.97
CGA BCL AI . 4.86 -9.82 69.72
O1A BCL AI . 4.67 -8.70 69.62
O2A BCL AI . 4.64 -10.53 68.72
NB BCL AI . 8.76 -6.43 76.19
C1B BCL AI . 9.45 -7.05 75.19
C2B BCL AI . 10.75 -6.62 75.26
C3B BCL AI . 10.88 -5.74 76.29
C4B BCL AI . 9.59 -5.60 76.89
CMB BCL AI . 11.74 -7.18 74.27
CAB BCL AI . 12.14 -5.00 76.73
OBB BCL AI . 12.29 -4.65 77.85
CBB BCL AI . 13.29 -4.65 75.83
NC BCL AI . 6.79 -5.47 78.02
C1C BCL AI . 7.88 -4.81 78.46
C2C BCL AI . 7.48 -3.65 79.33
C3C BCL AI . 6.20 -4.10 79.94
C4C BCL AI . 5.77 -5.07 78.84
CMC BCL AI . 8.37 -3.65 80.54
CAC BCL AI . 5.33 -2.84 80.01
CBC BCL AI . 5.52 -1.86 78.86
ND BCL AI . 4.98 -6.91 76.89
C1D BCL AI . 4.08 -6.39 77.82
C2D BCL AI . 2.78 -6.86 77.69
C3D BCL AI . 2.89 -7.70 76.65
C4D BCL AI . 4.21 -7.72 76.18
CMD BCL AI . 1.60 -6.50 78.55
CAD BCL AI . 2.08 -8.64 75.81
OBD BCL AI . 0.80 -8.90 75.81
CBD BCL AI . 3.10 -9.33 74.82
CGD BCL AI . 3.27 -10.74 75.42
O1D BCL AI . 4.26 -11.21 75.65
O2D BCL AI . 2.27 -11.46 75.68
CED BCL AI . 2.14 -12.55 74.62
C1 BCL AI . 3.35 -10.42 68.02
C2 BCL AI . 2.57 -11.72 68.04
C3 BCL AI . 2.53 -12.56 67.04
C4 BCL AI . 3.28 -12.30 65.78
C5 BCL AI . 1.74 -13.90 67.06
C6 BCL AI . 2.51 -15.00 66.29
C7 BCL AI . 3.25 -15.86 67.33
C8 BCL AI . 4.24 -16.87 66.78
C9 BCL AI . 5.00 -17.59 67.90
C10 BCL AI . 5.18 -16.05 65.91
C11 BCL AI . 5.91 -16.96 64.99
C12 BCL AI . 5.05 -17.08 63.73
C13 BCL AI . 5.81 -17.88 62.62
C14 BCL AI . 5.01 -17.79 61.31
C15 BCL AI . 6.07 -19.34 62.99
C16 BCL AI . 4.76 -20.01 63.32
C17 BCL AI . 4.79 -20.62 64.71
C18 BCL AI . 3.99 -21.92 64.79
C19 BCL AI . 2.74 -21.62 65.56
C20 BCL AI . 4.75 -23.03 65.54
BA BA BI . 9.17 6.05 84.05
C1M CRT CI . -5.51 -25.85 55.18
O1 CRT CI . -5.17 -26.16 56.53
C1 CRT CI . -5.30 -27.50 56.99
C2 CRT CI . -6.64 -28.06 56.56
C3 CRT CI . -4.19 -28.31 56.35
C4 CRT CI . -5.19 -27.60 58.53
C5 CRT CI . -4.16 -26.71 59.19
C6 CRT CI . -4.49 -25.91 60.22
C7 CRT CI . -3.51 -25.04 60.92
C8 CRT CI . -2.05 -25.38 60.98
C9 CRT CI . -3.93 -23.93 61.56
C10 CRT CI . -3.03 -23.03 62.29
C11 CRT CI . -3.53 -21.93 62.88
C12 CRT CI . -2.71 -20.96 63.63
C13 CRT CI . -1.38 -21.35 64.21
C14 CRT CI . -3.21 -19.72 63.80
C15 CRT CI . -2.56 -18.61 64.51
C16 CRT CI . -3.40 -17.66 64.94
C17 CRT CI . -3.08 -16.42 65.69
C18 CRT CI . -1.76 -16.19 66.35
C19 CRT CI . -4.08 -15.52 65.74
C20 CRT CI . -4.05 -14.21 66.38
C21 CRT CI . -5.10 -13.41 66.19
C22 CRT CI . -5.09 -12.08 66.77
C23 CRT CI . -6.16 -11.26 66.76
C24 CRT CI . -7.45 -11.73 66.14
C25 CRT CI . -5.97 -9.90 67.37
C26 CRT CI . -6.66 -8.81 67.03
C27 CRT CI . -6.35 -7.54 67.68
C28 CRT CI . -6.67 -6.35 67.13
C29 CRT CI . -7.36 -6.29 65.79
C30 CRT CI . -6.32 -5.09 67.81
C31 CRT CI . -6.72 -3.85 67.52
C32 CRT CI . -6.12 -2.86 68.40
C33 CRT CI . -5.85 -1.55 68.18
C34 CRT CI . -6.16 -0.84 66.91
C35 CRT CI . -5.19 -0.86 69.30
C36 CRT CI . -4.88 0.43 69.32
C37 CRT CI . -4.21 0.93 70.57
C38 CRT CI . -3.29 2.07 70.24
C39 CRT CI . -2.81 2.79 71.49
C40 CRT CI . -2.12 1.52 69.46
O2 CRT CI . -4.01 2.98 69.41
C2M CRT CI . -3.56 4.32 69.25
MG BCL DI . -1.79 -3.55 75.92
CHA BCL DI . -0.02 -5.62 73.97
CHB BCL DI . -4.58 -4.73 74.61
CHC BCL DI . -3.43 -1.40 77.96
CHD BCL DI . 1.28 -2.34 77.28
NA BCL DI . -2.22 -4.89 74.41
C1A BCL DI . -1.33 -5.58 73.60
C2A BCL DI . -2.01 -6.23 72.38
C3A BCL DI . -3.54 -6.10 72.76
C4A BCL DI . -3.45 -5.25 74.02
CMA BCL DI . -4.24 -5.30 71.66
CAA BCL DI . -1.56 -7.65 72.19
CBA BCL DI . -2.53 -8.67 72.69
CGA BCL DI . -3.54 -8.84 71.57
O1A BCL DI . -3.36 -8.56 70.47
O2A BCL DI . -4.66 -9.25 71.93
NB BCL DI . -3.66 -3.10 76.26
C1B BCL DI . -4.66 -3.72 75.60
C2B BCL DI . -5.85 -3.21 76.04
C3B BCL DI . -5.60 -2.28 76.99
C4B BCL DI . -4.17 -2.20 77.13
CMB BCL DI . -7.14 -3.74 75.45
CAB BCL DI . -6.62 -1.43 77.77
OBB BCL DI . -6.25 -0.75 78.64
CBB BCL DI . -8.09 -1.34 77.51
NC BCL DI . -1.14 -2.16 77.30
C1C BCL DI . -2.01 -1.40 78.01
C2C BCL DI . -1.35 -0.80 79.22
C3C BCL DI . 0.10 -0.72 78.85
C4C BCL DI . 0.11 -1.80 77.74
CMC BCL DI . -1.74 0.65 79.36
CAC BCL DI . 0.78 -1.07 80.20
CBC BCL DI . 0.95 -2.55 80.56
ND BCL DI . 0.11 -3.82 75.76
C1D BCL DI . 1.29 -3.34 76.31
C2D BCL DI . 2.45 -3.93 75.78
C3D BCL DI . 1.96 -4.78 74.90
C4D BCL DI . 0.57 -4.72 74.90
CMD BCL DI . 3.88 -3.64 76.13
CAD BCL DI . 2.40 -5.81 73.91
OBD BCL DI . 3.59 -6.23 73.63
CBD BCL DI . 1.10 -6.36 73.21
CGD BCL DI . 1.09 -5.93 71.72
O1D BCL DI . 0.50 -5.08 71.33
O2D BCL DI . 1.76 -6.55 70.85
CED BCL DI . 1.01 -7.63 70.05
C1 BCL DI . -5.82 -8.43 71.58
C2 BCL DI . -7.08 -9.06 72.11
C3 BCL DI . -7.58 -8.70 73.26
C4 BCL DI . -8.84 -9.30 73.81
C5 BCL DI . -6.94 -7.60 74.16
C6 BCL DI . -6.11 -8.26 75.29
C7 BCL DI . -6.14 -7.31 76.50
C8 BCL DI . -7.35 -7.48 77.36
C9 BCL DI . -8.01 -6.15 77.76
C10 BCL DI . -6.86 -8.20 78.57
C11 BCL DI . -6.06 -7.24 79.36
C12 BCL DI . -6.46 -7.53 80.81
C13 BCL DI . -6.11 -6.30 81.67
C14 BCL DI . -4.67 -6.45 82.15
C15 BCL DI . -7.04 -6.17 82.86
C16 BCL DI . -6.59 -4.93 83.58
C17 BCL DI . -6.69 -5.19 85.06
C18 BCL DI . -8.02 -4.76 85.65
C19 BCL DI . -8.17 -3.30 85.29
C20 BCL DI . -7.97 -4.81 87.18
MG BCL EI . -9.31 -0.22 73.58
CHA BCL EI . -11.77 -1.70 71.87
CHB BCL EI . -7.17 -2.10 72.04
CHC BCL EI . -6.91 1.36 75.43
CHD BCL EI . -11.68 1.79 75.24
NA BCL EI . -9.46 -1.88 72.35
C1A BCL EI . -10.60 -2.38 71.76
C2A BCL EI . -10.26 -3.51 70.76
C3A BCL EI . -8.70 -3.68 70.96
C4A BCL EI . -8.43 -2.63 71.99
CMA BCL EI . -8.36 -4.99 71.69
CAA BCL EI . -10.69 -3.15 69.34
CBA BCL EI . -10.46 -4.20 68.30
CGA BCL EI . -10.95 -3.64 67.00
O1A BCL EI . -10.88 -2.53 66.74
O2A BCL EI . -11.48 -4.42 66.16
NB BCL EI . -7.38 -0.31 73.75
C1B BCL EI . -6.67 -1.18 72.99
C2B BCL EI . -5.34 -1.03 73.30
C3B BCL EI . -5.21 -0.07 74.25
C4B BCL EI . -6.52 0.40 74.54
CMB BCL EI . -4.34 -1.89 72.59
CAB BCL EI . -3.92 0.45 74.91
OBB BCL EI . -3.97 1.27 75.76
CBB BCL EI . -2.51 0.04 74.57
NC BCL EI . -9.35 1.21 75.07
C1C BCL EI . -8.24 1.64 75.74
C2C BCL EI . -8.46 3.03 76.27
C3C BCL EI . -9.91 3.03 76.60
C4C BCL EI . -10.38 1.95 75.60
CMC BCL EI . -7.75 3.15 77.59
CAC BCL EI . -10.30 4.49 76.27
CBC BCL EI . -9.88 5.02 74.89
ND BCL EI . -11.23 0.05 73.61
C1D BCL EI . -12.12 0.86 74.28
C2D BCL EI . -13.45 0.64 73.90
C3D BCL EI . -13.35 -0.33 72.98
C4D BCL EI . -12.01 -0.66 72.82
CMD BCL EI . -14.67 1.33 74.43
CAD BCL EI . -14.17 -1.19 72.04
OBD BCL EI . -15.46 -1.24 71.82
CBD BCL EI . -13.15 -2.15 71.30
CGD BCL EI . -13.48 -3.64 71.66
O1D BCL EI . -14.47 -4.15 71.55
O2D BCL EI . -12.59 -4.42 72.12
CED BCL EI . -12.67 -4.61 73.63
C1 BCL EI . -10.83 -5.67 65.67
C2 BCL EI . -11.73 -6.89 65.41
C3 BCL EI . -11.83 -7.60 64.28
C4 BCL EI . -12.77 -8.77 64.17
C5 BCL EI . -11.00 -7.32 62.97
C6 BCL EI . -10.44 -8.63 62.34
C7 BCL EI . -9.49 -8.32 61.16
C8 BCL EI . -9.35 -9.47 60.20
C9 BCL EI . -9.25 -10.83 60.91
C10 BCL EI . -8.11 -9.22 59.38
C11 BCL EI . -8.31 -9.79 58.00
C12 BCL EI . -7.03 -9.50 57.21
C13 BCL EI . -7.23 -9.89 55.74
C14 BCL EI . -7.48 -11.39 55.80
C15 BCL EI . -6.03 -9.62 54.83
C16 BCL EI . -5.74 -8.14 54.74
C17 BCL EI . -4.67 -7.88 53.68
C18 BCL EI . -3.40 -7.14 54.14
C19 BCL EI . -3.31 -5.85 53.37
C20 BCL EI . -2.11 -7.93 53.82
BA BA FI . -6.27 12.89 81.24
C1M CRT GI . -21.34 -18.84 52.46
O1 CRT GI . -21.79 -18.88 53.81
C1 CRT GI . -22.33 -20.06 54.42
C2 CRT GI . -23.85 -20.05 54.38
C3 CRT GI . -21.79 -21.28 53.68
C4 CRT GI . -21.85 -20.11 55.85
C5 CRT GI . -20.73 -19.11 56.07
C6 CRT GI . -21.00 -18.02 56.78
C7 CRT GI . -19.98 -17.00 57.07
C8 CRT GI . -18.66 -16.96 56.38
C9 CRT GI . -20.29 -16.08 58.00
C10 CRT GI . -19.42 -15.00 58.45
C11 CRT GI . -19.86 -14.26 59.46
C12 CRT GI . -19.08 -13.15 60.02
C13 CRT GI . -17.68 -13.40 60.53
C14 CRT GI . -19.64 -11.95 60.10
C15 CRT GI . -18.92 -10.79 60.63
C16 CRT GI . -19.62 -9.78 61.13
C17 CRT GI . -19.03 -8.54 61.68
C18 CRT GI . -17.63 -8.47 62.22
C19 CRT GI . -19.80 -7.45 61.67
C20 CRT GI . -19.39 -6.14 62.14
C21 CRT GI . -20.14 -5.10 61.80
C22 CRT GI . -19.79 -3.76 62.22
C23 CRT GI . -20.57 -2.69 61.96
C24 CRT GI . -21.88 -2.81 61.25
C25 CRT GI . -20.09 -1.38 62.40
C26 CRT GI . -20.50 -0.27 61.79
C27 CRT GI . -19.94 0.96 62.32
C28 CRT GI . -20.17 2.17 61.81
C29 CRT GI . -21.05 2.41 60.64
C30 CRT GI . -19.50 3.29 62.51
C31 CRT GI . -19.43 4.55 62.12
C32 CRT GI . -18.68 5.35 63.08
C33 CRT GI . -18.59 6.68 63.12
C34 CRT GI . -19.32 7.52 62.10
C35 CRT GI . -17.77 7.25 64.20
C36 CRT GI . -17.60 8.54 64.48
C37 CRT GI . -16.69 8.88 65.64
C38 CRT GI . -15.55 9.77 65.23
C39 CRT GI . -14.94 10.50 66.41
C40 CRT GI . -14.48 8.93 64.56
O2 CRT GI . -16.06 10.76 64.33
C2M CRT GI . -15.26 11.90 64.02
MG BCL HI . -16.18 4.33 71.29
CHA BCL HI . -14.77 1.95 69.44
CHB BCL HI . -18.96 3.95 69.56
CHC BCL HI . -17.49 6.75 73.24
CHD BCL HI . -13.16 4.67 73.13
NA BCL HI . -16.85 2.97 69.85
C1A BCL HI . -16.11 2.00 69.20
C2A BCL HI . -16.82 1.57 67.91
C3A BCL HI . -18.31 2.00 68.19
C4A BCL HI . -18.10 2.90 69.37
CMA BCL HI . -18.80 2.90 67.05
CAA BCL HI . -16.67 0.09 67.62
CBA BCL HI . -17.94 -0.69 67.75
CGA BCL HI . -18.71 -0.73 66.43
O1A BCL HI . -18.27 -0.56 65.38
O2A BCL HI . -19.93 -0.97 66.54
NB BCL HI . -17.89 5.24 71.43
C1B BCL HI . -18.91 4.91 70.59
C2B BCL HI . -19.98 5.70 70.91
C3B BCL HI . -19.64 6.52 71.94
C4B BCL HI . -18.29 6.21 72.28
CMB BCL HI . -21.26 5.55 70.13
CAB BCL HI . -20.49 7.56 72.65
OBB BCL HI . -20.07 8.12 73.57
CBB BCL HI . -21.86 8.04 72.27
NC BCL HI . -15.44 5.38 72.88
C1C BCL HI . -16.21 6.26 73.58
C2C BCL HI . -15.49 6.84 74.77
C3C BCL HI . -14.05 6.54 74.54
C4C BCL HI . -14.21 5.45 73.47
CMC BCL HI . -15.57 8.34 74.72
CAC BCL HI . -13.63 5.94 75.89
CBC BCL HI . -13.44 6.90 77.07
ND BCL HI . -14.40 3.58 71.37
C1D BCL HI . -13.23 3.75 72.11
C2D BCL HI . -12.19 2.90 71.70
C3D BCL HI . -12.75 2.21 70.68
C4D BCL HI . -14.07 2.63 70.50
CMD BCL HI . -10.81 2.83 72.29
CAD BCL HI . -12.48 1.13 69.67
OBD BCL HI . -11.39 0.45 69.43
CBD BCL HI . -13.82 0.89 68.86
CGD BCL HI . -13.51 1.30 67.40
O1D BCL HI . -13.74 2.31 67.00
O2D BCL HI . -12.97 0.50 66.59
CED BCL HI . -13.93 -0.26 65.67
C1 BCL HI . -20.86 0.01 67.15
C2 BCL HI . -22.19 -0.57 67.59
C3 BCL HI . -22.73 -0.39 68.80
C4 BCL HI . -24.07 -0.99 69.17
C5 BCL HI . -22.06 0.44 69.91
C6 BCL HI . -23.13 1.18 70.75
C7 BCL HI . -22.38 2.29 71.50
C8 BCL HI . -21.79 1.84 72.81
C9 BCL HI . -22.75 0.98 73.65
C10 BCL HI . -21.44 3.11 73.52
C11 BCL HI . -22.68 3.91 73.66
C12 BCL HI . -22.33 4.91 74.74
C13 BCL HI . -23.67 5.33 75.37
C14 BCL HI . -24.18 6.53 74.57
C15 BCL HI . -23.46 5.70 76.83
C16 BCL HI . -24.03 4.57 77.65
C17 BCL HI . -24.46 5.14 78.98
C18 BCL HI . -23.55 4.72 80.13
C19 BCL HI . -23.55 3.21 80.08
C20 BCL HI . -24.16 5.12 81.49
MG BCL II . -22.53 9.38 67.62
CHA BCL II . -24.68 8.30 65.33
CHB BCL II . -20.42 7.03 66.73
CHC BCL II . -20.44 10.60 70.02
CHD BCL II . -24.78 11.86 68.57
NA BCL II . -22.57 7.84 66.22
C1A BCL II . -23.59 7.51 65.36
C2A BCL II . -23.31 6.21 64.57
C3A BCL II . -21.91 5.77 65.19
C4A BCL II . -21.58 7.00 66.00
CMA BCL II . -22.08 4.68 66.27
CAA BCL II . -23.40 6.43 63.04
CBA BCL II . -22.96 5.30 62.13
CGA BCL II . -23.33 5.51 60.65
O1A BCL II . -22.84 6.24 59.93
O2A BCL II . -24.24 4.80 60.18
NB BCL II . -20.75 8.95 68.30
C1B BCL II . -20.06 7.91 67.77
C2B BCL II . -18.85 7.84 68.42
C3B BCL II . -18.81 8.82 69.36
C4B BCL II . -20.02 9.54 69.29
CMB BCL II . -17.90 6.76 68.00
CAB BCL II . -17.68 9.13 70.32
OBB BCL II . -17.84 9.88 71.20
CBB BCL II . -16.28 8.58 70.24
NC BCL II . -22.54 11.09 68.79
C1C BCL II . -21.50 11.43 69.60
C2C BCL II . -21.74 12.72 70.33
C3C BCL II . -23.16 13.05 70.09
C4C BCL II . -23.47 12.07 68.94
CMC BCL II . -21.65 12.47 71.81
CAC BCL II . -23.07 14.50 69.60
CBC BCL II . -23.14 15.57 70.70
ND BCL II . -24.29 10.01 67.15
C1D BCL II . -25.14 11.00 67.55
C2D BCL II . -26.35 11.02 66.85
C3D BCL II . -26.19 9.99 65.99
C4D BCL II . -24.95 9.41 66.19
CMD BCL II . -27.48 11.98 67.06
CAD BCL II . -26.87 9.24 64.88
OBD BCL II . -27.99 9.47 64.25
CBD BCL II . -25.96 8.01 64.54
CGD BCL II . -26.61 6.76 65.18
O1D BCL II . -26.03 5.98 65.71
O2D BCL II . -27.84 6.55 65.12
CED BCL II . -28.18 5.22 64.45
C1 BCL II . -23.92 3.77 59.18
C2 BCL II . -25.08 3.03 58.52
C3 BCL II . -24.93 2.29 57.42
C4 BCL II . -23.58 2.16 56.77
C5 BCL II . -26.09 1.51 56.69
C6 BCL II . -26.08 -0.02 57.00
C7 BCL II . -27.22 -0.69 56.19
C8 BCL II . -26.82 -1.57 55.03
C9 BCL II . -28.01 -2.27 54.37
C10 BCL II . -25.88 -2.61 55.57
C11 BCL II . -24.66 -2.67 54.71
C12 BCL II . -23.67 -1.73 55.40
C13 BCL II . -22.57 -2.54 56.10
C14 BCL II . -22.47 -2.03 57.54
C15 BCL II . -21.26 -2.36 55.36
C16 BCL II . -20.81 -0.98 55.70
C17 BCL II . -19.58 -0.76 54.85
C18 BCL II . -18.33 -0.50 55.69
C19 BCL II . -18.71 0.55 56.72
C20 BCL II . -17.20 0.06 54.80
BA BA JI . -19.24 21.35 75.47
C1M CRT KI . -32.81 -9.02 44.67
O1 CRT KI . -33.59 -9.25 45.85
C1 CRT KI . -34.63 -10.25 45.90
C2 CRT KI . -34.57 -11.40 46.91
C3 CRT KI . -35.90 -10.01 45.07
C4 CRT KI . -35.34 -9.47 47.03
C5 CRT KI . -34.46 -9.05 48.19
C6 CRT KI . -34.51 -7.82 48.68
C7 CRT KI . -33.66 -7.42 49.82
C8 CRT KI . -32.92 -8.50 50.54
C9 CRT KI . -33.57 -6.13 50.23
C10 CRT KI . -32.74 -5.66 51.35
C11 CRT KI . -32.77 -4.35 51.64
C12 CRT KI . -31.99 -3.65 52.70
C13 CRT KI . -31.10 -4.40 53.64
C14 CRT KI . -32.12 -2.30 52.75
C15 CRT KI . -31.48 -1.33 53.66
C16 CRT KI . -31.79 -0.04 53.47
C17 CRT KI . -31.30 1.15 54.20
C18 CRT KI . -30.52 1.04 55.48
C19 CRT KI . -31.60 2.35 53.66
C20 CRT KI . -31.18 3.66 54.16
C21 CRT KI . -31.35 4.73 53.39
C22 CRT KI . -30.91 6.07 53.79
C23 CRT KI . -31.40 7.23 53.30
C24 CRT KI . -32.52 7.24 52.30
C25 CRT KI . -30.82 8.49 53.82
C26 CRT KI . -31.02 9.72 53.31
C27 CRT KI . -30.32 10.79 54.01
C28 CRT KI . -30.11 12.05 53.60
C29 CRT KI . -30.60 12.53 52.28
C30 CRT KI . -29.36 12.91 54.54
C31 CRT KI . -28.73 14.08 54.39
C32 CRT KI . -28.56 14.99 53.25
C33 CRT KI . -27.90 16.12 53.52
C34 CRT KI . -27.62 17.16 52.48
C35 CRT KI . -27.42 16.32 54.93
C36 CRT KI . -27.08 17.50 55.46
C37 CRT KI . -26.62 17.52 56.90
C38 CRT KI . -25.37 18.37 57.17
C39 CRT KI . -25.36 18.84 58.62
C40 CRT KI . -24.10 17.60 56.87
O2 CRT KI . -25.35 19.55 56.38
C2M CRT KI . -24.19 20.37 56.52
MG BCL LI . -28.25 14.70 62.93
CHA BCL LI . -26.85 11.93 61.71
CHB BCL LI . -30.57 14.60 60.58
CHC BCL LI . -29.51 17.51 64.34
CHD BCL LI . -25.74 14.79 65.46
NA BCL LI . -28.67 13.39 61.37
C1A BCL LI . -28.00 12.22 61.02
C2A BCL LI . -28.38 11.75 59.60
C3A BCL LI . -29.77 12.47 59.42
C4A BCL LI . -29.66 13.54 60.50
CMA BCL LI . -29.71 13.15 58.04
CAA BCL LI . -28.42 10.24 59.40
CBA BCL LI . -29.35 9.74 58.32
CGA BCL LI . -30.48 8.92 58.94
O1A BCL LI . -30.37 8.17 59.78
O2A BCL LI . -31.64 9.12 58.53
NB BCL LI . -29.77 15.89 62.57
C1B BCL LI . -30.61 15.65 61.52
C2B BCL LI . -31.56 16.65 61.54
C3B BCL LI . -31.31 17.50 62.58
C4B BCL LI . -30.15 17.01 63.24
CMB BCL LI . -32.63 16.64 60.48
CAB BCL LI . -32.07 18.76 63.02
OBB BCL LI . -31.70 19.42 63.92
CBB BCL LI . -33.34 19.30 62.40
NC BCL LI . -27.81 15.73 64.67
C1C BCL LI . -28.55 16.79 65.07
C2C BCL LI . -28.09 17.34 66.41
C3C BCL LI . -26.72 16.78 66.59
C4C BCL LI . -26.83 15.58 65.63
CMC BCL LI . -27.88 18.85 66.31
CAC BCL LI . -26.74 16.31 68.06
CBC BCL LI . -26.30 17.33 69.12
ND BCL LI . -26.70 13.70 63.51
C1D BCL LI . -25.74 13.77 64.51
C2D BCL LI . -24.79 12.72 64.44
C3D BCL LI . -25.21 12.03 63.39
C4D BCL LI . -26.34 12.62 62.84
CMD BCL LI . -23.61 12.45 65.32
CAD BCL LI . -24.85 10.81 62.60
OBD BCL LI . -23.87 9.96 62.70
CBD BCL LI . -25.98 10.68 61.51
CGD BCL LI . -25.19 10.83 60.20
O1D BCL LI . -24.51 11.69 59.96
O2D BCL LI . -25.29 9.96 59.31
CED BCL LI . -25.18 8.56 59.91
C1 BCL LI . -32.25 10.43 58.27
C2 BCL LI . -33.17 10.87 59.39
C3 BCL LI . -33.89 11.96 59.27
C4 BCL LI . -33.79 12.78 58.02
C5 BCL LI . -34.86 12.50 60.36
C6 BCL LI . -34.24 12.25 61.75
C7 BCL LI . -34.34 13.59 62.48
C8 BCL LI . -33.61 13.57 63.80
C9 BCL LI . -34.38 12.80 64.87
C10 BCL LI . -33.41 15.03 64.17
C11 BCL LI . -34.72 15.71 64.26
C12 BCL LI . -34.62 16.27 65.66
C13 BCL LI . -35.83 17.15 66.04
C14 BCL LI . -35.31 18.59 66.18
C15 BCL LI . -36.42 16.66 67.35
C16 BCL LI . -37.37 17.69 67.85
C17 BCL LI . -38.12 17.01 68.96
C18 BCL LI . -37.37 17.06 70.29
C19 BCL LI . -36.94 15.64 70.55
C20 BCL LI . -38.34 17.44 71.43
MG BCL MI . -31.65 20.42 58.53
CHA BCL MI . -33.43 19.70 55.81
CHB BCL MI . -29.97 17.64 58.19
CHC BCL MI . -29.93 21.34 61.32
CHD BCL MI . -33.49 23.44 58.85
NA BCL MI . -31.61 18.94 57.08
C1A BCL MI . -32.41 18.83 55.97
C2A BCL MI . -32.32 17.44 55.35
C3A BCL MI . -31.11 16.79 56.12
C4A BCL MI . -30.79 17.91 57.10
CMA BCL MI . -31.72 15.70 57.01
CAA BCL MI . -32.19 17.50 53.83
CBA BCL MI . -32.18 16.20 53.09
CGA BCL MI . -31.76 16.58 51.68
O1A BCL MI . -30.95 17.34 51.44
O2A BCL MI . -32.38 16.04 50.73
NB BCL MI . -30.20 19.67 59.61
C1B BCL MI . -29.64 18.47 59.29
C2B BCL MI . -28.64 18.18 60.21
C3B BCL MI . -28.59 19.19 61.11
C4B BCL MI . -29.59 20.15 60.73
CMB BCL MI . -27.86 16.91 60.09
CAB BCL MI . -27.64 19.27 62.31
OBB BCL MI . -27.86 19.99 63.23
CBB BCL MI . -26.37 18.47 62.50
NC BCL MI . -31.62 22.15 59.68
C1C BCL MI . -30.75 22.32 60.71
C2C BCL MI . -30.74 23.75 61.17
C3C BCL MI . -32.05 24.31 60.74
C4C BCL MI . -32.38 23.30 59.63
CMC BCL MI . -30.84 23.73 62.68
CAC BCL MI . -31.70 25.69 60.16
CBC BCL MI . -30.85 25.68 58.89
ND BCL MI . -33.08 21.40 57.64
C1D BCL MI . -33.79 22.58 57.79
C2D BCL MI . -34.77 22.78 56.79
C3D BCL MI . -34.65 21.69 56.04
C4D BCL MI . -33.63 20.88 56.55
CMD BCL MI . -35.72 23.93 56.63
CAD BCL MI . -35.22 21.04 54.82
OBD BCL MI . -36.13 21.46 53.99
CBD BCL MI . -34.50 19.66 54.69
CGD BCL MI . -35.54 18.57 55.04
O1D BCL MI . -35.93 18.36 56.06
O2D BCL MI . -36.03 17.83 54.14
CED BCL MI . -37.53 18.06 53.98
C1 BCL MI . -31.87 14.89 49.94
C2 BCL MI . -32.88 14.28 48.96
C3 BCL MI . -33.57 13.14 49.09
C4 BCL MI . -34.53 12.67 48.04
C5 BCL MI . -33.48 12.20 50.34
C6 BCL MI . -34.16 12.73 51.65
C7 BCL MI . -33.97 11.64 52.72
C8 BCL MI . -35.03 11.58 53.82
C9 BCL MI . -34.58 10.85 55.09
C10 BCL MI . -36.23 10.89 53.22
C11 BCL MI . -35.92 9.45 52.99
C12 BCL MI . -36.98 8.97 52.01
C13 BCL MI . -36.33 8.35 50.74
C14 BCL MI . -35.67 9.45 49.90
C15 BCL MI . -37.34 7.59 49.89
C16 BCL MI . -36.66 7.28 48.58
C17 BCL MI . -37.53 6.32 47.80
C18 BCL MI . -36.78 5.05 47.39
C19 BCL MI . -35.97 5.41 46.17
C20 BCL MI . -37.75 3.92 46.98
BA BA NI . -26.49 32.30 66.77
C1M CRT OI . -41.11 0.27 36.20
O1 CRT OI . -41.98 1.40 36.20
C1 CRT OI . -42.34 2.07 34.97
C2 CRT OI . -43.64 1.66 34.25
C3 CRT OI . -41.57 3.30 34.49
C4 CRT OI . -43.21 2.98 35.85
C5 CRT OI . -42.56 3.34 37.18
C6 CRT OI . -42.40 4.62 37.57
C7 CRT OI . -41.75 4.98 38.85
C8 CRT OI . -41.31 3.95 39.84
C9 CRT OI . -41.58 6.28 39.12
C10 CRT OI . -40.95 6.75 40.35
C11 CRT OI . -41.24 7.98 40.77
C12 CRT OI . -40.65 8.59 41.98
C13 CRT OI . -40.29 7.78 43.18
C14 CRT OI . -40.45 9.92 41.89
C15 CRT OI . -39.85 10.82 42.87
C16 CRT OI . -39.49 11.98 42.32
C17 CRT OI . -38.83 13.12 42.98
C18 CRT OI . -38.32 13.00 44.39
C19 CRT OI . -38.66 14.26 42.28
C20 CRT OI . -38.00 15.45 42.81
C21 CRT OI . -37.96 16.59 42.11
C22 CRT OI . -37.29 17.75 42.66
C23 CRT OI . -37.43 18.98 42.14
C24 CRT OI . -38.32 19.22 40.96
C25 CRT OI . -36.73 20.11 42.78
C26 CRT OI . -36.19 21.12 42.10
C27 CRT OI . -35.52 22.18 42.85
C28 CRT OI . -34.70 23.09 42.28
C29 CRT OI . -34.42 23.07 40.80
C30 CRT OI . -34.11 24.12 43.14
C31 CRT OI . -33.26 25.06 42.73
C32 CRT OI . -32.87 25.98 43.78
C33 CRT OI . -32.01 27.01 43.70
C34 CRT OI . -31.29 27.36 42.43
C35 CRT OI . -31.85 27.76 44.97
C36 CRT OI . -31.08 28.81 45.22
C37 CRT OI . -31.18 29.34 46.64
C38 CRT OI . -29.82 29.35 47.32
C39 CRT OI . -29.96 29.55 48.81
C40 CRT OI . -29.06 28.06 47.07
O2 CRT OI . -29.07 30.44 46.83
C2M CRT OI . -27.72 30.60 47.29
MG BCL PI . -34.73 26.66 52.37
CHA BCL PI . -33.98 23.52 51.56
CHB BCL PI . -36.48 26.97 49.57
CHC BCL PI . -35.39 29.82 53.37
CHD BCL PI . -32.84 26.27 55.37
NA BCL PI . -35.23 25.38 50.81
C1A BCL PI . -34.84 24.06 50.65
C2A BCL PI . -35.11 23.53 49.22
C3A BCL PI . -35.98 24.69 48.59
C4A BCL PI . -35.99 25.69 49.75
CMA BCL PI . -35.11 25.32 47.50
CAA BCL PI . -35.67 22.11 49.24
CBA BCL PI . -36.88 21.86 48.39
CGA BCL PI . -36.51 21.90 46.92
O1A BCL PI . -36.03 21.05 46.31
O2A BCL PI . -36.79 22.96 46.32
NB BCL PI . -35.74 28.17 51.65
C1B BCL PI . -36.40 28.07 50.45
C2B BCL PI . -37.01 29.28 50.22
C3B BCL PI . -36.74 30.12 51.24
C4B BCL PI . -35.92 29.42 52.17
CMB BCL PI . -37.80 29.44 48.94
CAB BCL PI . -37.22 31.56 51.38
OBB BCL PI . -36.99 32.16 52.36
CBB BCL PI . -37.94 32.40 50.35
NC BCL PI . -34.32 27.69 54.10
C1C BCL PI . -34.78 28.95 54.31
C2C BCL PI . -34.35 29.53 55.64
C3C BCL PI . -33.34 28.57 56.18
C4C BCL PI . -33.58 27.38 55.23
CMC BCL PI . -33.55 30.78 55.39
CAC BCL PI . -33.82 28.26 57.61
CBC BCL PI . -35.18 27.55 57.74
ND BCL PI . -33.68 25.33 53.30
C1D BCL PI . -32.95 25.21 54.47
C2D BCL PI . -32.35 23.95 54.66
C3D BCL PI . -32.73 23.29 53.54
C4D BCL PI . -33.52 24.13 52.75
CMD BCL PI . -31.50 23.50 55.80
CAD BCL PI . -32.62 21.97 52.85
OBD BCL PI . -31.97 20.88 53.17
CBD BCL PI . -33.48 22.06 51.54
CGD BCL PI . -32.54 21.86 50.33
O1D BCL PI . -31.59 22.38 50.10
O2D BCL PI . -32.85 20.99 49.47
CED BCL PI . -32.72 19.59 50.04
C1 BCL PI . -38.05 23.17 45.57
C2 BCL PI . -39.34 22.62 46.18
C3 BCL PI . -39.95 23.18 47.21
C4 BCL PI . -41.23 22.64 47.77
C5 BCL PI . -39.35 24.44 47.87
C6 BCL PI . -40.44 25.28 48.59
C7 BCL PI . -39.96 25.46 50.03
C8 BCL PI . -40.91 26.27 50.89
C9 BCL PI . -42.38 26.12 50.47
C10 BCL PI . -40.45 27.68 50.69
C11 BCL PI . -41.23 28.52 51.64
C12 BCL PI . -40.56 29.88 51.58
C13 BCL PI . -41.61 30.95 51.91
C14 BCL PI . -41.43 32.09 50.90
C15 BCL PI . -41.47 31.49 53.31
C16 BCL PI . -42.60 32.46 53.49
C17 BCL PI . -43.29 32.16 54.80
C18 BCL PI . -44.28 33.24 55.26
C19 BCL PI . -43.51 34.52 55.38
C20 BCL PI . -44.81 32.92 56.68
MG BCL QI . -35.58 32.26 46.96
CHA BCL QI . -36.92 31.72 43.96
CHB BCL QI . -34.60 29.13 47.08
CHC BCL QI . -34.28 33.04 50.02
CHD BCL QI . -36.70 35.65 46.74
NA BCL QI . -35.75 30.65 45.69
C1A BCL QI . -36.25 30.65 44.40
C2A BCL QI . -36.15 29.29 43.69
C3A BCL QI . -35.49 28.40 44.84
C4A BCL QI . -35.38 29.40 45.98
CMA BCL QI . -36.58 27.39 45.24
CAA BCL QI . -35.45 29.38 42.34
CBA BCL QI . -34.93 28.08 41.79
CGA BCL QI . -34.59 28.19 40.31
O1A BCL QI . -33.69 28.72 39.86
O2A BCL QI . -35.37 27.65 39.51
NB BCL QI . -34.61 31.30 48.35
C1B BCL QI . -34.31 29.98 48.18
C2B BCL QI . -33.63 29.59 49.31
C3B BCL QI . -33.50 30.64 50.17
C4B BCL QI . -34.15 31.76 49.56
CMB BCL QI . -33.16 28.16 49.41
CAB BCL QI . -32.83 30.67 51.55
OBB BCL QI . -32.92 31.60 52.26
CBB BCL QI . -31.96 29.60 52.14
NC BCL QI . -35.51 34.00 48.07
C1C BCL QI . -34.90 34.08 49.29
C2C BCL QI . -34.61 35.51 49.65
C3C BCL QI . -35.72 36.25 48.99
C4C BCL QI . -36.00 35.28 47.85
CMC BCL QI . -34.88 35.68 51.13
CAC BCL QI . -35.07 37.56 48.49
CBC BCL QI . -33.54 37.56 48.40
ND BCL QI . -36.54 33.46 45.75
C1D BCL QI . -36.95 34.77 45.70
C2D BCL QI . -37.64 35.10 44.50
C3D BCL QI . -37.63 33.95 43.84
C4D BCL QI . -36.98 32.99 44.60
CMD BCL QI . -38.24 36.40 44.07
CAD BCL QI . -38.09 33.33 42.55
OBD BCL QI . -38.70 33.85 41.53
CBD BCL QI . -37.71 31.79 42.64
CGD BCL QI . -39.02 30.97 42.83
O1D BCL QI . -39.84 31.21 43.53
O2D BCL QI . -39.21 29.93 42.15
CED BCL QI . -40.05 30.27 40.91
C1 BCL QI . -35.03 26.37 38.86
C2 BCL QI . -36.06 26.03 37.79
C3 BCL QI . -36.13 24.91 37.08
C4 BCL QI . -35.18 23.77 37.24
C5 BCL QI . -37.26 24.72 36.03
C6 BCL QI . -38.61 24.55 36.77
C7 BCL QI . -39.58 23.88 35.79
C8 BCL QI . -39.02 22.63 35.16
C9 BCL QI . -39.76 22.20 33.87
C10 BCL QI . -39.13 21.56 36.24
C11 BCL QI . -37.77 21.18 36.74
C12 BCL QI . -37.20 20.21 35.71
C13 BCL QI . -36.60 18.95 36.38
C14 BCL QI . -35.97 18.06 35.29
C15 BCL QI . -37.64 18.17 37.19
C16 BCL QI . -38.76 17.75 36.27
C17 BCL QI . -40.04 17.78 37.09
C18 BCL QI . -41.30 18.30 36.39
C19 BCL QI . -42.25 18.65 37.49
C20 BCL QI . -42.01 17.20 35.57
BA BA RI . -31.22 42.94 55.38
C1M CRT SI . -41.46 16.45 22.31
O1 CRT SI . -42.70 16.14 22.95
C1 CRT SI . -43.85 15.89 22.13
C2 CRT SI . -44.72 14.66 22.35
C3 CRT SI . -44.26 17.00 21.16
C4 CRT SI . -44.75 16.56 23.18
C5 CRT SI . -44.08 16.94 24.49
C6 CRT SI . -43.77 18.21 24.74
C7 CRT SI . -43.14 18.63 26.01
C8 CRT SI . -42.87 17.63 27.10
C9 CRT SI . -42.85 19.92 26.17
C10 CRT SI . -42.25 20.48 27.39
C11 CRT SI . -42.23 21.80 27.50
C12 CRT SI . -41.68 22.57 28.65
C13 CRT SI . -41.62 21.99 30.03
C14 CRT SI . -41.27 23.83 28.43
C15 CRT SI . -40.73 24.68 29.50
C16 CRT SI . -40.08 25.80 29.15
C17 CRT SI . -39.47 26.71 30.15
C18 CRT SI . -39.80 26.50 31.60
C19 CRT SI . -38.64 27.69 29.75
C20 CRT SI . -38.02 28.60 30.72
C21 CRT SI . -37.17 29.60 30.45
C22 CRT SI . -36.71 29.95 29.12
C23 CRT SI . -35.88 30.98 28.85
C24 CRT SI . -35.50 31.20 27.42
C25 CRT SI . -35.32 31.90 29.86
C26 CRT SI . -34.39 32.79 29.47
C27 CRT SI . -33.77 33.72 30.41
C28 CRT SI . -32.55 34.29 30.27
C29 CRT SI . -31.67 34.00 29.08
C30 CRT SI . -32.07 35.17 31.34
C31 CRT SI . -30.79 35.54 31.51
C32 CRT SI . -30.50 36.40 32.67
C33 CRT SI . -29.35 37.03 33.00
C34 CRT SI . -28.11 36.97 32.16
C35 CRT SI . -29.37 37.83 34.25
C36 CRT SI . -28.50 38.77 34.62
C37 CRT SI . -28.75 39.46 35.95
C38 CRT SI . -27.58 39.26 36.92
C39 CRT SI . -27.72 40.18 38.12
C40 CRT SI . -27.50 37.82 37.36
O2 CRT SI . -26.33 39.51 36.28
C2M CRT SI . -25.12 39.21 36.97
MG BCL TI . -34.87 38.89 40.39
CHA BCL TI . -35.00 35.56 40.41
CHB BCL TI . -35.70 38.90 37.19
CHC BCL TI . -34.70 42.29 40.56
CHD BCL TI . -33.98 38.80 43.82
NA BCL TI . -35.06 37.42 38.94
C1A BCL TI . -34.97 36.05 39.13
C2A BCL TI . -35.14 35.29 37.79
C3A BCL TI . -35.63 36.43 36.80
C4A BCL TI . -35.33 37.65 37.64
CMA BCL TI . -34.65 36.46 35.62
CAA BCL TI . -36.11 34.16 37.90
CBA BCL TI . -36.95 34.02 36.67
CGA BCL TI . -36.85 32.60 36.20
O1A BCL TI . -36.62 31.70 36.87
O2A BCL TI . -37.06 32.42 34.99
NB BCL TI . -35.14 40.38 39.15
C1B BCL TI . -35.48 40.14 37.84
C2B BCL TI . -35.59 41.36 37.22
C3B BCL TI . -35.33 42.35 38.12
C4B BCL TI . -35.03 41.71 39.37
CMB BCL TI . -35.97 41.38 35.77
CAB BCL TI . -35.34 43.86 37.86
OBB BCL TI . -35.58 44.63 38.72
CBB BCL TI . -35.03 44.51 36.55
NC BCL TI . -34.50 40.21 41.92
C1C BCL TI . -34.57 41.56 41.76
C2C BCL TI . -34.57 42.27 43.08
C3C BCL TI . -33.90 41.31 44.01
C4C BCL TI . -34.15 40.02 43.23
CMC BCL TI . -33.61 43.43 43.03
CAC BCL TI . -34.79 41.40 45.25
CBC BCL TI . -34.06 41.34 46.61
ND BCL TI . -34.55 37.61 41.81
C1D BCL TI . -34.20 37.60 43.15
C2D BCL TI . -34.11 36.31 43.71
C3D BCL TI . -34.41 35.56 42.68
C4D BCL TI . -34.66 36.32 41.56
CMD BCL TI . -33.77 35.86 45.11
CAD BCL TI . -34.55 34.12 42.35
OBD BCL TI . -34.34 33.06 43.07
CBD BCL TI . -35.03 34.08 40.85
CGD BCL TI . -33.88 33.29 40.20
O1D BCL TI . -33.90 32.22 39.92
O2D BCL TI . -32.80 33.86 39.94
CED BCL TI . -31.75 33.46 40.97
C1 BCL TI . -38.23 33.12 34.38
C2 BCL TI . -38.03 34.47 33.66
C3 BCL TI . -36.92 34.95 33.10
C4 BCL TI . -35.62 34.19 33.04
C5 BCL TI . -36.88 36.33 32.39
C6 BCL TI . -36.85 37.53 33.35
C7 BCL TI . -38.13 38.32 33.08
C8 BCL TI . -39.35 37.68 33.71
C9 BCL TI . -40.30 37.01 32.70
C10 BCL TI . -40.05 38.80 34.44
C11 BCL TI . -39.19 39.22 35.57
C12 BCL TI . -40.10 39.00 36.78
C13 BCL TI . -40.48 40.34 37.45
C14 BCL TI . -41.65 40.95 36.68
C15 BCL TI . -39.31 41.33 37.52
C16 BCL TI . -39.89 42.60 38.09
C17 BCL TI . -38.89 43.71 37.83
C18 BCL TI . -39.53 44.89 37.12
C19 BCL TI . -38.39 45.74 36.61
C20 BCL TI . -40.32 45.78 38.10
MG BCL UI . -31.88 43.68 34.47
CHA BCL UI . -32.23 43.34 31.17
CHB BCL UI . -32.10 40.42 34.87
CHC BCL UI . -31.52 44.25 37.79
CHD BCL UI . -31.65 47.22 34.00
NA BCL UI . -32.13 42.09 33.17
C1A BCL UI . -32.25 42.13 31.79
C2A BCL UI . -32.31 40.72 31.18
C3A BCL UI . -32.25 39.77 32.46
C4A BCL UI . -32.20 40.82 33.55
CMA BCL UI . -33.61 39.10 32.70
CAA BCL UI . -31.23 40.42 30.16
CBA BCL UI . -31.40 39.08 29.51
CGA BCL UI . -30.08 38.50 29.06
O1A BCL UI . -29.16 39.08 28.71
O2A BCL UI . -29.98 37.26 29.06
NB BCL UI . -31.82 42.58 36.09
C1B BCL UI . -31.93 41.22 36.02
C2B BCL UI . -31.84 40.72 37.30
C3B BCL UI . -31.67 41.75 38.17
C4B BCL UI . -31.65 42.95 37.38
CMB BCL UI . -31.94 39.23 37.50
CAB BCL UI . -31.52 41.71 39.70
OBB BCL UI . -31.38 42.70 40.33
CBB BCL UI . -31.50 40.48 40.57
NC BCL UI . -31.72 45.41 35.59
C1C BCL UI . -31.59 45.38 36.95
C2C BCL UI . -31.18 46.73 37.49
C3C BCL UI . -31.59 47.70 36.45
C4C BCL UI . -31.68 46.74 35.26
CMC BCL UI . -32.08 47.08 38.65
CAC BCL UI . -30.37 48.63 36.30
CBC BCL UI . -29.01 47.92 36.40
ND BCL UI . -31.92 45.02 33.05
C1D BCL UI . -31.83 46.39 32.90
C2D BCL UI . -31.92 46.83 31.57
C3D BCL UI . -32.08 45.68 30.92
C4D BCL UI . -32.08 44.60 31.80
CMD BCL UI . -31.87 48.23 31.01
CAD BCL UI . -32.26 45.16 29.53
OBD BCL UI . -32.31 45.80 28.41
CBD BCL UI . -32.42 43.59 29.65
CGD BCL UI . -33.90 43.38 29.26
O1D BCL UI . -34.75 43.35 29.99
O2D BCL UI . -34.25 43.24 28.05
CED BCL UI . -33.92 41.86 27.49
C1 BCL UI . -29.41 36.56 27.90
C2 BCL UI . -30.20 36.81 26.61
C3 BCL UI . -30.13 36.12 25.47
C4 BCL UI . -29.23 34.93 25.25
C5 BCL UI . -30.98 36.46 24.24
C6 BCL UI . -32.39 35.93 24.52
C7 BCL UI . -32.47 34.46 24.09
C8 BCL UI . -33.86 33.93 24.26
C9 BCL UI . -34.53 34.40 25.56
C10 BCL UI . -33.68 32.44 24.23
C11 BCL UI . -34.90 31.88 23.61
C12 BCL UI . -34.34 30.87 22.64
C13 BCL UI . -34.93 29.50 22.98
C14 BCL UI . -36.44 29.56 22.73
C15 BCL UI . -34.65 29.10 24.42
C16 BCL UI . -33.17 28.84 24.48
C17 BCL UI . -32.75 29.08 25.92
C18 BCL UI . -31.38 29.73 26.04
C19 BCL UI . -30.55 28.82 26.92
C20 BCL UI . -31.50 31.07 26.81
MG BCL VI . -26.93 49.03 28.73
CHA BCL VI . -27.80 45.83 28.36
CHB BCL VI . -26.38 49.26 25.46
CHC BCL VI . -26.09 52.27 29.26
CHD BCL VI . -27.55 48.74 32.22
NA BCL VI . -27.19 47.75 27.11
C1A BCL VI . -27.59 46.42 27.14
C2A BCL VI . -27.30 45.73 25.81
C3A BCL VI . -27.06 46.95 24.83
C4A BCL VI . -26.99 48.08 25.83
CMA BCL VI . -25.65 46.85 24.23
CAA BCL VI . -28.45 44.84 25.42
CBA BCL VI . -29.06 45.28 24.12
CGA BCL VI . -28.44 44.54 22.97
O1A BCL VI . -27.67 43.67 23.01
O2A BCL VI . -28.85 44.96 21.88
NB BCL VI . -26.34 50.53 27.62
C1B BCL VI . -26.18 50.40 26.27
C2B BCL VI . -25.76 51.60 25.77
C3B BCL VI . -25.66 52.49 26.79
C4B BCL VI . -26.03 51.80 27.98
CMB BCL VI . -25.50 51.72 24.29
CAB BCL VI . -25.22 53.97 26.69
OBB BCL VI . -24.65 54.48 27.57
CBB BCL VI . -25.46 54.88 25.53
NC BCL VI . -26.95 50.22 30.40
C1C BCL VI . -26.67 51.55 30.33
C2C BCL VI . -26.79 52.25 31.66
C3C BCL VI . -26.88 51.14 32.67
C4C BCL VI . -27.19 49.95 31.73
CMC BCL VI . -25.49 52.95 31.96
CAC BCL VI . -28.08 51.54 33.54
CBC BCL VI . -29.45 51.50 32.83
ND BCL VI . -27.51 47.71 30.05
C1D BCL VI . -27.74 47.64 31.41
C2D BCL VI . -28.16 46.37 31.84
C3D BCL VI . -28.19 45.68 30.69
C4D BCL VI . -27.79 46.49 29.63
CMD BCL VI . -28.50 45.93 33.23
CAD BCL VI . -28.50 44.30 30.13
OBD BCL VI . -28.86 43.18 30.68
CBD BCL VI . -28.29 44.38 28.57
CGD BCL VI . -27.14 43.37 28.36
O1D BCL VI . -26.06 43.61 28.42
O2D BCL VI . -27.39 42.16 28.11
CED BCL VI . -27.23 41.76 26.65
C1 BCL VI . -28.06 45.85 21.00
C2 BCL VI . -28.07 47.34 21.35
C3 BCL VI . -28.37 48.28 20.47
C4 BCL VI . -28.77 47.97 19.07
C5 BCL VI . -28.35 49.79 20.80
C6 BCL VI . -29.56 50.18 21.69
C7 BCL VI . -29.04 51.32 22.58
C8 BCL VI . -29.88 51.60 23.80
C9 BCL VI . -31.37 51.31 23.60
C10 BCL VI . -29.66 53.07 24.03
C11 BCL VI . -30.17 53.42 25.37
C12 BCL VI . -29.19 54.44 25.90
C13 BCL VI . -29.65 55.84 25.47
C14 BCL VI . -28.42 56.57 24.94
C15 BCL VI . -30.26 56.62 26.61
C16 BCL VI . -30.61 57.95 25.99
C17 BCL VI . -32.10 57.95 25.76
C18 BCL VI . -32.69 59.34 25.87
C19 BCL VI . -34.19 59.13 25.94
C20 BCL VI . -32.44 60.17 24.59
#